data_9PFF
#
_entry.id   9PFF
#
_cell.length_a   1.00
_cell.length_b   1.00
_cell.length_c   1.00
_cell.angle_alpha   90.00
_cell.angle_beta   90.00
_cell.angle_gamma   90.00
#
_symmetry.space_group_name_H-M   'P 1'
#
loop_
_entity.id
_entity.type
_entity.pdbx_description
1 polymer 'Synaptosomal-associated protein 25'
2 polymer Syntaxin-1A
3 polymer 'Alpha-soluble NSF attachment protein'
4 polymer 'Vesicle-fusing ATPase'
5 non-polymer "ADENOSINE-5'-TRIPHOSPHATE"
6 non-polymer "ADENOSINE-5'-DIPHOSPHATE"
7 water water
#
loop_
_entity_poly.entity_id
_entity_poly.type
_entity_poly.pdbx_seq_one_letter_code
_entity_poly.pdbx_strand_id
1 'polypeptide(L)'
;SMAEDADMRNELEEMQRRADQLADESLESTRRMLQLVEESKDAGIRTLVMLDEQGEQLERIEEGMDQINKDMKEAEKNLT
DLGK
;
G,I
2 'polypeptide(L)' MALSEIETRHSEIIKLENSIRELHDMFMDMAMLVESQGEMIDRIEYNVEHAVDYVERAVSDTKKAVKYQSKARRKKIM H,J
3 'polypeptide(L)'
;GMDTSGKQAEAMALLAEAERKVKNSQSFFSGLFGGSSKIEEACEIYARAANMFKMAKNWSAAGNAFCQAAQLHLQLQSKH
DAATCFVDAGNAFKKADPQEAINCLMRAIEIYTDMGRFTIAAKHHISIAEIYETELVDVEKAIAHYEQSADYYKGEESNS
SANKCLLKVAGYAAQLEQYQKAIDIYEQVGTSAMDSPLLKYSAKDYFFKAALCHFCIDMLNAKLAVQKYEELFPAFSDSR
ECKLMKKLLEAHEEQNVDSYTESVKEYDSISRLDQWLTTMLLRIKKTIQGDEEDLR
;
L,M,N,O
4 'polypeptide(L)'
;GAHMAGRSMQAARCPTDELSLSNCAVVSEKDYQSGQHVIVRTSPNHKYIFTLRTHPSVVPGSVAFSLPQRKWAGLSIGQE
IEVALYSFDKAKQCIGTMTIEIDFLQKKNIDSNPYDTDKMAAEFIQQFNNQAFSVGQQLVFSFNDKLFGLLVKDIEAMDP
SILKGEPASGKRQKIEVGLVVGNSQVAFEKAENSSLNLIGKAKTKENRQSIINPDWNFEKMGIGGLDKEFSDIFRRAFAS
RVFPPEIVEQMGCKHVKGILLYGPPGCGKTLLARQIGKMLNAREPKVVNGPEILNKYVGESEANIRKLFADAEEEQRRLG
ANSGLHIIIFDEIDAICKQRGSMAGSTGVHDTVVNQLLSKIDGVEQLNNILVIGMTNRPDLIDEALLRPGRLEVKMEIGL
PDEKGRLQILHIHTARMRGHQLLSADVDIKELAVETKNFSGAELEGLVRAAQSTAMNRHIKASTKVEVDMEKAESLQVTR
GDFLASLENDIKPAFGTNQEDYASYIMNGIIKWGDPVTRVLDDGELLVQQTKNSDRTPLVSVLLEGPPHSGKTALAAKIA
EESNFPFIKICSPDKMIGFSETAKCQAMKKIFDDAYKSQLSCVVVDDIERLLDYVPIGPRFSNLVLQALLVLLKKAPPQG
RKLLIIGTTSRKDVLQEMEMLNAFSTTIHVPNIATGEQLLEALELLGNFKDKERTTIAQQVKGKKVWIGIKKLLMLIEMS
LQMDPEYRVRKFLALLREEGASPLDFD
;
A,B,C,D,E,F
#
loop_
_chem_comp.id
_chem_comp.type
_chem_comp.name
_chem_comp.formula
ADP non-polymer ADENOSINE-5'-DIPHOSPHATE 'C10 H15 N5 O10 P2'
ATP non-polymer ADENOSINE-5'-TRIPHOSPHATE 'C10 H16 N5 O13 P3'
#
# COMPACT_ATOMS: atom_id res chain seq x y z
N ASP A 7 -24.53 4.92 -5.07
CA ASP A 7 -23.71 5.10 -3.89
C ASP A 7 -22.59 4.06 -3.85
N MET A 8 -22.07 3.73 -5.03
CA MET A 8 -21.00 2.74 -5.15
C MET A 8 -19.64 3.45 -5.11
N ARG A 9 -19.46 4.28 -4.10
CA ARG A 9 -18.26 5.11 -3.94
C ARG A 9 -17.42 4.51 -2.83
N ASN A 10 -16.39 3.75 -3.21
CA ASN A 10 -15.54 3.06 -2.25
C ASN A 10 -14.29 3.87 -1.93
N GLU A 11 -13.70 3.61 -0.77
CA GLU A 11 -12.42 4.24 -0.35
C GLU A 11 -11.54 3.11 0.21
N LEU A 12 -10.24 3.29 0.29
CA LEU A 12 -9.27 2.28 0.69
C LEU A 12 -8.31 2.83 1.74
N GLU A 13 -7.56 1.92 2.35
CA GLU A 13 -6.45 2.24 3.23
C GLU A 13 -5.24 1.43 2.80
N GLU A 14 -4.05 1.89 3.20
CA GLU A 14 -2.80 1.36 2.69
C GLU A 14 -2.01 0.65 3.77
N MET A 15 -1.27 -0.37 3.34
CA MET A 15 -0.31 -1.07 4.18
C MET A 15 1.08 -0.97 3.55
N GLN A 16 2.11 -1.05 4.39
CA GLN A 16 3.48 -0.82 3.96
C GLN A 16 4.33 -2.04 4.26
N ARG A 17 5.38 -2.22 3.45
CA ARG A 17 6.37 -3.26 3.65
C ARG A 17 7.75 -2.66 3.46
N ARG A 18 8.72 -3.14 4.23
CA ARG A 18 10.08 -2.63 4.21
C ARG A 18 10.98 -3.55 3.39
N ALA A 19 11.62 -3.00 2.37
CA ALA A 19 12.60 -3.76 1.62
C ALA A 19 13.79 -4.10 2.50
N ASP A 20 14.36 -5.29 2.29
CA ASP A 20 15.44 -5.76 3.15
C ASP A 20 16.60 -4.77 3.13
N GLN A 21 17.17 -4.53 4.31
CA GLN A 21 18.27 -3.59 4.44
C GLN A 21 19.49 -4.09 3.64
N LEU A 22 20.45 -3.18 3.47
CA LEU A 22 21.60 -3.44 2.60
C LEU A 22 22.57 -4.42 3.24
N ALA A 23 22.39 -5.72 3.03
CA ALA A 23 23.35 -6.73 3.54
C ALA A 23 23.01 -8.12 2.99
N ASP A 24 23.51 -9.19 3.51
CA ASP A 24 23.32 -10.55 2.98
C ASP A 24 24.26 -10.75 1.79
N GLU A 25 25.05 -9.72 1.46
CA GLU A 25 26.29 -9.88 0.72
C GLU A 25 27.49 -9.35 1.50
N SER A 26 27.27 -8.83 2.70
CA SER A 26 28.34 -8.32 3.54
C SER A 26 28.75 -9.30 4.63
N LEU A 27 28.56 -10.61 4.40
CA LEU A 27 28.96 -11.61 5.38
C LEU A 27 29.73 -12.78 4.78
N GLU A 28 30.05 -12.75 3.49
CA GLU A 28 30.89 -13.79 2.92
C GLU A 28 32.20 -13.18 2.42
N SER A 29 32.13 -12.14 1.60
CA SER A 29 33.35 -11.42 1.27
C SER A 29 33.90 -10.66 2.48
N THR A 30 33.02 -10.26 3.40
CA THR A 30 33.44 -9.49 4.57
C THR A 30 34.42 -10.29 5.42
N ARG A 31 34.06 -11.52 5.82
CA ARG A 31 34.89 -12.37 6.68
C ARG A 31 36.24 -12.65 6.02
N ARG A 32 36.23 -12.96 4.72
CA ARG A 32 37.49 -13.15 4.00
C ARG A 32 38.32 -11.87 4.00
N MET A 33 37.66 -10.73 3.80
CA MET A 33 38.38 -9.45 3.83
C MET A 33 39.05 -9.25 5.18
N LEU A 34 38.32 -9.52 6.27
CA LEU A 34 38.88 -9.33 7.61
C LEU A 34 40.06 -10.27 7.85
N GLN A 35 39.93 -11.53 7.43
CA GLN A 35 41.03 -12.48 7.62
C GLN A 35 42.26 -12.03 6.86
N LEU A 36 42.08 -11.60 5.60
CA LEU A 36 43.23 -11.13 4.82
C LEU A 36 43.84 -9.89 5.45
N VAL A 37 43.02 -8.99 5.98
CA VAL A 37 43.53 -7.80 6.64
C VAL A 37 44.37 -8.18 7.85
N GLU A 38 43.90 -9.15 8.64
CA GLU A 38 44.66 -9.61 9.80
C GLU A 38 46.01 -10.19 9.37
N GLU A 39 46.01 -11.00 8.33
CA GLU A 39 47.26 -11.59 7.86
C GLU A 39 48.22 -10.51 7.38
N SER A 40 47.71 -9.51 6.66
CA SER A 40 48.56 -8.42 6.19
C SER A 40 49.12 -7.63 7.37
N LYS A 41 48.31 -7.43 8.41
CA LYS A 41 48.80 -6.74 9.60
C LYS A 41 49.95 -7.50 10.25
N ASP A 42 49.80 -8.82 10.38
CA ASP A 42 50.88 -9.62 10.96
C ASP A 42 52.14 -9.54 10.10
N ALA A 43 51.99 -9.62 8.79
CA ALA A 43 53.15 -9.52 7.91
C ALA A 43 53.82 -8.15 8.05
N GLY A 44 53.03 -7.08 8.16
CA GLY A 44 53.60 -5.77 8.35
C GLY A 44 54.36 -5.64 9.66
N ILE A 45 53.84 -6.24 10.72
CA ILE A 45 54.55 -6.21 12.00
C ILE A 45 55.90 -6.92 11.87
N ARG A 46 55.90 -8.09 11.23
CA ARG A 46 57.15 -8.82 11.04
C ARG A 46 58.14 -8.01 10.22
N THR A 47 57.66 -7.36 9.16
CA THR A 47 58.53 -6.52 8.35
C THR A 47 59.10 -5.37 9.17
N LEU A 48 58.28 -4.75 10.02
CA LEU A 48 58.76 -3.71 10.92
C LEU A 48 59.95 -4.22 11.74
N VAL A 49 59.78 -5.38 12.38
CA VAL A 49 60.83 -5.90 13.25
C VAL A 49 62.11 -6.15 12.45
N MET A 50 61.97 -6.80 11.29
CA MET A 50 63.15 -7.12 10.49
C MET A 50 63.85 -5.85 10.02
N LEU A 51 63.09 -4.85 9.62
CA LEU A 51 63.68 -3.60 9.14
C LEU A 51 64.44 -2.89 10.26
N ASP A 52 63.87 -2.88 11.48
CA ASP A 52 64.59 -2.27 12.60
C ASP A 52 65.90 -3.00 12.86
N GLU A 53 65.87 -4.34 12.83
CA GLU A 53 67.10 -5.09 13.05
C GLU A 53 68.14 -4.76 11.98
N GLN A 54 67.71 -4.68 10.72
CA GLN A 54 68.64 -4.37 9.64
C GLN A 54 69.26 -2.98 9.81
N GLY A 55 68.43 -2.00 10.21
CA GLY A 55 68.96 -0.67 10.45
C GLY A 55 70.00 -0.65 11.56
N GLU A 56 69.73 -1.38 12.65
CA GLU A 56 70.71 -1.48 13.72
C GLU A 56 72.01 -2.08 13.22
N GLN A 57 71.92 -3.13 12.41
CA GLN A 57 73.14 -3.78 11.91
C GLN A 57 73.93 -2.85 11.00
N LEU A 58 73.25 -2.08 10.15
CA LEU A 58 73.95 -1.11 9.30
C LEU A 58 74.65 -0.04 10.14
N GLU A 59 73.96 0.46 11.16
CA GLU A 59 74.59 1.43 12.06
C GLU A 59 75.83 0.83 12.71
N ARG A 60 75.75 -0.45 13.11
N ARG A 60 75.75 -0.45 13.11
CA ARG A 60 76.92 -1.12 13.68
CA ARG A 60 76.92 -1.11 13.68
C ARG A 60 78.06 -1.17 12.68
C ARG A 60 78.06 -1.17 12.68
N ILE A 61 77.75 -1.48 11.41
CA ILE A 61 78.79 -1.60 10.39
C ILE A 61 79.52 -0.27 10.19
N GLU A 62 78.78 0.84 10.27
CA GLU A 62 79.36 2.15 9.96
C GLU A 62 80.63 2.42 10.77
N GLU A 63 80.58 2.12 12.08
CA GLU A 63 81.71 2.47 12.95
C GLU A 63 82.97 1.71 12.56
N GLY A 64 82.83 0.40 12.30
CA GLY A 64 83.98 -0.37 11.86
C GLY A 64 84.53 0.13 10.54
N MET A 65 83.64 0.50 9.62
CA MET A 65 84.07 1.10 8.36
C MET A 65 84.93 2.33 8.59
N ASP A 66 84.43 3.26 9.41
CA ASP A 66 85.18 4.49 9.66
C ASP A 66 86.51 4.20 10.32
N GLN A 67 86.51 3.27 11.29
CA GLN A 67 87.76 2.96 11.99
C GLN A 67 88.80 2.39 11.05
N ILE A 68 88.40 1.47 10.16
CA ILE A 68 89.37 0.88 9.24
C ILE A 68 89.90 1.95 8.29
N ASN A 69 89.02 2.85 7.82
CA ASN A 69 89.49 3.92 6.95
C ASN A 69 90.55 4.77 7.65
N LYS A 70 90.26 5.18 8.89
CA LYS A 70 91.21 6.02 9.62
C LYS A 70 92.53 5.28 9.84
N ASP A 71 92.45 4.01 10.24
CA ASP A 71 93.67 3.25 10.51
C ASP A 71 94.53 3.14 9.25
N MET A 72 93.92 2.80 8.12
CA MET A 72 94.71 2.66 6.90
C MET A 72 95.33 3.99 6.48
N LYS A 73 94.57 5.08 6.58
CA LYS A 73 95.12 6.38 6.20
C LYS A 73 96.31 6.74 7.07
N GLU A 74 96.17 6.56 8.39
CA GLU A 74 97.26 6.90 9.30
C GLU A 74 98.49 6.03 9.04
N ALA A 75 98.28 4.73 8.81
CA ALA A 75 99.41 3.85 8.54
C ALA A 75 100.12 4.24 7.26
N GLU A 76 99.37 4.57 6.21
CA GLU A 76 99.99 4.97 4.96
C GLU A 76 100.78 6.25 5.14
N LYS A 77 100.22 7.23 5.84
CA LYS A 77 100.95 8.49 6.05
C LYS A 77 102.22 8.25 6.85
N ASN A 78 102.15 7.43 7.89
CA ASN A 78 103.34 7.15 8.70
C ASN A 78 104.41 6.46 7.87
N LEU A 79 104.02 5.46 7.08
CA LEU A 79 105.00 4.76 6.26
C LEU A 79 105.65 5.69 5.26
N THR A 80 104.85 6.55 4.62
CA THR A 80 105.42 7.52 3.68
C THR A 80 106.39 8.45 4.39
N ASP A 81 106.03 8.93 5.58
CA ASP A 81 106.90 9.85 6.31
C ASP A 81 108.23 9.20 6.66
N LEU A 82 108.19 7.95 7.13
CA LEU A 82 109.44 7.27 7.47
C LEU A 82 110.26 6.95 6.22
N GLY A 83 109.59 6.64 5.11
CA GLY A 83 110.32 6.23 3.91
C GLY A 83 111.22 7.32 3.37
N LYS A 84 110.72 8.55 3.33
CA LYS A 84 111.48 9.65 2.76
C LYS A 84 112.51 10.16 3.76
N ALA B 2 17.15 -5.28 9.92
CA ALA B 2 18.04 -4.97 11.03
C ALA B 2 18.58 -6.27 11.65
N LEU B 3 18.43 -6.43 12.96
CA LEU B 3 18.93 -7.60 13.71
C LEU B 3 20.36 -7.87 13.23
N SER B 4 20.73 -9.11 12.88
CA SER B 4 22.10 -9.40 12.46
C SER B 4 22.53 -8.52 11.30
N GLU B 5 21.59 -8.12 10.45
CA GLU B 5 21.90 -7.35 9.25
C GLU B 5 22.68 -6.08 9.56
N ILE B 6 22.03 -5.15 10.27
CA ILE B 6 22.61 -3.84 10.49
C ILE B 6 23.80 -3.93 11.43
N GLU B 7 23.71 -4.77 12.46
CA GLU B 7 24.81 -4.89 13.41
C GLU B 7 26.06 -5.42 12.71
N THR B 8 25.91 -6.45 11.86
CA THR B 8 27.05 -6.95 11.11
C THR B 8 27.60 -5.88 10.20
N ARG B 9 26.74 -5.24 9.39
CA ARG B 9 27.20 -4.17 8.52
C ARG B 9 28.09 -3.19 9.29
N HIS B 10 27.52 -2.59 10.34
CA HIS B 10 28.23 -1.52 11.06
C HIS B 10 29.52 -2.04 11.69
N SER B 11 29.45 -3.17 12.40
CA SER B 11 30.61 -3.65 13.13
C SER B 11 31.75 -4.00 12.18
N GLU B 12 31.47 -4.77 11.14
CA GLU B 12 32.52 -5.14 10.20
C GLU B 12 33.10 -3.92 9.51
N ILE B 13 32.25 -2.96 9.12
CA ILE B 13 32.76 -1.77 8.44
C ILE B 13 33.71 -1.00 9.36
N ILE B 14 33.30 -0.81 10.62
CA ILE B 14 34.12 -0.04 11.56
C ILE B 14 35.46 -0.75 11.80
N LYS B 15 35.41 -2.06 12.02
CA LYS B 15 36.65 -2.80 12.28
C LYS B 15 37.57 -2.74 11.08
N LEU B 16 37.02 -2.89 9.87
CA LEU B 16 37.84 -2.83 8.67
C LEU B 16 38.48 -1.45 8.53
N GLU B 17 37.72 -0.39 8.79
CA GLU B 17 38.27 0.96 8.69
C GLU B 17 39.43 1.14 9.66
N ASN B 18 39.25 0.71 10.91
CA ASN B 18 40.31 0.86 11.91
C ASN B 18 41.56 0.08 11.48
N SER B 19 41.38 -1.16 11.03
CA SER B 19 42.52 -1.96 10.61
C SER B 19 43.24 -1.30 9.44
N ILE B 20 42.50 -0.76 8.48
CA ILE B 20 43.12 -0.13 7.31
C ILE B 20 43.92 1.10 7.73
N ARG B 21 43.38 1.89 8.67
CA ARG B 21 44.14 3.03 9.17
C ARG B 21 45.45 2.58 9.81
N GLU B 22 45.38 1.49 10.60
CA GLU B 22 46.60 0.95 11.19
C GLU B 22 47.61 0.56 10.12
N LEU B 23 47.14 -0.09 9.05
CA LEU B 23 48.05 -0.48 7.96
C LEU B 23 48.68 0.75 7.31
N HIS B 24 47.88 1.80 7.13
CA HIS B 24 48.42 3.03 6.54
C HIS B 24 49.55 3.60 7.38
N ASP B 25 49.33 3.69 8.70
CA ASP B 25 50.39 4.20 9.57
C ASP B 25 51.63 3.31 9.51
N MET B 26 51.42 1.99 9.53
CA MET B 26 52.54 1.06 9.45
C MET B 26 53.36 1.30 8.20
N PHE B 27 52.68 1.47 7.05
CA PHE B 27 53.39 1.67 5.79
C PHE B 27 54.15 2.99 5.79
N MET B 28 53.55 4.04 6.34
CA MET B 28 54.25 5.33 6.42
C MET B 28 55.56 5.19 7.21
N ASP B 29 55.48 4.56 8.39
CA ASP B 29 56.69 4.38 9.19
C ASP B 29 57.71 3.52 8.46
N MET B 30 57.24 2.46 7.79
CA MET B 30 58.11 1.63 6.97
C MET B 30 58.89 2.49 5.99
N ALA B 31 58.18 3.34 5.24
CA ALA B 31 58.83 4.16 4.22
C ALA B 31 59.88 5.07 4.84
N MET B 32 59.54 5.72 5.96
CA MET B 32 60.50 6.65 6.56
C MET B 32 61.79 5.92 6.96
N LEU B 33 61.66 4.84 7.74
CA LEU B 33 62.84 4.15 8.24
C LEU B 33 63.65 3.55 7.09
N VAL B 34 62.97 3.06 6.05
CA VAL B 34 63.66 2.45 4.94
C VAL B 34 64.42 3.50 4.13
N GLU B 35 63.87 4.69 3.99
CA GLU B 35 64.63 5.77 3.37
C GLU B 35 65.88 6.09 4.17
N SER B 36 65.76 6.10 5.50
CA SER B 36 66.95 6.32 6.33
C SER B 36 68.01 5.25 6.08
N GLN B 37 67.58 3.98 5.99
CA GLN B 37 68.52 2.90 5.71
C GLN B 37 69.19 3.10 4.34
N GLY B 38 68.41 3.53 3.35
CA GLY B 38 68.96 3.75 2.03
C GLY B 38 70.05 4.79 2.02
N GLU B 39 69.79 5.94 2.66
CA GLU B 39 70.84 6.97 2.69
C GLU B 39 72.04 6.50 3.50
N MET B 40 71.83 5.68 4.53
CA MET B 40 72.95 5.13 5.29
C MET B 40 73.85 4.27 4.39
N ILE B 41 73.26 3.41 3.58
CA ILE B 41 74.07 2.57 2.69
C ILE B 41 74.78 3.43 1.64
N ASP B 42 74.07 4.44 1.10
CA ASP B 42 74.72 5.36 0.18
C ASP B 42 75.94 6.00 0.82
N ARG B 43 75.86 6.32 2.12
CA ARG B 43 77.02 6.83 2.83
C ARG B 43 78.14 5.81 2.88
N ILE B 44 77.80 4.54 3.12
CA ILE B 44 78.83 3.49 3.18
C ILE B 44 79.63 3.46 1.87
N GLU B 45 78.94 3.58 0.74
CA GLU B 45 79.55 3.25 -0.55
C GLU B 45 80.81 4.09 -0.81
N TYR B 46 80.72 5.41 -0.58
CA TYR B 46 81.84 6.29 -0.94
C TYR B 46 83.09 5.93 -0.16
N ASN B 47 82.95 5.70 1.15
CA ASN B 47 84.12 5.35 1.95
C ASN B 47 84.66 3.97 1.54
N VAL B 48 83.80 3.05 1.13
CA VAL B 48 84.30 1.76 0.63
C VAL B 48 85.19 2.00 -0.59
N GLU B 49 84.72 2.82 -1.53
CA GLU B 49 85.52 3.11 -2.71
C GLU B 49 86.85 3.77 -2.35
N HIS B 50 86.80 4.75 -1.44
CA HIS B 50 88.02 5.43 -1.01
C HIS B 50 89.02 4.44 -0.44
N ALA B 51 88.55 3.55 0.43
CA ALA B 51 89.44 2.58 1.06
C ALA B 51 90.08 1.67 0.03
N VAL B 52 89.30 1.16 -0.93
CA VAL B 52 89.87 0.23 -1.91
C VAL B 52 90.93 0.94 -2.75
N ASP B 53 90.62 2.15 -3.23
CA ASP B 53 91.59 2.88 -4.04
C ASP B 53 92.86 3.15 -3.25
N TYR B 54 92.71 3.60 -2.00
CA TYR B 54 93.87 3.93 -1.19
C TYR B 54 94.74 2.70 -0.95
N VAL B 55 94.14 1.57 -0.60
CA VAL B 55 94.93 0.38 -0.30
C VAL B 55 95.65 -0.10 -1.56
N GLU B 56 94.97 -0.09 -2.70
CA GLU B 56 95.61 -0.52 -3.93
C GLU B 56 96.84 0.34 -4.23
N ARG B 57 96.66 1.66 -4.21
CA ARG B 57 97.79 2.55 -4.52
C ARG B 57 98.92 2.36 -3.52
N ALA B 58 98.58 2.27 -2.23
CA ALA B 58 99.61 2.15 -1.20
C ALA B 58 100.42 0.87 -1.39
N VAL B 59 99.74 -0.26 -1.60
CA VAL B 59 100.47 -1.52 -1.72
C VAL B 59 101.35 -1.49 -2.97
N SER B 60 100.82 -1.01 -4.09
CA SER B 60 101.63 -0.96 -5.30
C SER B 60 102.88 -0.10 -5.10
N ASP B 61 102.69 1.12 -4.58
CA ASP B 61 103.82 2.03 -4.43
C ASP B 61 104.85 1.48 -3.44
N THR B 62 104.40 0.95 -2.30
CA THR B 62 105.34 0.47 -1.31
C THR B 62 106.11 -0.75 -1.83
N LYS B 63 105.42 -1.66 -2.53
CA LYS B 63 106.12 -2.81 -3.07
C LYS B 63 107.18 -2.38 -4.08
N LYS B 64 106.84 -1.47 -4.98
CA LYS B 64 107.82 -1.01 -5.96
C LYS B 64 109.01 -0.35 -5.26
N ALA B 65 108.73 0.52 -4.28
CA ALA B 65 109.80 1.23 -3.60
C ALA B 65 110.73 0.29 -2.87
N VAL B 66 110.17 -0.71 -2.17
CA VAL B 66 111.02 -1.62 -1.40
C VAL B 66 111.81 -2.52 -2.35
N LYS B 67 111.19 -2.99 -3.44
CA LYS B 67 111.92 -3.85 -4.35
C LYS B 67 113.07 -3.11 -5.01
N TYR B 68 112.85 -1.86 -5.42
CA TYR B 68 113.91 -1.12 -6.09
C TYR B 68 115.09 -0.87 -5.16
N GLN B 69 114.82 -0.52 -3.91
CA GLN B 69 115.89 -0.27 -2.95
C GLN B 69 116.70 -1.54 -2.69
N SER C 26 26.49 3.49 3.99
CA SER C 26 27.27 2.28 3.75
C SER C 26 28.11 2.42 2.48
N LEU C 27 27.55 3.07 1.46
CA LEU C 27 28.29 3.27 0.22
C LEU C 27 29.51 4.15 0.45
N GLU C 28 29.35 5.21 1.23
CA GLU C 28 30.49 6.07 1.58
C GLU C 28 31.58 5.26 2.28
N SER C 29 31.17 4.30 3.11
CA SER C 29 32.16 3.44 3.75
C SER C 29 33.00 2.71 2.71
N THR C 30 32.35 2.06 1.75
CA THR C 30 33.07 1.33 0.72
C THR C 30 33.98 2.27 -0.08
N ARG C 31 33.51 3.49 -0.33
CA ARG C 31 34.36 4.48 -1.00
C ARG C 31 35.64 4.73 -0.21
N ARG C 32 35.48 4.92 1.12
CA ARG C 32 36.64 5.17 1.97
C ARG C 32 37.62 3.99 1.95
N MET C 33 37.09 2.77 2.07
CA MET C 33 37.98 1.60 2.01
C MET C 33 38.69 1.51 0.66
N LEU C 34 37.98 1.78 -0.43
CA LEU C 34 38.61 1.73 -1.75
C LEU C 34 39.76 2.72 -1.84
N GLN C 35 39.52 3.96 -1.40
CA GLN C 35 40.59 4.96 -1.44
C GLN C 35 41.78 4.53 -0.59
N LEU C 36 41.51 4.04 0.62
CA LEU C 36 42.61 3.67 1.52
C LEU C 36 43.42 2.52 0.96
N VAL C 37 42.76 1.52 0.38
CA VAL C 37 43.48 0.37 -0.15
C VAL C 37 44.29 0.78 -1.38
N GLU C 38 43.76 1.68 -2.20
CA GLU C 38 44.55 2.18 -3.34
C GLU C 38 45.81 2.90 -2.86
N GLU C 39 45.67 3.74 -1.84
CA GLU C 39 46.85 4.43 -1.30
C GLU C 39 47.87 3.43 -0.76
N SER C 40 47.39 2.43 -0.03
CA SER C 40 48.30 1.42 0.52
C SER C 40 49.02 0.67 -0.59
N LYS C 41 48.32 0.34 -1.68
CA LYS C 41 48.95 -0.36 -2.79
C LYS C 41 50.04 0.50 -3.43
N ASP C 42 49.77 1.79 -3.60
CA ASP C 42 50.80 2.67 -4.16
C ASP C 42 52.02 2.73 -3.26
N ALA C 43 51.81 2.83 -1.94
CA ALA C 43 52.93 2.86 -1.01
C ALA C 43 53.74 1.58 -1.11
N GLY C 44 53.06 0.43 -1.17
CA GLY C 44 53.78 -0.83 -1.32
C GLY C 44 54.58 -0.89 -2.61
N ILE C 45 54.01 -0.39 -3.69
CA ILE C 45 54.72 -0.37 -4.97
C ILE C 45 56.00 0.43 -4.86
N ARG C 46 55.90 1.62 -4.26
N ARG C 46 55.90 1.62 -4.26
CA ARG C 46 57.09 2.47 -4.11
CA ARG C 46 57.09 2.47 -4.11
C ARG C 46 58.14 1.77 -3.24
C ARG C 46 58.14 1.77 -3.24
N THR C 47 57.70 1.14 -2.16
CA THR C 47 58.64 0.42 -1.30
C THR C 47 59.35 -0.69 -2.07
N LEU C 48 58.60 -1.45 -2.87
CA LEU C 48 59.22 -2.52 -3.64
C LEU C 48 60.30 -1.99 -4.56
N VAL C 49 60.01 -0.93 -5.31
CA VAL C 49 61.01 -0.42 -6.25
C VAL C 49 62.24 0.10 -5.50
N MET C 50 62.02 0.88 -4.45
CA MET C 50 63.18 1.45 -3.76
C MET C 50 64.03 0.35 -3.14
N LEU C 51 63.38 -0.71 -2.64
CA LEU C 51 64.12 -1.82 -2.07
C LEU C 51 64.87 -2.61 -3.13
N ASP C 52 64.35 -2.70 -4.35
CA ASP C 52 65.13 -3.29 -5.42
C ASP C 52 66.44 -2.53 -5.61
N GLU C 53 66.35 -1.19 -5.61
CA GLU C 53 67.58 -0.40 -5.68
C GLU C 53 68.50 -0.69 -4.49
N GLN C 54 67.91 -0.79 -3.29
CA GLN C 54 68.67 -1.12 -2.09
C GLN C 54 69.46 -2.41 -2.27
N GLY C 55 68.78 -3.45 -2.77
CA GLY C 55 69.43 -4.73 -2.95
C GLY C 55 70.56 -4.67 -3.96
N GLU C 56 70.37 -3.90 -5.03
CA GLU C 56 71.46 -3.71 -5.99
C GLU C 56 72.69 -3.11 -5.30
N GLN C 57 72.47 -2.08 -4.48
CA GLN C 57 73.59 -1.46 -3.78
C GLN C 57 74.27 -2.46 -2.83
N LEU C 58 73.46 -3.26 -2.13
CA LEU C 58 74.03 -4.26 -1.23
C LEU C 58 74.92 -5.24 -2.00
N GLU C 59 74.45 -5.70 -3.16
CA GLU C 59 75.24 -6.62 -3.97
C GLU C 59 76.55 -5.97 -4.39
N ARG C 60 76.51 -4.69 -4.78
CA ARG C 60 77.73 -4.01 -5.19
C ARG C 60 78.76 -3.98 -4.06
N ILE C 61 78.33 -3.61 -2.85
CA ILE C 61 79.27 -3.52 -1.75
C ILE C 61 79.81 -4.91 -1.40
N GLU C 62 78.95 -5.93 -1.48
CA GLU C 62 79.41 -7.30 -1.23
C GLU C 62 80.48 -7.70 -2.22
N GLU C 63 80.32 -7.32 -3.50
CA GLU C 63 81.34 -7.62 -4.48
C GLU C 63 82.64 -6.92 -4.16
N GLY C 64 82.57 -5.65 -3.75
CA GLY C 64 83.80 -4.88 -3.51
C GLY C 64 84.61 -5.42 -2.34
N MET C 65 83.95 -5.82 -1.26
CA MET C 65 84.68 -6.17 -0.05
C MET C 65 85.59 -7.37 -0.25
N ASP C 66 85.21 -8.31 -1.12
CA ASP C 66 86.06 -9.48 -1.34
C ASP C 66 87.40 -9.09 -1.94
N GLN C 67 87.39 -8.22 -2.95
CA GLN C 67 88.63 -7.72 -3.52
C GLN C 67 89.42 -6.95 -2.47
N ILE C 68 88.73 -6.13 -1.67
CA ILE C 68 89.39 -5.46 -0.55
C ILE C 68 90.22 -6.49 0.24
N ASN C 69 89.55 -7.53 0.72
CA ASN C 69 90.19 -8.48 1.61
C ASN C 69 91.34 -9.21 0.92
N LYS C 70 91.15 -9.62 -0.33
CA LYS C 70 92.19 -10.37 -1.02
C LYS C 70 93.44 -9.53 -1.23
N ASP C 71 93.26 -8.30 -1.72
CA ASP C 71 94.40 -7.42 -1.92
C ASP C 71 95.12 -7.15 -0.60
N MET C 72 94.36 -6.92 0.47
CA MET C 72 94.99 -6.66 1.76
C MET C 72 95.79 -7.87 2.23
N LYS C 73 95.23 -9.07 2.08
CA LYS C 73 95.94 -10.27 2.52
C LYS C 73 97.24 -10.43 1.74
N GLU C 74 97.18 -10.22 0.42
CA GLU C 74 98.40 -10.35 -0.37
C GLU C 74 99.46 -9.34 0.08
N ALA C 75 99.03 -8.09 0.32
CA ALA C 75 99.99 -7.07 0.74
C ALA C 75 100.61 -7.41 2.09
N GLU C 76 99.78 -7.87 3.04
CA GLU C 76 100.30 -8.22 4.36
C GLU C 76 101.30 -9.37 4.28
N LYS C 77 100.97 -10.40 3.50
CA LYS C 77 101.88 -11.52 3.36
C LYS C 77 103.19 -11.07 2.74
N ASN C 78 103.12 -10.23 1.69
CA ASN C 78 104.34 -9.74 1.05
C ASN C 78 105.20 -8.96 2.04
N LEU C 79 104.58 -8.05 2.81
CA LEU C 79 105.34 -7.24 3.75
C LEU C 79 105.99 -8.12 4.81
N THR C 80 105.25 -9.10 5.34
CA THR C 80 105.82 -9.98 6.35
C THR C 80 106.98 -10.79 5.78
N ASP C 81 106.82 -11.31 4.56
CA ASP C 81 107.88 -12.12 3.96
C ASP C 81 109.13 -11.28 3.71
N LEU C 82 108.97 -10.04 3.26
CA LEU C 82 110.14 -9.21 2.96
C LEU C 82 111.01 -9.01 4.19
N GLY C 83 110.38 -8.74 5.34
CA GLY C 83 111.13 -8.52 6.57
C GLY C 83 111.94 -9.72 7.00
N ALA D 2 16.20 0.30 -5.77
CA ALA D 2 15.81 -1.00 -6.29
C ALA D 2 17.04 -1.81 -6.70
N LEU D 3 17.13 -2.18 -7.98
CA LEU D 3 18.27 -2.97 -8.43
C LEU D 3 19.54 -2.14 -8.56
N SER D 4 19.42 -0.81 -8.60
CA SER D 4 20.61 0.03 -8.70
C SER D 4 21.51 -0.16 -7.49
N GLU D 5 20.94 -0.05 -6.29
CA GLU D 5 21.73 -0.23 -5.08
C GLU D 5 22.23 -1.67 -4.95
N ILE D 6 21.43 -2.64 -5.39
CA ILE D 6 21.86 -4.03 -5.33
C ILE D 6 23.10 -4.25 -6.19
N GLU D 7 23.07 -3.73 -7.42
CA GLU D 7 24.23 -3.87 -8.30
C GLU D 7 25.41 -3.08 -7.75
N THR D 8 25.17 -1.91 -7.16
CA THR D 8 26.25 -1.14 -6.58
C THR D 8 26.94 -1.91 -5.45
N ARG D 9 26.14 -2.53 -4.57
CA ARG D 9 26.71 -3.31 -3.48
C ARG D 9 27.44 -4.54 -4.01
N HIS D 10 26.91 -5.17 -5.06
CA HIS D 10 27.56 -6.34 -5.63
C HIS D 10 28.84 -5.98 -6.38
N SER D 11 28.99 -4.73 -6.81
CA SER D 11 30.15 -4.30 -7.58
C SER D 11 31.23 -3.64 -6.72
N GLU D 12 30.95 -3.34 -5.45
CA GLU D 12 31.89 -2.65 -4.59
C GLU D 12 32.60 -3.59 -3.60
N ILE D 13 32.55 -4.90 -3.84
CA ILE D 13 33.14 -5.88 -2.94
C ILE D 13 34.28 -6.64 -3.60
N ILE D 14 34.14 -6.99 -4.88
CA ILE D 14 35.16 -7.77 -5.57
C ILE D 14 36.46 -6.98 -5.69
N LYS D 15 36.36 -5.67 -5.95
CA LYS D 15 37.54 -4.84 -6.12
C LYS D 15 38.38 -4.83 -4.85
N LEU D 16 37.74 -4.78 -3.69
CA LEU D 16 38.48 -4.85 -2.44
C LEU D 16 39.24 -6.17 -2.32
N GLU D 17 38.60 -7.27 -2.71
CA GLU D 17 39.26 -8.56 -2.67
C GLU D 17 40.50 -8.57 -3.57
N ASN D 18 40.35 -8.04 -4.79
CA ASN D 18 41.49 -8.02 -5.72
C ASN D 18 42.64 -7.19 -5.16
N SER D 19 42.33 -5.99 -4.65
CA SER D 19 43.38 -5.13 -4.10
C SER D 19 44.05 -5.80 -2.91
N ILE D 20 43.27 -6.44 -2.04
CA ILE D 20 43.84 -7.09 -0.86
C ILE D 20 44.75 -8.24 -1.26
N ARG D 21 44.34 -9.02 -2.26
CA ARG D 21 45.18 -10.12 -2.71
C ARG D 21 46.49 -9.61 -3.30
N GLU D 22 46.43 -8.53 -4.08
CA GLU D 22 47.65 -7.94 -4.63
C GLU D 22 48.57 -7.47 -3.50
N LEU D 23 47.99 -6.81 -2.49
CA LEU D 23 48.78 -6.39 -1.34
C LEU D 23 49.43 -7.60 -0.65
N HIS D 24 48.67 -8.69 -0.52
CA HIS D 24 49.22 -9.89 0.11
C HIS D 24 50.44 -10.40 -0.65
N ASP D 25 50.32 -10.51 -1.97
CA ASP D 25 51.45 -11.00 -2.77
C ASP D 25 52.65 -10.08 -2.63
N MET D 26 52.42 -8.76 -2.69
CA MET D 26 53.53 -7.82 -2.56
C MET D 26 54.21 -7.97 -1.22
N PHE D 27 53.43 -8.09 -0.15
CA PHE D 27 54.00 -8.19 1.19
C PHE D 27 54.80 -9.49 1.35
N MET D 28 54.30 -10.58 0.77
CA MET D 28 55.04 -11.85 0.86
C MET D 28 56.40 -11.73 0.16
N ASP D 29 56.39 -11.23 -1.07
CA ASP D 29 57.66 -11.04 -1.78
C ASP D 29 58.59 -10.15 -0.97
N MET D 30 58.04 -9.09 -0.39
CA MET D 30 58.80 -8.19 0.47
C MET D 30 59.48 -8.96 1.60
N ALA D 31 58.73 -9.82 2.28
CA ALA D 31 59.31 -10.57 3.40
C ALA D 31 60.47 -11.45 2.94
N MET D 32 60.28 -12.18 1.83
CA MET D 32 61.34 -13.07 1.37
C MET D 32 62.61 -12.28 1.05
N LEU D 33 62.46 -11.21 0.26
CA LEU D 33 63.64 -10.44 -0.13
C LEU D 33 64.30 -9.78 1.08
N VAL D 34 63.51 -9.38 2.07
CA VAL D 34 64.09 -8.78 3.28
C VAL D 34 64.93 -9.80 4.02
N GLU D 35 64.45 -11.04 4.12
CA GLU D 35 65.25 -12.09 4.75
C GLU D 35 66.57 -12.27 4.02
N SER D 36 66.51 -12.33 2.68
CA SER D 36 67.74 -12.50 1.91
C SER D 36 68.71 -11.34 2.16
N GLN D 37 68.19 -10.11 2.15
CA GLN D 37 69.04 -8.94 2.36
C GLN D 37 69.66 -8.97 3.76
N GLY D 38 68.90 -9.40 4.76
CA GLY D 38 69.46 -9.51 6.10
C GLY D 38 70.62 -10.49 6.17
N GLU D 39 70.47 -11.64 5.52
CA GLU D 39 71.58 -12.59 5.48
C GLU D 39 72.81 -11.97 4.80
N MET D 40 72.58 -11.29 3.68
CA MET D 40 73.69 -10.65 2.99
C MET D 40 74.39 -9.64 3.89
N ILE D 41 73.61 -8.84 4.63
CA ILE D 41 74.20 -7.83 5.50
C ILE D 41 74.98 -8.48 6.64
N ASP D 42 74.51 -9.61 7.15
CA ASP D 42 75.26 -10.33 8.18
C ASP D 42 76.63 -10.75 7.65
N ARG D 43 76.66 -11.31 6.43
CA ARG D 43 77.94 -11.66 5.83
C ARG D 43 78.81 -10.42 5.68
N ILE D 44 78.20 -9.30 5.28
CA ILE D 44 78.93 -8.04 5.14
C ILE D 44 79.62 -7.68 6.45
N GLU D 45 78.87 -7.74 7.55
CA GLU D 45 79.43 -7.37 8.84
C GLU D 45 80.58 -8.29 9.23
N TYR D 46 80.43 -9.59 9.00
CA TYR D 46 81.51 -10.52 9.33
C TYR D 46 82.78 -10.16 8.55
N ASN D 47 82.64 -9.91 7.26
CA ASN D 47 83.81 -9.58 6.44
C ASN D 47 84.45 -8.28 6.93
N VAL D 48 83.65 -7.28 7.25
CA VAL D 48 84.20 -5.99 7.70
C VAL D 48 84.96 -6.18 9.01
N GLU D 49 84.40 -6.95 9.94
CA GLU D 49 85.08 -7.19 11.20
C GLU D 49 86.42 -7.87 10.98
N HIS D 50 86.45 -8.90 10.14
CA HIS D 50 87.72 -9.57 9.86
C HIS D 50 88.73 -8.60 9.27
N ALA D 51 88.29 -7.79 8.31
CA ALA D 51 89.20 -6.85 7.65
C ALA D 51 89.80 -5.87 8.66
N VAL D 52 88.96 -5.30 9.53
CA VAL D 52 89.47 -4.30 10.48
C VAL D 52 90.42 -4.94 11.48
N ASP D 53 90.11 -6.16 11.95
CA ASP D 53 91.02 -6.82 12.87
C ASP D 53 92.38 -7.08 12.22
N TYR D 54 92.36 -7.54 10.96
CA TYR D 54 93.63 -7.77 10.27
C TYR D 54 94.38 -6.46 10.05
N VAL D 55 93.66 -5.36 9.80
CA VAL D 55 94.32 -4.07 9.63
C VAL D 55 95.06 -3.68 10.91
N GLU D 56 94.38 -3.82 12.06
CA GLU D 56 95.04 -3.50 13.32
C GLU D 56 96.28 -4.36 13.53
N ARG D 57 96.14 -5.67 13.30
CA ARG D 57 97.28 -6.57 13.52
C ARG D 57 98.45 -6.19 12.62
N ALA D 58 98.18 -6.00 11.32
CA ALA D 58 99.26 -5.73 10.38
C ALA D 58 99.95 -4.40 10.68
N VAL D 59 99.17 -3.36 10.98
CA VAL D 59 99.77 -2.06 11.25
C VAL D 59 100.62 -2.13 12.51
N SER D 60 100.12 -2.80 13.57
CA SER D 60 100.92 -2.92 14.78
C SER D 60 102.22 -3.67 14.51
N ASP D 61 102.14 -4.79 13.77
CA ASP D 61 103.32 -5.59 13.51
C ASP D 61 104.36 -4.80 12.73
N THR D 62 103.94 -4.16 11.64
CA THR D 62 104.89 -3.41 10.82
C THR D 62 105.48 -2.24 11.58
N LYS D 63 104.66 -1.55 12.38
CA LYS D 63 105.18 -0.43 13.16
C LYS D 63 106.24 -0.89 14.14
N LYS D 64 105.98 -1.97 14.88
CA LYS D 64 106.98 -2.45 15.82
C LYS D 64 108.24 -2.93 15.10
N ALA D 65 108.07 -3.59 13.96
CA ALA D 65 109.23 -4.09 13.22
C ALA D 65 110.11 -2.95 12.74
N VAL D 66 109.51 -1.90 12.18
CA VAL D 66 110.31 -0.78 11.69
C VAL D 66 110.90 -0.01 12.86
N LYS D 67 110.19 0.08 13.98
CA LYS D 67 110.75 0.75 15.16
C LYS D 67 112.00 0.03 15.66
N TYR D 68 111.94 -1.30 15.74
CA TYR D 68 113.10 -2.06 16.20
C TYR D 68 114.17 -2.18 15.12
N GLN D 69 113.78 -2.14 13.85
CA GLN D 69 114.73 -2.28 12.74
C GLN D 69 115.49 -3.60 12.85
N GLY E 1 87.90 -32.49 -12.66
CA GLY E 1 86.58 -33.13 -12.90
C GLY E 1 85.74 -33.30 -11.64
N MET E 2 84.49 -33.71 -11.83
CA MET E 2 83.58 -33.90 -10.70
C MET E 2 83.75 -35.25 -10.04
N ASP E 3 84.60 -36.12 -10.56
CA ASP E 3 84.81 -37.44 -9.97
C ASP E 3 85.23 -37.30 -8.52
N THR E 4 84.48 -37.95 -7.63
CA THR E 4 84.78 -37.86 -6.20
C THR E 4 85.98 -38.71 -5.81
N SER E 5 86.16 -39.85 -6.46
CA SER E 5 87.29 -40.73 -6.12
C SER E 5 88.62 -40.05 -6.36
N GLY E 6 88.76 -39.36 -7.50
CA GLY E 6 90.01 -38.68 -7.79
C GLY E 6 90.30 -37.57 -6.82
N LYS E 7 89.29 -36.75 -6.51
CA LYS E 7 89.48 -35.67 -5.54
C LYS E 7 89.84 -36.23 -4.17
N GLN E 8 89.17 -37.30 -3.76
CA GLN E 8 89.48 -37.91 -2.46
C GLN E 8 90.91 -38.43 -2.42
N ALA E 9 91.34 -39.11 -3.48
CA ALA E 9 92.70 -39.63 -3.53
C ALA E 9 93.72 -38.49 -3.50
N GLU E 10 93.47 -37.43 -4.27
CA GLU E 10 94.38 -36.30 -4.28
C GLU E 10 94.47 -35.64 -2.91
N ALA E 11 93.32 -35.45 -2.25
CA ALA E 11 93.32 -34.84 -0.93
C ALA E 11 94.05 -35.72 0.08
N MET E 12 93.83 -37.04 0.03
CA MET E 12 94.51 -37.93 0.97
C MET E 12 96.02 -37.92 0.73
N ALA E 13 96.45 -37.94 -0.54
CA ALA E 13 97.88 -37.89 -0.83
C ALA E 13 98.48 -36.58 -0.35
N LEU E 14 97.77 -35.46 -0.57
CA LEU E 14 98.28 -34.17 -0.11
C LEU E 14 98.39 -34.13 1.40
N LEU E 15 97.40 -34.68 2.11
CA LEU E 15 97.45 -34.71 3.57
C LEU E 15 98.61 -35.58 4.05
N ALA E 16 98.83 -36.72 3.41
CA ALA E 16 99.96 -37.57 3.79
C ALA E 16 101.29 -36.85 3.54
N GLU E 17 101.40 -36.15 2.42
CA GLU E 17 102.61 -35.38 2.15
C GLU E 17 102.83 -34.32 3.21
N ALA E 18 101.76 -33.62 3.59
CA ALA E 18 101.88 -32.60 4.63
C ALA E 18 102.30 -33.21 5.97
N GLU E 19 101.72 -34.37 6.30
CA GLU E 19 102.06 -35.02 7.57
C GLU E 19 103.52 -35.43 7.60
N ARG E 20 104.01 -36.04 6.51
CA ARG E 20 105.41 -36.43 6.49
C ARG E 20 106.32 -35.20 6.48
N LYS E 21 105.91 -34.11 5.83
CA LYS E 21 106.71 -32.89 5.84
C LYS E 21 106.82 -32.30 7.23
N VAL E 22 105.70 -32.24 7.96
CA VAL E 22 105.73 -31.68 9.31
C VAL E 22 106.55 -32.59 10.24
N LYS E 23 106.43 -33.91 10.06
CA LYS E 23 107.24 -34.83 10.86
C LYS E 23 108.72 -34.64 10.57
N ASN E 24 109.08 -34.44 9.30
CA ASN E 24 110.47 -34.18 8.96
C ASN E 24 110.97 -32.90 9.59
N SER E 25 110.14 -31.84 9.54
CA SER E 25 110.56 -30.56 10.10
C SER E 25 110.74 -30.66 11.61
N GLN E 26 109.88 -31.43 12.29
CA GLN E 26 109.98 -31.55 13.73
C GLN E 26 111.35 -32.07 14.16
N SER E 27 112.02 -32.82 13.28
CA SER E 27 113.35 -33.34 13.58
C SER E 27 114.33 -32.22 13.90
N SER E 36 109.62 -23.30 12.53
CA SER E 36 109.03 -21.97 12.45
C SER E 36 108.83 -21.56 11.00
N SER E 37 109.87 -21.75 10.18
CA SER E 37 109.76 -21.42 8.76
C SER E 37 108.88 -22.42 8.03
N LYS E 38 109.07 -23.71 8.29
CA LYS E 38 108.29 -24.74 7.61
C LYS E 38 106.91 -24.93 8.23
N ILE E 39 106.69 -24.46 9.45
CA ILE E 39 105.38 -24.61 10.07
C ILE E 39 104.33 -23.79 9.33
N GLU E 40 104.72 -22.64 8.77
CA GLU E 40 103.78 -21.86 7.98
C GLU E 40 103.32 -22.63 6.74
N GLU E 41 104.27 -23.25 6.04
CA GLU E 41 103.91 -24.06 4.88
C GLU E 41 103.07 -25.27 5.29
N ALA E 42 103.38 -25.85 6.46
CA ALA E 42 102.56 -26.94 6.97
C ALA E 42 101.13 -26.48 7.19
N CYS E 43 100.95 -25.29 7.77
CA CYS E 43 99.61 -24.77 7.97
C CYS E 43 98.89 -24.53 6.65
N GLU E 44 99.59 -23.96 5.66
CA GLU E 44 98.97 -23.72 4.36
C GLU E 44 98.54 -25.01 3.70
N ILE E 45 99.41 -26.03 3.72
CA ILE E 45 99.07 -27.30 3.08
C ILE E 45 97.94 -27.99 3.83
N TYR E 46 97.92 -27.86 5.17
CA TYR E 46 96.81 -28.42 5.93
C TYR E 46 95.50 -27.73 5.58
N ALA E 47 95.52 -26.41 5.42
CA ALA E 47 94.32 -25.69 5.02
C ALA E 47 93.85 -26.14 3.63
N ARG E 48 94.80 -26.31 2.70
CA ARG E 48 94.43 -26.79 1.37
C ARG E 48 93.83 -28.18 1.43
N ALA E 49 94.40 -29.07 2.26
CA ALA E 49 93.84 -30.40 2.42
C ALA E 49 92.43 -30.34 3.01
N ALA E 50 92.22 -29.45 3.98
CA ALA E 50 90.89 -29.29 4.56
C ALA E 50 89.89 -28.82 3.52
N ASN E 51 90.29 -27.86 2.68
CA ASN E 51 89.40 -27.39 1.62
C ASN E 51 89.07 -28.52 0.65
N MET E 52 90.07 -29.29 0.25
CA MET E 52 89.82 -30.40 -0.67
C MET E 52 88.89 -31.43 -0.05
N PHE E 53 89.09 -31.74 1.23
CA PHE E 53 88.20 -32.66 1.92
C PHE E 53 86.77 -32.12 1.97
N LYS E 54 86.62 -30.83 2.24
CA LYS E 54 85.29 -30.22 2.25
C LYS E 54 84.63 -30.35 0.89
N MET E 55 85.38 -30.11 -0.19
CA MET E 55 84.84 -30.27 -1.52
C MET E 55 84.76 -31.73 -1.96
N ALA E 56 85.35 -32.64 -1.18
CA ALA E 56 85.24 -34.07 -1.45
C ALA E 56 84.05 -34.71 -0.73
N LYS E 57 83.25 -33.92 -0.02
CA LYS E 57 82.09 -34.36 0.75
C LYS E 57 82.48 -35.14 2.01
N ASN E 58 83.77 -35.24 2.32
CA ASN E 58 84.21 -35.89 3.55
C ASN E 58 84.34 -34.81 4.62
N TRP E 59 83.22 -34.53 5.30
CA TRP E 59 83.21 -33.46 6.29
C TRP E 59 84.11 -33.77 7.47
N SER E 60 84.16 -35.04 7.89
CA SER E 60 84.98 -35.39 9.05
C SER E 60 86.46 -35.13 8.79
N ALA E 61 86.95 -35.50 7.60
CA ALA E 61 88.35 -35.26 7.28
C ALA E 61 88.66 -33.77 7.24
N ALA E 62 87.76 -32.98 6.64
CA ALA E 62 87.97 -31.54 6.60
C ALA E 62 88.01 -30.94 8.00
N GLY E 63 87.10 -31.38 8.87
CA GLY E 63 87.10 -30.88 10.24
C GLY E 63 88.37 -31.27 10.99
N ASN E 64 88.84 -32.50 10.80
CA ASN E 64 90.07 -32.92 11.44
C ASN E 64 91.26 -32.10 10.95
N ALA E 65 91.33 -31.85 9.65
CA ALA E 65 92.41 -31.04 9.11
C ALA E 65 92.35 -29.62 9.65
N PHE E 66 91.14 -29.05 9.75
CA PHE E 66 91.00 -27.72 10.30
C PHE E 66 91.45 -27.69 11.77
N CYS E 67 91.11 -28.73 12.52
CA CYS E 67 91.55 -28.79 13.93
C CYS E 67 93.07 -28.89 14.02
N GLN E 68 93.69 -29.69 13.17
CA GLN E 68 95.15 -29.79 13.19
C GLN E 68 95.79 -28.44 12.83
N ALA E 69 95.22 -27.75 11.85
CA ALA E 69 95.73 -26.42 11.50
C ALA E 69 95.56 -25.45 12.68
N ALA E 70 94.42 -25.52 13.36
CA ALA E 70 94.20 -24.67 14.51
C ALA E 70 95.22 -24.93 15.61
N GLN E 71 95.52 -26.20 15.86
CA GLN E 71 96.54 -26.53 16.86
C GLN E 71 97.91 -26.04 16.44
N LEU E 72 98.26 -26.24 15.16
CA LEU E 72 99.56 -25.79 14.68
C LEU E 72 99.69 -24.27 14.76
N HIS E 73 98.58 -23.55 14.61
CA HIS E 73 98.61 -22.10 14.81
C HIS E 73 98.67 -21.74 16.29
N LEU E 74 98.00 -22.52 17.14
CA LEU E 74 98.01 -22.25 18.57
C LEU E 74 99.42 -22.38 19.15
N GLN E 75 100.14 -23.44 18.77
CA GLN E 75 101.50 -23.59 19.28
C GLN E 75 102.38 -22.41 18.86
N LEU E 76 102.04 -21.75 17.76
CA LEU E 76 102.70 -20.52 17.36
C LEU E 76 101.97 -19.33 17.98
N GLN E 77 102.69 -18.20 18.05
CA GLN E 77 102.15 -16.99 18.68
C GLN E 77 101.15 -16.33 17.74
N SER E 78 100.00 -16.97 17.59
CA SER E 78 98.91 -16.46 16.78
C SER E 78 97.60 -17.03 17.30
N LYS E 79 96.58 -16.17 17.41
CA LYS E 79 95.31 -16.53 18.00
C LYS E 79 94.15 -16.41 17.02
N HIS E 80 94.08 -15.30 16.27
CA HIS E 80 92.94 -15.07 15.39
C HIS E 80 92.83 -16.15 14.33
N ASP E 81 93.95 -16.53 13.72
CA ASP E 81 93.94 -17.61 12.74
C ASP E 81 93.51 -18.93 13.38
N ALA E 82 93.98 -19.19 14.61
CA ALA E 82 93.56 -20.39 15.31
C ALA E 82 92.06 -20.41 15.54
N ALA E 83 91.48 -19.25 15.92
CA ALA E 83 90.05 -19.19 16.14
C ALA E 83 89.28 -19.35 14.83
N THR E 84 89.79 -18.79 13.74
CA THR E 84 89.15 -18.99 12.45
C THR E 84 89.14 -20.46 12.06
N CYS E 85 90.27 -21.15 12.26
CA CYS E 85 90.31 -22.59 12.01
C CYS E 85 89.35 -23.33 12.94
N PHE E 86 89.23 -22.88 14.18
CA PHE E 86 88.31 -23.49 15.13
C PHE E 86 86.87 -23.40 14.62
N VAL E 87 86.46 -22.22 14.16
CA VAL E 87 85.08 -22.07 13.68
C VAL E 87 84.88 -22.86 12.40
N ASP E 88 85.89 -22.90 11.53
CA ASP E 88 85.76 -23.71 10.32
C ASP E 88 85.57 -25.19 10.66
N ALA E 89 86.37 -25.69 11.61
CA ALA E 89 86.24 -27.08 12.02
C ALA E 89 84.88 -27.34 12.66
N GLY E 90 84.41 -26.40 13.49
CA GLY E 90 83.11 -26.58 14.10
C GLY E 90 81.99 -26.63 13.09
N ASN E 91 82.01 -25.71 12.12
CA ASN E 91 80.99 -25.71 11.07
C ASN E 91 81.05 -27.00 10.26
N ALA E 92 82.26 -27.47 9.95
CA ALA E 92 82.38 -28.73 9.22
C ALA E 92 81.81 -29.90 10.03
N PHE E 93 82.08 -29.92 11.33
CA PHE E 93 81.64 -31.00 12.20
C PHE E 93 80.20 -30.86 12.65
N LYS E 94 79.54 -29.73 12.34
CA LYS E 94 78.14 -29.56 12.72
C LYS E 94 77.28 -30.69 12.17
N LYS E 95 77.57 -31.12 10.95
CA LYS E 95 76.74 -32.14 10.30
C LYS E 95 77.04 -33.53 10.83
N ALA E 96 78.30 -33.83 11.14
CA ALA E 96 78.73 -35.17 11.51
C ALA E 96 78.84 -35.36 13.03
N ASP E 97 79.68 -34.54 13.68
CA ASP E 97 79.98 -34.68 15.10
C ASP E 97 79.50 -33.43 15.83
N PRO E 98 78.29 -33.43 16.36
CA PRO E 98 77.81 -32.25 17.10
C PRO E 98 78.69 -31.89 18.30
N GLN E 99 79.22 -32.89 19.01
CA GLN E 99 79.96 -32.60 20.22
C GLN E 99 81.29 -31.93 19.91
N GLU E 100 82.00 -32.40 18.89
CA GLU E 100 83.26 -31.77 18.51
C GLU E 100 83.02 -30.34 18.02
N ALA E 101 81.93 -30.13 17.29
CA ALA E 101 81.59 -28.77 16.85
C ALA E 101 81.31 -27.87 18.05
N ILE E 102 80.60 -28.39 19.05
CA ILE E 102 80.32 -27.61 20.24
C ILE E 102 81.63 -27.26 20.96
N ASN E 103 82.53 -28.23 21.06
CA ASN E 103 83.81 -27.98 21.71
C ASN E 103 84.61 -26.90 20.97
N CYS E 104 84.66 -27.01 19.64
CA CYS E 104 85.37 -26.00 18.87
C CYS E 104 84.74 -24.63 19.06
N LEU E 105 83.40 -24.56 19.04
CA LEU E 105 82.72 -23.27 19.20
C LEU E 105 82.98 -22.68 20.57
N MET E 106 82.98 -23.49 21.63
CA MET E 106 83.20 -22.94 22.96
C MET E 106 84.64 -22.50 23.14
N ARG E 107 85.60 -23.25 22.58
CA ARG E 107 86.99 -22.80 22.64
C ARG E 107 87.16 -21.48 21.89
N ALA E 108 86.53 -21.35 20.72
CA ALA E 108 86.65 -20.10 19.97
C ALA E 108 85.96 -18.96 20.70
N ILE E 109 84.84 -19.24 21.38
CA ILE E 109 84.17 -18.22 22.18
C ILE E 109 85.08 -17.74 23.30
N GLU E 110 85.75 -18.68 23.97
CA GLU E 110 86.71 -18.31 25.00
C GLU E 110 87.81 -17.44 24.40
N ILE E 111 88.30 -17.80 23.22
CA ILE E 111 89.36 -17.02 22.58
C ILE E 111 88.90 -15.59 22.35
N TYR E 112 87.73 -15.42 21.72
CA TYR E 112 87.23 -14.07 21.46
C TYR E 112 87.05 -13.30 22.76
N THR E 113 86.36 -13.89 23.74
CA THR E 113 86.14 -13.19 24.99
C THR E 113 87.45 -12.84 25.68
N ASP E 114 88.53 -13.57 25.39
CA ASP E 114 89.84 -13.18 25.89
C ASP E 114 90.38 -11.98 25.12
N MET E 115 90.24 -11.99 23.79
CA MET E 115 90.69 -10.83 23.01
C MET E 115 89.89 -9.58 23.38
N GLY E 116 88.57 -9.71 23.53
CA GLY E 116 87.73 -8.59 23.93
C GLY E 116 86.45 -8.47 23.16
N ARG E 117 86.45 -8.83 21.88
CA ARG E 117 85.25 -8.72 21.06
C ARG E 117 84.13 -9.56 21.67
N PHE E 118 82.91 -9.00 21.65
CA PHE E 118 81.77 -9.59 22.32
C PHE E 118 80.67 -10.05 21.37
N THR E 119 80.33 -9.27 20.34
CA THR E 119 79.16 -9.58 19.53
C THR E 119 79.30 -10.94 18.85
N ILE E 120 80.48 -11.24 18.31
CA ILE E 120 80.70 -12.53 17.68
C ILE E 120 80.53 -13.65 18.70
N ALA E 121 80.96 -13.42 19.93
CA ALA E 121 80.74 -14.39 20.99
C ALA E 121 79.25 -14.61 21.23
N ALA E 122 78.45 -13.54 21.19
CA ALA E 122 77.02 -13.69 21.34
C ALA E 122 76.42 -14.51 20.20
N LYS E 123 76.85 -14.25 18.97
CA LYS E 123 76.33 -15.01 17.83
C LYS E 123 76.69 -16.48 17.97
N HIS E 124 77.93 -16.79 18.37
CA HIS E 124 78.32 -18.18 18.53
C HIS E 124 77.60 -18.84 19.70
N HIS E 125 77.32 -18.08 20.76
CA HIS E 125 76.51 -18.63 21.86
C HIS E 125 75.11 -18.98 21.37
N ILE E 126 74.52 -18.11 20.55
CA ILE E 126 73.20 -18.41 19.99
C ILE E 126 73.26 -19.65 19.11
N SER E 127 74.32 -19.78 18.32
CA SER E 127 74.47 -20.97 17.49
C SER E 127 74.59 -22.23 18.34
N ILE E 128 75.35 -22.15 19.43
CA ILE E 128 75.49 -23.29 20.33
C ILE E 128 74.13 -23.67 20.94
N ALA E 129 73.37 -22.66 21.36
CA ALA E 129 72.04 -22.93 21.90
C ALA E 129 71.15 -23.55 20.84
N GLU E 130 71.25 -23.09 19.60
CA GLU E 130 70.42 -23.65 18.53
C GLU E 130 70.75 -25.12 18.28
N ILE E 131 72.04 -25.44 18.21
CA ILE E 131 72.41 -26.85 18.01
C ILE E 131 71.94 -27.69 19.20
N TYR E 132 72.09 -27.16 20.42
CA TYR E 132 71.66 -27.90 21.60
C TYR E 132 70.16 -28.17 21.55
N GLU E 133 69.37 -27.18 21.14
CA GLU E 133 67.92 -27.34 21.12
C GLU E 133 67.48 -28.28 20.00
N THR E 134 68.12 -28.21 18.83
CA THR E 134 67.64 -28.93 17.66
C THR E 134 68.17 -30.35 17.57
N GLU E 135 69.29 -30.66 18.22
CA GLU E 135 69.88 -32.00 18.15
C GLU E 135 69.84 -32.72 19.49
N LEU E 136 70.39 -32.12 20.55
CA LEU E 136 70.46 -32.78 21.85
C LEU E 136 69.25 -32.50 22.73
N VAL E 137 68.29 -31.69 22.25
CA VAL E 137 67.07 -31.36 22.97
C VAL E 137 67.32 -31.22 24.46
N ASP E 138 68.33 -30.41 24.82
CA ASP E 138 68.63 -30.09 26.22
C ASP E 138 68.19 -28.65 26.45
N VAL E 139 67.08 -28.48 27.17
CA VAL E 139 66.48 -27.16 27.33
C VAL E 139 67.35 -26.28 28.22
N GLU E 140 67.91 -26.84 29.29
CA GLU E 140 68.58 -26.02 30.30
C GLU E 140 69.83 -25.35 29.74
N LYS E 141 70.65 -26.09 29.01
CA LYS E 141 71.87 -25.50 28.46
C LYS E 141 71.55 -24.44 27.42
N ALA E 142 70.53 -24.69 26.59
CA ALA E 142 70.10 -23.68 25.63
C ALA E 142 69.62 -22.42 26.35
N ILE E 143 68.88 -22.60 27.45
CA ILE E 143 68.41 -21.45 28.22
C ILE E 143 69.59 -20.66 28.76
N ALA E 144 70.59 -21.35 29.31
CA ALA E 144 71.75 -20.68 29.87
C ALA E 144 72.52 -19.92 28.79
N HIS E 145 72.71 -20.54 27.62
CA HIS E 145 73.42 -19.89 26.54
C HIS E 145 72.65 -18.68 26.02
N TYR E 146 71.33 -18.79 25.93
CA TYR E 146 70.51 -17.65 25.53
C TYR E 146 70.62 -16.52 26.54
N GLU E 147 70.63 -16.85 27.83
CA GLU E 147 70.80 -15.81 28.85
C GLU E 147 72.16 -15.12 28.70
N GLN E 148 73.21 -15.90 28.47
CA GLN E 148 74.53 -15.31 28.30
C GLN E 148 74.57 -14.40 27.07
N SER E 149 73.98 -14.85 25.97
CA SER E 149 73.97 -14.04 24.75
C SER E 149 73.17 -12.76 24.95
N ALA E 150 72.03 -12.85 25.65
CA ALA E 150 71.24 -11.66 25.92
C ALA E 150 72.01 -10.68 26.79
N ASP E 151 72.70 -11.19 27.81
CA ASP E 151 73.51 -10.30 28.65
C ASP E 151 74.61 -9.63 27.84
N TYR E 152 75.28 -10.39 26.98
CA TYR E 152 76.33 -9.80 26.15
C TYR E 152 75.75 -8.72 25.24
N TYR E 153 74.60 -9.00 24.60
CA TYR E 153 74.01 -8.04 23.69
C TYR E 153 73.58 -6.77 24.43
N LYS E 154 72.97 -6.92 25.61
CA LYS E 154 72.58 -5.76 26.39
C LYS E 154 73.80 -4.95 26.81
N GLY E 155 74.88 -5.63 27.19
CA GLY E 155 76.11 -4.93 27.54
C GLY E 155 76.70 -4.14 26.40
N GLU E 156 76.38 -4.50 25.16
CA GLU E 156 76.86 -3.80 23.98
C GLU E 156 75.85 -2.77 23.47
N GLU E 157 74.83 -2.44 24.28
CA GLU E 157 73.77 -1.49 23.95
C GLU E 157 72.87 -1.99 22.83
N SER E 158 72.92 -3.28 22.50
CA SER E 158 72.05 -3.85 21.49
C SER E 158 70.78 -4.38 22.17
N ASN E 159 69.65 -3.78 21.84
CA ASN E 159 68.37 -4.10 22.48
C ASN E 159 67.54 -5.11 21.70
N SER E 160 67.50 -5.00 20.37
CA SER E 160 66.66 -5.89 19.59
C SER E 160 67.09 -7.35 19.75
N SER E 161 68.39 -7.61 19.60
CA SER E 161 68.88 -8.97 19.78
C SER E 161 68.66 -9.43 21.22
N ALA E 162 68.93 -8.56 22.20
CA ALA E 162 68.68 -8.90 23.59
C ALA E 162 67.20 -9.17 23.83
N ASN E 163 66.32 -8.37 23.22
CA ASN E 163 64.90 -8.59 23.39
C ASN E 163 64.47 -9.94 22.80
N LYS E 164 65.00 -10.28 21.63
CA LYS E 164 64.65 -11.57 21.02
C LYS E 164 65.14 -12.73 21.87
N CYS E 165 66.38 -12.63 22.38
CA CYS E 165 66.90 -13.69 23.24
C CYS E 165 66.07 -13.81 24.51
N LEU E 166 65.68 -12.69 25.10
CA LEU E 166 64.84 -12.72 26.29
C LEU E 166 63.50 -13.36 25.99
N LEU E 167 62.91 -13.05 24.84
CA LEU E 167 61.64 -13.66 24.45
C LEU E 167 61.79 -15.17 24.34
N LYS E 168 62.84 -15.62 23.66
CA LYS E 168 63.02 -17.06 23.46
C LYS E 168 63.23 -17.77 24.79
N VAL E 169 64.08 -17.21 25.66
CA VAL E 169 64.37 -17.87 26.94
C VAL E 169 63.13 -17.86 27.83
N ALA E 170 62.35 -16.77 27.79
CA ALA E 170 61.13 -16.72 28.57
C ALA E 170 60.11 -17.74 28.08
N GLY E 171 59.98 -17.90 26.77
CA GLY E 171 59.11 -18.93 26.24
C GLY E 171 59.54 -20.32 26.65
N TYR E 172 60.85 -20.59 26.59
CA TYR E 172 61.34 -21.89 27.01
C TYR E 172 61.07 -22.13 28.50
N ALA E 173 61.28 -21.10 29.33
CA ALA E 173 61.01 -21.23 30.76
C ALA E 173 59.54 -21.49 31.01
N ALA E 174 58.66 -20.79 30.30
CA ALA E 174 57.22 -21.05 30.44
C ALA E 174 56.90 -22.48 30.03
N GLN E 175 57.54 -22.98 28.97
CA GLN E 175 57.36 -24.38 28.60
C GLN E 175 57.84 -25.31 29.71
N LEU E 176 58.74 -24.84 30.58
CA LEU E 176 59.29 -25.63 31.66
C LEU E 176 58.61 -25.34 33.00
N GLU E 177 57.44 -24.72 32.98
CA GLU E 177 56.59 -24.49 34.15
C GLU E 177 57.14 -23.41 35.09
N GLN E 178 58.18 -22.68 34.68
CA GLN E 178 58.71 -21.57 35.47
C GLN E 178 57.99 -20.30 35.02
N TYR E 179 56.85 -20.03 35.64
CA TYR E 179 55.97 -18.96 35.16
C TYR E 179 56.46 -17.57 35.55
N GLN E 180 57.10 -17.43 36.72
CA GLN E 180 57.50 -16.09 37.16
C GLN E 180 58.55 -15.49 36.24
N LYS E 181 59.54 -16.28 35.82
CA LYS E 181 60.58 -15.78 34.93
C LYS E 181 59.97 -15.29 33.62
N ALA E 182 59.10 -16.11 33.02
CA ALA E 182 58.45 -15.71 31.79
C ALA E 182 57.61 -14.46 32.00
N ILE E 183 56.90 -14.38 33.12
CA ILE E 183 56.04 -13.23 33.38
C ILE E 183 56.87 -11.95 33.43
N ASP E 184 57.98 -11.99 34.18
CA ASP E 184 58.78 -10.77 34.31
C ASP E 184 59.42 -10.38 32.99
N ILE E 185 59.92 -11.37 32.24
CA ILE E 185 60.53 -11.06 30.94
C ILE E 185 59.50 -10.46 29.99
N TYR E 186 58.30 -11.05 29.95
CA TYR E 186 57.26 -10.54 29.06
C TYR E 186 56.85 -9.13 29.47
N GLU E 187 56.75 -8.86 30.78
CA GLU E 187 56.40 -7.52 31.22
C GLU E 187 57.48 -6.51 30.82
N GLN E 188 58.75 -6.88 30.99
CA GLN E 188 59.82 -5.97 30.62
C GLN E 188 59.80 -5.66 29.12
N VAL E 189 59.65 -6.70 28.30
CA VAL E 189 59.63 -6.48 26.85
C VAL E 189 58.39 -5.69 26.46
N GLY E 190 57.27 -5.93 27.12
CA GLY E 190 56.07 -5.16 26.84
C GLY E 190 56.25 -3.69 27.13
N THR E 191 56.87 -3.36 28.27
CA THR E 191 57.15 -1.97 28.58
C THR E 191 58.12 -1.37 27.55
N SER E 192 59.16 -2.12 27.18
CA SER E 192 60.12 -1.62 26.21
C SER E 192 59.45 -1.28 24.88
N ALA E 193 58.59 -2.18 24.39
CA ALA E 193 57.83 -1.88 23.19
C ALA E 193 56.82 -0.76 23.43
N MET E 194 56.37 -0.61 24.68
CA MET E 194 55.41 0.43 25.01
C MET E 194 56.03 1.81 24.81
N ASP E 195 57.31 1.96 25.16
CA ASP E 195 58.00 3.24 25.03
C ASP E 195 58.62 3.43 23.65
N SER E 196 58.07 2.81 22.61
CA SER E 196 58.54 2.96 21.26
C SER E 196 57.37 3.32 20.34
N PRO E 197 57.63 4.07 19.27
CA PRO E 197 56.54 4.44 18.35
C PRO E 197 56.18 3.32 17.38
N LEU E 198 57.17 2.52 16.99
CA LEU E 198 56.95 1.46 16.01
C LEU E 198 56.33 0.21 16.64
N LEU E 199 57.03 -0.37 17.62
CA LEU E 199 56.58 -1.62 18.24
C LEU E 199 55.36 -1.43 19.13
N LYS E 200 54.96 -0.18 19.40
CA LYS E 200 53.83 0.09 20.29
C LYS E 200 52.65 -0.82 20.00
N TYR E 201 52.29 -0.96 18.73
CA TYR E 201 51.09 -1.72 18.38
C TYR E 201 51.21 -3.18 18.82
N SER E 202 52.39 -3.78 18.63
CA SER E 202 52.58 -5.16 19.07
C SER E 202 52.68 -5.29 20.58
N ALA E 203 52.82 -4.17 21.30
CA ALA E 203 53.04 -4.24 22.75
C ALA E 203 51.96 -5.03 23.46
N LYS E 204 50.74 -5.05 22.91
CA LYS E 204 49.66 -5.78 23.56
C LYS E 204 50.00 -7.26 23.68
N ASP E 205 50.55 -7.86 22.62
CA ASP E 205 50.71 -9.31 22.58
C ASP E 205 51.44 -9.81 23.82
N TYR E 206 52.61 -9.23 24.10
CA TYR E 206 53.38 -9.66 25.26
C TYR E 206 52.52 -9.67 26.52
N PHE E 207 51.82 -8.55 26.76
CA PHE E 207 50.99 -8.47 27.97
C PHE E 207 50.03 -9.64 28.03
N PHE E 208 49.37 -9.95 26.92
CA PHE E 208 48.42 -11.05 26.90
C PHE E 208 49.09 -12.33 27.40
N LYS E 209 50.27 -12.63 26.87
CA LYS E 209 50.99 -13.83 27.33
C LYS E 209 51.13 -13.81 28.85
N ALA E 210 51.60 -12.68 29.40
CA ALA E 210 51.74 -12.58 30.85
C ALA E 210 50.44 -12.94 31.55
N ALA E 211 49.33 -12.40 31.06
CA ALA E 211 48.04 -12.69 31.67
C ALA E 211 47.82 -14.20 31.76
N LEU E 212 48.06 -14.91 30.65
CA LEU E 212 47.87 -16.36 30.66
C LEU E 212 48.71 -17.00 31.77
N CYS E 213 49.98 -16.59 31.88
CA CYS E 213 50.83 -17.16 32.91
C CYS E 213 50.22 -16.96 34.28
N HIS E 214 49.65 -15.78 34.53
CA HIS E 214 49.02 -15.54 35.83
C HIS E 214 47.87 -16.51 36.05
N PHE E 215 47.07 -16.77 35.02
CA PHE E 215 45.98 -17.74 35.15
C PHE E 215 46.49 -19.11 35.55
N CYS E 216 47.77 -19.40 35.29
CA CYS E 216 48.31 -20.70 35.64
C CYS E 216 48.62 -20.81 37.13
N ILE E 217 48.82 -19.69 37.83
CA ILE E 217 49.16 -19.74 39.25
C ILE E 217 47.87 -19.56 40.05
N ASP E 218 47.14 -18.48 39.79
CA ASP E 218 45.78 -18.31 40.33
C ASP E 218 44.99 -17.43 39.38
N MET E 219 43.67 -17.57 39.44
CA MET E 219 42.79 -16.75 38.61
C MET E 219 42.62 -15.35 39.19
N LEU E 220 42.66 -15.21 40.51
CA LEU E 220 42.65 -13.89 41.12
C LEU E 220 43.87 -13.07 40.70
N ASN E 221 45.03 -13.71 40.68
CA ASN E 221 46.23 -13.04 40.17
C ASN E 221 46.04 -12.65 38.71
N ALA E 222 45.33 -13.49 37.94
CA ALA E 222 45.05 -13.15 36.55
C ALA E 222 44.21 -11.88 36.45
N LYS E 223 43.16 -11.78 37.28
CA LYS E 223 42.35 -10.57 37.27
C LYS E 223 43.18 -9.35 37.66
N LEU E 224 44.00 -9.49 38.71
CA LEU E 224 44.80 -8.35 39.16
C LEU E 224 45.78 -7.90 38.09
N ALA E 225 46.44 -8.84 37.42
CA ALA E 225 47.36 -8.50 36.34
C ALA E 225 46.62 -7.85 35.17
N VAL E 226 45.43 -8.37 34.84
CA VAL E 226 44.65 -7.78 33.75
C VAL E 226 44.28 -6.34 34.07
N GLN E 227 43.84 -6.09 35.30
CA GLN E 227 43.48 -4.74 35.70
C GLN E 227 44.70 -3.82 35.70
N LYS E 228 45.84 -4.32 36.16
CA LYS E 228 47.05 -3.51 36.14
C LYS E 228 47.46 -3.15 34.72
N TYR E 229 47.38 -4.11 33.80
CA TYR E 229 47.69 -3.82 32.40
C TYR E 229 46.68 -2.84 31.81
N GLU E 230 45.41 -2.98 32.16
CA GLU E 230 44.39 -2.07 31.67
C GLU E 230 44.66 -0.64 32.11
N GLU E 231 44.87 -0.44 33.41
CA GLU E 231 45.13 0.91 33.91
C GLU E 231 46.42 1.47 33.34
N LEU E 232 47.46 0.63 33.26
CA LEU E 232 48.72 1.10 32.68
C LEU E 232 48.57 1.43 31.20
N PHE E 233 47.84 0.59 30.46
CA PHE E 233 47.72 0.73 29.01
C PHE E 233 46.24 0.69 28.62
N PRO E 234 45.58 1.83 28.48
CA PRO E 234 44.15 1.80 28.12
C PRO E 234 43.86 1.11 26.80
N ALA E 235 44.76 1.22 25.81
CA ALA E 235 44.50 0.63 24.50
C ALA E 235 44.35 -0.88 24.56
N PHE E 236 44.92 -1.53 25.58
CA PHE E 236 44.76 -2.98 25.73
C PHE E 236 43.30 -3.37 25.98
N SER E 237 42.45 -2.42 26.35
CA SER E 237 41.05 -2.75 26.66
C SER E 237 40.29 -3.17 25.41
N ASP E 238 40.40 -2.39 24.33
CA ASP E 238 39.61 -2.65 23.14
C ASP E 238 40.08 -3.90 22.40
N SER E 239 41.31 -4.34 22.64
CA SER E 239 41.82 -5.52 21.93
C SER E 239 41.01 -6.76 22.29
N ARG E 240 40.83 -7.63 21.30
CA ARG E 240 40.04 -8.84 21.50
C ARG E 240 40.63 -9.71 22.61
N GLU E 241 41.94 -9.62 22.84
CA GLU E 241 42.56 -10.46 23.85
C GLU E 241 42.01 -10.15 25.24
N CYS E 242 41.82 -8.87 25.56
CA CYS E 242 41.26 -8.50 26.86
C CYS E 242 39.85 -9.04 27.02
N LYS E 243 39.02 -8.93 25.98
CA LYS E 243 37.66 -9.46 26.07
C LYS E 243 37.67 -10.97 26.25
N LEU E 244 38.53 -11.67 25.52
CA LEU E 244 38.64 -13.11 25.69
C LEU E 244 39.06 -13.47 27.10
N MET E 245 40.05 -12.76 27.65
CA MET E 245 40.50 -13.04 29.00
C MET E 245 39.40 -12.80 30.02
N LYS E 246 38.65 -11.71 29.86
CA LYS E 246 37.56 -11.43 30.79
C LYS E 246 36.47 -12.49 30.71
N LYS E 247 36.11 -12.91 29.50
CA LYS E 247 35.08 -13.94 29.35
C LYS E 247 35.55 -15.26 29.94
N LEU E 248 36.82 -15.61 29.73
CA LEU E 248 37.35 -16.84 30.31
C LEU E 248 37.38 -16.77 31.82
N LEU E 249 37.73 -15.61 32.38
CA LEU E 249 37.72 -15.44 33.82
C LEU E 249 36.30 -15.60 34.37
N GLU E 250 35.32 -15.01 33.69
CA GLU E 250 33.93 -15.14 34.14
C GLU E 250 33.47 -16.60 34.08
N ALA E 251 33.82 -17.30 33.00
CA ALA E 251 33.46 -18.71 32.89
C ALA E 251 34.11 -19.53 34.00
N HIS E 252 35.37 -19.25 34.30
CA HIS E 252 36.05 -19.93 35.40
C HIS E 252 35.36 -19.64 36.73
N GLU E 253 34.90 -18.39 36.92
CA GLU E 253 34.20 -18.05 38.15
C GLU E 253 32.92 -18.87 38.28
N GLU E 254 32.14 -18.97 37.20
CA GLU E 254 30.87 -19.69 37.26
C GLU E 254 31.04 -21.20 37.11
N GLN E 255 32.25 -21.69 36.89
CA GLN E 255 32.55 -23.12 36.77
C GLN E 255 31.86 -23.77 35.58
N ASN E 256 31.26 -22.98 34.69
CA ASN E 256 30.58 -23.52 33.51
C ASN E 256 31.63 -23.80 32.44
N VAL E 257 32.14 -25.04 32.46
CA VAL E 257 33.18 -25.42 31.51
C VAL E 257 32.67 -25.33 30.09
N ASP E 258 31.36 -25.50 29.88
CA ASP E 258 30.81 -25.47 28.54
C ASP E 258 30.99 -24.11 27.89
N SER E 259 30.75 -23.03 28.63
CA SER E 259 30.94 -21.69 28.08
C SER E 259 32.39 -21.45 27.71
N TYR E 260 33.32 -21.86 28.58
CA TYR E 260 34.75 -21.72 28.29
C TYR E 260 35.10 -22.48 27.00
N THR E 261 34.63 -23.71 26.88
CA THR E 261 34.94 -24.51 25.70
C THR E 261 34.38 -23.87 24.44
N GLU E 262 33.13 -23.39 24.51
CA GLU E 262 32.53 -22.76 23.33
C GLU E 262 33.28 -21.49 22.93
N SER E 263 33.64 -20.66 23.91
CA SER E 263 34.37 -19.44 23.60
C SER E 263 35.74 -19.75 22.99
N VAL E 264 36.45 -20.72 23.55
CA VAL E 264 37.76 -21.08 23.01
C VAL E 264 37.62 -21.65 21.61
N LYS E 265 36.59 -22.46 21.37
CA LYS E 265 36.38 -23.02 20.04
C LYS E 265 36.07 -21.93 19.04
N GLU E 266 35.25 -20.95 19.42
CA GLU E 266 34.97 -19.83 18.52
C GLU E 266 36.23 -19.04 18.23
N TYR E 267 37.05 -18.79 19.25
CA TYR E 267 38.29 -18.05 19.04
C TYR E 267 39.24 -18.81 18.11
N ASP E 268 39.29 -20.13 18.24
CA ASP E 268 40.09 -20.93 17.30
C ASP E 268 39.49 -20.86 15.90
N SER E 269 38.17 -20.83 15.80
CA SER E 269 37.51 -20.78 14.50
C SER E 269 37.86 -19.49 13.77
N ILE E 270 37.81 -18.35 14.47
CA ILE E 270 38.12 -17.08 13.81
C ILE E 270 39.57 -17.06 13.33
N SER E 271 40.49 -17.55 14.16
CA SER E 271 41.90 -17.60 13.78
C SER E 271 42.56 -18.79 14.47
N ARG E 272 43.61 -19.30 13.85
N ARG E 272 43.61 -19.30 13.85
CA ARG E 272 44.34 -20.44 14.39
CA ARG E 272 44.34 -20.43 14.40
C ARG E 272 45.27 -19.99 15.53
C ARG E 272 45.27 -19.98 15.52
N LEU E 273 45.71 -20.95 16.32
CA LEU E 273 46.59 -20.70 17.45
C LEU E 273 47.80 -21.63 17.36
N ASP E 274 48.93 -21.15 17.91
CA ASP E 274 50.16 -21.93 17.90
C ASP E 274 50.10 -23.00 18.99
N GLN E 275 51.16 -23.82 19.06
CA GLN E 275 51.20 -24.89 20.04
C GLN E 275 51.20 -24.33 21.46
N TRP E 276 51.94 -23.24 21.68
CA TRP E 276 52.00 -22.64 23.01
C TRP E 276 50.62 -22.24 23.50
N LEU E 277 49.85 -21.54 22.66
CA LEU E 277 48.54 -21.07 23.07
C LEU E 277 47.62 -22.24 23.42
N THR E 278 47.58 -23.25 22.55
CA THR E 278 46.68 -24.38 22.79
C THR E 278 47.09 -25.16 24.05
N THR E 279 48.39 -25.36 24.27
CA THR E 279 48.80 -26.11 25.45
C THR E 279 48.50 -25.35 26.74
N MET E 280 48.74 -24.02 26.75
CA MET E 280 48.40 -23.26 27.95
C MET E 280 46.89 -23.23 28.17
N LEU E 281 46.11 -23.10 27.10
CA LEU E 281 44.66 -23.13 27.24
C LEU E 281 44.20 -24.48 27.76
N LEU E 282 44.83 -25.57 27.31
CA LEU E 282 44.47 -26.90 27.82
C LEU E 282 44.83 -27.05 29.29
N ARG E 283 45.97 -26.51 29.70
CA ARG E 283 46.33 -26.54 31.12
C ARG E 283 45.30 -25.80 31.96
N ILE E 284 44.89 -24.62 31.50
CA ILE E 284 43.85 -23.87 32.23
C ILE E 284 42.54 -24.64 32.22
N LYS E 285 42.24 -25.30 31.11
CA LYS E 285 40.99 -26.06 30.98
C LYS E 285 40.96 -27.21 31.99
N LYS E 286 42.05 -27.95 32.11
CA LYS E 286 42.09 -29.03 33.09
C LYS E 286 42.05 -28.48 34.51
N THR E 287 42.72 -27.35 34.76
CA THR E 287 42.68 -26.75 36.09
C THR E 287 41.25 -26.40 36.49
N ILE E 288 40.49 -25.79 35.57
CA ILE E 288 39.12 -25.44 35.89
C ILE E 288 38.23 -26.68 35.98
N GLN E 289 38.45 -27.65 35.08
CA GLN E 289 37.66 -28.87 35.11
C GLN E 289 37.81 -29.59 36.44
N GLY E 290 39.00 -29.50 37.05
CA GLY E 290 39.18 -30.05 38.37
C GLY E 290 38.26 -29.40 39.40
N ASP E 291 37.98 -28.10 39.23
CA ASP E 291 37.11 -27.41 40.18
C ASP E 291 35.69 -27.93 40.12
N GLU E 292 35.14 -28.07 38.92
CA GLU E 292 33.75 -28.50 38.77
C GLU E 292 33.58 -29.94 39.22
N GLY F 1 80.95 16.46 -25.78
CA GLY F 1 81.30 15.61 -26.94
C GLY F 1 82.02 14.33 -26.54
N MET F 2 81.51 13.21 -27.04
CA MET F 2 82.08 11.88 -26.76
C MET F 2 82.22 11.08 -28.05
N ASP F 3 82.77 11.72 -29.08
CA ASP F 3 82.99 11.03 -30.35
C ASP F 3 83.95 9.86 -30.14
N THR F 4 83.66 8.75 -30.82
CA THR F 4 84.45 7.53 -30.66
C THR F 4 85.71 7.53 -31.51
N SER F 5 85.88 8.49 -32.43
CA SER F 5 87.05 8.48 -33.29
C SER F 5 88.33 8.63 -32.47
N GLY F 6 88.39 9.66 -31.63
CA GLY F 6 89.59 9.88 -30.82
C GLY F 6 89.84 8.75 -29.84
N LYS F 7 88.78 8.26 -29.19
CA LYS F 7 88.93 7.15 -28.25
C LYS F 7 89.49 5.92 -28.95
N GLN F 8 88.94 5.58 -30.11
CA GLN F 8 89.42 4.41 -30.85
C GLN F 8 90.87 4.62 -31.29
N ALA F 9 91.21 5.81 -31.78
CA ALA F 9 92.58 6.07 -32.21
C ALA F 9 93.56 5.91 -31.06
N GLU F 10 93.24 6.50 -29.91
CA GLU F 10 94.12 6.37 -28.75
C GLU F 10 94.23 4.91 -28.32
N ALA F 11 93.11 4.18 -28.33
CA ALA F 11 93.14 2.78 -27.92
C ALA F 11 94.02 1.94 -28.84
N MET F 12 93.90 2.14 -30.15
CA MET F 12 94.72 1.33 -31.07
C MET F 12 96.18 1.72 -30.98
N ALA F 13 96.47 3.02 -30.80
CA ALA F 13 97.86 3.43 -30.63
C ALA F 13 98.46 2.79 -29.38
N LEU F 14 97.71 2.81 -28.27
CA LEU F 14 98.20 2.18 -27.04
C LEU F 14 98.41 0.68 -27.24
N LEU F 15 97.46 0.02 -27.91
CA LEU F 15 97.59 -1.42 -28.14
C LEU F 15 98.83 -1.72 -28.98
N ALA F 16 99.05 -0.94 -30.05
CA ALA F 16 100.20 -1.18 -30.91
C ALA F 16 101.51 -0.95 -30.16
N GLU F 17 101.61 0.14 -29.40
CA GLU F 17 102.85 0.42 -28.68
C GLU F 17 103.09 -0.61 -27.58
N ALA F 18 102.04 -1.08 -26.91
CA ALA F 18 102.23 -2.12 -25.90
C ALA F 18 102.64 -3.44 -26.54
N GLU F 19 102.08 -3.76 -27.71
CA GLU F 19 102.52 -4.96 -28.42
C GLU F 19 103.99 -4.85 -28.81
N ARG F 20 104.40 -3.66 -29.26
CA ARG F 20 105.82 -3.45 -29.56
C ARG F 20 106.67 -3.66 -28.31
N LYS F 21 106.24 -3.10 -27.18
CA LYS F 21 107.01 -3.22 -25.95
C LYS F 21 107.15 -4.68 -25.53
N VAL F 22 106.04 -5.43 -25.54
CA VAL F 22 106.09 -6.82 -25.08
C VAL F 22 106.89 -7.67 -26.06
N LYS F 23 106.81 -7.36 -27.37
CA LYS F 23 107.52 -8.16 -28.36
C LYS F 23 109.03 -8.09 -28.15
N ASN F 24 109.54 -6.91 -27.79
CA ASN F 24 110.99 -6.75 -27.63
C ASN F 24 111.55 -7.68 -26.56
N SER F 25 110.72 -8.14 -25.62
CA SER F 25 111.16 -9.05 -24.56
C SER F 25 111.20 -10.46 -25.11
N GLN F 26 112.39 -10.91 -25.53
CA GLN F 26 112.55 -12.25 -26.08
C GLN F 26 112.94 -13.23 -24.99
N GLY F 35 113.74 -6.92 -15.12
CA GLY F 35 113.61 -8.00 -16.08
C GLY F 35 112.18 -8.27 -16.47
N SER F 36 111.30 -8.34 -15.47
CA SER F 36 109.88 -8.61 -15.68
C SER F 36 109.02 -7.35 -15.69
N SER F 37 109.64 -6.18 -15.58
CA SER F 37 108.87 -4.94 -15.61
C SER F 37 108.15 -4.76 -16.96
N LYS F 38 108.71 -5.31 -18.03
CA LYS F 38 108.09 -5.18 -19.34
C LYS F 38 106.70 -5.80 -19.34
N ILE F 39 106.56 -6.98 -18.74
CA ILE F 39 105.25 -7.64 -18.70
C ILE F 39 104.26 -6.81 -17.90
N GLU F 40 104.70 -6.24 -16.78
CA GLU F 40 103.80 -5.45 -15.95
C GLU F 40 103.31 -4.20 -16.68
N GLU F 41 104.24 -3.48 -17.33
CA GLU F 41 103.84 -2.29 -18.06
C GLU F 41 102.94 -2.66 -19.25
N ALA F 42 103.25 -3.77 -19.92
CA ALA F 42 102.40 -4.22 -21.02
C ALA F 42 100.98 -4.53 -20.53
N CYS F 43 100.87 -5.20 -19.38
CA CYS F 43 99.54 -5.51 -18.84
C CYS F 43 98.80 -4.24 -18.45
N GLU F 44 99.50 -3.27 -17.86
CA GLU F 44 98.86 -2.01 -17.49
C GLU F 44 98.33 -1.29 -18.73
N ILE F 45 99.15 -1.23 -19.78
CA ILE F 45 98.72 -0.56 -21.01
C ILE F 45 97.58 -1.33 -21.66
N TYR F 46 97.61 -2.66 -21.57
CA TYR F 46 96.51 -3.47 -22.10
C TYR F 46 95.22 -3.15 -21.37
N ALA F 47 95.27 -3.06 -20.04
CA ALA F 47 94.07 -2.74 -19.28
C ALA F 47 93.55 -1.35 -19.64
N ARG F 48 94.45 -0.37 -19.77
CA ARG F 48 94.02 0.98 -20.12
C ARG F 48 93.39 1.00 -21.52
N ALA F 49 93.98 0.28 -22.47
CA ALA F 49 93.42 0.22 -23.82
C ALA F 49 92.06 -0.47 -23.81
N ALA F 50 91.92 -1.54 -23.03
CA ALA F 50 90.63 -2.21 -22.92
C ALA F 50 89.57 -1.27 -22.36
N ASN F 51 89.93 -0.51 -21.32
CA ASN F 51 88.98 0.44 -20.75
C ASN F 51 88.61 1.51 -21.76
N MET F 52 89.60 2.01 -22.51
CA MET F 52 89.31 3.01 -23.54
C MET F 52 88.37 2.46 -24.60
N PHE F 53 88.61 1.22 -25.04
CA PHE F 53 87.74 0.61 -26.04
C PHE F 53 86.33 0.42 -25.49
N LYS F 54 86.22 0.04 -24.21
CA LYS F 54 84.90 -0.05 -23.59
C LYS F 54 84.21 1.31 -23.60
N MET F 55 84.96 2.38 -23.34
CA MET F 55 84.41 3.72 -23.45
C MET F 55 83.98 4.03 -24.88
N ALA F 56 84.58 3.34 -25.86
CA ALA F 56 84.30 3.57 -27.27
C ALA F 56 83.12 2.76 -27.79
N LYS F 57 82.45 2.00 -26.92
CA LYS F 57 81.27 1.19 -27.22
C LYS F 57 81.61 -0.08 -28.00
N ASN F 58 82.88 -0.30 -28.37
CA ASN F 58 83.29 -1.52 -29.03
C ASN F 58 83.63 -2.56 -27.96
N TRP F 59 82.81 -3.59 -27.84
CA TRP F 59 82.97 -4.57 -26.78
C TRP F 59 83.90 -5.71 -27.16
N SER F 60 83.96 -6.09 -28.44
CA SER F 60 84.83 -7.19 -28.85
C SER F 60 86.29 -6.84 -28.60
N ALA F 61 86.70 -5.63 -29.00
CA ALA F 61 88.09 -5.22 -28.80
C ALA F 61 88.42 -5.11 -27.32
N ALA F 62 87.49 -4.56 -26.52
CA ALA F 62 87.73 -4.45 -25.09
C ALA F 62 87.89 -5.84 -24.46
N GLY F 63 87.03 -6.78 -24.86
CA GLY F 63 87.15 -8.13 -24.33
C GLY F 63 88.45 -8.80 -24.75
N ASN F 64 88.87 -8.60 -26.00
CA ASN F 64 90.13 -9.16 -26.45
C ASN F 64 91.31 -8.60 -25.66
N ALA F 65 91.31 -7.29 -25.44
CA ALA F 65 92.36 -6.68 -24.63
C ALA F 65 92.34 -7.20 -23.21
N PHE F 66 91.15 -7.34 -22.63
CA PHE F 66 91.04 -7.89 -21.28
C PHE F 66 91.61 -9.30 -21.21
N CYS F 67 91.28 -10.13 -22.19
CA CYS F 67 91.76 -11.51 -22.19
C CYS F 67 93.27 -11.56 -22.37
N GLN F 68 93.83 -10.71 -23.25
CA GLN F 68 95.27 -10.70 -23.43
C GLN F 68 95.97 -10.25 -22.15
N ALA F 69 95.43 -9.22 -21.49
CA ALA F 69 96.01 -8.80 -20.22
C ALA F 69 95.92 -9.90 -19.17
N ALA F 70 94.79 -10.61 -19.13
CA ALA F 70 94.64 -11.70 -18.18
C ALA F 70 95.68 -12.79 -18.42
N GLN F 71 95.89 -13.16 -19.69
CA GLN F 71 96.88 -14.18 -20.01
C GLN F 71 98.28 -13.72 -19.63
N LEU F 72 98.62 -12.47 -19.96
CA LEU F 72 99.95 -11.97 -19.62
C LEU F 72 100.16 -11.95 -18.11
N HIS F 73 99.15 -11.50 -17.35
CA HIS F 73 99.29 -11.48 -15.90
C HIS F 73 99.41 -12.89 -15.33
N LEU F 74 98.61 -13.83 -15.85
CA LEU F 74 98.70 -15.21 -15.40
C LEU F 74 100.05 -15.84 -15.75
N GLN F 75 100.74 -15.32 -16.76
CA GLN F 75 102.08 -15.80 -17.05
C GLN F 75 102.99 -15.65 -15.83
N LEU F 76 102.75 -14.64 -14.99
CA LEU F 76 103.48 -14.47 -13.76
C LEU F 76 102.82 -15.28 -12.64
N GLN F 77 103.48 -15.31 -11.48
CA GLN F 77 102.97 -16.09 -10.36
C GLN F 77 101.61 -15.60 -9.89
N SER F 78 101.33 -14.30 -10.02
CA SER F 78 100.04 -13.77 -9.63
C SER F 78 98.94 -14.39 -10.46
N LYS F 79 97.85 -14.79 -9.79
CA LYS F 79 96.76 -15.49 -10.44
C LYS F 79 95.39 -14.84 -10.22
N HIS F 80 95.15 -14.26 -9.04
CA HIS F 80 93.87 -13.63 -8.78
C HIS F 80 93.62 -12.46 -9.72
N ASP F 81 94.68 -11.74 -10.09
CA ASP F 81 94.54 -10.68 -11.09
C ASP F 81 94.05 -11.26 -12.41
N ALA F 82 94.54 -12.43 -12.79
CA ALA F 82 94.06 -13.09 -13.99
C ALA F 82 92.57 -13.40 -13.88
N ALA F 83 92.12 -13.87 -12.71
CA ALA F 83 90.70 -14.15 -12.53
C ALA F 83 89.87 -12.88 -12.65
N THR F 84 90.33 -11.78 -12.06
CA THR F 84 89.60 -10.52 -12.17
C THR F 84 89.52 -10.07 -13.63
N CYS F 85 90.63 -10.16 -14.36
CA CYS F 85 90.63 -9.77 -15.76
C CYS F 85 89.71 -10.67 -16.58
N PHE F 86 89.69 -11.97 -16.26
CA PHE F 86 88.83 -12.89 -16.99
C PHE F 86 87.36 -12.61 -16.75
N VAL F 87 86.97 -12.31 -15.50
CA VAL F 87 85.57 -11.99 -15.24
C VAL F 87 85.19 -10.68 -15.92
N ASP F 88 86.11 -9.70 -15.93
CA ASP F 88 85.84 -8.48 -16.67
C ASP F 88 85.68 -8.75 -18.17
N ALA F 89 86.51 -9.64 -18.71
CA ALA F 89 86.40 -10.01 -20.11
C ALA F 89 85.06 -10.67 -20.40
N GLY F 90 84.60 -11.53 -19.50
CA GLY F 90 83.29 -12.14 -19.68
C GLY F 90 82.17 -11.11 -19.65
N ASN F 91 82.25 -10.17 -18.71
CA ASN F 91 81.25 -9.10 -18.65
C ASN F 91 81.25 -8.30 -19.95
N ALA F 92 82.43 -8.02 -20.50
CA ALA F 92 82.51 -7.28 -21.76
C ALA F 92 81.96 -8.10 -22.92
N PHE F 93 82.22 -9.42 -22.91
CA PHE F 93 81.82 -10.30 -24.00
C PHE F 93 80.37 -10.77 -23.89
N LYS F 94 79.67 -10.40 -22.82
CA LYS F 94 78.28 -10.80 -22.68
C LYS F 94 77.39 -10.22 -23.78
N LYS F 95 77.86 -9.22 -24.52
CA LYS F 95 77.05 -8.57 -25.54
C LYS F 95 77.14 -9.30 -26.89
N ALA F 96 78.34 -9.43 -27.44
CA ALA F 96 78.47 -9.90 -28.82
C ALA F 96 78.40 -11.43 -28.91
N ASP F 97 79.35 -12.12 -28.29
CA ASP F 97 79.44 -13.57 -28.39
C ASP F 97 79.45 -14.18 -26.99
N PRO F 98 78.40 -14.90 -26.58
CA PRO F 98 78.38 -15.46 -25.22
C PRO F 98 79.35 -16.60 -25.00
N GLN F 99 79.81 -17.28 -26.07
CA GLN F 99 80.65 -18.46 -25.89
C GLN F 99 81.96 -18.11 -25.18
N GLU F 100 82.62 -17.03 -25.60
CA GLU F 100 83.86 -16.63 -24.97
C GLU F 100 83.61 -16.23 -23.52
N ALA F 101 82.48 -15.56 -23.26
CA ALA F 101 82.13 -15.21 -21.89
C ALA F 101 81.97 -16.47 -21.03
N ILE F 102 81.32 -17.50 -21.57
CA ILE F 102 81.17 -18.75 -20.83
C ILE F 102 82.53 -19.37 -20.56
N ASN F 103 83.40 -19.40 -21.57
CA ASN F 103 84.71 -20.02 -21.38
C ASN F 103 85.52 -19.29 -20.31
N CYS F 104 85.57 -17.96 -20.38
CA CYS F 104 86.36 -17.22 -19.41
C CYS F 104 85.74 -17.28 -18.02
N LEU F 105 84.40 -17.29 -17.94
CA LEU F 105 83.74 -17.44 -16.64
C LEU F 105 84.04 -18.80 -16.04
N MET F 106 84.07 -19.85 -16.87
CA MET F 106 84.45 -21.18 -16.37
C MET F 106 85.88 -21.18 -15.86
N ARG F 107 86.79 -20.54 -16.58
CA ARG F 107 88.18 -20.49 -16.13
C ARG F 107 88.29 -19.74 -14.79
N ALA F 108 87.57 -18.61 -14.68
CA ALA F 108 87.58 -17.86 -13.44
C ALA F 108 86.98 -18.68 -12.30
N ILE F 109 85.91 -19.42 -12.57
CA ILE F 109 85.32 -20.28 -11.56
C ILE F 109 86.32 -21.32 -11.10
N GLU F 110 87.03 -21.94 -12.05
CA GLU F 110 88.03 -22.94 -11.69
C GLU F 110 89.09 -22.34 -10.78
N ILE F 111 89.62 -21.17 -11.15
CA ILE F 111 90.66 -20.55 -10.34
C ILE F 111 90.14 -20.20 -8.95
N TYR F 112 88.93 -19.63 -8.88
CA TYR F 112 88.37 -19.22 -7.60
C TYR F 112 88.12 -20.43 -6.71
N THR F 113 87.58 -21.51 -7.27
CA THR F 113 87.36 -22.72 -6.50
C THR F 113 88.68 -23.30 -6.01
N ASP F 114 89.72 -23.23 -6.84
CA ASP F 114 91.04 -23.66 -6.40
C ASP F 114 91.51 -22.81 -5.22
N MET F 115 91.22 -21.51 -5.25
CA MET F 115 91.68 -20.64 -4.17
C MET F 115 91.08 -21.06 -2.83
N GLY F 116 89.79 -21.40 -2.81
CA GLY F 116 89.16 -21.88 -1.59
C GLY F 116 87.77 -21.35 -1.36
N ARG F 117 87.48 -20.14 -1.83
CA ARG F 117 86.14 -19.57 -1.67
C ARG F 117 85.18 -20.16 -2.69
N PHE F 118 83.91 -20.19 -2.33
CA PHE F 118 82.88 -20.81 -3.16
C PHE F 118 81.68 -19.93 -3.44
N THR F 119 81.42 -18.89 -2.63
CA THR F 119 80.26 -18.04 -2.88
C THR F 119 80.37 -17.34 -4.23
N ILE F 120 81.55 -16.80 -4.54
CA ILE F 120 81.76 -16.17 -5.85
C ILE F 120 81.64 -17.20 -6.95
N ALA F 121 82.09 -18.44 -6.70
CA ALA F 121 81.90 -19.50 -7.67
C ALA F 121 80.43 -19.76 -7.91
N ALA F 122 79.62 -19.76 -6.84
CA ALA F 122 78.18 -19.95 -7.00
C ALA F 122 77.56 -18.80 -7.80
N LYS F 123 77.99 -17.57 -7.53
CA LYS F 123 77.47 -16.43 -8.29
C LYS F 123 77.82 -16.54 -9.76
N HIS F 124 79.06 -16.92 -10.07
CA HIS F 124 79.46 -17.08 -11.46
C HIS F 124 78.69 -18.22 -12.12
N HIS F 125 78.44 -19.30 -11.38
CA HIS F 125 77.62 -20.38 -11.92
C HIS F 125 76.20 -19.91 -12.23
N ILE F 126 75.64 -19.08 -11.34
CA ILE F 126 74.31 -18.52 -11.60
C ILE F 126 74.34 -17.66 -12.86
N SER F 127 75.39 -16.85 -13.02
CA SER F 127 75.50 -16.03 -14.22
C SER F 127 75.58 -16.90 -15.47
N ILE F 128 76.36 -17.97 -15.41
CA ILE F 128 76.50 -18.86 -16.57
C ILE F 128 75.16 -19.52 -16.88
N ALA F 129 74.42 -19.95 -15.86
CA ALA F 129 73.12 -20.56 -16.10
C ALA F 129 72.15 -19.56 -16.72
N GLU F 130 72.18 -18.31 -16.24
CA GLU F 130 71.33 -17.28 -16.83
C GLU F 130 71.69 -17.06 -18.29
N ILE F 131 72.99 -17.01 -18.61
CA ILE F 131 73.41 -16.83 -19.99
C ILE F 131 72.92 -17.99 -20.84
N TYR F 132 73.09 -19.21 -20.35
CA TYR F 132 72.61 -20.38 -21.08
C TYR F 132 71.12 -20.27 -21.38
N GLU F 133 70.33 -19.97 -20.35
CA GLU F 133 68.88 -19.91 -20.54
C GLU F 133 68.49 -18.80 -21.50
N THR F 134 69.11 -17.63 -21.39
CA THR F 134 68.69 -16.48 -22.18
C THR F 134 69.13 -16.61 -23.64
N GLU F 135 70.37 -17.04 -23.88
CA GLU F 135 70.97 -16.97 -25.21
C GLU F 135 70.99 -18.31 -25.93
N LEU F 136 71.45 -19.37 -25.27
CA LEU F 136 71.66 -20.66 -25.92
C LEU F 136 70.42 -21.55 -25.90
N VAL F 137 69.29 -21.06 -25.40
CA VAL F 137 68.05 -21.81 -25.31
C VAL F 137 68.32 -23.25 -24.91
N ASP F 138 69.09 -23.43 -23.83
CA ASP F 138 69.40 -24.73 -23.28
C ASP F 138 69.00 -24.76 -21.82
N VAL F 139 68.47 -25.90 -21.36
CA VAL F 139 67.92 -26.01 -20.01
C VAL F 139 68.72 -27.02 -19.19
N GLU F 140 69.27 -28.03 -19.86
CA GLU F 140 69.95 -29.09 -19.13
C GLU F 140 71.24 -28.57 -18.48
N LYS F 141 72.07 -27.86 -19.25
CA LYS F 141 73.26 -27.26 -18.67
C LYS F 141 72.90 -26.22 -17.62
N ALA F 142 71.82 -25.46 -17.87
CA ALA F 142 71.34 -24.53 -16.86
C ALA F 142 70.91 -25.25 -15.60
N ILE F 143 70.24 -26.40 -15.75
CA ILE F 143 69.84 -27.18 -14.58
C ILE F 143 71.06 -27.63 -13.79
N ALA F 144 72.08 -28.13 -14.50
CA ALA F 144 73.29 -28.59 -13.83
C ALA F 144 73.98 -27.45 -13.08
N HIS F 145 74.08 -26.29 -13.73
CA HIS F 145 74.71 -25.14 -13.07
C HIS F 145 73.92 -24.69 -11.86
N TYR F 146 72.59 -24.67 -11.97
CA TYR F 146 71.78 -24.29 -10.82
C TYR F 146 71.96 -25.28 -9.67
N GLU F 147 72.01 -26.58 -9.99
CA GLU F 147 72.25 -27.58 -8.95
C GLU F 147 73.59 -27.37 -8.28
N GLN F 148 74.63 -27.11 -9.07
CA GLN F 148 75.95 -26.89 -8.50
C GLN F 148 75.97 -25.67 -7.60
N SER F 149 75.33 -24.57 -8.05
CA SER F 149 75.27 -23.36 -7.24
C SER F 149 74.49 -23.60 -5.95
N ALA F 150 73.38 -24.34 -6.03
CA ALA F 150 72.61 -24.65 -4.83
C ALA F 150 73.43 -25.46 -3.85
N ASP F 151 74.17 -26.46 -4.35
CA ASP F 151 75.01 -27.27 -3.47
C ASP F 151 76.08 -26.41 -2.82
N TYR F 152 76.72 -25.54 -3.59
CA TYR F 152 77.75 -24.67 -3.04
C TYR F 152 77.19 -23.78 -1.95
N TYR F 153 76.03 -23.15 -2.21
CA TYR F 153 75.44 -22.27 -1.22
C TYR F 153 75.02 -23.03 0.03
N LYS F 154 74.42 -24.22 -0.14
CA LYS F 154 74.03 -25.01 1.02
C LYS F 154 75.25 -25.46 1.83
N GLY F 155 76.40 -25.62 1.16
CA GLY F 155 77.61 -25.96 1.88
C GLY F 155 78.00 -24.90 2.90
N GLU F 156 77.65 -23.64 2.64
CA GLU F 156 77.93 -22.53 3.54
C GLU F 156 76.71 -22.13 4.37
N GLU F 157 75.71 -23.01 4.46
CA GLU F 157 74.51 -22.76 5.24
C GLU F 157 73.74 -21.53 4.74
N SER F 158 73.81 -21.28 3.43
CA SER F 158 73.04 -20.21 2.80
C SER F 158 71.73 -20.81 2.32
N ASN F 159 70.71 -20.73 3.18
CA ASN F 159 69.46 -21.44 2.91
C ASN F 159 68.61 -20.74 1.86
N SER F 160 68.56 -19.41 1.86
CA SER F 160 67.65 -18.69 0.97
C SER F 160 68.05 -18.86 -0.50
N SER F 161 69.32 -18.61 -0.82
CA SER F 161 69.77 -18.74 -2.21
C SER F 161 69.67 -20.18 -2.69
N ALA F 162 70.04 -21.13 -1.83
CA ALA F 162 69.91 -22.54 -2.19
C ALA F 162 68.46 -22.91 -2.44
N ASN F 163 67.54 -22.40 -1.62
CA ASN F 163 66.13 -22.67 -1.81
C ASN F 163 65.62 -22.10 -3.13
N LYS F 164 66.06 -20.88 -3.47
CA LYS F 164 65.65 -20.29 -4.74
C LYS F 164 66.19 -21.10 -5.92
N CYS F 165 67.45 -21.51 -5.84
CA CYS F 165 68.03 -22.32 -6.92
C CYS F 165 67.30 -23.64 -7.05
N LEU F 166 66.97 -24.28 -5.92
CA LEU F 166 66.23 -25.53 -5.97
C LEU F 166 64.84 -25.33 -6.53
N LEU F 167 64.21 -24.18 -6.22
CA LEU F 167 62.91 -23.87 -6.81
C LEU F 167 63.00 -23.79 -8.33
N LYS F 168 64.02 -23.09 -8.83
CA LYS F 168 64.19 -23.00 -10.28
C LYS F 168 64.46 -24.37 -10.89
N VAL F 169 65.28 -25.18 -10.22
CA VAL F 169 65.60 -26.51 -10.72
C VAL F 169 64.35 -27.37 -10.78
N ALA F 170 63.54 -27.33 -9.73
CA ALA F 170 62.31 -28.11 -9.70
C ALA F 170 61.35 -27.65 -10.78
N GLY F 171 61.22 -26.34 -10.97
CA GLY F 171 60.35 -25.84 -12.03
C GLY F 171 60.79 -26.33 -13.40
N TYR F 172 62.09 -26.21 -13.70
CA TYR F 172 62.57 -26.64 -15.00
C TYR F 172 62.43 -28.15 -15.18
N ALA F 173 62.65 -28.92 -14.11
CA ALA F 173 62.46 -30.36 -14.19
C ALA F 173 61.00 -30.69 -14.47
N ALA F 174 60.07 -29.98 -13.84
CA ALA F 174 58.65 -30.18 -14.11
C ALA F 174 58.33 -29.86 -15.56
N GLN F 175 58.91 -28.77 -16.09
CA GLN F 175 58.71 -28.46 -17.49
C GLN F 175 59.17 -29.59 -18.39
N LEU F 176 60.19 -30.34 -17.99
CA LEU F 176 60.73 -31.43 -18.78
C LEU F 176 60.09 -32.78 -18.46
N GLU F 177 58.97 -32.78 -17.71
CA GLU F 177 58.20 -33.97 -17.38
C GLU F 177 58.84 -34.84 -16.32
N GLN F 178 59.92 -34.37 -15.68
CA GLN F 178 60.58 -35.12 -14.61
C GLN F 178 59.87 -34.75 -13.31
N TYR F 179 58.82 -35.51 -12.99
CA TYR F 179 57.95 -35.16 -11.86
C TYR F 179 58.57 -35.51 -10.51
N GLN F 180 59.34 -36.60 -10.44
CA GLN F 180 59.83 -37.06 -9.14
C GLN F 180 60.73 -36.02 -8.48
N LYS F 181 61.70 -35.49 -9.23
CA LYS F 181 62.59 -34.48 -8.66
C LYS F 181 61.82 -33.23 -8.26
N ALA F 182 60.87 -32.81 -9.10
CA ALA F 182 60.08 -31.62 -8.79
C ALA F 182 59.31 -31.80 -7.49
N ILE F 183 58.63 -32.94 -7.33
CA ILE F 183 57.85 -33.16 -6.11
C ILE F 183 58.77 -33.24 -4.90
N ASP F 184 59.91 -33.92 -5.04
CA ASP F 184 60.84 -34.02 -3.91
C ASP F 184 61.30 -32.64 -3.47
N ILE F 185 61.73 -31.81 -4.43
CA ILE F 185 62.23 -30.49 -4.09
C ILE F 185 61.12 -29.63 -3.49
N TYR F 186 59.92 -29.68 -4.07
CA TYR F 186 58.82 -28.88 -3.55
C TYR F 186 58.47 -29.29 -2.12
N GLU F 187 58.41 -30.59 -1.86
CA GLU F 187 58.13 -31.06 -0.51
C GLU F 187 59.20 -30.61 0.47
N GLN F 188 60.47 -30.73 0.08
CA GLN F 188 61.55 -30.32 0.96
C GLN F 188 61.47 -28.84 1.28
N VAL F 189 61.25 -28.01 0.25
CA VAL F 189 61.21 -26.57 0.46
C VAL F 189 60.00 -26.18 1.31
N GLY F 190 58.85 -26.80 1.04
CA GLY F 190 57.67 -26.51 1.85
C GLY F 190 57.86 -26.88 3.31
N THR F 191 58.44 -28.05 3.57
CA THR F 191 58.71 -28.46 4.94
C THR F 191 59.68 -27.50 5.61
N SER F 192 60.73 -27.08 4.89
CA SER F 192 61.70 -26.16 5.47
C SER F 192 61.04 -24.82 5.79
N ALA F 193 60.20 -24.31 4.90
CA ALA F 193 59.58 -23.01 5.10
C ALA F 193 58.43 -23.06 6.11
N MET F 194 57.89 -24.24 6.39
CA MET F 194 56.82 -24.34 7.38
C MET F 194 57.27 -23.87 8.76
N ASP F 195 58.57 -24.00 9.06
CA ASP F 195 59.09 -23.72 10.40
C ASP F 195 59.76 -22.35 10.47
N SER F 196 59.22 -21.36 9.77
CA SER F 196 59.77 -20.01 9.79
C SER F 196 58.70 -19.01 10.18
N PRO F 197 59.06 -17.95 10.89
CA PRO F 197 58.06 -16.93 11.26
C PRO F 197 57.65 -16.03 10.12
N LEU F 198 58.47 -15.90 9.07
CA LEU F 198 58.18 -15.05 7.93
C LEU F 198 57.72 -15.82 6.71
N LEU F 199 58.43 -16.90 6.35
CA LEU F 199 58.10 -17.68 5.16
C LEU F 199 56.91 -18.59 5.36
N LYS F 200 56.43 -18.75 6.60
CA LYS F 200 55.38 -19.72 6.88
C LYS F 200 54.19 -19.54 5.95
N TYR F 201 53.77 -18.29 5.72
CA TYR F 201 52.56 -18.04 4.96
C TYR F 201 52.66 -18.57 3.54
N SER F 202 53.87 -18.73 3.00
CA SER F 202 54.05 -19.25 1.65
C SER F 202 54.08 -20.77 1.58
N ALA F 203 54.18 -21.45 2.74
CA ALA F 203 54.34 -22.89 2.72
C ALA F 203 53.23 -23.58 1.94
N LYS F 204 52.03 -23.00 1.93
CA LYS F 204 50.93 -23.58 1.17
C LYS F 204 51.28 -23.66 -0.31
N ASP F 205 51.73 -22.55 -0.90
CA ASP F 205 51.86 -22.49 -2.35
C ASP F 205 52.70 -23.64 -2.88
N TYR F 206 53.89 -23.83 -2.31
CA TYR F 206 54.77 -24.91 -2.77
C TYR F 206 54.03 -26.24 -2.77
N PHE F 207 53.36 -26.56 -1.66
CA PHE F 207 52.62 -27.82 -1.59
C PHE F 207 51.70 -27.96 -2.79
N PHE F 208 50.91 -26.92 -3.07
CA PHE F 208 49.99 -26.98 -4.20
C PHE F 208 50.74 -27.40 -5.47
N LYS F 209 51.87 -26.74 -5.75
CA LYS F 209 52.64 -27.09 -6.93
C LYS F 209 52.96 -28.57 -6.93
N ALA F 210 53.52 -29.07 -5.82
CA ALA F 210 53.82 -30.49 -5.73
C ALA F 210 52.58 -31.32 -6.00
N ALA F 211 51.45 -30.93 -5.39
CA ALA F 211 50.21 -31.68 -5.59
C ALA F 211 49.90 -31.78 -7.07
N LEU F 212 50.06 -30.67 -7.82
CA LEU F 212 49.76 -30.71 -9.25
C LEU F 212 50.59 -31.78 -9.93
N CYS F 213 51.86 -31.88 -9.59
CA CYS F 213 52.70 -32.92 -10.19
C CYS F 213 52.10 -34.30 -9.97
N HIS F 214 51.60 -34.56 -8.76
CA HIS F 214 50.99 -35.85 -8.48
C HIS F 214 49.85 -36.13 -9.45
N PHE F 215 49.04 -35.11 -9.74
CA PHE F 215 47.92 -35.32 -10.65
C PHE F 215 48.40 -35.83 -12.00
N CYS F 216 49.59 -35.39 -12.44
CA CYS F 216 50.13 -35.90 -13.70
C CYS F 216 50.44 -37.38 -13.60
N ILE F 217 51.02 -37.82 -12.48
CA ILE F 217 51.38 -39.23 -12.32
C ILE F 217 50.14 -40.09 -12.21
N ASP F 218 49.19 -39.68 -11.38
CA ASP F 218 47.98 -40.46 -11.16
C ASP F 218 46.99 -39.62 -10.36
N MET F 219 45.79 -40.17 -10.19
CA MET F 219 44.70 -39.50 -9.48
C MET F 219 44.69 -39.86 -8.00
N LEU F 220 44.59 -41.16 -7.70
CA LEU F 220 44.57 -41.59 -6.30
C LEU F 220 45.86 -41.17 -5.59
N ASN F 221 46.97 -41.14 -6.31
CA ASN F 221 48.21 -40.63 -5.72
C ASN F 221 48.05 -39.18 -5.30
N ALA F 222 47.42 -38.36 -6.15
CA ALA F 222 47.20 -36.96 -5.80
C ALA F 222 46.26 -36.84 -4.61
N LYS F 223 45.21 -37.67 -4.55
CA LYS F 223 44.29 -37.63 -3.42
C LYS F 223 45.01 -37.98 -2.12
N LEU F 224 45.84 -39.04 -2.14
CA LEU F 224 46.57 -39.43 -0.95
C LEU F 224 47.57 -38.36 -0.54
N ALA F 225 48.23 -37.73 -1.53
CA ALA F 225 49.15 -36.65 -1.22
C ALA F 225 48.43 -35.47 -0.58
N VAL F 226 47.24 -35.15 -1.08
CA VAL F 226 46.45 -34.07 -0.49
C VAL F 226 46.10 -34.40 0.95
N GLN F 227 45.68 -35.65 1.20
CA GLN F 227 45.35 -36.04 2.57
C GLN F 227 46.58 -35.92 3.47
N LYS F 228 47.74 -36.39 3.00
CA LYS F 228 48.95 -36.31 3.78
C LYS F 228 49.32 -34.86 4.08
N TYR F 229 49.23 -33.99 3.07
CA TYR F 229 49.59 -32.59 3.28
C TYR F 229 48.64 -31.92 4.28
N GLU F 230 47.33 -32.18 4.15
CA GLU F 230 46.37 -31.59 5.06
C GLU F 230 46.60 -32.06 6.49
N GLU F 231 46.89 -33.35 6.67
CA GLU F 231 47.19 -33.85 8.01
C GLU F 231 48.46 -33.20 8.55
N LEU F 232 49.49 -33.08 7.71
CA LEU F 232 50.74 -32.47 8.16
C LEU F 232 50.56 -30.98 8.42
N PHE F 233 49.79 -30.30 7.58
CA PHE F 233 49.60 -28.85 7.67
C PHE F 233 48.10 -28.57 7.70
N PRO F 234 47.48 -28.61 8.90
CA PRO F 234 46.02 -28.43 8.97
C PRO F 234 45.54 -27.14 8.35
N ALA F 235 46.30 -26.04 8.48
CA ALA F 235 45.87 -24.77 7.93
C ALA F 235 45.75 -24.81 6.41
N PHE F 236 46.34 -25.83 5.77
CA PHE F 236 46.18 -26.00 4.34
C PHE F 236 44.75 -26.34 3.94
N SER F 237 43.89 -26.69 4.90
CA SER F 237 42.53 -27.12 4.61
C SER F 237 41.58 -25.95 4.35
N ASP F 238 42.03 -24.71 4.50
CA ASP F 238 41.19 -23.55 4.24
C ASP F 238 41.64 -22.75 3.02
N SER F 239 42.78 -23.08 2.42
CA SER F 239 43.29 -22.31 1.30
C SER F 239 42.52 -22.62 0.02
N ARG F 240 42.52 -21.65 -0.89
CA ARG F 240 41.77 -21.80 -2.14
C ARG F 240 42.32 -22.94 -2.98
N GLU F 241 43.63 -23.19 -2.91
CA GLU F 241 44.23 -24.24 -3.72
C GLU F 241 43.64 -25.61 -3.37
N CYS F 242 43.46 -25.88 -2.08
CA CYS F 242 42.89 -27.16 -1.68
C CYS F 242 41.47 -27.31 -2.19
N LYS F 243 40.66 -26.26 -2.10
CA LYS F 243 39.29 -26.33 -2.59
C LYS F 243 39.26 -26.56 -4.11
N LEU F 244 40.11 -25.83 -4.84
CA LEU F 244 40.18 -26.03 -6.28
C LEU F 244 40.56 -27.46 -6.63
N MET F 245 41.57 -28.00 -5.94
CA MET F 245 42.01 -29.35 -6.26
C MET F 245 40.96 -30.38 -5.87
N LYS F 246 40.24 -30.17 -4.77
CA LYS F 246 39.13 -31.05 -4.42
C LYS F 246 38.06 -31.04 -5.50
N LYS F 247 37.70 -29.85 -5.98
CA LYS F 247 36.70 -29.74 -7.03
C LYS F 247 37.16 -30.43 -8.31
N LEU F 248 38.43 -30.23 -8.67
CA LEU F 248 38.97 -30.85 -9.87
C LEU F 248 38.98 -32.37 -9.73
N LEU F 249 39.33 -32.88 -8.55
CA LEU F 249 39.28 -34.33 -8.32
C LEU F 249 37.86 -34.85 -8.44
N GLU F 250 36.89 -34.13 -7.88
CA GLU F 250 35.50 -34.56 -7.97
C GLU F 250 35.03 -34.59 -9.42
N ALA F 251 35.37 -33.56 -10.20
CA ALA F 251 34.96 -33.53 -11.60
C ALA F 251 35.66 -34.62 -12.41
N HIS F 252 36.95 -34.84 -12.15
CA HIS F 252 37.75 -35.80 -12.91
C HIS F 252 37.43 -37.25 -12.55
N GLU F 253 36.73 -37.50 -11.45
CA GLU F 253 36.43 -38.86 -11.02
C GLU F 253 35.23 -39.46 -11.74
N GLU F 254 34.44 -38.67 -12.45
CA GLU F 254 33.23 -39.15 -13.10
C GLU F 254 33.20 -38.75 -14.58
N GLN F 255 34.37 -38.55 -15.18
CA GLN F 255 34.45 -38.16 -16.59
C GLN F 255 33.64 -36.90 -16.86
N ASN F 256 33.73 -35.92 -15.96
CA ASN F 256 33.06 -34.64 -16.10
C ASN F 256 34.09 -33.60 -16.52
N VAL F 257 33.91 -33.03 -17.71
CA VAL F 257 34.82 -32.03 -18.24
C VAL F 257 34.19 -30.65 -18.09
N ASP F 258 32.87 -30.58 -18.17
CA ASP F 258 32.18 -29.30 -18.04
C ASP F 258 32.47 -28.67 -16.68
N SER F 259 32.25 -29.42 -15.59
CA SER F 259 32.50 -28.89 -14.26
C SER F 259 33.97 -28.53 -14.08
N TYR F 260 34.86 -29.35 -14.65
CA TYR F 260 36.28 -29.01 -14.64
C TYR F 260 36.51 -27.62 -15.22
N THR F 261 35.94 -27.37 -16.40
CA THR F 261 36.14 -26.08 -17.05
C THR F 261 35.53 -24.94 -16.24
N GLU F 262 34.33 -25.14 -15.69
CA GLU F 262 33.69 -24.08 -14.91
C GLU F 262 34.53 -23.74 -13.68
N SER F 263 35.03 -24.76 -12.97
CA SER F 263 35.86 -24.50 -11.80
C SER F 263 37.15 -23.79 -12.19
N VAL F 264 37.78 -24.22 -13.28
CA VAL F 264 39.02 -23.59 -13.72
C VAL F 264 38.78 -22.12 -14.04
N LYS F 265 37.70 -21.84 -14.78
CA LYS F 265 37.40 -20.46 -15.16
C LYS F 265 37.07 -19.62 -13.93
N GLU F 266 36.30 -20.18 -12.99
CA GLU F 266 35.95 -19.44 -11.79
C GLU F 266 37.19 -19.07 -10.99
N TYR F 267 38.12 -20.01 -10.83
CA TYR F 267 39.35 -19.70 -10.10
C TYR F 267 40.21 -18.70 -10.86
N ASP F 268 40.29 -18.84 -12.19
CA ASP F 268 41.14 -17.95 -12.98
C ASP F 268 40.57 -16.53 -13.00
N SER F 269 39.26 -16.38 -12.84
CA SER F 269 38.67 -15.05 -12.85
C SER F 269 39.22 -14.20 -11.71
N ILE F 270 39.34 -14.78 -10.52
CA ILE F 270 39.86 -14.03 -9.38
C ILE F 270 41.33 -13.70 -9.58
N SER F 271 42.12 -14.68 -10.00
CA SER F 271 43.55 -14.51 -10.19
C SER F 271 43.96 -15.08 -11.54
N ARG F 272 44.79 -14.33 -12.27
CA ARG F 272 45.26 -14.78 -13.57
C ARG F 272 46.28 -15.90 -13.41
N LEU F 273 46.13 -16.93 -14.24
CA LEU F 273 47.04 -18.08 -14.20
C LEU F 273 48.28 -17.81 -15.04
N ASP F 274 49.41 -18.33 -14.57
CA ASP F 274 50.68 -18.21 -15.27
C ASP F 274 50.83 -19.33 -16.30
N GLN F 275 51.90 -19.24 -17.09
CA GLN F 275 52.12 -20.23 -18.15
C GLN F 275 52.29 -21.62 -17.57
N TRP F 276 53.05 -21.75 -16.49
CA TRP F 276 53.26 -23.06 -15.88
C TRP F 276 51.95 -23.69 -15.43
N LEU F 277 51.17 -22.95 -14.64
CA LEU F 277 49.93 -23.49 -14.10
C LEU F 277 48.94 -23.81 -15.21
N THR F 278 48.78 -22.90 -16.18
CA THR F 278 47.82 -23.13 -17.25
C THR F 278 48.23 -24.31 -18.12
N THR F 279 49.54 -24.44 -18.40
CA THR F 279 49.99 -25.60 -19.18
C THR F 279 49.75 -26.90 -18.45
N MET F 280 50.06 -26.95 -17.14
CA MET F 280 49.81 -28.16 -16.37
C MET F 280 48.32 -28.49 -16.33
N LEU F 281 47.49 -27.46 -16.17
CA LEU F 281 46.05 -27.66 -16.13
C LEU F 281 45.53 -28.17 -17.48
N LEU F 282 46.07 -27.65 -18.58
CA LEU F 282 45.68 -28.15 -19.90
C LEU F 282 46.08 -29.60 -20.07
N ARG F 283 47.28 -29.96 -19.60
CA ARG F 283 47.70 -31.37 -19.66
C ARG F 283 46.73 -32.26 -18.87
N ILE F 284 46.39 -31.83 -17.65
CA ILE F 284 45.49 -32.62 -16.81
C ILE F 284 44.13 -32.77 -17.49
N LYS F 285 43.62 -31.67 -18.07
CA LYS F 285 42.34 -31.74 -18.77
C LYS F 285 42.42 -32.69 -19.97
N LYS F 286 43.51 -32.62 -20.73
CA LYS F 286 43.66 -33.50 -21.89
C LYS F 286 43.74 -34.95 -21.48
N THR F 287 44.25 -35.23 -20.27
CA THR F 287 44.30 -36.61 -19.81
C THR F 287 42.92 -37.27 -19.89
N ILE F 288 41.89 -36.55 -19.47
CA ILE F 288 40.51 -37.02 -19.62
C ILE F 288 39.55 -35.88 -19.31
N GLY G 1 79.32 36.73 17.60
CA GLY G 1 80.68 36.30 17.18
C GLY G 1 81.13 35.03 17.88
N MET G 2 81.87 35.19 18.97
CA MET G 2 82.36 34.06 19.75
C MET G 2 83.19 33.12 18.87
N ASP G 3 82.61 32.01 18.43
CA ASP G 3 83.36 31.04 17.65
C ASP G 3 83.67 31.56 16.24
N THR G 4 82.74 32.32 15.65
CA THR G 4 82.91 32.73 14.27
C THR G 4 84.17 33.57 14.09
N SER G 5 84.38 34.56 14.97
CA SER G 5 85.52 35.44 14.83
C SER G 5 86.83 34.68 15.00
N GLY G 6 86.91 33.81 16.01
CA GLY G 6 88.12 33.03 16.21
C GLY G 6 88.41 32.10 15.06
N LYS G 7 87.38 31.43 14.54
CA LYS G 7 87.57 30.54 13.40
C LYS G 7 88.04 31.31 12.17
N GLN G 8 87.44 32.48 11.91
CA GLN G 8 87.86 33.27 10.77
C GLN G 8 89.31 33.73 10.92
N ALA G 9 89.68 34.18 12.12
CA ALA G 9 91.06 34.62 12.34
C ALA G 9 92.04 33.47 12.16
N GLU G 10 91.71 32.29 12.69
CA GLU G 10 92.59 31.14 12.53
C GLU G 10 92.73 30.74 11.07
N ALA G 11 91.61 30.75 10.33
CA ALA G 11 91.67 30.42 8.92
C ALA G 11 92.52 31.42 8.14
N MET G 12 92.38 32.71 8.45
CA MET G 12 93.19 33.71 7.77
C MET G 12 94.67 33.54 8.10
N ALA G 13 94.98 33.23 9.37
CA ALA G 13 96.37 33.00 9.73
C ALA G 13 96.94 31.79 9.00
N LEU G 14 96.15 30.72 8.90
CA LEU G 14 96.60 29.54 8.16
C LEU G 14 96.83 29.86 6.70
N LEU G 15 95.94 30.65 6.10
CA LEU G 15 96.12 31.04 4.71
C LEU G 15 97.39 31.86 4.52
N ALA G 16 97.65 32.80 5.45
CA ALA G 16 98.86 33.60 5.36
C ALA G 16 100.10 32.73 5.50
N GLU G 17 100.07 31.76 6.43
CA GLU G 17 101.21 30.86 6.58
C GLU G 17 101.42 30.03 5.32
N ALA G 18 100.34 29.55 4.71
CA ALA G 18 100.47 28.80 3.48
C ALA G 18 101.05 29.64 2.36
N GLU G 19 100.62 30.91 2.26
CA GLU G 19 101.18 31.80 1.26
C GLU G 19 102.68 32.00 1.49
N ARG G 20 103.07 32.19 2.75
CA ARG G 20 104.49 32.34 3.07
C ARG G 20 105.27 31.10 2.67
N LYS G 21 104.74 29.92 2.99
CA LYS G 21 105.44 28.68 2.69
C LYS G 21 105.58 28.49 1.17
N VAL G 22 104.52 28.75 0.42
CA VAL G 22 104.57 28.52 -1.03
C VAL G 22 105.50 29.53 -1.68
N LYS G 23 105.50 30.78 -1.20
CA LYS G 23 106.44 31.76 -1.76
C LYS G 23 107.88 31.41 -1.40
N ASN G 24 108.11 30.88 -0.21
CA ASN G 24 109.46 30.44 0.16
C ASN G 24 109.93 29.29 -0.72
N SER G 25 109.04 28.31 -0.97
CA SER G 25 109.42 27.16 -1.77
C SER G 25 109.49 27.53 -3.26
N GLN G 26 108.39 27.99 -3.83
CA GLN G 26 108.35 28.37 -5.24
C GLN G 26 108.77 27.21 -6.12
N GLY G 35 111.85 20.15 -0.10
CA GLY G 35 111.06 20.95 -1.02
C GLY G 35 109.63 20.49 -1.11
N SER G 36 109.44 19.21 -1.47
CA SER G 36 108.08 18.68 -1.59
C SER G 36 107.35 18.74 -0.24
N SER G 37 108.08 18.57 0.86
CA SER G 37 107.45 18.66 2.17
C SER G 37 106.81 20.01 2.39
N LYS G 38 107.42 21.08 1.87
CA LYS G 38 106.85 22.41 2.01
C LYS G 38 105.46 22.48 1.38
N ILE G 39 105.34 22.01 0.14
CA ILE G 39 104.05 22.07 -0.55
C ILE G 39 103.06 21.12 0.10
N GLU G 40 103.51 19.97 0.59
CA GLU G 40 102.61 19.05 1.27
C GLU G 40 102.04 19.69 2.53
N GLU G 41 102.90 20.35 3.31
CA GLU G 41 102.42 21.04 4.50
C GLU G 41 101.48 22.17 4.13
N ALA G 42 101.80 22.90 3.05
CA ALA G 42 100.94 23.99 2.60
C ALA G 42 99.55 23.47 2.24
N CYS G 43 99.47 22.35 1.52
CA CYS G 43 98.17 21.79 1.15
C CYS G 43 97.44 21.25 2.37
N GLU G 44 98.16 20.65 3.31
CA GLU G 44 97.52 20.16 4.53
C GLU G 44 96.89 21.31 5.30
N ILE G 45 97.62 22.41 5.45
CA ILE G 45 97.06 23.56 6.17
C ILE G 45 95.96 24.22 5.34
N TYR G 46 96.03 24.14 4.01
CA TYR G 46 94.92 24.61 3.19
C TYR G 46 93.65 23.82 3.51
N ALA G 47 93.76 22.50 3.58
CA ALA G 47 92.60 21.68 3.92
C ALA G 47 92.10 21.99 5.32
N ARG G 48 93.01 22.15 6.27
CA ARG G 48 92.60 22.48 7.64
C ARG G 48 91.88 23.82 7.69
N ALA G 49 92.38 24.82 6.95
CA ALA G 49 91.74 26.12 6.92
C ALA G 49 90.37 26.03 6.24
N ALA G 50 90.25 25.21 5.20
CA ALA G 50 88.95 25.01 4.57
C ALA G 50 87.95 24.41 5.56
N ASN G 51 88.38 23.41 6.32
CA ASN G 51 87.51 22.82 7.33
C ASN G 51 87.13 23.87 8.39
N MET G 52 88.10 24.67 8.83
CA MET G 52 87.82 25.69 9.83
C MET G 52 86.82 26.72 9.30
N PHE G 53 86.95 27.10 8.03
CA PHE G 53 85.97 27.98 7.41
C PHE G 53 84.60 27.31 7.39
N LYS G 54 84.55 26.03 7.05
CA LYS G 54 83.28 25.30 7.09
C LYS G 54 82.66 25.34 8.48
N MET G 55 83.50 25.38 9.52
CA MET G 55 82.96 25.47 10.88
C MET G 55 82.09 26.71 11.04
N ALA G 56 82.51 27.84 10.47
CA ALA G 56 81.85 29.12 10.66
C ALA G 56 80.76 29.40 9.62
N LYS G 57 80.46 28.44 8.75
CA LYS G 57 79.40 28.60 7.76
C LYS G 57 79.77 29.64 6.71
N ASN G 58 81.04 29.67 6.32
CA ASN G 58 81.53 30.54 5.25
C ASN G 58 81.93 29.61 4.10
N TRP G 59 80.98 29.34 3.20
CA TRP G 59 81.19 28.31 2.18
C TRP G 59 82.13 28.79 1.07
N SER G 60 82.10 30.07 0.74
CA SER G 60 82.93 30.57 -0.35
C SER G 60 84.41 30.39 -0.06
N ALA G 61 84.84 30.79 1.14
CA ALA G 61 86.24 30.67 1.50
C ALA G 61 86.67 29.20 1.58
N ALA G 62 85.80 28.35 2.14
CA ALA G 62 86.12 26.93 2.21
C ALA G 62 86.27 26.33 0.82
N GLY G 63 85.36 26.69 -0.10
CA GLY G 63 85.48 26.21 -1.47
C GLY G 63 86.75 26.69 -2.15
N ASN G 64 87.11 27.96 -1.94
CA ASN G 64 88.34 28.48 -2.52
C ASN G 64 89.56 27.73 -1.98
N ALA G 65 89.58 27.48 -0.66
CA ALA G 65 90.70 26.74 -0.08
C ALA G 65 90.76 25.32 -0.61
N PHE G 66 89.60 24.66 -0.76
CA PHE G 66 89.58 23.31 -1.31
C PHE G 66 90.07 23.30 -2.76
N CYS G 67 89.67 24.30 -3.54
CA CYS G 67 90.14 24.37 -4.92
C CYS G 67 91.64 24.60 -4.98
N GLN G 68 92.17 25.45 -4.09
CA GLN G 68 93.61 25.66 -4.05
C GLN G 68 94.35 24.39 -3.67
N ALA G 69 93.81 23.64 -2.70
CA ALA G 69 94.40 22.36 -2.34
C ALA G 69 94.36 21.38 -3.50
N ALA G 70 93.25 21.38 -4.25
CA ALA G 70 93.16 20.53 -5.43
C ALA G 70 94.22 20.89 -6.45
N GLN G 71 94.42 22.19 -6.70
CA GLN G 71 95.45 22.62 -7.62
C GLN G 71 96.84 22.21 -7.14
N LEU G 72 97.10 22.37 -5.84
CA LEU G 72 98.40 22.00 -5.29
C LEU G 72 98.64 20.50 -5.46
N HIS G 73 97.62 19.68 -5.21
CA HIS G 73 97.76 18.24 -5.43
C HIS G 73 97.97 17.93 -6.91
N LEU G 74 97.29 18.66 -7.79
CA LEU G 74 97.45 18.44 -9.22
C LEU G 74 98.88 18.72 -9.67
N GLN G 75 99.47 19.83 -9.20
CA GLN G 75 100.82 20.15 -9.63
C GLN G 75 101.81 19.09 -9.17
N LEU G 76 101.52 18.40 -8.08
CA LEU G 76 102.26 17.20 -7.71
C LEU G 76 101.70 15.99 -8.46
N GLN G 77 102.45 14.89 -8.42
CA GLN G 77 102.07 13.67 -9.13
C GLN G 77 101.07 12.85 -8.30
N SER G 78 99.91 13.45 -8.07
CA SER G 78 98.82 12.80 -7.36
C SER G 78 97.50 13.18 -8.03
N LYS G 79 96.60 12.21 -8.16
CA LYS G 79 95.33 12.42 -8.85
C LYS G 79 94.13 12.18 -7.96
N HIS G 80 94.12 11.11 -7.17
CA HIS G 80 92.95 10.79 -6.35
C HIS G 80 92.67 11.91 -5.36
N ASP G 81 93.71 12.41 -4.69
CA ASP G 81 93.52 13.51 -3.75
C ASP G 81 93.00 14.74 -4.47
N ALA G 82 93.48 15.00 -5.69
CA ALA G 82 92.98 16.13 -6.46
C ALA G 82 91.50 15.98 -6.75
N ALA G 83 91.06 14.78 -7.13
CA ALA G 83 89.64 14.55 -7.39
C ALA G 83 88.80 14.73 -6.12
N THR G 84 89.31 14.23 -4.99
CA THR G 84 88.59 14.39 -3.73
C THR G 84 88.44 15.86 -3.39
N CYS G 85 89.52 16.64 -3.54
CA CYS G 85 89.45 18.07 -3.27
C CYS G 85 88.50 18.76 -4.23
N PHE G 86 88.49 18.33 -5.51
CA PHE G 86 87.58 18.92 -6.48
C PHE G 86 86.13 18.68 -6.08
N VAL G 87 85.79 17.45 -5.70
CA VAL G 87 84.41 17.16 -5.35
C VAL G 87 84.02 17.88 -4.06
N ASP G 88 84.94 17.97 -3.10
CA ASP G 88 84.65 18.73 -1.89
C ASP G 88 84.41 20.20 -2.20
N ALA G 89 85.25 20.79 -3.07
CA ALA G 89 85.06 22.18 -3.44
C ALA G 89 83.74 22.38 -4.16
N GLY G 90 83.36 21.46 -5.04
CA GLY G 90 82.08 21.56 -5.71
C GLY G 90 80.91 21.49 -4.76
N ASN G 91 80.98 20.57 -3.80
CA ASN G 91 79.92 20.47 -2.80
C ASN G 91 79.83 21.74 -1.97
N ALA G 92 80.98 22.32 -1.61
CA ALA G 92 80.97 23.58 -0.87
C ALA G 92 80.38 24.71 -1.71
N PHE G 93 80.72 24.75 -3.00
CA PHE G 93 80.24 25.78 -3.91
C PHE G 93 78.79 25.57 -4.34
N LYS G 94 78.19 24.43 -3.98
CA LYS G 94 76.79 24.20 -4.31
C LYS G 94 75.87 25.27 -3.74
N LYS G 95 76.32 25.99 -2.69
CA LYS G 95 75.47 26.97 -2.03
C LYS G 95 75.45 28.30 -2.78
N ALA G 96 76.62 28.93 -2.92
CA ALA G 96 76.66 30.31 -3.40
C ALA G 96 76.58 30.37 -4.93
N ASP G 97 77.56 29.80 -5.63
CA ASP G 97 77.64 29.90 -7.08
C ASP G 97 77.55 28.52 -7.70
N PRO G 98 76.42 28.16 -8.33
CA PRO G 98 76.34 26.81 -8.93
C PRO G 98 77.33 26.59 -10.06
N GLN G 99 77.77 27.65 -10.74
CA GLN G 99 78.67 27.46 -11.88
C GLN G 99 80.01 26.88 -11.45
N GLU G 100 80.57 27.39 -10.34
CA GLU G 100 81.84 26.85 -9.85
C GLU G 100 81.69 25.41 -9.42
N ALA G 101 80.56 25.08 -8.79
CA ALA G 101 80.30 23.69 -8.40
C ALA G 101 80.22 22.80 -9.63
N ILE G 102 79.56 23.28 -10.69
CA ILE G 102 79.47 22.50 -11.92
C ILE G 102 80.86 22.29 -12.52
N ASN G 103 81.69 23.32 -12.52
CA ASN G 103 83.04 23.19 -13.04
C ASN G 103 83.83 22.15 -12.25
N CYS G 104 83.76 22.23 -10.92
CA CYS G 104 84.47 21.27 -10.08
C CYS G 104 83.97 19.85 -10.33
N LEU G 105 82.65 19.70 -10.47
CA LEU G 105 82.09 18.37 -10.66
C LEU G 105 82.48 17.79 -12.01
N MET G 106 82.50 18.61 -13.07
CA MET G 106 82.93 18.09 -14.36
C MET G 106 84.41 17.73 -14.34
N ARG G 107 85.25 18.53 -13.68
CA ARG G 107 86.65 18.15 -13.54
C ARG G 107 86.79 16.82 -12.80
N ALA G 108 86.03 16.65 -11.71
CA ALA G 108 86.08 15.39 -10.98
C ALA G 108 85.60 14.22 -11.84
N ILE G 109 84.56 14.45 -12.64
CA ILE G 109 84.05 13.40 -13.52
C ILE G 109 85.13 12.99 -14.52
N GLU G 110 85.80 13.98 -15.11
CA GLU G 110 86.85 13.68 -16.08
C GLU G 110 87.98 12.89 -15.41
N ILE G 111 88.40 13.32 -14.22
CA ILE G 111 89.48 12.63 -13.53
C ILE G 111 89.07 11.18 -13.21
N TYR G 112 87.86 11.00 -12.70
CA TYR G 112 87.42 9.66 -12.31
C TYR G 112 87.29 8.75 -13.53
N THR G 113 86.73 9.25 -14.62
CA THR G 113 86.57 8.42 -15.82
C THR G 113 87.89 8.17 -16.53
N ASP G 114 88.90 9.01 -16.29
CA ASP G 114 90.22 8.74 -16.85
C ASP G 114 90.78 7.43 -16.31
N MET G 115 90.61 7.19 -15.00
CA MET G 115 91.11 5.97 -14.38
C MET G 115 90.25 4.75 -14.70
N GLY G 116 89.07 4.93 -15.28
CA GLY G 116 88.22 3.83 -15.66
C GLY G 116 87.07 3.54 -14.73
N ARG G 117 86.87 4.35 -13.69
CA ARG G 117 85.77 4.16 -12.75
C ARG G 117 84.53 4.88 -13.30
N PHE G 118 83.43 4.14 -13.42
CA PHE G 118 82.21 4.65 -14.03
C PHE G 118 81.04 4.77 -13.07
N THR G 119 81.09 4.13 -11.90
CA THR G 119 79.96 4.19 -10.98
C THR G 119 79.80 5.58 -10.40
N ILE G 120 80.90 6.22 -10.00
CA ILE G 120 80.82 7.55 -9.39
C ILE G 120 80.51 8.60 -10.46
N ALA G 121 80.86 8.31 -11.72
CA ALA G 121 80.56 9.25 -12.79
C ALA G 121 79.07 9.47 -12.94
N ALA G 122 78.28 8.40 -12.81
CA ALA G 122 76.83 8.55 -12.91
C ALA G 122 76.29 9.42 -11.80
N LYS G 123 76.78 9.23 -10.57
CA LYS G 123 76.31 10.05 -9.46
C LYS G 123 76.69 11.51 -9.66
N HIS G 124 77.91 11.77 -10.11
CA HIS G 124 78.33 13.16 -10.34
C HIS G 124 77.49 13.80 -11.44
N HIS G 125 77.22 13.06 -12.52
CA HIS G 125 76.38 13.58 -13.59
C HIS G 125 74.97 13.86 -13.09
N ILE G 126 74.44 12.99 -12.24
CA ILE G 126 73.10 13.20 -11.68
C ILE G 126 73.09 14.48 -10.84
N SER G 127 74.13 14.67 -10.03
CA SER G 127 74.19 15.90 -9.22
C SER G 127 74.27 17.13 -10.11
N ILE G 128 75.09 17.07 -11.16
CA ILE G 128 75.21 18.21 -12.07
C ILE G 128 73.86 18.52 -12.71
N ALA G 129 73.16 17.48 -13.17
CA ALA G 129 71.86 17.67 -13.81
C ALA G 129 70.85 18.25 -12.82
N GLU G 130 70.87 17.76 -11.59
CA GLU G 130 69.95 18.29 -10.58
C GLU G 130 70.23 19.77 -10.33
N ILE G 131 71.51 20.15 -10.23
CA ILE G 131 71.84 21.56 -10.04
C ILE G 131 71.33 22.37 -11.23
N TYR G 132 71.58 21.88 -12.45
CA TYR G 132 71.14 22.61 -13.64
C TYR G 132 69.63 22.81 -13.63
N GLU G 133 68.88 21.75 -13.32
CA GLU G 133 67.43 21.86 -13.35
C GLU G 133 66.90 22.78 -12.26
N THR G 134 67.43 22.66 -11.04
CA THR G 134 66.87 23.39 -9.92
C THR G 134 67.27 24.87 -9.93
N GLU G 135 68.50 25.18 -10.34
CA GLU G 135 69.03 26.53 -10.23
C GLU G 135 68.97 27.30 -11.55
N LEU G 136 69.50 26.72 -12.63
CA LEU G 136 69.56 27.41 -13.91
C LEU G 136 68.30 27.26 -14.73
N VAL G 137 67.35 26.43 -14.30
CA VAL G 137 66.09 26.25 -15.03
C VAL G 137 66.38 25.88 -16.48
N ASP G 138 67.16 24.82 -16.68
CA ASP G 138 67.49 24.33 -18.00
C ASP G 138 67.21 22.83 -18.07
N VAL G 139 66.69 22.37 -19.20
CA VAL G 139 66.30 20.98 -19.36
C VAL G 139 67.14 20.27 -20.42
N GLU G 140 67.68 20.99 -21.41
CA GLU G 140 68.48 20.34 -22.44
C GLU G 140 69.76 19.76 -21.85
N LYS G 141 70.51 20.56 -21.09
CA LYS G 141 71.71 20.06 -20.46
C LYS G 141 71.39 18.98 -19.44
N ALA G 142 70.29 19.16 -18.69
CA ALA G 142 69.87 18.12 -17.76
C ALA G 142 69.52 16.83 -18.50
N ILE G 143 68.85 16.95 -19.64
CA ILE G 143 68.52 15.76 -20.43
C ILE G 143 69.79 15.05 -20.88
N ALA G 144 70.77 15.81 -21.38
CA ALA G 144 72.01 15.20 -21.84
C ALA G 144 72.75 14.52 -20.68
N HIS G 145 72.81 15.19 -19.53
CA HIS G 145 73.49 14.61 -18.37
C HIS G 145 72.81 13.32 -17.91
N TYR G 146 71.47 13.33 -17.88
CA TYR G 146 70.75 12.13 -17.48
C TYR G 146 70.95 11.00 -18.48
N GLU G 147 70.99 11.33 -19.77
CA GLU G 147 71.25 10.30 -20.77
C GLU G 147 72.64 9.70 -20.58
N GLN G 148 73.64 10.55 -20.33
CA GLN G 148 74.99 10.04 -20.09
C GLN G 148 75.03 9.15 -18.85
N SER G 149 74.37 9.57 -17.78
CA SER G 149 74.35 8.77 -16.56
C SER G 149 73.65 7.43 -16.79
N ALA G 150 72.55 7.45 -17.53
CA ALA G 150 71.83 6.21 -17.82
C ALA G 150 72.69 5.26 -18.64
N ASP G 151 73.39 5.79 -19.65
CA ASP G 151 74.28 4.94 -20.44
C ASP G 151 75.39 4.36 -19.58
N TYR G 152 75.99 5.19 -18.72
CA TYR G 152 77.06 4.71 -17.86
C TYR G 152 76.56 3.61 -16.92
N TYR G 153 75.38 3.80 -16.34
CA TYR G 153 74.82 2.80 -15.45
C TYR G 153 74.52 1.50 -16.19
N LYS G 154 73.91 1.61 -17.38
CA LYS G 154 73.58 0.41 -18.14
C LYS G 154 74.82 -0.32 -18.61
N GLY G 155 75.93 0.41 -18.78
CA GLY G 155 77.17 -0.26 -19.16
C GLY G 155 77.60 -1.30 -18.15
N GLU G 156 77.37 -1.04 -16.87
CA GLU G 156 77.73 -1.95 -15.79
C GLU G 156 76.61 -2.95 -15.46
N GLU G 157 75.52 -2.95 -16.23
CA GLU G 157 74.43 -3.90 -16.07
C GLU G 157 73.60 -3.60 -14.82
N SER G 158 73.52 -2.32 -14.42
CA SER G 158 72.65 -1.88 -13.34
C SER G 158 71.35 -1.41 -13.97
N ASN G 159 70.32 -2.27 -13.93
CA ASN G 159 69.10 -2.00 -14.68
C ASN G 159 68.22 -0.95 -14.01
N SER G 160 68.15 -0.96 -12.68
CA SER G 160 67.20 -0.09 -11.99
C SER G 160 67.57 1.38 -12.16
N SER G 161 68.85 1.72 -11.97
CA SER G 161 69.26 3.11 -12.10
C SER G 161 69.07 3.62 -13.52
N ALA G 162 69.42 2.80 -14.51
CA ALA G 162 69.22 3.19 -15.90
C ALA G 162 67.73 3.38 -16.19
N ASN G 163 66.89 2.49 -15.66
CA ASN G 163 65.45 2.63 -15.87
C ASN G 163 64.93 3.92 -15.26
N LYS G 164 65.38 4.25 -14.05
CA LYS G 164 64.93 5.49 -13.41
C LYS G 164 65.36 6.71 -14.22
N CYS G 165 66.64 6.73 -14.64
CA CYS G 165 67.12 7.88 -15.42
C CYS G 165 66.37 8.00 -16.74
N LEU G 166 66.11 6.87 -17.41
CA LEU G 166 65.38 6.91 -18.66
C LEU G 166 63.94 7.37 -18.44
N LEU G 167 63.32 6.96 -17.34
CA LEU G 167 61.96 7.42 -17.05
C LEU G 167 61.94 8.93 -16.86
N LYS G 168 62.90 9.46 -16.11
CA LYS G 168 62.96 10.91 -15.92
C LYS G 168 63.19 11.63 -17.24
N VAL G 169 64.10 11.10 -18.07
CA VAL G 169 64.39 11.73 -19.36
C VAL G 169 63.15 11.70 -20.25
N ALA G 170 62.45 10.57 -20.27
CA ALA G 170 61.25 10.47 -21.09
C ALA G 170 60.17 11.44 -20.62
N GLY G 171 60.00 11.57 -19.31
CA GLY G 171 59.03 12.52 -18.80
C GLY G 171 59.36 13.94 -19.23
N TYR G 172 60.64 14.34 -19.08
CA TYR G 172 61.02 15.69 -19.47
C TYR G 172 60.86 15.90 -20.98
N ALA G 173 61.25 14.91 -21.78
CA ALA G 173 61.14 15.04 -23.23
C ALA G 173 59.68 15.17 -23.65
N ALA G 174 58.80 14.35 -23.07
CA ALA G 174 57.37 14.48 -23.36
C ALA G 174 56.84 15.83 -22.91
N GLN G 175 57.39 16.38 -21.82
CA GLN G 175 57.03 17.73 -21.43
C GLN G 175 57.50 18.75 -22.45
N LEU G 176 58.60 18.47 -23.16
CA LEU G 176 59.16 19.38 -24.16
C LEU G 176 58.67 19.07 -25.56
N GLU G 177 57.46 18.53 -25.70
CA GLU G 177 56.77 18.29 -26.96
C GLU G 177 57.34 17.11 -27.75
N GLN G 178 58.42 16.49 -27.29
CA GLN G 178 59.02 15.36 -27.99
C GLN G 178 58.33 14.08 -27.53
N TYR G 179 57.76 13.34 -28.49
CA TYR G 179 56.94 12.17 -28.19
C TYR G 179 57.60 10.85 -28.56
N GLN G 180 58.36 10.81 -29.65
CA GLN G 180 58.93 9.54 -30.10
C GLN G 180 59.92 8.99 -29.08
N LYS G 181 60.80 9.85 -28.56
CA LYS G 181 61.75 9.38 -27.54
C LYS G 181 61.02 8.90 -26.30
N ALA G 182 60.01 9.65 -25.87
CA ALA G 182 59.23 9.25 -24.69
C ALA G 182 58.51 7.93 -24.93
N ILE G 183 57.91 7.76 -26.12
CA ILE G 183 57.19 6.52 -26.40
C ILE G 183 58.16 5.35 -26.43
N ASP G 184 59.33 5.53 -27.03
CA ASP G 184 60.32 4.44 -27.06
C ASP G 184 60.76 4.07 -25.65
N ILE G 185 61.05 5.08 -24.82
CA ILE G 185 61.50 4.80 -23.46
C ILE G 185 60.42 4.08 -22.68
N TYR G 186 59.18 4.56 -22.78
CA TYR G 186 58.08 3.92 -22.05
C TYR G 186 57.88 2.48 -22.52
N GLU G 187 57.92 2.25 -23.83
CA GLU G 187 57.78 0.90 -24.35
C GLU G 187 58.85 -0.01 -23.80
N GLN G 188 60.12 0.43 -23.87
CA GLN G 188 61.21 -0.42 -23.39
C GLN G 188 61.07 -0.70 -21.90
N VAL G 189 60.75 0.33 -21.11
CA VAL G 189 60.66 0.16 -19.66
C VAL G 189 59.53 -0.80 -19.32
N GLY G 190 58.37 -0.62 -19.95
CA GLY G 190 57.25 -1.52 -19.68
C GLY G 190 57.54 -2.95 -20.07
N THR G 191 58.12 -3.15 -21.26
CA THR G 191 58.43 -4.50 -21.71
C THR G 191 59.43 -5.17 -20.77
N SER G 192 60.46 -4.42 -20.34
CA SER G 192 61.44 -4.99 -19.42
C SER G 192 60.82 -5.32 -18.07
N ALA G 193 59.97 -4.43 -17.55
CA ALA G 193 59.43 -4.62 -16.21
C ALA G 193 58.35 -5.71 -16.17
N MET G 194 57.65 -5.94 -17.29
CA MET G 194 56.59 -6.94 -17.29
C MET G 194 57.13 -8.32 -17.00
N ASP G 195 58.29 -8.66 -17.57
CA ASP G 195 58.82 -10.02 -17.43
C ASP G 195 59.16 -10.34 -15.98
N SER G 196 59.77 -9.40 -15.28
CA SER G 196 60.23 -9.68 -13.93
C SER G 196 59.04 -9.97 -13.01
N PRO G 197 59.10 -11.01 -12.19
CA PRO G 197 57.96 -11.31 -11.31
C PRO G 197 57.67 -10.23 -10.28
N LEU G 198 58.66 -9.37 -9.97
CA LEU G 198 58.47 -8.38 -8.92
C LEU G 198 57.73 -7.15 -9.45
N LEU G 199 58.13 -6.64 -10.61
CA LEU G 199 57.60 -5.39 -11.16
C LEU G 199 56.52 -5.63 -12.22
N LYS G 200 55.78 -6.73 -12.11
CA LYS G 200 54.71 -7.00 -13.08
C LYS G 200 53.58 -5.98 -12.95
N TYR G 201 53.29 -5.55 -11.72
CA TYR G 201 52.10 -4.73 -11.49
C TYR G 201 52.15 -3.39 -12.22
N SER G 202 53.31 -2.73 -12.22
CA SER G 202 53.37 -1.33 -12.60
C SER G 202 53.41 -1.11 -14.10
N ALA G 203 53.71 -2.13 -14.89
CA ALA G 203 53.88 -1.95 -16.33
C ALA G 203 52.70 -1.21 -16.93
N LYS G 204 51.48 -1.55 -16.50
CA LYS G 204 50.29 -0.93 -17.07
C LYS G 204 50.41 0.59 -17.07
N ASP G 205 50.81 1.15 -15.93
CA ASP G 205 50.92 2.61 -15.85
C ASP G 205 51.78 3.14 -16.99
N TYR G 206 52.98 2.57 -17.16
CA TYR G 206 53.84 3.01 -18.24
C TYR G 206 53.10 2.94 -19.57
N PHE G 207 52.47 1.79 -19.84
CA PHE G 207 51.70 1.66 -21.07
C PHE G 207 50.71 2.81 -21.20
N PHE G 208 49.95 3.08 -20.14
CA PHE G 208 48.99 4.18 -20.19
C PHE G 208 49.68 5.46 -20.59
N LYS G 209 50.80 5.79 -19.95
CA LYS G 209 51.54 7.00 -20.30
C LYS G 209 51.88 6.97 -21.78
N ALA G 210 52.43 5.85 -22.26
CA ALA G 210 52.73 5.74 -23.68
C ALA G 210 51.50 6.07 -24.52
N ALA G 211 50.36 5.47 -24.17
CA ALA G 211 49.13 5.73 -24.92
C ALA G 211 48.89 7.22 -25.03
N LEU G 212 49.04 7.95 -23.92
CA LEU G 212 48.82 9.39 -23.95
C LEU G 212 49.76 10.06 -24.94
N CYS G 213 51.04 9.69 -24.92
CA CYS G 213 51.98 10.27 -25.87
C CYS G 213 51.58 9.97 -27.30
N HIS G 214 50.91 8.84 -27.53
CA HIS G 214 50.41 8.52 -28.86
C HIS G 214 49.16 9.32 -29.20
N PHE G 215 48.35 9.66 -28.19
CA PHE G 215 47.10 10.37 -28.48
C PHE G 215 47.36 11.83 -28.84
N CYS G 216 48.43 12.41 -28.32
CA CYS G 216 48.77 13.79 -28.68
C CYS G 216 49.07 13.91 -30.17
N ILE G 217 49.46 12.82 -30.81
CA ILE G 217 49.74 12.85 -32.24
C ILE G 217 48.44 12.78 -33.04
N ASP G 218 47.68 11.70 -32.87
CA ASP G 218 46.43 11.52 -33.59
C ASP G 218 45.66 10.38 -32.97
N MET G 219 44.34 10.40 -33.15
CA MET G 219 43.47 9.40 -32.52
C MET G 219 43.78 7.99 -33.03
N LEU G 220 44.00 7.85 -34.34
CA LEU G 220 44.21 6.52 -34.90
C LEU G 220 45.46 5.87 -34.31
N ASN G 221 46.53 6.64 -34.15
CA ASN G 221 47.74 6.10 -33.53
C ASN G 221 47.47 5.64 -32.11
N ALA G 222 46.70 6.41 -31.35
CA ALA G 222 46.37 6.01 -29.99
C ALA G 222 45.56 4.73 -29.97
N LYS G 223 44.58 4.60 -30.87
CA LYS G 223 43.76 3.39 -30.91
C LYS G 223 44.60 2.17 -31.25
N LEU G 224 45.47 2.30 -32.26
CA LEU G 224 46.32 1.18 -32.64
C LEU G 224 47.29 0.82 -31.52
N ALA G 225 47.85 1.82 -30.84
CA ALA G 225 48.75 1.55 -29.73
C ALA G 225 48.03 0.84 -28.59
N VAL G 226 46.80 1.27 -28.30
CA VAL G 226 46.03 0.61 -27.24
C VAL G 226 45.75 -0.84 -27.61
N GLN G 227 45.37 -1.08 -28.87
CA GLN G 227 45.13 -2.45 -29.31
C GLN G 227 46.39 -3.29 -29.19
N LYS G 228 47.54 -2.74 -29.60
CA LYS G 228 48.80 -3.47 -29.49
C LYS G 228 49.13 -3.78 -28.04
N TYR G 229 48.97 -2.81 -27.14
CA TYR G 229 49.28 -3.04 -25.74
C TYR G 229 48.36 -4.09 -25.13
N GLU G 230 47.08 -4.05 -25.48
CA GLU G 230 46.15 -5.08 -24.99
C GLU G 230 46.54 -6.44 -25.52
N GLU G 231 46.94 -6.52 -26.78
CA GLU G 231 47.36 -7.80 -27.35
C GLU G 231 48.62 -8.33 -26.68
N LEU G 232 49.53 -7.43 -26.27
CA LEU G 232 50.79 -7.87 -25.70
C LEU G 232 50.56 -8.66 -24.41
N PHE G 233 49.69 -8.18 -23.54
CA PHE G 233 49.45 -8.83 -22.26
C PHE G 233 48.05 -8.50 -21.77
N PRO G 234 47.21 -9.50 -21.48
CA PRO G 234 45.80 -9.21 -21.13
C PRO G 234 45.65 -8.43 -19.83
N ALA G 235 46.67 -8.42 -18.96
CA ALA G 235 46.54 -7.73 -17.69
C ALA G 235 46.24 -6.25 -17.88
N PHE G 236 46.84 -5.63 -18.91
CA PHE G 236 46.59 -4.21 -19.16
C PHE G 236 45.14 -3.95 -19.50
N SER G 237 44.38 -4.96 -19.92
CA SER G 237 42.97 -4.82 -20.24
C SER G 237 42.10 -4.49 -19.03
N ASP G 238 42.69 -4.33 -17.84
CA ASP G 238 41.90 -3.98 -16.67
C ASP G 238 41.09 -2.71 -16.93
N SER G 239 39.82 -2.73 -16.50
CA SER G 239 38.93 -1.61 -16.78
C SER G 239 39.47 -0.30 -16.22
N ARG G 240 40.26 -0.37 -15.14
CA ARG G 240 40.60 0.83 -14.37
C ARG G 240 41.11 1.95 -15.28
N GLU G 241 42.02 1.63 -16.20
CA GLU G 241 42.57 2.60 -17.13
C GLU G 241 42.12 2.40 -18.56
N CYS G 242 41.89 1.15 -18.98
CA CYS G 242 41.44 0.90 -20.34
C CYS G 242 40.07 1.49 -20.59
N LYS G 243 39.17 1.41 -19.61
CA LYS G 243 37.84 1.98 -19.78
C LYS G 243 37.92 3.49 -19.94
N LEU G 244 38.77 4.15 -19.14
CA LEU G 244 38.95 5.60 -19.29
C LEU G 244 39.51 5.93 -20.65
N MET G 245 40.51 5.18 -21.11
CA MET G 245 41.09 5.45 -22.43
C MET G 245 40.04 5.29 -23.52
N LYS G 246 39.24 4.23 -23.46
CA LYS G 246 38.21 4.00 -24.47
C LYS G 246 37.14 5.08 -24.42
N LYS G 247 36.75 5.52 -23.22
CA LYS G 247 35.77 6.60 -23.11
C LYS G 247 36.31 7.89 -23.71
N LEU G 248 37.57 8.22 -23.44
CA LEU G 248 38.17 9.42 -24.01
C LEU G 248 38.23 9.32 -25.53
N LEU G 249 38.60 8.15 -26.06
CA LEU G 249 38.65 7.97 -27.50
C LEU G 249 37.26 8.13 -28.11
N GLU G 250 36.25 7.54 -27.48
CA GLU G 250 34.89 7.66 -27.99
C GLU G 250 34.41 9.11 -27.98
N ALA G 251 34.70 9.84 -26.90
CA ALA G 251 34.31 11.23 -26.83
C ALA G 251 35.01 12.06 -27.91
N HIS G 252 36.30 11.81 -28.12
CA HIS G 252 37.04 12.55 -29.15
C HIS G 252 36.50 12.23 -30.53
N GLU G 253 36.15 10.97 -30.79
CA GLU G 253 35.69 10.59 -32.12
C GLU G 253 34.40 11.32 -32.49
N GLU G 254 33.46 11.43 -31.55
CA GLU G 254 32.15 12.01 -31.83
C GLU G 254 32.11 13.51 -31.59
N GLN G 255 33.23 14.13 -31.26
CA GLN G 255 33.31 15.59 -31.06
C GLN G 255 32.39 16.03 -29.93
N ASN G 256 32.46 15.31 -28.80
CA ASN G 256 31.68 15.62 -27.61
C ASN G 256 32.65 16.02 -26.51
N VAL G 257 32.78 17.33 -26.29
CA VAL G 257 33.68 17.81 -25.25
C VAL G 257 33.03 17.70 -23.87
N ASP G 258 31.71 17.79 -23.79
CA ASP G 258 31.03 17.65 -22.51
C ASP G 258 31.26 16.26 -21.92
N SER G 259 31.14 15.22 -22.73
CA SER G 259 31.39 13.86 -22.25
C SER G 259 32.84 13.68 -21.84
N TYR G 260 33.77 14.27 -22.60
CA TYR G 260 35.18 14.19 -22.24
C TYR G 260 35.42 14.82 -20.87
N THR G 261 34.87 16.02 -20.65
CA THR G 261 35.03 16.69 -19.37
C THR G 261 34.40 15.88 -18.24
N GLU G 262 33.21 15.32 -18.49
CA GLU G 262 32.55 14.54 -17.46
C GLU G 262 33.38 13.31 -17.09
N SER G 263 33.91 12.61 -18.09
CA SER G 263 34.73 11.44 -17.82
C SER G 263 35.99 11.81 -17.05
N VAL G 264 36.66 12.90 -17.46
CA VAL G 264 37.88 13.31 -16.78
C VAL G 264 37.58 13.67 -15.33
N LYS G 265 36.50 14.41 -15.10
CA LYS G 265 36.14 14.80 -13.73
C LYS G 265 35.77 13.58 -12.90
N GLU G 266 35.04 12.63 -13.47
CA GLU G 266 34.69 11.42 -12.73
C GLU G 266 35.94 10.63 -12.36
N TYR G 267 36.89 10.51 -13.28
CA TYR G 267 38.13 9.82 -12.95
C TYR G 267 38.90 10.57 -11.87
N ASP G 268 38.93 11.91 -11.95
CA ASP G 268 39.66 12.69 -10.96
C ASP G 268 39.04 12.55 -9.58
N SER G 269 37.71 12.47 -9.51
CA SER G 269 37.04 12.45 -8.21
C SER G 269 37.50 11.26 -7.38
N ILE G 270 37.45 10.05 -7.94
CA ILE G 270 37.84 8.87 -7.19
C ILE G 270 39.34 8.90 -6.89
N SER G 271 40.16 9.24 -7.89
CA SER G 271 41.60 9.32 -7.74
C SER G 271 42.08 10.62 -8.36
N ARG G 272 42.96 11.32 -7.63
CA ARG G 272 43.41 12.63 -8.08
C ARG G 272 44.35 12.51 -9.29
N LEU G 273 44.58 13.64 -9.94
CA LEU G 273 45.43 13.72 -11.12
C LEU G 273 46.65 14.59 -10.82
N ASP G 274 47.73 14.35 -11.55
CA ASP G 274 48.97 15.09 -11.39
C ASP G 274 49.04 16.22 -12.41
N GLN G 275 50.06 17.07 -12.25
CA GLN G 275 50.24 18.19 -13.18
C GLN G 275 50.52 17.69 -14.60
N TRP G 276 51.37 16.65 -14.72
CA TRP G 276 51.67 16.11 -16.04
C TRP G 276 50.42 15.56 -16.72
N LEU G 277 49.68 14.70 -16.00
CA LEU G 277 48.47 14.12 -16.58
C LEU G 277 47.43 15.20 -16.84
N THR G 278 47.30 16.17 -15.92
CA THR G 278 46.33 17.24 -16.12
C THR G 278 46.65 18.03 -17.39
N THR G 279 47.92 18.39 -17.58
CA THR G 279 48.30 19.13 -18.79
C THR G 279 48.08 18.30 -20.04
N MET G 280 48.41 17.00 -19.98
CA MET G 280 48.21 16.14 -21.14
C MET G 280 46.73 16.06 -21.52
N LEU G 281 45.86 15.88 -20.52
CA LEU G 281 44.43 15.83 -20.78
C LEU G 281 43.93 17.17 -21.30
N LEU G 282 44.44 18.27 -20.77
CA LEU G 282 44.04 19.59 -21.28
C LEU G 282 44.42 19.75 -22.74
N ARG G 283 45.63 19.31 -23.10
CA ARG G 283 46.05 19.39 -24.50
C ARG G 283 45.16 18.53 -25.38
N ILE G 284 44.86 17.31 -24.94
CA ILE G 284 44.04 16.41 -25.75
C ILE G 284 42.64 16.99 -25.93
N LYS G 285 42.10 17.59 -24.87
CA LYS G 285 40.78 18.22 -24.98
C LYS G 285 40.82 19.42 -25.90
N LYS G 286 41.90 20.21 -25.84
CA LYS G 286 42.01 21.38 -26.71
C LYS G 286 42.04 20.98 -28.18
N THR G 287 42.90 20.01 -28.52
CA THR G 287 43.00 19.59 -29.91
C THR G 287 41.68 19.00 -30.39
N ILE G 288 41.04 18.16 -29.56
CA ILE G 288 39.77 17.48 -29.85
C ILE G 288 39.38 17.53 -31.32
N GLY H 1 80.96 -17.98 35.83
CA GLY H 1 81.78 -19.18 36.18
C GLY H 1 82.81 -18.89 37.26
N MET H 2 83.83 -18.11 36.91
CA MET H 2 84.86 -17.74 37.87
C MET H 2 84.36 -16.73 38.91
N ASP H 3 83.15 -16.19 38.72
CA ASP H 3 82.57 -15.22 39.64
C ASP H 3 83.33 -13.90 39.57
N THR H 4 82.68 -12.81 40.01
CA THR H 4 83.29 -11.49 39.91
C THR H 4 84.54 -11.35 40.76
N SER H 5 84.69 -12.18 41.80
CA SER H 5 85.83 -12.02 42.71
C SER H 5 87.15 -12.25 41.98
N GLY H 6 87.26 -13.35 41.23
CA GLY H 6 88.50 -13.63 40.52
C GLY H 6 88.80 -12.60 39.45
N LYS H 7 87.77 -12.17 38.74
CA LYS H 7 87.98 -11.15 37.70
C LYS H 7 88.45 -9.83 38.32
N GLN H 8 87.87 -9.46 39.47
CA GLN H 8 88.31 -8.25 40.15
C GLN H 8 89.75 -8.38 40.62
N ALA H 9 90.11 -9.56 41.15
CA ALA H 9 91.49 -9.76 41.59
C ALA H 9 92.46 -9.63 40.42
N GLU H 10 92.13 -10.25 39.28
CA GLU H 10 93.00 -10.16 38.11
C GLU H 10 93.08 -8.73 37.60
N ALA H 11 91.96 -8.00 37.60
CA ALA H 11 91.98 -6.63 37.12
C ALA H 11 92.82 -5.74 38.03
N MET H 12 92.70 -5.94 39.35
CA MET H 12 93.53 -5.18 40.28
C MET H 12 95.00 -5.52 40.11
N ALA H 13 95.32 -6.79 39.87
CA ALA H 13 96.70 -7.17 39.62
C ALA H 13 97.24 -6.47 38.37
N LEU H 14 96.45 -6.46 37.30
CA LEU H 14 96.86 -5.79 36.07
C LEU H 14 97.04 -4.29 36.31
N LEU H 15 96.13 -3.68 37.06
CA LEU H 15 96.23 -2.25 37.34
C LEU H 15 97.49 -1.94 38.14
N ALA H 16 97.80 -2.77 39.14
CA ALA H 16 99.02 -2.57 39.92
C ALA H 16 100.26 -2.74 39.04
N GLU H 17 100.24 -3.73 38.15
CA GLU H 17 101.36 -3.92 37.23
C GLU H 17 101.57 -2.69 36.36
N ALA H 18 100.47 -2.16 35.80
CA ALA H 18 100.58 -0.98 34.96
C ALA H 18 101.09 0.23 35.75
N GLU H 19 100.59 0.39 36.98
CA GLU H 19 101.02 1.51 37.81
C GLU H 19 102.50 1.42 38.13
N ARG H 20 102.98 0.23 38.49
CA ARG H 20 104.41 0.06 38.78
C ARG H 20 105.25 0.29 37.54
N LYS H 21 104.77 -0.19 36.37
CA LYS H 21 105.54 -0.02 35.15
C LYS H 21 105.64 1.46 34.75
N VAL H 22 104.54 2.21 34.89
CA VAL H 22 104.61 3.64 34.60
C VAL H 22 105.44 4.36 35.65
N LYS H 23 105.47 3.86 36.88
CA LYS H 23 106.23 4.52 37.94
C LYS H 23 107.70 4.63 37.57
N ASN H 24 108.30 3.54 37.10
CA ASN H 24 109.71 3.54 36.73
C ASN H 24 109.89 4.04 35.29
N SER H 25 109.48 5.29 35.08
CA SER H 25 109.57 5.92 33.77
C SER H 25 110.79 6.84 33.71
N GLY H 35 111.19 4.67 27.10
CA GLY H 35 109.98 5.11 27.77
C GLY H 35 108.72 4.78 26.99
N SER H 36 108.85 4.73 25.66
CA SER H 36 107.71 4.42 24.82
C SER H 36 107.16 3.02 25.11
N SER H 37 108.06 2.05 25.27
CA SER H 37 107.63 0.68 25.53
C SER H 37 106.87 0.60 26.86
N LYS H 38 107.37 1.28 27.89
CA LYS H 38 106.72 1.23 29.20
C LYS H 38 105.30 1.79 29.12
N ILE H 39 105.14 2.95 28.49
CA ILE H 39 103.82 3.57 28.42
C ILE H 39 102.88 2.76 27.54
N GLU H 40 103.41 2.18 26.45
CA GLU H 40 102.57 1.34 25.61
C GLU H 40 102.08 0.12 26.36
N GLU H 41 102.98 -0.53 27.11
CA GLU H 41 102.58 -1.68 27.91
C GLU H 41 101.57 -1.26 28.97
N ALA H 42 101.77 -0.10 29.59
CA ALA H 42 100.84 0.37 30.60
C ALA H 42 99.45 0.58 30.02
N CYS H 43 99.37 1.23 28.85
CA CYS H 43 98.06 1.48 28.25
C CYS H 43 97.40 0.19 27.79
N GLU H 44 98.18 -0.76 27.27
CA GLU H 44 97.62 -2.05 26.89
C GLU H 44 97.08 -2.78 28.11
N ILE H 45 97.82 -2.75 29.22
CA ILE H 45 97.36 -3.40 30.43
C ILE H 45 96.11 -2.71 30.97
N TYR H 46 96.05 -1.37 30.86
CA TYR H 46 94.84 -0.66 31.27
C TYR H 46 93.64 -1.07 30.43
N ALA H 47 93.83 -1.23 29.12
CA ALA H 47 92.75 -1.68 28.26
C ALA H 47 92.29 -3.08 28.65
N ARG H 48 93.24 -3.98 28.91
CA ARG H 48 92.87 -5.33 29.32
C ARG H 48 92.12 -5.32 30.64
N ALA H 49 92.57 -4.51 31.60
CA ALA H 49 91.90 -4.43 32.89
C ALA H 49 90.49 -3.87 32.73
N ALA H 50 90.33 -2.87 31.87
CA ALA H 50 88.99 -2.32 31.62
C ALA H 50 88.08 -3.36 31.00
N ASN H 51 88.61 -4.13 30.04
CA ASN H 51 87.81 -5.20 29.44
C ASN H 51 87.39 -6.23 30.47
N MET H 52 88.32 -6.63 31.35
CA MET H 52 87.97 -7.58 32.41
C MET H 52 86.93 -6.99 33.35
N PHE H 53 87.06 -5.72 33.70
CA PHE H 53 86.08 -5.07 34.56
C PHE H 53 84.70 -5.09 33.91
N LYS H 54 84.64 -4.79 32.61
CA LYS H 54 83.36 -4.87 31.90
C LYS H 54 82.82 -6.29 31.93
N MET H 55 83.70 -7.29 31.77
CA MET H 55 83.28 -8.67 31.92
C MET H 55 82.78 -8.96 33.33
N ALA H 56 83.45 -8.41 34.34
CA ALA H 56 83.07 -8.63 35.72
C ALA H 56 81.78 -7.91 36.11
N LYS H 57 81.16 -7.19 35.19
CA LYS H 57 79.90 -6.45 35.37
C LYS H 57 80.14 -5.13 36.11
N ASN H 58 81.36 -4.83 36.53
CA ASN H 58 81.63 -3.53 37.14
C ASN H 58 81.62 -2.44 36.08
N TRP H 59 80.92 -1.35 36.37
CA TRP H 59 80.75 -0.26 35.43
C TRP H 59 81.40 1.05 35.89
N SER H 60 82.11 1.04 37.02
CA SER H 60 82.83 2.21 37.50
C SER H 60 84.33 2.09 37.29
N ALA H 61 84.91 0.94 37.68
CA ALA H 61 86.34 0.74 37.48
C ALA H 61 86.70 0.70 36.00
N ALA H 62 85.84 0.08 35.18
CA ALA H 62 86.10 0.02 33.75
C ALA H 62 86.18 1.42 33.15
N GLY H 63 85.26 2.29 33.53
CA GLY H 63 85.29 3.65 33.02
C GLY H 63 86.54 4.40 33.44
N ASN H 64 86.95 4.22 34.70
CA ASN H 64 88.17 4.88 35.17
C ASN H 64 89.40 4.37 34.42
N ALA H 65 89.47 3.06 34.18
CA ALA H 65 90.59 2.51 33.42
C ALA H 65 90.59 3.03 31.99
N PHE H 66 89.42 3.11 31.37
CA PHE H 66 89.34 3.65 30.00
C PHE H 66 89.78 5.10 29.98
N CYS H 67 89.37 5.89 30.98
CA CYS H 67 89.79 7.29 31.04
C CYS H 67 91.30 7.40 31.23
N GLN H 68 91.88 6.55 32.08
CA GLN H 68 93.33 6.57 32.27
C GLN H 68 94.04 6.22 30.97
N ALA H 69 93.56 5.22 30.24
CA ALA H 69 94.15 4.87 28.97
C ALA H 69 94.03 6.02 27.97
N ALA H 70 92.87 6.69 27.97
CA ALA H 70 92.68 7.84 27.08
C ALA H 70 93.67 8.94 27.41
N GLN H 71 93.87 9.23 28.70
CA GLN H 71 94.83 10.26 29.09
C GLN H 71 96.25 9.88 28.69
N LEU H 72 96.62 8.61 28.89
CA LEU H 72 97.95 8.16 28.51
C LEU H 72 98.17 8.29 27.02
N HIS H 73 97.15 7.94 26.22
CA HIS H 73 97.24 8.14 24.78
C HIS H 73 97.34 9.62 24.44
N LEU H 74 96.60 10.46 25.15
CA LEU H 74 96.61 11.90 24.87
C LEU H 74 97.99 12.50 25.10
N GLN H 75 98.64 12.11 26.20
CA GLN H 75 99.96 12.65 26.48
C GLN H 75 100.95 12.26 25.38
N LEU H 76 100.87 11.02 24.92
CA LEU H 76 101.62 10.60 23.75
C LEU H 76 100.98 11.20 22.49
N GLN H 77 101.76 11.24 21.42
CA GLN H 77 101.27 11.81 20.16
C GLN H 77 100.31 10.85 19.48
N SER H 78 99.11 10.70 20.07
CA SER H 78 98.07 9.86 19.50
C SER H 78 96.73 10.44 19.90
N LYS H 79 95.86 10.66 18.91
CA LYS H 79 94.60 11.36 19.13
C LYS H 79 93.38 10.45 19.01
N HIS H 80 93.23 9.73 17.91
CA HIS H 80 92.02 8.93 17.72
C HIS H 80 91.92 7.81 18.75
N ASP H 81 93.05 7.27 19.19
CA ASP H 81 93.01 6.27 20.26
C ASP H 81 92.42 6.85 21.52
N ALA H 82 92.80 8.09 21.85
CA ALA H 82 92.22 8.75 23.01
C ALA H 82 90.72 8.94 22.84
N ALA H 83 90.27 9.32 21.65
CA ALA H 83 88.85 9.48 21.40
C ALA H 83 88.10 8.17 21.56
N THR H 84 88.66 7.08 21.04
CA THR H 84 88.03 5.77 21.19
C THR H 84 87.94 5.38 22.66
N CYS H 85 89.02 5.59 23.41
CA CYS H 85 89.00 5.29 24.84
C CYS H 85 87.96 6.13 25.57
N PHE H 86 87.86 7.41 25.21
CA PHE H 86 86.90 8.29 25.87
C PHE H 86 85.47 7.88 25.57
N VAL H 87 85.18 7.50 24.33
CA VAL H 87 83.82 7.08 23.99
C VAL H 87 83.49 5.76 24.68
N ASP H 88 84.48 4.86 24.78
CA ASP H 88 84.26 3.62 25.53
C ASP H 88 83.98 3.92 27.00
N ALA H 89 84.73 4.87 27.58
CA ALA H 89 84.49 5.26 28.96
C ALA H 89 83.10 5.85 29.14
N GLY H 90 82.66 6.67 28.19
CA GLY H 90 81.32 7.21 28.26
C GLY H 90 80.25 6.14 28.17
N ASN H 91 80.44 5.17 27.28
CA ASN H 91 79.49 4.05 27.20
C ASN H 91 79.46 3.28 28.51
N ALA H 92 80.62 3.04 29.11
CA ALA H 92 80.65 2.35 30.40
C ALA H 92 79.94 3.17 31.48
N PHE H 93 80.16 4.48 31.48
CA PHE H 93 79.52 5.36 32.46
C PHE H 93 78.05 5.61 32.16
N LYS H 94 77.55 5.12 31.03
CA LYS H 94 76.14 5.32 30.70
C LYS H 94 75.23 4.82 31.81
N LYS H 95 75.67 3.81 32.56
CA LYS H 95 74.90 3.27 33.68
C LYS H 95 75.50 3.59 35.04
N ALA H 96 76.65 4.27 35.09
CA ALA H 96 77.32 4.55 36.36
C ALA H 96 77.05 5.97 36.83
N ASP H 97 77.41 6.96 36.00
CA ASP H 97 77.23 8.37 36.36
C ASP H 97 77.03 9.20 35.10
N PRO H 98 75.85 9.78 34.89
CA PRO H 98 75.61 10.52 33.64
C PRO H 98 76.59 11.67 33.41
N GLN H 99 77.01 12.36 34.48
CA GLN H 99 77.87 13.53 34.30
C GLN H 99 79.22 13.14 33.70
N GLU H 100 79.83 12.06 34.20
CA GLU H 100 81.11 11.62 33.65
C GLU H 100 80.97 11.20 32.20
N ALA H 101 79.89 10.49 31.87
CA ALA H 101 79.66 10.10 30.48
C ALA H 101 79.50 11.31 29.59
N ILE H 102 78.76 12.32 30.06
CA ILE H 102 78.59 13.54 29.28
C ILE H 102 79.91 14.23 29.05
N ASN H 103 80.74 14.33 30.09
CA ASN H 103 82.05 14.97 29.94
C ASN H 103 82.93 14.21 28.95
N CYS H 104 82.95 12.88 29.06
CA CYS H 104 83.76 12.08 28.15
C CYS H 104 83.27 12.23 26.71
N LEU H 105 81.95 12.22 26.50
CA LEU H 105 81.41 12.37 25.16
C LEU H 105 81.72 13.75 24.60
N MET H 106 81.65 14.79 25.43
CA MET H 106 81.98 16.13 24.97
C MET H 106 83.45 16.23 24.58
N ARG H 107 84.34 15.61 25.36
CA ARG H 107 85.75 15.60 25.00
C ARG H 107 85.97 14.85 23.69
N ALA H 108 85.27 13.72 23.51
CA ALA H 108 85.37 12.98 22.26
C ALA H 108 84.88 13.82 21.08
N ILE H 109 83.79 14.55 21.27
CA ILE H 109 83.28 15.42 20.21
C ILE H 109 84.29 16.50 19.87
N GLU H 110 84.90 17.10 20.89
CA GLU H 110 85.89 18.15 20.66
C GLU H 110 87.08 17.60 19.88
N ILE H 111 87.54 16.40 20.22
CA ILE H 111 88.65 15.80 19.49
C ILE H 111 88.22 15.48 18.05
N TYR H 112 87.01 14.93 17.88
CA TYR H 112 86.57 14.50 16.56
C TYR H 112 86.40 15.67 15.60
N THR H 113 85.78 16.76 16.06
CA THR H 113 85.49 17.88 15.19
C THR H 113 86.74 18.61 14.73
N ASP H 114 87.89 18.35 15.34
CA ASP H 114 89.13 18.98 14.90
C ASP H 114 89.50 18.54 13.48
N MET H 115 89.31 17.26 13.17
CA MET H 115 89.70 16.72 11.88
C MET H 115 88.59 16.75 10.84
N GLY H 116 87.42 17.31 11.19
CA GLY H 116 86.34 17.45 10.24
C GLY H 116 85.38 16.29 10.14
N ARG H 117 85.41 15.36 11.09
CA ARG H 117 84.51 14.21 11.08
C ARG H 117 83.18 14.66 11.70
N PHE H 118 82.28 15.17 10.85
CA PHE H 118 81.06 15.78 11.35
C PHE H 118 80.05 14.73 11.82
N THR H 119 79.93 13.61 11.11
CA THR H 119 78.88 12.66 11.41
C THR H 119 79.04 12.06 12.81
N ILE H 120 80.28 11.71 13.18
CA ILE H 120 80.51 11.13 14.50
C ILE H 120 80.19 12.14 15.59
N ALA H 121 80.58 13.40 15.39
CA ALA H 121 80.26 14.43 16.37
C ALA H 121 78.75 14.62 16.49
N ALA H 122 78.03 14.58 15.37
CA ALA H 122 76.58 14.71 15.41
C ALA H 122 75.94 13.55 16.15
N LYS H 123 76.43 12.33 15.90
CA LYS H 123 75.89 11.18 16.62
C LYS H 123 76.16 11.28 18.11
N HIS H 124 77.35 11.72 18.49
CA HIS H 124 77.67 11.90 19.90
C HIS H 124 76.80 12.97 20.53
N HIS H 125 76.53 14.06 19.80
CA HIS H 125 75.63 15.09 20.31
C HIS H 125 74.22 14.55 20.48
N ILE H 126 73.77 13.71 19.55
CA ILE H 126 72.45 13.09 19.67
C ILE H 126 72.39 12.22 20.92
N SER H 127 73.46 11.44 21.17
CA SER H 127 73.50 10.61 22.37
C SER H 127 73.50 11.47 23.63
N ILE H 128 74.22 12.59 23.61
CA ILE H 128 74.25 13.50 24.76
C ILE H 128 72.85 14.07 25.01
N ALA H 129 72.16 14.45 23.94
CA ALA H 129 70.79 14.95 24.10
C ALA H 129 69.87 13.86 24.63
N GLU H 130 70.06 12.63 24.18
CA GLU H 130 69.29 11.51 24.72
C GLU H 130 69.50 11.37 26.21
N ILE H 131 70.76 11.47 26.66
CA ILE H 131 71.05 11.42 28.09
C ILE H 131 70.36 12.58 28.81
N TYR H 132 70.46 13.77 28.23
CA TYR H 132 69.92 14.96 28.89
C TYR H 132 68.41 14.92 28.99
N GLU H 133 67.73 14.24 28.06
CA GLU H 133 66.28 14.24 28.01
C GLU H 133 65.66 13.00 28.65
N THR H 134 66.39 11.90 28.76
CA THR H 134 65.79 10.66 29.27
C THR H 134 65.79 10.63 30.80
N GLU H 135 66.88 11.06 31.44
CA GLU H 135 66.99 11.06 32.89
C GLU H 135 66.90 12.47 33.47
N LEU H 136 67.78 13.38 33.02
CA LEU H 136 67.77 14.73 33.53
C LEU H 136 66.61 15.52 32.91
N VAL H 137 66.15 16.53 33.64
CA VAL H 137 64.93 17.25 33.27
C VAL H 137 65.27 18.59 32.58
N ASP H 138 66.44 18.69 31.97
CA ASP H 138 66.86 19.92 31.30
C ASP H 138 66.50 19.80 29.82
N VAL H 139 65.53 20.59 29.38
CA VAL H 139 65.09 20.53 27.99
C VAL H 139 65.79 21.57 27.12
N GLU H 140 66.26 22.67 27.70
CA GLU H 140 66.97 23.67 26.92
C GLU H 140 68.27 23.10 26.35
N LYS H 141 69.03 22.38 27.17
CA LYS H 141 70.27 21.78 26.70
C LYS H 141 70.00 20.73 25.64
N ALA H 142 68.96 19.93 25.82
CA ALA H 142 68.59 18.94 24.81
C ALA H 142 68.22 19.61 23.49
N ILE H 143 67.46 20.70 23.56
CA ILE H 143 67.08 21.43 22.35
C ILE H 143 68.32 21.98 21.65
N ALA H 144 69.24 22.56 22.43
CA ALA H 144 70.45 23.10 21.83
C ALA H 144 71.29 22.02 21.18
N HIS H 145 71.44 20.87 21.85
CA HIS H 145 72.22 19.77 21.28
C HIS H 145 71.57 19.23 20.01
N TYR H 146 70.24 19.11 20.03
CA TYR H 146 69.55 18.62 18.83
C TYR H 146 69.69 19.61 17.68
N GLU H 147 69.63 20.91 17.97
CA GLU H 147 69.85 21.91 16.93
C GLU H 147 71.26 21.82 16.36
N GLN H 148 72.25 21.63 17.23
CA GLN H 148 73.62 21.47 16.76
C GLN H 148 73.75 20.25 15.86
N SER H 149 73.15 19.12 16.27
CA SER H 149 73.21 17.91 15.46
C SER H 149 72.51 18.11 14.12
N ALA H 150 71.36 18.79 14.13
CA ALA H 150 70.64 19.05 12.89
C ALA H 150 71.48 19.92 11.95
N ASP H 151 72.12 20.95 12.49
CA ASP H 151 72.99 21.78 11.66
C ASP H 151 74.15 20.97 11.09
N TYR H 152 74.75 20.12 11.91
CA TYR H 152 75.86 19.30 11.43
C TYR H 152 75.41 18.38 10.30
N TYR H 153 74.25 17.74 10.46
CA TYR H 153 73.76 16.85 9.41
C TYR H 153 73.39 17.63 8.15
N LYS H 154 72.76 18.79 8.31
CA LYS H 154 72.39 19.59 7.15
C LYS H 154 73.61 20.09 6.39
N GLY H 155 74.71 20.35 7.10
CA GLY H 155 75.93 20.79 6.44
C GLY H 155 76.47 19.79 5.45
N GLU H 156 76.09 18.52 5.58
CA GLU H 156 76.55 17.46 4.69
C GLU H 156 75.47 17.04 3.69
N GLU H 157 74.48 17.90 3.44
CA GLU H 157 73.40 17.64 2.50
C GLU H 157 72.55 16.44 2.91
N SER H 158 72.60 16.05 4.19
CA SER H 158 71.80 14.94 4.70
C SER H 158 70.45 15.46 5.17
N ASN H 159 69.64 15.88 4.19
CA ASN H 159 68.31 16.40 4.50
C ASN H 159 67.42 15.33 5.12
N SER H 160 67.55 14.08 4.67
CA SER H 160 66.74 13.01 5.23
C SER H 160 67.03 12.81 6.71
N SER H 161 68.30 12.84 7.10
CA SER H 161 68.69 12.68 8.49
C SER H 161 68.71 14.00 9.26
N ALA H 162 68.42 15.11 8.59
CA ALA H 162 68.38 16.42 9.23
C ALA H 162 66.97 16.89 9.55
N ASN H 163 65.98 15.99 9.46
CA ASN H 163 64.58 16.33 9.70
C ASN H 163 64.03 15.80 11.02
N LYS H 164 64.48 14.62 11.46
CA LYS H 164 64.00 14.07 12.72
C LYS H 164 64.35 14.99 13.88
N CYS H 165 65.58 15.49 13.91
CA CYS H 165 66.01 16.38 14.98
C CYS H 165 65.18 17.67 14.95
N LEU H 166 64.90 18.19 13.76
CA LEU H 166 64.08 19.38 13.66
C LEU H 166 62.68 19.14 14.20
N LEU H 167 62.10 17.97 13.89
CA LEU H 167 60.77 17.66 14.42
C LEU H 167 60.78 17.56 15.94
N LYS H 168 61.80 16.89 16.50
CA LYS H 168 61.89 16.79 17.95
C LYS H 168 62.04 18.17 18.59
N VAL H 169 62.89 19.02 18.00
CA VAL H 169 63.10 20.36 18.53
C VAL H 169 61.81 21.16 18.47
N ALA H 170 61.08 21.07 17.36
CA ALA H 170 59.82 21.80 17.24
C ALA H 170 58.81 21.31 18.27
N GLY H 171 58.72 19.99 18.47
CA GLY H 171 57.81 19.46 19.46
C GLY H 171 58.12 19.96 20.85
N TYR H 172 59.41 19.94 21.22
CA TYR H 172 59.79 20.38 22.56
C TYR H 172 59.59 21.88 22.71
N ALA H 173 59.83 22.67 21.66
CA ALA H 173 59.59 24.09 21.71
C ALA H 173 58.10 24.38 21.90
N ALA H 174 57.25 23.65 21.17
CA ALA H 174 55.81 23.80 21.37
C ALA H 174 55.42 23.43 22.80
N GLN H 175 56.04 22.38 23.34
CA GLN H 175 55.81 22.06 24.75
C GLN H 175 56.31 23.15 25.67
N LEU H 176 57.24 23.98 25.20
CA LEU H 176 57.81 25.07 25.99
C LEU H 176 57.16 26.42 25.68
N GLU H 177 56.04 26.43 24.96
CA GLU H 177 55.23 27.61 24.66
C GLU H 177 55.85 28.46 23.55
N GLN H 178 57.03 28.12 23.03
CA GLN H 178 57.63 28.87 21.93
C GLN H 178 56.96 28.42 20.64
N TYR H 179 55.76 28.94 20.41
CA TYR H 179 54.94 28.46 19.29
C TYR H 179 55.45 28.98 17.94
N GLN H 180 56.07 30.16 17.92
CA GLN H 180 56.55 30.70 16.64
C GLN H 180 57.61 29.80 16.03
N LYS H 181 58.59 29.38 16.83
CA LYS H 181 59.64 28.50 16.33
C LYS H 181 59.09 27.17 15.88
N ALA H 182 58.16 26.60 16.66
CA ALA H 182 57.56 25.33 16.29
C ALA H 182 56.79 25.44 14.98
N ILE H 183 56.03 26.53 14.81
CA ILE H 183 55.28 26.73 13.57
C ILE H 183 56.23 26.87 12.40
N ASP H 184 57.31 27.63 12.57
CA ASP H 184 58.27 27.80 11.48
C ASP H 184 58.88 26.47 11.08
N ILE H 185 59.30 25.68 12.08
CA ILE H 185 59.93 24.39 11.78
C ILE H 185 58.94 23.46 11.10
N TYR H 186 57.70 23.39 11.61
CA TYR H 186 56.70 22.52 11.01
C TYR H 186 56.41 22.92 9.58
N GLU H 187 56.25 24.21 9.32
CA GLU H 187 55.96 24.68 7.96
C GLU H 187 57.12 24.38 7.03
N GLN H 188 58.36 24.60 7.49
CA GLN H 188 59.52 24.30 6.65
C GLN H 188 59.58 22.81 6.33
N VAL H 189 59.38 21.95 7.34
CA VAL H 189 59.44 20.52 7.11
C VAL H 189 58.35 20.09 6.14
N GLY H 190 57.12 20.60 6.32
CA GLY H 190 56.05 20.25 5.42
C GLY H 190 56.31 20.71 3.99
N THR H 191 56.84 21.92 3.82
CA THR H 191 57.16 22.42 2.50
C THR H 191 58.22 21.56 1.83
N SER H 192 59.24 21.16 2.60
CA SER H 192 60.28 20.29 2.04
C SER H 192 59.73 18.92 1.69
N ALA H 193 58.81 18.39 2.50
CA ALA H 193 58.32 17.04 2.30
C ALA H 193 57.32 16.94 1.15
N MET H 194 56.47 17.96 0.98
CA MET H 194 55.43 17.87 -0.04
C MET H 194 56.04 17.63 -1.43
N ASP H 195 57.24 18.13 -1.68
CA ASP H 195 57.87 17.94 -2.98
C ASP H 195 58.23 16.48 -3.21
N SER H 196 58.65 15.77 -2.15
CA SER H 196 59.03 14.38 -2.30
C SER H 196 57.80 13.51 -2.45
N PRO H 197 57.65 12.76 -3.55
CA PRO H 197 56.46 11.90 -3.70
C PRO H 197 56.37 10.82 -2.62
N LEU H 198 57.50 10.29 -2.16
CA LEU H 198 57.48 9.23 -1.16
C LEU H 198 56.94 9.73 0.16
N LEU H 199 57.40 10.90 0.60
CA LEU H 199 57.00 11.46 1.89
C LEU H 199 55.78 12.38 1.79
N LYS H 200 55.18 12.50 0.61
CA LYS H 200 54.00 13.36 0.47
C LYS H 200 52.87 12.90 1.37
N TYR H 201 52.62 11.59 1.43
CA TYR H 201 51.48 11.08 2.19
C TYR H 201 51.49 11.58 3.63
N SER H 202 52.66 11.63 4.25
CA SER H 202 52.79 12.03 5.65
C SER H 202 52.71 13.55 5.84
N ALA H 203 53.00 14.33 4.80
CA ALA H 203 53.10 15.78 4.97
C ALA H 203 51.86 16.37 5.62
N LYS H 204 50.67 15.86 5.28
CA LYS H 204 49.45 16.35 5.90
C LYS H 204 49.63 16.54 7.40
N ASP H 205 50.12 15.51 8.09
CA ASP H 205 50.21 15.59 9.55
C ASP H 205 50.92 16.86 9.99
N TYR H 206 52.09 17.13 9.42
CA TYR H 206 52.83 18.32 9.81
C TYR H 206 51.95 19.55 9.72
N PHE H 207 51.32 19.77 8.56
CA PHE H 207 50.48 20.94 8.40
C PHE H 207 49.42 20.98 9.50
N PHE H 208 48.74 19.85 9.74
CA PHE H 208 47.74 19.83 10.80
C PHE H 208 48.32 20.32 12.10
N LYS H 209 49.48 19.78 12.49
CA LYS H 209 50.10 20.22 13.74
C LYS H 209 50.34 21.72 13.71
N ALA H 210 50.88 22.23 12.59
CA ALA H 210 51.10 23.66 12.50
C ALA H 210 49.81 24.43 12.75
N ALA H 211 48.71 23.97 12.15
CA ALA H 211 47.43 24.63 12.39
C ALA H 211 47.13 24.71 13.87
N LEU H 212 47.30 23.59 14.59
CA LEU H 212 47.08 23.61 16.02
C LEU H 212 47.93 24.68 16.69
N CYS H 213 49.20 24.75 16.32
CA CYS H 213 50.08 25.75 16.94
C CYS H 213 49.56 27.16 16.70
N HIS H 214 48.98 27.40 15.51
CA HIS H 214 48.41 28.71 15.24
C HIS H 214 47.12 28.93 16.02
N PHE H 215 46.34 27.85 16.24
CA PHE H 215 45.12 27.99 17.00
C PHE H 215 45.40 28.30 18.47
N CYS H 216 46.54 27.82 18.99
CA CYS H 216 46.87 28.10 20.38
C CYS H 216 47.00 29.59 20.65
N ILE H 217 47.27 30.38 19.61
CA ILE H 217 47.38 31.82 19.78
C ILE H 217 46.02 32.49 19.68
N ASP H 218 45.36 32.35 18.53
CA ASP H 218 44.06 32.98 18.32
C ASP H 218 43.31 32.22 17.23
N MET H 219 42.01 32.48 17.17
CA MET H 219 41.16 31.77 16.20
C MET H 219 41.38 32.31 14.78
N LEU H 220 41.47 33.63 14.62
CA LEU H 220 41.62 34.20 13.29
C LEU H 220 42.93 33.76 12.65
N ASN H 221 43.99 33.66 13.45
CA ASN H 221 45.26 33.17 12.93
C ASN H 221 45.12 31.74 12.43
N ALA H 222 44.42 30.89 13.18
CA ALA H 222 44.19 29.52 12.73
C ALA H 222 43.40 29.49 11.43
N LYS H 223 42.36 30.33 11.33
CA LYS H 223 41.56 30.35 10.11
C LYS H 223 42.41 30.76 8.91
N LEU H 224 43.16 31.86 9.05
CA LEU H 224 43.99 32.31 7.94
C LEU H 224 45.05 31.28 7.58
N ALA H 225 45.65 30.64 8.57
CA ALA H 225 46.66 29.63 8.31
C ALA H 225 46.07 28.43 7.59
N VAL H 226 44.88 28.00 8.00
CA VAL H 226 44.22 26.88 7.34
C VAL H 226 43.92 27.23 5.89
N GLN H 227 43.42 28.44 5.64
CA GLN H 227 43.16 28.86 4.27
C GLN H 227 44.45 28.87 3.46
N LYS H 228 45.53 29.38 4.04
CA LYS H 228 46.81 29.43 3.32
C LYS H 228 47.30 28.03 2.98
N TYR H 229 47.22 27.11 3.94
CA TYR H 229 47.64 25.73 3.69
C TYR H 229 46.77 25.09 2.61
N GLU H 230 45.46 25.31 2.66
CA GLU H 230 44.57 24.72 1.68
C GLU H 230 44.89 25.23 0.27
N GLU H 231 45.09 26.55 0.14
CA GLU H 231 45.45 27.09 -1.17
C GLU H 231 46.81 26.55 -1.64
N LEU H 232 47.79 26.51 -0.74
CA LEU H 232 49.11 26.01 -1.11
C LEU H 232 49.07 24.52 -1.43
N PHE H 233 48.35 23.75 -0.63
CA PHE H 233 48.29 22.30 -0.76
C PHE H 233 46.83 21.87 -0.73
N PRO H 234 46.26 21.38 -1.83
CA PRO H 234 44.81 21.16 -1.87
C PRO H 234 44.34 19.92 -1.12
N ALA H 235 45.14 18.86 -1.13
CA ALA H 235 44.71 17.61 -0.51
C ALA H 235 44.44 17.80 0.99
N PHE H 236 45.13 18.75 1.62
CA PHE H 236 44.88 19.00 3.04
C PHE H 236 43.44 19.39 3.30
N SER H 237 42.72 19.87 2.28
CA SER H 237 41.32 20.24 2.44
C SER H 237 40.39 19.04 2.49
N ASP H 238 40.81 17.88 1.97
CA ASP H 238 39.95 16.70 1.90
C ASP H 238 40.36 15.64 2.91
N SER H 239 40.96 16.06 4.02
CA SER H 239 41.43 15.15 5.06
C SER H 239 40.61 15.33 6.33
N ARG H 240 40.57 14.27 7.14
CA ARG H 240 39.76 14.28 8.35
C ARG H 240 40.25 15.33 9.34
N GLU H 241 41.58 15.50 9.45
CA GLU H 241 42.12 16.47 10.38
C GLU H 241 41.65 17.88 10.04
N CYS H 242 41.64 18.23 8.75
CA CYS H 242 41.15 19.55 8.36
C CYS H 242 39.66 19.69 8.63
N LYS H 243 38.90 18.60 8.46
CA LYS H 243 37.48 18.64 8.82
C LYS H 243 37.31 18.96 10.30
N LEU H 244 38.10 18.31 11.16
CA LEU H 244 38.05 18.60 12.58
C LEU H 244 38.43 20.04 12.86
N MET H 245 39.45 20.54 12.18
CA MET H 245 39.87 21.93 12.38
C MET H 245 38.74 22.89 12.03
N LYS H 246 38.11 22.69 10.87
CA LYS H 246 37.00 23.56 10.47
C LYS H 246 35.85 23.48 11.46
N LYS H 247 35.50 22.27 11.90
CA LYS H 247 34.41 22.12 12.84
C LYS H 247 34.71 22.84 14.15
N LEU H 248 35.94 22.70 14.66
CA LEU H 248 36.30 23.36 15.91
C LEU H 248 36.27 24.87 15.74
N LEU H 249 36.81 25.38 14.63
CA LEU H 249 36.81 26.83 14.41
C LEU H 249 35.39 27.37 14.34
N GLU H 250 34.50 26.66 13.64
CA GLU H 250 33.11 27.11 13.56
C GLU H 250 32.43 27.05 14.93
N ALA H 251 32.69 25.99 15.69
CA ALA H 251 31.98 25.80 16.95
C ALA H 251 32.42 26.79 18.03
N HIS H 252 33.73 27.00 18.16
CA HIS H 252 34.23 27.82 19.25
C HIS H 252 33.75 29.26 19.16
N GLU H 253 33.40 29.74 17.97
CA GLU H 253 33.08 31.16 17.80
C GLU H 253 31.93 31.59 18.69
N GLU H 254 30.98 30.71 18.99
CA GLU H 254 29.77 31.06 19.70
C GLU H 254 29.78 30.57 21.15
N GLN H 255 30.94 30.19 21.68
CA GLN H 255 31.07 29.76 23.06
C GLN H 255 30.13 28.59 23.38
N ASN H 256 30.39 27.47 22.70
CA ASN H 256 29.61 26.24 22.88
C ASN H 256 30.60 25.10 23.13
N VAL H 257 30.92 24.88 24.41
CA VAL H 257 31.87 23.83 24.77
C VAL H 257 31.32 22.47 24.43
N ASP H 258 29.98 22.31 24.40
CA ASP H 258 29.39 21.01 24.12
C ASP H 258 29.80 20.50 22.75
N SER H 259 29.72 21.36 21.73
CA SER H 259 30.12 20.95 20.39
C SER H 259 31.61 20.63 20.35
N TYR H 260 32.43 21.44 21.02
CA TYR H 260 33.86 21.19 21.06
C TYR H 260 34.17 19.80 21.61
N THR H 261 33.61 19.49 22.78
CA THR H 261 33.90 18.21 23.41
C THR H 261 33.31 17.06 22.60
N GLU H 262 32.13 17.24 22.01
CA GLU H 262 31.53 16.19 21.19
C GLU H 262 32.41 15.89 19.98
N SER H 263 32.90 16.93 19.31
CA SER H 263 33.78 16.71 18.16
C SER H 263 35.09 16.05 18.58
N VAL H 264 35.64 16.48 19.71
CA VAL H 264 36.89 15.88 20.19
C VAL H 264 36.69 14.40 20.47
N LYS H 265 35.60 14.05 21.14
CA LYS H 265 35.31 12.65 21.42
C LYS H 265 35.08 11.86 20.15
N GLU H 266 34.37 12.44 19.18
CA GLU H 266 34.13 11.74 17.93
C GLU H 266 35.42 11.46 17.20
N TYR H 267 36.34 12.44 17.16
CA TYR H 267 37.63 12.21 16.54
C TYR H 267 38.42 11.15 17.28
N ASP H 268 38.41 11.20 18.62
CA ASP H 268 39.16 10.23 19.41
C ASP H 268 38.61 8.81 19.20
N SER H 269 37.31 8.68 18.97
CA SER H 269 36.71 7.35 18.87
C SER H 269 37.37 6.52 17.76
N ILE H 270 37.46 7.09 16.56
CA ILE H 270 38.01 6.33 15.44
C ILE H 270 39.50 6.10 15.63
N SER H 271 40.23 7.13 16.06
CA SER H 271 41.67 7.03 16.25
C SER H 271 42.04 7.71 17.57
N ARG H 272 42.87 7.05 18.37
CA ARG H 272 43.30 7.62 19.63
C ARG H 272 44.34 8.72 19.40
N LEU H 273 44.41 9.63 20.37
CA LEU H 273 45.34 10.75 20.34
C LEU H 273 46.40 10.57 21.41
N ASP H 274 47.62 10.99 21.10
CA ASP H 274 48.73 10.85 22.05
C ASP H 274 48.67 11.97 23.08
N GLN H 275 49.69 12.00 23.95
CA GLN H 275 49.71 12.97 25.04
C GLN H 275 49.82 14.40 24.50
N TRP H 276 50.63 14.61 23.46
CA TRP H 276 50.82 15.96 22.94
C TRP H 276 49.51 16.53 22.41
N LEU H 277 48.77 15.74 21.62
CA LEU H 277 47.55 16.25 21.02
C LEU H 277 46.51 16.58 22.08
N THR H 278 46.32 15.70 23.06
CA THR H 278 45.36 15.99 24.12
C THR H 278 45.77 17.20 24.93
N THR H 279 47.07 17.34 25.21
CA THR H 279 47.54 18.51 25.96
C THR H 279 47.26 19.79 25.18
N MET H 280 47.55 19.80 23.88
CA MET H 280 47.29 21.00 23.09
C MET H 280 45.80 21.31 23.02
N LEU H 281 44.97 20.27 22.86
CA LEU H 281 43.53 20.49 22.84
C LEU H 281 43.04 21.08 24.15
N LEU H 282 43.53 20.55 25.27
CA LEU H 282 43.13 21.07 26.57
C LEU H 282 43.56 22.53 26.72
N ARG H 283 44.78 22.85 26.31
CA ARG H 283 45.25 24.23 26.41
C ARG H 283 44.38 25.15 25.57
N ILE H 284 44.08 24.75 24.34
CA ILE H 284 43.26 25.59 23.46
C ILE H 284 41.88 25.80 24.06
N LYS H 285 41.26 24.73 24.54
CA LYS H 285 39.92 24.84 25.11
C LYS H 285 39.91 25.74 26.33
N LYS H 286 40.90 25.59 27.21
CA LYS H 286 40.93 26.38 28.43
C LYS H 286 41.27 27.84 28.14
N THR H 287 42.00 28.12 27.06
CA THR H 287 42.47 29.48 26.80
C THR H 287 41.49 30.29 25.95
N ILE H 288 40.98 29.72 24.87
CA ILE H 288 40.23 30.50 23.90
C ILE H 288 38.72 30.30 24.07
N GLN H 289 38.31 29.12 24.54
CA GLN H 289 36.89 28.85 24.70
C GLN H 289 36.25 29.75 25.75
N GLY H 290 37.05 30.36 26.62
CA GLY H 290 36.52 31.25 27.63
C GLY H 290 36.12 32.61 27.08
N ASP I 215 -7.33 13.92 -49.96
CA ASP I 215 -8.27 14.27 -51.01
C ASP I 215 -9.49 14.99 -50.45
N TRP I 216 -10.18 15.71 -51.32
CA TRP I 216 -11.47 16.31 -51.00
C TRP I 216 -12.63 15.41 -51.40
N ASN I 217 -12.35 14.34 -52.16
CA ASN I 217 -13.31 13.29 -52.42
C ASN I 217 -13.03 12.14 -51.47
N PHE I 218 -14.00 11.24 -51.33
CA PHE I 218 -13.88 10.19 -50.34
C PHE I 218 -13.59 8.82 -50.93
N GLU I 219 -14.23 8.45 -52.05
CA GLU I 219 -14.10 7.09 -52.55
C GLU I 219 -12.65 6.75 -52.89
N LYS I 220 -11.84 7.69 -53.21
CA LYS I 220 -10.40 7.49 -53.50
C LYS I 220 -9.65 7.16 -52.20
N MET I 221 -10.32 7.28 -51.05
CA MET I 221 -9.70 7.05 -49.72
C MET I 221 -10.06 5.65 -49.24
N GLY I 222 -11.30 5.19 -49.44
CA GLY I 222 -11.78 3.87 -49.00
C GLY I 222 -13.23 3.93 -48.59
N ILE I 223 -13.68 5.11 -48.19
CA ILE I 223 -15.07 5.32 -47.74
C ILE I 223 -15.95 5.62 -48.96
N GLY I 224 -16.82 4.70 -49.38
CA GLY I 224 -17.71 4.89 -50.53
C GLY I 224 -19.16 4.93 -50.14
N GLY I 225 -19.99 5.78 -50.75
CA GLY I 225 -21.41 5.80 -50.44
C GLY I 225 -21.86 7.07 -49.75
N LEU I 226 -20.94 7.91 -49.28
CA LEU I 226 -21.28 9.18 -48.65
C LEU I 226 -20.27 10.22 -49.10
N ASP I 227 -20.68 11.12 -50.00
CA ASP I 227 -19.78 12.18 -50.53
C ASP I 227 -20.39 13.57 -50.32
N LYS I 228 -21.69 13.69 -50.10
CA LYS I 228 -22.25 15.00 -49.74
C LYS I 228 -21.88 15.38 -48.32
N GLU I 229 -21.89 14.41 -47.40
CA GLU I 229 -21.42 14.69 -46.05
C GLU I 229 -19.94 15.05 -46.06
N PHE I 230 -19.14 14.34 -46.85
CA PHE I 230 -17.71 14.64 -46.93
C PHE I 230 -17.44 15.97 -47.60
N SER I 231 -18.38 16.51 -48.37
CA SER I 231 -18.23 17.80 -49.01
C SER I 231 -19.02 18.90 -48.33
N ASP I 232 -19.69 18.62 -47.21
CA ASP I 232 -20.19 19.68 -46.34
C ASP I 232 -19.35 19.83 -45.08
N ILE I 233 -18.81 18.74 -44.57
CA ILE I 233 -17.97 18.84 -43.40
C ILE I 233 -16.77 19.69 -43.71
N PHE I 234 -16.27 19.62 -44.95
N PHE I 234 -16.27 19.61 -44.94
CA PHE I 234 -15.12 20.40 -45.35
CA PHE I 234 -15.12 20.41 -45.34
C PHE I 234 -15.48 21.87 -45.50
C PHE I 234 -15.49 21.88 -45.49
N ARG I 235 -16.58 22.17 -46.19
CA ARG I 235 -17.01 23.55 -46.38
C ARG I 235 -17.12 24.23 -45.03
N ARG I 236 -17.85 23.61 -44.08
CA ARG I 236 -18.07 24.30 -42.82
C ARG I 236 -16.87 24.14 -41.89
N ALA I 237 -16.56 22.91 -41.50
CA ALA I 237 -15.64 22.72 -40.38
C ALA I 237 -14.22 23.14 -40.72
N PHE I 238 -13.68 22.67 -41.85
CA PHE I 238 -12.25 22.71 -42.10
C PHE I 238 -11.88 23.59 -43.28
N ALA I 239 -12.54 24.73 -43.44
CA ALA I 239 -12.18 25.65 -44.51
C ALA I 239 -11.05 26.59 -44.13
N SER I 240 -10.65 26.61 -42.84
CA SER I 240 -9.58 27.47 -42.38
C SER I 240 -8.28 26.73 -42.09
N ARG I 241 -8.28 25.40 -42.23
CA ARG I 241 -7.05 24.62 -42.07
C ARG I 241 -6.29 24.45 -43.37
N VAL I 242 -6.85 24.89 -44.50
CA VAL I 242 -6.20 24.76 -45.80
C VAL I 242 -5.94 26.11 -46.47
N PHE I 243 -6.40 27.22 -45.88
CA PHE I 243 -6.14 28.54 -46.43
C PHE I 243 -4.75 29.00 -46.01
N PRO I 244 -4.13 29.89 -46.79
CA PRO I 244 -2.80 30.40 -46.41
C PRO I 244 -2.82 30.97 -45.00
N PRO I 245 -1.86 30.60 -44.14
CA PRO I 245 -1.92 31.06 -42.74
C PRO I 245 -1.91 32.57 -42.58
N GLU I 246 -1.27 33.31 -43.49
CA GLU I 246 -1.15 34.75 -43.31
C GLU I 246 -2.52 35.43 -43.27
N ILE I 247 -3.37 35.13 -44.25
CA ILE I 247 -4.69 35.78 -44.30
C ILE I 247 -5.56 35.29 -43.14
N VAL I 248 -5.45 34.02 -42.76
CA VAL I 248 -6.23 33.52 -41.64
C VAL I 248 -5.85 34.26 -40.36
N GLU I 249 -4.55 34.44 -40.12
CA GLU I 249 -4.11 35.21 -38.96
C GLU I 249 -4.57 36.66 -39.07
N GLN I 250 -4.59 37.21 -40.28
CA GLN I 250 -5.07 38.57 -40.47
C GLN I 250 -6.53 38.70 -40.07
N MET I 251 -7.35 37.72 -40.43
CA MET I 251 -8.77 37.77 -40.08
C MET I 251 -8.98 37.64 -38.58
N GLY I 252 -8.17 36.81 -37.93
CA GLY I 252 -8.31 36.60 -36.49
C GLY I 252 -9.47 35.69 -36.15
N CYS I 253 -9.51 34.51 -36.75
CA CYS I 253 -10.60 33.56 -36.56
C CYS I 253 -10.06 32.27 -35.97
N LYS I 254 -10.76 31.75 -34.96
N LYS I 254 -10.76 31.75 -34.97
CA LYS I 254 -10.36 30.51 -34.33
CA LYS I 254 -10.38 30.50 -34.33
C LYS I 254 -10.88 29.31 -35.13
C LYS I 254 -10.87 29.31 -35.14
N HIS I 255 -10.28 28.15 -34.86
CA HIS I 255 -10.65 26.91 -35.55
C HIS I 255 -11.80 26.22 -34.83
N VAL I 256 -12.57 25.45 -35.58
CA VAL I 256 -13.63 24.64 -34.98
C VAL I 256 -12.99 23.60 -34.06
N LYS I 257 -13.67 23.30 -32.96
CA LYS I 257 -13.08 22.49 -31.90
C LYS I 257 -13.60 21.05 -31.87
N GLY I 258 -14.73 20.76 -32.50
CA GLY I 258 -15.23 19.39 -32.51
C GLY I 258 -16.45 19.27 -33.38
N ILE I 259 -16.83 18.01 -33.61
CA ILE I 259 -18.00 17.66 -34.41
C ILE I 259 -18.68 16.45 -33.79
N LEU I 260 -19.89 16.18 -34.27
CA LEU I 260 -20.70 15.05 -33.80
C LEU I 260 -21.24 14.30 -35.01
N LEU I 261 -21.17 12.97 -34.95
CA LEU I 261 -21.65 12.11 -36.02
C LEU I 261 -22.69 11.16 -35.43
N TYR I 262 -23.86 11.09 -36.05
CA TYR I 262 -24.90 10.19 -35.56
C TYR I 262 -25.53 9.42 -36.72
N GLY I 263 -26.04 8.23 -36.41
CA GLY I 263 -26.63 7.36 -37.39
C GLY I 263 -26.73 5.93 -36.90
N PRO I 264 -27.23 5.03 -37.75
CA PRO I 264 -27.34 3.63 -37.36
C PRO I 264 -25.96 2.99 -37.19
N PRO I 265 -25.85 1.95 -36.38
CA PRO I 265 -24.54 1.32 -36.18
C PRO I 265 -24.05 0.61 -37.43
N GLY I 266 -22.73 0.56 -37.58
CA GLY I 266 -22.11 -0.18 -38.66
C GLY I 266 -22.11 0.51 -40.00
N CYS I 267 -22.39 1.82 -40.05
CA CYS I 267 -22.48 2.55 -41.30
C CYS I 267 -21.20 3.29 -41.67
N GLY I 268 -20.14 3.14 -40.89
CA GLY I 268 -18.86 3.72 -41.26
C GLY I 268 -18.60 5.10 -40.69
N LYS I 269 -18.71 5.24 -39.36
CA LYS I 269 -18.38 6.49 -38.68
C LYS I 269 -16.93 6.53 -38.23
N THR I 270 -16.44 5.43 -37.67
CA THR I 270 -15.05 5.37 -37.24
C THR I 270 -14.10 5.48 -38.42
N LEU I 271 -14.47 4.87 -39.56
CA LEU I 271 -13.66 5.03 -40.77
C LEU I 271 -13.53 6.49 -41.15
N LEU I 272 -14.65 7.21 -41.16
CA LEU I 272 -14.61 8.62 -41.53
C LEU I 272 -13.78 9.44 -40.54
N ALA I 273 -13.92 9.15 -39.25
CA ALA I 273 -13.15 9.88 -38.24
C ALA I 273 -11.66 9.65 -38.44
N ARG I 274 -11.26 8.39 -38.62
N ARG I 274 -11.25 8.38 -38.63
CA ARG I 274 -9.84 8.08 -38.82
CA ARG I 274 -9.83 8.09 -38.81
C ARG I 274 -9.31 8.72 -40.10
C ARG I 274 -9.31 8.72 -40.10
N GLN I 275 -10.10 8.71 -41.17
CA GLN I 275 -9.64 9.31 -42.42
C GLN I 275 -9.47 10.82 -42.27
N ILE I 276 -10.41 11.48 -41.59
CA ILE I 276 -10.26 12.91 -41.34
C ILE I 276 -8.99 13.18 -40.55
N GLY I 277 -8.74 12.37 -39.51
CA GLY I 277 -7.53 12.57 -38.73
C GLY I 277 -6.27 12.37 -39.54
N LYS I 278 -6.26 11.35 -40.39
CA LYS I 278 -5.07 11.03 -41.18
C LYS I 278 -4.80 12.08 -42.25
N MET I 279 -5.83 12.67 -42.85
CA MET I 279 -5.73 13.67 -43.94
C MET I 279 -5.07 14.97 -43.50
N LEU I 280 -5.30 15.42 -42.27
CA LEU I 280 -4.76 16.69 -41.78
C LEU I 280 -3.35 16.56 -41.20
N ASN I 281 -2.66 15.44 -41.45
CA ASN I 281 -1.31 15.23 -40.94
C ASN I 281 -1.26 15.36 -39.43
N ALA I 282 -2.27 14.80 -38.77
CA ALA I 282 -2.32 14.79 -37.31
C ALA I 282 -1.63 13.54 -36.77
N ARG I 283 -1.36 13.56 -35.46
CA ARG I 283 -0.74 12.42 -34.82
C ARG I 283 -1.74 11.29 -34.67
N GLU I 284 -1.26 10.15 -34.20
CA GLU I 284 -2.12 8.98 -34.07
C GLU I 284 -3.28 9.30 -33.13
N PRO I 285 -4.53 9.12 -33.55
CA PRO I 285 -5.66 9.47 -32.68
C PRO I 285 -5.78 8.52 -31.50
N LYS I 286 -6.39 9.03 -30.43
CA LYS I 286 -6.73 8.24 -29.26
C LYS I 286 -8.21 7.87 -29.34
N VAL I 287 -8.49 6.57 -29.42
CA VAL I 287 -9.86 6.07 -29.51
C VAL I 287 -10.29 5.59 -28.13
N VAL I 288 -11.48 6.01 -27.71
CA VAL I 288 -11.98 5.71 -26.38
C VAL I 288 -13.40 5.13 -26.51
N ASN I 289 -13.81 4.40 -25.48
CA ASN I 289 -15.14 3.83 -25.40
C ASN I 289 -15.83 4.33 -24.13
N GLY I 290 -17.07 4.78 -24.27
CA GLY I 290 -17.77 5.39 -23.17
C GLY I 290 -17.97 4.49 -21.97
N PRO I 291 -18.56 3.31 -22.19
CA PRO I 291 -18.85 2.41 -21.06
C PRO I 291 -17.61 1.93 -20.33
N GLU I 292 -16.43 1.96 -20.96
CA GLU I 292 -15.21 1.45 -20.34
C GLU I 292 -14.49 2.47 -19.48
N ILE I 293 -14.99 3.71 -19.41
CA ILE I 293 -14.37 4.72 -18.57
C ILE I 293 -14.87 4.65 -17.13
N LEU I 294 -16.11 4.19 -16.92
CA LEU I 294 -16.72 4.23 -15.60
C LEU I 294 -15.97 3.32 -14.63
N ASN I 295 -15.98 3.72 -13.36
CA ASN I 295 -15.31 2.97 -12.30
C ASN I 295 -16.07 3.20 -11.00
N LYS I 296 -15.83 2.34 -10.02
CA LYS I 296 -16.58 2.36 -8.77
C LYS I 296 -15.80 2.96 -7.60
N TYR I 297 -14.63 3.54 -7.85
CA TYR I 297 -13.94 4.31 -6.82
C TYR I 297 -14.14 5.80 -7.06
N VAL I 298 -13.98 6.58 -5.99
CA VAL I 298 -14.13 8.03 -6.09
C VAL I 298 -12.96 8.61 -6.85
N GLY I 299 -13.25 9.45 -7.84
CA GLY I 299 -12.20 10.16 -8.55
C GLY I 299 -11.43 9.34 -9.55
N GLU I 300 -11.99 8.24 -10.05
CA GLU I 300 -11.31 7.41 -11.05
C GLU I 300 -11.80 7.67 -12.46
N SER I 301 -13.11 7.80 -12.67
CA SER I 301 -13.61 8.15 -14.00
C SER I 301 -13.12 9.52 -14.43
N GLU I 302 -13.12 10.48 -13.49
CA GLU I 302 -12.63 11.81 -13.80
C GLU I 302 -11.16 11.78 -14.19
N ALA I 303 -10.35 10.94 -13.51
CA ALA I 303 -8.95 10.82 -13.87
C ALA I 303 -8.79 10.27 -15.28
N ASN I 304 -9.60 9.28 -15.65
CA ASN I 304 -9.53 8.73 -16.99
C ASN I 304 -9.90 9.77 -18.04
N ILE I 305 -10.93 10.58 -17.76
CA ILE I 305 -11.31 11.64 -18.69
C ILE I 305 -10.19 12.68 -18.79
N ARG I 306 -9.53 12.96 -17.67
CA ARG I 306 -8.53 14.02 -17.62
C ARG I 306 -7.22 13.61 -18.27
N LYS I 307 -6.90 12.31 -18.28
CA LYS I 307 -5.60 11.85 -18.74
C LYS I 307 -5.42 11.97 -20.25
N LEU I 308 -6.48 12.25 -21.01
CA LEU I 308 -6.39 12.26 -22.47
C LEU I 308 -5.84 13.57 -23.03
N PHE I 309 -5.77 14.63 -22.25
CA PHE I 309 -5.35 15.94 -22.74
C PHE I 309 -3.93 16.31 -22.32
N ALA I 310 -3.23 15.42 -21.59
CA ALA I 310 -1.93 15.77 -21.03
C ALA I 310 -0.90 16.02 -22.13
N ASP I 311 -0.88 15.18 -23.17
CA ASP I 311 0.11 15.34 -24.23
C ASP I 311 -0.08 16.67 -24.94
N ALA I 312 -1.32 17.01 -25.28
CA ALA I 312 -1.58 18.29 -25.94
C ALA I 312 -1.20 19.45 -25.03
N GLU I 313 -1.54 19.37 -23.75
CA GLU I 313 -1.21 20.44 -22.84
C GLU I 313 0.29 20.67 -22.79
N GLU I 314 1.06 19.59 -22.60
CA GLU I 314 2.51 19.74 -22.49
C GLU I 314 3.12 20.24 -23.79
N GLU I 315 2.66 19.73 -24.92
CA GLU I 315 3.21 20.17 -26.20
C GLU I 315 2.95 21.65 -26.44
N GLN I 316 1.74 22.12 -26.09
CA GLN I 316 1.47 23.55 -26.27
C GLN I 316 2.30 24.38 -25.30
N ARG I 317 2.42 23.95 -24.04
CA ARG I 317 3.23 24.69 -23.09
C ARG I 317 4.68 24.78 -23.55
N ARG I 318 5.17 23.76 -24.26
CA ARG I 318 6.55 23.78 -24.72
C ARG I 318 6.71 24.61 -25.99
N LEU I 319 6.04 24.21 -27.07
CA LEU I 319 6.27 24.80 -28.39
C LEU I 319 5.37 25.98 -28.70
N GLY I 320 4.50 26.37 -27.77
CA GLY I 320 3.67 27.54 -28.02
C GLY I 320 2.73 27.34 -29.18
N ALA I 321 2.81 28.23 -30.17
CA ALA I 321 1.86 28.27 -31.28
C ALA I 321 2.36 27.54 -32.53
N ASN I 322 3.45 26.77 -32.42
CA ASN I 322 4.00 26.02 -33.54
C ASN I 322 3.92 24.52 -33.29
N SER I 323 2.91 24.07 -32.57
CA SER I 323 2.76 22.67 -32.22
C SER I 323 1.99 21.92 -33.31
N GLY I 324 1.86 20.61 -33.14
CA GLY I 324 1.12 19.78 -34.06
C GLY I 324 -0.37 19.81 -33.75
N LEU I 325 -1.08 18.80 -34.28
CA LEU I 325 -2.51 18.66 -34.09
C LEU I 325 -2.80 17.32 -33.45
N HIS I 326 -3.55 17.35 -32.35
CA HIS I 326 -3.92 16.15 -31.60
C HIS I 326 -5.41 15.90 -31.75
N ILE I 327 -5.78 14.62 -31.84
CA ILE I 327 -7.16 14.23 -32.10
C ILE I 327 -7.61 13.22 -31.05
N ILE I 328 -8.82 13.39 -30.55
CA ILE I 328 -9.43 12.50 -29.57
C ILE I 328 -10.77 12.04 -30.13
N ILE I 329 -11.03 10.74 -30.09
CA ILE I 329 -12.25 10.15 -30.63
C ILE I 329 -13.01 9.50 -29.49
N PHE I 330 -14.26 9.90 -29.31
CA PHE I 330 -15.14 9.35 -28.30
C PHE I 330 -16.21 8.51 -28.98
N ASP I 331 -16.29 7.24 -28.58
CA ASP I 331 -17.28 6.30 -29.11
C ASP I 331 -18.35 6.03 -28.06
N GLU I 332 -19.61 6.06 -28.48
CA GLU I 332 -20.74 5.91 -27.57
C GLU I 332 -20.70 6.98 -26.48
N ILE I 333 -20.57 8.24 -26.92
CA ILE I 333 -20.42 9.34 -25.98
C ILE I 333 -21.64 9.48 -25.09
N ASP I 334 -22.83 9.17 -25.61
CA ASP I 334 -24.08 9.40 -24.89
C ASP I 334 -24.16 8.61 -23.59
N ALA I 335 -23.18 7.78 -23.27
CA ALA I 335 -23.19 7.03 -22.01
C ALA I 335 -22.49 7.74 -20.88
N ILE I 336 -21.79 8.85 -21.15
CA ILE I 336 -21.07 9.57 -20.10
C ILE I 336 -21.38 11.06 -20.16
N CYS I 337 -22.44 11.44 -20.89
CA CYS I 337 -22.89 12.83 -20.90
C CYS I 337 -24.40 12.82 -21.06
N LYS I 338 -25.11 12.90 -19.93
CA LYS I 338 -26.57 13.00 -19.91
C LYS I 338 -26.97 14.28 -19.19
N GLN I 339 -28.19 14.73 -19.47
CA GLN I 339 -28.66 15.99 -18.92
C GLN I 339 -28.54 16.00 -17.40
N ARG I 340 -27.96 17.06 -16.86
CA ARG I 340 -27.76 17.18 -15.42
C ARG I 340 -29.04 17.64 -14.75
N GLY I 341 -29.36 17.04 -13.60
CA GLY I 341 -30.51 17.45 -12.84
C GLY I 341 -30.28 18.74 -12.08
N SER I 342 -31.38 19.37 -11.67
CA SER I 342 -31.32 20.63 -10.94
C SER I 342 -32.27 20.61 -9.74
N MET I 343 -32.44 19.46 -9.11
CA MET I 343 -33.31 19.31 -7.95
C MET I 343 -32.55 18.60 -6.85
N ALA I 344 -32.60 19.15 -5.64
CA ALA I 344 -31.84 18.60 -4.53
C ALA I 344 -32.26 17.16 -4.26
N GLY I 345 -31.32 16.23 -4.42
CA GLY I 345 -31.53 14.83 -4.14
C GLY I 345 -31.84 14.00 -5.37
N SER I 346 -32.38 14.62 -6.42
CA SER I 346 -32.67 13.91 -7.67
C SER I 346 -31.48 13.84 -8.61
N THR I 347 -30.35 14.45 -8.25
CA THR I 347 -29.18 14.43 -9.11
C THR I 347 -28.71 12.99 -9.33
N GLY I 348 -28.27 12.70 -10.55
CA GLY I 348 -27.81 11.37 -10.89
C GLY I 348 -26.50 11.02 -10.21
N VAL I 349 -25.79 10.04 -10.76
CA VAL I 349 -24.53 9.59 -10.19
C VAL I 349 -23.33 9.94 -11.05
N HIS I 350 -23.53 10.32 -12.31
CA HIS I 350 -22.44 10.63 -13.23
C HIS I 350 -22.46 12.11 -13.63
N ASP I 351 -22.79 12.99 -12.69
CA ASP I 351 -22.74 14.42 -12.97
C ASP I 351 -21.31 14.95 -12.97
N THR I 352 -20.47 14.40 -12.09
CA THR I 352 -19.09 14.86 -12.00
C THR I 352 -18.32 14.57 -13.29
N VAL I 353 -18.64 13.46 -13.96
CA VAL I 353 -17.98 13.16 -15.22
C VAL I 353 -18.31 14.22 -16.26
N VAL I 354 -19.58 14.61 -16.35
CA VAL I 354 -19.98 15.64 -17.30
C VAL I 354 -19.30 16.96 -16.95
N ASN I 355 -19.26 17.30 -15.66
CA ASN I 355 -18.61 18.54 -15.26
C ASN I 355 -17.13 18.54 -15.65
N GLN I 356 -16.45 17.42 -15.42
CA GLN I 356 -15.04 17.33 -15.77
C GLN I 356 -14.83 17.47 -17.28
N LEU I 357 -15.67 16.80 -18.07
CA LEU I 357 -15.53 16.89 -19.53
C LEU I 357 -15.76 18.32 -20.00
N LEU I 358 -16.79 18.98 -19.47
CA LEU I 358 -17.05 20.37 -19.85
C LEU I 358 -15.88 21.27 -19.47
N SER I 359 -15.31 21.07 -18.29
CA SER I 359 -14.19 21.89 -17.86
C SER I 359 -12.97 21.67 -18.74
N LYS I 360 -12.74 20.42 -19.16
CA LYS I 360 -11.54 20.12 -19.95
C LYS I 360 -11.66 20.64 -21.37
N ILE I 361 -12.82 20.49 -22.01
CA ILE I 361 -12.93 20.86 -23.42
C ILE I 361 -12.72 22.35 -23.59
N ASP I 362 -13.34 23.17 -22.75
CA ASP I 362 -13.25 24.63 -22.86
C ASP I 362 -13.19 25.22 -21.46
N GLY I 363 -12.00 25.63 -21.04
CA GLY I 363 -11.81 26.16 -19.70
C GLY I 363 -11.02 27.46 -19.67
N VAL I 364 -10.53 27.82 -18.48
CA VAL I 364 -9.78 29.07 -18.33
C VAL I 364 -8.50 29.04 -19.16
N GLU I 365 -7.77 27.92 -19.11
CA GLU I 365 -6.55 27.76 -19.88
C GLU I 365 -6.91 27.21 -21.25
N GLN I 366 -6.52 27.93 -22.30
CA GLN I 366 -6.97 27.65 -23.65
C GLN I 366 -6.02 26.68 -24.36
N LEU I 367 -6.58 25.65 -24.97
CA LEU I 367 -5.85 24.77 -25.88
C LEU I 367 -6.33 25.06 -27.30
N ASN I 368 -5.37 25.26 -28.21
N ASN I 368 -5.37 25.25 -28.21
CA ASN I 368 -5.66 25.60 -29.60
CA ASN I 368 -5.69 25.58 -29.60
C ASN I 368 -5.05 24.60 -30.58
C ASN I 368 -5.00 24.62 -30.56
N ASN I 369 -4.75 23.38 -30.12
CA ASN I 369 -4.18 22.34 -30.96
C ASN I 369 -4.89 21.03 -30.74
N ILE I 370 -6.21 21.08 -30.59
CA ILE I 370 -7.01 19.92 -30.20
C ILE I 370 -8.25 19.86 -31.07
N LEU I 371 -8.65 18.63 -31.43
CA LEU I 371 -9.88 18.38 -32.17
C LEU I 371 -10.55 17.16 -31.57
N VAL I 372 -11.83 17.28 -31.24
CA VAL I 372 -12.59 16.24 -30.56
C VAL I 372 -13.70 15.76 -31.48
N ILE I 373 -13.86 14.45 -31.59
CA ILE I 373 -14.90 13.83 -32.40
C ILE I 373 -15.72 12.90 -31.52
N GLY I 374 -17.03 13.01 -31.61
CA GLY I 374 -17.92 12.14 -30.84
C GLY I 374 -18.91 11.46 -31.75
N MET I 375 -19.23 10.21 -31.42
CA MET I 375 -20.12 9.38 -32.21
C MET I 375 -21.18 8.78 -31.30
N THR I 376 -22.42 8.74 -31.79
CA THR I 376 -23.53 8.27 -30.98
C THR I 376 -24.67 7.87 -31.91
N ASN I 377 -25.68 7.24 -31.32
CA ASN I 377 -26.88 6.83 -32.03
C ASN I 377 -28.14 7.43 -31.45
N ARG I 378 -28.07 8.07 -30.29
CA ARG I 378 -29.22 8.67 -29.63
C ARG I 378 -28.87 10.12 -29.31
N PRO I 379 -28.97 11.02 -30.30
CA PRO I 379 -28.51 12.40 -30.09
C PRO I 379 -29.39 13.22 -29.16
N ASP I 380 -30.52 12.71 -28.70
CA ASP I 380 -31.51 13.48 -27.92
C ASP I 380 -31.32 13.25 -26.43
N LEU I 381 -30.33 12.47 -26.02
CA LEU I 381 -30.03 12.25 -24.61
C LEU I 381 -28.78 12.99 -24.15
N ILE I 382 -28.28 13.93 -24.94
CA ILE I 382 -27.01 14.60 -24.67
C ILE I 382 -27.28 15.94 -24.03
N ASP I 383 -26.35 16.37 -23.18
CA ASP I 383 -26.49 17.65 -22.49
C ASP I 383 -26.56 18.80 -23.49
N GLU I 384 -27.34 19.82 -23.14
CA GLU I 384 -27.54 20.97 -24.01
C GLU I 384 -26.47 22.04 -23.84
N ALA I 385 -25.52 21.84 -22.94
CA ALA I 385 -24.37 22.73 -22.79
C ALA I 385 -23.12 22.18 -23.45
N LEU I 386 -23.18 20.97 -24.02
CA LEU I 386 -22.07 20.36 -24.73
C LEU I 386 -22.14 20.58 -26.23
N LEU I 387 -23.23 21.13 -26.74
CA LEU I 387 -23.44 21.32 -28.17
C LEU I 387 -23.45 22.79 -28.58
N ARG I 388 -23.07 23.69 -27.68
CA ARG I 388 -23.12 25.12 -27.98
C ARG I 388 -21.98 25.51 -28.90
N PRO I 389 -22.11 26.66 -29.59
CA PRO I 389 -21.12 27.02 -30.62
C PRO I 389 -19.66 26.97 -30.18
N GLY I 390 -19.41 26.89 -28.88
CA GLY I 390 -18.04 26.80 -28.41
C GLY I 390 -17.52 25.37 -28.32
N ARG I 391 -18.44 24.40 -28.33
CA ARG I 391 -18.08 23.00 -28.24
C ARG I 391 -18.92 22.19 -29.20
N LEU I 392 -18.29 21.26 -29.91
CA LEU I 392 -18.99 20.26 -30.72
C LEU I 392 -20.16 20.89 -31.47
N GLU I 393 -19.86 21.92 -32.25
CA GLU I 393 -20.87 22.79 -32.83
C GLU I 393 -21.30 22.41 -34.24
N VAL I 394 -20.79 21.30 -34.78
CA VAL I 394 -21.17 20.82 -36.10
C VAL I 394 -21.68 19.40 -35.96
N LYS I 395 -22.77 19.08 -36.64
CA LYS I 395 -23.44 17.79 -36.51
C LYS I 395 -23.73 17.21 -37.88
N MET I 396 -23.51 15.90 -38.02
CA MET I 396 -23.71 15.22 -39.30
C MET I 396 -24.41 13.89 -39.07
N GLU I 397 -25.13 13.45 -40.10
CA GLU I 397 -25.89 12.22 -40.08
C GLU I 397 -25.34 11.26 -41.13
N ILE I 398 -25.07 10.03 -40.71
CA ILE I 398 -24.64 8.96 -41.60
C ILE I 398 -25.72 7.89 -41.58
N GLY I 399 -26.38 7.69 -42.73
CA GLY I 399 -27.50 6.80 -42.84
C GLY I 399 -27.21 5.60 -43.73
N LEU I 400 -28.24 4.78 -43.91
CA LEU I 400 -28.11 3.60 -44.76
C LEU I 400 -27.82 4.03 -46.20
N PRO I 401 -26.95 3.32 -46.91
CA PRO I 401 -26.66 3.70 -48.29
C PRO I 401 -27.76 3.26 -49.24
N ASP I 402 -27.76 3.89 -50.42
CA ASP I 402 -28.66 3.52 -51.49
C ASP I 402 -27.90 2.64 -52.50
N GLU I 403 -28.51 2.38 -53.65
CA GLU I 403 -27.94 1.41 -54.58
C GLU I 403 -26.54 1.80 -55.00
N LYS I 404 -26.32 3.08 -55.30
CA LYS I 404 -24.99 3.52 -55.71
C LYS I 404 -23.95 3.27 -54.62
N GLY I 405 -24.30 3.57 -53.36
CA GLY I 405 -23.38 3.32 -52.27
C GLY I 405 -23.05 1.86 -52.11
N ARG I 406 -24.06 0.99 -52.23
CA ARG I 406 -23.81 -0.44 -52.14
C ARG I 406 -22.90 -0.92 -53.26
N LEU I 407 -23.12 -0.42 -54.47
CA LEU I 407 -22.25 -0.78 -55.60
C LEU I 407 -20.82 -0.32 -55.34
N GLN I 408 -20.65 0.90 -54.82
CA GLN I 408 -19.30 1.40 -54.54
C GLN I 408 -18.61 0.57 -53.48
N ILE I 409 -19.34 0.17 -52.43
CA ILE I 409 -18.75 -0.64 -51.37
C ILE I 409 -18.34 -2.01 -51.92
N LEU I 410 -19.20 -2.61 -52.76
CA LEU I 410 -18.84 -3.89 -53.35
C LEU I 410 -17.60 -3.77 -54.24
N HIS I 411 -17.51 -2.68 -55.02
CA HIS I 411 -16.30 -2.41 -55.77
C HIS I 411 -15.08 -2.39 -54.87
N ILE I 412 -15.17 -1.60 -53.79
CA ILE I 412 -14.04 -1.44 -52.89
C ILE I 412 -13.60 -2.78 -52.33
N HIS I 413 -14.55 -3.63 -51.96
CA HIS I 413 -14.22 -4.87 -51.26
C HIS I 413 -13.99 -6.05 -52.18
N THR I 414 -14.20 -5.90 -53.49
CA THR I 414 -13.84 -6.94 -54.45
C THR I 414 -12.70 -6.54 -55.38
N ALA I 415 -12.18 -5.32 -55.25
CA ALA I 415 -11.08 -4.89 -56.11
C ALA I 415 -9.87 -5.82 -56.00
N ARG I 416 -9.55 -6.28 -54.79
CA ARG I 416 -8.36 -7.12 -54.61
C ARG I 416 -8.52 -8.45 -55.34
N MET I 417 -9.65 -9.12 -55.15
CA MET I 417 -9.88 -10.39 -55.83
C MET I 417 -9.90 -10.20 -57.33
N ARG I 418 -10.47 -9.09 -57.80
CA ARG I 418 -10.42 -8.82 -59.24
C ARG I 418 -8.98 -8.66 -59.71
N GLY I 419 -8.16 -7.97 -58.93
CA GLY I 419 -6.77 -7.76 -59.33
C GLY I 419 -5.99 -9.05 -59.42
N HIS I 420 -6.19 -9.96 -58.47
CA HIS I 420 -5.47 -11.23 -58.48
C HIS I 420 -6.11 -12.27 -59.39
N GLN I 421 -7.22 -11.94 -60.05
CA GLN I 421 -7.86 -12.85 -61.01
C GLN I 421 -8.43 -14.09 -60.32
N LEU I 422 -9.24 -13.85 -59.28
CA LEU I 422 -10.00 -14.90 -58.63
C LEU I 422 -11.51 -14.68 -58.75
N LEU I 423 -11.93 -13.65 -59.48
CA LEU I 423 -13.35 -13.34 -59.67
C LEU I 423 -13.78 -13.85 -61.04
N SER I 424 -14.74 -14.77 -61.06
CA SER I 424 -15.20 -15.35 -62.31
C SER I 424 -15.92 -14.31 -63.15
N ALA I 425 -16.09 -14.65 -64.44
CA ALA I 425 -16.78 -13.76 -65.37
C ALA I 425 -18.30 -13.81 -65.24
N ASP I 426 -18.83 -14.82 -64.55
CA ASP I 426 -20.27 -14.93 -64.33
C ASP I 426 -20.75 -14.18 -63.10
N VAL I 427 -19.84 -13.55 -62.36
CA VAL I 427 -20.20 -12.78 -61.18
C VAL I 427 -20.46 -11.34 -61.59
N ASP I 428 -21.67 -10.85 -61.31
CA ASP I 428 -22.07 -9.51 -61.68
C ASP I 428 -22.42 -8.74 -60.40
N ILE I 429 -21.56 -7.81 -60.02
CA ILE I 429 -21.80 -7.01 -58.82
C ILE I 429 -22.99 -6.08 -59.02
N LYS I 430 -23.20 -5.60 -60.24
N LYS I 430 -23.21 -5.62 -60.25
CA LYS I 430 -24.32 -4.72 -60.50
CA LYS I 430 -24.34 -4.74 -60.51
C LYS I 430 -25.66 -5.41 -60.23
C LYS I 430 -25.67 -5.42 -60.19
N GLU I 431 -25.69 -6.74 -60.25
N GLU I 431 -25.72 -6.75 -60.26
CA GLU I 431 -26.88 -7.48 -59.89
CA GLU I 431 -26.91 -7.48 -59.87
C GLU I 431 -26.91 -7.86 -58.41
C GLU I 431 -26.92 -7.85 -58.39
N LEU I 432 -25.75 -7.86 -57.74
CA LEU I 432 -25.72 -8.06 -56.30
C LEU I 432 -26.17 -6.80 -55.55
N ALA I 433 -25.89 -5.62 -56.13
CA ALA I 433 -26.33 -4.39 -55.50
C ALA I 433 -27.85 -4.32 -55.40
N VAL I 434 -28.55 -4.86 -56.40
CA VAL I 434 -30.02 -4.83 -56.39
C VAL I 434 -30.55 -5.77 -55.32
N GLU I 435 -29.96 -6.96 -55.19
CA GLU I 435 -30.49 -7.98 -54.31
C GLU I 435 -30.31 -7.64 -52.82
N THR I 436 -29.46 -6.67 -52.49
CA THR I 436 -29.28 -6.24 -51.11
C THR I 436 -30.00 -4.90 -50.96
N LYS I 437 -31.13 -4.91 -50.27
N LYS I 437 -31.13 -4.91 -50.26
CA LYS I 437 -32.02 -3.74 -50.24
CA LYS I 437 -32.04 -3.77 -50.23
C LYS I 437 -31.79 -2.86 -49.02
C LYS I 437 -31.83 -2.87 -49.02
N ASN I 438 -31.48 -3.43 -47.86
CA ASN I 438 -31.29 -2.64 -46.65
C ASN I 438 -30.03 -3.10 -45.92
N PHE I 439 -28.95 -3.31 -46.66
CA PHE I 439 -27.67 -3.71 -46.08
C PHE I 439 -26.84 -2.49 -45.71
N SER I 440 -25.82 -2.74 -44.90
CA SER I 440 -24.81 -1.75 -44.54
C SER I 440 -23.44 -2.29 -44.90
N GLY I 441 -22.43 -1.43 -44.77
CA GLY I 441 -21.09 -1.83 -45.19
C GLY I 441 -20.60 -3.07 -44.47
N ALA I 442 -20.82 -3.15 -43.17
CA ALA I 442 -20.38 -4.32 -42.40
C ALA I 442 -21.03 -5.59 -42.93
N GLU I 443 -22.33 -5.52 -43.24
CA GLU I 443 -23.02 -6.71 -43.74
C GLU I 443 -22.51 -7.12 -45.11
N LEU I 444 -22.17 -6.15 -45.96
CA LEU I 444 -21.61 -6.48 -47.27
C LEU I 444 -20.25 -7.15 -47.13
N GLU I 445 -19.40 -6.63 -46.24
CA GLU I 445 -18.10 -7.26 -46.02
C GLU I 445 -18.27 -8.67 -45.47
N GLY I 446 -19.19 -8.86 -44.53
CA GLY I 446 -19.47 -10.19 -44.03
C GLY I 446 -19.97 -11.12 -45.11
N LEU I 447 -20.80 -10.61 -46.02
CA LEU I 447 -21.26 -11.40 -47.14
C LEU I 447 -20.10 -11.86 -48.02
N VAL I 448 -19.16 -10.95 -48.31
CA VAL I 448 -18.01 -11.32 -49.12
C VAL I 448 -17.18 -12.38 -48.42
N ARG I 449 -16.94 -12.21 -47.12
N ARG I 449 -16.93 -12.20 -47.11
CA ARG I 449 -16.15 -13.18 -46.38
CA ARG I 449 -16.15 -13.18 -46.37
C ARG I 449 -16.83 -14.54 -46.35
C ARG I 449 -16.83 -14.54 -46.35
N ALA I 450 -18.14 -14.56 -46.14
CA ALA I 450 -18.87 -15.83 -46.12
C ALA I 450 -18.84 -16.50 -47.49
N ALA I 451 -18.94 -15.71 -48.56
CA ALA I 451 -18.84 -16.29 -49.90
C ALA I 451 -17.47 -16.93 -50.12
N GLN I 452 -16.40 -16.25 -49.69
CA GLN I 452 -15.07 -16.84 -49.80
C GLN I 452 -14.99 -18.14 -49.02
N SER I 453 -15.50 -18.14 -47.79
CA SER I 453 -15.46 -19.35 -46.96
C SER I 453 -16.23 -20.50 -47.63
N THR I 454 -17.39 -20.20 -48.21
CA THR I 454 -18.17 -21.23 -48.88
C THR I 454 -17.43 -21.77 -50.10
N ALA I 455 -16.79 -20.89 -50.87
CA ALA I 455 -16.04 -21.37 -52.03
C ALA I 455 -14.91 -22.31 -51.61
N MET I 456 -14.18 -21.95 -50.55
CA MET I 456 -13.18 -22.87 -50.02
C MET I 456 -13.82 -24.19 -49.63
N ASN I 457 -14.74 -24.16 -48.67
CA ASN I 457 -15.32 -25.42 -48.19
C ASN I 457 -15.96 -26.23 -49.30
N ARG I 458 -16.26 -25.63 -50.46
CA ARG I 458 -16.73 -26.41 -51.60
C ARG I 458 -15.56 -27.12 -52.28
N HIS I 459 -14.61 -26.34 -52.81
CA HIS I 459 -13.52 -26.93 -53.58
C HIS I 459 -12.67 -27.88 -52.74
N ILE I 460 -12.18 -27.40 -51.59
CA ILE I 460 -11.20 -28.16 -50.83
C ILE I 460 -11.71 -29.52 -50.39
N LYS I 461 -12.99 -29.80 -50.59
CA LYS I 461 -13.57 -31.12 -50.38
C LYS I 461 -13.97 -31.81 -51.68
N ALA I 462 -14.53 -31.08 -52.64
CA ALA I 462 -14.92 -31.71 -53.91
C ALA I 462 -13.70 -32.27 -54.63
N SER I 463 -12.60 -31.52 -54.64
CA SER I 463 -11.40 -32.01 -55.31
C SER I 463 -10.88 -33.29 -54.65
N THR I 464 -10.86 -33.31 -53.31
CA THR I 464 -10.40 -34.51 -52.62
C THR I 464 -11.31 -35.70 -52.87
N LYS I 465 -12.62 -35.47 -52.92
CA LYS I 465 -13.55 -36.56 -53.17
C LYS I 465 -13.28 -37.21 -54.52
N VAL I 466 -13.04 -36.41 -55.55
CA VAL I 466 -12.78 -36.92 -56.88
C VAL I 466 -11.30 -37.22 -57.06
N LYS I 472 -5.34 -27.67 -61.77
CA LYS I 472 -6.59 -27.21 -62.37
C LYS I 472 -7.60 -26.87 -61.28
N ALA I 473 -7.71 -27.75 -60.27
CA ALA I 473 -8.63 -27.49 -59.16
C ALA I 473 -8.14 -26.31 -58.32
N GLU I 474 -6.83 -26.15 -58.16
CA GLU I 474 -6.29 -25.08 -57.34
C GLU I 474 -6.69 -23.70 -57.84
N SER I 475 -7.39 -23.61 -58.97
CA SER I 475 -7.87 -22.31 -59.42
C SER I 475 -8.65 -21.60 -58.32
N LEU I 476 -9.46 -22.34 -57.57
CA LEU I 476 -10.23 -21.78 -56.46
C LEU I 476 -11.00 -20.55 -56.93
N GLN I 477 -11.94 -20.78 -57.83
CA GLN I 477 -12.73 -19.70 -58.42
C GLN I 477 -13.94 -19.43 -57.54
N VAL I 478 -14.01 -18.23 -56.98
CA VAL I 478 -15.19 -17.79 -56.22
C VAL I 478 -16.25 -17.38 -57.24
N THR I 479 -17.32 -18.17 -57.33
CA THR I 479 -18.32 -18.03 -58.38
C THR I 479 -19.63 -17.48 -57.79
N ARG I 480 -20.58 -17.21 -58.68
CA ARG I 480 -21.87 -16.65 -58.31
C ARG I 480 -22.68 -17.57 -57.41
N GLY I 481 -22.51 -18.89 -57.54
CA GLY I 481 -23.25 -19.80 -56.69
C GLY I 481 -22.90 -19.62 -55.22
N ASP I 482 -21.61 -19.40 -54.92
CA ASP I 482 -21.21 -19.16 -53.55
C ASP I 482 -21.86 -17.90 -53.00
N PHE I 483 -21.88 -16.82 -53.79
CA PHE I 483 -22.51 -15.59 -53.34
C PHE I 483 -23.99 -15.80 -53.07
N LEU I 484 -24.69 -16.47 -53.99
CA LEU I 484 -26.12 -16.69 -53.80
C LEU I 484 -26.39 -17.54 -52.56
N ALA I 485 -25.64 -18.63 -52.39
CA ALA I 485 -25.86 -19.50 -51.24
C ALA I 485 -25.59 -18.77 -49.94
N SER I 486 -24.50 -18.00 -49.88
CA SER I 486 -24.19 -17.26 -48.66
C SER I 486 -25.24 -16.21 -48.36
N LEU I 487 -25.80 -15.53 -49.37
CA LEU I 487 -26.84 -14.49 -49.17
C LEU I 487 -28.07 -15.15 -48.59
N GLU I 488 -28.48 -16.33 -49.07
CA GLU I 488 -29.72 -16.95 -48.63
C GLU I 488 -29.61 -17.50 -47.21
N ASN I 489 -28.47 -18.12 -46.87
CA ASN I 489 -28.38 -18.94 -45.67
C ASN I 489 -27.48 -18.38 -44.58
N ASP I 490 -26.74 -17.31 -44.83
CA ASP I 490 -25.72 -16.84 -43.89
C ASP I 490 -26.02 -15.48 -43.29
N ILE I 491 -26.26 -14.50 -44.17
CA ILE I 491 -26.33 -13.13 -43.69
C ILE I 491 -27.77 -12.76 -43.37
N LYS I 492 -27.99 -12.24 -42.17
N LYS I 492 -27.99 -12.24 -42.17
CA LYS I 492 -29.31 -11.82 -41.70
CA LYS I 492 -29.31 -11.83 -41.72
C LYS I 492 -29.31 -10.33 -41.40
C LYS I 492 -29.30 -10.33 -41.41
N PRO I 493 -29.81 -9.49 -42.30
CA PRO I 493 -29.80 -8.04 -42.03
C PRO I 493 -30.59 -7.67 -40.79
N ALA I 494 -30.26 -6.49 -40.24
CA ALA I 494 -30.93 -5.97 -39.06
C ALA I 494 -32.03 -4.98 -39.38
N PHE I 495 -31.92 -4.26 -40.50
CA PHE I 495 -32.94 -3.33 -40.94
C PHE I 495 -33.70 -3.85 -42.18
N GLY I 496 -33.66 -5.15 -42.42
CA GLY I 496 -34.31 -5.73 -43.57
C GLY I 496 -35.44 -6.67 -43.20
N THR I 497 -35.81 -7.56 -44.12
CA THR I 497 -36.89 -8.50 -43.92
C THR I 497 -36.34 -9.89 -43.61
N ASN I 498 -37.10 -10.65 -42.84
CA ASN I 498 -36.71 -12.00 -42.42
C ASN I 498 -37.82 -12.97 -42.78
N GLN I 499 -37.43 -14.13 -43.31
CA GLN I 499 -38.40 -15.09 -43.85
C GLN I 499 -38.82 -16.14 -42.83
N GLU I 500 -37.99 -16.44 -41.83
CA GLU I 500 -38.36 -17.47 -40.86
C GLU I 500 -39.62 -17.09 -40.10
N ASP I 501 -39.85 -15.80 -39.88
CA ASP I 501 -41.05 -15.37 -39.17
C ASP I 501 -42.30 -15.79 -39.94
N TYR I 502 -42.30 -15.60 -41.26
CA TYR I 502 -43.47 -15.97 -42.05
C TYR I 502 -43.78 -17.45 -41.91
N ALA I 503 -42.75 -18.29 -41.92
CA ALA I 503 -42.98 -19.72 -41.73
C ALA I 503 -43.47 -20.01 -40.32
N SER I 504 -42.98 -19.26 -39.33
CA SER I 504 -43.38 -19.50 -37.95
C SER I 504 -44.82 -19.09 -37.68
N TYR I 505 -45.34 -18.12 -38.44
CA TYR I 505 -46.70 -17.62 -38.22
C TYR I 505 -47.71 -18.19 -39.20
N ILE I 506 -47.34 -18.37 -40.46
CA ILE I 506 -48.17 -19.08 -41.44
C ILE I 506 -47.66 -20.52 -41.45
N MET I 507 -48.24 -21.35 -40.59
CA MET I 507 -47.74 -22.71 -40.41
C MET I 507 -48.29 -23.66 -41.47
N ASN I 508 -49.61 -23.66 -41.66
CA ASN I 508 -50.27 -24.59 -42.56
C ASN I 508 -50.80 -23.90 -43.82
N GLY I 509 -50.17 -22.79 -44.21
CA GLY I 509 -50.53 -22.14 -45.45
C GLY I 509 -51.87 -21.43 -45.39
N ILE I 510 -52.36 -21.07 -46.57
CA ILE I 510 -53.63 -20.40 -46.75
C ILE I 510 -54.43 -21.15 -47.79
N ILE I 511 -55.62 -21.60 -47.43
CA ILE I 511 -56.50 -22.33 -48.33
C ILE I 511 -57.78 -21.52 -48.52
N LYS I 512 -58.22 -21.39 -49.78
CA LYS I 512 -59.40 -20.59 -50.12
C LYS I 512 -60.64 -21.46 -49.94
N TRP I 513 -61.28 -21.35 -48.77
CA TRP I 513 -62.51 -22.07 -48.50
C TRP I 513 -63.76 -21.24 -48.81
N GLY I 514 -63.60 -20.03 -49.33
CA GLY I 514 -64.76 -19.21 -49.61
C GLY I 514 -64.34 -17.87 -50.18
N ASP I 515 -65.33 -16.98 -50.29
CA ASP I 515 -65.16 -15.65 -50.85
C ASP I 515 -64.48 -14.68 -49.89
N PRO I 516 -64.76 -14.74 -48.57
CA PRO I 516 -64.22 -13.72 -47.66
C PRO I 516 -62.70 -13.58 -47.72
N VAL I 517 -61.97 -14.67 -47.94
CA VAL I 517 -60.52 -14.59 -47.98
C VAL I 517 -60.08 -13.63 -49.08
N THR I 518 -60.70 -13.75 -50.26
CA THR I 518 -60.35 -12.89 -51.37
C THR I 518 -60.64 -11.43 -51.04
N ARG I 519 -61.77 -11.16 -50.40
N ARG I 519 -61.77 -11.15 -50.39
CA ARG I 519 -62.11 -9.78 -50.04
CA ARG I 519 -62.10 -9.77 -50.05
C ARG I 519 -61.09 -9.20 -49.07
C ARG I 519 -61.08 -9.19 -49.07
N VAL I 520 -60.68 -9.98 -48.06
CA VAL I 520 -59.70 -9.49 -47.10
C VAL I 520 -58.38 -9.19 -47.80
N LEU I 521 -57.95 -10.10 -48.68
CA LEU I 521 -56.68 -9.88 -49.38
C LEU I 521 -56.75 -8.65 -50.28
N ASP I 522 -57.87 -8.45 -50.96
CA ASP I 522 -58.02 -7.29 -51.83
C ASP I 522 -58.01 -6.00 -51.03
N ASP I 523 -58.68 -5.98 -49.88
CA ASP I 523 -58.65 -4.78 -49.04
C ASP I 523 -57.23 -4.47 -48.56
N GLY I 524 -56.49 -5.51 -48.17
CA GLY I 524 -55.10 -5.30 -47.80
C GLY I 524 -54.28 -4.74 -48.94
N GLU I 525 -54.50 -5.26 -50.16
CA GLU I 525 -53.78 -4.74 -51.33
C GLU I 525 -54.10 -3.27 -51.56
N LEU I 526 -55.36 -2.90 -51.43
CA LEU I 526 -55.74 -1.50 -51.61
C LEU I 526 -55.05 -0.61 -50.58
N LEU I 527 -55.00 -1.04 -49.33
CA LEU I 527 -54.34 -0.24 -48.31
C LEU I 527 -52.84 -0.09 -48.60
N VAL I 528 -52.21 -1.19 -49.02
CA VAL I 528 -50.78 -1.11 -49.36
C VAL I 528 -50.56 -0.14 -50.51
N GLN I 529 -51.40 -0.21 -51.54
N GLN I 529 -51.40 -0.21 -51.54
CA GLN I 529 -51.26 0.69 -52.67
CA GLN I 529 -51.26 0.69 -52.67
C GLN I 529 -51.44 2.14 -52.24
C GLN I 529 -51.44 2.14 -52.24
N GLN I 530 -52.41 2.41 -51.37
CA GLN I 530 -52.62 3.78 -50.90
C GLN I 530 -51.39 4.28 -50.16
N THR I 531 -50.82 3.46 -49.28
CA THR I 531 -49.67 3.95 -48.51
C THR I 531 -48.44 4.13 -49.40
N LYS I 532 -48.33 3.36 -50.48
CA LYS I 532 -47.14 3.47 -51.32
C LYS I 532 -47.15 4.72 -52.19
N ASN I 533 -48.32 5.13 -52.68
CA ASN I 533 -48.39 6.18 -53.70
C ASN I 533 -49.17 7.40 -53.23
N SER I 534 -48.83 8.05 -52.11
CA SER I 534 -49.62 9.18 -51.53
C SER I 534 -48.73 10.12 -50.72
N ASP I 535 -48.92 11.43 -50.81
CA ASP I 535 -48.04 12.41 -50.15
C ASP I 535 -48.77 13.27 -49.13
N ARG I 536 -50.10 13.19 -49.10
CA ARG I 536 -50.93 13.97 -48.16
C ARG I 536 -51.15 13.14 -46.91
N THR I 537 -51.05 11.70 -46.96
CA THR I 537 -51.26 10.80 -45.82
C THR I 537 -50.11 9.80 -45.77
N PRO I 538 -48.98 10.18 -45.17
CA PRO I 538 -47.83 9.27 -45.10
C PRO I 538 -47.93 8.19 -44.04
N LEU I 539 -49.00 8.13 -43.25
CA LEU I 539 -49.16 7.13 -42.20
C LEU I 539 -50.57 6.55 -42.28
N VAL I 540 -50.62 5.21 -42.28
CA VAL I 540 -51.88 4.49 -42.48
C VAL I 540 -51.98 3.38 -41.45
N SER I 541 -53.20 3.15 -40.94
CA SER I 541 -53.45 2.11 -39.95
C SER I 541 -54.68 1.32 -40.33
N VAL I 542 -54.75 0.08 -39.86
CA VAL I 542 -55.89 -0.79 -40.10
C VAL I 542 -55.98 -1.78 -38.94
N LEU I 543 -57.19 -2.31 -38.73
CA LEU I 543 -57.44 -3.25 -37.64
C LEU I 543 -58.22 -4.43 -38.18
N LEU I 544 -57.69 -5.64 -37.95
CA LEU I 544 -58.36 -6.88 -38.33
C LEU I 544 -58.99 -7.49 -37.08
N GLU I 545 -60.31 -7.67 -37.11
CA GLU I 545 -61.05 -8.16 -35.95
C GLU I 545 -62.00 -9.26 -36.38
N GLY I 546 -62.21 -10.22 -35.49
CA GLY I 546 -63.11 -11.33 -35.73
C GLY I 546 -63.25 -12.21 -34.51
N PRO I 547 -64.07 -13.25 -34.61
CA PRO I 547 -64.24 -14.17 -33.48
C PRO I 547 -62.99 -14.99 -33.27
N PRO I 548 -62.86 -15.65 -32.12
CA PRO I 548 -61.65 -16.44 -31.84
C PRO I 548 -61.46 -17.56 -32.85
N HIS I 549 -60.20 -17.86 -33.14
CA HIS I 549 -59.80 -18.95 -34.02
C HIS I 549 -60.21 -18.73 -35.47
N SER I 550 -60.39 -17.48 -35.89
CA SER I 550 -60.74 -17.20 -37.27
C SER I 550 -59.53 -17.27 -38.20
N GLY I 551 -58.35 -16.93 -37.70
CA GLY I 551 -57.15 -16.92 -38.51
C GLY I 551 -56.68 -15.52 -38.86
N LYS I 552 -56.73 -14.61 -37.89
CA LYS I 552 -56.38 -13.22 -38.13
C LYS I 552 -54.88 -13.04 -38.32
N THR I 553 -54.08 -13.69 -37.46
CA THR I 553 -52.63 -13.51 -37.52
C THR I 553 -52.07 -13.97 -38.86
N ALA I 554 -52.54 -15.12 -39.36
CA ALA I 554 -52.04 -15.63 -40.62
C ALA I 554 -52.34 -14.67 -41.77
N LEU I 555 -53.55 -14.10 -41.79
CA LEU I 555 -53.90 -13.18 -42.87
C LEU I 555 -53.10 -11.89 -42.77
N ALA I 556 -52.88 -11.39 -41.55
CA ALA I 556 -52.05 -10.19 -41.41
C ALA I 556 -50.63 -10.46 -41.90
N ALA I 557 -50.07 -11.61 -41.54
CA ALA I 557 -48.72 -11.95 -42.00
C ALA I 557 -48.69 -12.10 -43.52
N LYS I 558 -49.75 -12.66 -44.10
CA LYS I 558 -49.80 -12.81 -45.56
C LYS I 558 -49.81 -11.45 -46.24
N ILE I 559 -50.61 -10.51 -45.74
CA ILE I 559 -50.65 -9.18 -46.34
C ILE I 559 -49.29 -8.51 -46.21
N ALA I 560 -48.67 -8.61 -45.03
CA ALA I 560 -47.35 -8.01 -44.85
C ALA I 560 -46.33 -8.62 -45.81
N GLU I 561 -46.37 -9.94 -45.99
CA GLU I 561 -45.44 -10.60 -46.89
C GLU I 561 -45.65 -10.15 -48.33
N GLU I 562 -46.91 -10.03 -48.76
CA GLU I 562 -47.20 -9.63 -50.12
C GLU I 562 -47.04 -8.13 -50.34
N SER I 563 -46.82 -7.35 -49.29
CA SER I 563 -46.58 -5.92 -49.47
C SER I 563 -45.32 -5.67 -50.31
N ASN I 564 -44.27 -6.45 -50.07
CA ASN I 564 -43.00 -6.31 -50.78
C ASN I 564 -42.28 -5.01 -50.41
N PHE I 565 -42.29 -4.67 -49.10
CA PHE I 565 -41.56 -3.51 -48.63
C PHE I 565 -40.17 -3.92 -48.16
N PRO I 566 -39.19 -3.01 -48.22
CA PRO I 566 -37.83 -3.37 -47.76
C PRO I 566 -37.77 -3.79 -46.29
N PHE I 567 -38.59 -3.20 -45.43
CA PHE I 567 -38.53 -3.42 -44.00
C PHE I 567 -39.85 -4.00 -43.52
N ILE I 568 -39.80 -5.14 -42.87
CA ILE I 568 -40.99 -5.78 -42.29
C ILE I 568 -40.61 -6.32 -40.92
N LYS I 569 -41.50 -6.13 -39.95
CA LYS I 569 -41.26 -6.58 -38.58
C LYS I 569 -42.59 -6.95 -37.95
N ILE I 570 -42.54 -7.85 -36.97
CA ILE I 570 -43.72 -8.31 -36.25
C ILE I 570 -43.45 -8.19 -34.76
N CYS I 571 -44.35 -7.54 -34.03
CA CYS I 571 -44.24 -7.35 -32.59
C CYS I 571 -45.31 -8.19 -31.91
N SER I 572 -44.89 -9.22 -31.18
CA SER I 572 -45.80 -10.16 -30.55
C SER I 572 -45.44 -10.34 -29.08
N PRO I 573 -46.41 -10.74 -28.26
CA PRO I 573 -46.11 -10.97 -26.84
C PRO I 573 -45.43 -12.29 -26.54
N ASP I 574 -45.22 -13.15 -27.56
CA ASP I 574 -44.53 -14.40 -27.35
C ASP I 574 -43.10 -14.19 -26.85
N LYS I 575 -42.53 -13.01 -27.08
CA LYS I 575 -41.14 -12.71 -26.73
C LYS I 575 -41.04 -11.71 -25.59
N MET I 576 -42.11 -11.57 -24.79
CA MET I 576 -42.13 -10.64 -23.67
C MET I 576 -42.76 -11.29 -22.45
N ILE I 577 -42.37 -12.52 -22.16
CA ILE I 577 -42.92 -13.25 -21.01
C ILE I 577 -42.20 -12.79 -19.76
N GLY I 578 -42.98 -12.38 -18.76
CA GLY I 578 -42.43 -11.93 -17.50
C GLY I 578 -42.00 -10.48 -17.46
N PHE I 579 -42.17 -9.74 -18.56
CA PHE I 579 -41.72 -8.36 -18.60
C PHE I 579 -42.64 -7.45 -17.80
N SER I 580 -42.05 -6.46 -17.15
CA SER I 580 -42.81 -5.37 -16.58
C SER I 580 -43.20 -4.38 -17.68
N GLU I 581 -44.24 -3.58 -17.41
CA GLU I 581 -44.83 -2.75 -18.46
C GLU I 581 -43.81 -1.79 -19.05
N THR I 582 -42.88 -1.27 -18.23
CA THR I 582 -41.88 -0.35 -18.74
C THR I 582 -40.98 -1.02 -19.77
N ALA I 583 -40.60 -2.27 -19.54
CA ALA I 583 -39.77 -2.98 -20.49
C ALA I 583 -40.51 -3.20 -21.81
N LYS I 584 -41.81 -3.51 -21.74
CA LYS I 584 -42.59 -3.67 -22.96
C LYS I 584 -42.67 -2.36 -23.73
N CYS I 585 -42.86 -1.25 -23.02
CA CYS I 585 -42.86 0.06 -23.66
C CYS I 585 -41.54 0.29 -24.39
N GLN I 586 -40.43 -0.03 -23.71
CA GLN I 586 -39.12 0.14 -24.33
C GLN I 586 -38.97 -0.70 -25.59
N ALA I 587 -39.43 -1.95 -25.54
CA ALA I 587 -39.29 -2.84 -26.70
C ALA I 587 -40.09 -2.30 -27.90
N MET I 588 -41.34 -1.92 -27.67
CA MET I 588 -42.13 -1.38 -28.77
C MET I 588 -41.51 -0.09 -29.31
N LYS I 589 -41.05 0.78 -28.42
CA LYS I 589 -40.43 2.03 -28.86
C LYS I 589 -39.20 1.74 -29.71
N LYS I 590 -38.39 0.76 -29.33
N LYS I 590 -38.40 0.75 -29.34
CA LYS I 590 -37.22 0.43 -30.12
CA LYS I 590 -37.21 0.44 -30.12
C LYS I 590 -37.60 -0.10 -31.49
C LYS I 590 -37.59 -0.11 -31.48
N ILE I 591 -38.64 -0.94 -31.56
CA ILE I 591 -39.06 -1.45 -32.85
C ILE I 591 -39.49 -0.31 -33.77
N PHE I 592 -40.26 0.64 -33.25
CA PHE I 592 -40.69 1.76 -34.10
C PHE I 592 -39.53 2.67 -34.46
N ASP I 593 -38.59 2.88 -33.54
CA ASP I 593 -37.40 3.67 -33.85
C ASP I 593 -36.61 3.03 -34.98
N ASP I 594 -36.45 1.71 -34.95
CA ASP I 594 -35.80 1.02 -36.07
C ASP I 594 -36.60 1.20 -37.35
N ALA I 595 -37.93 1.12 -37.25
CA ALA I 595 -38.77 1.27 -38.45
C ALA I 595 -38.57 2.64 -39.10
N TYR I 596 -38.34 3.68 -38.30
CA TYR I 596 -38.31 5.04 -38.84
C TYR I 596 -37.13 5.34 -39.76
N LYS I 597 -36.13 4.46 -39.83
N LYS I 597 -36.13 4.46 -39.83
CA LYS I 597 -34.94 4.71 -40.64
CA LYS I 597 -34.94 4.71 -40.63
C LYS I 597 -35.08 4.25 -42.09
C LYS I 597 -35.04 4.18 -42.06
N SER I 598 -36.16 3.57 -42.44
CA SER I 598 -36.34 3.04 -43.78
C SER I 598 -37.32 3.92 -44.57
N GLN I 599 -37.20 3.84 -45.90
CA GLN I 599 -38.04 4.65 -46.77
C GLN I 599 -39.45 4.08 -46.93
N LEU I 600 -39.65 2.80 -46.65
CA LEU I 600 -40.96 2.18 -46.64
C LEU I 600 -40.99 1.15 -45.53
N SER I 601 -41.96 1.25 -44.62
CA SER I 601 -42.00 0.38 -43.46
C SER I 601 -43.38 -0.23 -43.29
N CYS I 602 -43.41 -1.45 -42.73
CA CYS I 602 -44.64 -2.11 -42.34
C CYS I 602 -44.41 -2.77 -40.99
N VAL I 603 -45.37 -2.60 -40.07
CA VAL I 603 -45.26 -3.16 -38.72
C VAL I 603 -46.60 -3.82 -38.37
N VAL I 604 -46.53 -5.06 -37.75
CA VAL I 604 -47.71 -5.85 -37.40
C VAL I 604 -47.73 -6.00 -35.88
N VAL I 605 -48.77 -5.47 -35.24
CA VAL I 605 -48.96 -5.55 -33.79
C VAL I 605 -50.00 -6.62 -33.50
N ASP I 606 -49.57 -7.70 -32.86
CA ASP I 606 -50.36 -8.91 -32.73
C ASP I 606 -50.97 -8.99 -31.35
N ASP I 607 -52.23 -9.42 -31.28
CA ASP I 607 -52.85 -9.63 -29.98
C ASP I 607 -52.80 -8.35 -29.16
N ILE I 608 -53.50 -7.29 -29.58
CA ILE I 608 -53.48 -6.04 -28.83
C ILE I 608 -54.09 -6.18 -27.45
N GLU I 609 -54.64 -7.34 -27.11
CA GLU I 609 -55.26 -7.57 -25.81
C GLU I 609 -54.39 -8.36 -24.86
N ARG I 610 -53.30 -8.95 -25.34
CA ARG I 610 -52.33 -9.57 -24.45
C ARG I 610 -51.14 -8.67 -24.21
N LEU I 611 -50.99 -7.59 -24.98
CA LEU I 611 -50.00 -6.57 -24.64
C LEU I 611 -50.47 -5.69 -23.50
N LEU I 612 -51.78 -5.42 -23.44
CA LEU I 612 -52.36 -4.57 -22.42
C LEU I 612 -52.59 -5.29 -21.10
N ASP I 613 -52.54 -6.62 -21.07
CA ASP I 613 -52.76 -7.40 -19.86
C ASP I 613 -54.19 -7.27 -19.33
N TYR I 614 -55.14 -7.60 -20.17
CA TYR I 614 -56.56 -7.39 -19.87
C TYR I 614 -57.18 -8.66 -19.29
N VAL I 615 -57.96 -8.49 -18.22
CA VAL I 615 -58.68 -9.59 -17.59
C VAL I 615 -60.07 -9.09 -17.22
N PRO I 616 -61.15 -9.81 -17.56
CA PRO I 616 -62.49 -9.26 -17.30
C PRO I 616 -62.75 -8.91 -15.84
N ILE I 617 -62.29 -9.73 -14.90
CA ILE I 617 -62.47 -9.40 -13.49
C ILE I 617 -61.73 -8.10 -13.20
N GLY I 618 -62.37 -7.21 -12.45
CA GLY I 618 -61.89 -5.86 -12.32
C GLY I 618 -62.77 -4.88 -13.07
N PRO I 619 -62.37 -4.49 -14.29
CA PRO I 619 -61.25 -5.02 -15.10
C PRO I 619 -59.88 -4.51 -14.68
N ARG I 620 -58.82 -5.18 -15.12
N ARG I 620 -58.83 -5.21 -15.09
CA ARG I 620 -57.45 -4.81 -14.81
CA ARG I 620 -57.46 -4.80 -14.83
C ARG I 620 -56.62 -4.82 -16.08
C ARG I 620 -56.70 -4.75 -16.15
N PHE I 621 -55.76 -3.81 -16.23
CA PHE I 621 -54.89 -3.70 -17.40
C PHE I 621 -53.77 -2.73 -17.05
N SER I 622 -52.91 -2.48 -18.03
CA SER I 622 -51.76 -1.58 -17.85
C SER I 622 -52.02 -0.31 -18.64
N ASN I 623 -52.03 0.83 -17.95
CA ASN I 623 -52.28 2.12 -18.59
C ASN I 623 -51.07 2.61 -19.37
N LEU I 624 -49.86 2.31 -18.91
CA LEU I 624 -48.66 2.82 -19.57
C LEU I 624 -48.59 2.36 -21.01
N VAL I 625 -48.79 1.06 -21.23
CA VAL I 625 -48.71 0.51 -22.58
C VAL I 625 -49.83 1.06 -23.45
N LEU I 626 -51.03 1.21 -22.87
CA LEU I 626 -52.16 1.75 -23.63
C LEU I 626 -51.86 3.16 -24.12
N GLN I 627 -51.32 4.00 -23.24
CA GLN I 627 -51.01 5.37 -23.64
C GLN I 627 -49.87 5.40 -24.65
N ALA I 628 -48.87 4.53 -24.50
CA ALA I 628 -47.81 4.46 -25.49
C ALA I 628 -48.37 4.10 -26.85
N LEU I 629 -49.26 3.10 -26.91
CA LEU I 629 -49.89 2.75 -28.18
C LEU I 629 -50.69 3.90 -28.76
N LEU I 630 -51.47 4.58 -27.91
CA LEU I 630 -52.30 5.68 -28.41
C LEU I 630 -51.45 6.82 -28.94
N VAL I 631 -50.24 6.99 -28.41
CA VAL I 631 -49.37 8.07 -28.90
C VAL I 631 -48.59 7.64 -30.13
N LEU I 632 -48.29 6.35 -30.28
CA LEU I 632 -47.53 5.88 -31.42
C LEU I 632 -48.37 5.69 -32.68
N LEU I 633 -49.71 5.75 -32.56
CA LEU I 633 -50.57 5.61 -33.73
C LEU I 633 -50.76 6.91 -34.50
N LYS I 634 -50.26 8.03 -33.96
N LYS I 634 -50.26 8.03 -33.97
CA LYS I 634 -50.37 9.33 -34.61
CA LYS I 634 -50.36 9.32 -34.63
C LYS I 634 -49.03 9.94 -34.99
C LYS I 634 -49.02 9.91 -35.02
N LYS I 635 -47.94 9.53 -34.35
CA LYS I 635 -46.64 10.10 -34.68
C LYS I 635 -46.24 9.72 -36.10
N ALA I 636 -45.80 10.73 -36.89
CA ALA I 636 -45.44 10.47 -38.27
C ALA I 636 -43.93 10.31 -38.41
N PRO I 637 -43.46 9.58 -39.41
N PRO I 637 -43.47 9.56 -39.41
CA PRO I 637 -42.01 9.43 -39.59
CA PRO I 637 -42.04 9.34 -39.59
C PRO I 637 -41.38 10.71 -40.09
C PRO I 637 -41.35 10.59 -40.11
N PRO I 638 -40.05 10.81 -40.07
N PRO I 638 -40.03 10.72 -39.88
CA PRO I 638 -39.39 12.01 -40.60
CA PRO I 638 -39.33 11.92 -40.36
C PRO I 638 -39.87 12.34 -42.01
C PRO I 638 -39.27 12.00 -41.87
N GLN I 639 -39.59 13.56 -42.47
N GLN I 639 -39.27 13.23 -42.37
CA GLN I 639 -40.13 14.02 -43.73
CA GLN I 639 -39.00 13.47 -43.79
C GLN I 639 -39.72 13.09 -44.87
C GLN I 639 -40.08 12.89 -44.67
N GLY I 640 -40.70 12.67 -45.66
N GLY I 640 -39.74 12.56 -45.92
CA GLY I 640 -40.43 11.92 -46.86
CA GLY I 640 -40.68 11.94 -46.83
C GLY I 640 -40.44 10.42 -46.72
C GLY I 640 -40.63 10.43 -46.76
N ARG I 641 -40.89 9.88 -45.58
CA ARG I 641 -40.87 8.45 -45.33
C ARG I 641 -42.27 7.97 -44.97
N LYS I 642 -42.54 6.69 -45.26
CA LYS I 642 -43.89 6.15 -45.22
C LYS I 642 -43.94 4.85 -44.43
N LEU I 643 -45.02 4.69 -43.66
CA LEU I 643 -45.17 3.60 -42.70
C LEU I 643 -46.60 3.07 -42.75
N LEU I 644 -46.74 1.75 -42.66
CA LEU I 644 -48.03 1.09 -42.58
C LEU I 644 -48.09 0.25 -41.32
N ILE I 645 -49.23 0.28 -40.63
CA ILE I 645 -49.42 -0.42 -39.36
C ILE I 645 -50.63 -1.32 -39.47
N ILE I 646 -50.47 -2.58 -39.09
CA ILE I 646 -51.55 -3.55 -39.05
C ILE I 646 -51.66 -4.05 -37.61
N GLY I 647 -52.86 -4.35 -37.14
CA GLY I 647 -53.09 -4.79 -35.77
C GLY I 647 -54.18 -5.82 -35.73
N THR I 648 -54.09 -6.84 -34.89
CA THR I 648 -55.05 -7.96 -34.83
C THR I 648 -55.61 -8.08 -33.42
N THR I 649 -56.93 -8.10 -33.24
CA THR I 649 -57.61 -8.20 -31.94
C THR I 649 -58.88 -8.99 -32.07
N SER I 650 -59.29 -9.67 -31.01
CA SER I 650 -60.50 -10.47 -31.00
C SER I 650 -61.62 -9.90 -30.13
N ARG I 651 -61.35 -8.87 -29.35
N ARG I 651 -61.35 -8.88 -29.33
CA ARG I 651 -62.36 -8.22 -28.50
CA ARG I 651 -62.34 -8.21 -28.49
C ARG I 651 -62.48 -6.77 -28.95
C ARG I 651 -62.45 -6.76 -28.96
N LYS I 652 -63.32 -6.52 -29.95
CA LYS I 652 -63.45 -5.18 -30.49
C LYS I 652 -64.16 -4.24 -29.53
N ASP I 653 -65.15 -4.76 -28.78
CA ASP I 653 -65.92 -3.89 -27.90
C ASP I 653 -65.04 -3.30 -26.79
N VAL I 654 -64.12 -4.10 -26.24
CA VAL I 654 -63.24 -3.59 -25.20
C VAL I 654 -62.39 -2.45 -25.74
N LEU I 655 -61.83 -2.61 -26.94
CA LEU I 655 -61.05 -1.54 -27.53
C LEU I 655 -61.90 -0.31 -27.80
N GLN I 656 -63.16 -0.52 -28.21
CA GLN I 656 -64.06 0.61 -28.41
C GLN I 656 -64.29 1.37 -27.12
N GLU I 657 -64.40 0.66 -26.00
CA GLU I 657 -64.61 1.31 -24.71
C GLU I 657 -63.43 2.21 -24.34
N MET I 658 -62.20 1.75 -24.61
CA MET I 658 -61.01 2.51 -24.28
C MET I 658 -60.78 3.71 -25.21
N GLU I 659 -61.67 3.94 -26.17
CA GLU I 659 -61.55 5.04 -27.12
C GLU I 659 -60.31 4.89 -28.01
N MET I 660 -59.86 3.65 -28.21
CA MET I 660 -58.75 3.35 -29.10
C MET I 660 -59.24 3.02 -30.51
N LEU I 661 -60.54 2.85 -30.71
CA LEU I 661 -61.03 2.37 -32.00
C LEU I 661 -60.96 3.44 -33.09
N ASN I 662 -61.06 4.72 -32.71
N ASN I 662 -61.06 4.72 -32.71
CA ASN I 662 -60.97 5.81 -33.67
CA ASN I 662 -60.97 5.81 -33.67
C ASN I 662 -59.54 6.26 -33.92
C ASN I 662 -59.54 6.26 -33.92
N ALA I 663 -58.56 5.71 -33.20
CA ALA I 663 -57.17 6.02 -33.50
C ALA I 663 -56.72 5.33 -34.78
N PHE I 664 -57.34 4.20 -35.12
CA PHE I 664 -57.11 3.54 -36.39
C PHE I 664 -57.85 4.28 -37.51
N SER I 665 -57.57 3.87 -38.74
CA SER I 665 -58.20 4.49 -39.91
C SER I 665 -59.20 3.61 -40.61
N THR I 666 -59.24 2.31 -40.31
CA THR I 666 -60.17 1.40 -40.96
C THR I 666 -60.28 0.14 -40.11
N THR I 667 -61.29 -0.67 -40.44
CA THR I 667 -61.49 -1.96 -39.79
C THR I 667 -61.86 -3.00 -40.85
N ILE I 668 -61.34 -4.20 -40.70
CA ILE I 668 -61.60 -5.32 -41.59
C ILE I 668 -62.13 -6.48 -40.77
N HIS I 669 -63.19 -7.10 -41.27
CA HIS I 669 -63.86 -8.19 -40.56
C HIS I 669 -63.41 -9.53 -41.12
N VAL I 670 -62.92 -10.40 -40.24
CA VAL I 670 -62.51 -11.75 -40.61
C VAL I 670 -63.64 -12.70 -40.17
N PRO I 671 -64.39 -13.29 -41.12
CA PRO I 671 -65.58 -14.05 -40.71
C PRO I 671 -65.30 -15.52 -40.41
N ASN I 672 -66.33 -16.24 -40.03
CA ASN I 672 -66.26 -17.65 -39.70
C ASN I 672 -66.92 -18.48 -40.79
N ILE I 673 -66.77 -19.80 -40.69
CA ILE I 673 -67.45 -20.72 -41.59
C ILE I 673 -68.90 -20.80 -41.16
N ALA I 674 -69.83 -20.52 -42.09
CA ALA I 674 -71.23 -20.36 -41.75
C ALA I 674 -72.17 -21.16 -42.63
N THR I 675 -71.68 -22.12 -43.40
CA THR I 675 -72.55 -22.92 -44.26
C THR I 675 -71.97 -24.31 -44.42
N GLY I 676 -72.85 -25.25 -44.75
CA GLY I 676 -72.41 -26.64 -44.92
C GLY I 676 -71.50 -26.82 -46.13
N GLU I 677 -71.84 -26.19 -47.26
CA GLU I 677 -71.03 -26.36 -48.46
C GLU I 677 -69.64 -25.77 -48.29
N GLN I 678 -69.52 -24.69 -47.50
CA GLN I 678 -68.19 -24.16 -47.20
C GLN I 678 -67.36 -25.17 -46.41
N LEU I 679 -67.99 -25.85 -45.44
CA LEU I 679 -67.30 -26.89 -44.72
C LEU I 679 -66.89 -28.03 -45.65
N LEU I 680 -67.77 -28.40 -46.58
CA LEU I 680 -67.43 -29.44 -47.55
C LEU I 680 -66.24 -29.04 -48.39
N GLU I 681 -66.21 -27.79 -48.86
CA GLU I 681 -65.10 -27.32 -49.67
C GLU I 681 -63.80 -27.32 -48.85
N ALA I 682 -63.86 -26.88 -47.60
CA ALA I 682 -62.68 -26.89 -46.76
C ALA I 682 -62.16 -28.31 -46.56
N LEU I 683 -63.06 -29.26 -46.30
CA LEU I 683 -62.66 -30.64 -46.14
C LEU I 683 -62.05 -31.19 -47.42
N GLU I 684 -62.64 -30.86 -48.57
CA GLU I 684 -62.10 -31.33 -49.84
C GLU I 684 -60.70 -30.79 -50.08
N LEU I 685 -60.49 -29.50 -49.82
CA LEU I 685 -59.16 -28.92 -50.00
C LEU I 685 -58.15 -29.53 -49.04
N LEU I 686 -58.57 -29.78 -47.80
CA LEU I 686 -57.68 -30.46 -46.86
C LEU I 686 -57.38 -31.89 -47.32
N GLY I 687 -58.39 -32.56 -47.87
CA GLY I 687 -58.18 -33.90 -48.40
C GLY I 687 -57.94 -34.94 -47.35
N ASN I 688 -58.96 -35.25 -46.55
CA ASN I 688 -58.82 -36.21 -45.45
C ASN I 688 -59.87 -37.30 -45.44
N PHE I 689 -61.02 -37.12 -46.10
CA PHE I 689 -62.09 -38.11 -46.12
C PHE I 689 -62.40 -38.51 -47.56
N LYS I 690 -62.84 -39.76 -47.72
CA LYS I 690 -63.02 -40.36 -49.03
C LYS I 690 -64.44 -40.12 -49.54
N ASP I 691 -64.79 -40.77 -50.65
CA ASP I 691 -66.07 -40.50 -51.30
C ASP I 691 -67.25 -40.89 -50.41
N LYS I 692 -67.24 -42.12 -49.87
CA LYS I 692 -68.35 -42.56 -49.03
C LYS I 692 -68.48 -41.69 -47.79
N GLU I 693 -67.35 -41.41 -47.12
CA GLU I 693 -67.38 -40.56 -45.95
C GLU I 693 -67.85 -39.15 -46.30
N ARG I 694 -67.38 -38.61 -47.42
CA ARG I 694 -67.81 -37.28 -47.84
C ARG I 694 -69.31 -37.25 -48.08
N THR I 695 -69.86 -38.27 -48.74
CA THR I 695 -71.29 -38.33 -48.98
C THR I 695 -72.07 -38.42 -47.67
N THR I 696 -71.58 -39.24 -46.74
CA THR I 696 -72.26 -39.36 -45.44
C THR I 696 -72.29 -38.02 -44.73
N ILE I 697 -71.14 -37.34 -44.66
CA ILE I 697 -71.09 -36.05 -43.99
C ILE I 697 -72.01 -35.04 -44.69
N ALA I 698 -71.96 -35.01 -46.03
CA ALA I 698 -72.76 -34.04 -46.76
C ALA I 698 -74.25 -34.26 -46.52
N GLN I 699 -74.70 -35.51 -46.56
CA GLN I 699 -76.12 -35.77 -46.31
C GLN I 699 -76.49 -35.47 -44.87
N GLN I 700 -75.57 -35.68 -43.92
CA GLN I 700 -75.89 -35.42 -42.52
C GLN I 700 -75.93 -33.92 -42.23
N VAL I 701 -75.01 -33.15 -42.78
CA VAL I 701 -74.84 -31.74 -42.42
C VAL I 701 -75.13 -30.84 -43.61
N LYS I 702 -76.02 -31.28 -44.50
CA LYS I 702 -76.39 -30.43 -45.64
C LYS I 702 -76.96 -29.09 -45.18
N GLY I 703 -77.68 -29.08 -44.06
CA GLY I 703 -78.21 -27.83 -43.56
C GLY I 703 -77.10 -26.83 -43.26
N LYS I 704 -77.37 -25.56 -43.57
CA LYS I 704 -76.38 -24.50 -43.39
C LYS I 704 -76.59 -23.83 -42.03
N LYS I 705 -76.21 -24.56 -40.99
CA LYS I 705 -76.33 -24.10 -39.61
C LYS I 705 -75.06 -24.45 -38.84
N VAL I 706 -73.91 -24.18 -39.44
CA VAL I 706 -72.61 -24.51 -38.86
C VAL I 706 -71.88 -23.22 -38.53
N TRP I 707 -71.07 -23.27 -37.47
N TRP I 707 -71.10 -23.26 -37.45
CA TRP I 707 -70.33 -22.11 -36.99
CA TRP I 707 -70.32 -22.10 -37.02
C TRP I 707 -69.04 -22.63 -36.36
C TRP I 707 -69.05 -22.63 -36.38
N ILE I 708 -67.96 -22.67 -37.15
CA ILE I 708 -66.70 -23.27 -36.72
C ILE I 708 -65.54 -22.46 -37.28
N GLY I 709 -64.49 -22.33 -36.48
CA GLY I 709 -63.26 -21.70 -36.93
C GLY I 709 -62.32 -22.69 -37.59
N ILE I 710 -61.47 -22.17 -38.48
CA ILE I 710 -60.59 -23.04 -39.26
C ILE I 710 -59.60 -23.76 -38.35
N LYS I 711 -59.00 -23.04 -37.41
CA LYS I 711 -58.04 -23.65 -36.50
C LYS I 711 -58.69 -24.75 -35.67
N LYS I 712 -59.88 -24.47 -35.13
CA LYS I 712 -60.61 -25.48 -34.38
C LYS I 712 -61.00 -26.65 -35.27
N LEU I 713 -61.32 -26.39 -36.54
CA LEU I 713 -61.64 -27.48 -37.46
C LEU I 713 -60.44 -28.39 -37.67
N LEU I 714 -59.25 -27.80 -37.84
CA LEU I 714 -58.04 -28.61 -37.96
C LEU I 714 -57.83 -29.45 -36.70
N MET I 715 -58.01 -28.84 -35.53
CA MET I 715 -57.84 -29.58 -34.29
C MET I 715 -58.83 -30.73 -34.19
N LEU I 716 -60.08 -30.49 -34.56
CA LEU I 716 -61.09 -31.54 -34.48
C LEU I 716 -60.77 -32.69 -35.43
N ILE I 717 -60.33 -32.37 -36.66
CA ILE I 717 -59.98 -33.44 -37.60
C ILE I 717 -58.82 -34.27 -37.05
N GLU I 718 -57.79 -33.59 -36.52
CA GLU I 718 -56.65 -34.31 -35.98
C GLU I 718 -57.07 -35.20 -34.81
N MET I 719 -57.95 -34.70 -33.95
CA MET I 719 -58.44 -35.51 -32.84
C MET I 719 -59.22 -36.71 -33.35
N SER I 720 -60.07 -36.52 -34.36
CA SER I 720 -60.91 -37.60 -34.85
C SER I 720 -60.07 -38.70 -35.49
N LEU I 721 -59.02 -38.35 -36.22
CA LEU I 721 -58.27 -39.36 -36.95
C LEU I 721 -57.50 -40.33 -36.04
N GLN I 722 -57.65 -40.25 -34.72
CA GLN I 722 -56.91 -41.12 -33.82
C GLN I 722 -57.69 -42.36 -33.39
N MET I 723 -58.90 -42.56 -33.92
CA MET I 723 -59.69 -43.73 -33.57
C MET I 723 -59.41 -44.86 -34.56
N ASP I 724 -60.11 -45.98 -34.37
CA ASP I 724 -60.01 -47.08 -35.31
C ASP I 724 -60.70 -46.70 -36.62
N PRO I 725 -60.31 -47.33 -37.73
CA PRO I 725 -60.83 -46.88 -39.03
C PRO I 725 -62.35 -46.85 -39.11
N GLU I 726 -63.04 -47.78 -38.45
CA GLU I 726 -64.49 -47.82 -38.54
C GLU I 726 -65.14 -46.68 -37.77
N TYR I 727 -64.66 -46.40 -36.57
CA TYR I 727 -65.27 -45.39 -35.69
C TYR I 727 -64.48 -44.08 -35.79
N ARG I 728 -64.57 -43.47 -36.97
CA ARG I 728 -63.93 -42.18 -37.22
C ARG I 728 -64.93 -41.10 -37.60
N VAL I 729 -65.83 -41.36 -38.55
CA VAL I 729 -66.81 -40.37 -38.94
C VAL I 729 -67.77 -40.08 -37.79
N ARG I 730 -68.15 -41.12 -37.04
CA ARG I 730 -69.05 -40.93 -35.91
C ARG I 730 -68.42 -40.02 -34.86
N LYS I 731 -67.14 -40.24 -34.56
CA LYS I 731 -66.45 -39.40 -33.59
C LYS I 731 -66.39 -37.95 -34.07
N PHE I 732 -66.08 -37.76 -35.36
CA PHE I 732 -66.03 -36.40 -35.89
C PHE I 732 -67.37 -35.70 -35.80
N LEU I 733 -68.45 -36.39 -36.16
CA LEU I 733 -69.77 -35.79 -36.07
C LEU I 733 -70.17 -35.50 -34.63
N ALA I 734 -69.81 -36.40 -33.70
CA ALA I 734 -70.11 -36.14 -32.30
C ALA I 734 -69.36 -34.91 -31.80
N LEU I 735 -68.08 -34.79 -32.15
CA LEU I 735 -67.32 -33.61 -31.75
C LEU I 735 -67.92 -32.34 -32.33
N LEU I 736 -68.31 -32.38 -33.61
CA LEU I 736 -68.91 -31.21 -34.23
C LEU I 736 -70.21 -30.83 -33.54
N ARG I 737 -71.04 -31.82 -33.22
CA ARG I 737 -72.31 -31.55 -32.55
C ARG I 737 -72.07 -30.95 -31.17
N GLU I 738 -71.09 -31.48 -30.43
CA GLU I 738 -70.78 -30.92 -29.11
C GLU I 738 -70.36 -29.45 -29.22
N GLU I 739 -69.79 -29.05 -30.36
CA GLU I 739 -69.43 -27.66 -30.58
C GLU I 739 -70.68 -26.81 -30.73
N GLY I 740 -70.50 -25.50 -30.65
CA GLY I 740 -71.60 -24.57 -30.85
C GLY I 740 -72.13 -24.62 -32.27
N ALA I 741 -73.32 -24.04 -32.43
CA ALA I 741 -73.99 -24.04 -33.73
C ALA I 741 -74.60 -22.69 -34.09
N SER I 742 -74.33 -21.64 -33.32
CA SER I 742 -74.86 -20.32 -33.62
C SER I 742 -74.08 -19.30 -32.80
N PRO I 743 -74.05 -18.03 -33.23
CA PRO I 743 -73.34 -16.98 -32.48
C PRO I 743 -74.06 -16.59 -31.19
N MET J 4 52.93 60.92 8.67
CA MET J 4 52.77 61.03 7.19
C MET J 4 53.86 60.23 6.47
N ALA J 5 55.08 60.29 7.00
CA ALA J 5 56.17 59.52 6.42
C ALA J 5 55.91 58.03 6.52
N GLY J 6 55.38 57.59 7.65
CA GLY J 6 55.07 56.19 7.86
C GLY J 6 56.02 55.55 8.86
N ARG J 7 55.48 54.60 9.63
CA ARG J 7 56.26 53.89 10.63
C ARG J 7 55.81 52.43 10.67
N SER J 8 56.72 51.57 11.14
CA SER J 8 56.43 50.14 11.27
C SER J 8 55.68 49.91 12.58
N MET J 9 54.52 49.25 12.48
CA MET J 9 53.70 48.95 13.64
C MET J 9 53.19 47.53 13.54
N GLN J 10 52.87 46.95 14.70
CA GLN J 10 52.45 45.56 14.81
C GLN J 10 51.00 45.49 15.29
N ALA J 11 50.24 44.57 14.71
CA ALA J 11 48.85 44.40 15.10
C ALA J 11 48.75 43.75 16.48
N ALA J 12 47.79 44.22 17.27
CA ALA J 12 47.58 43.72 18.62
C ALA J 12 46.10 43.64 18.91
N ARG J 13 45.75 43.05 20.05
CA ARG J 13 44.37 42.89 20.47
C ARG J 13 43.89 44.15 21.18
N CYS J 14 42.69 44.59 20.82
CA CYS J 14 42.15 45.81 21.41
C CYS J 14 41.84 45.60 22.89
N PRO J 15 42.31 46.45 23.78
CA PRO J 15 41.99 46.28 25.20
C PRO J 15 40.62 46.82 25.55
N THR J 16 39.98 46.16 26.52
CA THR J 16 38.68 46.59 27.03
C THR J 16 37.59 46.40 25.99
N ASP J 17 36.38 46.08 26.44
CA ASP J 17 35.26 45.86 25.52
C ASP J 17 34.72 47.18 25.00
N GLU J 18 34.68 48.22 25.83
CA GLU J 18 34.13 49.50 25.39
C GLU J 18 34.94 50.09 24.24
N LEU J 19 36.27 49.96 24.29
CA LEU J 19 37.10 50.44 23.20
C LEU J 19 36.79 49.69 21.91
N SER J 20 36.58 48.37 22.01
CA SER J 20 36.21 47.59 20.83
C SER J 20 34.86 48.07 20.27
N LEU J 21 33.90 48.34 21.15
CA LEU J 21 32.62 48.89 20.72
C LEU J 21 32.75 50.33 20.23
N SER J 22 33.88 50.98 20.45
CA SER J 22 34.16 52.31 19.92
C SER J 22 35.04 52.14 18.68
N ASN J 23 34.48 52.41 17.51
CA ASN J 23 35.16 52.14 16.25
C ASN J 23 36.35 53.09 16.11
N CYS J 24 37.55 52.57 16.33
CA CYS J 24 38.79 53.32 16.17
C CYS J 24 39.96 52.36 16.35
N ALA J 25 41.10 52.75 15.76
CA ALA J 25 42.35 52.02 15.95
C ALA J 25 43.00 52.50 17.24
N VAL J 26 43.28 51.58 18.15
CA VAL J 26 43.76 51.93 19.49
C VAL J 26 45.27 52.11 19.42
N VAL J 27 45.76 53.27 19.85
CA VAL J 27 47.16 53.64 19.76
C VAL J 27 47.61 54.20 21.10
N SER J 28 48.93 54.20 21.31
CA SER J 28 49.50 54.71 22.54
C SER J 28 49.28 56.22 22.66
N GLU J 29 49.12 56.67 23.92
CA GLU J 29 48.91 58.08 24.18
C GLU J 29 50.14 58.92 23.85
N LYS J 30 51.33 58.32 23.81
CA LYS J 30 52.55 59.08 23.58
C LYS J 30 52.63 59.59 22.15
N ASP J 31 51.97 58.93 21.21
CA ASP J 31 52.15 59.22 19.78
C ASP J 31 51.06 60.13 19.22
N TYR J 32 49.79 59.81 19.46
CA TYR J 32 48.69 60.51 18.82
C TYR J 32 47.58 60.74 19.85
N GLN J 33 46.41 61.12 19.36
CA GLN J 33 45.23 61.35 20.19
C GLN J 33 44.02 60.77 19.45
N SER J 34 42.84 61.12 19.92
CA SER J 34 41.60 60.61 19.33
C SER J 34 41.07 61.60 18.30
N GLY J 35 40.91 61.14 17.06
CA GLY J 35 40.37 61.94 15.98
C GLY J 35 41.23 61.96 14.72
N GLN J 36 42.50 61.60 14.82
CA GLN J 36 43.38 61.63 13.65
C GLN J 36 43.02 60.50 12.69
N HIS J 37 43.39 60.69 11.43
CA HIS J 37 43.16 59.71 10.37
C HIS J 37 44.50 59.18 9.88
N VAL J 38 44.58 57.85 9.68
CA VAL J 38 45.78 57.20 9.19
C VAL J 38 45.41 56.20 8.12
N ILE J 39 46.40 55.85 7.31
CA ILE J 39 46.31 54.80 6.31
C ILE J 39 47.28 53.71 6.71
N VAL J 40 46.80 52.46 6.76
CA VAL J 40 47.58 51.31 7.15
C VAL J 40 47.76 50.42 5.92
N ARG J 41 49.01 50.07 5.64
CA ARG J 41 49.37 49.23 4.51
C ARG J 41 49.99 47.94 5.03
N THR J 42 49.48 46.81 4.53
CA THR J 42 50.10 45.50 4.74
C THR J 42 50.66 44.92 3.45
N SER J 43 50.30 45.48 2.30
CA SER J 43 50.79 45.03 1.01
C SER J 43 50.61 46.16 0.01
N PRO J 44 51.34 46.14 -1.11
CA PRO J 44 51.21 47.23 -2.09
C PRO J 44 49.81 47.38 -2.65
N ASN J 45 48.99 46.32 -2.63
CA ASN J 45 47.70 46.35 -3.29
C ASN J 45 46.53 46.69 -2.36
N HIS J 46 46.64 46.39 -1.06
CA HIS J 46 45.55 46.61 -0.12
C HIS J 46 46.02 47.54 0.99
N LYS J 47 45.25 48.63 1.20
CA LYS J 47 45.54 49.59 2.24
C LYS J 47 44.21 50.16 2.73
N TYR J 48 44.10 50.35 4.05
CA TYR J 48 42.84 50.72 4.67
C TYR J 48 43.00 51.93 5.58
N ILE J 49 41.99 52.78 5.59
CA ILE J 49 42.01 54.02 6.36
C ILE J 49 41.27 53.82 7.67
N PHE J 50 41.84 54.31 8.77
CA PHE J 50 41.24 54.20 10.08
C PHE J 50 41.42 55.51 10.85
N THR J 51 40.69 55.61 11.95
CA THR J 51 40.78 56.74 12.87
C THR J 51 41.32 56.26 14.21
N LEU J 52 42.27 57.00 14.77
CA LEU J 52 42.97 56.56 15.96
C LEU J 52 42.28 57.05 17.23
N ARG J 53 42.52 56.33 18.32
CA ARG J 53 42.04 56.69 19.65
C ARG J 53 43.05 56.21 20.67
N THR J 54 43.24 57.01 21.73
CA THR J 54 44.26 56.73 22.72
C THR J 54 43.68 55.95 23.90
N HIS J 55 44.42 54.96 24.37
CA HIS J 55 44.05 54.15 25.51
C HIS J 55 45.24 54.06 26.46
N PRO J 56 45.00 53.99 27.78
CA PRO J 56 46.11 53.99 28.73
C PRO J 56 46.77 52.63 28.95
N SER J 57 46.49 51.64 28.11
CA SER J 57 47.08 50.31 28.25
C SER J 57 47.69 49.82 26.94
N VAL J 58 48.24 50.71 26.14
CA VAL J 58 48.80 50.35 24.84
C VAL J 58 50.32 50.35 24.95
N VAL J 59 50.93 49.21 24.65
CA VAL J 59 52.39 49.15 24.60
C VAL J 59 52.88 49.95 23.38
N PRO J 60 53.85 50.84 23.53
CA PRO J 60 54.28 51.64 22.38
C PRO J 60 54.86 50.77 21.28
N GLY J 61 54.65 51.21 20.04
CA GLY J 61 55.13 50.47 18.88
C GLY J 61 54.14 49.48 18.31
N SER J 62 52.87 49.56 18.68
CA SER J 62 51.87 48.63 18.16
C SER J 62 50.53 49.36 18.03
N VAL J 63 49.68 48.82 17.17
CA VAL J 63 48.32 49.31 16.97
C VAL J 63 47.37 48.16 17.23
N ALA J 64 46.35 48.40 18.04
CA ALA J 64 45.42 47.36 18.46
C ALA J 64 44.11 47.46 17.69
N PHE J 65 43.59 46.32 17.27
CA PHE J 65 42.37 46.24 16.49
C PHE J 65 41.41 45.24 17.13
N SER J 66 40.12 45.43 16.86
CA SER J 66 39.09 44.57 17.39
C SER J 66 38.78 43.44 16.41
N LEU J 67 37.91 42.53 16.82
CA LEU J 67 37.60 41.37 15.99
C LEU J 67 37.01 41.75 14.65
N PRO J 68 35.99 42.61 14.56
CA PRO J 68 35.45 42.97 13.24
C PRO J 68 36.49 43.59 12.32
N GLN J 69 37.30 44.53 12.83
CA GLN J 69 38.30 45.17 11.99
C GLN J 69 39.35 44.19 11.50
N ARG J 70 39.83 43.31 12.39
CA ARG J 70 40.83 42.32 11.99
C ARG J 70 40.25 41.35 10.97
N LYS J 71 39.00 40.93 11.16
CA LYS J 71 38.36 40.05 10.17
C LYS J 71 38.23 40.74 8.82
N TRP J 72 37.82 42.01 8.81
CA TRP J 72 37.63 42.72 7.55
C TRP J 72 38.96 42.91 6.84
N ALA J 73 39.98 43.37 7.55
CA ALA J 73 41.29 43.63 6.97
C ALA J 73 42.17 42.39 6.90
N GLY J 74 41.73 41.27 7.46
CA GLY J 74 42.52 40.05 7.42
C GLY J 74 43.88 40.21 8.08
N LEU J 75 43.92 40.86 9.24
CA LEU J 75 45.17 41.10 9.95
C LEU J 75 45.44 39.98 10.95
N SER J 76 46.68 39.50 10.98
CA SER J 76 47.10 38.47 11.90
C SER J 76 47.83 39.11 13.08
N ILE J 77 47.52 38.64 14.29
CA ILE J 77 48.13 39.22 15.48
C ILE J 77 49.64 39.02 15.42
N GLY J 78 50.38 40.10 15.65
CA GLY J 78 51.82 40.07 15.59
C GLY J 78 52.42 40.34 14.23
N GLN J 79 51.60 40.46 13.19
CA GLN J 79 52.12 40.73 11.86
C GLN J 79 52.57 42.18 11.74
N GLU J 80 53.52 42.42 10.84
CA GLU J 80 54.08 43.75 10.64
C GLU J 80 53.28 44.52 9.60
N ILE J 81 52.88 45.74 9.96
CA ILE J 81 52.14 46.62 9.07
C ILE J 81 52.71 48.03 9.21
N GLU J 82 52.50 48.83 8.17
CA GLU J 82 52.95 50.22 8.14
C GLU J 82 51.75 51.14 8.31
N VAL J 83 51.94 52.25 9.03
CA VAL J 83 50.88 53.22 9.27
C VAL J 83 51.44 54.62 9.02
N ALA J 84 50.70 55.42 8.23
CA ALA J 84 51.12 56.78 7.93
C ALA J 84 49.91 57.70 8.01
N LEU J 85 50.12 58.91 8.53
CA LEU J 85 49.00 59.84 8.69
C LEU J 85 48.41 60.20 7.34
N TYR J 86 47.08 60.34 7.31
CA TYR J 86 46.34 60.65 6.10
C TYR J 86 45.48 61.89 6.32
N SER J 87 45.43 62.76 5.32
CA SER J 87 44.65 63.98 5.38
C SER J 87 43.35 63.82 4.61
N PHE J 88 42.25 64.31 5.19
CA PHE J 88 40.92 64.16 4.62
C PHE J 88 40.38 65.52 4.19
N ASP J 89 39.92 65.60 2.95
CA ASP J 89 39.26 66.80 2.48
C ASP J 89 37.88 66.93 3.10
N LYS J 90 37.38 68.16 3.19
CA LYS J 90 36.09 68.44 3.79
C LYS J 90 35.14 69.20 2.87
N ALA J 91 35.51 69.40 1.60
CA ALA J 91 34.66 70.09 0.65
C ALA J 91 34.06 69.17 -0.40
N LYS J 92 34.77 68.13 -0.81
CA LYS J 92 34.33 67.23 -1.85
C LYS J 92 33.86 65.88 -1.33
N GLN J 93 34.54 65.32 -0.33
CA GLN J 93 34.24 63.99 0.17
C GLN J 93 33.29 64.00 1.37
N CYS J 94 32.77 65.16 1.75
CA CYS J 94 31.80 65.22 2.83
C CYS J 94 30.58 64.37 2.48
N ILE J 95 30.15 63.54 3.42
CA ILE J 95 29.08 62.58 3.20
C ILE J 95 27.78 63.17 3.72
N GLY J 96 26.75 63.18 2.86
CA GLY J 96 25.43 63.64 3.25
C GLY J 96 24.50 62.50 3.60
N THR J 97 24.51 61.45 2.77
CA THR J 97 23.65 60.29 2.98
C THR J 97 24.42 59.03 2.64
N MET J 98 24.02 57.92 3.25
CA MET J 98 24.62 56.63 2.96
C MET J 98 23.58 55.54 3.19
N THR J 99 23.82 54.38 2.57
CA THR J 99 22.98 53.21 2.73
C THR J 99 23.77 52.13 3.47
N ILE J 100 23.18 51.61 4.54
CA ILE J 100 23.83 50.61 5.37
C ILE J 100 22.87 49.44 5.56
N GLU J 101 23.38 48.23 5.37
CA GLU J 101 22.61 47.01 5.60
C GLU J 101 22.79 46.57 7.04
N ILE J 102 21.69 46.37 7.75
CA ILE J 102 21.69 46.09 9.19
C ILE J 102 21.06 44.73 9.42
N ASP J 103 21.71 43.90 10.23
CA ASP J 103 21.18 42.61 10.63
C ASP J 103 21.50 42.37 12.10
N PHE J 104 20.87 41.35 12.68
CA PHE J 104 21.16 40.98 14.05
C PHE J 104 22.58 40.41 14.16
N LEU J 105 23.36 40.97 15.09
CA LEU J 105 24.73 40.48 15.26
C LEU J 105 24.76 39.13 15.96
N GLN J 106 23.90 38.94 16.96
CA GLN J 106 23.87 37.73 17.76
C GLN J 106 22.66 36.90 17.39
N LYS J 107 22.87 35.60 17.18
CA LYS J 107 21.80 34.68 16.81
C LYS J 107 21.08 34.10 18.03
N LYS J 108 21.49 34.49 19.24
CA LYS J 108 20.90 33.89 20.44
C LYS J 108 19.41 34.20 20.55
N ASN J 109 19.03 35.44 20.26
CA ASN J 109 17.65 35.90 20.45
C ASN J 109 17.21 36.68 19.22
N ILE J 110 16.39 36.07 18.39
CA ILE J 110 15.78 36.72 17.24
C ILE J 110 14.34 37.04 17.57
N ASP J 111 13.97 38.31 17.43
CA ASP J 111 12.63 38.79 17.77
C ASP J 111 12.01 39.48 16.57
N SER J 112 10.69 39.40 16.47
CA SER J 112 9.93 39.99 15.37
C SER J 112 9.30 41.32 15.76
N ASN J 113 9.64 41.86 16.93
CA ASN J 113 9.06 43.12 17.37
C ASN J 113 9.53 44.26 16.48
N PRO J 114 8.73 45.32 16.34
CA PRO J 114 9.14 46.44 15.50
C PRO J 114 10.33 47.18 16.09
N TYR J 115 11.13 47.76 15.20
CA TYR J 115 12.31 48.53 15.58
C TYR J 115 12.21 49.92 14.96
N ASP J 116 12.47 50.95 15.76
CA ASP J 116 12.43 52.33 15.30
C ASP J 116 13.74 52.64 14.59
N THR J 117 13.74 52.48 13.26
CA THR J 117 14.94 52.74 12.49
C THR J 117 15.35 54.20 12.58
N ASP J 118 14.39 55.11 12.59
CA ASP J 118 14.69 56.54 12.70
C ASP J 118 15.58 56.81 13.91
N LYS J 119 15.08 56.48 15.10
CA LYS J 119 15.85 56.72 16.31
C LYS J 119 17.24 56.10 16.20
N MET J 120 17.32 54.85 15.74
CA MET J 120 18.60 54.20 15.56
C MET J 120 19.54 55.07 14.75
N ALA J 121 19.08 55.57 13.61
CA ALA J 121 19.92 56.43 12.78
C ALA J 121 20.46 57.59 13.59
N ALA J 122 19.59 58.25 14.36
CA ALA J 122 20.04 59.36 15.19
C ALA J 122 21.13 58.91 16.15
N GLU J 123 20.92 57.76 16.81
CA GLU J 123 21.94 57.26 17.72
C GLU J 123 23.26 57.04 17.01
N PHE J 124 23.21 56.66 15.73
CA PHE J 124 24.43 56.54 14.94
C PHE J 124 25.22 57.83 15.02
N ILE J 125 24.58 58.97 14.72
CA ILE J 125 25.25 60.25 14.79
C ILE J 125 25.77 60.49 16.20
N GLN J 126 25.03 60.03 17.21
CA GLN J 126 25.44 60.24 18.59
C GLN J 126 26.72 59.47 18.91
N GLN J 127 26.98 58.35 18.22
CA GLN J 127 28.08 57.47 18.58
C GLN J 127 29.18 57.42 17.52
N PHE J 128 28.84 57.46 16.24
CA PHE J 128 29.81 57.31 15.16
C PHE J 128 30.07 58.61 14.42
N ASN J 129 29.94 59.74 15.10
CA ASN J 129 30.22 61.02 14.47
C ASN J 129 31.71 61.21 14.27
N ASN J 130 32.06 61.97 13.23
CA ASN J 130 33.45 62.33 12.94
C ASN J 130 34.33 61.08 12.79
N GLN J 131 33.79 60.06 12.14
CA GLN J 131 34.53 58.84 11.86
C GLN J 131 34.40 58.49 10.38
N ALA J 132 35.52 58.07 9.79
CA ALA J 132 35.55 57.73 8.38
C ALA J 132 34.93 56.35 8.15
N PHE J 133 34.22 56.21 7.03
CA PHE J 133 33.58 54.95 6.67
C PHE J 133 33.82 54.70 5.17
N SER J 134 33.88 53.42 4.82
CA SER J 134 34.16 53.01 3.45
C SER J 134 33.21 51.90 3.05
N VAL J 135 32.99 51.78 1.74
CA VAL J 135 32.11 50.75 1.22
C VAL J 135 32.67 49.37 1.56
N GLY J 136 31.78 48.47 1.98
CA GLY J 136 32.17 47.11 2.33
C GLY J 136 32.63 46.93 3.76
N GLN J 137 32.76 48.01 4.53
CA GLN J 137 33.22 47.89 5.91
C GLN J 137 32.13 47.30 6.79
N GLN J 138 32.55 46.44 7.72
CA GLN J 138 31.65 45.83 8.69
C GLN J 138 31.88 46.45 10.06
N LEU J 139 30.80 46.64 10.81
CA LEU J 139 30.91 47.28 12.12
C LEU J 139 29.79 46.79 13.02
N VAL J 140 29.94 47.10 14.31
CA VAL J 140 28.98 46.71 15.34
C VAL J 140 28.26 47.94 15.86
N PHE J 141 27.00 47.76 16.23
CA PHE J 141 26.16 48.84 16.73
C PHE J 141 25.45 48.37 18.00
N SER J 142 25.46 49.20 19.02
CA SER J 142 24.79 48.92 20.29
C SER J 142 23.52 49.76 20.38
N PHE J 143 22.40 49.10 20.64
CA PHE J 143 21.11 49.78 20.67
C PHE J 143 20.23 49.09 21.72
N ASN J 144 20.02 49.75 22.85
CA ASN J 144 19.23 49.20 23.95
C ASN J 144 19.71 47.79 24.32
N ASP J 145 21.02 47.67 24.49
CA ASP J 145 21.68 46.41 24.87
C ASP J 145 21.61 45.36 23.77
N LYS J 146 21.24 45.74 22.55
CA LYS J 146 21.17 44.82 21.42
C LYS J 146 22.31 45.09 20.47
N LEU J 147 22.91 44.02 19.96
CA LEU J 147 24.03 44.09 19.04
C LEU J 147 23.56 43.92 17.61
N PHE J 148 23.99 44.83 16.74
CA PHE J 148 23.63 44.80 15.32
C PHE J 148 24.90 44.82 14.48
N GLY J 149 24.90 44.01 13.41
CA GLY J 149 25.96 44.05 12.43
C GLY J 149 25.56 44.93 11.26
N LEU J 150 26.42 45.88 10.94
CA LEU J 150 26.16 46.87 9.91
C LEU J 150 27.23 46.79 8.83
N LEU J 151 26.79 46.85 7.58
CA LEU J 151 27.69 46.82 6.43
C LEU J 151 27.41 48.03 5.55
N VAL J 152 28.45 48.81 5.26
CA VAL J 152 28.28 50.01 4.45
C VAL J 152 28.02 49.60 2.99
N LYS J 153 26.94 50.13 2.42
CA LYS J 153 26.53 49.79 1.06
C LYS J 153 26.84 50.90 0.06
N ASP J 154 26.33 52.11 0.31
CA ASP J 154 26.52 53.23 -0.60
C ASP J 154 26.82 54.49 0.19
N ILE J 155 27.55 55.40 -0.45
CA ILE J 155 27.93 56.68 0.15
C ILE J 155 27.48 57.80 -0.78
N GLU J 156 26.77 58.78 -0.23
CA GLU J 156 26.35 59.96 -0.98
C GLU J 156 27.03 61.18 -0.40
N ALA J 157 27.63 62.00 -1.26
CA ALA J 157 28.33 63.20 -0.83
C ALA J 157 27.36 64.18 -0.19
N LYS J 174 29.80 59.79 -5.92
CA LYS J 174 30.31 58.64 -5.18
C LYS J 174 31.75 58.88 -4.76
N ILE J 175 32.06 58.57 -3.50
CA ILE J 175 33.38 58.78 -2.93
C ILE J 175 33.81 57.51 -2.21
N GLU J 176 35.05 57.08 -2.45
CA GLU J 176 35.54 55.87 -1.82
C GLU J 176 35.64 56.03 -0.30
N VAL J 177 36.16 57.17 0.16
CA VAL J 177 36.36 57.43 1.58
C VAL J 177 36.07 58.89 1.86
N GLY J 178 35.44 59.15 3.01
CA GLY J 178 35.11 60.51 3.39
C GLY J 178 34.91 60.61 4.89
N LEU J 179 34.54 61.82 5.33
CA LEU J 179 34.29 62.10 6.73
C LEU J 179 32.81 62.39 6.91
N VAL J 180 32.18 61.67 7.86
CA VAL J 180 30.77 61.83 8.12
C VAL J 180 30.54 63.07 8.98
N VAL J 181 29.41 63.74 8.74
CA VAL J 181 29.05 64.93 9.49
C VAL J 181 27.85 64.63 10.36
N GLY J 182 27.58 65.52 11.31
CA GLY J 182 26.48 65.31 12.24
C GLY J 182 25.13 65.24 11.56
N ASN J 183 24.94 66.00 10.49
CA ASN J 183 23.66 66.07 9.78
C ASN J 183 23.52 64.97 8.74
N SER J 184 24.27 63.88 8.87
CA SER J 184 24.18 62.78 7.92
C SER J 184 23.00 61.88 8.27
N GLN J 185 22.18 61.58 7.28
CA GLN J 185 21.02 60.72 7.46
C GLN J 185 21.36 59.31 6.99
N VAL J 186 20.99 58.32 7.78
CA VAL J 186 21.32 56.92 7.54
C VAL J 186 20.05 56.16 7.22
N ALA J 187 20.12 55.28 6.21
CA ALA J 187 19.02 54.43 5.82
C ALA J 187 19.42 52.97 5.98
N PHE J 188 18.51 52.17 6.52
CA PHE J 188 18.75 50.76 6.78
C PHE J 188 17.91 49.89 5.85
N GLU J 189 18.49 48.74 5.47
CA GLU J 189 17.78 47.75 4.67
C GLU J 189 18.06 46.38 5.26
N LYS J 190 17.01 45.61 5.53
CA LYS J 190 17.17 44.32 6.16
C LYS J 190 17.97 43.38 5.28
N ALA J 191 18.85 42.59 5.89
CA ALA J 191 19.61 41.59 5.17
C ALA J 191 18.72 40.40 4.83
N GLU J 192 19.09 39.67 3.79
CA GLU J 192 18.29 38.55 3.31
C GLU J 192 18.28 37.42 4.34
N ASN J 193 17.17 36.69 4.36
CA ASN J 193 17.01 35.51 5.22
C ASN J 193 17.05 35.90 6.69
N SER J 194 16.32 36.95 7.04
CA SER J 194 16.22 37.41 8.41
C SER J 194 14.76 37.73 8.73
N SER J 195 14.40 37.61 10.00
CA SER J 195 13.06 37.88 10.48
C SER J 195 12.94 39.24 11.17
N LEU J 196 13.77 40.20 10.78
CA LEU J 196 13.73 41.53 11.39
C LEU J 196 12.64 42.37 10.76
N ASN J 197 11.82 42.99 11.60
CA ASN J 197 10.76 43.90 11.16
C ASN J 197 11.20 45.32 11.51
N LEU J 198 11.58 46.09 10.50
CA LEU J 198 12.11 47.43 10.68
C LEU J 198 11.08 48.45 10.23
N ILE J 199 10.80 49.43 11.09
CA ILE J 199 9.85 50.49 10.79
C ILE J 199 10.46 51.82 11.20
N GLY J 200 10.46 52.78 10.29
CA GLY J 200 11.01 54.09 10.58
C GLY J 200 11.43 54.80 9.32
N LYS J 201 11.98 56.01 9.51
CA LYS J 201 12.43 56.85 8.37
C LYS J 201 13.61 56.17 7.67
N ALA J 202 14.46 55.46 8.42
CA ALA J 202 15.63 54.81 7.83
C ALA J 202 15.23 53.49 7.18
N LYS J 203 14.30 53.55 6.22
CA LYS J 203 13.83 52.34 5.49
C LYS J 203 13.78 52.67 3.99
N THR J 204 14.57 53.63 3.53
CA THR J 204 14.65 54.01 2.09
C THR J 204 13.25 54.36 1.57
N LYS J 205 12.35 54.85 2.44
CA LYS J 205 10.97 55.24 2.05
C LYS J 205 10.16 53.99 1.73
N GLU J 206 8.84 54.14 1.53
CA GLU J 206 7.94 53.00 1.18
C GLU J 206 6.97 53.45 0.10
N ASN J 207 6.77 52.65 -0.95
CA ASN J 207 5.86 52.99 -2.09
C ASN J 207 5.27 51.67 -2.61
N ARG J 208 4.49 50.96 -1.80
CA ARG J 208 3.95 49.65 -2.18
C ARG J 208 3.44 49.68 -3.62
N GLN J 209 3.90 48.70 -4.40
CA GLN J 209 3.53 48.63 -5.81
C GLN J 209 2.02 48.58 -5.95
N SER J 210 1.49 49.41 -6.86
CA SER J 210 0.06 49.41 -7.09
C SER J 210 -0.42 48.01 -7.46
N ILE J 211 -1.71 47.77 -7.27
CA ILE J 211 -2.28 46.44 -7.42
C ILE J 211 -2.94 46.27 -8.79
N ILE J 212 -2.58 47.10 -9.76
CA ILE J 212 -3.12 47.02 -11.11
C ILE J 212 -1.99 47.27 -12.10
N ASN J 213 -1.99 46.52 -13.19
CA ASN J 213 -0.97 46.71 -14.21
C ASN J 213 -1.08 48.12 -14.77
N PRO J 214 0.05 48.80 -15.02
CA PRO J 214 -0.03 50.16 -15.57
C PRO J 214 -0.52 50.20 -17.01
N ASP J 215 -0.43 49.08 -17.72
CA ASP J 215 -0.88 49.00 -19.14
C ASP J 215 -2.27 48.36 -19.21
N TRP J 216 -3.28 48.90 -18.52
CA TRP J 216 -4.64 48.31 -18.49
C TRP J 216 -5.70 49.38 -18.76
N ASN J 217 -6.40 49.29 -19.89
CA ASN J 217 -7.55 50.16 -20.21
C ASN J 217 -8.73 49.19 -20.27
N PHE J 218 -9.93 49.60 -19.92
CA PHE J 218 -11.12 48.71 -19.93
C PHE J 218 -11.38 48.27 -21.36
N GLU J 219 -11.09 49.11 -22.35
CA GLU J 219 -11.41 48.80 -23.74
C GLU J 219 -10.66 47.58 -24.27
N LYS J 220 -9.52 47.22 -23.68
CA LYS J 220 -8.73 46.11 -24.18
C LYS J 220 -9.16 44.75 -23.60
N MET J 221 -10.04 44.74 -22.60
CA MET J 221 -10.45 43.47 -22.02
C MET J 221 -11.22 42.62 -23.02
N GLY J 222 -12.09 43.23 -23.81
CA GLY J 222 -12.87 42.50 -24.79
C GLY J 222 -14.15 41.92 -24.25
N ILE J 223 -14.84 42.65 -23.37
CA ILE J 223 -16.11 42.23 -22.80
C ILE J 223 -17.15 43.30 -23.12
N GLY J 224 -18.23 42.90 -23.75
CA GLY J 224 -19.27 43.83 -24.16
C GLY J 224 -20.60 43.47 -23.53
N GLY J 225 -21.39 44.51 -23.20
CA GLY J 225 -22.70 44.30 -22.64
C GLY J 225 -22.74 43.98 -21.17
N LEU J 226 -21.66 44.24 -20.43
CA LEU J 226 -21.60 43.94 -19.00
C LEU J 226 -20.99 45.11 -18.25
N ASP J 227 -21.43 46.33 -18.55
CA ASP J 227 -20.87 47.50 -17.88
C ASP J 227 -21.32 47.58 -16.42
N LYS J 228 -22.63 47.42 -16.18
CA LYS J 228 -23.16 47.59 -14.83
C LYS J 228 -22.62 46.52 -13.88
N GLU J 229 -22.56 45.27 -14.33
CA GLU J 229 -22.06 44.20 -13.48
C GLU J 229 -20.61 44.43 -13.09
N PHE J 230 -19.76 44.78 -14.05
CA PHE J 230 -18.33 45.06 -13.77
C PHE J 230 -18.19 46.31 -12.92
N SER J 231 -19.04 47.31 -13.03
CA SER J 231 -18.98 48.46 -12.14
C SER J 231 -19.30 48.03 -10.70
N ASP J 232 -20.35 47.23 -10.52
CA ASP J 232 -20.70 46.75 -9.20
C ASP J 232 -19.56 45.93 -8.60
N ILE J 233 -18.96 45.02 -9.35
CA ILE J 233 -17.90 44.09 -8.87
C ILE J 233 -16.61 44.85 -8.58
N PHE J 234 -16.43 46.09 -9.00
CA PHE J 234 -15.25 46.92 -8.69
C PHE J 234 -15.51 47.71 -7.42
N ARG J 235 -16.60 48.45 -7.33
CA ARG J 235 -16.94 49.15 -6.08
C ARG J 235 -17.00 48.14 -4.98
N ARG J 236 -17.45 46.90 -5.19
CA ARG J 236 -17.60 46.07 -3.99
C ARG J 236 -16.40 45.20 -3.67
N ALA J 237 -15.41 45.11 -4.56
CA ALA J 237 -14.29 44.21 -4.31
C ALA J 237 -12.93 44.87 -4.37
N PHE J 238 -12.74 45.85 -5.24
CA PHE J 238 -11.42 46.43 -5.49
C PHE J 238 -11.30 47.88 -5.06
N ALA J 239 -12.38 48.49 -4.55
CA ALA J 239 -12.32 49.90 -4.20
C ALA J 239 -11.39 50.16 -3.02
N SER J 240 -11.33 49.22 -2.07
CA SER J 240 -10.53 49.42 -0.86
C SER J 240 -9.05 49.12 -1.07
N ARG J 241 -8.69 48.44 -2.16
CA ARG J 241 -7.30 48.06 -2.39
C ARG J 241 -6.54 49.09 -3.21
N VAL J 242 -7.21 50.13 -3.72
CA VAL J 242 -6.53 51.19 -4.45
C VAL J 242 -6.51 52.51 -3.67
N PHE J 243 -7.33 52.65 -2.64
CA PHE J 243 -7.34 53.87 -1.85
C PHE J 243 -6.04 53.96 -1.05
N PRO J 244 -5.62 55.17 -0.67
CA PRO J 244 -4.37 55.31 0.09
C PRO J 244 -4.39 54.45 1.34
N PRO J 245 -3.32 53.71 1.62
CA PRO J 245 -3.36 52.75 2.74
C PRO J 245 -3.64 53.39 4.09
N GLU J 246 -3.14 54.60 4.34
CA GLU J 246 -3.25 55.17 5.67
C GLU J 246 -4.71 55.47 6.02
N ILE J 247 -5.50 55.92 5.05
CA ILE J 247 -6.91 56.19 5.33
C ILE J 247 -7.66 54.89 5.58
N VAL J 248 -7.39 53.85 4.77
CA VAL J 248 -8.06 52.57 4.96
C VAL J 248 -7.73 51.99 6.32
N GLU J 249 -6.48 52.17 6.77
CA GLU J 249 -6.10 51.67 8.09
C GLU J 249 -6.84 52.42 9.19
N GLN J 250 -7.18 53.68 8.96
CA GLN J 250 -7.91 54.48 9.94
C GLN J 250 -9.39 54.13 9.99
N MET J 251 -9.84 53.10 9.27
CA MET J 251 -11.23 52.68 9.28
C MET J 251 -11.45 51.30 9.89
N GLY J 252 -10.41 50.47 9.96
CA GLY J 252 -10.52 49.17 10.58
C GLY J 252 -11.47 48.24 9.84
N CYS J 253 -11.35 48.17 8.52
CA CYS J 253 -12.22 47.39 7.69
C CYS J 253 -11.45 46.29 6.97
N LYS J 254 -12.05 45.12 6.88
N LYS J 254 -12.05 45.12 6.88
CA LYS J 254 -11.45 43.99 6.16
CA LYS J 254 -11.45 43.99 6.16
C LYS J 254 -11.85 44.04 4.69
C LYS J 254 -11.85 44.04 4.69
N HIS J 255 -11.14 43.25 3.88
CA HIS J 255 -11.40 43.18 2.46
C HIS J 255 -12.33 42.02 2.13
N VAL J 256 -13.17 42.22 1.12
CA VAL J 256 -14.09 41.18 0.69
C VAL J 256 -13.30 39.96 0.22
N LYS J 257 -13.89 38.77 0.39
CA LYS J 257 -13.15 37.53 0.26
C LYS J 257 -13.68 36.57 -0.80
N GLY J 258 -14.67 36.96 -1.60
CA GLY J 258 -15.18 36.03 -2.60
C GLY J 258 -16.18 36.66 -3.53
N ILE J 259 -16.36 36.00 -4.67
CA ILE J 259 -17.35 36.37 -5.69
C ILE J 259 -18.00 35.09 -6.20
N LEU J 260 -19.25 35.22 -6.64
CA LEU J 260 -19.97 34.14 -7.29
C LEU J 260 -20.67 34.67 -8.53
N LEU J 261 -20.59 33.91 -9.63
CA LEU J 261 -21.20 34.28 -10.90
C LEU J 261 -22.06 33.13 -11.38
N TYR J 262 -23.29 33.43 -11.78
CA TYR J 262 -24.19 32.38 -12.29
C TYR J 262 -25.02 32.91 -13.45
N GLY J 263 -25.49 31.98 -14.27
CA GLY J 263 -26.29 32.31 -15.43
C GLY J 263 -26.38 31.16 -16.41
N PRO J 264 -27.08 31.36 -17.53
CA PRO J 264 -27.21 30.30 -18.53
C PRO J 264 -25.92 30.11 -19.30
N PRO J 265 -25.80 29.03 -20.07
CA PRO J 265 -24.54 28.75 -20.77
C PRO J 265 -24.20 29.80 -21.82
N GLY J 266 -22.90 30.03 -22.00
CA GLY J 266 -22.42 30.80 -23.12
C GLY J 266 -22.53 32.30 -23.00
N CYS J 267 -22.79 32.83 -21.81
CA CYS J 267 -23.04 34.25 -21.63
C CYS J 267 -21.86 35.02 -21.05
N GLY J 268 -20.70 34.37 -20.86
CA GLY J 268 -19.50 35.09 -20.51
C GLY J 268 -19.15 35.13 -19.04
N LYS J 269 -19.14 33.97 -18.38
CA LYS J 269 -18.71 33.90 -16.99
C LYS J 269 -17.23 33.57 -16.88
N THR J 270 -16.76 32.58 -17.64
CA THR J 270 -15.34 32.22 -17.60
C THR J 270 -14.47 33.33 -18.19
N LEU J 271 -14.98 34.01 -19.23
CA LEU J 271 -14.23 35.10 -19.83
C LEU J 271 -13.98 36.21 -18.81
N LEU J 272 -15.01 36.57 -18.04
CA LEU J 272 -14.87 37.64 -17.05
C LEU J 272 -13.85 37.27 -15.98
N ALA J 273 -13.90 36.03 -15.49
CA ALA J 273 -12.94 35.59 -14.49
C ALA J 273 -11.52 35.60 -15.06
N ARG J 274 -11.36 35.12 -16.30
CA ARG J 274 -10.04 35.12 -16.92
C ARG J 274 -9.51 36.54 -17.06
N GLN J 275 -10.36 37.49 -17.43
CA GLN J 275 -9.91 38.86 -17.62
C GLN J 275 -9.62 39.55 -16.30
N ILE J 276 -10.37 39.21 -15.23
CA ILE J 276 -10.06 39.75 -13.92
C ILE J 276 -8.74 39.20 -13.40
N GLY J 277 -8.47 37.93 -13.69
CA GLY J 277 -7.24 37.33 -13.20
C GLY J 277 -5.99 38.01 -13.72
N LYS J 278 -6.03 38.49 -14.97
CA LYS J 278 -4.87 39.09 -15.61
C LYS J 278 -4.94 40.61 -15.62
N MET J 279 -5.84 41.22 -14.85
CA MET J 279 -5.85 42.66 -14.67
C MET J 279 -5.04 43.10 -13.47
N LEU J 280 -4.80 42.21 -12.52
CA LEU J 280 -4.14 42.56 -11.27
C LEU J 280 -2.64 42.29 -11.35
N ASN J 281 -1.88 43.06 -10.58
CA ASN J 281 -0.42 42.96 -10.58
C ASN J 281 0.09 41.70 -9.90
N ALA J 282 -0.78 40.94 -9.24
CA ALA J 282 -0.34 39.81 -8.44
C ALA J 282 0.22 38.70 -9.31
N ARG J 283 0.66 37.62 -8.66
CA ARG J 283 1.23 36.48 -9.35
C ARG J 283 0.14 35.70 -10.07
N GLU J 284 0.53 34.56 -10.64
CA GLU J 284 -0.40 33.74 -11.40
C GLU J 284 -1.50 33.20 -10.48
N PRO J 285 -2.71 33.03 -10.99
CA PRO J 285 -3.78 32.42 -10.18
C PRO J 285 -3.75 30.89 -10.24
N LYS J 286 -4.47 30.29 -9.29
CA LYS J 286 -4.62 28.84 -9.23
C LYS J 286 -5.99 28.47 -9.77
N VAL J 287 -6.02 27.47 -10.64
CA VAL J 287 -7.23 27.07 -11.35
C VAL J 287 -7.57 25.63 -10.97
N VAL J 288 -8.82 25.41 -10.58
CA VAL J 288 -9.33 24.07 -10.29
C VAL J 288 -10.35 23.73 -11.38
N ASN J 289 -10.01 22.74 -12.20
CA ASN J 289 -10.84 22.38 -13.36
C ASN J 289 -11.85 21.33 -12.93
N GLY J 290 -12.97 21.80 -12.39
CA GLY J 290 -14.03 20.91 -11.96
C GLY J 290 -13.63 20.09 -10.76
N PRO J 291 -14.12 18.86 -10.67
CA PRO J 291 -13.77 18.00 -9.51
C PRO J 291 -12.48 17.21 -9.73
N GLU J 292 -11.35 17.92 -9.68
CA GLU J 292 -10.05 17.34 -9.90
C GLU J 292 -9.25 17.15 -8.61
N ILE J 293 -9.91 17.23 -7.44
CA ILE J 293 -9.24 16.97 -6.18
C ILE J 293 -9.63 15.62 -5.58
N LEU J 294 -10.71 15.00 -6.05
CA LEU J 294 -11.17 13.76 -5.47
C LEU J 294 -10.11 12.68 -5.63
N ASN J 295 -9.98 11.83 -4.61
CA ASN J 295 -9.00 10.75 -4.62
C ASN J 295 -9.59 9.55 -3.90
N LYS J 296 -9.09 8.36 -4.26
CA LYS J 296 -9.68 7.13 -3.75
C LYS J 296 -9.30 6.85 -2.30
N TYR J 297 -8.15 7.35 -1.85
CA TYR J 297 -7.64 7.03 -0.53
C TYR J 297 -8.22 7.95 0.53
N VAL J 298 -8.16 7.49 1.78
CA VAL J 298 -8.75 8.24 2.88
C VAL J 298 -7.90 9.46 3.19
N GLY J 299 -8.55 10.61 3.31
CA GLY J 299 -7.87 11.82 3.74
C GLY J 299 -7.00 12.48 2.68
N GLU J 300 -7.24 12.21 1.40
CA GLU J 300 -6.44 12.79 0.33
C GLU J 300 -7.13 13.98 -0.34
N SER J 301 -8.46 13.97 -0.43
CA SER J 301 -9.15 15.14 -0.97
C SER J 301 -8.96 16.36 -0.08
N GLU J 302 -9.03 16.17 1.24
CA GLU J 302 -8.84 17.28 2.16
C GLU J 302 -7.41 17.83 2.07
N ALA J 303 -6.43 16.96 1.86
CA ALA J 303 -5.06 17.44 1.67
C ALA J 303 -4.96 18.29 0.42
N ASN J 304 -5.61 17.86 -0.66
CA ASN J 304 -5.60 18.64 -1.90
C ASN J 304 -6.26 20.00 -1.69
N ILE J 305 -7.33 20.04 -0.89
CA ILE J 305 -7.96 21.32 -0.57
C ILE J 305 -7.02 22.20 0.23
N ARG J 306 -6.39 21.64 1.26
CA ARG J 306 -5.52 22.43 2.13
C ARG J 306 -4.29 22.94 1.38
N LYS J 307 -3.85 22.22 0.36
N LYS J 307 -3.84 22.22 0.36
CA LYS J 307 -2.64 22.60 -0.37
CA LYS J 307 -2.63 22.62 -0.35
C LYS J 307 -2.82 23.91 -1.13
C LYS J 307 -2.81 23.94 -1.10
N LEU J 308 -4.05 24.36 -1.37
CA LEU J 308 -4.26 25.55 -2.16
C LEU J 308 -3.94 26.84 -1.41
N PHE J 309 -3.93 26.81 -0.08
CA PHE J 309 -3.79 28.03 0.72
C PHE J 309 -2.43 28.19 1.36
N ALA J 310 -1.50 27.25 1.17
CA ALA J 310 -0.27 27.26 1.95
C ALA J 310 0.55 28.53 1.71
N ASP J 311 0.70 28.91 0.44
CA ASP J 311 1.50 30.09 0.14
C ASP J 311 0.91 31.34 0.78
N ALA J 312 -0.41 31.47 0.78
CA ALA J 312 -1.04 32.63 1.41
C ALA J 312 -0.72 32.69 2.89
N GLU J 313 -0.80 31.55 3.59
CA GLU J 313 -0.48 31.54 5.01
C GLU J 313 0.97 31.92 5.26
N GLU J 314 1.88 31.35 4.46
CA GLU J 314 3.30 31.63 4.67
C GLU J 314 3.59 33.12 4.46
N GLU J 315 3.07 33.69 3.37
CA GLU J 315 3.31 35.10 3.10
C GLU J 315 2.68 35.99 4.16
N GLN J 316 1.47 35.65 4.61
CA GLN J 316 0.83 36.45 5.64
C GLN J 316 1.65 36.42 6.93
N ARG J 317 2.16 35.25 7.31
CA ARG J 317 2.98 35.17 8.51
C ARG J 317 4.25 35.98 8.35
N ARG J 318 4.92 35.87 7.20
CA ARG J 318 6.24 36.50 7.05
C ARG J 318 6.12 38.01 6.95
N LEU J 319 5.21 38.52 6.12
CA LEU J 319 5.18 39.94 5.78
C LEU J 319 4.12 40.71 6.54
N GLY J 320 2.92 40.16 6.70
CA GLY J 320 1.86 40.84 7.45
C GLY J 320 0.99 41.69 6.54
N ALA J 321 1.03 43.01 6.73
CA ALA J 321 0.19 43.95 5.99
C ALA J 321 0.82 44.40 4.68
N ASN J 322 2.03 43.96 4.37
CA ASN J 322 2.70 44.31 3.11
C ASN J 322 2.69 43.17 2.11
N SER J 323 1.89 42.14 2.34
CA SER J 323 1.85 40.99 1.44
C SER J 323 1.11 41.34 0.15
N GLY J 324 1.23 40.45 -0.82
CA GLY J 324 0.57 40.62 -2.10
C GLY J 324 -0.85 40.10 -2.06
N LEU J 325 -1.34 39.71 -3.24
CA LEU J 325 -2.68 39.18 -3.41
C LEU J 325 -2.63 37.83 -4.07
N HIS J 326 -3.38 36.88 -3.55
CA HIS J 326 -3.46 35.52 -4.08
C HIS J 326 -4.88 35.24 -4.54
N ILE J 327 -5.01 34.57 -5.68
CA ILE J 327 -6.30 34.34 -6.33
C ILE J 327 -6.47 32.84 -6.56
N ILE J 328 -7.66 32.33 -6.24
CA ILE J 328 -8.04 30.96 -6.55
C ILE J 328 -9.33 31.02 -7.36
N ILE J 329 -9.40 30.17 -8.40
CA ILE J 329 -10.54 30.12 -9.29
C ILE J 329 -11.13 28.71 -9.24
N PHE J 330 -12.43 28.63 -8.94
CA PHE J 330 -13.15 27.37 -8.88
C PHE J 330 -14.11 27.30 -10.06
N ASP J 331 -13.92 26.31 -10.93
CA ASP J 331 -14.73 26.14 -12.12
C ASP J 331 -15.71 25.00 -11.91
N GLU J 332 -17.00 25.26 -12.16
CA GLU J 332 -18.06 24.29 -11.89
C GLU J 332 -18.05 23.90 -10.41
N ILE J 333 -18.26 24.91 -9.55
CA ILE J 333 -18.14 24.69 -8.12
C ILE J 333 -19.30 23.88 -7.56
N ASP J 334 -20.41 23.76 -8.29
CA ASP J 334 -21.53 22.98 -7.81
C ASP J 334 -21.23 21.48 -7.77
N ALA J 335 -20.12 21.04 -8.36
CA ALA J 335 -19.77 19.63 -8.39
C ALA J 335 -19.08 19.16 -7.11
N ILE J 336 -18.75 20.08 -6.20
CA ILE J 336 -18.03 19.75 -4.98
C ILE J 336 -18.79 20.20 -3.74
N CYS J 337 -19.17 21.47 -3.68
CA CYS J 337 -19.86 22.04 -2.53
C CYS J 337 -21.37 21.92 -2.74
N LYS J 338 -22.02 21.12 -1.90
CA LYS J 338 -23.47 20.96 -1.94
C LYS J 338 -23.98 20.93 -0.50
N GLN J 339 -25.30 21.12 -0.36
CA GLN J 339 -25.91 21.20 0.96
C GLN J 339 -25.52 20.00 1.81
N ARG J 340 -25.01 20.29 3.01
CA ARG J 340 -24.58 19.23 3.92
C ARG J 340 -25.78 18.49 4.48
N GLY J 341 -25.65 17.17 4.58
CA GLY J 341 -26.68 16.36 5.19
C GLY J 341 -27.91 16.14 4.33
N SER J 342 -27.79 16.30 3.02
CA SER J 342 -28.89 16.06 2.09
C SER J 342 -28.64 14.86 1.19
N MET J 343 -27.53 14.86 0.45
CA MET J 343 -27.16 13.74 -0.38
C MET J 343 -26.61 12.61 0.51
N ALA J 344 -26.32 11.46 -0.09
CA ALA J 344 -25.70 10.35 0.63
C ALA J 344 -24.31 10.68 1.15
N GLY J 345 -23.80 11.90 0.96
CA GLY J 345 -22.53 12.39 1.45
C GLY J 345 -21.36 11.89 0.61
N SER J 346 -21.64 11.32 -0.57
CA SER J 346 -20.58 10.73 -1.40
C SER J 346 -19.76 9.74 -0.57
N THR J 347 -20.46 8.97 0.27
CA THR J 347 -19.83 7.97 1.18
C THR J 347 -19.00 8.73 2.21
N GLY J 348 -19.54 9.81 2.80
CA GLY J 348 -18.84 10.56 3.83
C GLY J 348 -17.65 11.35 3.33
N VAL J 349 -17.56 11.57 2.02
CA VAL J 349 -16.44 12.30 1.43
C VAL J 349 -16.79 13.76 1.19
N HIS J 350 -18.00 14.03 0.69
CA HIS J 350 -18.36 15.40 0.33
C HIS J 350 -18.51 16.28 1.57
N ASP J 351 -19.08 15.73 2.64
CA ASP J 351 -19.25 16.52 3.86
C ASP J 351 -17.89 16.96 4.41
N THR J 352 -16.91 16.06 4.41
CA THR J 352 -15.59 16.41 4.90
C THR J 352 -14.95 17.50 4.04
N VAL J 353 -15.12 17.41 2.72
CA VAL J 353 -14.55 18.43 1.83
C VAL J 353 -15.19 19.78 2.10
N VAL J 354 -16.53 19.81 2.25
CA VAL J 354 -17.21 21.06 2.52
C VAL J 354 -16.74 21.65 3.85
N ASN J 355 -16.63 20.81 4.88
CA ASN J 355 -16.17 21.29 6.18
C ASN J 355 -14.76 21.85 6.08
N GLN J 356 -13.87 21.16 5.36
CA GLN J 356 -12.51 21.64 5.21
C GLN J 356 -12.47 23.00 4.52
N LEU J 357 -13.24 23.14 3.44
CA LEU J 357 -13.25 24.41 2.72
C LEU J 357 -13.77 25.54 3.60
N LEU J 358 -14.86 25.27 4.33
CA LEU J 358 -15.41 26.30 5.22
C LEU J 358 -14.39 26.69 6.29
N SER J 359 -13.68 25.70 6.86
CA SER J 359 -12.71 26.00 7.89
C SER J 359 -11.54 26.81 7.34
N LYS J 360 -11.13 26.52 6.11
CA LYS J 360 -9.97 27.21 5.55
C LYS J 360 -10.30 28.64 5.15
N ILE J 361 -11.48 28.87 4.56
CA ILE J 361 -11.80 30.23 4.10
C ILE J 361 -11.86 31.19 5.28
N ASP J 362 -12.57 30.82 6.34
CA ASP J 362 -12.73 31.68 7.51
C ASP J 362 -12.62 30.81 8.76
N GLY J 363 -11.58 31.04 9.55
CA GLY J 363 -11.36 30.24 10.75
C GLY J 363 -10.69 31.00 11.87
N VAL J 364 -10.04 30.27 12.78
CA VAL J 364 -9.40 30.91 13.92
C VAL J 364 -8.20 31.75 13.47
N GLU J 365 -7.44 31.25 12.50
CA GLU J 365 -6.34 32.00 11.93
C GLU J 365 -6.85 32.87 10.80
N GLN J 366 -6.51 34.16 10.84
CA GLN J 366 -7.09 35.15 9.95
C GLN J 366 -6.17 35.43 8.77
N LEU J 367 -6.75 35.41 7.57
CA LEU J 367 -6.07 35.80 6.34
C LEU J 367 -6.68 37.09 5.81
N ASN J 368 -5.87 37.86 5.09
CA ASN J 368 -6.35 39.12 4.53
C ASN J 368 -5.81 39.36 3.11
N ASN J 369 -5.31 38.33 2.44
CA ASN J 369 -4.67 38.49 1.13
C ASN J 369 -5.10 37.38 0.18
N ILE J 370 -6.38 37.07 0.15
CA ILE J 370 -6.91 36.06 -0.76
C ILE J 370 -8.16 36.59 -1.46
N LEU J 371 -8.46 35.99 -2.62
CA LEU J 371 -9.68 36.30 -3.36
C LEU J 371 -10.10 35.01 -4.06
N VAL J 372 -11.33 34.58 -3.82
CA VAL J 372 -11.85 33.32 -4.33
C VAL J 372 -12.99 33.62 -5.29
N ILE J 373 -12.97 33.00 -6.47
CA ILE J 373 -13.98 33.21 -7.49
C ILE J 373 -14.60 31.86 -7.84
N GLY J 374 -15.93 31.82 -7.87
CA GLY J 374 -16.65 30.61 -8.21
C GLY J 374 -17.66 30.87 -9.31
N MET J 375 -17.89 29.84 -10.12
CA MET J 375 -18.80 29.92 -11.26
C MET J 375 -19.62 28.64 -11.34
N THR J 376 -20.91 28.79 -11.62
CA THR J 376 -21.80 27.64 -11.59
C THR J 376 -23.01 27.89 -12.50
N ASN J 377 -23.64 26.80 -12.91
CA ASN J 377 -24.88 26.83 -13.68
C ASN J 377 -26.10 26.48 -12.84
N ARG J 378 -25.92 25.92 -11.65
N ARG J 378 -25.92 25.93 -11.64
CA ARG J 378 -27.00 25.50 -10.76
CA ARG J 378 -27.01 25.51 -10.77
C ARG J 378 -26.80 26.18 -9.42
C ARG J 378 -26.81 26.18 -9.41
N PRO J 379 -27.13 27.47 -9.30
CA PRO J 379 -26.85 28.19 -8.04
C PRO J 379 -27.64 27.69 -6.83
N ASP J 380 -28.71 26.93 -7.03
CA ASP J 380 -29.57 26.53 -5.92
C ASP J 380 -29.06 25.32 -5.16
N LEU J 381 -28.02 24.65 -5.65
CA LEU J 381 -27.51 23.44 -5.02
C LEU J 381 -26.33 23.70 -4.10
N ILE J 382 -25.96 24.96 -3.89
CA ILE J 382 -24.76 25.30 -3.13
C ILE J 382 -25.11 25.47 -1.66
N ASP J 383 -24.15 25.17 -0.80
CA ASP J 383 -24.37 25.25 0.64
C ASP J 383 -24.70 26.68 1.06
N GLU J 384 -25.59 26.81 2.04
CA GLU J 384 -26.01 28.12 2.50
C GLU J 384 -25.00 28.78 3.44
N ALA J 385 -24.10 27.99 4.04
CA ALA J 385 -23.10 28.56 4.93
C ALA J 385 -21.88 29.12 4.19
N LEU J 386 -21.77 28.85 2.89
CA LEU J 386 -20.67 29.36 2.09
C LEU J 386 -21.03 30.66 1.36
N LEU J 387 -22.27 31.13 1.49
CA LEU J 387 -22.74 32.32 0.80
C LEU J 387 -23.20 33.39 1.79
N ARG J 388 -22.44 33.58 2.86
CA ARG J 388 -22.74 34.57 3.88
C ARG J 388 -21.65 35.64 3.90
N PRO J 389 -21.96 36.84 4.40
CA PRO J 389 -20.92 37.86 4.52
C PRO J 389 -19.74 37.37 5.35
N GLY J 390 -18.55 37.72 4.91
CA GLY J 390 -17.33 37.08 5.38
C GLY J 390 -16.92 35.89 4.55
N ARG J 391 -17.70 35.53 3.55
CA ARG J 391 -17.44 34.41 2.66
C ARG J 391 -17.85 34.87 1.26
N LEU J 392 -18.09 33.93 0.35
CA LEU J 392 -18.43 34.31 -1.01
C LEU J 392 -19.77 35.04 -1.01
N GLU J 393 -19.73 36.37 -0.91
CA GLU J 393 -20.89 37.18 -0.59
C GLU J 393 -21.35 38.08 -1.71
N VAL J 394 -20.54 38.29 -2.75
CA VAL J 394 -20.91 39.13 -3.88
C VAL J 394 -21.42 38.21 -4.97
N LYS J 395 -22.74 38.15 -5.15
CA LYS J 395 -23.38 37.24 -6.09
C LYS J 395 -23.88 38.03 -7.29
N MET J 396 -23.54 37.55 -8.49
CA MET J 396 -23.87 38.24 -9.72
C MET J 396 -24.47 37.28 -10.75
N GLU J 397 -25.36 37.82 -11.56
CA GLU J 397 -26.08 37.05 -12.58
C GLU J 397 -25.73 37.60 -13.96
N ILE J 398 -25.33 36.72 -14.86
CA ILE J 398 -25.02 37.06 -16.25
C ILE J 398 -26.11 36.48 -17.12
N GLY J 399 -26.88 37.35 -17.78
CA GLY J 399 -28.00 36.93 -18.58
C GLY J 399 -27.89 37.30 -20.04
N LEU J 400 -28.99 37.15 -20.78
CA LEU J 400 -28.97 37.47 -22.20
C LEU J 400 -28.84 38.98 -22.40
N PRO J 401 -28.14 39.41 -23.45
CA PRO J 401 -28.00 40.85 -23.71
C PRO J 401 -29.19 41.41 -24.49
N ASP J 402 -29.27 42.73 -24.49
CA ASP J 402 -30.26 43.47 -25.25
C ASP J 402 -29.60 44.03 -26.51
N GLU J 403 -30.32 44.91 -27.22
CA GLU J 403 -29.83 45.38 -28.52
C GLU J 403 -28.49 46.07 -28.40
N LYS J 404 -28.32 46.93 -27.38
N LYS J 404 -28.32 46.93 -27.38
CA LYS J 404 -27.05 47.61 -27.20
CA LYS J 404 -27.05 47.62 -27.19
C LYS J 404 -25.93 46.63 -26.91
C LYS J 404 -25.93 46.63 -26.91
N GLY J 405 -26.19 45.62 -26.07
CA GLY J 405 -25.17 44.63 -25.79
C GLY J 405 -24.78 43.84 -27.03
N ARG J 406 -25.77 43.46 -27.84
CA ARG J 406 -25.47 42.74 -29.08
C ARG J 406 -24.65 43.61 -30.02
N LEU J 407 -24.99 44.90 -30.12
CA LEU J 407 -24.21 45.80 -30.96
C LEU J 407 -22.77 45.90 -30.47
N GLN J 408 -22.59 46.01 -29.15
CA GLN J 408 -21.23 46.09 -28.61
C GLN J 408 -20.45 44.81 -28.90
N ILE J 409 -21.09 43.65 -28.75
CA ILE J 409 -20.39 42.40 -29.01
C ILE J 409 -20.00 42.30 -30.49
N LEU J 410 -20.92 42.68 -31.38
CA LEU J 410 -20.62 42.61 -32.81
C LEU J 410 -19.49 43.56 -33.18
N HIS J 411 -19.45 44.74 -32.56
CA HIS J 411 -18.32 45.64 -32.78
C HIS J 411 -17.03 45.04 -32.26
N ILE J 412 -17.10 44.32 -31.14
CA ILE J 412 -15.91 43.68 -30.59
C ILE J 412 -15.36 42.64 -31.55
N HIS J 413 -16.24 41.82 -32.13
CA HIS J 413 -15.80 40.63 -32.84
C HIS J 413 -15.54 40.84 -34.32
N THR J 414 -15.68 42.07 -34.83
CA THR J 414 -15.38 42.39 -36.23
C THR J 414 -14.51 43.64 -36.30
N ALA J 415 -13.44 43.67 -35.50
CA ALA J 415 -12.54 44.81 -35.44
C ALA J 415 -11.30 44.62 -36.30
N ARG J 416 -10.64 43.46 -36.21
CA ARG J 416 -9.46 43.22 -37.03
C ARG J 416 -9.81 43.19 -38.52
N MET J 417 -10.95 42.60 -38.87
CA MET J 417 -11.34 42.53 -40.27
C MET J 417 -11.53 43.93 -40.84
N ARG J 418 -12.14 44.84 -40.06
N ARG J 418 -12.16 44.83 -40.08
CA ARG J 418 -12.32 46.20 -40.54
CA ARG J 418 -12.31 46.21 -40.51
C ARG J 418 -10.98 46.93 -40.66
C ARG J 418 -10.96 46.89 -40.69
N GLY J 419 -10.04 46.64 -39.77
CA GLY J 419 -8.74 47.31 -39.83
C GLY J 419 -7.98 46.99 -41.11
N HIS J 420 -8.08 45.75 -41.58
CA HIS J 420 -7.36 45.31 -42.78
C HIS J 420 -8.22 45.41 -44.03
N GLN J 421 -9.28 46.20 -44.00
N GLN J 421 -9.26 46.25 -44.02
CA GLN J 421 -10.12 46.44 -45.19
CA GLN J 421 -10.16 46.44 -45.14
C GLN J 421 -10.66 45.12 -45.76
C GLN J 421 -10.57 45.10 -45.75
N LEU J 422 -10.98 44.18 -44.88
CA LEU J 422 -11.51 42.88 -45.29
C LEU J 422 -13.03 42.79 -45.14
N LEU J 423 -13.68 43.88 -44.77
CA LEU J 423 -15.13 43.93 -44.60
C LEU J 423 -15.75 44.76 -45.71
N SER J 424 -16.72 44.19 -46.42
CA SER J 424 -17.37 44.91 -47.49
C SER J 424 -18.16 46.10 -46.96
N ALA J 425 -18.42 47.06 -47.83
CA ALA J 425 -19.09 48.30 -47.45
C ALA J 425 -20.60 48.20 -47.47
N ASP J 426 -21.16 47.06 -47.86
CA ASP J 426 -22.61 46.88 -47.91
C ASP J 426 -23.18 46.23 -46.66
N VAL J 427 -22.35 45.93 -45.67
CA VAL J 427 -22.83 45.31 -44.44
C VAL J 427 -23.07 46.39 -43.40
N ASP J 428 -24.29 46.40 -42.85
CA ASP J 428 -24.68 47.33 -41.80
C ASP J 428 -24.79 46.55 -40.49
N ILE J 429 -23.95 46.92 -39.51
CA ILE J 429 -23.90 46.16 -38.26
C ILE J 429 -25.19 46.33 -37.47
N LYS J 430 -25.79 47.53 -37.52
CA LYS J 430 -26.98 47.80 -36.73
C LYS J 430 -28.14 46.92 -37.19
N GLU J 431 -28.23 46.65 -38.50
CA GLU J 431 -29.26 45.74 -38.98
C GLU J 431 -29.08 44.34 -38.41
N LEU J 432 -27.83 43.86 -38.36
CA LEU J 432 -27.56 42.56 -37.76
C LEU J 432 -27.93 42.55 -36.28
N ALA J 433 -27.63 43.64 -35.58
CA ALA J 433 -28.00 43.72 -34.17
C ALA J 433 -29.51 43.66 -34.01
N VAL J 434 -30.25 44.34 -34.88
CA VAL J 434 -31.71 44.32 -34.80
C VAL J 434 -32.24 42.92 -35.06
N GLU J 435 -31.70 42.25 -36.09
CA GLU J 435 -32.28 40.97 -36.51
C GLU J 435 -32.10 39.90 -35.45
N THR J 436 -30.90 39.79 -34.88
CA THR J 436 -30.57 38.67 -34.00
C THR J 436 -31.16 38.92 -32.63
N LYS J 437 -32.30 38.28 -32.34
CA LYS J 437 -32.99 38.42 -31.07
C LYS J 437 -32.75 37.21 -30.19
N ASN J 438 -32.57 37.45 -28.89
CA ASN J 438 -32.37 36.40 -27.91
C ASN J 438 -31.08 35.60 -28.18
N PHE J 439 -30.13 36.22 -28.87
CA PHE J 439 -28.82 35.63 -29.06
C PHE J 439 -27.93 35.90 -27.86
N SER J 440 -26.94 35.04 -27.66
CA SER J 440 -25.92 35.17 -26.58
C SER J 440 -24.63 35.66 -27.23
N GLY J 441 -23.50 35.68 -26.55
CA GLY J 441 -22.20 36.00 -27.10
C GLY J 441 -21.63 34.89 -27.96
N ALA J 442 -21.78 33.64 -27.51
CA ALA J 442 -21.24 32.51 -28.26
C ALA J 442 -21.89 32.41 -29.64
N GLU J 443 -23.17 32.67 -29.72
CA GLU J 443 -23.91 32.56 -30.97
C GLU J 443 -23.59 33.77 -31.85
N LEU J 444 -23.24 34.92 -31.31
CA LEU J 444 -22.80 36.06 -32.10
C LEU J 444 -21.36 35.92 -32.57
N GLU J 445 -20.57 35.07 -31.92
CA GLU J 445 -19.23 34.77 -32.43
C GLU J 445 -19.27 33.70 -33.50
N GLY J 446 -20.06 32.65 -33.28
CA GLY J 446 -20.20 31.59 -34.26
C GLY J 446 -20.79 32.08 -35.57
N LEU J 447 -21.66 33.08 -35.51
CA LEU J 447 -22.23 33.64 -36.73
C LEU J 447 -21.15 34.29 -37.59
N VAL J 448 -20.31 35.11 -36.97
CA VAL J 448 -19.21 35.76 -37.71
C VAL J 448 -18.26 34.70 -38.24
N ARG J 449 -17.95 33.70 -37.43
N ARG J 449 -17.93 33.70 -37.43
CA ARG J 449 -17.04 32.64 -37.88
CA ARG J 449 -17.04 32.64 -37.88
C ARG J 449 -17.62 31.91 -39.09
C ARG J 449 -17.62 31.91 -39.09
N ALA J 450 -18.92 31.61 -39.06
CA ALA J 450 -19.56 30.92 -40.18
C ALA J 450 -19.53 31.78 -41.43
N ALA J 451 -19.78 33.09 -41.31
CA ALA J 451 -19.73 33.95 -42.48
C ALA J 451 -18.32 33.98 -43.07
N GLN J 452 -17.30 34.09 -42.22
CA GLN J 452 -15.93 34.09 -42.71
C GLN J 452 -15.62 32.78 -43.44
N SER J 453 -16.02 31.66 -42.86
CA SER J 453 -15.78 30.37 -43.50
C SER J 453 -16.50 30.27 -44.83
N THR J 454 -17.73 30.81 -44.90
CA THR J 454 -18.48 30.77 -46.15
C THR J 454 -17.74 31.53 -47.25
N ALA J 455 -17.27 32.74 -46.96
CA ALA J 455 -16.53 33.49 -47.98
C ALA J 455 -15.25 32.76 -48.38
N MET J 456 -14.50 32.27 -47.39
CA MET J 456 -13.26 31.60 -47.68
C MET J 456 -13.50 30.38 -48.58
N ASN J 457 -14.52 29.59 -48.36
CA ASN J 457 -14.83 28.45 -49.27
C ASN J 457 -15.27 29.02 -50.61
N ARG J 458 -16.01 30.13 -50.65
CA ARG J 458 -16.32 30.69 -51.96
C ARG J 458 -15.05 30.83 -52.79
N HIS J 459 -13.97 31.28 -52.15
CA HIS J 459 -12.74 31.49 -52.92
C HIS J 459 -12.06 30.17 -53.30
N ILE J 460 -11.96 29.24 -52.36
CA ILE J 460 -11.26 27.94 -52.59
C ILE J 460 -12.01 27.15 -53.67
N LYS J 461 -11.38 26.94 -54.83
CA LYS J 461 -11.97 26.11 -55.93
C LYS J 461 -11.01 24.95 -56.22
N ALA J 462 -11.45 23.70 -56.05
CA ALA J 462 -10.58 22.51 -56.24
C ALA J 462 -11.36 21.36 -56.86
N SER J 463 -10.69 20.24 -57.17
CA SER J 463 -11.32 19.04 -57.77
C SER J 463 -10.90 17.80 -57.00
N THR J 464 -11.33 17.66 -55.74
CA THR J 464 -11.07 16.46 -54.89
C THR J 464 -9.61 16.33 -54.49
N LYS J 465 -8.81 17.39 -54.60
CA LYS J 465 -7.41 17.41 -54.10
C LYS J 465 -7.22 18.68 -53.28
N VAL J 466 -7.94 19.76 -53.60
CA VAL J 466 -7.91 21.06 -52.87
C VAL J 466 -6.83 21.95 -53.52
N GLU J 467 -7.17 23.19 -53.88
CA GLU J 467 -6.18 24.10 -54.53
C GLU J 467 -6.73 25.53 -54.46
N VAL J 468 -6.00 26.45 -53.84
CA VAL J 468 -6.47 27.81 -53.66
C VAL J 468 -6.24 28.58 -54.95
N ASP J 469 -7.30 29.23 -55.45
CA ASP J 469 -7.20 29.94 -56.72
C ASP J 469 -6.04 30.93 -56.71
N MET J 470 -5.92 31.69 -55.62
CA MET J 470 -4.78 32.59 -55.40
C MET J 470 -4.85 33.81 -56.32
N GLU J 471 -5.80 33.83 -57.25
CA GLU J 471 -5.98 35.00 -58.10
C GLU J 471 -6.68 36.12 -57.33
N LYS J 472 -7.71 35.78 -56.56
CA LYS J 472 -8.40 36.74 -55.71
C LYS J 472 -8.29 36.39 -54.23
N ALA J 473 -7.43 35.43 -53.88
CA ALA J 473 -7.25 35.09 -52.47
C ALA J 473 -6.76 36.27 -51.65
N GLU J 474 -6.09 37.24 -52.30
CA GLU J 474 -5.69 38.46 -51.63
C GLU J 474 -6.78 39.53 -51.66
N SER J 475 -7.75 39.39 -52.55
CA SER J 475 -8.89 40.31 -52.64
C SER J 475 -10.13 39.74 -51.95
N LEU J 476 -9.93 38.92 -50.92
CA LEU J 476 -11.06 38.35 -50.20
C LEU J 476 -11.88 39.44 -49.54
N GLN J 477 -13.20 39.26 -49.55
CA GLN J 477 -14.10 40.24 -48.96
C GLN J 477 -15.38 39.53 -48.52
N VAL J 478 -15.84 39.85 -47.32
CA VAL J 478 -17.06 39.26 -46.77
C VAL J 478 -18.23 40.19 -47.09
N THR J 479 -19.24 39.64 -47.74
CA THR J 479 -20.41 40.40 -48.17
C THR J 479 -21.64 40.02 -47.35
N ARG J 480 -22.71 40.79 -47.54
CA ARG J 480 -23.94 40.55 -46.78
C ARG J 480 -24.54 39.20 -47.10
N GLY J 481 -24.33 38.69 -48.31
CA GLY J 481 -24.87 37.39 -48.65
C GLY J 481 -24.34 36.29 -47.74
N ASP J 482 -23.06 36.35 -47.39
CA ASP J 482 -22.49 35.36 -46.49
C ASP J 482 -23.18 35.39 -45.13
N PHE J 483 -23.36 36.59 -44.58
CA PHE J 483 -24.03 36.71 -43.28
C PHE J 483 -25.45 36.19 -43.35
N LEU J 484 -26.20 36.56 -44.39
CA LEU J 484 -27.57 36.09 -44.50
C LEU J 484 -27.65 34.58 -44.63
N ALA J 485 -26.80 33.99 -45.47
CA ALA J 485 -26.83 32.54 -45.65
C ALA J 485 -26.47 31.82 -44.35
N SER J 486 -25.43 32.28 -43.67
CA SER J 486 -25.02 31.64 -42.42
C SER J 486 -26.10 31.79 -41.35
N LEU J 487 -26.82 32.92 -41.32
CA LEU J 487 -27.93 33.18 -40.34
C LEU J 487 -29.10 32.23 -40.61
N GLU J 488 -29.38 31.88 -41.87
CA GLU J 488 -30.51 31.00 -42.16
C GLU J 488 -30.19 29.54 -41.85
N ASN J 489 -28.98 29.07 -42.19
CA ASN J 489 -28.68 27.65 -42.19
C ASN J 489 -27.94 27.18 -40.95
N ASP J 490 -26.90 27.90 -40.52
CA ASP J 490 -25.95 27.34 -39.56
C ASP J 490 -26.39 27.52 -38.10
N ILE J 491 -26.62 28.82 -37.70
CA ILE J 491 -26.80 29.08 -36.27
C ILE J 491 -28.27 28.90 -35.90
N LYS J 492 -28.51 28.22 -34.79
CA LYS J 492 -29.85 27.96 -34.28
C LYS J 492 -29.89 28.28 -32.79
N PRO J 493 -30.38 29.44 -32.38
CA PRO J 493 -30.34 29.80 -30.96
C PRO J 493 -31.18 28.87 -30.10
N ALA J 494 -30.79 28.75 -28.83
CA ALA J 494 -31.49 27.89 -27.89
C ALA J 494 -32.67 28.59 -27.22
N PHE J 495 -32.69 29.92 -27.20
CA PHE J 495 -33.79 30.70 -26.62
C PHE J 495 -34.58 31.43 -27.71
N GLY J 496 -34.58 30.89 -28.93
CA GLY J 496 -35.28 31.49 -30.04
C GLY J 496 -36.39 30.60 -30.57
N THR J 497 -36.82 30.90 -31.78
CA THR J 497 -37.89 30.16 -32.45
C THR J 497 -37.30 29.08 -33.33
N ASN J 498 -38.09 28.03 -33.57
CA ASN J 498 -37.68 26.88 -34.37
C ASN J 498 -38.72 26.67 -35.47
N GLN J 499 -38.31 26.90 -36.73
CA GLN J 499 -39.23 26.75 -37.85
C GLN J 499 -39.57 25.28 -38.12
N GLU J 500 -38.72 24.35 -37.71
CA GLU J 500 -39.03 22.95 -37.93
C GLU J 500 -40.29 22.52 -37.19
N ASP J 501 -40.54 23.11 -36.02
CA ASP J 501 -41.78 22.82 -35.30
C ASP J 501 -42.99 23.19 -36.15
N TYR J 502 -43.02 24.41 -36.68
CA TYR J 502 -44.13 24.83 -37.53
C TYR J 502 -44.24 23.93 -38.76
N ALA J 503 -43.09 23.56 -39.35
CA ALA J 503 -43.13 22.71 -40.52
C ALA J 503 -43.76 21.36 -40.20
N SER J 504 -43.45 20.80 -39.03
CA SER J 504 -43.94 19.48 -38.67
C SER J 504 -45.42 19.51 -38.26
N TYR J 505 -45.85 20.58 -37.59
CA TYR J 505 -47.20 20.61 -37.04
C TYR J 505 -48.25 21.17 -38.00
N ILE J 506 -47.84 21.85 -39.05
CA ILE J 506 -48.74 22.31 -40.11
C ILE J 506 -48.29 21.63 -41.40
N MET J 507 -48.81 20.46 -41.69
CA MET J 507 -48.33 19.67 -42.83
C MET J 507 -49.01 20.04 -44.13
N ASN J 508 -50.30 20.35 -44.14
CA ASN J 508 -51.07 20.67 -45.37
C ASN J 508 -51.60 22.10 -45.31
N GLY J 509 -50.91 23.05 -44.69
CA GLY J 509 -51.27 24.45 -44.73
C GLY J 509 -52.57 24.74 -43.99
N ILE J 510 -53.13 25.90 -44.30
CA ILE J 510 -54.40 26.35 -43.73
C ILE J 510 -55.31 26.76 -44.89
N ILE J 511 -56.53 26.24 -44.89
CA ILE J 511 -57.50 26.48 -45.95
C ILE J 511 -58.67 27.24 -45.37
N LYS J 512 -59.16 28.23 -46.12
CA LYS J 512 -60.30 29.06 -45.70
C LYS J 512 -61.55 28.49 -46.34
N TRP J 513 -62.15 27.48 -45.67
CA TRP J 513 -63.39 26.87 -46.14
C TRP J 513 -64.64 27.54 -45.57
N GLY J 514 -64.48 28.59 -44.78
CA GLY J 514 -65.65 29.26 -44.23
C GLY J 514 -65.22 30.40 -43.32
N ASP J 515 -66.23 31.02 -42.70
CA ASP J 515 -66.01 32.14 -41.79
C ASP J 515 -65.43 31.69 -40.45
N PRO J 516 -65.80 30.51 -39.95
CA PRO J 516 -65.30 30.10 -38.63
C PRO J 516 -63.79 30.17 -38.50
N VAL J 517 -63.04 29.83 -39.55
CA VAL J 517 -61.58 29.89 -39.49
C VAL J 517 -61.11 31.31 -39.17
N THR J 518 -61.67 32.30 -39.88
CA THR J 518 -61.28 33.69 -39.64
C THR J 518 -61.66 34.12 -38.23
N ARG J 519 -62.81 33.63 -37.75
CA ARG J 519 -63.22 33.93 -36.38
C ARG J 519 -62.20 33.40 -35.38
N VAL J 520 -61.73 32.17 -35.60
CA VAL J 520 -60.75 31.61 -34.67
C VAL J 520 -59.45 32.41 -34.70
N LEU J 521 -59.06 32.93 -35.87
CA LEU J 521 -57.78 33.64 -35.95
C LEU J 521 -57.82 35.03 -35.31
N ASP J 522 -58.93 35.77 -35.48
CA ASP J 522 -58.98 37.14 -34.99
C ASP J 522 -58.91 37.21 -33.46
N ASP J 523 -59.50 36.23 -32.77
CA ASP J 523 -59.45 36.22 -31.30
C ASP J 523 -58.04 35.99 -30.80
N GLY J 524 -57.29 35.10 -31.45
CA GLY J 524 -55.87 34.97 -31.14
C GLY J 524 -55.13 36.27 -31.34
N GLU J 525 -55.43 36.98 -32.43
CA GLU J 525 -54.82 38.30 -32.62
C GLU J 525 -55.08 39.20 -31.42
N LEU J 526 -56.34 39.24 -30.96
CA LEU J 526 -56.69 40.09 -29.82
C LEU J 526 -55.93 39.70 -28.56
N LEU J 527 -55.83 38.40 -28.27
CA LEU J 527 -55.13 37.95 -27.07
C LEU J 527 -53.64 38.25 -27.14
N VAL J 528 -53.02 38.10 -28.31
CA VAL J 528 -51.62 38.51 -28.50
C VAL J 528 -51.46 39.98 -28.16
N GLN J 529 -52.33 40.84 -28.72
CA GLN J 529 -52.24 42.26 -28.43
C GLN J 529 -52.35 42.54 -26.94
N GLN J 530 -53.32 41.89 -26.27
CA GLN J 530 -53.49 42.14 -24.85
C GLN J 530 -52.25 41.77 -24.08
N THR J 531 -51.72 40.58 -24.32
CA THR J 531 -50.55 40.16 -23.53
C THR J 531 -49.36 41.07 -23.80
N LYS J 532 -49.24 41.63 -25.00
CA LYS J 532 -48.07 42.45 -25.27
C LYS J 532 -48.19 43.82 -24.61
N ASN J 533 -49.31 44.53 -24.68
CA ASN J 533 -49.44 45.95 -24.23
C ASN J 533 -50.26 46.15 -22.95
N SER J 534 -50.05 45.38 -21.88
CA SER J 534 -50.85 45.43 -20.62
C SER J 534 -49.95 45.25 -19.41
N ASP J 535 -50.20 45.94 -18.30
CA ASP J 535 -49.33 45.95 -17.10
C ASP J 535 -50.05 45.38 -15.88
N ARG J 536 -51.38 45.29 -15.89
CA ARG J 536 -52.13 44.68 -14.81
C ARG J 536 -52.45 43.22 -15.09
N THR J 537 -51.96 42.68 -16.20
CA THR J 537 -52.25 41.31 -16.63
C THR J 537 -51.04 40.79 -17.39
N PRO J 538 -49.93 40.53 -16.69
CA PRO J 538 -48.76 39.96 -17.37
C PRO J 538 -48.97 38.55 -17.91
N LEU J 539 -49.82 37.77 -17.29
CA LEU J 539 -50.01 36.38 -17.67
C LEU J 539 -51.42 36.19 -18.22
N VAL J 540 -51.53 35.50 -19.35
CA VAL J 540 -52.81 35.26 -20.01
C VAL J 540 -52.87 33.81 -20.46
N SER J 541 -54.08 33.25 -20.47
CA SER J 541 -54.29 31.86 -20.84
C SER J 541 -55.53 31.75 -21.74
N VAL J 542 -55.56 30.69 -22.53
CA VAL J 542 -56.70 30.42 -23.41
C VAL J 542 -56.72 28.93 -23.71
N LEU J 543 -57.92 28.40 -23.95
CA LEU J 543 -58.12 26.98 -24.25
C LEU J 543 -58.86 26.84 -25.56
N LEU J 544 -58.30 26.04 -26.47
CA LEU J 544 -58.95 25.71 -27.74
C LEU J 544 -59.54 24.32 -27.63
N GLU J 545 -60.85 24.21 -27.86
CA GLU J 545 -61.56 22.95 -27.71
C GLU J 545 -62.53 22.76 -28.86
N GLY J 546 -62.75 21.49 -29.21
CA GLY J 546 -63.66 21.14 -30.29
C GLY J 546 -63.74 19.64 -30.47
N PRO J 547 -64.53 19.19 -31.44
CA PRO J 547 -64.66 17.75 -31.69
C PRO J 547 -63.37 17.17 -32.22
N PRO J 548 -63.22 15.84 -32.24
CA PRO J 548 -62.01 15.23 -32.78
C PRO J 548 -61.85 15.54 -34.26
N HIS J 549 -60.60 15.63 -34.69
CA HIS J 549 -60.21 15.82 -36.09
C HIS J 549 -60.58 17.21 -36.63
N SER J 550 -60.95 18.15 -35.77
CA SER J 550 -61.36 19.47 -36.22
C SER J 550 -60.19 20.36 -36.63
N GLY J 551 -58.97 20.02 -36.21
CA GLY J 551 -57.81 20.82 -36.57
C GLY J 551 -57.47 21.88 -35.54
N LYS J 552 -57.30 21.47 -34.28
CA LYS J 552 -56.98 22.42 -33.23
C LYS J 552 -55.49 22.72 -33.15
N THR J 553 -54.65 21.69 -33.27
CA THR J 553 -53.22 21.88 -33.14
C THR J 553 -52.67 22.80 -34.24
N ALA J 554 -53.15 22.60 -35.47
CA ALA J 554 -52.69 23.45 -36.57
C ALA J 554 -53.04 24.91 -36.32
N LEU J 555 -54.26 25.18 -35.85
CA LEU J 555 -54.66 26.55 -35.59
C LEU J 555 -53.86 27.16 -34.45
N ALA J 556 -53.60 26.38 -33.41
CA ALA J 556 -52.78 26.89 -32.31
C ALA J 556 -51.37 27.21 -32.78
N ALA J 557 -50.78 26.34 -33.61
CA ALA J 557 -49.44 26.59 -34.13
C ALA J 557 -49.43 27.84 -35.01
N LYS J 558 -50.46 28.03 -35.84
CA LYS J 558 -50.54 29.22 -36.66
C LYS J 558 -50.65 30.48 -35.81
N ILE J 559 -51.47 30.43 -34.76
CA ILE J 559 -51.63 31.60 -33.89
C ILE J 559 -50.30 31.93 -33.22
N ALA J 560 -49.59 30.91 -32.75
CA ALA J 560 -48.28 31.16 -32.16
C ALA J 560 -47.31 31.74 -33.18
N GLU J 561 -47.34 31.23 -34.42
CA GLU J 561 -46.41 31.71 -35.44
C GLU J 561 -46.66 33.16 -35.79
N GLU J 562 -47.93 33.56 -35.88
CA GLU J 562 -48.24 34.94 -36.28
C GLU J 562 -48.00 35.95 -35.18
N SER J 563 -47.69 35.50 -33.96
CA SER J 563 -47.51 36.44 -32.85
C SER J 563 -46.27 37.31 -33.05
N ASN J 564 -45.22 36.74 -33.64
CA ASN J 564 -43.94 37.44 -33.84
C ASN J 564 -43.26 37.72 -32.50
N PHE J 565 -43.32 36.76 -31.58
CA PHE J 565 -42.59 36.84 -30.33
C PHE J 565 -41.18 36.29 -30.51
N PRO J 566 -40.22 36.74 -29.69
CA PRO J 566 -38.86 36.19 -29.79
C PRO J 566 -38.74 34.76 -29.29
N PHE J 567 -39.61 34.32 -28.39
CA PHE J 567 -39.55 32.99 -27.81
C PHE J 567 -40.88 32.28 -28.04
N ILE J 568 -40.81 31.05 -28.56
CA ILE J 568 -41.99 30.25 -28.85
C ILE J 568 -41.64 28.79 -28.63
N LYS J 569 -42.51 28.06 -27.95
CA LYS J 569 -42.23 26.63 -27.71
C LYS J 569 -43.52 25.84 -27.67
N ILE J 570 -43.40 24.56 -28.02
CA ILE J 570 -44.50 23.60 -28.01
C ILE J 570 -44.11 22.44 -27.09
N CYS J 571 -45.07 21.98 -26.30
CA CYS J 571 -44.87 20.86 -25.38
C CYS J 571 -45.86 19.75 -25.75
N SER J 572 -45.41 18.79 -26.55
CA SER J 572 -46.25 17.71 -27.03
C SER J 572 -45.96 16.42 -26.27
N PRO J 573 -46.93 15.51 -26.18
CA PRO J 573 -46.72 14.27 -25.42
C PRO J 573 -46.00 13.18 -26.19
N ASP J 574 -45.65 13.38 -27.45
CA ASP J 574 -44.96 12.36 -28.23
C ASP J 574 -43.45 12.39 -28.02
N LYS J 575 -42.94 13.31 -27.19
CA LYS J 575 -41.55 13.31 -26.76
C LYS J 575 -41.37 12.66 -25.40
N MET J 576 -42.43 12.09 -24.82
CA MET J 576 -42.42 11.52 -23.47
C MET J 576 -43.04 10.15 -23.48
N ILE J 577 -42.65 9.31 -24.44
CA ILE J 577 -43.18 7.95 -24.54
C ILE J 577 -42.44 7.07 -23.54
N GLY J 578 -43.18 6.42 -22.65
CA GLY J 578 -42.61 5.58 -21.63
C GLY J 578 -42.22 6.29 -20.35
N PHE J 579 -42.39 7.61 -20.29
CA PHE J 579 -42.02 8.37 -19.10
C PHE J 579 -42.97 8.06 -17.95
N SER J 580 -42.48 8.31 -16.74
CA SER J 580 -43.29 8.26 -15.53
C SER J 580 -43.73 9.68 -15.16
N GLU J 581 -44.45 9.79 -14.05
CA GLU J 581 -45.01 11.09 -13.66
C GLU J 581 -43.91 12.12 -13.44
N THR J 582 -42.88 11.75 -12.68
CA THR J 582 -41.86 12.72 -12.29
C THR J 582 -41.07 13.21 -13.51
N ALA J 583 -40.81 12.33 -14.47
CA ALA J 583 -40.10 12.76 -15.68
C ALA J 583 -40.90 13.80 -16.45
N LYS J 584 -42.20 13.57 -16.59
CA LYS J 584 -43.05 14.55 -17.29
C LYS J 584 -43.08 15.87 -16.54
N CYS J 585 -43.19 15.82 -15.21
CA CYS J 585 -43.19 17.05 -14.43
C CYS J 585 -41.87 17.81 -14.62
N GLN J 586 -40.75 17.09 -14.62
CA GLN J 586 -39.47 17.74 -14.82
C GLN J 586 -39.37 18.37 -16.20
N ALA J 587 -39.87 17.68 -17.22
CA ALA J 587 -39.83 18.25 -18.57
C ALA J 587 -40.62 19.55 -18.66
N MET J 588 -41.86 19.55 -18.16
CA MET J 588 -42.66 20.77 -18.22
C MET J 588 -42.02 21.89 -17.40
N LYS J 589 -41.51 21.55 -16.21
CA LYS J 589 -40.90 22.59 -15.37
C LYS J 589 -39.67 23.18 -16.04
N LYS J 590 -38.87 22.35 -16.72
CA LYS J 590 -37.72 22.88 -17.44
C LYS J 590 -38.15 23.81 -18.57
N ILE J 591 -39.18 23.44 -19.32
CA ILE J 591 -39.65 24.29 -20.40
C ILE J 591 -40.08 25.65 -19.85
N PHE J 592 -40.83 25.64 -18.75
CA PHE J 592 -41.31 26.92 -18.20
C PHE J 592 -40.17 27.72 -17.58
N ASP J 593 -39.19 27.05 -16.96
CA ASP J 593 -38.04 27.75 -16.43
C ASP J 593 -37.28 28.47 -17.54
N ASP J 594 -37.10 27.80 -18.68
CA ASP J 594 -36.47 28.47 -19.82
C ASP J 594 -37.33 29.62 -20.31
N ALA J 595 -38.65 29.45 -20.32
CA ALA J 595 -39.53 30.51 -20.77
C ALA J 595 -39.41 31.76 -19.91
N TYR J 596 -39.16 31.58 -18.61
CA TYR J 596 -39.10 32.73 -17.69
C TYR J 596 -37.88 33.62 -17.89
N LYS J 597 -36.98 33.32 -18.83
CA LYS J 597 -35.78 34.12 -19.03
C LYS J 597 -35.87 35.06 -20.22
N SER J 598 -37.03 35.19 -20.84
CA SER J 598 -37.23 36.06 -21.98
C SER J 598 -38.24 37.15 -21.63
N GLN J 599 -38.18 38.25 -22.38
CA GLN J 599 -39.08 39.37 -22.11
C GLN J 599 -40.49 39.09 -22.61
N LEU J 600 -40.62 38.31 -23.68
CA LEU J 600 -41.92 37.89 -24.20
C LEU J 600 -41.84 36.41 -24.53
N SER J 601 -42.82 35.63 -24.09
CA SER J 601 -42.79 34.19 -24.31
C SER J 601 -44.15 33.67 -24.70
N CYS J 602 -44.16 32.58 -25.47
CA CYS J 602 -45.38 31.88 -25.86
C CYS J 602 -45.15 30.38 -25.76
N VAL J 603 -46.07 29.68 -25.09
CA VAL J 603 -45.97 28.25 -24.86
C VAL J 603 -47.28 27.59 -25.26
N VAL J 604 -47.19 26.52 -26.05
CA VAL J 604 -48.34 25.74 -26.48
C VAL J 604 -48.32 24.41 -25.75
N VAL J 605 -49.45 24.03 -25.18
CA VAL J 605 -49.63 22.74 -24.50
C VAL J 605 -50.79 22.04 -25.20
N ASP J 606 -50.47 21.06 -26.04
CA ASP J 606 -51.47 20.41 -26.87
C ASP J 606 -51.72 18.98 -26.41
N ASP J 607 -52.96 18.53 -26.59
CA ASP J 607 -53.37 17.19 -26.21
C ASP J 607 -53.23 17.00 -24.70
N ILE J 608 -53.99 17.81 -23.95
CA ILE J 608 -53.91 17.78 -22.50
C ILE J 608 -54.30 16.41 -21.96
N GLU J 609 -55.32 15.79 -22.56
CA GLU J 609 -55.79 14.51 -22.04
C GLU J 609 -54.75 13.40 -22.19
N ARG J 610 -53.84 13.53 -23.14
CA ARG J 610 -52.75 12.57 -23.27
C ARG J 610 -51.62 12.84 -22.30
N LEU J 611 -51.52 14.07 -21.78
CA LEU J 611 -50.51 14.38 -20.76
C LEU J 611 -50.90 13.83 -19.40
N LEU J 612 -52.19 13.70 -19.12
CA LEU J 612 -52.68 13.22 -17.83
C LEU J 612 -52.91 11.72 -17.81
N ASP J 613 -52.76 11.03 -18.93
CA ASP J 613 -52.94 9.58 -19.00
C ASP J 613 -54.38 9.19 -18.63
N TYR J 614 -55.32 9.78 -19.34
CA TYR J 614 -56.75 9.60 -19.04
C TYR J 614 -57.31 8.40 -19.78
N VAL J 615 -58.22 7.69 -19.12
CA VAL J 615 -58.95 6.57 -19.74
C VAL J 615 -60.33 6.48 -19.09
N PRO J 616 -61.41 6.39 -19.87
CA PRO J 616 -62.75 6.42 -19.25
C PRO J 616 -63.01 5.28 -18.28
N ILE J 617 -62.48 4.08 -18.55
CA ILE J 617 -62.62 2.99 -17.60
C ILE J 617 -61.85 3.33 -16.34
N GLY J 618 -62.47 3.09 -15.18
CA GLY J 618 -61.95 3.61 -13.94
C GLY J 618 -62.85 4.71 -13.39
N PRO J 619 -62.47 5.98 -13.63
CA PRO J 619 -61.39 6.48 -14.49
C PRO J 619 -60.00 6.43 -13.86
N ARG J 620 -58.98 6.59 -14.70
N ARG J 620 -58.97 6.61 -14.69
CA ARG J 620 -57.59 6.64 -14.25
CA ARG J 620 -57.60 6.63 -14.23
C ARG J 620 -56.90 7.85 -14.86
C ARG J 620 -56.87 7.80 -14.88
N PHE J 621 -55.94 8.39 -14.14
CA PHE J 621 -55.14 9.51 -14.62
C PHE J 621 -54.00 9.75 -13.64
N SER J 622 -53.18 10.74 -13.94
CA SER J 622 -52.03 11.11 -13.12
C SER J 622 -52.37 12.36 -12.32
N ASN J 623 -52.38 12.24 -10.99
CA ASN J 623 -52.67 13.38 -10.14
C ASN J 623 -51.50 14.34 -10.02
N LEU J 624 -50.28 13.82 -10.04
CA LEU J 624 -49.10 14.68 -9.90
C LEU J 624 -49.02 15.68 -11.05
N VAL J 625 -49.18 15.20 -12.27
CA VAL J 625 -49.12 16.08 -13.43
C VAL J 625 -50.26 17.08 -13.41
N LEU J 626 -51.46 16.65 -13.01
CA LEU J 626 -52.59 17.55 -12.94
C LEU J 626 -52.33 18.69 -11.96
N GLN J 627 -51.82 18.36 -10.77
CA GLN J 627 -51.54 19.39 -9.78
C GLN J 627 -50.44 20.33 -10.26
N ALA J 628 -49.39 19.77 -10.89
CA ALA J 628 -48.31 20.62 -11.38
C ALA J 628 -48.82 21.58 -12.45
N LEU J 629 -49.66 21.10 -13.37
CA LEU J 629 -50.22 21.96 -14.40
C LEU J 629 -51.12 23.04 -13.79
N LEU J 630 -51.94 22.67 -12.81
CA LEU J 630 -52.81 23.65 -12.17
C LEU J 630 -52.00 24.74 -11.48
N VAL J 631 -50.88 24.36 -10.88
CA VAL J 631 -50.03 25.36 -10.21
C VAL J 631 -49.35 26.25 -11.26
N LEU J 632 -48.82 25.66 -12.33
CA LEU J 632 -48.10 26.44 -13.32
C LEU J 632 -49.01 27.34 -14.15
N LEU J 633 -50.30 27.04 -14.22
CA LEU J 633 -51.20 27.84 -15.05
C LEU J 633 -51.47 29.23 -14.48
N LYS J 634 -51.07 29.50 -13.24
N LYS J 634 -51.05 29.51 -13.24
N LYS J 634 -51.05 29.51 -13.24
CA LYS J 634 -51.33 30.80 -12.62
CA LYS J 634 -51.33 30.80 -12.63
CA LYS J 634 -51.34 30.77 -12.56
C LYS J 634 -50.10 31.28 -11.85
C LYS J 634 -50.11 31.37 -11.92
C LYS J 634 -50.11 31.42 -11.95
N LYS J 635 -48.91 31.04 -12.39
CA LYS J 635 -47.67 31.55 -11.82
C LYS J 635 -47.11 32.60 -12.77
N ALA J 636 -46.84 33.80 -12.24
CA ALA J 636 -46.39 34.90 -13.07
C ALA J 636 -44.87 34.89 -13.21
N PRO J 637 -44.33 35.44 -14.31
CA PRO J 637 -42.88 35.52 -14.45
C PRO J 637 -42.31 36.61 -13.56
N PRO J 638 -41.00 36.72 -13.47
CA PRO J 638 -40.40 37.83 -12.69
C PRO J 638 -40.90 39.18 -13.15
N GLN J 639 -40.60 40.22 -12.38
CA GLN J 639 -41.18 41.54 -12.63
C GLN J 639 -40.87 42.01 -14.04
N GLY J 640 -41.91 42.44 -14.76
CA GLY J 640 -41.74 43.08 -16.05
C GLY J 640 -41.68 42.15 -17.24
N ARG J 641 -41.94 40.83 -17.02
CA ARG J 641 -41.84 39.87 -18.11
C ARG J 641 -43.22 39.27 -18.36
N LYS J 642 -43.50 38.94 -19.62
CA LYS J 642 -44.84 38.53 -20.04
C LYS J 642 -44.84 37.17 -20.75
N LEU J 643 -45.94 36.44 -20.57
CA LEU J 643 -46.04 35.06 -21.06
C LEU J 643 -47.47 34.79 -21.49
N LEU J 644 -47.55 34.03 -22.60
CA LEU J 644 -48.85 33.62 -23.12
C LEU J 644 -48.87 32.10 -23.26
N ILE J 645 -50.00 31.50 -22.86
CA ILE J 645 -50.16 30.05 -22.85
C ILE J 645 -51.37 29.69 -23.69
N ILE J 646 -51.20 28.73 -24.59
CA ILE J 646 -52.28 28.25 -25.44
C ILE J 646 -52.44 26.76 -25.22
N GLY J 647 -53.61 26.34 -24.74
CA GLY J 647 -53.90 24.95 -24.47
C GLY J 647 -54.83 24.37 -25.51
N THR J 648 -54.72 23.06 -25.72
CA THR J 648 -55.57 22.37 -26.68
C THR J 648 -56.06 21.06 -26.09
N THR J 649 -57.34 20.75 -26.33
CA THR J 649 -57.95 19.53 -25.81
C THR J 649 -59.16 19.19 -26.66
N SER J 650 -59.64 17.95 -26.49
CA SER J 650 -60.81 17.46 -27.20
C SER J 650 -61.96 17.05 -26.28
N ARG J 651 -61.71 16.88 -24.99
N ARG J 651 -61.71 16.88 -24.99
CA ARG J 651 -62.74 16.49 -24.02
CA ARG J 651 -62.72 16.48 -24.01
C ARG J 651 -62.90 17.62 -23.02
C ARG J 651 -62.89 17.64 -23.02
N LYS J 652 -63.77 18.57 -23.35
CA LYS J 652 -63.98 19.72 -22.46
C LYS J 652 -64.68 19.32 -21.17
N ASP J 653 -65.62 18.37 -21.25
CA ASP J 653 -66.41 18.03 -20.07
C ASP J 653 -65.54 17.42 -18.98
N VAL J 654 -64.60 16.55 -19.35
CA VAL J 654 -63.71 15.95 -18.36
C VAL J 654 -62.88 17.02 -17.67
N LEU J 655 -62.34 17.97 -18.45
CA LEU J 655 -61.56 19.05 -17.85
C LEU J 655 -62.42 19.89 -16.92
N GLN J 656 -63.68 20.14 -17.30
CA GLN J 656 -64.58 20.87 -16.42
C GLN J 656 -64.82 20.11 -15.13
N GLU J 657 -64.89 18.78 -15.20
CA GLU J 657 -65.13 17.97 -14.01
C GLU J 657 -63.94 17.96 -13.06
N MET J 658 -62.75 18.30 -13.55
CA MET J 658 -61.55 18.36 -12.72
C MET J 658 -61.31 19.73 -12.11
N GLU J 659 -62.22 20.68 -12.33
CA GLU J 659 -62.05 22.05 -11.83
C GLU J 659 -60.84 22.71 -12.50
N MET J 660 -60.74 22.55 -13.82
CA MET J 660 -59.63 23.11 -14.58
C MET J 660 -60.02 24.29 -15.46
N LEU J 661 -61.31 24.50 -15.71
CA LEU J 661 -61.74 25.67 -16.46
C LEU J 661 -61.71 26.95 -15.64
N ASN J 662 -61.50 26.85 -14.33
CA ASN J 662 -61.31 28.03 -13.49
C ASN J 662 -59.90 28.59 -13.59
N ALA J 663 -58.98 27.88 -14.24
CA ALA J 663 -57.62 28.36 -14.41
C ALA J 663 -57.42 29.10 -15.73
N PHE J 664 -58.15 28.70 -16.77
CA PHE J 664 -58.04 29.38 -18.06
C PHE J 664 -58.87 30.65 -18.07
N SER J 665 -58.33 31.69 -18.71
CA SER J 665 -59.02 32.98 -18.71
C SER J 665 -60.19 33.00 -19.70
N THR J 666 -60.06 32.29 -20.81
CA THR J 666 -61.10 32.29 -21.83
C THR J 666 -61.00 31.00 -22.64
N THR J 667 -61.89 30.86 -23.63
CA THR J 667 -61.94 29.66 -24.45
C THR J 667 -62.33 30.04 -25.87
N ILE J 668 -62.04 29.14 -26.80
CA ILE J 668 -62.40 29.29 -28.21
C ILE J 668 -62.90 27.94 -28.72
N HIS J 669 -63.89 27.98 -29.60
CA HIS J 669 -64.52 26.79 -30.15
C HIS J 669 -64.23 26.68 -31.63
N VAL J 670 -63.68 25.55 -32.05
CA VAL J 670 -63.41 25.26 -33.45
C VAL J 670 -64.48 24.29 -33.94
N PRO J 671 -65.29 24.63 -34.94
CA PRO J 671 -66.38 23.76 -35.35
C PRO J 671 -65.98 22.81 -36.48
N ASN J 672 -66.91 21.91 -36.80
CA ASN J 672 -66.77 21.00 -37.93
C ASN J 672 -67.47 21.59 -39.15
N ILE J 673 -67.22 20.95 -40.31
CA ILE J 673 -67.97 21.31 -41.51
C ILE J 673 -69.41 20.85 -41.34
N ALA J 674 -70.35 21.75 -41.63
CA ALA J 674 -71.74 21.53 -41.28
C ALA J 674 -72.73 21.66 -42.43
N THR J 675 -72.32 22.19 -43.59
CA THR J 675 -73.25 22.42 -44.69
C THR J 675 -72.60 21.99 -45.99
N GLY J 676 -73.45 21.66 -46.97
CA GLY J 676 -72.95 21.19 -48.25
C GLY J 676 -72.13 22.23 -48.99
N GLU J 677 -72.51 23.51 -48.85
CA GLU J 677 -71.76 24.57 -49.51
C GLU J 677 -70.33 24.62 -49.00
N GLN J 678 -70.13 24.46 -47.69
CA GLN J 678 -68.79 24.46 -47.14
C GLN J 678 -67.98 23.27 -47.65
N LEU J 679 -68.62 22.10 -47.76
CA LEU J 679 -67.92 20.94 -48.30
C LEU J 679 -67.50 21.18 -49.75
N LEU J 680 -68.40 21.77 -50.55
CA LEU J 680 -68.04 22.07 -51.94
C LEU J 680 -66.90 23.08 -52.00
N GLU J 681 -66.92 24.09 -51.12
N GLU J 681 -66.92 24.09 -51.12
CA GLU J 681 -65.84 25.06 -51.11
CA GLU J 681 -65.83 25.06 -51.10
C GLU J 681 -64.51 24.40 -50.74
C GLU J 681 -64.51 24.40 -50.74
N ALA J 682 -64.53 23.50 -49.74
CA ALA J 682 -63.30 22.80 -49.36
C ALA J 682 -62.79 21.94 -50.50
N LEU J 683 -63.69 21.22 -51.19
CA LEU J 683 -63.27 20.41 -52.33
C LEU J 683 -62.67 21.27 -53.43
N GLU J 684 -63.29 22.42 -53.72
CA GLU J 684 -62.78 23.30 -54.75
C GLU J 684 -61.40 23.83 -54.38
N LEU J 685 -61.21 24.25 -53.13
CA LEU J 685 -59.92 24.76 -52.71
C LEU J 685 -58.86 23.66 -52.76
N LEU J 686 -59.16 22.44 -52.36
CA LEU J 686 -58.20 21.32 -52.50
C LEU J 686 -58.07 20.98 -53.98
N GLY J 687 -59.08 21.22 -54.83
CA GLY J 687 -58.96 21.04 -56.25
C GLY J 687 -58.71 19.61 -56.67
N ASN J 688 -59.51 18.68 -56.16
CA ASN J 688 -59.30 17.24 -56.44
C ASN J 688 -60.32 16.79 -57.49
N PHE J 689 -61.62 16.78 -57.18
CA PHE J 689 -62.69 16.41 -58.14
C PHE J 689 -63.15 17.69 -58.80
N LYS J 690 -63.11 17.74 -60.16
CA LYS J 690 -63.46 18.96 -60.94
C LYS J 690 -64.25 18.60 -62.20
N ASP J 691 -65.08 19.51 -62.75
CA ASP J 691 -65.93 19.22 -63.94
C ASP J 691 -67.12 18.35 -63.51
N LYS J 692 -67.50 17.36 -64.33
CA LYS J 692 -68.67 16.49 -64.05
C LYS J 692 -68.56 15.88 -62.65
N GLU J 693 -67.35 15.54 -62.19
CA GLU J 693 -67.16 14.86 -60.88
C GLU J 693 -67.84 15.63 -59.75
N ARG J 694 -67.67 16.96 -59.75
CA ARG J 694 -68.15 17.85 -58.65
C ARG J 694 -69.59 18.27 -58.85
N THR J 695 -70.11 18.09 -60.06
CA THR J 695 -71.52 18.44 -60.39
C THR J 695 -72.37 17.30 -59.84
N THR J 696 -71.98 16.04 -60.07
CA THR J 696 -72.64 14.85 -59.49
C THR J 696 -72.65 14.95 -57.98
N ILE J 697 -71.52 15.28 -57.35
CA ILE J 697 -71.43 15.30 -55.86
C ILE J 697 -72.38 16.38 -55.36
N ALA J 698 -72.44 17.53 -56.04
CA ALA J 698 -73.30 18.67 -55.65
C ALA J 698 -74.77 18.28 -55.72
N GLN J 699 -75.14 17.47 -56.70
CA GLN J 699 -76.54 17.00 -56.85
C GLN J 699 -77.02 16.24 -55.63
N GLN J 700 -76.23 15.30 -55.10
CA GLN J 700 -76.67 14.42 -54.02
C GLN J 700 -76.21 14.87 -52.64
N VAL J 701 -75.36 15.90 -52.54
CA VAL J 701 -74.84 16.31 -51.25
C VAL J 701 -75.52 17.60 -50.80
N LYS J 702 -75.88 18.45 -51.76
CA LYS J 702 -76.47 19.75 -51.42
C LYS J 702 -77.87 19.65 -50.82
N GLY J 703 -78.49 18.47 -50.86
CA GLY J 703 -79.84 18.31 -50.39
C GLY J 703 -80.00 18.17 -48.89
N LYS J 704 -78.93 18.17 -48.13
CA LYS J 704 -79.01 18.04 -46.68
C LYS J 704 -77.70 18.54 -46.07
N LYS J 705 -77.51 18.31 -44.78
CA LYS J 705 -76.37 18.78 -44.03
C LYS J 705 -75.45 17.63 -43.68
N VAL J 706 -74.19 17.97 -43.37
CA VAL J 706 -73.14 17.00 -43.10
C VAL J 706 -72.44 17.37 -41.81
N TRP J 707 -71.59 16.45 -41.34
N TRP J 707 -71.60 16.45 -41.33
CA TRP J 707 -70.85 16.63 -40.08
CA TRP J 707 -70.84 16.66 -40.09
C TRP J 707 -69.52 15.90 -40.24
C TRP J 707 -69.52 15.91 -40.25
N ILE J 708 -68.48 16.63 -40.64
CA ILE J 708 -67.18 16.04 -40.94
C ILE J 708 -66.07 17.00 -40.54
N GLY J 709 -64.92 16.44 -40.19
CA GLY J 709 -63.72 17.21 -39.93
C GLY J 709 -62.80 17.24 -41.14
N ILE J 710 -61.92 18.23 -41.17
CA ILE J 710 -61.06 18.43 -42.33
C ILE J 710 -60.10 17.26 -42.49
N LYS J 711 -59.50 16.80 -41.39
CA LYS J 711 -58.52 15.72 -41.45
C LYS J 711 -59.16 14.44 -41.99
N LYS J 712 -60.35 14.11 -41.49
CA LYS J 712 -61.05 12.93 -41.98
C LYS J 712 -61.46 13.10 -43.44
N LEU J 713 -61.77 14.37 -43.76
CA LEU J 713 -62.07 14.59 -45.17
C LEU J 713 -60.85 14.33 -46.03
N LEU J 714 -59.69 14.81 -45.58
CA LEU J 714 -58.46 14.52 -46.33
C LEU J 714 -58.18 13.03 -46.40
N MET J 715 -58.50 12.28 -45.34
CA MET J 715 -58.28 10.84 -45.41
C MET J 715 -59.21 10.19 -46.44
N LEU J 716 -60.50 10.55 -46.43
CA LEU J 716 -61.44 9.89 -47.34
C LEU J 716 -61.13 10.22 -48.79
N ILE J 717 -60.71 11.46 -49.08
CA ILE J 717 -60.46 11.84 -50.46
C ILE J 717 -59.27 11.11 -51.05
N GLU J 718 -58.43 10.50 -50.21
CA GLU J 718 -57.32 9.66 -50.65
C GLU J 718 -57.70 8.20 -50.69
N MET J 719 -58.59 7.76 -49.81
CA MET J 719 -59.10 6.41 -49.93
C MET J 719 -59.83 6.24 -51.26
N SER J 720 -60.60 7.25 -51.68
CA SER J 720 -61.42 7.09 -52.87
C SER J 720 -60.59 7.10 -54.15
N LEU J 721 -59.51 7.87 -54.19
CA LEU J 721 -58.71 8.02 -55.41
C LEU J 721 -57.96 6.76 -55.80
N GLN J 722 -58.11 5.65 -55.08
CA GLN J 722 -57.42 4.42 -55.44
C GLN J 722 -58.24 3.52 -56.37
N MET J 723 -59.50 3.86 -56.60
CA MET J 723 -60.35 3.07 -57.48
C MET J 723 -60.11 3.45 -58.94
N ASP J 724 -60.68 2.70 -59.79
CA ASP J 724 -60.59 2.99 -61.21
C ASP J 724 -61.31 4.31 -61.50
N PRO J 725 -60.93 5.01 -62.56
CA PRO J 725 -61.48 6.35 -62.80
C PRO J 725 -63.00 6.40 -62.81
N GLU J 726 -63.64 5.26 -63.13
CA GLU J 726 -65.09 5.23 -63.24
C GLU J 726 -65.77 5.22 -61.88
N TYR J 727 -65.17 4.54 -60.89
CA TYR J 727 -65.85 4.23 -59.63
C TYR J 727 -65.44 5.15 -58.49
N ARG J 728 -64.70 6.22 -58.77
CA ARG J 728 -64.15 7.04 -57.67
C ARG J 728 -65.25 7.83 -56.97
N VAL J 729 -66.12 8.49 -57.73
CA VAL J 729 -67.15 9.34 -57.12
C VAL J 729 -68.13 8.50 -56.32
N ARG J 730 -68.52 7.34 -56.85
CA ARG J 730 -69.44 6.47 -56.15
C ARG J 730 -68.86 6.00 -54.82
N LYS J 731 -67.59 5.60 -54.82
CA LYS J 731 -66.96 5.18 -53.58
C LYS J 731 -66.83 6.34 -52.59
N PHE J 732 -66.52 7.54 -53.09
CA PHE J 732 -66.45 8.69 -52.20
C PHE J 732 -67.80 8.94 -51.53
N LEU J 733 -68.89 8.87 -52.31
CA LEU J 733 -70.21 9.07 -51.73
C LEU J 733 -70.55 7.98 -50.72
N ALA J 734 -70.18 6.73 -51.03
CA ALA J 734 -70.45 5.64 -50.09
C ALA J 734 -69.69 5.86 -48.77
N LEU J 735 -68.41 6.25 -48.87
CA LEU J 735 -67.64 6.51 -47.66
C LEU J 735 -68.22 7.66 -46.86
N LEU J 736 -68.65 8.73 -47.55
CA LEU J 736 -69.27 9.85 -46.84
C LEU J 736 -70.55 9.40 -46.14
N ARG J 737 -71.38 8.60 -46.81
CA ARG J 737 -72.61 8.14 -46.20
C ARG J 737 -72.33 7.28 -44.96
N GLU J 738 -71.36 6.37 -45.05
CA GLU J 738 -71.01 5.56 -43.89
C GLU J 738 -70.47 6.41 -42.75
N GLU J 739 -69.62 7.39 -43.07
CA GLU J 739 -68.97 8.18 -42.03
C GLU J 739 -69.98 9.01 -41.24
N GLY J 740 -70.96 9.58 -41.93
CA GLY J 740 -71.86 10.54 -41.33
C GLY J 740 -72.47 10.11 -40.01
N ALA J 741 -72.39 10.99 -39.00
CA ALA J 741 -72.98 10.74 -37.69
C ALA J 741 -73.69 11.99 -37.23
N SER J 742 -74.68 11.81 -36.36
CA SER J 742 -75.47 12.94 -35.88
C SER J 742 -74.60 13.85 -35.00
N PRO J 743 -74.82 15.17 -35.02
CA PRO J 743 -74.09 16.08 -34.13
C PRO J 743 -74.17 15.67 -32.66
N ARG K 208 1.67 30.36 41.71
CA ARG K 208 1.37 31.68 42.25
C ARG K 208 0.94 32.64 41.14
N GLN K 209 1.45 32.40 39.92
CA GLN K 209 1.15 33.27 38.80
C GLN K 209 -0.33 33.17 38.45
N SER K 210 -0.99 34.33 38.29
CA SER K 210 -2.41 34.34 37.99
C SER K 210 -2.67 33.72 36.63
N ILE K 211 -3.77 32.98 36.53
CA ILE K 211 -4.12 32.33 35.27
C ILE K 211 -4.56 33.36 34.23
N ILE K 212 -5.31 34.38 34.66
CA ILE K 212 -5.75 35.43 33.76
C ILE K 212 -4.60 36.38 33.47
N ASN K 213 -4.63 36.99 32.29
CA ASN K 213 -3.61 37.96 31.93
C ASN K 213 -3.73 39.21 32.81
N PRO K 214 -2.61 39.85 33.12
CA PRO K 214 -2.69 41.06 33.96
C PRO K 214 -3.50 42.19 33.34
N ASP K 215 -3.48 42.31 32.01
CA ASP K 215 -4.07 43.45 31.33
C ASP K 215 -5.42 43.13 30.69
N TRP K 216 -5.99 41.96 30.96
CA TRP K 216 -7.26 41.61 30.34
C TRP K 216 -8.37 42.55 30.80
N ASN K 217 -9.24 42.90 29.86
CA ASN K 217 -10.35 43.80 30.13
C ASN K 217 -11.52 43.40 29.24
N PHE K 218 -12.73 43.40 29.81
CA PHE K 218 -13.88 42.86 29.09
C PHE K 218 -14.17 43.66 27.82
N GLU K 219 -14.19 44.99 27.93
CA GLU K 219 -14.49 45.81 26.77
C GLU K 219 -13.44 45.68 25.67
N LYS K 220 -12.26 45.18 26.00
N LYS K 220 -12.26 45.17 26.00
CA LYS K 220 -11.20 44.99 25.01
CA LYS K 220 -11.20 45.00 25.00
C LYS K 220 -11.45 43.77 24.13
C LYS K 220 -11.40 43.74 24.16
N MET K 221 -12.27 42.82 24.58
CA MET K 221 -12.48 41.61 23.80
C MET K 221 -13.15 41.92 22.47
N GLY K 222 -14.14 42.82 22.46
CA GLY K 222 -14.81 43.20 21.24
C GLY K 222 -15.97 42.30 20.88
N ILE K 223 -16.75 41.90 21.88
CA ILE K 223 -17.92 41.05 21.69
C ILE K 223 -19.12 41.76 22.33
N GLY K 224 -20.22 41.81 21.60
CA GLY K 224 -21.44 42.43 22.10
C GLY K 224 -22.65 41.53 21.91
N GLY K 225 -23.58 41.65 22.85
CA GLY K 225 -24.81 40.88 22.79
C GLY K 225 -24.75 39.50 23.39
N LEU K 226 -23.66 39.15 24.08
CA LEU K 226 -23.49 37.83 24.68
C LEU K 226 -22.99 37.96 26.12
N ASP K 227 -23.61 38.86 26.89
CA ASP K 227 -23.18 39.05 28.27
C ASP K 227 -23.51 37.84 29.12
N LYS K 228 -24.74 37.33 29.03
N LYS K 228 -24.74 37.33 29.03
CA LYS K 228 -25.14 36.21 29.86
CA LYS K 228 -25.15 36.20 29.86
C LYS K 228 -24.36 34.95 29.52
C LYS K 228 -24.36 34.95 29.52
N GLU K 229 -24.12 34.71 28.23
CA GLU K 229 -23.36 33.52 27.83
C GLU K 229 -21.96 33.55 28.42
N PHE K 230 -21.28 34.70 28.32
CA PHE K 230 -19.94 34.80 28.86
C PHE K 230 -19.95 34.69 30.38
N SER K 231 -20.94 35.29 31.04
CA SER K 231 -21.03 35.17 32.49
C SER K 231 -21.15 33.72 32.91
N ASP K 232 -22.04 32.97 32.25
CA ASP K 232 -22.22 31.56 32.58
C ASP K 232 -20.94 30.77 32.32
N ILE K 233 -20.30 31.01 31.17
CA ILE K 233 -19.09 30.27 30.82
C ILE K 233 -18.00 30.54 31.84
N PHE K 234 -17.80 31.82 32.20
CA PHE K 234 -16.77 32.15 33.18
C PHE K 234 -17.07 31.52 34.52
N ARG K 235 -18.33 31.59 34.97
CA ARG K 235 -18.66 31.04 36.28
C ARG K 235 -18.43 29.54 36.32
N ARG K 236 -18.85 28.82 35.28
N ARG K 236 -18.82 28.82 35.26
CA ARG K 236 -18.72 27.37 35.29
CA ARG K 236 -18.76 27.37 35.29
C ARG K 236 -17.28 26.93 35.12
C ARG K 236 -17.38 26.81 34.94
N ALA K 237 -16.56 27.54 34.19
CA ALA K 237 -15.25 27.03 33.76
C ALA K 237 -14.10 27.59 34.59
N PHE K 238 -14.05 28.90 34.81
CA PHE K 238 -12.87 29.55 35.38
C PHE K 238 -13.07 30.01 36.82
N ALA K 239 -14.15 29.59 37.47
CA ALA K 239 -14.38 30.03 38.85
C ALA K 239 -13.43 29.34 39.82
N SER K 240 -13.20 28.04 39.63
CA SER K 240 -12.37 27.28 40.56
C SER K 240 -10.87 27.43 40.30
N ARG K 241 -10.49 28.03 39.17
CA ARG K 241 -9.08 28.29 38.88
C ARG K 241 -8.63 29.67 39.33
N VAL K 242 -9.52 30.47 39.90
CA VAL K 242 -9.18 31.78 40.42
C VAL K 242 -9.26 31.85 41.95
N PHE K 243 -10.04 30.97 42.58
CA PHE K 243 -10.16 30.96 44.02
C PHE K 243 -8.84 30.50 44.64
N PRO K 244 -8.54 30.91 45.87
CA PRO K 244 -7.27 30.51 46.50
C PRO K 244 -7.12 29.00 46.54
N PRO K 245 -5.91 28.49 46.29
CA PRO K 245 -5.76 27.04 46.10
C PRO K 245 -6.14 26.21 47.32
N GLU K 246 -5.88 26.71 48.53
CA GLU K 246 -6.08 25.89 49.72
C GLU K 246 -7.56 25.54 49.92
N ILE K 247 -8.45 26.50 49.73
CA ILE K 247 -9.87 26.24 49.94
C ILE K 247 -10.39 25.27 48.88
N VAL K 248 -9.95 25.43 47.63
CA VAL K 248 -10.37 24.52 46.58
C VAL K 248 -9.86 23.11 46.87
N GLU K 249 -8.64 23.01 47.41
CA GLU K 249 -8.12 21.71 47.82
C GLU K 249 -8.99 21.11 48.92
N GLN K 250 -9.40 21.92 49.89
CA GLN K 250 -10.24 21.43 50.97
C GLN K 250 -11.58 20.92 50.42
N MET K 251 -12.13 21.61 49.42
CA MET K 251 -13.39 21.16 48.83
C MET K 251 -13.24 19.83 48.10
N GLY K 252 -12.05 19.49 47.62
CA GLY K 252 -11.82 18.21 46.98
C GLY K 252 -12.63 18.02 45.71
N CYS K 253 -12.62 19.02 44.83
CA CYS K 253 -13.37 18.98 43.59
C CYS K 253 -12.42 19.00 42.39
N LYS K 254 -12.93 18.54 41.26
N LYS K 254 -12.94 18.55 41.26
CA LYS K 254 -12.18 18.52 40.02
CA LYS K 254 -12.19 18.51 40.00
C LYS K 254 -12.60 19.67 39.12
C LYS K 254 -12.60 19.67 39.12
N HIS K 255 -11.84 19.88 38.05
CA HIS K 255 -12.06 20.99 37.14
C HIS K 255 -12.82 20.54 35.89
N VAL K 256 -13.59 21.47 35.33
CA VAL K 256 -14.31 21.19 34.09
C VAL K 256 -13.34 21.18 32.92
N LYS K 257 -13.57 20.28 31.97
CA LYS K 257 -12.64 20.07 30.85
C LYS K 257 -13.40 19.97 29.54
N GLY K 258 -14.35 20.88 29.30
CA GLY K 258 -15.08 20.85 28.06
C GLY K 258 -16.10 21.95 27.88
N ILE K 259 -16.22 22.45 26.64
CA ILE K 259 -17.23 23.44 26.27
C ILE K 259 -17.70 23.12 24.86
N LEU K 260 -19.00 23.28 24.62
CA LEU K 260 -19.58 23.10 23.30
C LEU K 260 -20.41 24.32 22.96
N LEU K 261 -20.25 24.83 21.74
CA LEU K 261 -21.01 25.97 21.23
C LEU K 261 -21.75 25.55 19.98
N TYR K 262 -23.04 25.88 19.91
CA TYR K 262 -23.84 25.57 18.74
C TYR K 262 -24.82 26.68 18.45
N GLY K 263 -25.25 26.77 17.19
CA GLY K 263 -26.18 27.79 16.76
C GLY K 263 -26.16 27.95 15.26
N PRO K 264 -26.95 28.89 14.75
CA PRO K 264 -26.99 29.13 13.30
C PRO K 264 -25.74 29.86 12.83
N PRO K 265 -25.49 29.89 11.52
CA PRO K 265 -24.25 30.49 11.02
C PRO K 265 -24.18 31.98 11.28
N GLY K 266 -22.96 32.47 11.51
CA GLY K 266 -22.68 33.89 11.53
C GLY K 266 -22.99 34.60 12.83
N CYS K 267 -23.23 33.88 13.92
CA CYS K 267 -23.66 34.48 15.17
C CYS K 267 -22.52 34.62 16.19
N GLY K 268 -21.29 34.30 15.82
CA GLY K 268 -20.16 34.61 16.67
C GLY K 268 -19.68 33.49 17.57
N LYS K 269 -19.41 32.31 17.00
CA LYS K 269 -18.86 31.20 17.78
C LYS K 269 -17.34 31.16 17.74
N THR K 270 -16.75 31.26 16.55
CA THR K 270 -15.30 31.21 16.44
C THR K 270 -14.66 32.42 17.12
N LEU K 271 -15.31 33.57 17.04
CA LEU K 271 -14.80 34.77 17.70
C LEU K 271 -14.67 34.55 19.20
N LEU K 272 -15.69 33.96 19.81
CA LEU K 272 -15.66 33.72 21.24
C LEU K 272 -14.54 32.76 21.61
N ALA K 273 -14.35 31.70 20.83
CA ALA K 273 -13.27 30.75 21.10
C ALA K 273 -11.91 31.42 20.99
N ARG K 274 -11.72 32.25 19.97
CA ARG K 274 -10.44 32.95 19.81
C ARG K 274 -10.17 33.88 20.98
N GLN K 275 -11.19 34.64 21.40
CA GLN K 275 -11.00 35.58 22.50
C GLN K 275 -10.76 34.85 23.82
N ILE K 276 -11.41 33.71 24.03
CA ILE K 276 -11.11 32.88 25.19
C ILE K 276 -9.67 32.41 25.14
N GLY K 277 -9.21 31.96 23.97
CA GLY K 277 -7.84 31.51 23.83
C GLY K 277 -6.83 32.59 24.16
N LYS K 278 -7.10 33.82 23.72
N LYS K 278 -7.10 33.82 23.73
CA LYS K 278 -6.19 34.92 23.98
CA LYS K 278 -6.17 34.92 23.97
C LYS K 278 -6.28 35.44 25.41
C LYS K 278 -6.39 35.58 25.33
N MET K 279 -7.36 35.13 26.12
CA MET K 279 -7.59 35.69 27.44
C MET K 279 -6.79 35.00 28.54
N LEU K 280 -6.28 33.80 28.28
CA LEU K 280 -5.64 32.99 29.32
C LEU K 280 -4.13 33.06 29.18
N ASN K 281 -3.45 33.30 30.30
CA ASN K 281 -1.99 33.26 30.34
C ASN K 281 -1.58 31.80 30.36
N ALA K 282 -1.45 31.22 29.17
CA ALA K 282 -1.15 29.80 29.03
C ALA K 282 -0.32 29.62 27.77
N ARG K 283 -0.21 28.37 27.31
CA ARG K 283 0.57 28.08 26.12
C ARG K 283 -0.17 28.59 24.88
N GLU K 284 0.38 28.30 23.71
CA GLU K 284 -0.29 28.65 22.47
C GLU K 284 -1.30 27.55 22.12
N PRO K 285 -2.59 27.85 22.07
CA PRO K 285 -3.57 26.77 21.90
C PRO K 285 -3.39 26.03 20.58
N LYS K 286 -3.62 24.73 20.61
CA LYS K 286 -3.66 23.93 19.40
C LYS K 286 -4.99 24.14 18.69
N VAL K 287 -4.96 24.08 17.37
CA VAL K 287 -6.13 24.30 16.54
C VAL K 287 -6.23 23.18 15.52
N VAL K 288 -7.41 22.60 15.38
CA VAL K 288 -7.68 21.53 14.42
C VAL K 288 -8.75 22.03 13.45
N ASN K 289 -8.39 22.16 12.18
CA ASN K 289 -9.28 22.71 11.16
C ASN K 289 -9.98 21.55 10.45
N GLY K 290 -11.18 21.22 10.92
CA GLY K 290 -11.98 20.19 10.28
C GLY K 290 -11.33 18.83 10.34
N PRO K 291 -11.54 18.01 9.31
CA PRO K 291 -10.92 16.67 9.26
C PRO K 291 -9.45 16.72 8.87
N GLU K 292 -8.65 17.37 9.71
CA GLU K 292 -7.23 17.56 9.46
C GLU K 292 -6.37 16.41 9.96
N ILE K 293 -6.98 15.40 10.57
CA ILE K 293 -6.23 14.30 11.19
C ILE K 293 -6.23 13.02 10.36
N LEU K 294 -7.15 12.89 9.40
CA LEU K 294 -7.26 11.64 8.65
C LEU K 294 -5.98 11.35 7.88
N ASN K 295 -5.68 10.06 7.75
CA ASN K 295 -4.52 9.61 6.98
C ASN K 295 -4.86 8.27 6.35
N LYS K 296 -4.18 7.96 5.25
CA LYS K 296 -4.51 6.78 4.46
C LYS K 296 -3.84 5.50 4.94
N TYR K 297 -2.86 5.59 5.84
CA TYR K 297 -2.18 4.41 6.35
C TYR K 297 -2.88 3.90 7.61
N VAL K 298 -2.91 2.57 7.73
CA VAL K 298 -3.63 1.94 8.83
C VAL K 298 -2.96 2.33 10.15
N GLY K 299 -3.74 2.91 11.06
CA GLY K 299 -3.23 3.27 12.36
C GLY K 299 -2.52 4.60 12.42
N GLU K 300 -2.66 5.44 11.38
CA GLU K 300 -1.98 6.74 11.36
C GLU K 300 -2.90 7.91 11.68
N SER K 301 -4.22 7.71 11.65
CA SER K 301 -5.15 8.75 12.04
C SER K 301 -5.47 8.73 13.52
N GLU K 302 -5.02 7.70 14.25
CA GLU K 302 -5.16 7.65 15.70
C GLU K 302 -3.93 8.17 16.42
N ALA K 303 -2.74 7.97 15.83
CA ALA K 303 -1.55 8.60 16.39
C ALA K 303 -1.66 10.11 16.37
N ASN K 304 -2.34 10.67 15.36
CA ASN K 304 -2.57 12.11 15.32
C ASN K 304 -3.40 12.56 16.52
N ILE K 305 -4.44 11.80 16.86
CA ILE K 305 -5.23 12.11 18.05
C ILE K 305 -4.37 12.01 19.30
N ARG K 306 -3.58 10.94 19.40
CA ARG K 306 -2.77 10.74 20.60
C ARG K 306 -1.73 11.84 20.77
N LYS K 307 -1.26 12.42 19.66
CA LYS K 307 -0.17 13.39 19.73
C LYS K 307 -0.56 14.70 20.40
N LEU K 308 -1.86 15.00 20.49
CA LEU K 308 -2.28 16.30 21.01
C LEU K 308 -2.14 16.37 22.54
N PHE K 309 -2.22 15.23 23.23
CA PHE K 309 -2.20 15.21 24.68
C PHE K 309 -0.83 14.87 25.25
N ALA K 310 0.19 14.73 24.38
CA ALA K 310 1.49 14.25 24.82
C ALA K 310 2.21 15.27 25.71
N ASP K 311 2.02 16.56 25.47
CA ASP K 311 2.60 17.58 26.34
C ASP K 311 1.88 17.70 27.67
N ALA K 312 0.55 17.65 27.65
CA ALA K 312 -0.21 17.72 28.89
C ALA K 312 0.11 16.55 29.80
N GLU K 313 0.19 15.33 29.23
CA GLU K 313 0.52 14.17 30.04
C GLU K 313 1.90 14.32 30.69
N GLU K 314 2.88 14.76 29.91
CA GLU K 314 4.24 14.89 30.44
C GLU K 314 4.31 15.93 31.55
N GLU K 315 3.69 17.09 31.33
CA GLU K 315 3.73 18.12 32.36
C GLU K 315 2.98 17.68 33.62
N GLN K 316 1.85 16.99 33.45
CA GLN K 316 1.12 16.48 34.61
C GLN K 316 1.98 15.49 35.39
N ARG K 317 2.69 14.60 34.68
CA ARG K 317 3.55 13.65 35.37
C ARG K 317 4.67 14.37 36.12
N ARG K 318 5.26 15.40 35.51
CA ARG K 318 6.43 16.03 36.12
C ARG K 318 6.04 16.94 37.28
N LEU K 319 5.23 17.97 37.02
CA LEU K 319 4.95 18.99 38.02
C LEU K 319 3.76 18.68 38.90
N GLY K 320 2.99 17.64 38.60
CA GLY K 320 1.87 17.28 39.43
C GLY K 320 0.74 18.29 39.40
N ALA K 321 0.48 18.94 40.53
CA ALA K 321 -0.65 19.86 40.67
C ALA K 321 -0.26 21.31 40.49
N ASN K 322 0.99 21.60 40.10
CA ASN K 322 1.45 22.96 39.88
C ASN K 322 1.60 23.29 38.41
N SER K 323 1.09 22.45 37.52
CA SER K 323 1.23 22.65 36.09
C SER K 323 0.32 23.77 35.60
N GLY K 324 0.57 24.21 34.38
CA GLY K 324 -0.23 25.26 33.76
C GLY K 324 -1.50 24.71 33.13
N LEU K 325 -1.96 25.38 32.08
CA LEU K 325 -3.17 25.01 31.37
C LEU K 325 -2.88 24.80 29.90
N HIS K 326 -3.48 23.75 29.33
CA HIS K 326 -3.32 23.42 27.91
C HIS K 326 -4.70 23.48 27.26
N ILE K 327 -4.83 24.26 26.20
CA ILE K 327 -6.10 24.44 25.50
C ILE K 327 -6.03 23.75 24.15
N ILE K 328 -7.17 23.20 23.74
CA ILE K 328 -7.32 22.54 22.45
C ILE K 328 -8.64 22.97 21.84
N ILE K 329 -8.61 23.30 20.55
CA ILE K 329 -9.78 23.83 19.84
C ILE K 329 -10.10 22.91 18.67
N PHE K 330 -11.35 22.44 18.63
CA PHE K 330 -11.85 21.61 17.53
C PHE K 330 -12.85 22.44 16.73
N ASP K 331 -12.50 22.72 15.48
CA ASP K 331 -13.34 23.49 14.59
C ASP K 331 -14.13 22.54 13.70
N GLU K 332 -15.45 22.73 13.64
CA GLU K 332 -16.34 21.84 12.90
C GLU K 332 -16.19 20.40 13.42
N ILE K 333 -16.53 20.23 14.70
CA ILE K 333 -16.28 18.96 15.37
C ILE K 333 -17.12 17.83 14.80
N ASP K 334 -18.27 18.13 14.18
CA ASP K 334 -19.14 17.08 13.67
C ASP K 334 -18.57 16.37 12.46
N ALA K 335 -17.35 16.66 12.02
CA ALA K 335 -16.75 15.96 10.90
C ALA K 335 -15.98 14.72 11.32
N ILE K 336 -15.66 14.57 12.61
CA ILE K 336 -14.90 13.44 13.10
C ILE K 336 -15.51 12.79 14.33
N CYS K 337 -16.69 13.22 14.77
CA CYS K 337 -17.30 12.74 16.00
C CYS K 337 -18.77 12.43 15.79
N LYS K 338 -19.15 11.81 14.71
CA LYS K 338 -20.57 11.43 14.51
C LYS K 338 -20.84 10.23 15.40
N GLN K 339 -22.07 9.73 15.49
CA GLN K 339 -22.45 8.60 16.36
C GLN K 339 -21.63 7.40 15.92
N ARG K 340 -21.44 6.39 16.77
CA ARG K 340 -20.65 5.17 16.43
C ARG K 340 -21.63 4.14 15.88
N GLY K 341 -21.51 3.67 14.65
CA GLY K 341 -22.35 2.67 14.01
C GLY K 341 -22.97 3.15 12.71
N SER K 342 -23.35 4.42 12.68
CA SER K 342 -23.92 5.03 11.48
C SER K 342 -22.90 5.13 10.36
N MET K 343 -23.35 5.64 9.22
CA MET K 343 -22.41 6.08 8.19
C MET K 343 -21.52 4.91 7.82
N ALA K 344 -22.06 3.96 7.05
CA ALA K 344 -21.32 2.71 6.82
C ALA K 344 -20.15 2.90 5.87
N GLY K 345 -19.24 3.81 6.24
CA GLY K 345 -17.91 3.85 5.67
C GLY K 345 -17.27 2.48 5.82
N SER K 346 -17.02 1.81 4.71
CA SER K 346 -16.47 0.45 4.80
C SER K 346 -14.98 0.43 5.12
N THR K 347 -14.36 1.58 5.38
CA THR K 347 -12.96 1.58 5.80
C THR K 347 -12.83 1.18 7.26
N GLY K 348 -13.76 1.61 8.10
CA GLY K 348 -13.66 1.39 9.52
C GLY K 348 -12.79 2.38 10.25
N VAL K 349 -12.57 3.56 9.69
CA VAL K 349 -11.74 4.59 10.32
C VAL K 349 -12.57 5.63 11.04
N HIS K 350 -13.89 5.54 10.98
CA HIS K 350 -14.73 6.54 11.61
C HIS K 350 -15.24 6.12 12.99
N ASP K 351 -15.03 4.87 13.39
CA ASP K 351 -15.30 4.47 14.77
C ASP K 351 -14.03 4.39 15.60
N THR K 352 -12.91 4.05 14.99
CA THR K 352 -11.65 3.95 15.72
C THR K 352 -11.23 5.31 16.25
N VAL K 353 -11.43 6.37 15.45
CA VAL K 353 -11.10 7.71 15.89
C VAL K 353 -11.98 8.16 17.06
N VAL K 354 -13.27 7.88 16.97
CA VAL K 354 -14.16 8.27 18.05
C VAL K 354 -13.78 7.54 19.34
N ASN K 355 -13.50 6.24 19.24
CA ASN K 355 -13.11 5.47 20.41
C ASN K 355 -11.82 6.01 21.01
N GLN K 356 -10.84 6.34 20.15
CA GLN K 356 -9.58 6.87 20.66
C GLN K 356 -9.79 8.21 21.37
N LEU K 357 -10.60 9.09 20.79
CA LEU K 357 -10.85 10.38 21.42
C LEU K 357 -11.54 10.21 22.77
N LEU K 358 -12.56 9.34 22.83
CA LEU K 358 -13.25 9.10 24.09
C LEU K 358 -12.28 8.56 25.14
N SER K 359 -11.47 7.58 24.77
CA SER K 359 -10.55 6.98 25.72
C SER K 359 -9.45 7.95 26.15
N LYS K 360 -9.14 8.96 25.33
CA LYS K 360 -8.11 9.91 25.69
C LYS K 360 -8.63 11.05 26.55
N ILE K 361 -9.85 11.52 26.32
CA ILE K 361 -10.36 12.64 27.11
C ILE K 361 -10.54 12.22 28.57
N ASP K 362 -11.11 11.04 28.82
CA ASP K 362 -11.39 10.60 30.18
C ASP K 362 -11.18 9.09 30.23
N GLY K 363 -10.03 8.66 30.74
CA GLY K 363 -9.70 7.25 30.79
C GLY K 363 -9.17 6.80 32.13
N VAL K 364 -8.44 5.68 32.13
CA VAL K 364 -7.93 5.13 33.39
C VAL K 364 -6.95 6.10 34.05
N GLU K 365 -6.03 6.65 33.26
CA GLU K 365 -5.12 7.68 33.76
C GLU K 365 -5.82 9.03 33.74
N GLN K 366 -5.63 9.80 34.79
CA GLN K 366 -6.40 11.01 35.04
C GLN K 366 -5.57 12.25 34.73
N LEU K 367 -6.19 13.20 34.02
CA LEU K 367 -5.58 14.48 33.73
C LEU K 367 -6.40 15.59 34.36
N ASN K 368 -5.71 16.68 34.73
CA ASN K 368 -6.38 17.81 35.37
C ASN K 368 -5.86 19.15 34.86
N ASN K 369 -5.28 19.20 33.67
CA ASN K 369 -4.71 20.43 33.12
C ASN K 369 -5.02 20.56 31.63
N ILE K 370 -6.26 20.28 31.24
CA ILE K 370 -6.68 20.40 29.85
C ILE K 370 -8.00 21.15 29.78
N LEU K 371 -8.30 21.65 28.58
CA LEU K 371 -9.57 22.32 28.30
C LEU K 371 -9.84 22.19 26.80
N VAL K 372 -11.03 21.72 26.46
CA VAL K 372 -11.39 21.43 25.07
C VAL K 372 -12.60 22.29 24.72
N ILE K 373 -12.55 22.92 23.54
CA ILE K 373 -13.63 23.76 23.04
C ILE K 373 -14.09 23.21 21.69
N GLY K 374 -15.39 22.99 21.55
CA GLY K 374 -15.96 22.50 20.31
C GLY K 374 -17.01 23.45 19.78
N MET K 375 -17.15 23.48 18.47
CA MET K 375 -18.06 24.41 17.79
C MET K 375 -18.73 23.67 16.64
N THR K 376 -20.07 23.70 16.60
CA THR K 376 -20.76 22.95 15.57
C THR K 376 -22.07 23.62 15.19
N ASN K 377 -22.54 23.32 13.99
CA ASN K 377 -23.83 23.79 13.49
C ASN K 377 -24.91 22.72 13.55
N ARG K 378 -24.55 21.46 13.73
CA ARG K 378 -25.49 20.33 13.73
C ARG K 378 -25.28 19.55 15.02
N PRO K 379 -25.78 20.05 16.16
CA PRO K 379 -25.51 19.41 17.45
C PRO K 379 -26.19 18.06 17.62
N ASP K 380 -27.10 17.67 16.72
CA ASP K 380 -27.86 16.44 16.90
C ASP K 380 -27.13 15.20 16.39
N LEU K 381 -25.95 15.36 15.79
CA LEU K 381 -25.20 14.23 15.25
C LEU K 381 -24.01 13.83 16.11
N ILE K 382 -23.71 14.58 17.16
CA ILE K 382 -22.57 14.26 18.01
C ILE K 382 -22.89 13.01 18.84
N ASP K 383 -21.84 12.24 19.15
CA ASP K 383 -22.01 11.03 19.94
C ASP K 383 -22.56 11.38 21.31
N GLU K 384 -23.47 10.53 21.81
CA GLU K 384 -24.10 10.79 23.09
C GLU K 384 -23.17 10.52 24.26
N ALA K 385 -22.10 9.75 24.05
CA ALA K 385 -21.13 9.48 25.11
C ALA K 385 -20.09 10.58 25.25
N LEU K 386 -19.98 11.48 24.28
CA LEU K 386 -19.04 12.58 24.34
C LEU K 386 -19.59 13.79 25.07
N LEU K 387 -20.89 13.84 25.34
CA LEU K 387 -21.54 15.01 25.94
C LEU K 387 -21.95 14.80 27.38
N ARG K 388 -21.56 13.68 27.99
CA ARG K 388 -21.94 13.42 29.37
C ARG K 388 -21.18 14.37 30.30
N PRO K 389 -21.65 14.53 31.55
CA PRO K 389 -21.10 15.60 32.39
C PRO K 389 -19.65 15.41 32.80
N GLY K 390 -18.97 14.41 32.26
CA GLY K 390 -17.57 14.19 32.56
C GLY K 390 -16.62 14.52 31.42
N ARG K 391 -17.17 14.73 30.22
CA ARG K 391 -16.35 14.98 29.04
C ARG K 391 -16.54 16.38 28.48
N LEU K 392 -17.76 16.75 28.11
CA LEU K 392 -18.10 18.08 27.59
C LEU K 392 -19.33 18.54 28.36
N GLU K 393 -19.11 19.15 29.53
CA GLU K 393 -20.20 19.39 30.46
C GLU K 393 -20.98 20.67 30.15
N VAL K 394 -20.32 21.70 29.62
CA VAL K 394 -20.95 22.98 29.35
C VAL K 394 -21.38 23.03 27.90
N LYS K 395 -22.66 23.33 27.67
CA LYS K 395 -23.23 23.42 26.34
C LYS K 395 -23.97 24.75 26.21
N MET K 396 -23.66 25.50 25.15
CA MET K 396 -24.20 26.84 24.98
C MET K 396 -24.74 27.02 23.56
N GLU K 397 -25.83 27.78 23.46
CA GLU K 397 -26.46 28.13 22.20
C GLU K 397 -26.27 29.61 21.93
N ILE K 398 -25.72 29.94 20.77
CA ILE K 398 -25.49 31.32 20.35
C ILE K 398 -26.51 31.63 19.26
N GLY K 399 -27.42 32.56 19.55
CA GLY K 399 -28.50 32.87 18.63
C GLY K 399 -28.55 34.32 18.22
N LEU K 400 -29.60 34.71 17.50
CA LEU K 400 -29.71 36.08 17.02
C LEU K 400 -29.89 37.04 18.20
N PRO K 401 -29.40 38.27 18.07
CA PRO K 401 -29.54 39.25 19.15
C PRO K 401 -30.83 40.05 19.02
N ASP K 402 -31.06 40.90 20.02
CA ASP K 402 -32.18 41.83 20.03
C ASP K 402 -31.65 43.25 19.82
N GLU K 403 -32.54 44.23 19.95
CA GLU K 403 -32.18 45.62 19.67
C GLU K 403 -31.00 46.06 20.54
N LYS K 404 -31.04 45.75 21.83
CA LYS K 404 -29.98 46.16 22.74
C LYS K 404 -28.66 45.47 22.46
N GLY K 405 -28.65 44.43 21.63
CA GLY K 405 -27.42 43.79 21.22
C GLY K 405 -26.94 44.34 19.88
N ARG K 406 -27.89 44.62 18.99
CA ARG K 406 -27.53 45.22 17.71
C ARG K 406 -26.90 46.59 17.90
N LEU K 407 -27.42 47.37 18.86
CA LEU K 407 -26.82 48.67 19.16
C LEU K 407 -25.37 48.50 19.60
N GLN K 408 -25.11 47.53 20.49
CA GLN K 408 -23.75 47.30 20.95
C GLN K 408 -22.83 46.88 19.81
N ILE K 409 -23.32 46.00 18.93
CA ILE K 409 -22.49 45.56 17.81
C ILE K 409 -22.15 46.72 16.90
N LEU K 410 -23.15 47.55 16.58
CA LEU K 410 -22.91 48.70 15.71
C LEU K 410 -21.92 49.67 16.35
N HIS K 411 -22.05 49.91 17.66
N HIS K 411 -22.04 49.91 17.66
CA HIS K 411 -21.09 50.77 18.34
CA HIS K 411 -21.09 50.77 18.34
C HIS K 411 -19.67 50.18 18.28
C HIS K 411 -19.67 50.18 18.28
N ILE K 412 -19.57 48.86 18.48
CA ILE K 412 -18.26 48.21 18.45
C ILE K 412 -17.62 48.40 17.09
N HIS K 413 -18.42 48.29 16.03
CA HIS K 413 -17.86 48.36 14.67
C HIS K 413 -17.75 49.78 14.13
N THR K 414 -18.28 50.79 14.81
CA THR K 414 -18.17 52.17 14.37
C THR K 414 -17.32 53.04 15.30
N ALA K 415 -16.84 52.50 16.41
CA ALA K 415 -16.01 53.28 17.33
C ALA K 415 -14.78 53.85 16.64
N ARG K 416 -14.07 53.02 15.86
CA ARG K 416 -12.83 53.50 15.25
C ARG K 416 -13.11 54.61 14.24
N MET K 417 -14.16 54.46 13.43
CA MET K 417 -14.52 55.52 12.50
C MET K 417 -14.87 56.80 13.25
N ARG K 418 -15.62 56.70 14.33
N ARG K 418 -15.64 56.69 14.33
CA ARG K 418 -15.98 57.89 15.10
CA ARG K 418 -15.98 57.88 15.11
C ARG K 418 -14.74 58.54 15.70
C ARG K 418 -14.73 58.54 15.69
N GLY K 419 -13.72 57.75 16.04
CA GLY K 419 -12.54 58.31 16.67
C GLY K 419 -11.83 59.34 15.81
N HIS K 420 -11.79 59.11 14.49
CA HIS K 420 -11.03 59.96 13.58
C HIS K 420 -11.92 60.94 12.81
N GLN K 421 -13.17 61.13 13.24
CA GLN K 421 -14.08 62.06 12.58
C GLN K 421 -14.25 61.72 11.10
N LEU K 422 -14.41 60.43 10.80
CA LEU K 422 -14.71 59.97 9.45
C LEU K 422 -16.18 59.63 9.26
N LEU K 423 -17.02 59.91 10.26
CA LEU K 423 -18.44 59.63 10.22
C LEU K 423 -19.21 60.94 10.35
N SER K 424 -20.12 61.19 9.42
CA SER K 424 -20.85 62.46 9.41
C SER K 424 -21.70 62.59 10.67
N ALA K 425 -22.27 63.78 10.84
CA ALA K 425 -23.07 64.11 12.01
C ALA K 425 -24.56 63.84 11.82
N ASP K 426 -24.97 63.38 10.64
CA ASP K 426 -26.37 63.11 10.35
C ASP K 426 -26.69 61.62 10.33
N VAL K 427 -25.87 60.80 11.00
CA VAL K 427 -26.08 59.36 11.08
C VAL K 427 -26.39 59.03 12.53
N ASP K 428 -27.53 58.40 12.76
CA ASP K 428 -27.99 58.03 14.09
C ASP K 428 -27.98 56.52 14.23
N ILE K 429 -27.21 56.02 15.20
CA ILE K 429 -27.07 54.58 15.36
C ILE K 429 -28.36 53.96 15.86
N LYS K 430 -29.10 54.69 16.71
CA LYS K 430 -30.33 54.13 17.29
C LYS K 430 -31.34 53.81 16.20
N GLU K 431 -31.50 54.69 15.22
CA GLU K 431 -32.44 54.42 14.14
C GLU K 431 -32.02 53.20 13.33
N LEU K 432 -30.71 53.05 13.10
CA LEU K 432 -30.22 51.87 12.40
C LEU K 432 -30.52 50.60 13.19
N ALA K 433 -30.32 50.65 14.51
CA ALA K 433 -30.60 49.48 15.34
C ALA K 433 -32.10 49.13 15.28
N VAL K 434 -32.96 50.15 15.27
CA VAL K 434 -34.39 49.89 15.19
C VAL K 434 -34.76 49.31 13.83
N GLU K 435 -34.12 49.80 12.76
CA GLU K 435 -34.53 49.42 11.42
C GLU K 435 -34.05 48.02 11.02
N THR K 436 -32.90 47.58 11.53
CA THR K 436 -32.32 46.29 11.16
C THR K 436 -32.85 45.24 12.13
N LYS K 437 -33.83 44.44 11.67
CA LYS K 437 -34.51 43.47 12.51
C LYS K 437 -34.08 42.06 12.13
N ASN K 438 -33.72 41.27 13.14
CA ASN K 438 -33.28 39.88 12.94
C ASN K 438 -32.04 39.82 12.04
N PHE K 439 -31.09 40.71 12.30
CA PHE K 439 -29.79 40.69 11.65
C PHE K 439 -28.79 39.97 12.53
N SER K 440 -28.00 39.08 11.93
CA SER K 440 -26.94 38.40 12.65
C SER K 440 -25.73 39.33 12.77
N GLY K 441 -24.76 38.90 13.58
CA GLY K 441 -23.58 39.71 13.81
C GLY K 441 -22.82 40.01 12.53
N ALA K 442 -22.75 39.03 11.62
CA ALA K 442 -21.97 39.21 10.40
C ALA K 442 -22.60 40.25 9.48
N GLU K 443 -23.93 40.31 9.45
CA GLU K 443 -24.59 41.16 8.47
C GLU K 443 -24.48 42.64 8.82
N LEU K 444 -24.43 42.98 10.12
CA LEU K 444 -24.20 44.37 10.50
C LEU K 444 -22.83 44.84 10.05
N GLU K 445 -21.81 44.00 10.26
CA GLU K 445 -20.47 44.34 9.79
C GLU K 445 -20.44 44.45 8.27
N GLY K 446 -21.13 43.55 7.58
CA GLY K 446 -21.22 43.66 6.13
C GLY K 446 -21.87 44.95 5.67
N LEU K 447 -22.91 45.38 6.38
CA LEU K 447 -23.57 46.65 6.05
C LEU K 447 -22.60 47.81 6.23
N VAL K 448 -21.87 47.84 7.33
CA VAL K 448 -20.90 48.90 7.54
C VAL K 448 -19.83 48.88 6.45
N ARG K 449 -19.37 47.69 6.08
CA ARG K 449 -18.38 47.57 5.01
C ARG K 449 -18.90 48.11 3.69
N ALA K 450 -20.15 47.77 3.36
CA ALA K 450 -20.74 48.26 2.11
C ALA K 450 -20.87 49.78 2.12
N ALA K 451 -21.28 50.35 3.25
CA ALA K 451 -21.37 51.80 3.34
C ALA K 451 -20.00 52.45 3.14
N GLN K 452 -18.97 51.89 3.77
CA GLN K 452 -17.63 52.44 3.60
C GLN K 452 -17.16 52.33 2.16
N SER K 453 -17.44 51.21 1.50
CA SER K 453 -17.05 51.05 0.10
C SER K 453 -17.76 52.07 -0.78
N THR K 454 -19.05 52.29 -0.55
CA THR K 454 -19.77 53.29 -1.32
C THR K 454 -19.19 54.68 -1.10
N ALA K 455 -18.83 55.00 0.14
CA ALA K 455 -18.23 56.30 0.42
C ALA K 455 -16.89 56.45 -0.30
N MET K 456 -16.06 55.41 -0.27
CA MET K 456 -14.73 55.49 -0.85
C MET K 456 -14.73 55.46 -2.38
N ASN K 457 -15.78 54.91 -2.99
CA ASN K 457 -15.81 54.80 -4.45
C ASN K 457 -16.11 56.12 -5.15
N ARG K 458 -16.55 57.15 -4.42
CA ARG K 458 -16.87 58.42 -5.05
C ARG K 458 -15.64 59.22 -5.47
N HIS K 459 -14.44 58.85 -5.04
CA HIS K 459 -13.20 59.61 -5.33
C HIS K 459 -12.34 58.87 -6.33
N ILE K 460 -12.84 57.83 -6.98
CA ILE K 460 -12.03 56.99 -7.92
C ILE K 460 -12.75 56.98 -9.27
N LYS K 461 -12.12 57.52 -10.31
CA LYS K 461 -12.68 57.51 -11.70
C LYS K 461 -11.96 56.44 -12.51
N ALA K 462 -12.67 55.45 -13.08
CA ALA K 462 -12.03 54.30 -13.78
C ALA K 462 -12.66 54.01 -15.14
N SER K 463 -12.50 54.88 -16.14
CA SER K 463 -13.01 54.65 -17.54
C SER K 463 -11.87 54.28 -18.48
N THR K 464 -10.63 54.64 -18.14
CA THR K 464 -9.45 54.31 -18.97
C THR K 464 -8.38 53.69 -18.07
N LYS K 465 -7.98 54.37 -17.00
CA LYS K 465 -6.92 53.88 -16.07
C LYS K 465 -7.27 54.30 -14.64
N VAL K 466 -7.33 53.36 -13.70
CA VAL K 466 -7.66 53.67 -12.29
C VAL K 466 -6.96 54.99 -11.94
N GLU K 467 -7.69 56.00 -11.48
CA GLU K 467 -7.13 57.35 -11.17
C GLU K 467 -7.84 57.95 -9.95
N VAL K 468 -7.17 58.14 -8.81
CA VAL K 468 -7.78 58.63 -7.54
C VAL K 468 -7.72 60.16 -7.53
N ASP K 469 -8.80 60.85 -7.11
CA ASP K 469 -8.85 62.32 -7.05
C ASP K 469 -7.72 62.80 -6.17
N MET K 470 -7.51 62.17 -5.03
CA MET K 470 -6.40 62.49 -4.08
C MET K 470 -6.73 63.76 -3.30
N GLU K 471 -6.98 64.90 -3.95
CA GLU K 471 -7.36 66.11 -3.25
C GLU K 471 -8.64 65.91 -2.44
N LYS K 472 -9.74 65.59 -3.14
CA LYS K 472 -11.01 65.38 -2.45
C LYS K 472 -10.91 64.28 -1.40
N ALA K 473 -9.96 63.35 -1.54
CA ALA K 473 -9.83 62.27 -0.58
C ALA K 473 -9.55 62.78 0.83
N GLU K 474 -9.06 64.03 0.95
CA GLU K 474 -8.90 64.60 2.29
C GLU K 474 -10.23 64.68 3.02
N SER K 475 -11.28 65.13 2.33
CA SER K 475 -12.59 65.33 2.94
C SER K 475 -13.50 64.13 2.70
N LEU K 476 -13.05 62.96 3.18
CA LEU K 476 -13.84 61.74 3.07
C LEU K 476 -14.76 61.62 4.27
N GLN K 477 -16.07 61.52 4.01
CA GLN K 477 -17.06 61.37 5.07
C GLN K 477 -18.12 60.38 4.63
N VAL K 478 -18.65 59.62 5.57
CA VAL K 478 -19.67 58.62 5.32
C VAL K 478 -21.01 59.20 5.74
N THR K 479 -21.97 59.23 4.81
CA THR K 479 -23.28 59.80 5.04
C THR K 479 -24.33 58.71 5.15
N ARG K 480 -25.52 59.15 5.64
CA ARG K 480 -26.66 58.26 5.89
C ARG K 480 -27.26 57.78 4.58
N GLY K 481 -27.01 58.44 3.49
CA GLY K 481 -27.46 57.97 2.18
C GLY K 481 -26.77 56.68 1.78
N ASP K 482 -25.49 56.55 2.11
CA ASP K 482 -24.77 55.31 1.85
C ASP K 482 -25.40 54.15 2.60
N PHE K 483 -25.76 54.37 3.87
CA PHE K 483 -26.40 53.30 4.65
C PHE K 483 -27.74 52.91 4.03
N LEU K 484 -28.54 53.90 3.62
CA LEU K 484 -29.82 53.58 3.02
C LEU K 484 -29.65 52.81 1.71
N ALA K 485 -28.70 53.22 0.87
CA ALA K 485 -28.46 52.51 -0.37
C ALA K 485 -27.99 51.08 -0.10
N SER K 486 -27.12 50.91 0.90
CA SER K 486 -26.66 49.57 1.24
C SER K 486 -27.81 48.68 1.70
N LEU K 487 -28.77 49.19 2.47
CA LEU K 487 -29.93 48.37 2.93
C LEU K 487 -30.83 48.06 1.74
N GLU K 488 -30.83 48.86 0.66
CA GLU K 488 -31.73 48.61 -0.47
C GLU K 488 -31.18 47.54 -1.41
N ASN K 489 -29.87 47.51 -1.61
CA ASN K 489 -29.26 46.73 -2.69
C ASN K 489 -28.41 45.57 -2.21
N ASP K 490 -27.58 45.78 -1.19
CA ASP K 490 -26.48 44.86 -0.92
C ASP K 490 -26.86 43.75 0.06
N ILE K 491 -27.24 44.14 1.27
CA ILE K 491 -27.40 43.15 2.34
C ILE K 491 -28.85 42.74 2.43
N LYS K 492 -29.09 41.42 2.35
CA LYS K 492 -30.43 40.84 2.51
C LYS K 492 -30.33 39.78 3.60
N PRO K 493 -31.09 39.89 4.70
CA PRO K 493 -30.93 38.93 5.79
C PRO K 493 -31.50 37.55 5.46
N ALA K 494 -31.50 36.65 6.44
CA ALA K 494 -32.04 35.31 6.30
C ALA K 494 -33.20 35.01 7.24
N PHE K 495 -33.21 35.60 8.44
CA PHE K 495 -34.31 35.46 9.38
C PHE K 495 -35.14 36.74 9.52
N GLY K 496 -34.96 37.69 8.62
CA GLY K 496 -35.72 38.93 8.63
C GLY K 496 -36.91 38.87 7.70
N THR K 497 -37.33 40.05 7.24
CA THR K 497 -38.43 40.19 6.30
C THR K 497 -37.96 40.99 5.09
N ASN K 498 -38.50 40.64 3.92
CA ASN K 498 -38.10 41.24 2.66
C ASN K 498 -39.32 41.82 1.95
N GLN K 499 -39.12 42.98 1.31
CA GLN K 499 -40.21 43.61 0.58
C GLN K 499 -40.59 42.86 -0.69
N GLU K 500 -39.72 41.97 -1.17
CA GLU K 500 -39.99 41.28 -2.42
C GLU K 500 -41.23 40.42 -2.33
N ASP K 501 -41.39 39.67 -1.23
CA ASP K 501 -42.55 38.80 -1.08
C ASP K 501 -43.84 39.63 -1.07
N TYR K 502 -43.86 40.70 -0.29
CA TYR K 502 -45.05 41.53 -0.22
C TYR K 502 -45.38 42.14 -1.57
N ALA K 503 -44.34 42.59 -2.30
CA ALA K 503 -44.57 43.14 -3.63
C ALA K 503 -45.11 42.08 -4.58
N SER K 504 -44.69 40.83 -4.41
CA SER K 504 -45.09 39.78 -5.34
C SER K 504 -46.50 39.27 -5.04
N TYR K 505 -46.94 39.31 -3.79
CA TYR K 505 -48.25 38.77 -3.44
C TYR K 505 -49.35 39.83 -3.41
N ILE K 506 -49.01 41.10 -3.23
CA ILE K 506 -49.97 42.18 -3.44
C ILE K 506 -49.55 42.95 -4.68
N MET K 507 -50.08 42.56 -5.85
CA MET K 507 -49.61 43.13 -7.10
C MET K 507 -50.27 44.47 -7.40
N ASN K 508 -51.60 44.54 -7.34
CA ASN K 508 -52.35 45.73 -7.71
C ASN K 508 -52.85 46.52 -6.50
N GLY K 509 -52.23 46.32 -5.34
CA GLY K 509 -52.63 47.09 -4.18
C GLY K 509 -53.95 46.61 -3.59
N ILE K 510 -54.55 47.48 -2.78
CA ILE K 510 -55.81 47.19 -2.11
C ILE K 510 -56.67 48.45 -2.15
N ILE K 511 -57.82 48.36 -2.82
CA ILE K 511 -58.76 49.48 -2.94
C ILE K 511 -59.98 49.18 -2.10
N LYS K 512 -60.54 50.21 -1.47
CA LYS K 512 -61.71 50.07 -0.61
C LYS K 512 -62.95 50.30 -1.46
N TRP K 513 -63.54 49.22 -1.97
CA TRP K 513 -64.75 49.29 -2.77
C TRP K 513 -66.01 49.07 -1.95
N GLY K 514 -65.85 48.93 -0.65
CA GLY K 514 -67.02 48.72 0.18
C GLY K 514 -66.63 48.51 1.63
N ASP K 515 -67.60 48.10 2.43
CA ASP K 515 -67.43 47.92 3.87
C ASP K 515 -66.72 46.63 4.23
N PRO K 516 -66.98 45.53 3.53
CA PRO K 516 -66.39 44.25 3.93
C PRO K 516 -64.88 44.29 4.08
N VAL K 517 -64.18 45.01 3.21
CA VAL K 517 -62.72 45.14 3.31
C VAL K 517 -62.34 45.59 4.71
N THR K 518 -62.96 46.67 5.18
CA THR K 518 -62.65 47.21 6.50
C THR K 518 -62.93 46.20 7.61
N ARG K 519 -64.05 45.49 7.52
CA ARG K 519 -64.37 44.46 8.51
C ARG K 519 -63.26 43.42 8.60
N VAL K 520 -62.84 42.90 7.44
CA VAL K 520 -61.78 41.88 7.44
C VAL K 520 -60.52 42.42 8.10
N LEU K 521 -60.12 43.64 7.73
CA LEU K 521 -58.89 44.19 8.30
C LEU K 521 -59.01 44.39 9.80
N ASP K 522 -60.16 44.87 10.28
CA ASP K 522 -60.33 45.06 11.72
C ASP K 522 -60.25 43.75 12.48
N ASP K 523 -60.87 42.69 11.96
CA ASP K 523 -60.77 41.39 12.63
C ASP K 523 -59.33 40.90 12.67
N GLY K 524 -58.61 41.07 11.56
CA GLY K 524 -57.19 40.72 11.57
C GLY K 524 -56.43 41.45 12.65
N GLU K 525 -56.67 42.75 12.79
CA GLU K 525 -55.97 43.52 13.82
C GLU K 525 -56.29 43.00 15.21
N LEU K 526 -57.56 42.67 15.45
CA LEU K 526 -57.94 42.15 16.77
C LEU K 526 -57.18 40.87 17.10
N LEU K 527 -57.09 39.96 16.12
CA LEU K 527 -56.38 38.70 16.36
C LEU K 527 -54.88 38.93 16.59
N VAL K 528 -54.27 39.86 15.85
CA VAL K 528 -52.87 40.20 16.11
C VAL K 528 -52.71 40.69 17.55
N GLN K 529 -53.55 41.62 17.97
CA GLN K 529 -53.43 42.16 19.32
C GLN K 529 -53.58 41.04 20.35
N GLN K 530 -54.54 40.14 20.16
CA GLN K 530 -54.68 39.02 21.10
C GLN K 530 -53.42 38.18 21.15
N THR K 531 -52.82 37.89 20.00
CA THR K 531 -51.61 37.08 20.02
C THR K 531 -50.52 37.77 20.84
N LYS K 532 -50.39 39.09 20.68
CA LYS K 532 -49.22 39.76 21.25
C LYS K 532 -49.33 40.08 22.73
N ASN K 533 -50.51 39.99 23.34
CA ASN K 533 -50.72 40.49 24.70
C ASN K 533 -51.49 39.48 25.55
N SER K 534 -51.18 38.19 25.43
CA SER K 534 -51.89 37.18 26.19
C SER K 534 -50.97 36.04 26.54
N ASP K 535 -51.17 35.47 27.73
CA ASP K 535 -50.30 34.38 28.27
C ASP K 535 -51.11 33.13 28.54
N ARG K 536 -52.44 33.19 28.53
CA ARG K 536 -53.24 31.98 28.69
C ARG K 536 -53.46 31.25 27.39
N THR K 537 -53.13 31.87 26.25
CA THR K 537 -53.28 31.24 24.94
C THR K 537 -52.13 31.69 24.06
N PRO K 538 -51.03 30.93 24.03
CA PRO K 538 -49.87 31.33 23.24
C PRO K 538 -49.98 31.06 21.75
N LEU K 539 -51.02 30.36 21.29
CA LEU K 539 -51.13 29.93 19.89
C LEU K 539 -52.55 30.18 19.43
N VAL K 540 -52.71 30.95 18.38
CA VAL K 540 -54.02 31.26 17.81
C VAL K 540 -53.92 31.14 16.29
N SER K 541 -54.98 30.63 15.67
CA SER K 541 -55.02 30.44 14.23
C SER K 541 -56.40 30.81 13.70
N VAL K 542 -56.44 31.30 12.46
CA VAL K 542 -57.68 31.72 11.83
C VAL K 542 -57.69 31.21 10.39
N LEU K 543 -58.90 31.07 9.83
CA LEU K 543 -59.08 30.62 8.46
C LEU K 543 -59.86 31.65 7.67
N LEU K 544 -59.29 32.11 6.55
CA LEU K 544 -59.96 33.02 5.65
C LEU K 544 -60.56 32.21 4.50
N GLU K 545 -61.87 32.35 4.29
CA GLU K 545 -62.56 31.56 3.28
C GLU K 545 -63.52 32.45 2.49
N GLY K 546 -63.79 32.03 1.26
CA GLY K 546 -64.68 32.75 0.38
C GLY K 546 -64.74 32.10 -0.99
N PRO K 547 -65.53 32.66 -1.89
CA PRO K 547 -65.63 32.12 -3.24
C PRO K 547 -64.37 32.39 -4.04
N PRO K 548 -64.15 31.67 -5.14
CA PRO K 548 -62.94 31.87 -5.93
C PRO K 548 -62.88 33.26 -6.54
N HIS K 549 -61.66 33.74 -6.74
CA HIS K 549 -61.35 35.04 -7.36
C HIS K 549 -61.73 36.22 -6.48
N SER K 550 -62.10 36.00 -5.23
CA SER K 550 -62.53 37.09 -4.37
C SER K 550 -61.37 37.84 -3.72
N GLY K 551 -60.13 37.39 -3.91
CA GLY K 551 -58.98 38.12 -3.41
C GLY K 551 -58.71 37.96 -1.94
N LYS K 552 -58.45 36.72 -1.50
CA LYS K 552 -58.21 36.43 -0.09
C LYS K 552 -56.75 36.12 0.22
N THR K 553 -55.86 36.08 -0.77
CA THR K 553 -54.45 35.95 -0.49
C THR K 553 -53.82 37.32 -0.21
N ALA K 554 -54.21 38.33 -0.98
CA ALA K 554 -53.69 39.68 -0.77
C ALA K 554 -54.09 40.20 0.61
N LEU K 555 -55.30 39.88 1.06
CA LEU K 555 -55.76 40.35 2.36
C LEU K 555 -54.95 39.72 3.49
N ALA K 556 -54.67 38.42 3.40
CA ALA K 556 -53.84 37.78 4.41
C ALA K 556 -52.42 38.35 4.40
N ALA K 557 -51.88 38.59 3.21
CA ALA K 557 -50.56 39.21 3.12
C ALA K 557 -50.56 40.60 3.76
N LYS K 558 -51.62 41.37 3.53
CA LYS K 558 -51.71 42.70 4.11
C LYS K 558 -51.79 42.64 5.63
N ILE K 559 -52.58 41.71 6.16
CA ILE K 559 -52.67 41.56 7.62
C ILE K 559 -51.30 41.21 8.20
N ALA K 560 -50.61 40.26 7.58
CA ALA K 560 -49.29 39.87 8.06
C ALA K 560 -48.31 41.03 7.99
N GLU K 561 -48.37 41.81 6.90
CA GLU K 561 -47.49 42.96 6.76
C GLU K 561 -47.74 44.00 7.83
N GLU K 562 -49.02 44.25 8.15
CA GLU K 562 -49.38 45.25 9.15
C GLU K 562 -49.21 44.74 10.57
N SER K 563 -48.98 43.44 10.77
CA SER K 563 -48.77 42.94 12.12
C SER K 563 -47.51 43.52 12.76
N ASN K 564 -46.48 43.77 11.98
CA ASN K 564 -45.22 44.39 12.45
C ASN K 564 -44.43 43.41 13.32
N PHE K 565 -44.64 42.11 13.16
CA PHE K 565 -43.82 41.14 13.87
C PHE K 565 -42.43 41.05 13.24
N PRO K 566 -41.42 40.62 14.01
CA PRO K 566 -40.08 40.52 13.42
C PRO K 566 -39.97 39.44 12.34
N PHE K 567 -40.50 38.26 12.59
CA PHE K 567 -40.38 37.13 11.67
C PHE K 567 -41.72 36.88 11.01
N ILE K 568 -41.75 36.96 9.68
CA ILE K 568 -42.94 36.67 8.88
C ILE K 568 -42.52 35.81 7.69
N LYS K 569 -43.21 34.69 7.49
CA LYS K 569 -42.92 33.78 6.40
C LYS K 569 -44.22 33.37 5.73
N ILE K 570 -44.13 33.05 4.45
CA ILE K 570 -45.28 32.62 3.65
C ILE K 570 -44.96 31.27 3.04
N CYS K 571 -45.75 30.26 3.37
CA CYS K 571 -45.60 28.92 2.81
C CYS K 571 -46.60 28.75 1.68
N SER K 572 -46.09 28.63 0.46
CA SER K 572 -46.92 28.60 -0.74
C SER K 572 -46.55 27.40 -1.60
N PRO K 573 -47.51 26.85 -2.34
CA PRO K 573 -47.20 25.71 -3.22
C PRO K 573 -46.46 26.08 -4.50
N ASP K 574 -46.16 27.37 -4.72
CA ASP K 574 -45.45 27.77 -5.92
C ASP K 574 -44.03 27.22 -5.96
N LYS K 575 -43.50 26.79 -4.80
CA LYS K 575 -42.12 26.36 -4.69
C LYS K 575 -41.98 24.86 -4.45
N MET K 576 -43.02 24.09 -4.73
CA MET K 576 -43.02 22.65 -4.50
C MET K 576 -43.63 21.92 -5.69
N ILE K 577 -43.23 22.30 -6.90
CA ILE K 577 -43.76 21.66 -8.10
C ILE K 577 -43.02 20.36 -8.34
N GLY K 578 -43.77 19.26 -8.47
CA GLY K 578 -43.19 17.96 -8.66
C GLY K 578 -42.76 17.24 -7.41
N PHE K 579 -42.89 17.88 -6.25
CA PHE K 579 -42.47 17.25 -5.00
C PHE K 579 -43.38 16.08 -4.65
N SER K 580 -42.78 15.06 -4.03
CA SER K 580 -43.55 14.03 -3.37
C SER K 580 -43.99 14.52 -1.99
N GLU K 581 -44.94 13.80 -1.39
CA GLU K 581 -45.51 14.26 -0.13
C GLU K 581 -44.47 14.31 0.97
N THR K 582 -43.46 13.44 0.93
CA THR K 582 -42.41 13.47 1.94
C THR K 582 -41.64 14.78 1.88
N ALA K 583 -41.30 15.24 0.68
CA ALA K 583 -40.58 16.50 0.54
C ALA K 583 -41.44 17.67 1.00
N LYS K 584 -42.75 17.61 0.74
CA LYS K 584 -43.65 18.66 1.20
C LYS K 584 -43.68 18.71 2.72
N CYS K 585 -43.75 17.55 3.37
CA CYS K 585 -43.70 17.51 4.82
C CYS K 585 -42.38 18.07 5.34
N GLN K 586 -41.26 17.72 4.70
N GLN K 586 -41.28 17.72 4.69
CA GLN K 586 -39.98 18.25 5.15
CA GLN K 586 -39.97 18.23 5.09
C GLN K 586 -39.92 19.76 5.02
C GLN K 586 -39.93 19.74 5.02
N ALA K 587 -40.42 20.30 3.90
CA ALA K 587 -40.39 21.75 3.72
C ALA K 587 -41.27 22.46 4.76
N MET K 588 -42.47 21.94 5.00
CA MET K 588 -43.34 22.55 6.00
C MET K 588 -42.70 22.49 7.38
N LYS K 589 -42.10 21.35 7.72
CA LYS K 589 -41.49 21.20 9.03
C LYS K 589 -40.32 22.15 9.20
N LYS K 590 -39.52 22.33 8.15
CA LYS K 590 -38.41 23.28 8.24
C LYS K 590 -38.91 24.70 8.42
N ILE K 591 -39.93 25.09 7.65
CA ILE K 591 -40.46 26.45 7.76
C ILE K 591 -41.00 26.70 9.16
N PHE K 592 -41.67 25.70 9.74
CA PHE K 592 -42.20 25.88 11.09
C PHE K 592 -41.12 25.83 12.16
N ASP K 593 -40.05 25.05 11.94
CA ASP K 593 -38.96 25.01 12.91
C ASP K 593 -38.19 26.32 12.93
N ASP K 594 -38.04 26.97 11.78
CA ASP K 594 -37.37 28.27 11.75
C ASP K 594 -38.13 29.33 12.55
N ALA K 595 -39.43 29.14 12.78
CA ALA K 595 -40.24 30.12 13.46
C ALA K 595 -40.27 29.96 14.98
N TYR K 596 -39.72 28.87 15.50
CA TYR K 596 -39.66 28.65 16.94
C TYR K 596 -38.44 29.29 17.59
N LYS K 597 -37.59 29.96 16.82
CA LYS K 597 -36.40 30.63 17.34
C LYS K 597 -36.57 32.15 17.33
N SER K 598 -37.80 32.62 17.53
CA SER K 598 -38.10 34.05 17.61
C SER K 598 -39.15 34.26 18.69
N GLN K 599 -39.21 35.49 19.20
CA GLN K 599 -40.13 35.81 20.29
C GLN K 599 -41.56 36.05 19.80
N LEU K 600 -41.72 36.43 18.53
CA LEU K 600 -43.03 36.67 17.94
C LEU K 600 -42.99 36.23 16.48
N SER K 601 -43.93 35.36 16.08
CA SER K 601 -43.88 34.79 14.74
C SER K 601 -45.26 34.80 14.11
N CYS K 602 -45.28 34.95 12.78
CA CYS K 602 -46.50 34.86 11.99
C CYS K 602 -46.21 34.02 10.75
N VAL K 603 -47.12 33.10 10.44
CA VAL K 603 -46.96 32.19 9.30
C VAL K 603 -48.27 32.12 8.54
N VAL K 604 -48.17 32.13 7.22
CA VAL K 604 -49.32 32.11 6.32
C VAL K 604 -49.29 30.83 5.50
N VAL K 605 -50.39 30.09 5.50
CA VAL K 605 -50.55 28.88 4.71
C VAL K 605 -51.55 29.19 3.61
N ASP K 606 -51.07 29.20 2.38
CA ASP K 606 -51.82 29.67 1.22
C ASP K 606 -52.25 28.47 0.36
N ASP K 607 -53.52 28.50 -0.07
CA ASP K 607 -54.05 27.50 -1.00
C ASP K 607 -53.91 26.09 -0.42
N ILE K 608 -54.65 25.86 0.67
CA ILE K 608 -54.59 24.58 1.35
C ILE K 608 -54.98 23.44 0.42
N GLU K 609 -56.02 23.57 -0.38
CA GLU K 609 -56.51 22.46 -1.25
C GLU K 609 -55.47 22.15 -2.31
N ARG K 610 -54.61 23.09 -2.67
CA ARG K 610 -53.50 22.75 -3.55
C ARG K 610 -52.35 22.11 -2.80
N LEU K 611 -52.32 22.26 -1.47
CA LEU K 611 -51.28 21.63 -0.67
C LEU K 611 -51.56 20.14 -0.45
N LEU K 612 -52.83 19.75 -0.41
CA LEU K 612 -53.22 18.37 -0.16
C LEU K 612 -53.42 17.57 -1.44
N ASP K 613 -53.26 18.18 -2.61
CA ASP K 613 -53.39 17.48 -3.89
C ASP K 613 -54.80 16.90 -4.05
N TYR K 614 -55.79 17.78 -3.94
CA TYR K 614 -57.18 17.37 -3.95
C TYR K 614 -57.77 17.43 -5.36
N VAL K 615 -58.60 16.44 -5.68
CA VAL K 615 -59.34 16.42 -6.95
C VAL K 615 -60.70 15.79 -6.68
N PRO K 616 -61.80 16.39 -7.16
CA PRO K 616 -63.13 15.85 -6.80
C PRO K 616 -63.35 14.41 -7.21
N ILE K 617 -62.73 13.96 -8.31
CA ILE K 617 -62.94 12.59 -8.77
C ILE K 617 -62.23 11.63 -7.84
N GLY K 618 -62.88 10.50 -7.55
CA GLY K 618 -62.47 9.57 -6.52
C GLY K 618 -63.20 9.73 -5.20
N PRO K 619 -62.91 10.77 -4.41
CA PRO K 619 -61.87 11.80 -4.52
C PRO K 619 -60.49 11.29 -4.15
N ARG K 620 -59.44 12.08 -4.40
N ARG K 620 -59.45 12.09 -4.42
CA ARG K 620 -58.08 11.71 -4.11
CA ARG K 620 -58.07 11.73 -4.11
C ARG K 620 -57.36 12.87 -3.44
C ARG K 620 -57.42 12.89 -3.38
N PHE K 621 -56.43 12.55 -2.55
CA PHE K 621 -55.64 13.56 -1.84
C PHE K 621 -54.47 12.84 -1.17
N SER K 622 -53.67 13.61 -0.43
CA SER K 622 -52.50 13.09 0.27
C SER K 622 -52.81 13.06 1.76
N ASN K 623 -52.72 11.86 2.34
CA ASN K 623 -53.02 11.71 3.77
C ASN K 623 -51.86 12.20 4.64
N LEU K 624 -50.62 11.99 4.20
CA LEU K 624 -49.48 12.35 5.03
C LEU K 624 -49.46 13.84 5.32
N VAL K 625 -49.68 14.66 4.29
CA VAL K 625 -49.64 16.11 4.47
C VAL K 625 -50.80 16.56 5.35
N LEU K 626 -51.98 15.95 5.17
CA LEU K 626 -53.12 16.31 5.99
C LEU K 626 -52.84 16.03 7.46
N GLN K 627 -52.28 14.86 7.77
CA GLN K 627 -51.99 14.53 9.15
C GLN K 627 -50.90 15.43 9.72
N ALA K 628 -49.86 15.72 8.94
CA ALA K 628 -48.84 16.63 9.42
C ALA K 628 -49.41 18.00 9.73
N LEU K 629 -50.29 18.51 8.86
CA LEU K 629 -50.87 19.83 9.08
C LEU K 629 -51.82 19.83 10.27
N LEU K 630 -52.54 18.73 10.48
CA LEU K 630 -53.43 18.64 11.64
C LEU K 630 -52.64 18.59 12.94
N VAL K 631 -51.50 17.88 12.94
CA VAL K 631 -50.68 17.80 14.15
C VAL K 631 -49.87 19.07 14.37
N LEU K 632 -49.63 19.86 13.33
CA LEU K 632 -48.82 21.07 13.41
C LEU K 632 -49.62 22.30 13.79
N LEU K 633 -50.95 22.21 13.86
CA LEU K 633 -51.78 23.33 14.27
C LEU K 633 -52.02 23.37 15.77
N LYS K 634 -51.52 22.38 16.52
N LYS K 634 -51.52 22.39 16.53
CA LYS K 634 -51.73 22.31 17.96
CA LYS K 634 -51.73 22.33 17.97
C LYS K 634 -50.43 22.31 18.76
C LYS K 634 -50.43 22.26 18.76
N LYS K 635 -49.28 22.21 18.12
CA LYS K 635 -48.01 22.15 18.82
C LYS K 635 -47.63 23.56 19.26
N ALA K 636 -47.60 23.80 20.56
CA ALA K 636 -47.27 25.12 21.08
C ALA K 636 -45.76 25.34 21.01
N PRO K 637 -45.33 26.60 20.91
CA PRO K 637 -43.89 26.88 20.83
C PRO K 637 -43.24 26.74 22.19
N PRO K 638 -41.92 26.85 22.26
CA PRO K 638 -41.25 26.85 23.57
C PRO K 638 -41.76 27.99 24.45
N GLN K 639 -41.77 27.74 25.75
CA GLN K 639 -42.40 28.66 26.69
C GLN K 639 -41.87 30.08 26.51
N GLY K 640 -42.79 31.05 26.48
CA GLY K 640 -42.44 32.44 26.34
C GLY K 640 -42.48 32.99 24.94
N ARG K 641 -42.87 32.18 23.96
CA ARG K 641 -42.91 32.60 22.56
C ARG K 641 -44.33 32.53 22.05
N LYS K 642 -44.63 33.36 21.06
CA LYS K 642 -45.99 33.47 20.50
C LYS K 642 -45.94 33.18 19.01
N LEU K 643 -46.98 32.60 18.46
CA LEU K 643 -47.10 32.25 17.05
C LEU K 643 -48.52 32.48 16.57
N LEU K 644 -48.66 33.08 15.39
CA LEU K 644 -49.95 33.29 14.75
C LEU K 644 -49.92 32.61 13.38
N ILE K 645 -51.04 31.96 13.03
CA ILE K 645 -51.16 31.21 11.78
C ILE K 645 -52.38 31.71 11.05
N ILE K 646 -52.22 32.02 9.76
CA ILE K 646 -53.32 32.46 8.90
C ILE K 646 -53.37 31.54 7.69
N GLY K 647 -54.47 30.79 7.57
CA GLY K 647 -54.66 29.86 6.47
C GLY K 647 -55.78 30.33 5.56
N THR K 648 -55.62 30.14 4.23
CA THR K 648 -56.63 30.55 3.26
C THR K 648 -57.08 29.37 2.41
N THR K 649 -58.35 29.37 2.02
CA THR K 649 -58.91 28.32 1.17
C THR K 649 -60.20 28.81 0.53
N SER K 650 -60.67 28.04 -0.45
CA SER K 650 -61.87 28.35 -1.20
C SER K 650 -62.94 27.27 -1.13
N ARG K 651 -62.59 26.09 -0.45
N ARG K 651 -62.59 26.09 -0.44
CA ARG K 651 -63.54 24.98 -0.30
CA ARG K 651 -63.53 24.98 -0.30
C ARG K 651 -63.68 24.71 1.19
C ARG K 651 -63.69 24.70 1.19
N LYS K 652 -64.67 25.34 1.82
CA LYS K 652 -64.90 25.10 3.24
C LYS K 652 -65.57 23.76 3.50
N ASP K 653 -66.44 23.32 2.58
CA ASP K 653 -67.15 22.06 2.80
C ASP K 653 -66.20 20.87 2.84
N VAL K 654 -65.20 20.86 1.96
CA VAL K 654 -64.24 19.77 1.96
C VAL K 654 -63.47 19.72 3.27
N LEU K 655 -62.99 20.89 3.72
CA LEU K 655 -62.23 20.95 4.97
C LEU K 655 -63.10 20.51 6.14
N GLN K 656 -64.36 20.92 6.15
CA GLN K 656 -65.28 20.49 7.20
C GLN K 656 -65.45 18.97 7.17
N GLU K 657 -65.56 18.40 5.97
CA GLU K 657 -65.70 16.95 5.84
C GLU K 657 -64.45 16.22 6.31
N MET K 658 -63.27 16.83 6.22
CA MET K 658 -62.05 16.22 6.72
C MET K 658 -61.84 16.45 8.21
N GLU K 659 -62.83 16.96 8.93
CA GLU K 659 -62.70 17.24 10.36
C GLU K 659 -61.54 18.19 10.62
N MET K 660 -61.42 19.22 9.78
CA MET K 660 -60.32 20.18 9.87
C MET K 660 -60.73 21.51 10.46
N LEU K 661 -62.02 21.79 10.60
CA LEU K 661 -62.46 23.06 11.18
C LEU K 661 -62.38 23.06 12.71
N ASN K 662 -62.13 21.92 13.33
CA ASN K 662 -61.91 21.88 14.77
C ASN K 662 -60.51 22.32 15.15
N ALA K 663 -59.56 22.28 14.21
CA ALA K 663 -58.21 22.73 14.50
C ALA K 663 -58.12 24.26 14.54
N PHE K 664 -58.77 24.93 13.59
CA PHE K 664 -58.75 26.38 13.55
C PHE K 664 -59.62 26.95 14.67
N SER K 665 -59.32 28.20 15.05
CA SER K 665 -60.04 28.85 16.12
C SER K 665 -61.21 29.68 15.62
N THR K 666 -61.04 30.41 14.52
CA THR K 666 -62.10 31.25 13.99
C THR K 666 -62.03 31.27 12.47
N THR K 667 -63.11 31.72 11.86
CA THR K 667 -63.24 31.83 10.41
C THR K 667 -63.63 33.25 10.05
N ILE K 668 -63.11 33.73 8.92
CA ILE K 668 -63.44 35.03 8.37
C ILE K 668 -63.90 34.82 6.93
N HIS K 669 -64.86 35.63 6.50
CA HIS K 669 -65.50 35.48 5.19
C HIS K 669 -65.11 36.63 4.29
N VAL K 670 -64.65 36.31 3.08
CA VAL K 670 -64.26 37.29 2.08
C VAL K 670 -65.30 37.25 0.96
N PRO K 671 -66.17 38.27 0.82
CA PRO K 671 -67.27 38.17 -0.14
C PRO K 671 -66.95 38.71 -1.52
N ASN K 672 -67.89 38.55 -2.46
CA ASN K 672 -67.80 39.13 -3.78
C ASN K 672 -68.50 40.48 -3.82
N ILE K 673 -68.42 41.16 -4.96
CA ILE K 673 -69.20 42.36 -5.20
C ILE K 673 -70.65 41.94 -5.48
N ALA K 674 -71.60 42.56 -4.77
CA ALA K 674 -72.97 42.07 -4.77
C ALA K 674 -74.00 43.15 -5.09
N THR K 675 -73.57 44.36 -5.45
CA THR K 675 -74.52 45.42 -5.78
C THR K 675 -73.94 46.29 -6.89
N GLY K 676 -74.83 46.96 -7.62
CA GLY K 676 -74.40 47.83 -8.70
C GLY K 676 -73.62 49.03 -8.20
N GLU K 677 -73.99 49.56 -7.03
CA GLU K 677 -73.27 50.69 -6.47
C GLU K 677 -71.83 50.31 -6.16
N GLN K 678 -71.60 49.12 -5.61
CA GLN K 678 -70.25 48.67 -5.33
C GLN K 678 -69.43 48.52 -6.60
N LEU K 679 -70.04 47.98 -7.66
CA LEU K 679 -69.34 47.87 -8.94
C LEU K 679 -68.97 49.25 -9.48
N LEU K 680 -69.90 50.20 -9.39
CA LEU K 680 -69.61 51.55 -9.87
C LEU K 680 -68.49 52.18 -9.06
N GLU K 681 -68.51 51.99 -7.74
CA GLU K 681 -67.45 52.54 -6.91
C GLU K 681 -66.10 51.93 -7.24
N ALA K 682 -66.06 50.61 -7.49
CA ALA K 682 -64.82 49.96 -7.88
C ALA K 682 -64.31 50.52 -9.20
N LEU K 683 -65.21 50.69 -10.17
CA LEU K 683 -64.80 51.26 -11.46
C LEU K 683 -64.26 52.67 -11.28
N GLU K 684 -64.92 53.47 -10.44
CA GLU K 684 -64.47 54.84 -10.21
C GLU K 684 -63.08 54.86 -9.57
N LEU K 685 -62.86 54.00 -8.56
CA LEU K 685 -61.56 53.98 -7.91
C LEU K 685 -60.48 53.51 -8.86
N LEU K 686 -60.75 52.49 -9.68
CA LEU K 686 -59.77 52.07 -10.67
C LEU K 686 -59.53 53.17 -11.69
N GLY K 687 -60.58 53.86 -12.12
CA GLY K 687 -60.44 55.01 -12.99
C GLY K 687 -60.14 54.65 -14.43
N ASN K 688 -61.06 53.97 -15.09
CA ASN K 688 -60.90 53.59 -16.48
C ASN K 688 -61.96 54.20 -17.39
N PHE K 689 -63.24 54.06 -17.05
CA PHE K 689 -64.33 54.56 -17.86
C PHE K 689 -64.77 55.92 -17.35
N LYS K 690 -64.90 56.89 -18.25
CA LYS K 690 -65.19 58.26 -17.87
C LYS K 690 -66.68 58.46 -17.66
N ASP K 691 -67.06 59.70 -17.33
CA ASP K 691 -68.43 59.99 -16.94
C ASP K 691 -69.41 59.67 -18.07
N LYS K 692 -69.05 60.03 -19.31
CA LYS K 692 -69.95 59.76 -20.43
C LYS K 692 -70.23 58.28 -20.55
N GLU K 693 -69.21 57.43 -20.35
CA GLU K 693 -69.40 55.99 -20.40
C GLU K 693 -69.91 55.44 -19.07
N ARG K 694 -69.55 56.06 -17.95
CA ARG K 694 -70.03 55.58 -16.66
C ARG K 694 -71.53 55.74 -16.54
N THR K 695 -72.09 56.81 -17.09
CA THR K 695 -73.55 56.97 -17.09
C THR K 695 -74.22 55.85 -17.86
N THR K 696 -73.67 55.51 -19.03
CA THR K 696 -74.24 54.40 -19.82
C THR K 696 -74.15 53.10 -19.05
N ILE K 697 -73.03 52.86 -18.38
CA ILE K 697 -72.90 51.63 -17.57
C ILE K 697 -73.94 51.62 -16.46
N ALA K 698 -74.10 52.74 -15.77
CA ALA K 698 -75.03 52.80 -14.65
C ALA K 698 -76.47 52.59 -15.10
N GLN K 699 -76.81 53.10 -16.28
CA GLN K 699 -78.16 52.91 -16.81
C GLN K 699 -78.53 51.43 -16.84
N GLN K 700 -77.57 50.57 -17.18
CA GLN K 700 -77.84 49.14 -17.32
C GLN K 700 -77.64 48.38 -16.01
N VAL K 701 -76.58 48.67 -15.26
CA VAL K 701 -76.27 47.87 -14.09
C VAL K 701 -77.01 48.34 -12.83
N LYS K 702 -77.46 49.58 -12.79
CA LYS K 702 -78.12 50.08 -11.58
C LYS K 702 -79.41 49.32 -11.28
N GLY K 703 -80.06 48.78 -12.32
CA GLY K 703 -81.32 48.08 -12.13
C GLY K 703 -81.17 46.58 -12.07
N LYS K 704 -80.04 46.10 -11.55
CA LYS K 704 -79.79 44.67 -11.47
C LYS K 704 -78.78 44.42 -10.36
N LYS K 705 -78.70 43.16 -9.93
CA LYS K 705 -77.71 42.70 -8.98
C LYS K 705 -76.60 41.99 -9.73
N VAL K 706 -75.38 42.04 -9.16
CA VAL K 706 -74.20 41.48 -9.80
C VAL K 706 -73.47 40.58 -8.82
N TRP K 707 -72.62 39.71 -9.38
N TRP K 707 -72.64 39.69 -9.37
CA TRP K 707 -71.86 38.73 -8.59
CA TRP K 707 -71.86 38.76 -8.55
C TRP K 707 -70.54 38.49 -9.32
C TRP K 707 -70.55 38.51 -9.30
N ILE K 708 -69.50 39.22 -8.91
CA ILE K 708 -68.21 39.13 -9.58
C ILE K 708 -67.11 39.47 -8.58
N GLY K 709 -65.94 38.85 -8.77
CA GLY K 709 -64.78 39.14 -7.95
C GLY K 709 -63.88 40.19 -8.56
N ILE K 710 -63.07 40.80 -7.70
CA ILE K 710 -62.18 41.88 -8.15
C ILE K 710 -61.14 41.34 -9.14
N LYS K 711 -60.56 40.18 -8.83
CA LYS K 711 -59.53 39.62 -9.71
C LYS K 711 -60.07 39.33 -11.09
N LYS K 712 -61.38 39.06 -11.20
CA LYS K 712 -62.00 38.85 -12.50
C LYS K 712 -62.47 40.15 -13.12
N LEU K 713 -62.86 41.13 -12.30
CA LEU K 713 -63.23 42.44 -12.83
C LEU K 713 -62.05 43.10 -13.54
N LEU K 714 -60.86 42.99 -12.96
CA LEU K 714 -59.68 43.56 -13.61
C LEU K 714 -59.44 42.92 -14.97
N MET K 715 -59.55 41.59 -15.05
CA MET K 715 -59.36 40.89 -16.31
C MET K 715 -60.40 41.31 -17.33
N LEU K 716 -61.66 41.46 -16.91
CA LEU K 716 -62.71 41.89 -17.82
C LEU K 716 -62.43 43.28 -18.36
N ILE K 717 -61.99 44.20 -17.50
CA ILE K 717 -61.67 45.55 -17.94
C ILE K 717 -60.54 45.51 -18.97
N GLU K 718 -59.46 44.77 -18.76
CA GLU K 718 -58.34 44.80 -19.72
C GLU K 718 -58.75 44.07 -20.98
N MET K 719 -59.59 43.04 -20.91
CA MET K 719 -60.07 42.46 -22.16
C MET K 719 -60.89 43.47 -22.96
N SER K 720 -61.77 44.22 -22.29
CA SER K 720 -62.62 45.16 -23.00
C SER K 720 -61.83 46.32 -23.58
N LEU K 721 -60.74 46.72 -22.94
CA LEU K 721 -59.99 47.88 -23.41
C LEU K 721 -59.25 47.65 -24.72
N GLN K 722 -59.38 46.52 -25.39
CA GLN K 722 -58.56 46.25 -26.60
C GLN K 722 -59.38 46.56 -27.86
N MET K 723 -60.69 46.76 -27.77
CA MET K 723 -61.49 47.00 -28.96
C MET K 723 -61.32 48.45 -29.42
N ASP K 724 -62.10 48.85 -30.42
CA ASP K 724 -62.03 50.20 -30.94
C ASP K 724 -62.63 51.19 -29.93
N PRO K 725 -62.28 52.47 -30.04
CA PRO K 725 -62.73 53.43 -29.01
C PRO K 725 -64.23 53.48 -28.83
N GLU K 726 -65.02 53.24 -29.88
CA GLU K 726 -66.47 53.37 -29.83
C GLU K 726 -67.17 52.04 -29.66
N TYR K 727 -66.44 50.96 -29.36
CA TYR K 727 -67.02 49.63 -29.21
C TYR K 727 -66.76 49.02 -27.83
N ARG K 728 -66.11 49.74 -26.93
CA ARG K 728 -65.63 49.13 -25.69
C ARG K 728 -66.77 48.90 -24.69
N VAL K 729 -67.69 49.85 -24.55
CA VAL K 729 -68.74 49.72 -23.54
C VAL K 729 -69.64 48.54 -23.87
N ARG K 730 -69.99 48.37 -25.15
CA ARG K 730 -70.86 47.26 -25.53
C ARG K 730 -70.20 45.92 -25.20
N LYS K 731 -68.92 45.78 -25.52
N LYS K 731 -68.91 45.78 -25.52
CA LYS K 731 -68.23 44.52 -25.22
CA LYS K 731 -68.20 44.55 -25.25
C LYS K 731 -68.12 44.29 -23.73
C LYS K 731 -68.09 44.30 -23.74
N PHE K 732 -67.85 45.35 -22.96
CA PHE K 732 -67.77 45.19 -21.51
C PHE K 732 -69.10 44.70 -20.95
N LEU K 733 -70.20 45.30 -21.41
CA LEU K 733 -71.51 44.87 -20.93
C LEU K 733 -71.81 43.45 -21.36
N ALA K 734 -71.45 43.08 -22.58
CA ALA K 734 -71.68 41.72 -23.05
C ALA K 734 -70.92 40.71 -22.20
N LEU K 735 -69.64 40.99 -21.92
CA LEU K 735 -68.86 40.09 -21.08
C LEU K 735 -69.44 39.99 -19.68
N LEU K 736 -69.83 41.14 -19.10
CA LEU K 736 -70.39 41.13 -17.76
C LEU K 736 -71.67 40.30 -17.70
N ARG K 737 -72.54 40.45 -18.70
CA ARG K 737 -73.77 39.67 -18.73
C ARG K 737 -73.47 38.19 -18.90
N GLU K 738 -72.53 37.84 -19.79
CA GLU K 738 -72.23 36.43 -20.02
C GLU K 738 -71.60 35.79 -18.80
N GLU K 739 -70.89 36.57 -17.98
CA GLU K 739 -70.23 36.00 -16.81
C GLU K 739 -71.23 35.29 -15.90
N GLY K 740 -72.46 35.79 -15.84
CA GLY K 740 -73.49 35.19 -15.01
C GLY K 740 -73.33 35.55 -13.55
N ALA K 741 -74.33 35.17 -12.76
CA ALA K 741 -74.33 35.41 -11.32
C ALA K 741 -74.27 34.12 -10.52
N SER K 742 -75.23 33.22 -10.71
CA SER K 742 -75.32 31.94 -10.01
C SER K 742 -74.83 32.06 -8.56
N PRO K 743 -75.44 32.93 -7.75
CA PRO K 743 -74.97 33.07 -6.36
C PRO K 743 -75.07 31.78 -5.56
N ARG L 208 3.79 -17.04 50.32
CA ARG L 208 2.49 -17.21 50.94
C ARG L 208 1.89 -15.85 51.32
N GLN L 209 2.31 -14.81 50.61
CA GLN L 209 1.75 -13.48 50.82
C GLN L 209 0.42 -13.37 50.10
N SER L 210 -0.62 -12.98 50.84
CA SER L 210 -2.00 -12.86 50.29
C SER L 210 -1.94 -12.01 49.02
N ILE L 211 -2.92 -12.17 48.13
CA ILE L 211 -2.97 -11.43 46.89
C ILE L 211 -3.80 -10.17 47.09
N ILE L 212 -4.10 -9.81 48.33
CA ILE L 212 -4.91 -8.62 48.69
C ILE L 212 -4.10 -7.81 49.70
N ASN L 213 -3.47 -6.73 49.29
CA ASN L 213 -2.55 -5.96 50.12
C ASN L 213 -3.18 -5.71 51.49
N PRO L 214 -2.36 -5.49 52.53
CA PRO L 214 -2.93 -5.53 53.90
C PRO L 214 -3.90 -4.41 54.19
N ASP L 215 -3.57 -3.17 53.80
CA ASP L 215 -4.40 -2.02 54.14
C ASP L 215 -5.44 -1.78 53.03
N TRP L 216 -6.46 -2.64 52.99
CA TRP L 216 -7.55 -2.54 51.99
C TRP L 216 -8.89 -2.85 52.64
N ASN L 217 -9.87 -1.95 52.53
CA ASN L 217 -11.22 -2.18 52.98
C ASN L 217 -12.19 -1.59 51.95
N PHE L 218 -13.41 -2.12 51.95
CA PHE L 218 -14.37 -1.74 50.91
C PHE L 218 -14.77 -0.28 50.98
N GLU L 219 -14.58 0.38 52.12
CA GLU L 219 -15.00 1.77 52.27
C GLU L 219 -13.98 2.75 51.70
N LYS L 220 -12.80 2.30 51.28
CA LYS L 220 -11.78 3.19 50.76
C LYS L 220 -11.84 3.38 49.25
N MET L 221 -12.60 2.55 48.54
CA MET L 221 -12.62 2.63 47.08
C MET L 221 -13.59 3.68 46.55
N GLY L 222 -14.44 4.24 47.41
CA GLY L 222 -15.34 5.30 46.97
C GLY L 222 -16.30 4.87 45.88
N ILE L 223 -16.90 3.69 46.02
CA ILE L 223 -17.89 3.17 45.09
C ILE L 223 -19.17 2.89 45.89
N GLY L 224 -20.28 3.41 45.40
CA GLY L 224 -21.56 3.20 46.05
C GLY L 224 -22.64 2.81 45.07
N GLY L 225 -23.47 1.86 45.48
CA GLY L 225 -24.57 1.39 44.67
C GLY L 225 -24.31 0.12 43.88
N LEU L 226 -23.14 -0.49 44.04
CA LEU L 226 -22.77 -1.69 43.29
C LEU L 226 -22.26 -2.77 44.24
N ASP L 227 -22.99 -2.99 45.34
CA ASP L 227 -22.57 -3.98 46.32
C ASP L 227 -22.72 -5.40 45.78
N LYS L 228 -23.87 -5.72 45.21
CA LYS L 228 -24.11 -7.08 44.73
C LYS L 228 -23.18 -7.43 43.57
N GLU L 229 -22.95 -6.48 42.66
CA GLU L 229 -22.06 -6.75 41.54
C GLU L 229 -20.65 -7.06 42.02
N PHE L 230 -20.14 -6.27 42.97
CA PHE L 230 -18.80 -6.53 43.49
C PHE L 230 -18.75 -7.85 44.24
N SER L 231 -19.81 -8.18 44.99
CA SER L 231 -19.84 -9.46 45.67
C SER L 231 -19.74 -10.61 44.68
N ASP L 232 -20.52 -10.54 43.59
CA ASP L 232 -20.48 -11.59 42.58
C ASP L 232 -19.10 -11.67 41.94
N ILE L 233 -18.49 -10.52 41.61
CA ILE L 233 -17.19 -10.53 40.97
C ILE L 233 -16.15 -11.15 41.90
N PHE L 234 -16.10 -10.74 43.17
CA PHE L 234 -15.15 -11.31 44.16
C PHE L 234 -15.38 -12.81 44.27
N ARG L 235 -16.64 -13.26 44.38
CA ARG L 235 -16.88 -14.68 44.53
C ARG L 235 -16.38 -15.47 43.32
N ARG L 236 -16.67 -14.97 42.11
CA ARG L 236 -16.36 -15.74 40.91
C ARG L 236 -14.88 -15.69 40.55
N ALA L 237 -14.20 -14.58 40.82
CA ALA L 237 -12.83 -14.40 40.35
C ALA L 237 -11.78 -14.72 41.42
N PHE L 238 -11.89 -14.10 42.60
CA PHE L 238 -10.83 -14.17 43.61
C PHE L 238 -11.12 -15.18 44.71
N ALA L 239 -12.12 -16.04 44.54
CA ALA L 239 -12.41 -17.04 45.57
C ALA L 239 -11.31 -18.10 45.64
N SER L 240 -10.82 -18.54 44.48
CA SER L 240 -9.83 -19.61 44.45
C SER L 240 -8.44 -19.15 44.88
N ARG L 241 -8.16 -17.85 44.82
CA ARG L 241 -6.84 -17.31 45.11
C ARG L 241 -6.66 -16.90 46.56
N VAL L 242 -7.68 -17.07 47.38
CA VAL L 242 -7.60 -16.73 48.83
C VAL L 242 -7.62 -18.02 49.64
N PHE L 243 -8.25 -19.10 49.15
CA PHE L 243 -8.40 -20.35 49.89
C PHE L 243 -7.05 -21.08 49.96
N PRO L 244 -6.83 -21.90 50.99
CA PRO L 244 -5.54 -22.58 51.13
C PRO L 244 -5.22 -23.40 49.91
N PRO L 245 -3.94 -23.46 49.50
CA PRO L 245 -3.60 -24.10 48.22
C PRO L 245 -3.82 -25.60 48.20
N GLU L 246 -3.63 -26.29 49.33
CA GLU L 246 -3.70 -27.75 49.32
C GLU L 246 -5.09 -28.23 48.90
N ILE L 247 -6.14 -27.61 49.43
CA ILE L 247 -7.49 -28.04 49.08
C ILE L 247 -7.79 -27.73 47.61
N VAL L 248 -7.28 -26.60 47.12
CA VAL L 248 -7.46 -26.27 45.71
C VAL L 248 -6.80 -27.32 44.82
N GLU L 249 -5.58 -27.72 45.17
CA GLU L 249 -4.91 -28.78 44.42
C GLU L 249 -5.69 -30.08 44.49
N GLN L 250 -6.25 -30.40 45.67
CA GLN L 250 -7.05 -31.60 45.81
C GLN L 250 -8.26 -31.57 44.89
N MET L 251 -8.91 -30.40 44.79
CA MET L 251 -10.07 -30.28 43.93
C MET L 251 -9.70 -30.27 42.46
N GLY L 252 -8.46 -29.92 42.11
CA GLY L 252 -8.01 -29.96 40.74
C GLY L 252 -8.75 -29.00 39.83
N CYS L 253 -8.91 -27.76 40.27
CA CYS L 253 -9.62 -26.74 39.49
C CYS L 253 -8.65 -25.67 39.02
N LYS L 254 -9.03 -25.00 37.94
CA LYS L 254 -8.24 -23.94 37.33
C LYS L 254 -8.97 -22.60 37.47
N HIS L 255 -8.19 -21.54 37.61
CA HIS L 255 -8.75 -20.23 37.92
C HIS L 255 -9.43 -19.63 36.69
N VAL L 256 -10.21 -18.57 36.94
CA VAL L 256 -10.90 -17.83 35.89
C VAL L 256 -10.00 -16.69 35.43
N LYS L 257 -10.00 -16.43 34.13
CA LYS L 257 -9.11 -15.43 33.52
C LYS L 257 -9.88 -14.54 32.55
N GLY L 258 -11.00 -13.98 33.00
CA GLY L 258 -11.76 -13.08 32.15
C GLY L 258 -12.92 -12.38 32.85
N ILE L 259 -13.02 -11.07 32.65
CA ILE L 259 -14.13 -10.27 33.16
C ILE L 259 -14.54 -9.28 32.07
N LEU L 260 -15.85 -9.13 31.88
CA LEU L 260 -16.40 -8.17 30.94
C LEU L 260 -17.43 -7.30 31.65
N LEU L 261 -17.40 -6.00 31.37
CA LEU L 261 -18.33 -5.04 31.96
C LEU L 261 -18.99 -4.26 30.84
N TYR L 262 -20.32 -4.11 30.93
CA TYR L 262 -21.05 -3.34 29.93
C TYR L 262 -22.21 -2.60 30.58
N GLY L 263 -22.66 -1.54 29.90
CA GLY L 263 -23.74 -0.72 30.38
C GLY L 263 -23.76 0.62 29.69
N PRO L 264 -24.66 1.52 30.12
CA PRO L 264 -24.73 2.85 29.50
C PRO L 264 -23.61 3.74 29.99
N PRO L 265 -23.47 4.94 29.43
CA PRO L 265 -22.36 5.81 29.82
C PRO L 265 -22.49 6.31 31.26
N GLY L 266 -21.34 6.53 31.88
CA GLY L 266 -21.28 7.20 33.17
C GLY L 266 -21.95 6.45 34.30
N CYS L 267 -21.68 5.14 34.42
CA CYS L 267 -22.28 4.33 35.47
C CYS L 267 -21.26 3.59 36.34
N GLY L 268 -19.96 3.78 36.12
CA GLY L 268 -18.97 3.25 37.03
C GLY L 268 -18.27 1.99 36.57
N LYS L 269 -17.83 1.94 35.30
CA LYS L 269 -17.07 0.80 34.81
C LYS L 269 -15.56 1.03 34.96
N THR L 270 -15.04 2.10 34.37
CA THR L 270 -13.62 2.40 34.51
C THR L 270 -13.22 2.54 35.96
N LEU L 271 -14.11 3.07 36.80
CA LEU L 271 -13.82 3.18 38.22
C LEU L 271 -13.61 1.80 38.84
N LEU L 272 -14.47 0.84 38.48
CA LEU L 272 -14.33 -0.51 39.01
C LEU L 272 -12.99 -1.12 38.58
N ALA L 273 -12.63 -0.97 37.31
CA ALA L 273 -11.38 -1.54 36.83
C ALA L 273 -10.18 -0.92 37.55
N ARG L 274 -10.19 0.40 37.70
CA ARG L 274 -9.09 1.07 38.39
C ARG L 274 -8.97 0.61 39.83
N GLN L 275 -10.10 0.51 40.53
CA GLN L 275 -10.06 0.10 41.94
C GLN L 275 -9.66 -1.36 42.08
N ILE L 276 -10.09 -2.22 41.15
CA ILE L 276 -9.65 -3.62 41.18
C ILE L 276 -8.15 -3.69 40.98
N GLY L 277 -7.62 -2.93 40.02
CA GLY L 277 -6.19 -2.90 39.83
C GLY L 277 -5.44 -2.42 41.06
N LYS L 278 -6.02 -1.45 41.77
CA LYS L 278 -5.37 -0.94 42.97
C LYS L 278 -5.49 -1.91 44.14
N MET L 279 -6.50 -2.79 44.14
CA MET L 279 -6.73 -3.66 45.29
C MET L 279 -5.67 -4.74 45.39
N LEU L 280 -5.36 -5.40 44.28
CA LEU L 280 -4.52 -6.59 44.31
C LEU L 280 -3.05 -6.22 44.51
N ASN L 281 -2.37 -7.03 45.32
CA ASN L 281 -0.94 -6.89 45.55
C ASN L 281 -0.21 -7.69 44.48
N ALA L 282 0.11 -7.02 43.37
CA ALA L 282 0.77 -7.67 42.25
C ALA L 282 1.49 -6.59 41.44
N ARG L 283 2.01 -6.97 40.27
CA ARG L 283 2.71 -6.03 39.43
C ARG L 283 1.76 -4.95 38.93
N GLU L 284 2.33 -3.87 38.43
CA GLU L 284 1.52 -2.78 37.89
C GLU L 284 0.75 -3.27 36.67
N PRO L 285 -0.54 -3.00 36.56
CA PRO L 285 -1.30 -3.49 35.40
C PRO L 285 -0.87 -2.80 34.12
N LYS L 286 -1.05 -3.51 33.02
CA LYS L 286 -0.84 -2.97 31.68
C LYS L 286 -2.20 -2.53 31.13
N VAL L 287 -2.27 -1.28 30.68
CA VAL L 287 -3.52 -0.68 30.22
C VAL L 287 -3.37 -0.33 28.74
N VAL L 288 -4.40 -0.65 27.97
CA VAL L 288 -4.45 -0.36 26.55
C VAL L 288 -5.55 0.67 26.32
N ASN L 289 -5.19 1.81 25.72
CA ASN L 289 -6.13 2.90 25.50
C ASN L 289 -6.75 2.74 24.12
N GLY L 290 -7.77 1.88 24.05
CA GLY L 290 -8.49 1.65 22.83
C GLY L 290 -7.61 1.02 21.76
N PRO L 291 -7.68 1.53 20.53
CA PRO L 291 -6.91 0.94 19.41
C PRO L 291 -5.48 1.47 19.31
N GLU L 292 -4.68 1.17 20.32
CA GLU L 292 -3.28 1.58 20.36
C GLU L 292 -2.36 0.61 19.65
N ILE L 293 -2.86 -0.55 19.21
CA ILE L 293 -2.00 -1.62 18.70
C ILE L 293 -1.82 -1.60 17.19
N LEU L 294 -2.63 -0.83 16.46
CA LEU L 294 -2.56 -0.86 15.01
C LEU L 294 -1.28 -0.21 14.51
N ASN L 295 -0.72 -0.76 13.44
CA ASN L 295 0.51 -0.26 12.85
C ASN L 295 0.39 -0.31 11.33
N LYS L 296 1.20 0.53 10.67
CA LYS L 296 1.15 0.62 9.21
C LYS L 296 1.87 -0.53 8.51
N TYR L 297 2.74 -1.24 9.21
CA TYR L 297 3.52 -2.32 8.60
C TYR L 297 2.78 -3.65 8.71
N VAL L 298 3.20 -4.60 7.89
CA VAL L 298 2.56 -5.92 7.85
C VAL L 298 3.09 -6.76 9.01
N GLY L 299 2.26 -7.30 9.92
CA GLY L 299 2.70 -8.14 11.07
C GLY L 299 2.87 -7.41 12.41
N GLU L 300 3.16 -6.13 12.40
CA GLU L 300 3.45 -5.35 13.63
C GLU L 300 2.25 -5.27 14.59
N SER L 301 1.01 -5.13 14.16
CA SER L 301 -0.16 -5.13 15.05
C SER L 301 -0.16 -6.40 15.89
N GLU L 302 0.04 -7.56 15.26
CA GLU L 302 0.00 -8.85 15.97
C GLU L 302 1.22 -8.95 16.88
N ALA L 303 2.39 -8.50 16.47
CA ALA L 303 3.54 -8.52 17.40
C ALA L 303 3.22 -7.72 18.63
N ASN L 304 2.59 -6.56 18.49
CA ASN L 304 2.22 -5.67 19.62
C ASN L 304 1.27 -6.42 20.54
N ILE L 305 0.21 -7.04 20.02
CA ILE L 305 -0.71 -7.87 20.88
C ILE L 305 0.09 -8.95 21.60
N ARG L 306 1.04 -9.63 20.96
CA ARG L 306 1.79 -10.76 21.58
C ARG L 306 2.81 -10.29 22.61
N LYS L 307 3.29 -9.05 22.52
CA LYS L 307 4.30 -8.52 23.48
C LYS L 307 3.65 -8.19 24.82
N LEU L 308 2.33 -8.26 24.93
CA LEU L 308 1.65 -8.11 26.21
C LEU L 308 1.78 -9.36 27.09
N PHE L 309 1.96 -10.53 26.49
CA PHE L 309 1.95 -11.81 27.20
C PHE L 309 3.36 -12.40 27.30
N ALA L 310 4.38 -11.57 27.49
CA ALA L 310 5.75 -12.05 27.59
C ALA L 310 6.16 -12.34 29.03
N ASP L 311 5.92 -11.37 29.93
CA ASP L 311 6.28 -11.57 31.33
C ASP L 311 5.52 -12.74 31.93
N ALA L 312 4.23 -12.86 31.60
CA ALA L 312 3.43 -13.95 32.15
C ALA L 312 3.99 -15.30 31.72
N GLU L 313 4.32 -15.45 30.44
CA GLU L 313 4.87 -16.70 29.96
C GLU L 313 6.22 -17.01 30.60
N GLU L 314 7.09 -15.99 30.70
CA GLU L 314 8.40 -16.23 31.28
C GLU L 314 8.28 -16.67 32.74
N GLU L 315 7.43 -15.99 33.52
CA GLU L 315 7.29 -16.34 34.93
C GLU L 315 6.61 -17.70 35.09
N GLN L 316 5.66 -18.03 34.22
CA GLN L 316 5.04 -19.36 34.27
C GLN L 316 6.08 -20.43 34.00
N ARG L 317 6.95 -20.21 33.02
CA ARG L 317 7.99 -21.20 32.71
C ARG L 317 8.97 -21.34 33.87
N ARG L 318 9.35 -20.23 34.50
CA ARG L 318 10.40 -20.29 35.51
C ARG L 318 9.85 -20.75 36.86
N LEU L 319 8.93 -19.96 37.45
CA LEU L 319 8.47 -20.21 38.80
C LEU L 319 7.30 -21.19 38.88
N GLY L 320 6.76 -21.62 37.76
CA GLY L 320 5.69 -22.60 37.79
C GLY L 320 4.49 -22.09 38.57
N ALA L 321 4.02 -22.91 39.52
CA ALA L 321 2.81 -22.58 40.28
C ALA L 321 3.07 -21.61 41.42
N ASN L 322 4.32 -21.31 41.75
CA ASN L 322 4.65 -20.30 42.74
C ASN L 322 4.95 -18.96 42.06
N SER L 323 3.94 -18.48 41.33
CA SER L 323 4.06 -17.28 40.52
C SER L 323 2.99 -16.28 40.91
N GLY L 324 3.27 -15.01 40.64
CA GLY L 324 2.36 -13.93 40.94
C GLY L 324 1.22 -13.82 39.94
N LEU L 325 0.54 -12.69 39.98
CA LEU L 325 -0.60 -12.41 39.13
C LEU L 325 -0.29 -11.23 38.22
N HIS L 326 -0.75 -11.32 36.97
CA HIS L 326 -0.56 -10.27 35.99
C HIS L 326 -1.93 -9.83 35.46
N ILE L 327 -2.16 -8.52 35.42
CA ILE L 327 -3.46 -7.96 35.08
C ILE L 327 -3.31 -7.14 33.80
N ILE L 328 -4.24 -7.33 32.88
CA ILE L 328 -4.28 -6.60 31.62
C ILE L 328 -5.68 -5.99 31.47
N ILE L 329 -5.73 -4.70 31.17
CA ILE L 329 -6.98 -3.96 31.07
C ILE L 329 -7.15 -3.47 29.64
N PHE L 330 -8.26 -3.85 29.00
CA PHE L 330 -8.60 -3.40 27.66
C PHE L 330 -9.71 -2.37 27.77
N ASP L 331 -9.39 -1.13 27.41
CA ASP L 331 -10.36 -0.04 27.44
C ASP L 331 -10.99 0.11 26.06
N GLU L 332 -12.32 0.10 26.01
CA GLU L 332 -13.06 0.13 24.76
C GLU L 332 -12.69 -1.08 23.90
N ILE L 333 -12.97 -2.27 24.45
CA ILE L 333 -12.55 -3.51 23.82
C ILE L 333 -13.24 -3.77 22.50
N ASP L 334 -14.31 -3.04 22.18
CA ASP L 334 -15.01 -3.23 20.92
C ASP L 334 -14.36 -2.51 19.75
N ALA L 335 -13.29 -1.76 20.00
CA ALA L 335 -12.61 -1.06 18.90
C ALA L 335 -11.80 -2.04 18.04
N ILE L 336 -11.21 -3.05 18.67
CA ILE L 336 -10.35 -3.99 17.97
C ILE L 336 -11.02 -5.35 17.75
N CYS L 337 -11.86 -5.79 18.69
CA CYS L 337 -12.48 -7.12 18.61
C CYS L 337 -13.90 -6.99 18.09
N LYS L 338 -14.16 -7.60 16.94
CA LYS L 338 -15.49 -7.58 16.33
C LYS L 338 -15.62 -8.83 15.47
N GLN L 339 -16.86 -9.13 15.07
CA GLN L 339 -17.12 -10.29 14.25
C GLN L 339 -16.15 -10.33 13.07
N ARG L 340 -15.74 -11.54 12.69
CA ARG L 340 -14.75 -11.70 11.63
C ARG L 340 -15.33 -11.43 10.24
N GLY L 341 -16.64 -11.60 10.06
CA GLY L 341 -17.29 -11.15 8.84
C GLY L 341 -17.78 -9.73 9.00
N SER L 342 -17.01 -8.77 8.48
CA SER L 342 -17.21 -7.37 8.81
C SER L 342 -16.77 -6.53 7.61
N MET L 343 -16.44 -5.26 7.85
CA MET L 343 -15.92 -4.36 6.80
C MET L 343 -15.27 -5.18 5.70
N ALA L 344 -15.70 -5.00 4.45
CA ALA L 344 -15.13 -5.72 3.28
C ALA L 344 -14.11 -4.82 2.59
N GLY L 345 -14.09 -3.52 2.89
CA GLY L 345 -13.04 -2.60 2.37
C GLY L 345 -11.90 -2.72 3.34
N SER L 346 -11.41 -3.94 3.55
CA SER L 346 -10.42 -4.22 4.57
C SER L 346 -9.15 -4.76 3.94
N THR L 347 -8.01 -4.41 4.55
CA THR L 347 -6.71 -4.93 4.15
C THR L 347 -6.35 -6.22 4.86
N GLY L 348 -7.28 -6.76 5.66
CA GLY L 348 -7.05 -8.01 6.37
C GLY L 348 -6.43 -7.87 7.74
N VAL L 349 -6.43 -6.67 8.32
CA VAL L 349 -5.76 -6.45 9.60
C VAL L 349 -6.70 -6.66 10.78
N HIS L 350 -8.01 -6.51 10.59
CA HIS L 350 -8.95 -6.56 11.69
C HIS L 350 -9.38 -7.98 12.05
N ASP L 351 -8.90 -9.00 11.33
CA ASP L 351 -9.20 -10.39 11.62
C ASP L 351 -8.01 -11.15 12.18
N THR L 352 -6.81 -10.85 11.73
CA THR L 352 -5.57 -11.47 12.23
C THR L 352 -5.34 -11.04 13.67
N VAL L 353 -5.80 -9.86 14.06
CA VAL L 353 -5.66 -9.34 15.44
C VAL L 353 -6.60 -10.18 16.32
N VAL L 354 -7.83 -10.45 15.87
CA VAL L 354 -8.76 -11.23 16.67
C VAL L 354 -8.25 -12.67 16.81
N ASN L 355 -7.76 -13.25 15.71
CA ASN L 355 -7.25 -14.61 15.78
C ASN L 355 -6.07 -14.70 16.74
N GLN L 356 -5.21 -13.69 16.75
CA GLN L 356 -3.99 -13.73 17.59
C GLN L 356 -4.40 -13.55 19.05
N LEU L 357 -5.42 -12.76 19.33
CA LEU L 357 -5.91 -12.63 20.70
C LEU L 357 -6.53 -13.93 21.18
N LEU L 358 -7.35 -14.56 20.34
CA LEU L 358 -7.96 -15.83 20.72
C LEU L 358 -6.91 -16.89 20.99
N SER L 359 -5.90 -16.99 20.11
CA SER L 359 -4.88 -18.02 20.29
C SER L 359 -3.98 -17.73 21.48
N LYS L 360 -3.85 -16.46 21.88
CA LYS L 360 -2.97 -16.12 22.98
C LYS L 360 -3.65 -16.27 24.33
N ILE L 361 -4.96 -15.99 24.40
CA ILE L 361 -5.66 -16.12 25.67
C ILE L 361 -5.74 -17.60 26.07
N ASP L 362 -6.12 -18.46 25.13
CA ASP L 362 -6.31 -19.88 25.43
C ASP L 362 -5.92 -20.66 24.18
N GLY L 363 -4.69 -21.18 24.16
CA GLY L 363 -4.18 -21.95 23.06
C GLY L 363 -3.56 -23.25 23.54
N VAL L 364 -2.60 -23.75 22.75
CA VAL L 364 -1.93 -24.99 23.11
C VAL L 364 -1.13 -24.80 24.39
N GLU L 365 -0.35 -23.73 24.47
CA GLU L 365 0.35 -23.41 25.70
C GLU L 365 -0.65 -22.87 26.73
N GLN L 366 -0.46 -23.28 27.99
CA GLN L 366 -1.39 -22.98 29.06
C GLN L 366 -0.75 -22.07 30.09
N LEU L 367 -1.49 -21.04 30.50
CA LEU L 367 -1.08 -20.12 31.55
C LEU L 367 -2.09 -20.14 32.68
N ASN L 368 -1.64 -19.78 33.88
CA ASN L 368 -2.48 -19.78 35.05
C ASN L 368 -2.21 -18.56 35.95
N ASN L 369 -1.71 -17.48 35.36
CA ASN L 369 -1.36 -16.29 36.15
C ASN L 369 -1.75 -15.00 35.43
N ILE L 370 -2.83 -15.02 34.65
CA ILE L 370 -3.29 -13.84 33.94
C ILE L 370 -4.74 -13.56 34.30
N LEU L 371 -5.11 -12.29 34.23
CA LEU L 371 -6.49 -11.85 34.40
C LEU L 371 -6.73 -10.68 33.46
N VAL L 372 -7.81 -10.74 32.69
CA VAL L 372 -8.11 -9.76 31.66
C VAL L 372 -9.45 -9.12 31.97
N ILE L 373 -9.49 -7.78 31.95
CA ILE L 373 -10.70 -7.02 32.22
C ILE L 373 -11.03 -6.21 30.97
N GLY L 374 -12.28 -6.27 30.55
CA GLY L 374 -12.73 -5.52 29.38
C GLY L 374 -13.95 -4.68 29.72
N MET L 375 -14.00 -3.49 29.12
CA MET L 375 -15.10 -2.56 29.30
C MET L 375 -15.68 -2.24 27.93
N THR L 376 -17.01 -2.15 27.84
CA THR L 376 -17.60 -1.83 26.55
C THR L 376 -18.96 -1.18 26.74
N ASN L 377 -19.43 -0.54 25.67
CA ASN L 377 -20.76 0.05 25.59
C ASN L 377 -21.68 -0.67 24.64
N ARG L 378 -21.16 -1.54 23.77
N ARG L 378 -21.15 -1.53 23.77
CA ARG L 378 -21.94 -2.27 22.78
CA ARG L 378 -21.94 -2.27 22.78
C ARG L 378 -21.58 -3.74 22.90
C ARG L 378 -21.58 -3.74 22.90
N PRO L 379 -22.09 -4.42 23.92
CA PRO L 379 -21.71 -5.84 24.12
C PRO L 379 -22.09 -6.76 22.96
N ASP L 380 -23.12 -6.41 22.19
CA ASP L 380 -23.59 -7.31 21.14
C ASP L 380 -22.53 -7.50 20.07
N LEU L 381 -21.82 -6.42 19.70
CA LEU L 381 -20.94 -6.45 18.54
C LEU L 381 -19.72 -7.35 18.72
N ILE L 382 -19.43 -7.80 19.93
CA ILE L 382 -18.20 -8.54 20.18
C ILE L 382 -18.31 -9.94 19.61
N ASP L 383 -17.15 -10.52 19.28
CA ASP L 383 -17.10 -11.87 18.72
C ASP L 383 -17.63 -12.89 19.72
N GLU L 384 -18.32 -13.90 19.21
CA GLU L 384 -18.88 -14.93 20.08
C GLU L 384 -17.80 -15.89 20.57
N ALA L 385 -16.76 -16.12 19.77
CA ALA L 385 -15.72 -17.06 20.17
C ALA L 385 -14.90 -16.56 21.35
N LEU L 386 -14.96 -15.28 21.66
CA LEU L 386 -14.23 -14.70 22.77
C LEU L 386 -15.02 -14.73 24.08
N LEU L 387 -16.29 -15.11 24.05
CA LEU L 387 -17.14 -15.07 25.23
C LEU L 387 -17.47 -16.46 25.78
N ARG L 388 -16.94 -17.52 25.19
CA ARG L 388 -17.20 -18.84 25.72
C ARG L 388 -16.47 -19.02 27.06
N PRO L 389 -16.97 -19.89 27.94
CA PRO L 389 -16.29 -20.09 29.22
C PRO L 389 -14.86 -20.53 29.03
N GLY L 390 -13.98 -20.02 29.88
CA GLY L 390 -12.56 -20.24 29.78
C GLY L 390 -11.79 -19.09 29.16
N ARG L 391 -12.48 -18.17 28.49
CA ARG L 391 -11.86 -16.99 27.91
C ARG L 391 -12.34 -15.70 28.58
N LEU L 392 -13.66 -15.46 28.58
CA LEU L 392 -14.27 -14.30 29.24
C LEU L 392 -15.57 -14.80 29.87
N GLU L 393 -15.51 -15.17 31.14
CA GLU L 393 -16.62 -15.84 31.80
C GLU L 393 -17.57 -14.86 32.49
N VAL L 394 -17.04 -14.05 33.41
CA VAL L 394 -17.86 -13.21 34.28
C VAL L 394 -18.31 -11.99 33.48
N LYS L 395 -19.57 -11.97 33.08
CA LYS L 395 -20.16 -10.84 32.35
C LYS L 395 -21.05 -10.06 33.30
N MET L 396 -20.79 -8.76 33.44
CA MET L 396 -21.51 -7.93 34.39
C MET L 396 -22.08 -6.71 33.70
N GLU L 397 -23.27 -6.32 34.13
CA GLU L 397 -23.99 -5.17 33.60
C GLU L 397 -24.10 -4.10 34.69
N ILE L 398 -23.61 -2.91 34.40
CA ILE L 398 -23.71 -1.78 35.31
C ILE L 398 -24.80 -0.86 34.78
N GLY L 399 -25.80 -0.56 35.63
CA GLY L 399 -26.95 0.21 35.22
C GLY L 399 -27.20 1.37 36.17
N LEU L 400 -28.29 2.08 35.88
CA LEU L 400 -28.64 3.24 36.68
C LEU L 400 -28.98 2.79 38.10
N PRO L 401 -28.62 3.57 39.12
CA PRO L 401 -28.87 3.16 40.50
C PRO L 401 -30.32 3.45 40.90
N ASP L 402 -30.64 3.10 42.14
CA ASP L 402 -31.93 3.38 42.75
C ASP L 402 -31.75 4.42 43.85
N GLU L 403 -32.82 4.69 44.59
CA GLU L 403 -32.78 5.77 45.58
C GLU L 403 -31.69 5.53 46.61
N LYS L 404 -31.54 4.29 47.08
CA LYS L 404 -30.51 4.02 48.09
C LYS L 404 -29.12 4.23 47.51
N GLY L 405 -28.90 3.80 46.27
CA GLY L 405 -27.62 4.04 45.63
C GLY L 405 -27.35 5.53 45.44
N ARG L 406 -28.38 6.29 45.08
CA ARG L 406 -28.22 7.73 44.93
C ARG L 406 -27.85 8.38 46.26
N LEU L 407 -28.48 7.93 47.34
CA LEU L 407 -28.11 8.44 48.67
C LEU L 407 -26.67 8.10 49.00
N GLN L 408 -26.24 6.87 48.69
CA GLN L 408 -24.86 6.48 48.95
C GLN L 408 -23.87 7.35 48.18
N ILE L 409 -24.17 7.60 46.91
CA ILE L 409 -23.26 8.42 46.09
C ILE L 409 -23.22 9.85 46.61
N LEU L 410 -24.39 10.42 46.95
CA LEU L 410 -24.42 11.77 47.48
C LEU L 410 -23.66 11.87 48.80
N HIS L 411 -23.69 10.81 49.61
CA HIS L 411 -22.94 10.82 50.85
C HIS L 411 -21.44 10.69 50.58
N ILE L 412 -21.06 9.92 49.57
CA ILE L 412 -19.64 9.77 49.24
C ILE L 412 -19.07 11.09 48.75
N HIS L 413 -19.83 11.83 47.95
CA HIS L 413 -19.30 12.99 47.25
C HIS L 413 -19.48 14.30 48.02
N THR L 414 -19.73 14.24 49.33
CA THR L 414 -19.82 15.44 50.16
C THR L 414 -19.12 15.30 51.50
N ALA L 415 -18.41 14.18 51.72
CA ALA L 415 -17.78 13.96 53.01
C ALA L 415 -16.70 15.00 53.29
N ARG L 416 -15.91 15.34 52.28
CA ARG L 416 -14.84 16.32 52.50
C ARG L 416 -15.40 17.67 52.90
N MET L 417 -16.47 18.11 52.23
CA MET L 417 -17.11 19.36 52.63
C MET L 417 -17.66 19.27 54.04
N ARG L 418 -18.33 18.17 54.38
CA ARG L 418 -18.94 18.04 55.69
C ARG L 418 -17.87 18.06 56.79
N GLY L 419 -16.71 17.47 56.52
CA GLY L 419 -15.68 17.39 57.53
C GLY L 419 -15.11 18.75 57.93
N HIS L 420 -15.01 19.67 56.97
CA HIS L 420 -14.36 20.96 57.19
C HIS L 420 -15.36 22.08 57.45
N GLN L 421 -16.62 21.75 57.75
CA GLN L 421 -17.64 22.76 58.07
C GLN L 421 -17.82 23.74 56.92
N LEU L 422 -17.82 23.23 55.69
CA LEU L 422 -18.05 24.03 54.50
C LEU L 422 -19.46 23.85 53.94
N LEU L 423 -20.28 23.01 54.55
CA LEU L 423 -21.62 22.71 54.07
C LEU L 423 -22.65 23.23 55.08
N SER L 424 -23.65 23.94 54.59
CA SER L 424 -24.65 24.52 55.47
C SER L 424 -25.49 23.43 56.13
N ALA L 425 -26.12 23.81 57.25
CA ALA L 425 -26.90 22.87 58.04
C ALA L 425 -28.33 22.71 57.56
N ASP L 426 -28.76 23.51 56.59
CA ASP L 426 -30.12 23.42 56.05
C ASP L 426 -30.19 22.52 54.82
N VAL L 427 -29.11 21.89 54.42
CA VAL L 427 -29.08 21.02 53.25
C VAL L 427 -29.51 19.62 53.68
N ASP L 428 -30.59 19.12 53.10
CA ASP L 428 -31.14 17.81 53.41
C ASP L 428 -30.80 16.87 52.25
N ILE L 429 -29.93 15.90 52.52
CA ILE L 429 -29.47 15.01 51.46
C ILE L 429 -30.60 14.11 50.98
N LYS L 430 -31.48 13.68 51.89
CA LYS L 430 -32.57 12.79 51.50
C LYS L 430 -33.50 13.46 50.50
N GLU L 431 -33.76 14.75 50.68
CA GLU L 431 -34.58 15.48 49.71
C GLU L 431 -33.93 15.48 48.33
N LEU L 432 -32.60 15.67 48.28
CA LEU L 432 -31.90 15.60 47.00
C LEU L 432 -32.02 14.21 46.39
N ALA L 433 -31.84 13.16 47.20
CA ALA L 433 -31.93 11.80 46.68
C ALA L 433 -33.32 11.54 46.10
N VAL L 434 -34.36 12.07 46.75
CA VAL L 434 -35.71 11.89 46.24
C VAL L 434 -35.91 12.69 44.96
N GLU L 435 -35.38 13.92 44.90
CA GLU L 435 -35.64 14.79 43.76
C GLU L 435 -34.89 14.33 42.52
N THR L 436 -33.64 13.88 42.69
CA THR L 436 -32.79 13.48 41.56
C THR L 436 -33.18 12.07 41.13
N LYS L 437 -34.14 12.00 40.21
CA LYS L 437 -34.63 10.74 39.69
C LYS L 437 -34.10 10.53 38.28
N ASN L 438 -33.63 9.31 38.00
CA ASN L 438 -33.03 8.90 36.74
C ASN L 438 -31.61 9.42 36.57
N PHE L 439 -31.02 10.01 37.61
CA PHE L 439 -29.63 10.45 37.54
C PHE L 439 -28.69 9.26 37.66
N SER L 440 -27.47 9.45 37.17
CA SER L 440 -26.38 8.51 37.32
C SER L 440 -25.28 9.17 38.16
N GLY L 441 -24.22 8.41 38.44
CA GLY L 441 -23.17 8.92 39.30
C GLY L 441 -22.51 10.18 38.74
N ALA L 442 -22.23 10.18 37.43
CA ALA L 442 -21.59 11.34 36.84
C ALA L 442 -22.46 12.59 36.96
N GLU L 443 -23.76 12.43 36.73
CA GLU L 443 -24.66 13.58 36.81
C GLU L 443 -24.77 14.10 38.23
N LEU L 444 -24.79 13.20 39.22
CA LEU L 444 -24.84 13.63 40.61
C LEU L 444 -23.56 14.39 40.99
N GLU L 445 -22.41 13.87 40.56
CA GLU L 445 -21.16 14.58 40.83
C GLU L 445 -21.14 15.94 40.15
N GLY L 446 -21.65 16.02 38.92
CA GLY L 446 -21.74 17.31 38.25
C GLY L 446 -22.66 18.28 38.96
N LEU L 447 -23.77 17.77 39.51
CA LEU L 447 -24.65 18.60 40.31
C LEU L 447 -23.91 19.19 41.50
N VAL L 448 -23.15 18.35 42.22
CA VAL L 448 -22.40 18.85 43.36
C VAL L 448 -21.39 19.90 42.92
N ARG L 449 -20.70 19.65 41.80
CA ARG L 449 -19.69 20.58 41.32
C ARG L 449 -20.30 21.93 40.94
N ALA L 450 -21.44 21.91 40.25
CA ALA L 450 -22.11 23.16 39.87
C ALA L 450 -22.58 23.92 41.10
N ALA L 451 -23.09 23.19 42.10
CA ALA L 451 -23.49 23.86 43.34
C ALA L 451 -22.30 24.52 44.01
N GLN L 452 -21.14 23.84 44.02
CA GLN L 452 -19.94 24.42 44.61
C GLN L 452 -19.52 25.68 43.87
N SER L 453 -19.53 25.63 42.53
CA SER L 453 -19.11 26.78 41.74
C SER L 453 -20.04 27.97 41.92
N THR L 454 -21.35 27.74 42.00
CA THR L 454 -22.29 28.82 42.22
C THR L 454 -22.04 29.54 43.54
N ALA L 455 -21.48 28.84 44.53
CA ALA L 455 -21.12 29.45 45.80
C ALA L 455 -19.78 30.16 45.73
N MET L 456 -18.79 29.56 45.04
CA MET L 456 -17.52 30.25 44.87
C MET L 456 -17.66 31.53 44.06
N ASN L 457 -18.66 31.63 43.18
CA ASN L 457 -18.77 32.77 42.30
C ASN L 457 -19.32 34.02 42.98
N ARG L 458 -19.88 33.91 44.18
CA ARG L 458 -20.42 35.08 44.86
C ARG L 458 -19.34 36.00 45.40
N HIS L 459 -18.09 35.54 45.49
CA HIS L 459 -16.98 36.35 45.97
C HIS L 459 -16.16 36.93 44.83
N ILE L 460 -15.98 36.18 43.75
CA ILE L 460 -15.27 36.70 42.58
C ILE L 460 -16.19 37.68 41.87
N LYS L 461 -15.92 38.97 42.04
CA LYS L 461 -16.69 40.04 41.41
C LYS L 461 -15.78 40.76 40.42
N ALA L 462 -16.10 40.65 39.14
CA ALA L 462 -15.24 41.21 38.11
C ALA L 462 -16.03 41.39 36.83
N SER L 463 -16.28 42.65 36.45
CA SER L 463 -16.84 42.98 35.15
C SER L 463 -15.81 43.55 34.19
N THR L 464 -14.75 44.16 34.70
CA THR L 464 -13.66 44.67 33.88
C THR L 464 -12.28 44.30 34.38
N LYS L 465 -12.16 43.66 35.55
N LYS L 465 -12.16 43.66 35.55
CA LYS L 465 -10.86 43.28 36.10
CA LYS L 465 -10.86 43.28 36.10
C LYS L 465 -11.08 42.20 37.13
C LYS L 465 -11.08 42.20 37.13
N VAL L 466 -10.37 41.07 36.99
CA VAL L 466 -10.53 39.97 37.92
C VAL L 466 -9.92 40.36 39.27
N GLU L 467 -10.69 40.13 40.33
CA GLU L 467 -10.23 40.46 41.68
C GLU L 467 -11.05 39.68 42.68
N VAL L 468 -10.41 38.81 43.45
CA VAL L 468 -11.08 38.04 44.49
C VAL L 468 -11.08 38.86 45.78
N ASP L 469 -12.14 38.70 46.57
CA ASP L 469 -12.29 39.50 47.78
C ASP L 469 -11.24 39.12 48.82
N MET L 470 -11.24 37.85 49.23
CA MET L 470 -10.35 37.29 50.25
C MET L 470 -10.72 37.74 51.66
N GLU L 471 -11.70 38.63 51.81
CA GLU L 471 -12.16 39.04 53.13
C GLU L 471 -13.30 38.14 53.61
N LYS L 472 -14.33 37.97 52.79
CA LYS L 472 -15.40 37.01 53.05
C LYS L 472 -15.06 35.62 52.56
N ALA L 473 -13.92 35.44 51.87
CA ALA L 473 -13.59 34.14 51.29
C ALA L 473 -13.44 33.07 52.36
N GLU L 474 -13.20 33.45 53.61
CA GLU L 474 -13.10 32.49 54.71
C GLU L 474 -14.46 32.08 55.26
N SER L 475 -15.54 32.73 54.83
CA SER L 475 -16.89 32.40 55.26
C SER L 475 -17.67 31.67 54.17
N LEU L 476 -16.98 31.01 53.25
CA LEU L 476 -17.65 30.32 52.16
C LEU L 476 -18.54 29.21 52.70
N GLN L 477 -19.78 29.16 52.22
CA GLN L 477 -20.74 28.15 52.65
C GLN L 477 -21.69 27.86 51.50
N VAL L 478 -21.95 26.57 51.28
CA VAL L 478 -22.88 26.13 50.24
C VAL L 478 -24.24 25.90 50.88
N THR L 479 -25.26 26.56 50.36
CA THR L 479 -26.60 26.55 50.93
C THR L 479 -27.54 25.72 50.05
N ARG L 480 -28.82 25.69 50.44
CA ARG L 480 -29.83 24.95 49.71
C ARG L 480 -30.25 25.67 48.43
N GLY L 481 -30.27 27.00 48.46
CA GLY L 481 -30.63 27.75 47.26
C GLY L 481 -29.70 27.45 46.09
N ASP L 482 -28.40 27.27 46.39
CA ASP L 482 -27.45 26.93 45.33
C ASP L 482 -27.82 25.61 44.68
N PHE L 483 -28.12 24.59 45.49
CA PHE L 483 -28.49 23.29 44.95
C PHE L 483 -29.77 23.39 44.11
N LEU L 484 -30.77 24.11 44.63
CA LEU L 484 -32.02 24.24 43.88
C LEU L 484 -31.80 24.94 42.55
N ALA L 485 -31.05 26.04 42.56
CA ALA L 485 -30.81 26.78 41.33
C ALA L 485 -30.04 25.94 40.32
N SER L 486 -29.00 25.23 40.78
CA SER L 486 -28.23 24.40 39.86
C SER L 486 -29.08 23.28 39.29
N LEU L 487 -30.00 22.71 40.06
CA LEU L 487 -30.90 21.60 39.60
C LEU L 487 -31.85 22.13 38.54
N GLU L 488 -32.30 23.40 38.64
CA GLU L 488 -33.27 23.93 37.70
C GLU L 488 -32.61 24.35 36.38
N ASN L 489 -31.40 24.90 36.45
CA ASN L 489 -30.78 25.55 35.30
C ASN L 489 -29.79 24.65 34.56
N ASP L 490 -28.82 24.08 35.28
CA ASP L 490 -27.62 23.56 34.64
C ASP L 490 -27.72 22.09 34.27
N ILE L 491 -27.90 21.25 35.24
CA ILE L 491 -27.81 19.81 35.04
C ILE L 491 -29.18 19.27 34.63
N LYS L 492 -29.19 18.41 33.61
N LYS L 492 -29.19 18.41 33.61
CA LYS L 492 -30.43 17.82 33.11
CA LYS L 492 -30.42 17.82 33.09
C LYS L 492 -30.20 16.33 32.87
C LYS L 492 -30.18 16.33 32.88
N PRO L 493 -31.08 15.46 33.34
CA PRO L 493 -30.87 14.02 33.13
C PRO L 493 -30.97 13.64 31.66
N ALA L 494 -30.27 12.56 31.29
CA ALA L 494 -30.28 12.04 29.94
C ALA L 494 -31.30 10.94 29.73
N PHE L 495 -32.09 10.60 30.74
CA PHE L 495 -33.13 9.58 30.66
C PHE L 495 -34.53 10.20 30.73
N GLY L 496 -34.67 11.40 30.19
CA GLY L 496 -35.92 12.12 30.27
C GLY L 496 -36.11 12.76 31.63
N THR L 497 -36.72 13.95 31.65
CA THR L 497 -36.93 14.71 32.88
C THR L 497 -38.40 14.82 33.26
N ASN L 498 -39.28 15.02 32.28
CA ASN L 498 -40.73 15.15 32.43
C ASN L 498 -41.13 16.46 33.09
N GLN L 499 -40.18 17.27 33.57
CA GLN L 499 -40.54 18.58 34.11
C GLN L 499 -41.15 19.45 33.02
N GLU L 500 -40.46 19.59 31.88
CA GLU L 500 -40.99 20.36 30.77
C GLU L 500 -42.19 19.66 30.14
N ASP L 501 -42.19 18.33 30.13
CA ASP L 501 -43.33 17.59 29.60
C ASP L 501 -44.58 17.89 30.41
N TYR L 502 -44.49 17.79 31.74
CA TYR L 502 -45.63 18.12 32.58
C TYR L 502 -45.98 19.60 32.49
N ALA L 503 -44.98 20.44 32.25
CA ALA L 503 -45.25 21.86 32.04
C ALA L 503 -46.11 22.09 30.81
N SER L 504 -45.80 21.38 29.72
CA SER L 504 -46.47 21.60 28.44
C SER L 504 -47.75 20.81 28.27
N TYR L 505 -48.00 19.75 29.05
CA TYR L 505 -49.25 18.94 28.98
C TYR L 505 -50.27 19.55 29.91
N ILE L 506 -49.89 19.96 31.13
CA ILE L 506 -50.79 20.66 32.03
C ILE L 506 -50.36 22.11 32.08
N MET L 507 -50.94 22.95 31.21
CA MET L 507 -50.47 24.32 31.05
C MET L 507 -51.17 25.29 31.99
N ASN L 508 -52.44 25.03 32.32
CA ASN L 508 -53.23 25.92 33.16
C ASN L 508 -53.72 25.22 34.42
N GLY L 509 -53.05 24.15 34.84
CA GLY L 509 -53.42 23.46 36.06
C GLY L 509 -54.75 22.76 35.94
N ILE L 510 -55.26 22.34 37.10
CA ILE L 510 -56.54 21.66 37.22
C ILE L 510 -57.40 22.43 38.20
N ILE L 511 -58.65 22.71 37.81
CA ILE L 511 -59.59 23.44 38.64
C ILE L 511 -60.82 22.57 38.83
N LYS L 512 -61.31 22.49 40.07
N LYS L 512 -61.31 22.49 40.07
CA LYS L 512 -62.46 21.65 40.41
CA LYS L 512 -62.46 21.65 40.41
C LYS L 512 -63.73 22.46 40.17
C LYS L 512 -63.74 22.45 40.17
N TRP L 513 -64.17 22.48 38.91
CA TRP L 513 -65.39 23.18 38.53
C TRP L 513 -66.64 22.33 38.74
N GLY L 514 -66.48 21.09 39.20
CA GLY L 514 -67.64 20.24 39.41
C GLY L 514 -67.24 18.95 40.08
N ASP L 515 -68.20 18.03 40.16
CA ASP L 515 -68.02 16.74 40.80
C ASP L 515 -67.26 15.76 39.91
N PRO L 516 -67.48 15.75 38.59
CA PRO L 516 -66.85 14.71 37.75
C PRO L 516 -65.34 14.61 37.90
N VAL L 517 -64.65 15.73 38.12
CA VAL L 517 -63.19 15.70 38.20
C VAL L 517 -62.75 14.77 39.33
N THR L 518 -63.40 14.90 40.49
CA THR L 518 -63.05 14.06 41.62
C THR L 518 -63.28 12.59 41.30
N ARG L 519 -64.37 12.27 40.61
CA ARG L 519 -64.64 10.89 40.23
C ARG L 519 -63.55 10.35 39.32
N VAL L 520 -63.11 11.15 38.34
CA VAL L 520 -62.07 10.69 37.42
C VAL L 520 -60.78 10.41 38.19
N LEU L 521 -60.40 11.33 39.07
CA LEU L 521 -59.16 11.14 39.83
C LEU L 521 -59.27 9.93 40.75
N ASP L 522 -60.44 9.70 41.35
CA ASP L 522 -60.63 8.54 42.21
C ASP L 522 -60.49 7.24 41.43
N ASP L 523 -61.08 7.19 40.23
CA ASP L 523 -60.94 5.99 39.41
C ASP L 523 -59.48 5.75 39.05
N GLY L 524 -58.76 6.83 38.69
CA GLY L 524 -57.34 6.68 38.41
C GLY L 524 -56.57 6.13 39.60
N GLU L 525 -56.87 6.64 40.80
CA GLU L 525 -56.21 6.16 42.01
C GLU L 525 -56.48 4.67 42.22
N LEU L 526 -57.74 4.25 42.03
CA LEU L 526 -58.07 2.84 42.22
C LEU L 526 -57.32 1.97 41.24
N LEU L 527 -57.24 2.39 39.97
CA LEU L 527 -56.50 1.59 38.98
C LEU L 527 -55.02 1.51 39.34
N VAL L 528 -54.43 2.62 39.79
CA VAL L 528 -53.03 2.60 40.18
C VAL L 528 -52.82 1.64 41.33
N GLN L 529 -53.70 1.68 42.33
N GLN L 529 -53.70 1.68 42.33
CA GLN L 529 -53.57 0.78 43.47
CA GLN L 529 -53.58 0.78 43.47
C GLN L 529 -53.68 -0.68 43.04
C GLN L 529 -53.68 -0.68 43.04
N GLN L 530 -54.63 -0.98 42.16
CA GLN L 530 -54.79 -2.36 41.69
C GLN L 530 -53.54 -2.83 40.97
N THR L 531 -52.96 -1.98 40.13
CA THR L 531 -51.72 -2.35 39.46
C THR L 531 -50.61 -2.60 40.47
N LYS L 532 -50.50 -1.73 41.48
CA LYS L 532 -49.38 -1.84 42.42
C LYS L 532 -49.49 -3.10 43.27
N ASN L 533 -50.69 -3.39 43.80
CA ASN L 533 -50.81 -4.46 44.79
C ASN L 533 -50.95 -5.83 44.14
N SER L 534 -51.95 -6.00 43.27
CA SER L 534 -52.30 -7.33 42.77
C SER L 534 -51.11 -7.95 42.03
N ASP L 535 -50.95 -9.26 42.19
CA ASP L 535 -49.91 -10.03 41.52
C ASP L 535 -50.45 -10.99 40.47
N ARG L 536 -51.74 -11.30 40.50
CA ARG L 536 -52.34 -12.24 39.55
C ARG L 536 -52.63 -11.61 38.19
N THR L 537 -52.63 -10.28 38.10
CA THR L 537 -52.89 -9.57 36.84
C THR L 537 -51.84 -8.48 36.69
N PRO L 538 -50.63 -8.83 36.22
CA PRO L 538 -49.56 -7.83 36.13
C PRO L 538 -49.84 -6.72 35.12
N LEU L 539 -50.76 -6.91 34.18
CA LEU L 539 -50.99 -5.95 33.11
C LEU L 539 -52.42 -5.40 33.21
N VAL L 540 -52.55 -4.07 33.15
CA VAL L 540 -53.83 -3.40 33.27
C VAL L 540 -53.90 -2.27 32.26
N SER L 541 -55.08 -2.05 31.70
CA SER L 541 -55.29 -1.00 30.70
C SER L 541 -56.58 -0.25 31.02
N VAL L 542 -56.67 0.98 30.51
CA VAL L 542 -57.85 1.81 30.70
C VAL L 542 -57.90 2.83 29.57
N LEU L 543 -59.11 3.25 29.22
CA LEU L 543 -59.35 4.17 28.12
C LEU L 543 -60.13 5.38 28.62
N LEU L 544 -59.60 6.58 28.37
CA LEU L 544 -60.26 7.82 28.72
C LEU L 544 -60.94 8.38 27.47
N GLU L 545 -62.27 8.43 27.49
CA GLU L 545 -63.07 8.83 26.35
C GLU L 545 -63.92 10.05 26.69
N GLY L 546 -64.18 10.88 25.69
CA GLY L 546 -65.02 12.04 25.85
C GLY L 546 -65.10 12.88 24.60
N PRO L 547 -65.98 13.86 24.59
CA PRO L 547 -66.11 14.74 23.42
C PRO L 547 -64.90 15.65 23.30
N PRO L 548 -64.69 16.25 22.14
CA PRO L 548 -63.47 17.06 21.94
C PRO L 548 -63.45 18.29 22.83
N HIS L 549 -62.23 18.73 23.16
CA HIS L 549 -62.01 19.92 23.96
C HIS L 549 -62.56 19.74 25.38
N SER L 550 -62.42 18.53 25.91
CA SER L 550 -62.85 18.24 27.27
C SER L 550 -61.72 18.20 28.28
N GLY L 551 -60.48 18.02 27.83
CA GLY L 551 -59.33 17.97 28.73
C GLY L 551 -58.98 16.57 29.16
N LYS L 552 -58.88 15.65 28.21
CA LYS L 552 -58.56 14.27 28.52
C LYS L 552 -57.07 14.01 28.65
N THR L 553 -56.23 14.79 27.98
CA THR L 553 -54.78 14.62 28.10
C THR L 553 -54.26 15.12 29.45
N ALA L 554 -54.77 16.26 29.91
CA ALA L 554 -54.31 16.81 31.18
C ALA L 554 -54.64 15.86 32.34
N LEU L 555 -55.84 15.27 32.33
CA LEU L 555 -56.21 14.36 33.41
C LEU L 555 -55.34 13.12 33.42
N ALA L 556 -55.05 12.55 32.24
CA ALA L 556 -54.17 11.40 32.17
C ALA L 556 -52.78 11.74 32.67
N ALA L 557 -52.26 12.90 32.26
CA ALA L 557 -50.94 13.31 32.73
C ALA L 557 -50.94 13.49 34.24
N LYS L 558 -52.01 14.06 34.80
CA LYS L 558 -52.10 14.25 36.25
C LYS L 558 -52.12 12.91 36.97
N ILE L 559 -52.88 11.94 36.45
CA ILE L 559 -52.93 10.62 37.07
C ILE L 559 -51.54 9.98 37.04
N ALA L 560 -50.87 10.06 35.90
CA ALA L 560 -49.52 9.50 35.81
C ALA L 560 -48.58 10.17 36.79
N GLU L 561 -48.65 11.49 36.91
CA GLU L 561 -47.78 12.21 37.83
C GLU L 561 -48.04 11.79 39.27
N GLU L 562 -49.31 11.65 39.65
CA GLU L 562 -49.66 11.25 41.01
C GLU L 562 -49.46 9.77 41.27
N SER L 563 -49.17 8.98 40.23
CA SER L 563 -48.92 7.56 40.44
C SER L 563 -47.69 7.33 41.32
N ASN L 564 -46.65 8.14 41.14
CA ASN L 564 -45.41 8.02 41.92
C ASN L 564 -44.67 6.72 41.60
N PHE L 565 -44.65 6.34 40.33
CA PHE L 565 -43.90 5.17 39.90
C PHE L 565 -42.48 5.54 39.52
N PRO L 566 -41.55 4.59 39.57
CA PRO L 566 -40.17 4.89 39.16
C PRO L 566 -40.04 5.33 37.71
N PHE L 567 -40.85 4.77 36.81
CA PHE L 567 -40.73 5.02 35.38
C PHE L 567 -42.06 5.52 34.83
N ILE L 568 -42.09 6.68 34.15
CA ILE L 568 -43.33 7.26 33.56
C ILE L 568 -42.96 7.92 32.24
N LYS L 569 -43.66 7.64 31.13
CA LYS L 569 -43.35 8.18 29.78
C LYS L 569 -44.62 8.43 28.97
N ILE L 570 -44.63 9.47 28.13
CA ILE L 570 -45.82 9.73 27.25
C ILE L 570 -45.46 9.55 25.77
N CYS L 571 -46.19 8.73 25.01
CA CYS L 571 -45.99 8.49 23.55
C CYS L 571 -46.91 9.41 22.76
N SER L 572 -46.43 10.53 22.22
CA SER L 572 -47.28 11.56 21.59
C SER L 572 -47.12 11.58 20.07
N PRO L 573 -48.17 11.81 19.42
CA PRO L 573 -48.02 11.95 17.97
C PRO L 573 -47.20 13.15 17.54
N ASP L 574 -47.02 14.16 18.39
CA ASP L 574 -46.40 15.40 17.96
C ASP L 574 -44.89 15.38 18.08
N LYS L 575 -44.30 14.20 18.30
CA LYS L 575 -42.87 14.00 18.16
C LYS L 575 -42.56 13.05 17.01
N MET L 576 -43.52 12.80 16.13
CA MET L 576 -43.35 11.88 14.99
C MET L 576 -43.92 12.52 13.73
N ILE L 577 -43.60 13.78 13.50
CA ILE L 577 -44.14 14.49 12.34
C ILE L 577 -43.35 14.12 11.10
N GLY L 578 -44.08 13.57 10.16
CA GLY L 578 -43.45 13.16 8.92
C GLY L 578 -43.00 11.72 8.87
N PHE L 579 -43.10 10.97 9.97
CA PHE L 579 -42.67 9.59 9.98
C PHE L 579 -43.58 8.71 9.13
N SER L 580 -43.05 7.55 8.74
CA SER L 580 -43.81 6.55 8.03
C SER L 580 -44.31 5.50 9.02
N GLU L 581 -44.90 4.43 8.49
CA GLU L 581 -45.44 3.37 9.35
C GLU L 581 -44.33 2.71 10.17
N THR L 582 -43.24 2.33 9.48
CA THR L 582 -42.18 1.57 10.15
C THR L 582 -41.52 2.40 11.25
N ALA L 583 -41.28 3.68 10.99
CA ALA L 583 -40.65 4.52 12.01
C ALA L 583 -41.53 4.65 13.25
N LYS L 584 -42.84 4.84 13.05
CA LYS L 584 -43.75 4.90 14.18
C LYS L 584 -43.73 3.60 14.98
N CYS L 585 -43.80 2.47 14.28
CA CYS L 585 -43.79 1.18 14.98
C CYS L 585 -42.49 1.01 15.75
N GLN L 586 -41.36 1.40 15.16
CA GLN L 586 -40.09 1.29 15.84
C GLN L 586 -40.06 2.15 17.10
N ALA L 587 -40.59 3.37 17.02
CA ALA L 587 -40.58 4.25 18.19
C ALA L 587 -41.42 3.67 19.32
N MET L 588 -42.62 3.17 19.01
CA MET L 588 -43.44 2.58 20.07
C MET L 588 -42.77 1.33 20.65
N LYS L 589 -42.17 0.52 19.79
CA LYS L 589 -41.47 -0.68 20.28
C LYS L 589 -40.35 -0.30 21.23
N LYS L 590 -39.57 0.73 20.87
CA LYS L 590 -38.48 1.15 21.74
C LYS L 590 -39.00 1.65 23.08
N ILE L 591 -40.08 2.45 23.07
CA ILE L 591 -40.61 2.95 24.33
C ILE L 591 -41.08 1.80 25.21
N PHE L 592 -41.79 0.83 24.62
CA PHE L 592 -42.28 -0.28 25.44
C PHE L 592 -41.14 -1.16 25.92
N ASP L 593 -40.08 -1.34 25.11
CA ASP L 593 -38.92 -2.10 25.55
C ASP L 593 -38.26 -1.43 26.74
N ASP L 594 -38.15 -0.09 26.71
CA ASP L 594 -37.63 0.63 27.86
C ASP L 594 -38.53 0.42 29.07
N ALA L 595 -39.85 0.42 28.87
CA ALA L 595 -40.77 0.21 29.97
C ALA L 595 -40.59 -1.16 30.60
N TYR L 596 -40.37 -2.19 29.78
CA TYR L 596 -40.25 -3.55 30.30
C TYR L 596 -39.01 -3.74 31.16
N LYS L 597 -38.06 -2.81 31.13
CA LYS L 597 -36.80 -3.01 31.85
C LYS L 597 -36.97 -2.76 33.34
N SER L 598 -37.89 -1.87 33.73
CA SER L 598 -38.02 -1.46 35.11
C SER L 598 -38.83 -2.48 35.90
N GLN L 599 -39.19 -2.14 37.13
CA GLN L 599 -39.91 -3.04 38.04
C GLN L 599 -41.41 -2.80 38.06
N LEU L 600 -41.84 -1.54 37.94
CA LEU L 600 -43.25 -1.23 37.76
C LEU L 600 -43.34 0.10 37.02
N SER L 601 -44.11 0.13 35.94
CA SER L 601 -44.06 1.24 35.00
C SER L 601 -45.45 1.68 34.59
N CYS L 602 -45.54 2.93 34.11
CA CYS L 602 -46.77 3.51 33.58
C CYS L 602 -46.48 4.15 32.23
N VAL L 603 -47.43 4.00 31.30
CA VAL L 603 -47.28 4.54 29.95
C VAL L 603 -48.59 5.18 29.51
N VAL L 604 -48.48 6.25 28.74
CA VAL L 604 -49.63 7.02 28.26
C VAL L 604 -49.58 7.07 26.74
N VAL L 605 -50.73 6.77 26.11
CA VAL L 605 -50.88 6.84 24.67
C VAL L 605 -52.05 7.79 24.40
N ASP L 606 -51.68 9.00 23.97
CA ASP L 606 -52.66 10.09 23.75
C ASP L 606 -52.98 10.28 22.28
N ASP L 607 -54.22 10.59 21.96
CA ASP L 607 -54.63 10.83 20.58
C ASP L 607 -54.36 9.58 19.72
N ILE L 608 -55.08 8.51 20.04
CA ILE L 608 -54.92 7.27 19.30
C ILE L 608 -55.28 7.46 17.83
N GLU L 609 -56.32 8.26 17.56
CA GLU L 609 -56.75 8.45 16.18
C GLU L 609 -55.73 9.24 15.36
N ARG L 610 -54.86 10.01 16.00
CA ARG L 610 -53.77 10.67 15.29
C ARG L 610 -52.54 9.78 15.16
N LEU L 611 -52.38 8.78 16.01
CA LEU L 611 -51.23 7.85 15.93
C LEU L 611 -51.42 7.00 14.69
N LEU L 612 -52.59 6.45 14.49
CA LEU L 612 -52.95 5.76 13.25
C LEU L 612 -53.79 6.72 12.42
N ASP L 613 -53.35 6.98 11.19
CA ASP L 613 -53.83 8.13 10.44
C ASP L 613 -55.26 7.94 9.94
N TYR L 614 -56.24 8.31 10.75
CA TYR L 614 -57.64 8.12 10.40
C TYR L 614 -58.21 9.38 9.75
N VAL L 615 -58.98 9.18 8.68
CA VAL L 615 -59.69 10.27 8.01
C VAL L 615 -61.04 9.73 7.55
N PRO L 616 -62.15 10.42 7.85
CA PRO L 616 -63.47 9.83 7.53
C PRO L 616 -63.66 9.45 6.07
N ILE L 617 -63.18 10.28 5.14
CA ILE L 617 -63.32 9.96 3.72
C ILE L 617 -62.45 8.74 3.42
N GLY L 618 -63.01 7.81 2.64
CA GLY L 618 -62.44 6.49 2.55
C GLY L 618 -63.31 5.46 3.24
N PRO L 619 -62.96 5.08 4.48
CA PRO L 619 -61.91 5.63 5.35
C PRO L 619 -60.51 5.12 5.04
N ARG L 620 -59.50 5.83 5.54
N ARG L 620 -59.49 5.80 5.55
CA ARG L 620 -58.10 5.44 5.39
CA ARG L 620 -58.10 5.42 5.35
C ARG L 620 -57.46 5.38 6.76
C ARG L 620 -57.36 5.47 6.68
N PHE L 621 -56.45 4.54 6.88
CA PHE L 621 -55.65 4.46 8.10
C PHE L 621 -54.46 3.54 7.84
N SER L 622 -53.61 3.41 8.86
CA SER L 622 -52.42 2.57 8.79
C SER L 622 -52.70 1.27 9.54
N ASN L 623 -52.64 0.15 8.81
CA ASN L 623 -52.91 -1.14 9.43
C ASN L 623 -51.75 -1.63 10.28
N LEU L 624 -50.52 -1.29 9.90
CA LEU L 624 -49.35 -1.76 10.64
C LEU L 624 -49.39 -1.28 12.09
N VAL L 625 -49.68 0.01 12.28
CA VAL L 625 -49.72 0.57 13.63
C VAL L 625 -50.87 -0.04 14.42
N LEU L 626 -52.01 -0.27 13.76
CA LEU L 626 -53.15 -0.87 14.45
C LEU L 626 -52.80 -2.27 14.95
N GLN L 627 -52.16 -3.08 14.09
CA GLN L 627 -51.78 -4.42 14.51
C GLN L 627 -50.73 -4.38 15.62
N ALA L 628 -49.78 -3.45 15.54
CA ALA L 628 -48.79 -3.32 16.60
C ALA L 628 -49.46 -2.99 17.93
N LEU L 629 -50.41 -2.05 17.91
CA LEU L 629 -51.11 -1.69 19.14
C LEU L 629 -51.90 -2.88 19.69
N LEU L 630 -52.61 -3.60 18.82
CA LEU L 630 -53.41 -4.73 19.28
C LEU L 630 -52.53 -5.84 19.84
N VAL L 631 -51.31 -6.00 19.31
CA VAL L 631 -50.40 -7.01 19.84
C VAL L 631 -49.83 -6.56 21.18
N LEU L 632 -49.42 -5.30 21.28
CA LEU L 632 -48.77 -4.81 22.49
C LEU L 632 -49.73 -4.60 23.65
N LEU L 633 -51.02 -4.45 23.39
CA LEU L 633 -51.97 -4.25 24.48
C LEU L 633 -52.20 -5.50 25.31
N LYS L 634 -51.73 -6.67 24.87
CA LYS L 634 -51.98 -7.91 25.58
C LYS L 634 -50.70 -8.68 25.90
N LYS L 635 -49.53 -8.06 25.75
CA LYS L 635 -48.27 -8.72 26.02
C LYS L 635 -47.84 -8.46 27.46
N ALA L 636 -47.58 -9.52 28.21
CA ALA L 636 -47.22 -9.37 29.61
C ALA L 636 -45.70 -9.27 29.76
N PRO L 637 -45.20 -8.41 30.65
CA PRO L 637 -43.75 -8.27 30.80
C PRO L 637 -43.16 -9.50 31.51
N PRO L 638 -41.84 -9.56 31.64
CA PRO L 638 -41.23 -10.71 32.31
C PRO L 638 -41.73 -10.84 33.73
N GLN L 639 -41.84 -12.09 34.19
CA GLN L 639 -42.45 -12.38 35.49
C GLN L 639 -41.86 -11.50 36.57
N GLY L 640 -42.73 -11.05 37.49
CA GLY L 640 -42.32 -10.22 38.59
C GLY L 640 -42.27 -8.73 38.28
N ARG L 641 -42.87 -8.29 37.18
CA ARG L 641 -42.86 -6.89 36.79
C ARG L 641 -44.24 -6.48 36.34
N LYS L 642 -44.56 -5.19 36.49
CA LYS L 642 -45.92 -4.70 36.34
C LYS L 642 -45.96 -3.45 35.48
N LEU L 643 -47.04 -3.32 34.71
CA LEU L 643 -47.17 -2.24 33.74
C LEU L 643 -48.61 -1.74 33.73
N LEU L 644 -48.76 -0.43 33.63
CA LEU L 644 -50.06 0.23 33.50
C LEU L 644 -50.07 1.05 32.23
N ILE L 645 -51.18 1.03 31.50
CA ILE L 645 -51.31 1.73 30.22
C ILE L 645 -52.59 2.57 30.27
N ILE L 646 -52.46 3.83 29.88
CA ILE L 646 -53.60 4.76 29.84
C ILE L 646 -53.70 5.33 28.42
N GLY L 647 -54.83 5.07 27.77
CA GLY L 647 -55.06 5.54 26.41
C GLY L 647 -56.16 6.58 26.36
N THR L 648 -55.98 7.59 25.52
CA THR L 648 -56.93 8.68 25.38
C THR L 648 -57.39 8.80 23.93
N THR L 649 -58.69 9.01 23.74
CA THR L 649 -59.26 9.15 22.40
C THR L 649 -60.55 9.95 22.48
N SER L 650 -61.00 10.44 21.33
CA SER L 650 -62.22 11.22 21.24
C SER L 650 -63.26 10.61 20.30
N ARG L 651 -62.98 9.45 19.71
N ARG L 651 -62.98 9.46 19.70
CA ARG L 651 -63.91 8.78 18.80
CA ARG L 651 -63.89 8.77 18.79
C ARG L 651 -64.02 7.32 19.25
C ARG L 651 -64.01 7.32 19.26
N LYS L 652 -64.99 7.06 20.13
CA LYS L 652 -65.14 5.71 20.67
C LYS L 652 -65.69 4.74 19.62
N ASP L 653 -66.64 5.20 18.80
CA ASP L 653 -67.28 4.30 17.84
C ASP L 653 -66.29 3.78 16.82
N VAL L 654 -65.38 4.65 16.36
CA VAL L 654 -64.38 4.23 15.39
C VAL L 654 -63.53 3.10 15.94
N LEU L 655 -63.06 3.26 17.19
CA LEU L 655 -62.28 2.21 17.81
C LEU L 655 -63.11 0.95 18.01
N GLN L 656 -64.41 1.11 18.27
CA GLN L 656 -65.28 -0.06 18.38
C GLN L 656 -65.34 -0.84 17.08
N GLU L 657 -65.47 -0.17 15.94
CA GLU L 657 -65.57 -0.84 14.60
C GLU L 657 -64.28 -1.60 14.26
N MET L 658 -63.11 -1.14 14.70
CA MET L 658 -61.88 -1.90 14.51
C MET L 658 -61.71 -3.01 15.54
N GLU L 659 -62.60 -3.09 16.53
CA GLU L 659 -62.53 -4.13 17.57
C GLU L 659 -61.39 -3.88 18.55
N MET L 660 -60.98 -2.63 18.71
CA MET L 660 -59.96 -2.28 19.69
C MET L 660 -60.54 -2.04 21.07
N LEU L 661 -61.83 -1.71 21.17
CA LEU L 661 -62.43 -1.45 22.47
C LEU L 661 -62.48 -2.68 23.36
N ASN L 662 -62.31 -3.87 22.78
CA ASN L 662 -62.30 -5.10 23.55
C ASN L 662 -60.94 -5.47 24.10
N ALA L 663 -59.88 -4.76 23.69
CA ALA L 663 -58.55 -4.99 24.21
C ALA L 663 -58.27 -4.22 25.49
N PHE L 664 -59.13 -3.30 25.88
CA PHE L 664 -58.98 -2.52 27.10
C PHE L 664 -59.78 -3.16 28.22
N SER L 665 -59.27 -3.00 29.45
CA SER L 665 -59.94 -3.61 30.59
C SER L 665 -61.18 -2.82 31.00
N THR L 666 -61.14 -1.51 30.92
CA THR L 666 -62.27 -0.68 31.32
C THR L 666 -62.11 0.70 30.71
N THR L 667 -63.14 1.53 30.90
CA THR L 667 -63.21 2.85 30.29
C THR L 667 -63.64 3.89 31.31
N ILE L 668 -63.27 5.14 31.06
CA ILE L 668 -63.64 6.27 31.89
C ILE L 668 -64.16 7.38 30.98
N HIS L 669 -65.22 8.06 31.41
CA HIS L 669 -65.85 9.12 30.64
C HIS L 669 -65.47 10.48 31.19
N VAL L 670 -65.11 11.39 30.30
CA VAL L 670 -64.71 12.74 30.65
C VAL L 670 -65.75 13.70 30.08
N PRO L 671 -66.68 14.19 30.91
CA PRO L 671 -67.82 14.93 30.39
C PRO L 671 -67.54 16.43 30.22
N ASN L 672 -68.46 17.09 29.52
CA ASN L 672 -68.42 18.52 29.31
C ASN L 672 -69.19 19.24 30.41
N ILE L 673 -69.23 20.57 30.33
CA ILE L 673 -70.05 21.37 31.24
C ILE L 673 -71.48 21.36 30.72
N ALA L 674 -72.43 21.09 31.61
CA ALA L 674 -73.82 20.90 31.23
C ALA L 674 -74.80 21.83 31.93
N THR L 675 -74.39 22.56 32.96
CA THR L 675 -75.29 23.39 33.74
C THR L 675 -74.68 24.76 33.99
N GLY L 676 -75.56 25.74 34.24
CA GLY L 676 -75.10 27.09 34.49
C GLY L 676 -74.31 27.23 35.77
N GLU L 677 -74.66 26.47 36.80
CA GLU L 677 -73.93 26.56 38.07
C GLU L 677 -72.46 26.19 37.88
N GLN L 678 -72.18 25.13 37.13
CA GLN L 678 -70.80 24.74 36.88
C GLN L 678 -70.05 25.81 36.12
N LEU L 679 -70.70 26.43 35.14
CA LEU L 679 -70.06 27.51 34.37
C LEU L 679 -69.73 28.69 35.28
N LEU L 680 -70.67 29.06 36.15
CA LEU L 680 -70.43 30.17 37.07
C LEU L 680 -69.29 29.85 38.04
N GLU L 681 -69.24 28.60 38.52
CA GLU L 681 -68.15 28.20 39.40
C GLU L 681 -66.81 28.26 38.67
N ALA L 682 -66.79 27.82 37.41
CA ALA L 682 -65.56 27.90 36.63
C ALA L 682 -65.11 29.35 36.45
N LEU L 683 -66.06 30.25 36.16
CA LEU L 683 -65.71 31.66 36.05
C LEU L 683 -65.18 32.20 37.39
N GLU L 684 -65.81 31.80 38.49
CA GLU L 684 -65.34 32.21 39.80
C GLU L 684 -63.89 31.79 40.03
N LEU L 685 -63.59 30.51 39.78
CA LEU L 685 -62.24 30.01 40.02
C LEU L 685 -61.24 30.53 38.99
N LEU L 686 -61.70 31.04 37.86
CA LEU L 686 -60.78 31.59 36.86
C LEU L 686 -60.42 33.04 37.15
N GLY L 687 -61.30 33.78 37.83
CA GLY L 687 -61.00 35.15 38.21
C GLY L 687 -61.25 36.14 37.09
N ASN L 688 -62.49 36.20 36.60
CA ASN L 688 -62.84 37.10 35.52
C ASN L 688 -64.29 37.53 35.68
N PHE L 689 -64.63 38.66 35.08
CA PHE L 689 -65.98 39.21 35.10
C PHE L 689 -66.49 39.30 36.55
N LYS L 690 -65.81 40.13 37.33
CA LYS L 690 -66.06 40.22 38.76
C LYS L 690 -67.25 41.13 39.05
N ASP L 691 -67.99 40.79 40.11
CA ASP L 691 -69.04 41.64 40.64
C ASP L 691 -70.24 41.74 39.69
N LYS L 692 -70.64 42.96 39.34
CA LYS L 692 -71.93 43.17 38.67
C LYS L 692 -71.98 42.46 37.32
N GLU L 693 -70.84 42.41 36.61
CA GLU L 693 -70.80 41.68 35.35
C GLU L 693 -71.18 40.22 35.57
N ARG L 694 -70.69 39.63 36.67
N ARG L 694 -70.68 39.63 36.66
CA ARG L 694 -71.07 38.26 37.00
CA ARG L 694 -71.07 38.27 37.01
C ARG L 694 -72.57 38.15 37.24
C ARG L 694 -72.56 38.16 37.24
N THR L 695 -73.16 39.16 37.89
CA THR L 695 -74.60 39.14 38.12
C THR L 695 -75.37 39.16 36.81
N THR L 696 -74.94 40.00 35.86
CA THR L 696 -75.60 40.04 34.56
C THR L 696 -75.49 38.70 33.84
N ILE L 697 -74.28 38.12 33.85
CA ILE L 697 -74.09 36.83 33.20
C ILE L 697 -75.00 35.78 33.83
N ALA L 698 -75.04 35.73 35.16
CA ALA L 698 -75.86 34.76 35.86
C ALA L 698 -77.33 34.94 35.51
N GLN L 699 -77.79 36.19 35.45
CA GLN L 699 -79.16 36.44 35.04
C GLN L 699 -79.43 35.90 33.65
N GLN L 700 -78.46 36.01 32.74
CA GLN L 700 -78.68 35.57 31.36
C GLN L 700 -78.53 34.07 31.16
N VAL L 701 -77.76 33.37 31.98
CA VAL L 701 -77.49 31.95 31.71
C VAL L 701 -78.48 31.01 32.39
N LYS L 702 -78.93 31.32 33.60
CA LYS L 702 -79.63 30.32 34.41
C LYS L 702 -80.91 29.81 33.76
N GLY L 703 -81.48 30.53 32.79
CA GLY L 703 -82.69 30.08 32.14
C GLY L 703 -82.42 29.30 30.87
N LYS L 704 -81.37 28.48 30.87
CA LYS L 704 -80.99 27.73 29.69
C LYS L 704 -80.00 26.65 30.10
N LYS L 705 -79.76 25.71 29.18
CA LYS L 705 -78.73 24.69 29.33
C LYS L 705 -77.55 25.03 28.44
N VAL L 706 -76.36 24.53 28.84
CA VAL L 706 -75.12 24.84 28.15
C VAL L 706 -74.39 23.55 27.82
N TRP L 707 -73.52 23.64 26.82
N TRP L 707 -73.52 23.63 26.81
CA TRP L 707 -72.72 22.49 26.37
CA TRP L 707 -72.71 22.49 26.39
C TRP L 707 -71.38 23.05 25.86
C TRP L 707 -71.39 23.05 25.87
N ILE L 708 -70.40 23.11 26.75
CA ILE L 708 -69.11 23.73 26.43
C ILE L 708 -68.01 22.95 27.14
N GLY L 709 -66.89 22.77 26.44
CA GLY L 709 -65.72 22.17 27.03
C GLY L 709 -64.85 23.18 27.75
N ILE L 710 -64.01 22.68 28.65
CA ILE L 710 -63.19 23.57 29.47
C ILE L 710 -62.15 24.28 28.63
N LYS L 711 -61.59 23.59 27.63
CA LYS L 711 -60.49 24.18 26.86
C LYS L 711 -60.97 25.33 25.99
N LYS L 712 -62.20 25.26 25.48
CA LYS L 712 -62.73 26.33 24.64
C LYS L 712 -63.19 27.53 25.45
N LEU L 713 -63.52 27.34 26.73
CA LEU L 713 -63.97 28.44 27.56
C LEU L 713 -62.87 29.48 27.73
N LEU L 714 -61.62 29.04 27.92
CA LEU L 714 -60.51 29.97 28.04
C LEU L 714 -60.33 30.76 26.75
N MET L 715 -60.47 30.10 25.60
CA MET L 715 -60.36 30.80 24.32
C MET L 715 -61.44 31.86 24.19
N LEU L 716 -62.68 31.52 24.55
CA LEU L 716 -63.76 32.48 24.47
C LEU L 716 -63.51 33.68 25.39
N ILE L 717 -63.04 33.41 26.61
CA ILE L 717 -62.77 34.51 27.54
C ILE L 717 -61.69 35.43 26.99
N GLU L 718 -60.61 34.89 26.48
CA GLU L 718 -59.48 35.72 25.97
C GLU L 718 -59.95 36.45 24.72
N MET L 719 -60.83 35.87 23.91
CA MET L 719 -61.35 36.59 22.75
C MET L 719 -62.22 37.76 23.19
N SER L 720 -63.06 37.55 24.21
CA SER L 720 -63.95 38.60 24.67
C SER L 720 -63.18 39.74 25.34
N LEU L 721 -62.08 39.45 26.03
CA LEU L 721 -61.36 40.49 26.74
C LEU L 721 -60.74 41.54 25.83
N GLN L 722 -60.70 41.35 24.53
CA GLN L 722 -59.99 42.29 23.63
C GLN L 722 -60.92 43.44 23.25
N MET L 723 -62.22 43.36 23.59
CA MET L 723 -63.12 44.47 23.31
C MET L 723 -62.92 45.58 24.35
N ASP L 724 -63.67 46.66 24.18
CA ASP L 724 -63.64 47.76 25.12
C ASP L 724 -64.42 47.40 26.38
N PRO L 725 -64.18 48.11 27.49
CA PRO L 725 -64.84 47.73 28.75
C PRO L 725 -66.37 47.73 28.65
N GLU L 726 -66.95 48.55 27.78
CA GLU L 726 -68.40 48.60 27.66
C GLU L 726 -68.96 47.48 26.79
N TYR L 727 -68.11 46.77 26.05
CA TYR L 727 -68.57 45.73 25.14
C TYR L 727 -67.86 44.40 25.39
N ARG L 728 -67.76 43.98 26.65
CA ARG L 728 -67.13 42.72 26.99
C ARG L 728 -68.14 41.62 27.32
N VAL L 729 -69.11 41.92 28.17
CA VAL L 729 -70.14 40.92 28.49
C VAL L 729 -70.98 40.62 27.25
N ARG L 730 -71.28 41.64 26.46
CA ARG L 730 -72.08 41.43 25.25
C ARG L 730 -71.37 40.50 24.27
N LYS L 731 -70.08 40.73 24.04
CA LYS L 731 -69.33 39.87 23.13
C LYS L 731 -69.26 38.45 23.64
N PHE L 732 -69.00 38.29 24.95
CA PHE L 732 -68.94 36.96 25.53
C PHE L 732 -70.27 36.22 25.38
N LEU L 733 -71.37 36.91 25.66
CA LEU L 733 -72.67 36.28 25.51
C LEU L 733 -72.97 35.93 24.06
N ALA L 734 -72.60 36.82 23.12
CA ALA L 734 -72.82 36.53 21.71
C ALA L 734 -72.04 35.29 21.28
N LEU L 735 -70.77 35.19 21.69
CA LEU L 735 -69.99 34.00 21.37
C LEU L 735 -70.62 32.76 21.97
N LEU L 736 -71.08 32.84 23.22
CA LEU L 736 -71.70 31.68 23.86
C LEU L 736 -72.94 31.24 23.10
N ARG L 737 -73.77 32.19 22.67
CA ARG L 737 -74.95 31.85 21.87
C ARG L 737 -74.53 31.18 20.55
N GLU L 738 -73.54 31.77 19.88
CA GLU L 738 -73.11 31.22 18.60
C GLU L 738 -72.49 29.84 18.74
N GLU L 739 -72.00 29.49 19.93
CA GLU L 739 -71.40 28.18 20.13
C GLU L 739 -72.40 27.07 19.85
N GLY L 740 -73.63 27.21 20.34
CA GLY L 740 -74.65 26.21 20.14
C GLY L 740 -74.52 25.06 21.13
N ALA L 741 -75.36 24.05 20.93
CA ALA L 741 -75.38 22.88 21.79
C ALA L 741 -75.88 21.68 21.00
N SER L 742 -75.41 20.50 21.38
CA SER L 742 -75.80 19.27 20.72
C SER L 742 -75.50 18.06 21.61
N PRO L 743 -76.24 17.88 22.71
CA PRO L 743 -76.02 16.74 23.62
C PRO L 743 -76.10 15.39 22.90
N MET M 4 55.51 -64.94 -1.09
CA MET M 4 56.01 -66.19 -0.45
C MET M 4 56.77 -65.88 0.84
N ALA M 5 57.97 -65.35 0.69
CA ALA M 5 58.83 -65.02 1.82
C ALA M 5 58.71 -63.57 2.26
N GLY M 6 57.87 -62.77 1.61
CA GLY M 6 57.73 -61.37 1.96
C GLY M 6 58.65 -60.44 1.21
N ARG M 7 58.99 -60.75 -0.04
CA ARG M 7 59.88 -59.91 -0.80
C ARG M 7 59.16 -58.63 -1.24
N SER M 8 59.95 -57.57 -1.43
CA SER M 8 59.41 -56.27 -1.81
C SER M 8 59.12 -56.23 -3.30
N MET M 9 57.94 -55.69 -3.65
CA MET M 9 57.58 -55.46 -5.04
C MET M 9 56.81 -54.15 -5.17
N GLN M 10 56.22 -53.87 -6.33
CA GLN M 10 55.62 -52.58 -6.61
C GLN M 10 54.21 -52.75 -7.15
N ALA M 11 53.33 -51.83 -6.75
CA ALA M 11 51.98 -51.77 -7.29
C ALA M 11 51.99 -51.14 -8.68
N ALA M 12 51.09 -51.62 -9.54
CA ALA M 12 51.02 -51.15 -10.92
C ALA M 12 49.56 -51.07 -11.34
N ARG M 13 49.33 -50.46 -12.50
CA ARG M 13 47.99 -50.31 -13.03
C ARG M 13 47.52 -51.62 -13.66
N CYS M 14 46.20 -51.75 -13.76
CA CYS M 14 45.63 -52.97 -14.33
C CYS M 14 46.00 -53.08 -15.81
N PRO M 15 46.31 -54.28 -16.30
CA PRO M 15 46.65 -54.40 -17.73
C PRO M 15 45.45 -54.27 -18.65
N THR M 16 44.33 -54.89 -18.29
CA THR M 16 43.12 -54.86 -19.10
C THR M 16 41.91 -54.70 -18.21
N ASP M 17 40.83 -54.17 -18.78
CA ASP M 17 39.60 -53.97 -18.03
C ASP M 17 38.99 -55.28 -17.58
N GLU M 18 39.04 -56.31 -18.43
CA GLU M 18 38.44 -57.59 -18.07
C GLU M 18 39.12 -58.19 -16.85
N LEU M 19 40.45 -58.14 -16.80
CA LEU M 19 41.17 -58.67 -15.64
C LEU M 19 40.86 -57.87 -14.39
N SER M 20 40.78 -56.54 -14.50
CA SER M 20 40.45 -55.72 -13.34
C SER M 20 39.07 -56.05 -12.80
N LEU M 21 38.09 -56.21 -13.70
CA LEU M 21 36.74 -56.56 -13.27
C LEU M 21 36.66 -57.94 -12.66
N SER M 22 37.66 -58.79 -12.89
CA SER M 22 37.67 -60.12 -12.29
C SER M 22 37.87 -60.09 -10.78
N ASN M 23 38.23 -58.94 -10.21
CA ASN M 23 38.47 -58.76 -8.79
C ASN M 23 39.69 -59.53 -8.30
N CYS M 24 40.51 -60.06 -9.19
CA CYS M 24 41.70 -60.82 -8.84
C CYS M 24 42.93 -60.02 -9.22
N ALA M 25 43.85 -59.85 -8.28
CA ALA M 25 45.07 -59.11 -8.55
C ALA M 25 45.89 -59.83 -9.62
N VAL M 26 46.32 -59.07 -10.61
CA VAL M 26 47.09 -59.64 -11.73
C VAL M 26 48.56 -59.67 -11.34
N VAL M 27 49.19 -60.83 -11.54
CA VAL M 27 50.59 -61.03 -11.24
C VAL M 27 51.28 -61.65 -12.45
N SER M 28 52.59 -61.44 -12.53
CA SER M 28 53.36 -61.98 -13.65
C SER M 28 53.32 -63.50 -13.65
N GLU M 29 53.26 -64.09 -14.84
CA GLU M 29 53.21 -65.53 -14.97
C GLU M 29 54.47 -66.21 -14.44
N LYS M 30 55.58 -65.48 -14.36
CA LYS M 30 56.86 -66.07 -13.93
C LYS M 30 56.97 -66.22 -12.42
N ASP M 31 56.10 -65.56 -11.64
CA ASP M 31 56.24 -65.52 -10.19
C ASP M 31 55.34 -66.54 -9.50
N TYR M 32 54.03 -66.48 -9.73
CA TYR M 32 53.09 -67.34 -9.03
C TYR M 32 52.06 -67.88 -10.02
N GLN M 33 51.26 -68.82 -9.53
CA GLN M 33 50.22 -69.45 -10.33
C GLN M 33 48.85 -69.03 -9.82
N SER M 34 47.87 -69.03 -10.72
CA SER M 34 46.51 -68.65 -10.34
C SER M 34 45.95 -69.59 -9.29
N GLY M 35 45.16 -69.06 -8.38
CA GLY M 35 44.57 -69.82 -7.30
C GLY M 35 45.23 -69.66 -5.95
N GLN M 36 46.44 -69.09 -5.92
CA GLN M 36 47.14 -68.86 -4.65
C GLN M 36 46.61 -67.59 -3.99
N HIS M 37 46.95 -67.44 -2.71
CA HIS M 37 46.54 -66.28 -1.92
C HIS M 37 47.75 -65.67 -1.24
N VAL M 38 47.82 -64.34 -1.22
CA VAL M 38 48.92 -63.63 -0.60
C VAL M 38 48.36 -62.54 0.30
N ILE M 39 48.91 -62.41 1.50
CA ILE M 39 48.50 -61.38 2.45
C ILE M 39 49.47 -60.22 2.27
N VAL M 40 49.06 -59.25 1.44
CA VAL M 40 49.90 -58.08 1.21
C VAL M 40 50.01 -57.28 2.49
N ARG M 41 51.25 -56.93 2.87
CA ARG M 41 51.53 -56.20 4.10
C ARG M 41 52.04 -54.82 3.72
N THR M 42 51.24 -53.79 3.99
CA THR M 42 51.63 -52.41 3.67
C THR M 42 52.31 -51.74 4.87
N SER M 43 51.67 -51.79 6.03
CA SER M 43 52.23 -51.24 7.26
C SER M 43 52.32 -52.35 8.29
N PRO M 44 52.97 -52.11 9.43
CA PRO M 44 53.02 -53.16 10.47
C PRO M 44 51.65 -53.56 10.98
N ASN M 45 50.64 -52.71 10.81
CA ASN M 45 49.28 -53.00 11.24
C ASN M 45 48.29 -52.92 10.08
N HIS M 46 48.76 -53.17 8.86
CA HIS M 46 47.90 -53.14 7.67
C HIS M 46 48.27 -54.32 6.78
N LYS M 47 47.41 -55.34 6.77
CA LYS M 47 47.62 -56.54 5.96
C LYS M 47 46.29 -56.96 5.36
N TYR M 48 46.24 -57.05 4.05
CA TYR M 48 45.02 -57.37 3.30
C TYR M 48 45.25 -58.59 2.43
N ILE M 49 44.29 -59.51 2.45
CA ILE M 49 44.39 -60.73 1.65
C ILE M 49 44.02 -60.44 0.21
N PHE M 50 44.68 -61.11 -0.73
CA PHE M 50 44.35 -60.99 -2.14
C PHE M 50 44.65 -62.30 -2.84
N THR M 51 44.03 -62.48 -4.00
CA THR M 51 44.22 -63.66 -4.83
C THR M 51 45.00 -63.27 -6.08
N LEU M 52 45.79 -64.21 -6.59
CA LEU M 52 46.67 -63.97 -7.72
C LEU M 52 46.10 -64.62 -8.97
N ARG M 53 46.08 -63.88 -10.07
CA ARG M 53 45.72 -64.41 -11.38
C ARG M 53 46.80 -64.01 -12.37
N THR M 54 47.17 -64.93 -13.25
CA THR M 54 48.27 -64.73 -14.18
C THR M 54 47.74 -64.26 -15.53
N HIS M 55 48.30 -63.17 -16.04
CA HIS M 55 47.95 -62.60 -17.33
C HIS M 55 49.23 -62.27 -18.08
N PRO M 56 49.22 -62.36 -19.41
CA PRO M 56 50.42 -61.98 -20.17
C PRO M 56 50.85 -60.55 -19.88
N SER M 57 52.06 -60.22 -20.33
CA SER M 57 52.63 -58.89 -20.12
C SER M 57 52.86 -58.64 -18.64
N VAL M 58 52.99 -57.37 -18.26
CA VAL M 58 53.25 -56.97 -16.88
C VAL M 58 54.65 -57.45 -16.50
N VAL M 59 55.54 -56.51 -16.19
CA VAL M 59 56.92 -56.86 -15.88
C VAL M 59 56.97 -57.70 -14.61
N PRO M 60 57.74 -58.78 -14.57
CA PRO M 60 57.84 -59.56 -13.33
C PRO M 60 58.37 -58.71 -12.19
N GLY M 61 57.88 -58.99 -10.98
CA GLY M 61 58.24 -58.25 -9.80
C GLY M 61 57.27 -57.16 -9.40
N SER M 62 56.16 -57.01 -10.12
CA SER M 62 55.14 -56.02 -9.79
C SER M 62 53.77 -56.66 -9.88
N VAL M 63 52.85 -56.15 -9.07
CA VAL M 63 51.47 -56.63 -9.02
C VAL M 63 50.54 -55.51 -9.46
N ALA M 64 49.65 -55.81 -10.40
CA ALA M 64 48.72 -54.82 -10.92
C ALA M 64 47.42 -54.87 -10.12
N PHE M 65 46.93 -53.70 -9.71
CA PHE M 65 45.70 -53.58 -8.94
C PHE M 65 44.74 -52.65 -9.63
N SER M 66 43.45 -52.91 -9.46
CA SER M 66 42.42 -52.05 -10.01
C SER M 66 42.09 -50.91 -9.03
N LEU M 67 41.30 -49.96 -9.50
CA LEU M 67 40.98 -48.79 -8.68
C LEU M 67 40.36 -49.18 -7.35
N PRO M 68 39.37 -50.07 -7.28
CA PRO M 68 38.81 -50.43 -5.96
C PRO M 68 39.84 -50.98 -4.99
N GLN M 69 40.77 -51.81 -5.47
CA GLN M 69 41.77 -52.39 -4.58
C GLN M 69 42.73 -51.33 -4.06
N ARG M 70 43.20 -50.44 -4.93
CA ARG M 70 44.08 -49.37 -4.47
C ARG M 70 43.37 -48.45 -3.50
N LYS M 71 42.09 -48.15 -3.76
CA LYS M 71 41.33 -47.32 -2.83
C LYS M 71 41.17 -48.00 -1.48
N TRP M 72 40.88 -49.31 -1.48
CA TRP M 72 40.68 -50.02 -0.23
C TRP M 72 41.97 -50.10 0.57
N ALA M 73 43.07 -50.47 -0.08
CA ALA M 73 44.36 -50.61 0.59
C ALA M 73 45.20 -49.33 0.54
N GLY M 74 44.75 -48.30 -0.18
CA GLY M 74 45.45 -47.04 -0.20
C GLY M 74 46.87 -47.12 -0.73
N LEU M 75 47.05 -47.82 -1.84
CA LEU M 75 48.35 -47.95 -2.47
C LEU M 75 48.51 -46.92 -3.59
N SER M 76 49.73 -46.41 -3.74
CA SER M 76 50.06 -45.46 -4.80
C SER M 76 51.09 -46.09 -5.73
N ILE M 77 51.01 -45.71 -7.00
CA ILE M 77 51.91 -46.28 -8.01
C ILE M 77 53.35 -45.96 -7.64
N GLY M 78 54.20 -46.99 -7.68
CA GLY M 78 55.59 -46.85 -7.33
C GLY M 78 55.91 -47.09 -5.86
N GLN M 79 54.90 -47.27 -5.02
CA GLN M 79 55.12 -47.49 -3.60
C GLN M 79 55.62 -48.90 -3.34
N GLU M 80 56.54 -49.02 -2.38
CA GLU M 80 57.03 -50.33 -1.97
C GLU M 80 55.95 -51.09 -1.23
N ILE M 81 55.91 -52.40 -1.43
CA ILE M 81 54.91 -53.25 -0.79
C ILE M 81 55.51 -54.63 -0.55
N GLU M 82 55.12 -55.24 0.56
CA GLU M 82 55.57 -56.57 0.95
C GLU M 82 54.43 -57.56 0.72
N VAL M 83 54.74 -58.66 0.05
CA VAL M 83 53.76 -59.69 -0.30
C VAL M 83 54.24 -61.03 0.24
N ALA M 84 53.38 -61.71 1.01
CA ALA M 84 53.69 -63.02 1.55
C ALA M 84 52.50 -63.94 1.32
N LEU M 85 52.79 -65.22 1.09
CA LEU M 85 51.74 -66.19 0.83
C LEU M 85 50.87 -66.39 2.05
N TYR M 86 49.59 -66.67 1.81
CA TYR M 86 48.61 -66.89 2.85
C TYR M 86 47.98 -68.27 2.69
N SER M 87 47.83 -68.98 3.80
CA SER M 87 47.26 -70.32 3.81
C SER M 87 45.95 -70.29 4.57
N PHE M 88 44.92 -70.93 4.01
CA PHE M 88 43.59 -70.92 4.59
C PHE M 88 43.39 -72.13 5.49
N ASP M 89 42.66 -71.92 6.59
CA ASP M 89 42.27 -72.99 7.51
C ASP M 89 40.83 -73.38 7.15
N LYS M 90 40.68 -74.53 6.47
CA LYS M 90 39.36 -74.94 6.02
C LYS M 90 38.42 -75.21 7.18
N ALA M 91 38.95 -75.64 8.32
CA ALA M 91 38.09 -76.01 9.44
C ALA M 91 37.31 -74.80 9.97
N LYS M 92 37.84 -73.60 9.82
CA LYS M 92 37.22 -72.40 10.36
C LYS M 92 36.98 -71.32 9.32
N GLN M 93 37.87 -71.18 8.34
CA GLN M 93 37.77 -70.11 7.37
C GLN M 93 36.73 -70.36 6.29
N CYS M 94 36.18 -71.57 6.21
CA CYS M 94 35.16 -71.85 5.20
C CYS M 94 33.98 -70.91 5.38
N ILE M 95 33.53 -70.32 4.28
CA ILE M 95 32.46 -69.34 4.29
C ILE M 95 31.16 -70.04 3.93
N GLY M 96 30.18 -69.98 4.83
CA GLY M 96 28.87 -70.52 4.56
C GLY M 96 27.90 -69.46 4.08
N THR M 97 28.05 -68.24 4.60
CA THR M 97 27.22 -67.12 4.20
C THR M 97 28.00 -65.84 4.40
N MET M 98 27.60 -64.81 3.65
CA MET M 98 28.24 -63.49 3.73
C MET M 98 27.17 -62.41 3.69
N THR M 99 27.50 -61.26 4.26
CA THR M 99 26.63 -60.09 4.26
C THR M 99 27.30 -58.97 3.49
N ILE M 100 26.59 -58.44 2.49
CA ILE M 100 27.14 -57.42 1.60
C ILE M 100 26.13 -56.28 1.48
N GLU M 101 26.64 -55.04 1.56
CA GLU M 101 25.84 -53.84 1.31
C GLU M 101 26.07 -53.40 -0.12
N ILE M 102 24.97 -53.16 -0.84
CA ILE M 102 25.01 -52.84 -2.26
C ILE M 102 24.50 -51.42 -2.45
N ASP M 103 25.21 -50.63 -3.26
CA ASP M 103 24.81 -49.26 -3.54
C ASP M 103 25.12 -48.97 -5.01
N PHE M 104 24.52 -47.89 -5.51
CA PHE M 104 24.79 -47.46 -6.88
C PHE M 104 26.22 -46.98 -7.02
N LEU M 105 26.88 -47.41 -8.10
CA LEU M 105 28.24 -46.99 -8.38
C LEU M 105 28.30 -45.68 -9.15
N GLN M 106 27.34 -45.45 -10.05
CA GLN M 106 27.29 -44.23 -10.85
C GLN M 106 25.91 -43.61 -10.70
N LYS M 107 25.87 -42.31 -10.42
CA LYS M 107 24.61 -41.60 -10.28
C LYS M 107 23.88 -41.38 -11.60
N LYS M 108 24.57 -41.58 -12.74
CA LYS M 108 23.92 -41.40 -14.03
C LYS M 108 22.90 -42.50 -14.29
N ASN M 109 23.17 -43.71 -13.81
CA ASN M 109 22.36 -44.88 -14.14
C ASN M 109 21.37 -45.24 -13.03
N ILE M 110 20.83 -44.24 -12.34
CA ILE M 110 19.81 -44.47 -11.33
C ILE M 110 18.48 -44.74 -12.00
N ASP M 111 17.73 -45.72 -11.48
CA ASP M 111 16.42 -46.04 -12.01
C ASP M 111 15.61 -46.71 -10.92
N SER M 112 14.28 -46.73 -11.11
CA SER M 112 13.35 -47.28 -10.15
C SER M 112 12.87 -48.67 -10.53
N ASN M 113 13.53 -49.33 -11.49
CA ASN M 113 13.09 -50.64 -11.92
C ASN M 113 13.23 -51.65 -10.77
N PRO M 114 12.34 -52.64 -10.70
CA PRO M 114 12.51 -53.67 -9.66
C PRO M 114 13.78 -54.46 -9.87
N TYR M 115 14.36 -54.92 -8.76
CA TYR M 115 15.61 -55.67 -8.78
C TYR M 115 15.35 -57.06 -8.19
N ASP M 116 15.58 -58.09 -9.00
CA ASP M 116 15.41 -59.48 -8.57
C ASP M 116 16.61 -59.87 -7.72
N THR M 117 16.46 -59.78 -6.41
CA THR M 117 17.60 -60.02 -5.51
C THR M 117 18.09 -61.45 -5.62
N ASP M 118 17.18 -62.42 -5.58
CA ASP M 118 17.58 -63.82 -5.61
C ASP M 118 18.25 -64.18 -6.94
N LYS M 119 17.72 -63.69 -8.05
CA LYS M 119 18.28 -64.01 -9.36
C LYS M 119 19.78 -63.71 -9.40
N MET M 120 20.18 -62.58 -8.81
CA MET M 120 21.59 -62.19 -8.86
C MET M 120 22.44 -63.05 -7.94
N ALA M 121 21.87 -63.59 -6.85
CA ALA M 121 22.67 -64.31 -5.87
C ALA M 121 23.47 -65.42 -6.53
N ALA M 122 22.81 -66.28 -7.31
CA ALA M 122 23.52 -67.35 -7.98
C ALA M 122 24.66 -66.80 -8.83
N GLU M 123 24.40 -65.71 -9.55
CA GLU M 123 25.43 -65.11 -10.39
C GLU M 123 26.68 -64.82 -9.56
N PHE M 124 26.51 -64.28 -8.36
CA PHE M 124 27.66 -64.02 -7.49
C PHE M 124 28.47 -65.30 -7.29
N ILE M 125 27.77 -66.39 -6.94
CA ILE M 125 28.46 -67.67 -6.80
C ILE M 125 29.14 -68.05 -8.11
N GLN M 126 28.45 -67.81 -9.23
CA GLN M 126 29.03 -68.13 -10.54
C GLN M 126 30.27 -67.30 -10.83
N GLN M 127 30.45 -66.17 -10.17
CA GLN M 127 31.52 -65.25 -10.55
C GLN M 127 32.84 -65.58 -9.84
N PHE M 128 32.84 -65.54 -8.52
CA PHE M 128 34.07 -65.63 -7.73
C PHE M 128 34.03 -66.79 -6.75
N ASN M 129 33.53 -67.94 -7.17
CA ASN M 129 33.55 -69.11 -6.32
C ASN M 129 34.99 -69.57 -6.08
N ASN M 130 35.26 -70.05 -4.87
CA ASN M 130 36.58 -70.52 -4.46
C ASN M 130 37.60 -69.39 -4.33
N GLN M 131 37.15 -68.14 -4.38
CA GLN M 131 38.04 -66.98 -4.29
C GLN M 131 37.96 -66.41 -2.88
N ALA M 132 39.13 -66.04 -2.35
CA ALA M 132 39.21 -65.53 -0.98
C ALA M 132 38.50 -64.19 -0.87
N PHE M 133 37.77 -64.01 0.23
CA PHE M 133 37.09 -62.76 0.54
C PHE M 133 37.33 -62.41 2.00
N SER M 134 37.59 -61.12 2.25
CA SER M 134 37.87 -60.63 3.59
C SER M 134 36.85 -59.56 3.98
N VAL M 135 36.61 -59.43 5.28
CA VAL M 135 35.67 -58.43 5.77
C VAL M 135 36.21 -57.04 5.46
N GLY M 136 35.32 -56.17 5.01
CA GLY M 136 35.69 -54.81 4.68
C GLY M 136 36.25 -54.61 3.28
N GLN M 137 36.21 -55.63 2.44
CA GLN M 137 36.69 -55.50 1.07
C GLN M 137 35.64 -54.84 0.20
N GLN M 138 36.03 -53.79 -0.51
CA GLN M 138 35.14 -53.05 -1.40
C GLN M 138 35.38 -53.48 -2.83
N LEU M 139 34.30 -53.79 -3.55
CA LEU M 139 34.42 -54.34 -4.89
C LEU M 139 33.33 -53.76 -5.79
N VAL M 140 33.47 -54.01 -7.09
CA VAL M 140 32.48 -53.62 -8.09
C VAL M 140 31.67 -54.85 -8.45
N PHE M 141 30.42 -54.61 -8.83
CA PHE M 141 29.49 -55.69 -9.16
C PHE M 141 28.74 -55.30 -10.43
N SER M 142 28.64 -56.25 -11.35
CA SER M 142 28.11 -56.00 -12.70
C SER M 142 26.77 -56.74 -12.84
N PHE M 143 25.68 -56.02 -12.61
CA PHE M 143 24.36 -56.51 -12.92
C PHE M 143 24.04 -56.25 -14.39
N ASN M 144 22.89 -56.73 -14.85
CA ASN M 144 22.52 -56.56 -16.25
C ASN M 144 22.51 -55.08 -16.62
N ASP M 145 23.48 -54.66 -17.43
CA ASP M 145 23.60 -53.26 -17.85
C ASP M 145 23.63 -52.33 -16.65
N LYS M 146 24.23 -52.78 -15.56
CA LYS M 146 24.26 -52.02 -14.31
C LYS M 146 25.59 -52.22 -13.62
N LEU M 147 26.15 -51.14 -13.08
CA LEU M 147 27.37 -51.18 -12.28
C LEU M 147 27.06 -50.67 -10.88
N PHE M 148 27.41 -51.47 -9.86
CA PHE M 148 27.14 -51.13 -8.48
C PHE M 148 28.39 -51.38 -7.64
N GLY M 149 28.40 -50.80 -6.44
CA GLY M 149 29.47 -50.99 -5.48
C GLY M 149 29.00 -51.86 -4.33
N LEU M 150 29.84 -52.83 -3.95
CA LEU M 150 29.56 -53.76 -2.88
C LEU M 150 30.59 -53.62 -1.78
N LEU M 151 30.12 -53.66 -0.54
CA LEU M 151 30.99 -53.57 0.63
C LEU M 151 30.67 -54.73 1.56
N VAL M 152 31.70 -55.44 2.01
CA VAL M 152 31.52 -56.56 2.93
C VAL M 152 31.37 -56.01 4.34
N LYS M 153 30.29 -56.40 5.02
CA LYS M 153 30.00 -55.96 6.38
C LYS M 153 30.07 -57.08 7.40
N ASP M 154 29.67 -58.30 7.04
CA ASP M 154 29.67 -59.41 7.98
C ASP M 154 29.88 -60.71 7.21
N ILE M 155 30.39 -61.71 7.93
CA ILE M 155 30.64 -63.04 7.38
C ILE M 155 30.17 -64.08 8.38
N GLU M 156 29.40 -65.05 7.90
CA GLU M 156 28.90 -66.15 8.73
C GLU M 156 29.41 -67.47 8.18
N ALA M 157 29.86 -68.33 9.10
CA ALA M 157 30.39 -69.64 8.72
C ALA M 157 29.26 -70.55 8.24
N LYS M 174 32.33 -65.21 13.63
CA LYS M 174 32.67 -64.19 12.65
C LYS M 174 34.18 -64.13 12.45
N ILE M 175 34.61 -64.17 11.19
CA ILE M 175 36.02 -64.24 10.83
C ILE M 175 36.37 -63.03 9.97
N GLU M 176 37.65 -62.67 9.98
CA GLU M 176 38.11 -61.53 9.19
C GLU M 176 38.34 -61.91 7.73
N VAL M 177 38.63 -63.18 7.44
CA VAL M 177 38.91 -63.63 6.08
C VAL M 177 38.42 -65.07 5.92
N GLY M 178 38.01 -65.41 4.72
CA GLY M 178 37.53 -66.75 4.43
C GLY M 178 37.57 -67.04 2.95
N LEU M 179 37.17 -68.25 2.60
CA LEU M 179 37.10 -68.70 1.22
C LEU M 179 35.63 -68.93 0.86
N VAL M 180 35.15 -68.21 -0.16
CA VAL M 180 33.76 -68.30 -0.54
C VAL M 180 33.50 -69.64 -1.23
N VAL M 181 32.30 -70.19 -1.01
CA VAL M 181 31.88 -71.45 -1.60
C VAL M 181 30.52 -71.23 -2.27
N GLY M 182 29.95 -72.31 -2.79
CA GLY M 182 28.73 -72.24 -3.56
C GLY M 182 27.44 -72.16 -2.78
N ASN M 183 27.50 -72.29 -1.45
CA ASN M 183 26.30 -72.26 -0.61
C ASN M 183 26.02 -70.88 -0.04
N SER M 184 26.77 -69.87 -0.44
CA SER M 184 26.64 -68.53 0.13
C SER M 184 25.34 -67.90 -0.34
N GLN M 185 24.35 -67.82 0.55
CA GLN M 185 23.10 -67.09 0.30
C GLN M 185 23.27 -65.71 0.92
N VAL M 186 23.66 -64.75 0.08
CA VAL M 186 24.01 -63.41 0.54
C VAL M 186 22.76 -62.53 0.50
N ALA M 187 22.42 -61.93 1.63
CA ALA M 187 21.28 -61.04 1.73
C ALA M 187 21.75 -59.60 1.54
N PHE M 188 21.08 -58.86 0.66
CA PHE M 188 21.46 -57.50 0.32
C PHE M 188 20.39 -56.54 0.83
N GLU M 189 20.83 -55.42 1.41
CA GLU M 189 19.94 -54.38 1.89
C GLU M 189 20.47 -53.03 1.46
N LYS M 190 19.58 -52.16 0.98
CA LYS M 190 19.97 -50.82 0.59
C LYS M 190 19.99 -49.90 1.81
N ALA M 191 20.73 -48.81 1.68
CA ALA M 191 20.86 -47.85 2.77
C ALA M 191 21.55 -46.59 2.24
N GLU M 192 21.48 -45.53 3.05
CA GLU M 192 22.19 -44.28 2.79
C GLU M 192 21.78 -43.69 1.44
N ASN M 193 20.51 -43.29 1.38
CA ASN M 193 19.89 -42.62 0.24
C ASN M 193 19.78 -43.51 -0.99
N SER M 194 19.92 -44.82 -0.84
CA SER M 194 19.84 -45.73 -1.98
C SER M 194 18.39 -45.88 -2.42
N SER M 195 18.12 -45.56 -3.69
CA SER M 195 16.79 -45.66 -4.26
C SER M 195 16.52 -47.01 -4.90
N LEU M 196 17.31 -48.03 -4.56
CA LEU M 196 17.11 -49.36 -5.13
C LEU M 196 15.70 -49.85 -4.84
N ASN M 197 15.04 -50.37 -5.88
CA ASN M 197 13.71 -50.94 -5.74
C ASN M 197 13.86 -52.45 -5.64
N LEU M 198 14.30 -52.90 -4.46
CA LEU M 198 14.60 -54.30 -4.23
C LEU M 198 13.32 -55.12 -4.12
N ILE M 199 13.27 -56.25 -4.82
CA ILE M 199 12.15 -57.18 -4.75
C ILE M 199 12.71 -58.59 -4.61
N GLY M 200 11.85 -59.50 -4.18
CA GLY M 200 12.20 -60.89 -4.00
C GLY M 200 12.30 -61.25 -2.52
N LYS M 201 12.64 -62.52 -2.29
CA LYS M 201 12.73 -63.06 -0.94
C LYS M 201 14.11 -62.86 -0.32
N ALA M 202 15.14 -62.59 -1.13
CA ALA M 202 16.47 -62.40 -0.58
C ALA M 202 16.61 -61.07 0.15
N LYS M 203 15.80 -60.07 -0.21
CA LYS M 203 15.83 -58.80 0.49
C LYS M 203 15.29 -58.97 1.91
N THR M 204 15.94 -58.30 2.86
CA THR M 204 15.56 -58.39 4.26
C THR M 204 14.56 -57.30 4.60
N LYS M 205 13.46 -57.68 5.26
CA LYS M 205 12.42 -56.76 5.68
C LYS M 205 12.35 -56.80 7.20
N GLU M 206 12.86 -55.75 7.84
CA GLU M 206 12.89 -55.69 9.31
C GLU M 206 12.76 -54.24 9.73
N ASN M 207 11.65 -53.90 10.39
CA ASN M 207 11.43 -52.56 10.89
C ASN M 207 10.14 -52.56 11.70
N ARG M 208 10.05 -51.62 12.64
CA ARG M 208 8.88 -51.46 13.51
C ARG M 208 8.33 -50.05 13.31
N GLN M 209 7.38 -49.92 12.38
CA GLN M 209 6.76 -48.63 12.15
C GLN M 209 5.86 -48.24 13.31
N SER M 210 5.08 -49.19 13.83
CA SER M 210 4.25 -48.97 15.01
C SER M 210 3.21 -47.88 14.75
N ILE M 211 3.67 -46.65 14.56
CA ILE M 211 2.79 -45.50 14.34
C ILE M 211 2.04 -45.20 15.63
N ILE M 212 1.23 -46.14 16.10
CA ILE M 212 0.48 -45.99 17.33
C ILE M 212 1.37 -46.49 18.48
N ASN M 213 1.84 -45.56 19.30
CA ASN M 213 2.66 -45.95 20.44
C ASN M 213 1.83 -46.77 21.42
N PRO M 214 2.33 -47.92 21.89
CA PRO M 214 1.54 -48.74 22.81
C PRO M 214 1.32 -48.04 24.14
N ASP M 215 0.49 -48.67 24.97
CA ASP M 215 0.13 -48.12 26.27
C ASP M 215 -0.58 -46.78 26.13
N TRP M 216 -1.71 -46.79 25.42
CA TRP M 216 -2.47 -45.58 25.16
C TRP M 216 -3.93 -45.99 24.94
N ASN M 217 -4.81 -45.48 25.79
CA ASN M 217 -6.23 -45.82 25.77
C ASN M 217 -7.06 -44.54 25.78
N PHE M 218 -8.29 -44.66 25.28
CA PHE M 218 -9.12 -43.48 25.05
C PHE M 218 -9.39 -42.70 26.33
N GLU M 219 -9.69 -43.41 27.43
CA GLU M 219 -10.14 -42.72 28.63
C GLU M 219 -9.03 -41.89 29.26
N LYS M 220 -7.82 -42.43 29.37
CA LYS M 220 -6.76 -41.73 30.08
C LYS M 220 -6.42 -40.40 29.42
N MET M 221 -6.68 -40.26 28.11
CA MET M 221 -6.37 -39.01 27.42
C MET M 221 -7.17 -37.86 28.00
N GLY M 222 -8.47 -38.06 28.18
CA GLY M 222 -9.31 -37.03 28.75
C GLY M 222 -10.49 -36.66 27.87
N ILE M 223 -10.41 -37.00 26.58
CA ILE M 223 -11.49 -36.68 25.67
C ILE M 223 -12.78 -37.30 26.18
N GLY M 224 -13.90 -36.62 25.94
CA GLY M 224 -15.18 -37.05 26.46
C GLY M 224 -15.96 -37.91 25.49
N GLY M 225 -17.22 -37.55 25.28
CA GLY M 225 -18.13 -38.38 24.52
C GLY M 225 -18.15 -38.14 23.03
N LEU M 226 -17.12 -38.61 22.30
CA LEU M 226 -17.16 -38.61 20.85
C LEU M 226 -17.21 -40.04 20.32
N ASP M 227 -16.18 -40.84 20.56
CA ASP M 227 -16.23 -42.29 20.42
C ASP M 227 -16.63 -42.76 19.01
N LYS M 228 -16.90 -41.84 18.09
CA LYS M 228 -17.25 -42.21 16.73
C LYS M 228 -16.39 -41.45 15.73
N GLU M 229 -16.16 -40.17 16.01
CA GLU M 229 -15.27 -39.38 15.17
C GLU M 229 -13.87 -39.94 15.19
N PHE M 230 -13.41 -40.39 16.37
CA PHE M 230 -12.12 -41.05 16.46
C PHE M 230 -12.09 -42.33 15.63
N SER M 231 -13.17 -43.12 15.68
CA SER M 231 -13.20 -44.34 14.89
C SER M 231 -13.10 -44.04 13.41
N ASP M 232 -13.86 -43.05 12.94
CA ASP M 232 -13.81 -42.69 11.52
C ASP M 232 -12.43 -42.18 11.12
N ILE M 233 -11.85 -41.30 11.94
CA ILE M 233 -10.55 -40.73 11.59
C ILE M 233 -9.49 -41.83 11.56
N PHE M 234 -9.52 -42.75 12.52
CA PHE M 234 -8.56 -43.84 12.53
C PHE M 234 -8.75 -44.75 11.33
N ARG M 235 -10.00 -45.04 10.97
CA ARG M 235 -10.26 -45.90 9.82
C ARG M 235 -9.76 -45.27 8.53
N ARG M 236 -10.00 -43.96 8.35
CA ARG M 236 -9.74 -43.30 7.08
C ARG M 236 -8.40 -42.59 7.00
N ALA M 237 -7.59 -42.62 8.06
CA ALA M 237 -6.34 -41.87 8.04
C ALA M 237 -5.12 -42.73 8.35
N PHE M 238 -5.27 -43.70 9.25
CA PHE M 238 -4.14 -44.48 9.75
C PHE M 238 -4.19 -45.96 9.38
N ALA M 239 -5.21 -46.39 8.62
CA ALA M 239 -5.33 -47.81 8.31
C ALA M 239 -4.12 -48.32 7.53
N SER M 240 -3.65 -47.55 6.55
CA SER M 240 -2.60 -48.02 5.65
C SER M 240 -1.21 -47.91 6.25
N ARG M 241 -1.05 -47.27 7.41
CA ARG M 241 0.25 -47.08 8.01
C ARG M 241 0.61 -48.15 9.04
N VAL M 242 -0.29 -49.10 9.29
CA VAL M 242 -0.06 -50.14 10.29
C VAL M 242 0.15 -51.51 9.67
N PHE M 243 -0.23 -51.71 8.41
CA PHE M 243 -0.11 -53.02 7.79
C PHE M 243 1.34 -53.33 7.44
N PRO M 244 1.68 -54.60 7.25
CA PRO M 244 3.01 -54.94 6.78
C PRO M 244 3.25 -54.33 5.41
N PRO M 245 4.50 -53.96 5.11
CA PRO M 245 4.75 -53.29 3.81
C PRO M 245 4.38 -54.13 2.61
N GLU M 246 4.43 -55.46 2.72
CA GLU M 246 4.23 -56.31 1.54
C GLU M 246 2.85 -56.09 0.93
N ILE M 247 1.79 -56.15 1.75
CA ILE M 247 0.44 -56.09 1.21
C ILE M 247 0.16 -54.71 0.62
N VAL M 248 0.54 -53.65 1.32
CA VAL M 248 0.29 -52.30 0.83
C VAL M 248 1.09 -52.04 -0.45
N GLU M 249 2.32 -52.55 -0.51
CA GLU M 249 3.11 -52.44 -1.74
C GLU M 249 2.43 -53.17 -2.88
N GLN M 250 1.88 -54.35 -2.60
CA GLN M 250 1.14 -55.09 -3.63
C GLN M 250 -0.03 -54.27 -4.14
N MET M 251 -0.79 -53.66 -3.23
CA MET M 251 -1.91 -52.82 -3.65
C MET M 251 -1.41 -51.51 -4.24
N GLY M 252 -0.39 -50.91 -3.62
CA GLY M 252 0.21 -49.69 -4.15
C GLY M 252 -0.72 -48.49 -4.16
N CYS M 253 -1.43 -48.27 -3.06
CA CYS M 253 -2.32 -47.12 -2.92
C CYS M 253 -1.61 -45.99 -2.19
N LYS M 254 -2.09 -44.77 -2.41
CA LYS M 254 -1.50 -43.57 -1.84
C LYS M 254 -2.27 -43.13 -0.61
N HIS M 255 -1.54 -42.77 0.44
CA HIS M 255 -2.13 -42.44 1.73
C HIS M 255 -2.76 -41.05 1.69
N VAL M 256 -3.56 -40.76 2.73
CA VAL M 256 -4.17 -39.45 2.88
C VAL M 256 -3.18 -38.50 3.53
N LYS M 257 -3.27 -37.21 3.18
CA LYS M 257 -2.30 -36.23 3.64
C LYS M 257 -2.95 -34.91 4.05
N GLY M 258 -4.04 -34.96 4.81
CA GLY M 258 -4.66 -33.75 5.32
C GLY M 258 -6.00 -33.98 5.98
N ILE M 259 -6.29 -33.26 7.05
CA ILE M 259 -7.56 -33.39 7.78
C ILE M 259 -8.03 -32.00 8.18
N LEU M 260 -9.34 -31.78 8.11
CA LEU M 260 -9.95 -30.50 8.45
C LEU M 260 -11.02 -30.71 9.51
N LEU M 261 -10.78 -30.20 10.71
CA LEU M 261 -11.74 -30.28 11.81
C LEU M 261 -12.47 -28.95 11.95
N TYR M 262 -13.80 -29.02 12.10
CA TYR M 262 -14.57 -27.79 12.27
C TYR M 262 -15.80 -28.07 13.12
N GLY M 263 -16.33 -27.00 13.72
CA GLY M 263 -17.48 -27.09 14.58
C GLY M 263 -17.63 -25.83 15.42
N PRO M 264 -18.71 -25.74 16.19
CA PRO M 264 -18.93 -24.55 17.02
C PRO M 264 -17.85 -24.43 18.08
N PRO M 265 -17.71 -23.24 18.70
CA PRO M 265 -16.63 -23.05 19.67
C PRO M 265 -16.79 -23.95 20.89
N GLY M 266 -15.65 -24.38 21.43
CA GLY M 266 -15.63 -25.16 22.65
C GLY M 266 -16.23 -26.54 22.50
N CYS M 267 -15.58 -27.40 21.72
CA CYS M 267 -16.03 -28.77 21.55
C CYS M 267 -14.91 -29.80 21.52
N GLY M 268 -13.66 -29.40 21.73
CA GLY M 268 -12.59 -30.35 21.89
C GLY M 268 -11.59 -30.43 20.75
N LYS M 269 -11.67 -29.51 19.79
CA LYS M 269 -10.79 -29.58 18.63
C LYS M 269 -9.32 -29.54 19.04
N THR M 270 -8.94 -28.52 19.80
CA THR M 270 -7.54 -28.40 20.23
C THR M 270 -7.14 -29.56 21.13
N LEU M 271 -8.03 -29.94 22.05
CA LEU M 271 -7.76 -31.07 22.92
C LEU M 271 -7.56 -32.35 22.11
N LEU M 272 -8.43 -32.58 21.14
CA LEU M 272 -8.30 -33.78 20.31
C LEU M 272 -6.99 -33.76 19.52
N ALA M 273 -6.63 -32.59 18.98
CA ALA M 273 -5.40 -32.50 18.20
C ALA M 273 -4.17 -32.77 19.05
N ARG M 274 -4.10 -32.15 20.24
CA ARG M 274 -2.94 -32.38 21.09
C ARG M 274 -2.89 -33.83 21.58
N GLN M 275 -4.04 -34.43 21.86
CA GLN M 275 -4.04 -35.83 22.27
C GLN M 275 -3.57 -36.74 21.14
N ILE M 276 -4.00 -36.46 19.91
CA ILE M 276 -3.51 -37.23 18.77
C ILE M 276 -2.01 -37.07 18.64
N GLY M 277 -1.51 -35.84 18.82
CA GLY M 277 -0.06 -35.65 18.80
C GLY M 277 0.65 -36.47 19.85
N LYS M 278 0.08 -36.53 21.06
CA LYS M 278 0.68 -37.35 22.11
C LYS M 278 0.64 -38.83 21.76
N MET M 279 -0.40 -39.29 21.06
CA MET M 279 -0.52 -40.71 20.75
C MET M 279 0.63 -41.18 19.87
N LEU M 280 0.92 -40.43 18.81
CA LEU M 280 1.90 -40.86 17.83
C LEU M 280 3.32 -40.84 18.42
N ASN M 281 4.14 -41.80 18.00
CA ASN M 281 5.55 -41.87 18.38
C ASN M 281 6.38 -41.48 17.16
N ALA M 282 6.85 -40.25 17.14
CA ALA M 282 7.63 -39.71 16.03
C ALA M 282 8.27 -38.42 16.52
N ARG M 283 8.85 -37.66 15.60
CA ARG M 283 9.41 -36.36 15.94
C ARG M 283 8.32 -35.48 16.54
N GLU M 284 8.72 -34.63 17.48
CA GLU M 284 7.76 -33.79 18.18
C GLU M 284 6.98 -32.97 17.16
N PRO M 285 5.65 -33.04 17.15
CA PRO M 285 4.89 -32.37 16.08
C PRO M 285 5.12 -30.87 16.09
N LYS M 286 5.16 -30.29 14.89
CA LYS M 286 5.37 -28.86 14.72
C LYS M 286 4.04 -28.13 14.77
N VAL M 287 3.97 -27.06 15.55
CA VAL M 287 2.74 -26.32 15.80
C VAL M 287 2.91 -24.91 15.27
N VAL M 288 1.96 -24.45 14.46
CA VAL M 288 1.94 -23.06 13.91
C VAL M 288 0.70 -22.40 14.50
N ASN M 289 0.75 -21.12 14.85
CA ASN M 289 -0.41 -20.42 15.49
C ASN M 289 -1.15 -19.61 14.44
N GLY M 290 -0.71 -19.62 13.18
CA GLY M 290 -1.40 -18.92 12.08
C GLY M 290 -0.88 -17.51 11.87
N PRO M 291 -1.42 -16.47 12.53
CA PRO M 291 -0.87 -15.13 12.38
C PRO M 291 0.60 -14.91 12.72
N GLU M 292 1.41 -15.94 13.01
CA GLU M 292 2.83 -15.79 13.43
C GLU M 292 3.79 -15.92 12.24
N ILE M 293 3.27 -16.28 11.06
CA ILE M 293 4.06 -16.48 9.81
C ILE M 293 4.30 -15.15 9.13
N LEU M 294 3.37 -14.20 9.19
CA LEU M 294 3.44 -12.90 8.46
C LEU M 294 4.56 -12.02 9.02
N ASN M 295 5.44 -11.51 8.16
CA ASN M 295 6.57 -10.67 8.52
C ASN M 295 6.61 -9.47 7.59
N LYS M 296 7.14 -8.35 8.08
CA LYS M 296 7.10 -7.12 7.32
C LYS M 296 8.14 -7.10 6.19
N TYR M 297 9.26 -7.79 6.35
CA TYR M 297 10.23 -7.89 5.27
C TYR M 297 9.67 -8.69 4.11
N VAL M 298 10.08 -8.33 2.90
CA VAL M 298 9.55 -8.94 1.69
C VAL M 298 10.15 -10.32 1.51
N GLY M 299 9.29 -11.32 1.31
CA GLY M 299 9.73 -12.66 0.99
C GLY M 299 9.97 -13.58 2.17
N GLU M 300 9.85 -13.08 3.41
CA GLU M 300 10.15 -13.91 4.58
C GLU M 300 9.01 -14.83 4.95
N SER M 301 7.78 -14.53 4.58
CA SER M 301 6.67 -15.42 4.87
C SER M 301 6.86 -16.76 4.18
N GLU M 302 7.26 -16.75 2.91
CA GLU M 302 7.49 -17.99 2.18
C GLU M 302 8.64 -18.78 2.80
N ALA M 303 9.69 -18.08 3.22
CA ALA M 303 10.80 -18.77 3.88
C ALA M 303 10.33 -19.44 5.17
N ASN M 304 9.51 -18.73 5.96
CA ASN M 304 8.98 -19.33 7.18
C ASN M 304 8.15 -20.57 6.85
N ILE M 305 7.34 -20.50 5.79
CA ILE M 305 6.52 -21.65 5.42
C ILE M 305 7.40 -22.83 5.01
N ARG M 306 8.43 -22.58 4.20
CA ARG M 306 9.26 -23.66 3.70
C ARG M 306 10.14 -24.26 4.80
N LYS M 307 10.44 -23.49 5.85
CA LYS M 307 11.19 -24.03 6.98
C LYS M 307 10.42 -25.15 7.66
N LEU M 308 9.10 -25.23 7.46
CA LEU M 308 8.32 -26.31 8.06
C LEU M 308 8.57 -27.64 7.35
N PHE M 309 8.62 -27.62 6.02
CA PHE M 309 8.77 -28.84 5.23
C PHE M 309 10.23 -29.18 4.93
N ALA M 310 11.17 -28.28 5.23
CA ALA M 310 12.57 -28.57 4.95
C ALA M 310 13.03 -29.87 5.61
N ASP M 311 12.73 -30.03 6.90
CA ASP M 311 13.21 -31.20 7.63
C ASP M 311 12.58 -32.48 7.07
N ALA M 312 11.28 -32.45 6.79
CA ALA M 312 10.62 -33.63 6.24
C ALA M 312 11.21 -34.01 4.90
N GLU M 313 11.44 -33.02 4.03
CA GLU M 313 12.05 -33.32 2.73
C GLU M 313 13.44 -33.92 2.90
N GLU M 314 14.24 -33.36 3.80
CA GLU M 314 15.58 -33.88 4.01
C GLU M 314 15.55 -35.31 4.52
N GLU M 315 14.65 -35.61 5.47
CA GLU M 315 14.55 -36.97 5.99
C GLU M 315 14.10 -37.94 4.90
N GLN M 316 13.11 -37.54 4.09
CA GLN M 316 12.66 -38.41 3.02
C GLN M 316 13.76 -38.68 2.02
N ARG M 317 14.57 -37.67 1.70
CA ARG M 317 15.72 -37.89 0.83
C ARG M 317 16.72 -38.84 1.47
N ARG M 318 16.99 -38.66 2.77
CA ARG M 318 18.03 -39.45 3.42
C ARG M 318 17.65 -40.92 3.49
N LEU M 319 16.41 -41.22 3.91
CA LEU M 319 16.02 -42.60 4.18
C LEU M 319 15.23 -43.24 3.05
N GLY M 320 14.39 -42.49 2.36
CA GLY M 320 13.59 -43.05 1.29
C GLY M 320 12.18 -43.42 1.74
N ALA M 321 11.68 -44.56 1.26
CA ALA M 321 10.32 -44.99 1.57
C ALA M 321 10.19 -45.54 2.99
N ASN M 322 11.29 -45.78 3.69
CA ASN M 322 11.26 -46.29 5.06
C ASN M 322 11.46 -45.18 6.09
N SER M 323 10.99 -43.99 5.80
CA SER M 323 11.13 -42.84 6.69
C SER M 323 9.93 -42.73 7.63
N GLY M 324 10.11 -41.95 8.69
CA GLY M 324 9.06 -41.74 9.66
C GLY M 324 8.00 -40.78 9.15
N LEU M 325 6.99 -40.57 9.98
CA LEU M 325 5.85 -39.72 9.67
C LEU M 325 5.97 -38.42 10.44
N HIS M 326 5.86 -37.30 9.73
CA HIS M 326 5.97 -35.97 10.32
C HIS M 326 4.59 -35.34 10.37
N ILE M 327 4.24 -34.77 11.53
CA ILE M 327 2.92 -34.22 11.79
C ILE M 327 3.04 -32.71 11.90
N ILE M 328 2.14 -32.01 11.22
CA ILE M 328 2.08 -30.54 11.25
C ILE M 328 0.67 -30.14 11.65
N ILE M 329 0.56 -29.17 12.55
CA ILE M 329 -0.72 -28.67 13.04
C ILE M 329 -0.82 -27.20 12.72
N PHE M 330 -1.92 -26.81 12.06
CA PHE M 330 -2.19 -25.42 11.70
C PHE M 330 -3.40 -24.94 12.51
N ASP M 331 -3.14 -24.18 13.55
CA ASP M 331 -4.20 -23.65 14.41
C ASP M 331 -4.67 -22.31 13.85
N GLU M 332 -5.98 -22.13 13.78
CA GLU M 332 -6.58 -20.93 13.19
C GLU M 332 -6.12 -20.78 11.73
N ILE M 333 -6.39 -21.83 10.94
CA ILE M 333 -5.94 -21.87 9.57
C ILE M 333 -6.60 -20.79 8.74
N ASP M 334 -7.82 -20.40 9.09
CA ASP M 334 -8.54 -19.40 8.30
C ASP M 334 -7.85 -18.05 8.32
N ALA M 335 -7.03 -17.76 9.33
CA ALA M 335 -6.30 -16.50 9.36
C ALA M 335 -5.32 -16.41 8.20
N ILE M 336 -4.65 -17.52 7.89
CA ILE M 336 -3.66 -17.52 6.81
C ILE M 336 -4.33 -17.72 5.46
N CYS M 337 -5.19 -18.73 5.36
CA CYS M 337 -5.77 -19.17 4.09
C CYS M 337 -7.13 -18.51 3.89
N LYS M 338 -7.21 -17.62 2.91
N LYS M 338 -7.22 -17.61 2.92
CA LYS M 338 -8.48 -17.02 2.49
CA LYS M 338 -8.47 -17.02 2.49
C LYS M 338 -8.53 -17.00 0.97
C LYS M 338 -8.53 -17.02 0.97
N GLN M 339 -9.73 -16.83 0.44
CA GLN M 339 -9.93 -16.88 -1.01
C GLN M 339 -9.00 -15.90 -1.71
N ARG M 340 -8.37 -16.37 -2.79
CA ARG M 340 -7.46 -15.52 -3.55
C ARG M 340 -8.18 -14.26 -4.01
N GLY M 341 -7.46 -13.14 -3.99
CA GLY M 341 -8.12 -11.87 -4.16
C GLY M 341 -8.96 -11.54 -2.94
N SER M 342 -10.04 -10.79 -3.17
CA SER M 342 -10.96 -10.43 -2.09
C SER M 342 -10.27 -9.67 -0.97
N MET M 343 -9.13 -9.04 -1.29
CA MET M 343 -8.37 -8.25 -0.33
C MET M 343 -7.97 -6.94 -0.97
N ALA M 344 -8.02 -5.87 -0.20
CA ALA M 344 -7.75 -4.52 -0.68
C ALA M 344 -6.40 -4.07 -0.12
N GLY M 345 -5.33 -4.44 -0.83
CA GLY M 345 -3.99 -4.01 -0.46
C GLY M 345 -3.08 -4.12 -1.69
N SER M 346 -2.01 -3.35 -1.67
CA SER M 346 -1.06 -3.33 -2.79
C SER M 346 0.02 -4.40 -2.65
N THR M 347 0.41 -4.75 -1.42
CA THR M 347 1.47 -5.73 -1.23
C THR M 347 1.06 -7.10 -1.77
N GLY M 348 -0.18 -7.50 -1.53
CA GLY M 348 -0.64 -8.81 -1.97
C GLY M 348 0.08 -9.95 -1.30
N VAL M 349 0.27 -9.88 0.02
CA VAL M 349 0.99 -10.93 0.75
C VAL M 349 0.09 -12.09 1.13
N HIS M 350 -1.22 -11.94 1.04
CA HIS M 350 -2.15 -13.01 1.41
C HIS M 350 -2.35 -14.04 0.31
N ASP M 351 -1.82 -13.79 -0.89
CA ASP M 351 -1.93 -14.74 -1.99
C ASP M 351 -0.66 -15.54 -2.20
N THR M 352 0.51 -14.91 -2.04
CA THR M 352 1.76 -15.64 -2.20
C THR M 352 1.89 -16.72 -1.13
N VAL M 353 1.43 -16.43 0.08
CA VAL M 353 1.47 -17.44 1.15
C VAL M 353 0.65 -18.67 0.75
N VAL M 354 -0.58 -18.44 0.28
CA VAL M 354 -1.43 -19.56 -0.09
C VAL M 354 -0.82 -20.33 -1.26
N ASN M 355 -0.29 -19.62 -2.25
CA ASN M 355 0.31 -20.29 -3.39
C ASN M 355 1.52 -21.12 -2.99
N GLN M 356 2.36 -20.59 -2.10
CA GLN M 356 3.51 -21.35 -1.63
C GLN M 356 3.08 -22.58 -0.87
N LEU M 357 2.07 -22.44 0.00
CA LEU M 357 1.58 -23.61 0.73
C LEU M 357 1.04 -24.66 -0.22
N LEU M 358 0.27 -24.24 -1.22
CA LEU M 358 -0.28 -25.19 -2.20
C LEU M 358 0.82 -25.88 -2.98
N SER M 359 1.84 -25.12 -3.40
CA SER M 359 2.95 -25.72 -4.13
C SER M 359 3.69 -26.74 -3.28
N LYS M 360 3.92 -26.41 -2.01
CA LYS M 360 4.71 -27.31 -1.16
C LYS M 360 3.94 -28.58 -0.81
N ILE M 361 2.66 -28.45 -0.44
CA ILE M 361 1.88 -29.63 -0.09
C ILE M 361 1.75 -30.55 -1.30
N ASP M 362 1.42 -29.98 -2.46
CA ASP M 362 1.19 -30.73 -3.69
C ASP M 362 1.94 -30.00 -4.82
N GLY M 363 3.18 -30.39 -5.04
CA GLY M 363 3.98 -29.80 -6.10
C GLY M 363 4.61 -30.84 -7.01
N VAL M 364 5.58 -30.43 -7.82
CA VAL M 364 6.24 -31.37 -8.72
C VAL M 364 6.95 -32.45 -7.92
N GLU M 365 7.67 -32.07 -6.87
CA GLU M 365 8.31 -33.05 -6.01
C GLU M 365 7.25 -33.77 -5.17
N GLN M 366 7.39 -35.08 -5.06
CA GLN M 366 6.41 -35.92 -4.39
C GLN M 366 6.90 -36.19 -2.97
N LEU M 367 6.25 -35.55 -1.99
CA LEU M 367 6.52 -35.76 -0.57
C LEU M 367 5.33 -36.50 0.03
N ASN M 368 5.59 -37.67 0.62
CA ASN M 368 4.53 -38.55 1.08
C ASN M 368 4.77 -39.06 2.50
N ASN M 369 5.50 -38.31 3.31
CA ASN M 369 5.75 -38.66 4.71
C ASN M 369 5.32 -37.53 5.63
N ILE M 370 4.16 -36.93 5.36
CA ILE M 370 3.65 -35.82 6.15
C ILE M 370 2.13 -35.92 6.23
N LEU M 371 1.60 -35.45 7.36
CA LEU M 371 0.17 -35.31 7.57
C LEU M 371 -0.10 -33.95 8.20
N VAL M 372 -1.07 -33.23 7.66
CA VAL M 372 -1.39 -31.87 8.11
C VAL M 372 -2.79 -31.87 8.70
N ILE M 373 -2.93 -31.32 9.91
CA ILE M 373 -4.20 -31.23 10.60
C ILE M 373 -4.54 -29.76 10.76
N GLY M 374 -5.73 -29.36 10.30
CA GLY M 374 -6.15 -27.98 10.43
C GLY M 374 -7.53 -27.86 11.04
N MET M 375 -7.66 -27.06 12.11
CA MET M 375 -8.91 -26.89 12.81
C MET M 375 -9.37 -25.44 12.68
N THR M 376 -10.67 -25.25 12.54
CA THR M 376 -11.20 -23.90 12.38
C THR M 376 -12.65 -23.85 12.84
N ASN M 377 -13.12 -22.63 13.10
CA ASN M 377 -14.50 -22.38 13.50
C ASN M 377 -15.40 -21.98 12.33
N ARG M 378 -14.82 -21.46 11.25
CA ARG M 378 -15.59 -20.97 10.11
C ARG M 378 -15.05 -21.64 8.85
N PRO M 379 -15.55 -22.83 8.50
CA PRO M 379 -15.02 -23.52 7.31
C PRO M 379 -15.24 -22.76 6.01
N ASP M 380 -16.22 -21.86 5.97
CA ASP M 380 -16.53 -21.17 4.72
C ASP M 380 -15.40 -20.24 4.29
N LEU M 381 -14.78 -19.55 5.23
CA LEU M 381 -13.73 -18.59 4.87
C LEU M 381 -12.52 -19.25 4.25
N ILE M 382 -12.32 -20.56 4.48
CA ILE M 382 -11.18 -21.24 3.89
C ILE M 382 -11.30 -21.21 2.37
N ASP M 383 -10.18 -21.03 1.70
CA ASP M 383 -10.17 -21.01 0.24
C ASP M 383 -10.65 -22.36 -0.29
N GLU M 384 -11.52 -22.31 -1.31
CA GLU M 384 -12.14 -23.53 -1.82
C GLU M 384 -11.09 -24.50 -2.35
N ALA M 385 -10.01 -23.97 -2.92
CA ALA M 385 -9.02 -24.84 -3.56
C ALA M 385 -8.44 -25.85 -2.58
N LEU M 386 -8.17 -25.42 -1.34
CA LEU M 386 -7.56 -26.34 -0.38
C LEU M 386 -8.49 -27.50 -0.04
N LEU M 387 -9.79 -27.34 -0.23
CA LEU M 387 -10.77 -28.38 0.06
C LEU M 387 -11.16 -29.05 -1.24
N ARG M 388 -10.51 -30.18 -1.53
CA ARG M 388 -10.74 -30.93 -2.76
C ARG M 388 -9.97 -32.24 -2.67
N PRO M 389 -10.23 -33.18 -3.58
CA PRO M 389 -9.43 -34.41 -3.60
C PRO M 389 -7.95 -34.10 -3.78
N GLY M 390 -7.11 -34.86 -3.06
CA GLY M 390 -5.68 -34.65 -3.11
C GLY M 390 -5.21 -33.71 -2.01
N ARG M 391 -5.84 -32.55 -1.90
CA ARG M 391 -5.52 -31.56 -0.89
C ARG M 391 -6.57 -31.65 0.23
N LEU M 392 -6.12 -31.92 1.45
CA LEU M 392 -7.03 -32.17 2.58
C LEU M 392 -7.89 -33.36 2.15
N GLU M 393 -9.20 -33.18 1.93
CA GLU M 393 -10.16 -34.14 1.38
C GLU M 393 -10.80 -35.04 2.43
N VAL M 394 -10.42 -34.90 3.69
CA VAL M 394 -11.17 -35.52 4.78
C VAL M 394 -11.47 -34.46 5.84
N LYS M 395 -12.76 -34.25 6.09
CA LYS M 395 -13.25 -33.16 6.93
C LYS M 395 -14.25 -33.70 7.93
N MET M 396 -14.06 -33.34 9.20
CA MET M 396 -14.90 -33.80 10.30
C MET M 396 -15.59 -32.62 10.96
N GLU M 397 -16.83 -32.87 11.37
CA GLU M 397 -17.66 -31.90 12.07
C GLU M 397 -17.86 -32.37 13.50
N ILE M 398 -17.47 -31.54 14.46
CA ILE M 398 -17.61 -31.86 15.87
C ILE M 398 -18.81 -31.09 16.41
N GLY M 399 -19.87 -31.81 16.78
CA GLY M 399 -21.10 -31.22 17.23
C GLY M 399 -21.30 -31.35 18.73
N LEU M 400 -22.40 -30.75 19.19
CA LEU M 400 -22.72 -30.80 20.61
C LEU M 400 -22.99 -32.23 21.04
N PRO M 401 -22.51 -32.65 22.22
CA PRO M 401 -22.70 -34.04 22.64
C PRO M 401 -24.13 -34.35 23.01
N ASP M 402 -24.40 -35.61 23.34
CA ASP M 402 -25.71 -36.09 23.74
C ASP M 402 -25.71 -36.42 25.23
N GLU M 403 -26.80 -37.01 25.70
CA GLU M 403 -26.94 -37.31 27.12
C GLU M 403 -25.79 -38.18 27.61
N LYS M 404 -25.45 -39.22 26.85
CA LYS M 404 -24.33 -40.09 27.24
C LYS M 404 -23.03 -39.30 27.27
N GLY M 405 -22.80 -38.45 26.28
CA GLY M 405 -21.59 -37.64 26.28
C GLY M 405 -21.54 -36.68 27.46
N ARG M 406 -22.68 -36.06 27.79
CA ARG M 406 -22.72 -35.18 28.96
C ARG M 406 -22.40 -35.95 30.22
N LEU M 407 -22.96 -37.16 30.37
CA LEU M 407 -22.68 -37.97 31.54
C LEU M 407 -21.19 -38.30 31.63
N GLN M 408 -20.59 -38.70 30.50
CA GLN M 408 -19.17 -39.03 30.50
C GLN M 408 -18.32 -37.82 30.86
N ILE M 409 -18.65 -36.65 30.31
CA ILE M 409 -17.86 -35.45 30.59
C ILE M 409 -17.98 -35.08 32.07
N LEU M 410 -19.19 -35.13 32.62
CA LEU M 410 -19.37 -34.80 34.03
C LEU M 410 -18.61 -35.78 34.92
N HIS M 411 -18.66 -37.07 34.59
CA HIS M 411 -17.90 -38.05 35.35
C HIS M 411 -16.40 -37.76 35.28
N ILE M 412 -15.90 -37.42 34.08
CA ILE M 412 -14.48 -37.14 33.93
C ILE M 412 -14.08 -35.95 34.79
N HIS M 413 -14.89 -34.90 34.79
CA HIS M 413 -14.54 -33.68 35.52
C HIS M 413 -14.83 -33.77 37.01
N THR M 414 -15.62 -34.74 37.46
CA THR M 414 -15.92 -34.90 38.87
C THR M 414 -15.17 -36.07 39.53
N ALA M 415 -14.42 -36.85 38.76
CA ALA M 415 -13.71 -37.99 39.31
C ALA M 415 -12.78 -37.56 40.45
N ARG M 416 -11.99 -36.51 40.24
CA ARG M 416 -11.02 -36.12 41.26
C ARG M 416 -11.72 -35.72 42.56
N MET M 417 -12.81 -34.96 42.46
CA MET M 417 -13.56 -34.61 43.67
C MET M 417 -14.12 -35.84 44.35
N ARG M 418 -14.61 -36.81 43.56
CA ARG M 418 -15.09 -38.06 44.14
C ARG M 418 -13.98 -38.78 44.89
N GLY M 419 -12.75 -38.72 44.36
CA GLY M 419 -11.67 -39.51 44.94
C GLY M 419 -11.38 -39.15 46.39
N HIS M 420 -11.38 -37.86 46.71
CA HIS M 420 -11.03 -37.38 48.05
C HIS M 420 -12.26 -37.12 48.91
N GLN M 421 -13.42 -37.65 48.53
CA GLN M 421 -14.64 -37.54 49.32
C GLN M 421 -14.96 -36.08 49.63
N LEU M 422 -14.83 -35.23 48.61
CA LEU M 422 -15.19 -33.82 48.70
C LEU M 422 -16.56 -33.53 48.09
N LEU M 423 -17.30 -34.55 47.67
CA LEU M 423 -18.58 -34.39 47.02
C LEU M 423 -19.67 -35.06 47.86
N SER M 424 -20.76 -34.34 48.10
CA SER M 424 -21.83 -34.85 48.94
C SER M 424 -22.52 -36.04 48.27
N ALA M 425 -23.06 -36.93 49.11
CA ALA M 425 -23.66 -38.16 48.60
C ALA M 425 -24.98 -37.94 47.91
N ASP M 426 -25.62 -36.79 48.10
CA ASP M 426 -26.92 -36.52 47.49
C ASP M 426 -26.82 -35.99 46.07
N VAL M 427 -25.62 -35.98 45.48
CA VAL M 427 -25.42 -35.48 44.13
C VAL M 427 -25.54 -36.66 43.17
N ASP M 428 -26.64 -36.69 42.43
CA ASP M 428 -26.89 -37.72 41.42
C ASP M 428 -26.56 -37.14 40.05
N ILE M 429 -25.47 -37.61 39.44
CA ILE M 429 -25.01 -37.04 38.19
C ILE M 429 -26.01 -37.26 37.07
N LYS M 430 -26.83 -38.32 37.16
CA LYS M 430 -27.79 -38.59 36.10
C LYS M 430 -28.82 -37.47 35.98
N GLU M 431 -29.28 -36.95 37.11
CA GLU M 431 -30.22 -35.84 37.07
C GLU M 431 -29.58 -34.62 36.41
N LEU M 432 -28.32 -34.34 36.73
CA LEU M 432 -27.63 -33.21 36.10
C LEU M 432 -27.51 -33.42 34.60
N ALA M 433 -27.17 -34.64 34.17
CA ALA M 433 -27.06 -34.92 32.75
C ALA M 433 -28.39 -34.72 32.05
N VAL M 434 -29.48 -35.13 32.70
CA VAL M 434 -30.81 -34.91 32.12
C VAL M 434 -31.10 -33.42 32.02
N GLU M 435 -30.76 -32.66 33.06
CA GLU M 435 -31.16 -31.25 33.11
C GLU M 435 -30.35 -30.40 32.14
N THR M 436 -29.03 -30.61 32.10
CA THR M 436 -28.17 -29.75 31.28
C THR M 436 -28.32 -30.09 29.80
N LYS M 437 -29.28 -29.46 29.13
CA LYS M 437 -29.57 -29.72 27.73
C LYS M 437 -28.94 -28.64 26.86
N ASN M 438 -28.30 -29.06 25.77
CA ASN M 438 -27.65 -28.21 24.77
C ASN M 438 -26.29 -27.71 25.23
N PHE M 439 -25.85 -28.05 26.45
CA PHE M 439 -24.55 -27.60 26.92
C PHE M 439 -23.44 -28.21 26.07
N SER M 440 -22.22 -27.71 26.28
CA SER M 440 -21.01 -28.24 25.66
C SER M 440 -19.98 -28.51 26.75
N GLY M 441 -18.85 -29.10 26.36
CA GLY M 441 -17.85 -29.47 27.34
C GLY M 441 -17.36 -28.27 28.14
N ALA M 442 -17.08 -27.16 27.47
CA ALA M 442 -16.63 -25.97 28.16
C ALA M 442 -17.68 -25.48 29.16
N GLU M 443 -18.96 -25.50 28.76
CA GLU M 443 -20.01 -25.05 29.65
C GLU M 443 -20.16 -25.98 30.85
N LEU M 444 -20.00 -27.29 30.65
CA LEU M 444 -20.07 -28.22 31.77
C LEU M 444 -18.93 -28.00 32.75
N GLU M 445 -17.71 -27.81 32.24
CA GLU M 445 -16.59 -27.51 33.11
C GLU M 445 -16.83 -26.20 33.86
N GLY M 446 -17.37 -25.20 33.18
CA GLY M 446 -17.68 -23.95 33.85
C GLY M 446 -18.73 -24.12 34.93
N LEU M 447 -19.72 -24.97 34.68
CA LEU M 447 -20.73 -25.25 35.71
C LEU M 447 -20.10 -25.89 36.94
N VAL M 448 -19.20 -26.86 36.73
CA VAL M 448 -18.52 -27.48 37.87
C VAL M 448 -17.70 -26.45 38.63
N ARG M 449 -16.97 -25.60 37.90
CA ARG M 449 -16.14 -24.59 38.55
C ARG M 449 -16.99 -23.59 39.33
N ALA M 450 -18.12 -23.17 38.76
CA ALA M 450 -19.02 -22.25 39.47
C ALA M 450 -19.59 -22.90 40.72
N ALA M 451 -19.94 -24.19 40.63
CA ALA M 451 -20.42 -24.89 41.82
C ALA M 451 -19.36 -24.90 42.91
N GLN M 452 -18.10 -25.20 42.55
CA GLN M 452 -17.05 -25.18 43.55
C GLN M 452 -16.86 -23.79 44.15
N SER M 453 -16.88 -22.76 43.31
CA SER M 453 -16.70 -21.39 43.81
C SER M 453 -17.81 -21.02 44.78
N THR M 454 -19.06 -21.37 44.46
CA THR M 454 -20.16 -21.14 45.38
C THR M 454 -19.97 -21.91 46.67
N ALA M 455 -19.46 -23.15 46.58
CA ALA M 455 -19.22 -23.95 47.76
C ALA M 455 -18.13 -23.38 48.66
N MET M 456 -17.17 -22.63 48.10
CA MET M 456 -16.14 -22.01 48.91
C MET M 456 -16.55 -20.72 49.57
N ASN M 457 -17.37 -19.89 48.90
CA ASN M 457 -17.63 -18.53 49.39
C ASN M 457 -18.29 -18.52 50.77
N ARG M 458 -18.88 -19.64 51.20
CA ARG M 458 -19.50 -19.68 52.52
C ARG M 458 -18.48 -19.62 53.65
N HIS M 459 -17.19 -19.73 53.35
CA HIS M 459 -16.15 -19.69 54.38
C HIS M 459 -15.24 -18.47 54.29
N ILE M 460 -15.18 -17.76 53.16
CA ILE M 460 -14.28 -16.59 52.97
C ILE M 460 -15.02 -15.31 53.32
N LYS M 461 -14.97 -14.87 54.59
CA LYS M 461 -15.62 -13.61 55.03
C LYS M 461 -14.91 -12.44 54.33
N ALA M 462 -15.64 -11.41 53.89
CA ALA M 462 -15.06 -10.31 53.10
C ALA M 462 -15.72 -8.96 53.41
N SER M 463 -16.08 -8.67 54.65
CA SER M 463 -16.59 -7.32 55.04
C SER M 463 -15.44 -6.34 54.92
N THR M 464 -14.27 -6.67 55.47
CA THR M 464 -13.05 -5.83 55.40
C THR M 464 -11.88 -6.75 55.69
N LYS M 465 -10.66 -6.37 55.29
CA LYS M 465 -9.47 -7.21 55.49
C LYS M 465 -9.90 -8.66 55.23
N VAL M 466 -10.25 -9.02 54.01
CA VAL M 466 -10.75 -10.37 53.69
C VAL M 466 -9.93 -11.36 54.51
N GLU M 467 -10.58 -12.27 55.23
CA GLU M 467 -9.89 -13.32 56.03
C GLU M 467 -10.67 -14.63 55.90
N VAL M 468 -10.00 -15.78 56.00
CA VAL M 468 -10.64 -17.12 55.82
C VAL M 468 -10.69 -17.83 57.18
N ASP M 469 -11.83 -18.42 57.56
CA ASP M 469 -12.00 -19.10 58.88
C ASP M 469 -10.77 -19.96 59.17
N MET M 470 -10.26 -20.69 58.19
CA MET M 470 -9.09 -21.55 58.32
C MET M 470 -9.35 -22.79 59.16
N GLU M 471 -10.55 -22.94 59.74
CA GLU M 471 -10.91 -24.10 60.54
C GLU M 471 -12.00 -24.93 59.88
N LYS M 472 -13.14 -24.31 59.53
CA LYS M 472 -14.19 -25.03 58.85
C LYS M 472 -13.79 -25.45 57.44
N ALA M 473 -12.75 -24.82 56.87
CA ALA M 473 -12.33 -25.17 55.52
C ALA M 473 -11.97 -26.64 55.40
N GLU M 474 -11.55 -27.27 56.51
CA GLU M 474 -11.21 -28.68 56.47
C GLU M 474 -12.40 -29.53 56.05
N SER M 475 -13.62 -29.11 56.39
CA SER M 475 -14.83 -29.87 56.11
C SER M 475 -15.58 -29.36 54.89
N LEU M 476 -14.87 -28.75 53.94
CA LEU M 476 -15.53 -28.24 52.74
C LEU M 476 -16.20 -29.38 51.99
N GLN M 477 -17.42 -29.13 51.54
CA GLN M 477 -18.18 -30.13 50.79
C GLN M 477 -19.15 -29.41 49.86
N VAL M 478 -19.37 -30.01 48.68
CA VAL M 478 -20.21 -29.43 47.65
C VAL M 478 -21.52 -30.21 47.60
N THR M 479 -22.64 -29.52 47.82
CA THR M 479 -23.95 -30.13 47.82
C THR M 479 -24.62 -29.93 46.46
N ARG M 480 -25.87 -30.39 46.36
CA ARG M 480 -26.64 -30.19 45.13
C ARG M 480 -27.28 -28.81 45.06
N GLY M 481 -27.46 -28.14 46.20
CA GLY M 481 -27.97 -26.79 46.17
C GLY M 481 -27.08 -25.84 45.39
N ASP M 482 -25.76 -26.03 45.49
CA ASP M 482 -24.83 -25.20 44.74
C ASP M 482 -25.04 -25.37 43.25
N PHE M 483 -25.16 -26.62 42.78
CA PHE M 483 -25.41 -26.87 41.37
C PHE M 483 -26.74 -26.28 40.93
N LEU M 484 -27.77 -26.42 41.77
CA LEU M 484 -29.08 -25.87 41.41
C LEU M 484 -29.02 -24.36 41.28
N ALA M 485 -28.32 -23.70 42.21
CA ALA M 485 -28.18 -22.24 42.14
C ALA M 485 -27.39 -21.83 40.90
N SER M 486 -26.30 -22.53 40.61
CA SER M 486 -25.49 -22.18 39.45
C SER M 486 -26.26 -22.38 38.15
N LEU M 487 -27.14 -23.39 38.11
CA LEU M 487 -27.87 -23.68 36.87
C LEU M 487 -28.71 -22.49 36.42
N GLU M 488 -29.08 -21.54 37.36
CA GLU M 488 -30.00 -20.45 37.05
C GLU M 488 -29.44 -19.07 37.32
N ASN M 489 -28.24 -18.93 37.88
CA ASN M 489 -27.65 -17.63 38.16
C ASN M 489 -26.39 -17.34 37.37
N ASP M 490 -25.56 -18.34 37.09
CA ASP M 490 -24.21 -18.12 36.57
C ASP M 490 -24.05 -18.53 35.11
N ILE M 491 -24.49 -19.79 34.76
CA ILE M 491 -24.22 -20.28 33.41
C ILE M 491 -25.52 -20.36 32.64
N LYS M 492 -25.47 -19.93 31.37
CA LYS M 492 -26.58 -20.07 30.44
C LYS M 492 -26.07 -20.67 29.14
N PRO M 493 -26.85 -21.54 28.49
CA PRO M 493 -26.40 -22.10 27.22
C PRO M 493 -26.42 -21.07 26.10
N ALA M 494 -25.62 -21.35 25.07
CA ALA M 494 -25.45 -20.45 23.94
C ALA M 494 -26.19 -20.94 22.69
N PHE M 495 -27.26 -21.72 22.89
CA PHE M 495 -28.03 -22.26 21.77
C PHE M 495 -29.51 -21.92 21.85
N GLY M 496 -30.09 -21.90 23.05
CA GLY M 496 -31.49 -21.52 23.21
C GLY M 496 -32.27 -22.43 24.13
N THR M 497 -33.41 -21.93 24.61
CA THR M 497 -34.27 -22.70 25.53
C THR M 497 -35.71 -22.29 25.27
N ASN M 498 -36.63 -23.11 25.79
CA ASN M 498 -38.06 -22.89 25.60
C ASN M 498 -38.86 -22.85 26.90
N GLN M 499 -38.21 -22.99 28.06
CA GLN M 499 -38.94 -23.04 29.32
C GLN M 499 -39.64 -21.72 29.61
N GLU M 500 -39.00 -20.58 29.26
CA GLU M 500 -39.67 -19.29 29.45
C GLU M 500 -41.00 -19.28 28.71
N ASP M 501 -41.01 -19.77 27.46
CA ASP M 501 -42.24 -19.86 26.70
C ASP M 501 -43.26 -20.74 27.40
N TYR M 502 -42.82 -21.91 27.88
CA TYR M 502 -43.75 -22.85 28.52
C TYR M 502 -44.33 -22.29 29.80
N ALA M 503 -43.61 -21.39 30.48
CA ALA M 503 -44.12 -20.79 31.71
C ALA M 503 -45.04 -19.62 31.41
N SER M 504 -44.71 -18.82 30.39
CA SER M 504 -45.50 -17.62 30.11
C SER M 504 -46.86 -17.93 29.50
N TYR M 505 -47.00 -19.08 28.83
CA TYR M 505 -48.26 -19.41 28.17
C TYR M 505 -49.27 -20.07 29.09
N ILE M 506 -48.86 -20.48 30.28
CA ILE M 506 -49.78 -20.96 31.31
C ILE M 506 -49.43 -20.25 32.61
N MET M 507 -50.13 -19.15 32.90
CA MET M 507 -49.76 -18.27 34.00
C MET M 507 -50.46 -18.60 35.30
N ASN M 508 -51.58 -19.33 35.25
CA ASN M 508 -52.33 -19.64 36.48
C ASN M 508 -52.82 -21.08 36.47
N GLY M 509 -52.10 -21.98 35.80
CA GLY M 509 -52.47 -23.38 35.80
C GLY M 509 -53.80 -23.63 35.12
N ILE M 510 -54.36 -24.81 35.41
CA ILE M 510 -55.64 -25.24 34.86
C ILE M 510 -56.48 -25.79 36.00
N ILE M 511 -57.75 -25.38 36.05
CA ILE M 511 -58.69 -25.82 37.07
C ILE M 511 -59.84 -26.54 36.38
N LYS M 512 -60.18 -27.72 36.87
CA LYS M 512 -61.25 -28.54 36.30
C LYS M 512 -62.59 -28.00 36.78
N TRP M 513 -63.16 -27.09 36.01
CA TRP M 513 -64.47 -26.51 36.34
C TRP M 513 -65.61 -27.20 35.61
N GLY M 514 -65.34 -28.26 34.86
CA GLY M 514 -66.41 -28.99 34.19
C GLY M 514 -65.86 -30.05 33.27
N ASP M 515 -66.80 -30.80 32.69
CA ASP M 515 -66.44 -31.85 31.73
C ASP M 515 -65.69 -31.32 30.51
N PRO M 516 -66.01 -30.14 29.96
CA PRO M 516 -65.37 -29.73 28.70
C PRO M 516 -63.85 -29.77 28.75
N VAL M 517 -63.24 -29.42 29.88
CA VAL M 517 -61.78 -29.47 29.97
C VAL M 517 -61.29 -30.90 29.75
N THR M 518 -61.93 -31.86 30.42
CA THR M 518 -61.55 -33.26 30.25
C THR M 518 -61.77 -33.71 28.82
N ARG M 519 -62.89 -33.30 28.22
N ARG M 519 -62.89 -33.29 28.21
CA ARG M 519 -63.17 -33.68 26.84
CA ARG M 519 -63.17 -33.67 26.83
C ARG M 519 -62.08 -33.16 25.89
C ARG M 519 -62.08 -33.16 25.89
N VAL M 520 -61.69 -31.89 26.06
CA VAL M 520 -60.67 -31.32 25.19
C VAL M 520 -59.35 -32.05 25.38
N LEU M 521 -58.97 -32.32 26.63
CA LEU M 521 -57.70 -33.02 26.87
C LEU M 521 -57.73 -34.42 26.27
N ASP M 522 -58.85 -35.12 26.41
CA ASP M 522 -58.97 -36.45 25.82
C ASP M 522 -58.84 -36.39 24.31
N ASP M 523 -59.49 -35.41 23.68
CA ASP M 523 -59.39 -35.29 22.23
C ASP M 523 -57.94 -35.02 21.79
N GLY M 524 -57.26 -34.14 22.51
CA GLY M 524 -55.86 -33.88 22.17
C GLY M 524 -54.99 -35.11 22.32
N GLU M 525 -55.19 -35.86 23.41
CA GLU M 525 -54.42 -37.09 23.61
C GLU M 525 -54.70 -38.09 22.50
N LEU M 526 -55.97 -38.22 22.09
CA LEU M 526 -56.30 -39.15 21.02
C LEU M 526 -55.63 -38.74 19.71
N LEU M 527 -55.62 -37.44 19.40
CA LEU M 527 -54.97 -36.99 18.17
C LEU M 527 -53.47 -37.27 18.22
N VAL M 528 -52.84 -37.01 19.37
CA VAL M 528 -51.40 -37.28 19.50
C VAL M 528 -51.13 -38.77 19.30
N GLN M 529 -51.96 -39.62 19.91
CA GLN M 529 -51.80 -41.05 19.73
C GLN M 529 -51.93 -41.45 18.27
N GLN M 530 -52.93 -40.89 17.58
CA GLN M 530 -53.12 -41.24 16.17
C GLN M 530 -51.90 -40.86 15.34
N THR M 531 -51.36 -39.66 15.56
CA THR M 531 -50.21 -39.25 14.78
C THR M 531 -48.95 -40.02 15.15
N LYS M 532 -48.86 -40.55 16.38
CA LYS M 532 -47.67 -41.27 16.79
C LYS M 532 -47.60 -42.67 16.18
N ASN M 533 -48.74 -43.36 16.09
CA ASN M 533 -48.74 -44.78 15.73
C ASN M 533 -49.44 -45.03 14.40
N SER M 534 -49.16 -44.21 13.39
CA SER M 534 -49.76 -44.38 12.08
C SER M 534 -48.71 -44.18 10.99
N ASP M 535 -48.97 -44.75 9.83
CA ASP M 535 -48.08 -44.64 8.68
C ASP M 535 -48.76 -44.20 7.39
N ARG M 536 -50.08 -44.36 7.26
CA ARG M 536 -50.78 -43.90 6.06
C ARG M 536 -51.05 -42.41 6.07
N THR M 537 -51.05 -41.77 7.24
CA THR M 537 -51.31 -40.33 7.38
C THR M 537 -50.22 -39.73 8.24
N PRO M 538 -49.04 -39.46 7.66
CA PRO M 538 -47.93 -38.91 8.45
C PRO M 538 -48.13 -37.46 8.90
N LEU M 539 -49.16 -36.77 8.40
CA LEU M 539 -49.42 -35.38 8.75
C LEU M 539 -50.86 -35.24 9.21
N VAL M 540 -51.04 -34.60 10.37
CA VAL M 540 -52.36 -34.37 10.94
C VAL M 540 -52.44 -32.92 11.40
N SER M 541 -53.67 -32.41 11.47
CA SER M 541 -53.90 -31.02 11.86
C SER M 541 -55.21 -30.92 12.63
N VAL M 542 -55.33 -29.86 13.42
CA VAL M 542 -56.52 -29.63 14.24
C VAL M 542 -56.62 -28.15 14.51
N LEU M 543 -57.85 -27.67 14.73
CA LEU M 543 -58.11 -26.28 15.03
C LEU M 543 -58.90 -26.18 16.32
N LEU M 544 -58.44 -25.32 17.23
CA LEU M 544 -59.13 -25.05 18.49
C LEU M 544 -59.77 -23.68 18.39
N GLU M 545 -61.11 -23.65 18.40
CA GLU M 545 -61.85 -22.43 18.19
C GLU M 545 -62.91 -22.25 19.27
N GLY M 546 -63.16 -20.99 19.62
CA GLY M 546 -64.13 -20.65 20.64
C GLY M 546 -64.24 -19.15 20.81
N PRO M 547 -65.16 -18.72 21.68
CA PRO M 547 -65.34 -17.28 21.89
C PRO M 547 -64.13 -16.68 22.61
N PRO M 548 -63.97 -15.36 22.56
CA PRO M 548 -62.77 -14.75 23.17
C PRO M 548 -62.74 -14.94 24.67
N HIS M 549 -61.51 -14.98 25.21
CA HIS M 549 -61.28 -15.13 26.64
C HIS M 549 -61.73 -16.51 27.13
N SER M 550 -61.38 -17.55 26.39
CA SER M 550 -61.71 -18.92 26.75
C SER M 550 -60.50 -19.80 26.98
N GLY M 551 -59.30 -19.24 27.01
CA GLY M 551 -58.11 -20.01 27.30
C GLY M 551 -57.76 -21.04 26.24
N LYS M 552 -57.81 -20.65 24.97
CA LYS M 552 -57.43 -21.57 23.90
C LYS M 552 -55.92 -21.77 23.87
N THR M 553 -55.15 -20.69 24.04
CA THR M 553 -53.70 -20.80 23.98
C THR M 553 -53.18 -21.68 25.10
N ALA M 554 -53.70 -21.51 26.31
CA ALA M 554 -53.24 -22.32 27.44
C ALA M 554 -53.53 -23.80 27.21
N LEU M 555 -54.73 -24.13 26.73
CA LEU M 555 -55.07 -25.52 26.50
C LEU M 555 -54.23 -26.12 25.37
N ALA M 556 -53.97 -25.34 24.32
CA ALA M 556 -53.11 -25.83 23.25
C ALA M 556 -51.70 -26.11 23.77
N ALA M 557 -51.16 -25.19 24.59
CA ALA M 557 -49.84 -25.41 25.16
C ALA M 557 -49.83 -26.64 26.06
N LYS M 558 -50.88 -26.84 26.85
CA LYS M 558 -50.96 -28.03 27.70
C LYS M 558 -50.99 -29.30 26.86
N ILE M 559 -51.78 -29.31 25.78
CA ILE M 559 -51.85 -30.49 24.93
C ILE M 559 -50.49 -30.78 24.31
N ALA M 560 -49.78 -29.73 23.88
CA ALA M 560 -48.45 -29.92 23.34
C ALA M 560 -47.49 -30.47 24.39
N GLU M 561 -47.58 -29.96 25.63
CA GLU M 561 -46.66 -30.36 26.68
C GLU M 561 -46.89 -31.82 27.07
N GLU M 562 -48.15 -32.25 27.13
CA GLU M 562 -48.44 -33.61 27.59
C GLU M 562 -47.75 -34.64 26.71
N SER M 563 -47.79 -34.44 25.40
CA SER M 563 -47.01 -35.29 24.51
C SER M 563 -45.52 -35.10 24.76
N ASN M 564 -44.75 -36.19 24.64
CA ASN M 564 -43.33 -36.20 24.94
C ASN M 564 -42.48 -36.18 23.67
N PHE M 565 -42.91 -35.45 22.65
CA PHE M 565 -42.16 -35.43 21.40
C PHE M 565 -40.80 -34.76 21.60
N PRO M 566 -39.78 -35.21 20.87
CA PRO M 566 -38.45 -34.57 21.02
C PRO M 566 -38.45 -33.09 20.72
N PHE M 567 -39.24 -32.65 19.74
CA PHE M 567 -39.21 -31.28 19.24
C PHE M 567 -40.58 -30.65 19.39
N ILE M 568 -40.63 -29.48 20.03
CA ILE M 568 -41.85 -28.71 20.20
C ILE M 568 -41.50 -27.24 20.11
N LYS M 569 -42.28 -26.48 19.34
CA LYS M 569 -42.07 -25.05 19.20
C LYS M 569 -43.41 -24.36 19.03
N ILE M 570 -43.45 -23.08 19.40
CA ILE M 570 -44.66 -22.26 19.31
C ILE M 570 -44.34 -21.02 18.47
N CYS M 571 -45.16 -20.79 17.45
CA CYS M 571 -45.04 -19.61 16.60
C CYS M 571 -46.12 -18.61 16.97
N SER M 572 -45.71 -17.44 17.46
CA SER M 572 -46.63 -16.44 17.96
C SER M 572 -46.31 -15.08 17.36
N PRO M 573 -47.32 -14.22 17.19
CA PRO M 573 -47.06 -12.87 16.67
C PRO M 573 -46.31 -11.98 17.63
N ASP M 574 -46.22 -12.35 18.92
CA ASP M 574 -45.53 -11.50 19.89
C ASP M 574 -44.09 -11.24 19.49
N LYS M 575 -43.49 -12.15 18.72
CA LYS M 575 -42.12 -11.99 18.24
C LYS M 575 -42.04 -11.30 16.89
N MET M 576 -43.17 -10.89 16.31
CA MET M 576 -43.21 -10.23 15.01
C MET M 576 -44.00 -8.93 15.18
N ILE M 577 -43.30 -7.86 15.58
CA ILE M 577 -43.90 -6.54 15.70
C ILE M 577 -43.17 -5.61 14.74
N GLY M 578 -43.92 -4.97 13.85
CA GLY M 578 -43.33 -4.13 12.83
C GLY M 578 -42.79 -4.87 11.63
N PHE M 579 -43.03 -6.17 11.53
CA PHE M 579 -42.53 -6.97 10.42
C PHE M 579 -43.41 -6.80 9.19
N SER M 580 -42.78 -6.76 8.02
CA SER M 580 -43.53 -6.74 6.78
C SER M 580 -44.17 -8.10 6.54
N GLU M 581 -44.83 -8.25 5.39
CA GLU M 581 -45.40 -9.53 5.01
C GLU M 581 -44.37 -10.45 4.37
N THR M 582 -43.12 -10.01 4.24
CA THR M 582 -42.03 -10.84 3.74
C THR M 582 -41.20 -11.46 4.85
N ALA M 583 -41.09 -10.79 6.00
CA ALA M 583 -40.34 -11.35 7.12
C ALA M 583 -41.13 -12.43 7.83
N LYS M 584 -42.44 -12.26 7.93
CA LYS M 584 -43.28 -13.28 8.58
C LYS M 584 -43.17 -14.62 7.86
N CYS M 585 -43.21 -14.58 6.53
CA CYS M 585 -43.08 -15.81 5.74
C CYS M 585 -41.73 -16.48 6.01
N GLN M 586 -40.65 -15.68 6.05
CA GLN M 586 -39.34 -16.25 6.30
C GLN M 586 -39.26 -16.88 7.68
N ALA M 587 -39.83 -16.22 8.70
CA ALA M 587 -39.81 -16.79 10.04
C ALA M 587 -40.57 -18.11 10.09
N MET M 588 -41.78 -18.14 9.52
CA MET M 588 -42.55 -19.38 9.52
C MET M 588 -41.80 -20.47 8.78
N LYS M 589 -41.18 -20.13 7.65
N LYS M 589 -41.17 -20.14 7.65
CA LYS M 589 -40.41 -21.11 6.90
CA LYS M 589 -40.41 -21.12 6.91
C LYS M 589 -39.26 -21.65 7.74
C LYS M 589 -39.25 -21.66 7.74
N LYS M 590 -38.57 -20.79 8.47
CA LYS M 590 -37.46 -21.24 9.30
C LYS M 590 -37.93 -22.22 10.36
N ILE M 591 -39.02 -21.89 11.05
CA ILE M 591 -39.53 -22.79 12.09
C ILE M 591 -39.91 -24.14 11.49
N PHE M 592 -40.65 -24.11 10.37
CA PHE M 592 -41.08 -25.38 9.78
C PHE M 592 -39.90 -26.22 9.30
N ASP M 593 -38.93 -25.58 8.65
N ASP M 593 -38.91 -25.58 8.66
CA ASP M 593 -37.75 -26.30 8.17
CA ASP M 593 -37.76 -26.33 8.16
C ASP M 593 -37.00 -26.94 9.32
C ASP M 593 -36.97 -26.93 9.31
N ASP M 594 -36.84 -26.21 10.43
CA ASP M 594 -36.21 -26.81 11.60
C ASP M 594 -37.03 -27.98 12.10
N ALA M 595 -38.36 -27.86 12.09
CA ALA M 595 -39.22 -28.94 12.55
C ALA M 595 -39.11 -30.18 11.67
N TYR M 596 -38.72 -30.04 10.41
CA TYR M 596 -38.67 -31.21 9.52
C TYR M 596 -37.55 -32.18 9.87
N LYS M 597 -36.45 -31.69 10.46
N LYS M 597 -36.44 -31.69 10.44
CA LYS M 597 -35.33 -32.58 10.73
CA LYS M 597 -35.32 -32.57 10.74
C LYS M 597 -35.68 -33.65 11.75
C LYS M 597 -35.70 -33.65 11.74
N SER M 598 -36.42 -33.29 12.79
CA SER M 598 -36.73 -34.24 13.86
C SER M 598 -37.63 -35.36 13.34
N GLN M 599 -37.53 -36.53 13.98
CA GLN M 599 -38.33 -37.67 13.57
C GLN M 599 -39.79 -37.49 13.94
N LEU M 600 -40.05 -36.87 15.09
CA LEU M 600 -41.41 -36.52 15.52
C LEU M 600 -41.44 -35.04 15.81
N SER M 601 -42.42 -34.33 15.25
CA SER M 601 -42.49 -32.89 15.40
C SER M 601 -43.90 -32.44 15.75
N CYS M 602 -43.99 -31.37 16.54
CA CYS M 602 -45.26 -30.75 16.90
C CYS M 602 -45.08 -29.24 16.89
N VAL M 603 -45.98 -28.54 16.19
CA VAL M 603 -45.91 -27.09 16.05
C VAL M 603 -47.27 -26.50 16.39
N VAL M 604 -47.24 -25.30 16.97
CA VAL M 604 -48.44 -24.59 17.39
C VAL M 604 -48.45 -23.23 16.70
N VAL M 605 -49.56 -22.91 16.04
CA VAL M 605 -49.79 -21.61 15.42
C VAL M 605 -51.00 -21.00 16.10
N ASP M 606 -50.78 -19.94 16.88
CA ASP M 606 -51.82 -19.33 17.68
C ASP M 606 -52.09 -17.91 17.21
N ASP M 607 -53.34 -17.49 17.37
CA ASP M 607 -53.80 -16.18 16.92
C ASP M 607 -53.57 -16.01 15.42
N ILE M 608 -54.28 -16.85 14.65
CA ILE M 608 -54.17 -16.79 13.19
C ILE M 608 -54.61 -15.43 12.68
N GLU M 609 -55.73 -14.91 13.22
CA GLU M 609 -56.26 -13.64 12.73
C GLU M 609 -55.27 -12.50 12.95
N ARG M 610 -54.52 -12.52 14.04
CA ARG M 610 -53.47 -11.51 14.24
C ARG M 610 -52.24 -11.79 13.42
N LEU M 611 -52.12 -13.01 12.87
CA LEU M 611 -51.01 -13.35 11.99
C LEU M 611 -51.27 -12.94 10.55
N LEU M 612 -52.55 -12.84 10.15
CA LEU M 612 -52.93 -12.40 8.82
C LEU M 612 -53.19 -10.90 8.73
N ASP M 613 -53.17 -10.19 9.86
CA ASP M 613 -53.43 -8.76 9.89
C ASP M 613 -54.85 -8.45 9.38
N TYR M 614 -55.83 -9.06 10.03
CA TYR M 614 -57.22 -8.91 9.63
C TYR M 614 -57.86 -7.72 10.33
N VAL M 615 -58.60 -6.92 9.57
CA VAL M 615 -59.41 -5.83 10.13
C VAL M 615 -60.74 -5.83 9.37
N PRO M 616 -61.88 -5.71 10.06
CA PRO M 616 -63.17 -5.89 9.39
C PRO M 616 -63.63 -4.71 8.53
N ILE M 617 -62.77 -3.74 8.23
CA ILE M 617 -63.13 -2.57 7.45
C ILE M 617 -62.52 -2.75 6.06
N GLY M 618 -63.35 -3.19 5.11
CA GLY M 618 -62.97 -3.27 3.71
C GLY M 618 -63.16 -4.64 3.08
N PRO M 619 -62.73 -5.72 3.74
CA PRO M 619 -61.77 -5.83 4.85
C PRO M 619 -60.34 -5.83 4.32
N ARG M 620 -59.34 -5.99 5.20
N ARG M 620 -59.34 -5.99 5.19
CA ARG M 620 -57.94 -6.00 4.80
CA ARG M 620 -57.94 -5.99 4.80
C ARG M 620 -57.25 -7.21 5.41
C ARG M 620 -57.23 -7.18 5.43
N PHE M 621 -56.26 -7.72 4.70
CA PHE M 621 -55.41 -8.79 5.21
C PHE M 621 -54.21 -8.93 4.28
N SER M 622 -53.31 -9.84 4.61
CA SER M 622 -52.12 -10.10 3.81
C SER M 622 -52.28 -11.42 3.07
N ASN M 623 -52.18 -11.36 1.74
CA ASN M 623 -52.38 -12.55 0.92
C ASN M 623 -51.18 -13.49 0.96
N LEU M 624 -49.97 -12.94 0.98
CA LEU M 624 -48.77 -13.77 0.93
C LEU M 624 -48.74 -14.75 2.10
N VAL M 625 -49.02 -14.25 3.32
CA VAL M 625 -48.98 -15.11 4.51
C VAL M 625 -50.04 -16.18 4.42
N LEU M 626 -51.24 -15.83 3.97
CA LEU M 626 -52.33 -16.81 3.87
C LEU M 626 -51.96 -17.92 2.89
N GLN M 627 -51.42 -17.55 1.73
CA GLN M 627 -51.08 -18.57 0.74
C GLN M 627 -49.95 -19.46 1.24
N ALA M 628 -48.93 -18.87 1.86
CA ALA M 628 -47.85 -19.68 2.41
C ALA M 628 -48.38 -20.62 3.48
N LEU M 629 -49.30 -20.13 4.32
CA LEU M 629 -49.88 -20.98 5.36
C LEU M 629 -50.64 -22.16 4.76
N LEU M 630 -51.44 -21.90 3.73
CA LEU M 630 -52.16 -23.00 3.10
C LEU M 630 -51.21 -24.03 2.51
N VAL M 631 -50.18 -23.56 1.80
CA VAL M 631 -49.23 -24.48 1.18
C VAL M 631 -48.53 -25.31 2.25
N LEU M 632 -48.09 -24.67 3.34
CA LEU M 632 -47.42 -25.39 4.41
C LEU M 632 -48.35 -26.40 5.07
N LEU M 633 -49.63 -26.05 5.19
CA LEU M 633 -50.59 -26.99 5.75
C LEU M 633 -50.72 -28.24 4.88
N LYS M 634 -50.75 -28.06 3.56
CA LYS M 634 -51.01 -29.22 2.70
C LYS M 634 -49.80 -30.16 2.59
N LYS M 635 -48.59 -29.61 2.49
CA LYS M 635 -47.44 -30.46 2.18
C LYS M 635 -47.11 -31.36 3.36
N ALA M 636 -46.29 -32.37 3.09
CA ALA M 636 -45.93 -33.42 4.03
C ALA M 636 -44.42 -33.48 4.21
N PRO M 637 -43.94 -33.99 5.35
CA PRO M 637 -42.50 -34.00 5.61
C PRO M 637 -41.82 -35.10 4.83
N PRO M 638 -40.48 -35.13 4.82
CA PRO M 638 -39.76 -36.17 4.07
C PRO M 638 -40.16 -37.56 4.53
N GLN M 639 -39.72 -38.55 3.75
CA GLN M 639 -40.10 -39.93 4.00
C GLN M 639 -39.63 -40.37 5.39
N GLY M 640 -40.52 -41.03 6.13
CA GLY M 640 -40.14 -41.61 7.41
C GLY M 640 -40.15 -40.67 8.58
N ARG M 641 -40.94 -39.59 8.52
CA ARG M 641 -41.07 -38.66 9.64
C ARG M 641 -42.53 -38.29 9.81
N LYS M 642 -42.84 -37.64 10.93
CA LYS M 642 -44.22 -37.31 11.27
C LYS M 642 -44.30 -35.97 11.96
N LEU M 643 -45.35 -35.21 11.62
CA LEU M 643 -45.54 -33.85 12.09
C LEU M 643 -46.99 -33.66 12.53
N LEU M 644 -47.17 -32.82 13.55
CA LEU M 644 -48.49 -32.45 14.04
C LEU M 644 -48.56 -30.93 14.15
N ILE M 645 -49.71 -30.37 13.80
CA ILE M 645 -49.92 -28.92 13.82
C ILE M 645 -51.19 -28.63 14.59
N ILE M 646 -51.12 -27.66 15.50
CA ILE M 646 -52.28 -27.24 16.31
C ILE M 646 -52.49 -25.75 16.07
N GLY M 647 -53.68 -25.39 15.61
CA GLY M 647 -54.02 -24.02 15.27
C GLY M 647 -55.04 -23.45 16.24
N THR M 648 -54.92 -22.16 16.54
CA THR M 648 -55.82 -21.47 17.44
C THR M 648 -56.40 -20.24 16.76
N THR M 649 -57.69 -20.01 16.97
CA THR M 649 -58.36 -18.84 16.41
C THR M 649 -59.63 -18.56 17.22
N SER M 650 -60.16 -17.35 17.03
CA SER M 650 -61.38 -16.92 17.72
C SER M 650 -62.51 -16.56 16.78
N ARG M 651 -62.31 -16.65 15.46
CA ARG M 651 -63.33 -16.29 14.48
C ARG M 651 -63.35 -17.39 13.41
N LYS M 652 -64.29 -18.33 13.55
CA LYS M 652 -64.38 -19.44 12.61
C LYS M 652 -64.99 -19.03 11.28
N ASP M 653 -65.96 -18.12 11.31
CA ASP M 653 -66.64 -17.73 10.08
C ASP M 653 -65.68 -17.08 9.09
N VAL M 654 -64.78 -16.21 9.58
CA VAL M 654 -63.84 -15.54 8.70
C VAL M 654 -62.94 -16.56 8.02
N LEU M 655 -62.42 -17.51 8.80
CA LEU M 655 -61.59 -18.55 8.20
C LEU M 655 -62.38 -19.42 7.24
N GLN M 656 -63.68 -19.56 7.47
CA GLN M 656 -64.53 -20.28 6.52
C GLN M 656 -64.64 -19.51 5.21
N GLU M 657 -64.74 -18.18 5.27
CA GLU M 657 -64.86 -17.39 4.06
C GLU M 657 -63.63 -17.53 3.18
N MET M 658 -62.44 -17.53 3.79
CA MET M 658 -61.20 -17.66 3.04
C MET M 658 -61.01 -19.05 2.45
N GLU M 659 -61.86 -20.02 2.81
CA GLU M 659 -61.77 -21.39 2.31
C GLU M 659 -60.52 -22.09 2.82
N MET M 660 -60.12 -21.80 4.05
CA MET M 660 -59.03 -22.50 4.70
C MET M 660 -59.50 -23.35 5.88
N LEU M 661 -60.82 -23.46 6.07
CA LEU M 661 -61.35 -24.32 7.13
C LEU M 661 -61.32 -25.80 6.75
N ASN M 662 -61.31 -26.11 5.46
CA ASN M 662 -61.20 -27.49 5.01
C ASN M 662 -59.77 -27.96 4.86
N ALA M 663 -58.79 -27.07 5.04
CA ALA M 663 -57.39 -27.50 5.08
C ALA M 663 -57.11 -28.32 6.33
N PHE M 664 -57.69 -27.93 7.47
CA PHE M 664 -57.54 -28.69 8.70
C PHE M 664 -58.30 -30.00 8.61
N SER M 665 -57.79 -31.01 9.32
CA SER M 665 -58.44 -32.32 9.32
C SER M 665 -59.66 -32.35 10.23
N THR M 666 -59.60 -31.64 11.36
CA THR M 666 -60.70 -31.64 12.32
C THR M 666 -60.62 -30.39 13.17
N THR M 667 -61.68 -30.14 13.94
CA THR M 667 -61.76 -28.97 14.79
C THR M 667 -62.31 -29.37 16.16
N ILE M 668 -61.94 -28.61 17.18
CA ILE M 668 -62.37 -28.84 18.55
C ILE M 668 -62.95 -27.55 19.10
N HIS M 669 -64.08 -27.66 19.81
CA HIS M 669 -64.74 -26.50 20.39
C HIS M 669 -64.25 -26.26 21.81
N VAL M 670 -64.22 -24.99 22.19
CA VAL M 670 -63.76 -24.59 23.52
C VAL M 670 -64.80 -23.66 24.14
N PRO M 671 -65.76 -24.19 24.92
CA PRO M 671 -66.81 -23.34 25.48
C PRO M 671 -66.33 -22.59 26.72
N ASN M 672 -67.17 -21.68 27.17
CA ASN M 672 -66.96 -20.90 28.39
C ASN M 672 -68.07 -21.23 29.38
N ILE M 673 -67.97 -20.64 30.58
CA ILE M 673 -68.92 -20.93 31.63
C ILE M 673 -70.33 -20.58 31.18
N ALA M 674 -71.27 -21.49 31.39
CA ALA M 674 -72.64 -21.33 30.92
C ALA M 674 -73.69 -21.44 32.01
N THR M 675 -73.43 -22.18 33.08
CA THR M 675 -74.41 -22.39 34.15
C THR M 675 -73.85 -21.90 35.48
N GLY M 676 -74.77 -21.47 36.35
CA GLY M 676 -74.36 -20.94 37.64
C GLY M 676 -73.64 -21.94 38.51
N GLU M 677 -74.01 -23.22 38.43
CA GLU M 677 -73.34 -24.23 39.22
C GLU M 677 -71.86 -24.32 38.86
N GLN M 678 -71.55 -24.25 37.56
CA GLN M 678 -70.15 -24.26 37.14
C GLN M 678 -69.42 -23.01 37.65
N LEU M 679 -70.10 -21.87 37.66
CA LEU M 679 -69.48 -20.66 38.21
C LEU M 679 -69.15 -20.84 39.68
N LEU M 680 -70.08 -21.40 40.46
CA LEU M 680 -69.82 -21.63 41.88
C LEU M 680 -68.69 -22.63 42.07
N GLU M 681 -68.65 -23.67 41.25
CA GLU M 681 -67.56 -24.64 41.34
C GLU M 681 -66.22 -23.98 41.04
N ALA M 682 -66.17 -23.11 40.03
CA ALA M 682 -64.95 -22.39 39.71
C ALA M 682 -64.53 -21.49 40.86
N LEU M 683 -65.49 -20.82 41.49
CA LEU M 683 -65.17 -19.99 42.65
C LEU M 683 -64.62 -20.84 43.79
N GLU M 684 -65.22 -22.01 44.02
CA GLU M 684 -64.70 -22.91 45.04
C GLU M 684 -63.27 -23.35 44.74
N LEU M 685 -63.00 -23.69 43.48
CA LEU M 685 -61.65 -24.07 43.10
C LEU M 685 -60.67 -22.92 43.32
N LEU M 686 -61.08 -21.69 42.98
CA LEU M 686 -60.22 -20.54 43.23
C LEU M 686 -60.18 -20.20 44.71
N GLY M 687 -61.30 -20.33 45.41
CA GLY M 687 -61.36 -20.08 46.84
C GLY M 687 -61.06 -18.64 47.21
N ASN M 688 -61.99 -17.73 46.90
CA ASN M 688 -61.82 -16.32 47.18
C ASN M 688 -62.96 -15.72 47.99
N PHE M 689 -63.98 -16.50 48.33
CA PHE M 689 -65.10 -16.01 49.12
C PHE M 689 -65.49 -17.06 50.15
N LYS M 690 -66.14 -16.60 51.22
CA LYS M 690 -66.51 -17.46 52.34
C LYS M 690 -67.93 -18.00 52.14
N ASP M 691 -68.40 -18.75 53.13
CA ASP M 691 -69.69 -19.42 53.01
C ASP M 691 -70.83 -18.42 52.90
N LYS M 692 -70.79 -17.36 53.71
CA LYS M 692 -71.85 -16.35 53.65
C LYS M 692 -71.88 -15.69 52.28
N GLU M 693 -70.71 -15.31 51.77
CA GLU M 693 -70.64 -14.73 50.43
C GLU M 693 -71.12 -15.73 49.38
N ARG M 694 -70.77 -17.00 49.55
CA ARG M 694 -71.21 -18.00 48.58
C ARG M 694 -72.72 -18.14 48.57
N THR M 695 -73.36 -18.15 49.74
CA THR M 695 -74.81 -18.21 49.79
C THR M 695 -75.43 -16.97 49.15
N THR M 696 -74.88 -15.80 49.46
CA THR M 696 -75.40 -14.56 48.87
C THR M 696 -75.31 -14.61 47.35
N ILE M 697 -74.17 -15.06 46.82
CA ILE M 697 -73.98 -15.10 45.37
C ILE M 697 -74.90 -16.14 44.75
N ALA M 698 -75.04 -17.31 45.39
CA ALA M 698 -75.90 -18.35 44.85
C ALA M 698 -77.33 -17.88 44.77
N GLN M 699 -77.84 -17.23 45.83
CA GLN M 699 -79.24 -16.83 45.85
C GLN M 699 -79.61 -16.01 44.63
N GLN M 700 -78.66 -15.27 44.07
CA GLN M 700 -78.94 -14.45 42.90
C GLN M 700 -78.60 -15.16 41.59
N VAL M 701 -77.45 -15.83 41.52
CA VAL M 701 -77.01 -16.40 40.25
C VAL M 701 -77.86 -17.61 39.87
N LYS M 702 -78.22 -18.44 40.85
CA LYS M 702 -78.92 -19.69 40.53
C LYS M 702 -80.24 -19.46 39.80
N GLY M 703 -80.82 -18.27 39.92
CA GLY M 703 -82.08 -18.01 39.25
C GLY M 703 -81.99 -18.06 37.75
N LYS M 704 -80.93 -17.49 37.18
CA LYS M 704 -80.75 -17.38 35.74
C LYS M 704 -79.38 -17.94 35.35
N LYS M 705 -79.06 -17.83 34.07
CA LYS M 705 -77.83 -18.37 33.50
C LYS M 705 -76.77 -17.27 33.38
N VAL M 706 -75.53 -17.71 33.12
CA VAL M 706 -74.39 -16.82 32.98
C VAL M 706 -73.60 -17.20 31.74
N TRP M 707 -72.80 -16.26 31.26
N TRP M 707 -72.82 -16.25 31.24
CA TRP M 707 -72.00 -16.46 30.05
CA TRP M 707 -72.00 -16.49 30.05
C TRP M 707 -70.75 -15.59 30.19
C TRP M 707 -70.75 -15.60 30.19
N ILE M 708 -69.65 -16.20 30.64
CA ILE M 708 -68.42 -15.46 30.90
C ILE M 708 -67.23 -16.38 30.70
N GLY M 709 -66.11 -15.79 30.26
CA GLY M 709 -64.86 -16.52 30.15
C GLY M 709 -64.04 -16.47 31.43
N ILE M 710 -63.10 -17.40 31.55
CA ILE M 710 -62.35 -17.53 32.79
C ILE M 710 -61.40 -16.36 32.98
N LYS M 711 -60.75 -15.90 31.91
CA LYS M 711 -59.84 -14.78 32.03
C LYS M 711 -60.57 -13.53 32.51
N LYS M 712 -61.73 -13.26 31.91
CA LYS M 712 -62.55 -12.13 32.37
C LYS M 712 -63.01 -12.35 33.80
N LEU M 713 -63.28 -13.59 34.20
CA LEU M 713 -63.66 -13.88 35.58
C LEU M 713 -62.55 -13.48 36.54
N LEU M 714 -61.31 -13.86 36.22
CA LEU M 714 -60.18 -13.49 37.07
C LEU M 714 -60.03 -11.97 37.13
N MET M 715 -60.16 -11.30 35.99
CA MET M 715 -60.04 -9.84 35.99
C MET M 715 -61.12 -9.21 36.86
N LEU M 716 -62.36 -9.70 36.77
CA LEU M 716 -63.44 -9.16 37.59
C LEU M 716 -63.18 -9.39 39.07
N ILE M 717 -62.68 -10.59 39.42
CA ILE M 717 -62.39 -10.88 40.82
C ILE M 717 -61.35 -9.91 41.35
N GLU M 718 -60.27 -9.70 40.59
CA GLU M 718 -59.22 -8.79 41.03
C GLU M 718 -59.75 -7.36 41.15
N MET M 719 -60.56 -6.92 40.19
CA MET M 719 -61.12 -5.58 40.25
C MET M 719 -62.03 -5.41 41.46
N SER M 720 -62.77 -6.47 41.82
CA SER M 720 -63.69 -6.38 42.95
C SER M 720 -62.95 -6.37 44.28
N LEU M 721 -61.84 -7.11 44.37
CA LEU M 721 -61.14 -7.19 45.66
C LEU M 721 -60.45 -5.88 46.07
N GLN M 722 -60.60 -4.75 45.38
CA GLN M 722 -59.98 -3.51 45.80
C GLN M 722 -60.86 -2.65 46.71
N MET M 723 -62.08 -3.09 46.99
CA MET M 723 -63.02 -2.31 47.79
C MET M 723 -63.13 -2.89 49.20
N ASP M 724 -63.79 -2.13 50.07
CA ASP M 724 -63.88 -2.50 51.48
C ASP M 724 -64.74 -3.75 51.67
N PRO M 725 -64.50 -4.52 52.72
CA PRO M 725 -65.20 -5.81 52.88
C PRO M 725 -66.71 -5.72 52.81
N GLU M 726 -67.31 -4.67 53.40
CA GLU M 726 -68.76 -4.56 53.42
C GLU M 726 -69.36 -4.31 52.04
N TYR M 727 -68.54 -3.97 51.05
CA TYR M 727 -69.03 -3.61 49.73
C TYR M 727 -68.57 -4.56 48.63
N ARG M 728 -67.51 -5.35 48.85
CA ARG M 728 -66.91 -6.10 47.76
C ARG M 728 -67.95 -6.93 47.03
N VAL M 729 -68.72 -7.74 47.76
CA VAL M 729 -69.72 -8.59 47.12
C VAL M 729 -70.58 -7.76 46.20
N ARG M 730 -71.15 -6.67 46.70
CA ARG M 730 -72.02 -5.85 45.88
C ARG M 730 -71.30 -5.45 44.60
N LYS M 731 -70.08 -4.90 44.73
CA LYS M 731 -69.32 -4.52 43.54
C LYS M 731 -69.26 -5.69 42.56
N PHE M 732 -68.85 -6.85 43.06
CA PHE M 732 -68.75 -8.02 42.19
C PHE M 732 -70.06 -8.22 41.44
N LEU M 733 -71.16 -8.31 42.18
CA LEU M 733 -72.45 -8.54 41.53
C LEU M 733 -72.69 -7.50 40.46
N ALA M 734 -72.49 -6.22 40.79
CA ALA M 734 -72.73 -5.17 39.82
C ALA M 734 -71.97 -5.46 38.53
N LEU M 735 -70.66 -5.74 38.65
CA LEU M 735 -69.89 -6.02 37.46
C LEU M 735 -70.50 -7.19 36.69
N LEU M 736 -70.77 -8.29 37.39
CA LEU M 736 -71.28 -9.48 36.71
C LEU M 736 -72.61 -9.18 36.04
N ARG M 737 -73.35 -8.20 36.57
CA ARG M 737 -74.62 -7.85 35.94
C ARG M 737 -74.40 -7.04 34.67
N GLU M 738 -73.48 -6.07 34.71
CA GLU M 738 -73.33 -5.16 33.58
C GLU M 738 -72.61 -5.82 32.42
N GLU M 739 -71.60 -6.63 32.70
N GLU M 739 -71.59 -6.63 32.70
CA GLU M 739 -70.82 -7.29 31.67
CA GLU M 739 -70.82 -7.29 31.65
C GLU M 739 -71.39 -8.63 31.25
C GLU M 739 -71.40 -8.64 31.25
N GLY M 740 -72.41 -9.13 31.95
CA GLY M 740 -73.00 -10.42 31.64
C GLY M 740 -74.02 -10.42 30.53
N ALA M 741 -74.29 -9.26 29.92
CA ALA M 741 -75.27 -9.17 28.85
C ALA M 741 -74.74 -9.82 27.58
N SER M 742 -75.06 -11.09 27.37
CA SER M 742 -74.60 -11.84 26.21
C SER M 742 -75.35 -13.18 26.19
N PRO M 743 -75.44 -13.82 25.02
CA PRO M 743 -76.13 -15.11 24.92
C PRO M 743 -75.43 -16.21 25.71
N ASN N 213 -5.50 -35.24 -45.31
CA ASN N 213 -6.21 -34.05 -44.78
C ASN N 213 -6.35 -34.19 -43.27
N PRO N 214 -6.99 -33.24 -42.57
CA PRO N 214 -7.14 -33.29 -41.12
C PRO N 214 -7.93 -34.56 -40.77
N ASP N 215 -8.83 -34.98 -41.67
CA ASP N 215 -9.67 -36.19 -41.44
C ASP N 215 -10.06 -36.23 -39.96
N TRP N 216 -10.92 -35.38 -39.50
CA TRP N 216 -11.50 -35.43 -38.16
C TRP N 216 -12.14 -36.79 -37.90
N ASN N 217 -12.05 -37.25 -36.65
CA ASN N 217 -12.76 -38.45 -36.23
C ASN N 217 -13.62 -38.18 -35.01
N PHE N 218 -13.04 -37.49 -34.03
CA PHE N 218 -13.62 -37.24 -32.71
C PHE N 218 -13.74 -38.51 -31.86
N GLU N 219 -13.68 -39.69 -32.50
CA GLU N 219 -13.51 -40.93 -31.75
C GLU N 219 -12.06 -41.13 -31.36
N LYS N 220 -11.16 -40.45 -32.08
CA LYS N 220 -9.77 -40.35 -31.67
C LYS N 220 -9.66 -39.76 -30.27
N MET N 221 -10.48 -38.76 -29.96
CA MET N 221 -10.39 -38.09 -28.66
C MET N 221 -10.95 -38.92 -27.52
N GLY N 222 -11.48 -40.11 -27.79
CA GLY N 222 -11.90 -41.01 -26.72
C GLY N 222 -13.03 -40.48 -25.87
N ILE N 223 -13.98 -39.78 -26.48
CA ILE N 223 -15.08 -39.16 -25.76
C ILE N 223 -16.34 -39.24 -26.60
N GLY N 224 -17.33 -38.56 -26.21
CA GLY N 224 -18.62 -38.59 -26.94
C GLY N 224 -19.17 -37.20 -27.20
N GLY N 225 -19.94 -37.03 -28.27
CA GLY N 225 -20.58 -35.75 -28.60
C GLY N 225 -19.72 -34.87 -29.49
N LEU N 226 -18.39 -34.97 -29.34
CA LEU N 226 -17.43 -34.14 -30.12
C LEU N 226 -17.77 -34.28 -31.61
N ASP N 227 -18.37 -35.41 -31.99
CA ASP N 227 -18.85 -35.59 -33.38
C ASP N 227 -19.24 -34.21 -33.89
N LYS N 228 -20.33 -33.62 -33.39
CA LYS N 228 -20.85 -32.31 -33.89
C LYS N 228 -19.76 -31.24 -33.86
N GLU N 229 -19.13 -30.97 -32.71
CA GLU N 229 -18.13 -29.88 -32.57
C GLU N 229 -16.95 -30.16 -33.48
N PHE N 230 -16.42 -31.37 -33.46
CA PHE N 230 -15.29 -31.74 -34.35
C PHE N 230 -15.73 -31.36 -35.76
N SER N 231 -16.85 -31.91 -36.24
CA SER N 231 -17.36 -31.60 -37.60
C SER N 231 -17.17 -30.10 -37.79
N ASP N 232 -17.89 -29.30 -36.99
CA ASP N 232 -17.76 -27.83 -37.06
C ASP N 232 -16.30 -27.55 -37.40
N ILE N 233 -15.39 -27.66 -36.44
CA ILE N 233 -13.96 -27.27 -36.63
C ILE N 233 -13.38 -27.83 -37.94
N PHE N 234 -13.19 -29.14 -38.06
CA PHE N 234 -12.52 -29.76 -39.24
C PHE N 234 -13.05 -29.17 -40.53
N ARG N 235 -14.37 -29.08 -40.69
CA ARG N 235 -14.98 -28.61 -41.97
C ARG N 235 -14.83 -27.11 -42.17
N ARG N 236 -15.18 -26.27 -41.19
CA ARG N 236 -15.22 -24.80 -41.43
C ARG N 236 -14.37 -23.97 -40.47
N ALA N 237 -14.39 -24.24 -39.16
CA ALA N 237 -13.60 -23.32 -38.32
C ALA N 237 -12.17 -23.35 -38.81
N PHE N 238 -11.50 -24.49 -38.72
CA PHE N 238 -10.13 -24.67 -39.23
C PHE N 238 -10.25 -25.29 -40.62
N ALA N 239 -9.52 -24.79 -41.60
CA ALA N 239 -9.61 -25.26 -43.00
C ALA N 239 -8.61 -24.48 -43.85
N SER N 240 -8.44 -23.19 -43.57
CA SER N 240 -7.41 -22.41 -44.25
C SER N 240 -6.05 -23.08 -44.14
N ARG N 241 -5.77 -23.74 -43.01
CA ARG N 241 -4.47 -24.36 -42.82
C ARG N 241 -4.21 -25.41 -43.90
N VAL N 242 -5.20 -26.26 -44.17
CA VAL N 242 -5.03 -27.26 -45.22
C VAL N 242 -4.92 -26.60 -46.58
N PHE N 243 -5.62 -25.49 -46.79
CA PHE N 243 -5.64 -24.83 -48.08
C PHE N 243 -4.24 -24.30 -48.41
N PRO N 244 -3.85 -24.28 -49.68
CA PRO N 244 -2.50 -23.81 -50.03
C PRO N 244 -2.24 -22.42 -49.49
N PRO N 245 -1.12 -22.22 -48.78
CA PRO N 245 -0.87 -20.90 -48.17
C PRO N 245 -0.84 -19.75 -49.17
N GLU N 246 -0.35 -19.98 -50.39
CA GLU N 246 -0.19 -18.89 -51.33
C GLU N 246 -1.53 -18.24 -51.66
N ILE N 247 -2.55 -19.04 -51.90
CA ILE N 247 -3.86 -18.47 -52.22
C ILE N 247 -4.45 -17.78 -51.00
N VAL N 248 -4.25 -18.38 -49.82
CA VAL N 248 -4.74 -17.76 -48.58
C VAL N 248 -4.18 -16.35 -48.45
N GLU N 249 -2.88 -16.20 -48.68
CA GLU N 249 -2.28 -14.87 -48.66
C GLU N 249 -2.82 -14.01 -49.78
N GLN N 250 -3.05 -14.60 -50.96
CA GLN N 250 -3.48 -13.83 -52.11
C GLN N 250 -4.81 -13.14 -51.86
N MET N 251 -5.82 -13.89 -51.42
CA MET N 251 -7.16 -13.31 -51.28
C MET N 251 -7.33 -12.61 -49.93
N GLY N 252 -7.15 -13.34 -48.84
CA GLY N 252 -7.48 -12.82 -47.53
C GLY N 252 -7.54 -13.92 -46.49
N CYS N 253 -8.66 -14.00 -45.78
CA CYS N 253 -8.86 -15.02 -44.76
C CYS N 253 -7.89 -14.81 -43.60
N LYS N 254 -8.16 -15.47 -42.47
CA LYS N 254 -7.31 -15.32 -41.29
C LYS N 254 -7.32 -16.64 -40.54
N HIS N 255 -6.14 -17.22 -40.32
CA HIS N 255 -6.05 -18.46 -39.57
C HIS N 255 -6.49 -18.23 -38.12
N VAL N 256 -7.26 -19.17 -37.60
CA VAL N 256 -7.77 -19.08 -36.24
C VAL N 256 -6.65 -19.41 -35.26
N LYS N 257 -6.54 -18.61 -34.20
CA LYS N 257 -5.50 -18.83 -33.20
C LYS N 257 -6.02 -18.67 -31.77
N GLY N 258 -7.34 -18.63 -31.57
CA GLY N 258 -7.89 -18.52 -30.23
C GLY N 258 -9.06 -19.45 -29.99
N ILE N 259 -8.91 -20.34 -29.01
CA ILE N 259 -9.96 -21.29 -28.63
C ILE N 259 -10.14 -21.22 -27.12
N LEU N 260 -11.39 -21.13 -26.67
CA LEU N 260 -11.70 -21.12 -25.25
C LEU N 260 -12.67 -22.25 -24.93
N LEU N 261 -12.33 -23.03 -23.90
CA LEU N 261 -13.08 -24.20 -23.47
C LEU N 261 -13.63 -23.94 -22.08
N TYR N 262 -14.97 -23.97 -21.95
CA TYR N 262 -15.61 -23.65 -20.69
C TYR N 262 -16.56 -24.77 -20.29
N GLY N 263 -16.55 -25.09 -19.00
CA GLY N 263 -17.44 -26.10 -18.45
C GLY N 263 -17.10 -26.41 -17.01
N PRO N 264 -17.92 -27.25 -16.37
CA PRO N 264 -17.65 -27.66 -14.98
C PRO N 264 -16.34 -28.44 -14.91
N PRO N 265 -15.74 -28.52 -13.72
CA PRO N 265 -14.46 -29.24 -13.60
C PRO N 265 -14.61 -30.70 -14.03
N GLY N 266 -13.59 -31.19 -14.70
CA GLY N 266 -13.60 -32.57 -15.17
C GLY N 266 -12.31 -32.87 -15.92
N CYS N 267 -12.13 -34.16 -16.22
CA CYS N 267 -10.95 -34.62 -16.92
C CYS N 267 -11.06 -34.49 -18.44
N GLY N 268 -12.22 -34.08 -18.95
CA GLY N 268 -12.40 -34.00 -20.39
C GLY N 268 -11.54 -32.93 -21.04
N LYS N 269 -11.41 -31.77 -20.38
CA LYS N 269 -10.71 -30.65 -21.00
C LYS N 269 -9.24 -30.96 -21.23
N THR N 270 -8.55 -31.44 -20.19
CA THR N 270 -7.13 -31.76 -20.33
C THR N 270 -6.92 -32.87 -21.35
N LEU N 271 -7.78 -33.89 -21.33
CA LEU N 271 -7.67 -34.97 -22.29
C LEU N 271 -7.85 -34.46 -23.73
N LEU N 272 -8.80 -33.56 -23.94
CA LEU N 272 -9.00 -32.97 -25.25
C LEU N 272 -7.77 -32.19 -25.69
N ALA N 273 -7.19 -31.40 -24.78
CA ALA N 273 -6.01 -30.64 -25.12
C ALA N 273 -4.85 -31.54 -25.49
N ARG N 274 -4.64 -32.62 -24.72
CA ARG N 274 -3.59 -33.57 -25.04
C ARG N 274 -3.84 -34.24 -26.38
N GLN N 275 -5.10 -34.57 -26.68
CA GLN N 275 -5.42 -35.16 -27.96
C GLN N 275 -5.10 -34.21 -29.11
N ILE N 276 -5.45 -32.93 -28.95
CA ILE N 276 -5.12 -31.95 -29.99
C ILE N 276 -3.60 -31.86 -30.17
N GLY N 277 -2.86 -31.82 -29.07
CA GLY N 277 -1.41 -31.81 -29.17
C GLY N 277 -0.87 -33.03 -29.88
N LYS N 278 -1.68 -34.10 -29.86
CA LYS N 278 -1.36 -35.33 -30.64
C LYS N 278 -2.08 -35.26 -31.98
N MET N 279 -3.00 -34.31 -32.16
CA MET N 279 -3.82 -34.19 -33.41
C MET N 279 -3.01 -33.43 -34.47
N LEU N 280 -1.75 -33.10 -34.19
CA LEU N 280 -0.88 -32.41 -35.19
C LEU N 280 0.60 -32.71 -34.95
N ASN N 281 1.45 -32.60 -35.98
CA ASN N 281 2.90 -32.69 -35.91
C ASN N 281 3.47 -31.38 -35.38
N ALA N 282 3.01 -31.01 -34.19
CA ALA N 282 3.41 -29.77 -33.54
C ALA N 282 4.53 -30.04 -32.55
N ARG N 283 4.93 -29.00 -31.83
CA ARG N 283 5.96 -29.12 -30.81
C ARG N 283 5.29 -29.65 -29.53
N GLU N 284 6.03 -29.61 -28.42
CA GLU N 284 5.44 -29.96 -27.14
C GLU N 284 4.69 -28.75 -26.59
N PRO N 285 3.38 -28.83 -26.36
CA PRO N 285 2.66 -27.66 -25.87
C PRO N 285 3.25 -27.15 -24.56
N LYS N 286 3.30 -25.83 -24.43
CA LYS N 286 3.76 -25.18 -23.21
C LYS N 286 2.56 -24.89 -22.32
N VAL N 287 2.57 -25.43 -21.11
CA VAL N 287 1.44 -25.36 -20.19
C VAL N 287 1.88 -24.62 -18.94
N VAL N 288 1.08 -23.64 -18.52
CA VAL N 288 1.31 -22.89 -17.30
C VAL N 288 0.16 -23.19 -16.34
N ASN N 289 0.51 -23.63 -15.13
CA ASN N 289 -0.47 -24.07 -14.14
C ASN N 289 -0.68 -22.94 -13.13
N GLY N 290 -1.81 -22.25 -13.23
CA GLY N 290 -2.15 -21.21 -12.30
C GLY N 290 -1.34 -19.95 -12.52
N PRO N 291 -1.44 -19.00 -11.58
CA PRO N 291 -0.74 -17.72 -11.70
C PRO N 291 0.71 -17.79 -11.21
N GLU N 292 1.51 -18.65 -11.84
CA GLU N 292 2.92 -18.71 -11.53
C GLU N 292 3.69 -17.52 -12.09
N ILE N 293 3.10 -16.80 -13.05
CA ILE N 293 3.77 -15.64 -13.62
C ILE N 293 3.92 -14.54 -12.58
N LEU N 294 2.92 -14.37 -11.72
CA LEU N 294 2.94 -13.28 -10.74
C LEU N 294 4.19 -13.41 -9.87
N ASN N 295 4.88 -12.28 -9.69
CA ASN N 295 6.14 -12.25 -8.97
C ASN N 295 6.19 -11.03 -8.07
N LYS N 296 7.00 -11.14 -7.00
CA LYS N 296 7.18 -10.03 -6.09
C LYS N 296 7.86 -8.84 -6.78
N TYR N 297 8.86 -9.11 -7.60
CA TYR N 297 9.67 -8.06 -8.19
C TYR N 297 8.99 -7.47 -9.42
N VAL N 298 9.31 -6.21 -9.69
CA VAL N 298 8.73 -5.50 -10.82
C VAL N 298 9.39 -5.96 -12.10
N GLY N 299 8.57 -6.32 -13.09
CA GLY N 299 9.04 -6.67 -14.41
C GLY N 299 9.22 -8.15 -14.67
N GLU N 300 9.28 -9.04 -13.68
CA GLU N 300 9.57 -10.47 -13.93
C GLU N 300 8.43 -11.17 -14.73
N SER N 301 7.16 -10.96 -14.37
CA SER N 301 6.02 -11.69 -14.99
C SER N 301 5.94 -11.49 -16.52
N GLU N 302 5.89 -10.24 -17.01
CA GLU N 302 5.77 -9.97 -18.46
C GLU N 302 7.02 -10.49 -19.14
N ALA N 303 8.17 -10.38 -18.47
CA ALA N 303 9.45 -10.90 -19.00
C ALA N 303 9.24 -12.38 -19.32
N ASN N 304 8.77 -13.17 -18.35
CA ASN N 304 8.54 -14.62 -18.52
C ASN N 304 7.49 -14.88 -19.61
N ILE N 305 6.42 -14.08 -19.66
CA ILE N 305 5.36 -14.21 -20.71
C ILE N 305 6.04 -14.11 -22.08
N ARG N 306 6.93 -13.14 -22.27
CA ARG N 306 7.69 -13.01 -23.52
C ARG N 306 8.61 -14.21 -23.69
N LYS N 307 9.26 -14.65 -22.62
CA LYS N 307 10.22 -15.79 -22.67
C LYS N 307 9.54 -17.03 -23.25
N LEU N 308 8.23 -17.20 -23.04
CA LEU N 308 7.46 -18.36 -23.54
C LEU N 308 7.44 -18.37 -25.07
N PHE N 309 7.56 -17.19 -25.70
CA PHE N 309 7.46 -17.05 -27.19
C PHE N 309 8.80 -17.39 -27.83
N ALA N 310 9.71 -18.05 -27.13
CA ALA N 310 11.06 -18.42 -27.61
C ALA N 310 10.99 -19.07 -29.00
N ASP N 311 10.66 -20.37 -29.07
CA ASP N 311 10.67 -21.16 -30.34
C ASP N 311 9.73 -20.53 -31.36
N ALA N 312 8.61 -19.97 -30.93
CA ALA N 312 7.63 -19.36 -31.85
C ALA N 312 8.39 -18.31 -32.64
N GLU N 313 8.96 -17.32 -31.98
CA GLU N 313 9.72 -16.21 -32.61
C GLU N 313 10.87 -16.80 -33.43
N GLU N 314 11.51 -17.85 -32.90
CA GLU N 314 12.61 -18.54 -33.61
C GLU N 314 12.07 -19.01 -34.96
N GLU N 315 10.92 -19.69 -34.98
CA GLU N 315 10.30 -20.24 -36.21
C GLU N 315 9.59 -19.12 -36.98
N GLN N 316 9.13 -18.07 -36.28
CA GLN N 316 8.39 -16.94 -36.91
C GLN N 316 9.39 -15.97 -37.52
N ARG N 317 10.69 -16.25 -37.42
CA ARG N 317 11.76 -15.41 -38.02
C ARG N 317 12.60 -16.27 -38.97
N ARG N 318 13.08 -17.43 -38.50
CA ARG N 318 13.94 -18.34 -39.32
C ARG N 318 13.12 -18.90 -40.48
N LEU N 319 11.85 -19.25 -40.25
CA LEU N 319 10.97 -19.83 -41.30
C LEU N 319 9.62 -19.09 -41.33
N GLY N 320 9.46 -18.03 -40.52
CA GLY N 320 8.21 -17.27 -40.46
C GLY N 320 7.01 -18.18 -40.25
N ALA N 321 5.90 -17.94 -40.97
CA ALA N 321 4.69 -18.77 -40.88
C ALA N 321 4.99 -20.16 -41.44
N ASN N 322 5.98 -20.28 -42.33
CA ASN N 322 6.36 -21.57 -42.96
C ASN N 322 7.24 -22.36 -42.00
N SER N 323 6.76 -22.67 -40.79
CA SER N 323 7.51 -23.45 -39.77
C SER N 323 6.54 -24.43 -39.11
N GLY N 324 6.91 -25.04 -37.98
CA GLY N 324 5.99 -25.88 -37.25
C GLY N 324 5.01 -25.08 -36.42
N LEU N 325 3.91 -25.73 -36.05
CA LEU N 325 2.86 -25.10 -35.27
C LEU N 325 3.21 -25.12 -33.78
N HIS N 326 2.82 -24.06 -33.08
CA HIS N 326 3.07 -23.90 -31.66
C HIS N 326 1.74 -23.91 -30.92
N ILE N 327 1.66 -24.71 -29.87
CA ILE N 327 0.45 -24.86 -29.06
C ILE N 327 0.73 -24.31 -27.67
N ILE N 328 -0.17 -23.45 -27.19
CA ILE N 328 -0.07 -22.88 -25.85
C ILE N 328 -1.32 -23.26 -25.08
N ILE N 329 -1.13 -23.81 -23.87
CA ILE N 329 -2.21 -24.27 -23.02
C ILE N 329 -2.21 -23.42 -21.77
N PHE N 330 -3.35 -22.80 -21.48
CA PHE N 330 -3.53 -21.99 -20.28
C PHE N 330 -4.52 -22.69 -19.36
N ASP N 331 -4.11 -22.91 -18.11
CA ASP N 331 -4.96 -23.53 -17.10
C ASP N 331 -5.38 -22.45 -16.10
N GLU N 332 -6.69 -22.31 -15.91
CA GLU N 332 -7.24 -21.27 -15.04
C GLU N 332 -6.73 -19.90 -15.44
N ILE N 333 -6.90 -19.56 -16.73
CA ILE N 333 -6.47 -18.26 -17.23
C ILE N 333 -7.23 -17.14 -16.52
N ASP N 334 -8.44 -17.42 -16.04
CA ASP N 334 -9.22 -16.39 -15.36
C ASP N 334 -8.45 -15.80 -14.19
N ALA N 335 -7.58 -16.58 -13.55
CA ALA N 335 -6.82 -16.07 -12.41
C ALA N 335 -5.91 -14.92 -12.83
N ILE N 336 -5.24 -15.05 -13.98
CA ILE N 336 -4.30 -14.03 -14.41
C ILE N 336 -4.97 -12.94 -15.25
N CYS N 337 -6.04 -13.28 -15.95
CA CYS N 337 -6.74 -12.34 -16.84
C CYS N 337 -8.12 -12.05 -16.27
N LYS N 338 -8.48 -10.77 -16.24
CA LYS N 338 -9.79 -10.36 -15.75
C LYS N 338 -10.13 -8.94 -16.21
N THR N 347 -3.40 -3.59 -8.91
CA THR N 347 -4.03 -3.76 -10.20
C THR N 347 -3.03 -3.57 -11.34
N GLY N 348 -1.92 -2.89 -11.03
CA GLY N 348 -0.92 -2.65 -12.05
C GLY N 348 -0.33 -3.94 -12.61
N VAL N 349 -0.07 -4.92 -11.75
CA VAL N 349 0.50 -6.19 -12.21
C VAL N 349 -0.45 -6.87 -13.17
N HIS N 350 -1.74 -6.94 -12.81
CA HIS N 350 -2.71 -7.66 -13.63
C HIS N 350 -2.91 -6.97 -14.97
N ASP N 351 -3.08 -5.65 -14.96
CA ASP N 351 -3.29 -4.93 -16.22
C ASP N 351 -2.05 -5.01 -17.10
N THR N 352 -0.86 -4.91 -16.51
CA THR N 352 0.36 -5.06 -17.28
C THR N 352 0.45 -6.44 -17.91
N VAL N 353 0.11 -7.48 -17.16
CA VAL N 353 0.15 -8.84 -17.70
C VAL N 353 -0.84 -8.98 -18.85
N VAL N 354 -2.06 -8.47 -18.67
CA VAL N 354 -3.07 -8.59 -19.71
C VAL N 354 -2.63 -7.86 -20.96
N ASN N 355 -2.11 -6.64 -20.81
CA ASN N 355 -1.66 -5.88 -21.96
C ASN N 355 -0.50 -6.58 -22.67
N GLN N 356 0.45 -7.13 -21.89
CA GLN N 356 1.58 -7.83 -22.49
C GLN N 356 1.10 -9.03 -23.29
N LEU N 357 0.20 -9.83 -22.72
CA LEU N 357 -0.31 -11.00 -23.44
C LEU N 357 -1.06 -10.59 -24.69
N LEU N 358 -1.89 -9.54 -24.60
CA LEU N 358 -2.64 -9.10 -25.76
C LEU N 358 -1.73 -8.62 -26.86
N SER N 359 -0.69 -7.85 -26.51
CA SER N 359 0.25 -7.37 -27.51
C SER N 359 1.02 -8.51 -28.14
N LYS N 360 1.44 -9.49 -27.32
CA LYS N 360 2.25 -10.64 -27.80
C LYS N 360 1.41 -11.50 -28.75
N ILE N 361 0.14 -11.75 -28.41
CA ILE N 361 -0.74 -12.50 -29.29
C ILE N 361 -1.05 -11.71 -30.55
N ASP N 362 -1.35 -10.41 -30.40
CA ASP N 362 -1.65 -9.54 -31.53
C ASP N 362 -0.95 -8.20 -31.28
N GLY N 363 0.02 -7.89 -32.11
CA GLY N 363 0.77 -6.64 -31.99
C GLY N 363 1.25 -6.19 -33.34
N VAL N 364 2.38 -5.47 -33.35
CA VAL N 364 2.95 -5.00 -34.61
C VAL N 364 3.35 -6.17 -35.49
N GLU N 365 4.01 -7.17 -34.89
CA GLU N 365 4.42 -8.36 -35.62
C GLU N 365 3.37 -9.46 -35.44
N GLN N 366 2.96 -10.07 -36.55
CA GLN N 366 1.94 -11.11 -36.55
C GLN N 366 2.59 -12.47 -36.64
N LEU N 367 2.17 -13.38 -35.74
CA LEU N 367 2.64 -14.78 -35.74
C LEU N 367 1.51 -15.63 -36.33
N ASN N 368 1.81 -16.50 -37.28
CA ASN N 368 0.83 -17.36 -37.93
C ASN N 368 1.01 -18.82 -37.57
N ASN N 369 1.70 -19.12 -36.48
CA ASN N 369 1.96 -20.51 -36.10
C ASN N 369 1.81 -20.72 -34.59
N ILE N 370 1.03 -19.87 -33.92
CA ILE N 370 0.79 -19.95 -32.49
C ILE N 370 -0.70 -20.16 -32.26
N LEU N 371 -1.04 -21.15 -31.43
CA LEU N 371 -2.42 -21.42 -31.05
C LEU N 371 -2.50 -21.43 -29.53
N VAL N 372 -3.48 -20.70 -28.99
CA VAL N 372 -3.66 -20.55 -27.55
C VAL N 372 -4.98 -21.20 -27.17
N ILE N 373 -4.91 -22.12 -26.21
CA ILE N 373 -6.09 -22.84 -25.71
C ILE N 373 -6.24 -22.52 -24.22
N GLY N 374 -7.41 -22.02 -23.85
CA GLY N 374 -7.70 -21.68 -22.46
C GLY N 374 -8.85 -22.50 -21.94
N MET N 375 -8.77 -22.87 -20.66
CA MET N 375 -9.80 -23.64 -19.98
C MET N 375 -10.24 -22.91 -18.73
N THR N 376 -11.56 -22.79 -18.54
CA THR N 376 -12.11 -22.09 -17.39
C THR N 376 -13.46 -22.69 -17.03
N ASN N 377 -13.90 -22.42 -15.80
CA ASN N 377 -15.23 -22.77 -15.35
C ASN N 377 -16.11 -21.55 -15.11
N ARG N 378 -15.56 -20.34 -15.23
CA ARG N 378 -16.31 -19.10 -15.02
C ARG N 378 -16.03 -18.14 -16.17
N PRO N 379 -16.54 -18.47 -17.37
CA PRO N 379 -16.23 -17.63 -18.54
C PRO N 379 -16.71 -16.20 -18.42
N ASP N 380 -17.66 -15.93 -17.53
CA ASP N 380 -18.21 -14.58 -17.41
C ASP N 380 -17.19 -13.58 -16.87
N LEU N 381 -16.17 -14.03 -16.15
CA LEU N 381 -15.20 -13.13 -15.54
C LEU N 381 -13.96 -12.90 -16.39
N ILE N 382 -13.92 -13.44 -17.60
CA ILE N 382 -12.79 -13.20 -18.49
C ILE N 382 -12.92 -11.82 -19.12
N ASP N 383 -11.78 -11.24 -19.47
CA ASP N 383 -11.78 -9.91 -20.08
C ASP N 383 -12.49 -9.95 -21.43
N GLU N 384 -13.35 -8.96 -21.67
CA GLU N 384 -14.06 -8.88 -22.94
C GLU N 384 -13.10 -8.67 -24.11
N ALA N 385 -12.08 -7.83 -23.91
CA ALA N 385 -11.12 -7.58 -24.98
C ALA N 385 -10.45 -8.86 -25.43
N LEU N 386 -10.29 -9.84 -24.54
CA LEU N 386 -9.71 -11.12 -24.92
C LEU N 386 -10.64 -11.96 -25.77
N LEU N 387 -11.93 -11.59 -25.86
CA LEU N 387 -12.89 -12.28 -26.71
C LEU N 387 -13.06 -11.60 -28.07
N ARG N 388 -12.31 -10.54 -28.34
CA ARG N 388 -12.37 -9.89 -29.64
C ARG N 388 -11.88 -10.86 -30.71
N PRO N 389 -12.45 -10.82 -31.92
CA PRO N 389 -12.01 -11.74 -32.97
C PRO N 389 -10.52 -11.60 -33.24
N GLY N 390 -9.87 -12.74 -33.47
CA GLY N 390 -8.44 -12.80 -33.60
C GLY N 390 -7.71 -13.04 -32.30
N ARG N 391 -8.41 -13.05 -31.16
CA ARG N 391 -7.82 -13.34 -29.86
C ARG N 391 -8.41 -14.60 -29.25
N LEU N 392 -9.74 -14.75 -29.28
CA LEU N 392 -10.40 -15.98 -28.85
C LEU N 392 -11.58 -16.18 -29.79
N GLU N 393 -11.37 -16.96 -30.85
CA GLU N 393 -12.35 -17.13 -31.91
C GLU N 393 -13.38 -18.22 -31.59
N VAL N 394 -12.91 -19.41 -31.26
CA VAL N 394 -13.76 -20.59 -31.11
C VAL N 394 -14.19 -20.75 -29.66
N LYS N 395 -15.46 -21.06 -29.47
CA LYS N 395 -16.05 -21.29 -28.15
C LYS N 395 -16.45 -22.76 -28.05
N MET N 396 -16.07 -23.42 -26.96
CA MET N 396 -16.37 -24.83 -26.77
C MET N 396 -16.94 -25.03 -25.37
N GLU N 397 -18.00 -25.83 -25.27
CA GLU N 397 -18.65 -26.11 -24.00
C GLU N 397 -18.43 -27.56 -23.60
N ILE N 398 -18.26 -27.79 -22.31
CA ILE N 398 -18.00 -29.11 -21.77
C ILE N 398 -19.19 -29.55 -20.92
N GLY N 399 -19.18 -30.82 -20.55
CA GLY N 399 -20.24 -31.42 -19.74
C GLY N 399 -19.64 -32.24 -18.61
N LEU N 400 -20.32 -33.34 -18.25
CA LEU N 400 -19.92 -34.17 -17.07
C LEU N 400 -19.57 -35.60 -17.52
N PRO N 401 -18.95 -36.42 -16.64
CA PRO N 401 -18.52 -37.78 -17.01
C PRO N 401 -19.73 -38.69 -17.27
N ASP N 402 -19.91 -39.13 -18.52
CA ASP N 402 -21.08 -39.93 -18.92
C ASP N 402 -21.04 -41.33 -18.31
N GLU N 403 -22.10 -42.11 -18.48
CA GLU N 403 -22.20 -43.48 -17.98
C GLU N 403 -21.15 -44.38 -18.59
N LYS N 404 -20.89 -44.26 -19.90
CA LYS N 404 -19.89 -45.10 -20.53
C LYS N 404 -18.51 -44.81 -19.99
N GLY N 405 -18.19 -43.53 -19.79
CA GLY N 405 -16.91 -43.19 -19.18
C GLY N 405 -16.78 -43.71 -17.76
N ARG N 406 -17.87 -43.64 -16.99
CA ARG N 406 -17.84 -44.18 -15.64
C ARG N 406 -17.60 -45.68 -15.65
N LEU N 407 -18.23 -46.40 -16.58
CA LEU N 407 -17.97 -47.83 -16.71
C LEU N 407 -16.51 -48.09 -17.06
N GLN N 408 -15.96 -47.30 -17.98
CA GLN N 408 -14.56 -47.47 -18.36
C GLN N 408 -13.64 -47.26 -17.17
N ILE N 409 -13.89 -46.22 -16.37
CA ILE N 409 -13.04 -45.94 -15.21
C ILE N 409 -13.16 -47.06 -14.18
N LEU N 410 -14.40 -47.51 -13.91
CA LEU N 410 -14.59 -48.60 -12.96
C LEU N 410 -13.90 -49.87 -13.42
N HIS N 411 -13.86 -50.11 -14.74
CA HIS N 411 -13.17 -51.29 -15.25
C HIS N 411 -11.65 -51.12 -15.13
N ILE N 412 -11.15 -49.90 -15.32
CA ILE N 412 -9.73 -49.67 -15.21
C ILE N 412 -9.26 -49.87 -13.78
N HIS N 413 -10.13 -49.55 -12.83
CA HIS N 413 -9.82 -49.73 -11.39
C HIS N 413 -9.97 -51.21 -11.00
N THR N 414 -11.19 -51.76 -11.06
CA THR N 414 -11.50 -53.14 -10.61
C THR N 414 -10.67 -54.24 -11.27
N ALA N 415 -10.49 -54.23 -12.58
CA ALA N 415 -9.81 -55.32 -13.34
C ALA N 415 -8.55 -55.81 -12.62
N ARG N 416 -7.72 -54.90 -12.09
CA ARG N 416 -6.47 -55.26 -11.39
C ARG N 416 -6.80 -56.36 -10.38
N MET N 417 -7.82 -56.15 -9.54
CA MET N 417 -8.26 -57.14 -8.51
C MET N 417 -8.89 -58.38 -9.17
N ARG N 418 -9.62 -58.20 -10.27
CA ARG N 418 -10.23 -59.33 -10.98
C ARG N 418 -9.18 -60.35 -11.39
N GLY N 419 -8.00 -59.89 -11.84
CA GLY N 419 -6.98 -60.81 -12.31
C GLY N 419 -6.51 -61.76 -11.22
N HIS N 420 -6.47 -61.29 -9.97
CA HIS N 420 -5.99 -62.09 -8.85
C HIS N 420 -7.07 -62.99 -8.26
N GLN N 421 -8.27 -63.00 -8.83
CA GLN N 421 -9.39 -63.80 -8.34
C GLN N 421 -9.77 -63.44 -6.91
N LEU N 422 -9.35 -62.27 -6.44
CA LEU N 422 -9.64 -61.83 -5.08
C LEU N 422 -10.97 -61.12 -4.95
N LEU N 423 -11.66 -60.85 -6.05
CA LEU N 423 -12.91 -60.12 -6.04
C LEU N 423 -14.08 -61.09 -6.07
N SER N 424 -15.03 -60.90 -5.17
CA SER N 424 -16.19 -61.77 -5.10
C SER N 424 -16.99 -61.70 -6.41
N ALA N 425 -17.46 -62.86 -6.87
CA ALA N 425 -18.20 -62.92 -8.12
C ALA N 425 -19.55 -62.22 -8.04
N ASP N 426 -20.11 -62.05 -6.83
CA ASP N 426 -21.41 -61.43 -6.69
C ASP N 426 -21.42 -59.97 -7.11
N VAL N 427 -20.25 -59.34 -7.25
CA VAL N 427 -20.19 -57.93 -7.60
C VAL N 427 -20.62 -57.75 -9.05
N ASP N 428 -21.48 -56.76 -9.28
CA ASP N 428 -21.95 -56.41 -10.63
C ASP N 428 -21.55 -54.96 -10.89
N ILE N 429 -20.54 -54.78 -11.74
CA ILE N 429 -19.98 -53.45 -11.95
C ILE N 429 -20.98 -52.52 -12.64
N LYS N 430 -21.82 -53.07 -13.53
CA LYS N 430 -22.80 -52.23 -14.22
C LYS N 430 -23.73 -51.55 -13.23
N GLU N 431 -24.20 -52.29 -12.21
CA GLU N 431 -25.09 -51.69 -11.22
C GLU N 431 -24.40 -50.55 -10.49
N LEU N 432 -23.14 -50.77 -10.07
CA LEU N 432 -22.40 -49.73 -9.37
C LEU N 432 -22.24 -48.50 -10.24
N ALA N 433 -21.92 -48.70 -11.52
CA ALA N 433 -21.79 -47.57 -12.44
C ALA N 433 -23.11 -46.82 -12.56
N VAL N 434 -24.22 -47.55 -12.62
CA VAL N 434 -25.53 -46.90 -12.72
C VAL N 434 -25.81 -46.06 -11.49
N GLU N 435 -25.55 -46.63 -10.30
CA GLU N 435 -25.85 -45.89 -9.07
C GLU N 435 -25.02 -44.61 -8.97
N THR N 436 -23.73 -44.70 -9.31
CA THR N 436 -22.85 -43.52 -9.23
C THR N 436 -23.22 -42.53 -10.32
N LYS N 437 -23.62 -41.33 -9.91
CA LYS N 437 -23.98 -40.26 -10.84
C LYS N 437 -23.32 -38.96 -10.38
N ASN N 438 -22.72 -38.24 -11.33
CA ASN N 438 -22.00 -37.01 -11.06
C ASN N 438 -20.69 -37.24 -10.31
N PHE N 439 -20.15 -38.46 -10.37
CA PHE N 439 -18.90 -38.80 -9.70
C PHE N 439 -17.76 -38.73 -10.71
N SER N 440 -16.74 -37.95 -10.37
CA SER N 440 -15.56 -37.85 -11.21
C SER N 440 -14.60 -39.00 -10.91
N GLY N 441 -13.50 -39.06 -11.66
CA GLY N 441 -12.56 -40.15 -11.49
C GLY N 441 -12.03 -40.24 -10.07
N ALA N 442 -11.70 -39.10 -9.47
CA ALA N 442 -11.21 -39.10 -8.09
C ALA N 442 -12.27 -39.63 -7.14
N GLU N 443 -13.54 -39.25 -7.34
CA GLU N 443 -14.60 -39.73 -6.48
C GLU N 443 -14.79 -41.24 -6.64
N LEU N 444 -14.74 -41.75 -7.87
CA LEU N 444 -14.85 -43.19 -8.07
C LEU N 444 -13.70 -43.93 -7.41
N GLU N 445 -12.48 -43.41 -7.54
CA GLU N 445 -11.33 -44.02 -6.89
C GLU N 445 -11.50 -44.02 -5.37
N GLY N 446 -11.99 -42.91 -4.82
CA GLY N 446 -12.22 -42.86 -3.38
C GLY N 446 -13.29 -43.83 -2.93
N LEU N 447 -14.34 -44.01 -3.73
CA LEU N 447 -15.36 -45.00 -3.42
C LEU N 447 -14.78 -46.40 -3.42
N VAL N 448 -13.94 -46.71 -4.40
CA VAL N 448 -13.28 -48.01 -4.44
C VAL N 448 -12.42 -48.20 -3.20
N ARG N 449 -11.66 -47.17 -2.83
CA ARG N 449 -10.80 -47.27 -1.65
C ARG N 449 -11.62 -47.46 -0.39
N ALA N 450 -12.76 -46.79 -0.28
CA ALA N 450 -13.61 -46.96 0.89
C ALA N 450 -14.20 -48.37 0.95
N ALA N 451 -14.55 -48.93 -0.22
CA ALA N 451 -14.97 -50.33 -0.25
C ALA N 451 -13.85 -51.23 0.24
N GLN N 452 -12.61 -50.97 -0.20
CA GLN N 452 -11.48 -51.73 0.29
C GLN N 452 -11.34 -51.59 1.79
N SER N 453 -11.55 -50.38 2.32
CA SER N 453 -11.42 -50.16 3.76
C SER N 453 -12.46 -50.98 4.52
N THR N 454 -13.71 -50.95 4.07
CA THR N 454 -14.75 -51.71 4.76
C THR N 454 -14.50 -53.20 4.65
N ALA N 455 -13.90 -53.66 3.54
CA ALA N 455 -13.58 -55.08 3.41
C ALA N 455 -12.45 -55.47 4.35
N MET N 456 -11.38 -54.67 4.39
CA MET N 456 -10.20 -55.03 5.16
C MET N 456 -10.45 -54.92 6.65
N ASN N 457 -11.31 -53.99 7.08
CA ASN N 457 -11.59 -53.86 8.51
C ASN N 457 -12.32 -55.07 9.07
N ARG N 458 -12.84 -55.96 8.22
CA ARG N 458 -13.43 -57.18 8.74
C ARG N 458 -12.43 -58.00 9.54
N HIS N 459 -11.15 -57.93 9.18
CA HIS N 459 -10.09 -58.63 9.90
C HIS N 459 -9.33 -57.72 10.86
N ILE N 460 -9.54 -56.41 10.79
CA ILE N 460 -8.93 -55.48 11.72
C ILE N 460 -9.86 -55.35 12.92
N LYS N 461 -9.56 -56.10 13.98
CA LYS N 461 -10.31 -56.02 15.23
C LYS N 461 -9.87 -54.84 16.10
N ALA N 462 -9.20 -53.86 15.52
CA ALA N 462 -8.69 -52.73 16.28
C ALA N 462 -9.78 -52.13 17.16
N SER N 463 -9.37 -51.58 18.29
CA SER N 463 -10.29 -51.05 19.29
C SER N 463 -9.59 -49.88 19.98
N THR N 464 -10.05 -49.55 21.19
CA THR N 464 -9.45 -48.45 21.95
C THR N 464 -7.93 -48.47 21.87
N LYS N 465 -7.30 -49.62 22.05
CA LYS N 465 -5.85 -49.69 21.94
C LYS N 465 -5.43 -49.75 20.47
N VAL N 466 -5.79 -50.84 19.78
CA VAL N 466 -5.52 -51.09 18.37
C VAL N 466 -4.83 -52.45 18.23
N GLU N 467 -5.61 -53.51 18.03
CA GLU N 467 -4.99 -54.81 17.85
C GLU N 467 -4.52 -55.04 16.40
N VAL N 468 -5.36 -54.69 15.42
CA VAL N 468 -5.01 -54.77 14.01
C VAL N 468 -4.71 -56.19 13.54
N ASP N 469 -5.13 -56.48 12.31
CA ASP N 469 -4.72 -57.66 11.55
C ASP N 469 -5.13 -58.97 12.21
N MET N 470 -5.16 -60.03 11.43
CA MET N 470 -5.51 -61.36 11.90
C MET N 470 -4.78 -62.37 11.01
N GLU N 471 -5.16 -63.65 11.13
CA GLU N 471 -4.58 -64.66 10.27
C GLU N 471 -5.19 -64.66 8.87
N LYS N 472 -6.29 -63.93 8.66
CA LYS N 472 -6.95 -63.84 7.36
C LYS N 472 -6.98 -62.40 6.84
N ALA N 473 -6.08 -61.55 7.31
CA ALA N 473 -6.02 -60.17 6.83
C ALA N 473 -5.57 -60.07 5.38
N GLU N 474 -5.07 -61.16 4.79
CA GLU N 474 -4.68 -61.18 3.39
C GLU N 474 -5.77 -61.85 2.57
N SER N 475 -5.56 -61.89 1.25
CA SER N 475 -6.54 -62.46 0.33
C SER N 475 -7.90 -61.79 0.50
N LEU N 476 -7.88 -60.47 0.67
CA LEU N 476 -9.10 -59.72 0.90
C LEU N 476 -9.92 -59.61 -0.39
N GLN N 477 -11.21 -59.35 -0.21
CA GLN N 477 -12.16 -59.20 -1.31
C GLN N 477 -12.96 -57.93 -1.10
N VAL N 478 -13.05 -57.11 -2.15
CA VAL N 478 -13.87 -55.91 -2.12
C VAL N 478 -15.28 -56.35 -2.50
N THR N 479 -16.05 -56.76 -1.50
CA THR N 479 -17.37 -57.30 -1.75
C THR N 479 -18.37 -56.19 -2.07
N ARG N 480 -19.49 -56.59 -2.66
CA ARG N 480 -20.52 -55.63 -3.03
C ARG N 480 -21.07 -54.90 -1.80
N GLY N 481 -21.25 -55.62 -0.70
CA GLY N 481 -21.74 -54.99 0.51
C GLY N 481 -20.85 -53.85 0.97
N ASP N 482 -19.54 -54.05 0.91
CA ASP N 482 -18.61 -52.97 1.26
C ASP N 482 -18.79 -51.78 0.33
N PHE N 483 -18.91 -52.03 -0.97
CA PHE N 483 -19.11 -50.94 -1.93
C PHE N 483 -20.35 -50.14 -1.60
N LEU N 484 -21.47 -50.82 -1.36
CA LEU N 484 -22.72 -50.12 -1.08
C LEU N 484 -22.66 -49.37 0.25
N ALA N 485 -22.08 -49.99 1.28
CA ALA N 485 -21.97 -49.32 2.57
C ALA N 485 -21.14 -48.05 2.45
N SER N 486 -20.00 -48.13 1.76
CA SER N 486 -19.17 -46.95 1.57
C SER N 486 -19.90 -45.88 0.75
N LEU N 487 -20.60 -46.31 -0.30
CA LEU N 487 -21.33 -45.34 -1.12
C LEU N 487 -22.39 -44.61 -0.30
N GLU N 488 -23.11 -45.21 0.60
CA GLU N 488 -24.22 -44.61 1.32
C GLU N 488 -23.75 -43.75 2.49
N ASN N 489 -22.85 -44.28 3.31
CA ASN N 489 -22.51 -43.66 4.59
C ASN N 489 -21.07 -43.20 4.72
N ASP N 490 -20.24 -43.38 3.70
CA ASP N 490 -18.82 -43.01 3.79
C ASP N 490 -18.46 -41.85 2.87
N ILE N 491 -18.73 -42.05 1.55
CA ILE N 491 -18.34 -41.07 0.55
C ILE N 491 -19.60 -40.42 -0.01
N LYS N 492 -19.64 -39.09 0.00
CA LYS N 492 -20.77 -38.35 -0.52
C LYS N 492 -20.37 -37.61 -1.80
N PRO N 493 -21.26 -37.49 -2.78
CA PRO N 493 -20.92 -36.74 -3.98
C PRO N 493 -20.72 -35.26 -3.69
N ALA N 494 -19.82 -34.65 -4.46
CA ALA N 494 -19.54 -33.23 -4.31
C ALA N 494 -20.51 -32.35 -5.08
N PHE N 495 -21.44 -32.93 -5.83
CA PHE N 495 -22.41 -32.18 -6.60
C PHE N 495 -23.83 -32.68 -6.45
N GLY N 496 -24.05 -33.88 -5.93
CA GLY N 496 -25.39 -34.44 -5.88
C GLY N 496 -25.82 -34.96 -7.24
N THR N 497 -27.13 -35.05 -7.42
CA THR N 497 -27.71 -35.52 -8.68
C THR N 497 -29.14 -35.00 -8.76
N ASN N 498 -29.88 -35.51 -9.73
CA ASN N 498 -31.27 -35.11 -9.93
C ASN N 498 -32.16 -35.85 -8.92
N GLN N 499 -33.47 -35.74 -9.09
CA GLN N 499 -34.40 -36.39 -8.18
C GLN N 499 -35.77 -36.48 -8.84
N GLU N 500 -36.38 -37.67 -8.78
CA GLU N 500 -37.72 -37.90 -9.31
C GLU N 500 -38.50 -38.67 -8.24
N ASP N 501 -39.14 -37.94 -7.34
CA ASP N 501 -39.88 -38.54 -6.23
C ASP N 501 -41.35 -38.69 -6.62
N TYR N 502 -41.60 -39.55 -7.61
CA TYR N 502 -42.97 -39.90 -7.96
C TYR N 502 -43.70 -40.52 -6.78
N ALA N 503 -42.96 -41.19 -5.88
CA ALA N 503 -43.57 -41.71 -4.67
C ALA N 503 -44.16 -40.59 -3.82
N SER N 504 -43.57 -39.39 -3.89
CA SER N 504 -44.11 -38.26 -3.14
C SER N 504 -45.50 -37.89 -3.62
N TYR N 505 -45.70 -37.87 -4.94
CA TYR N 505 -47.01 -37.56 -5.51
C TYR N 505 -47.90 -38.79 -5.65
N ILE N 506 -47.33 -39.99 -5.54
CA ILE N 506 -48.09 -41.23 -5.54
C ILE N 506 -47.63 -42.00 -4.30
N MET N 507 -48.32 -41.82 -3.19
CA MET N 507 -47.90 -42.42 -1.92
C MET N 507 -48.57 -43.75 -1.64
N ASN N 508 -49.80 -43.95 -2.12
CA ASN N 508 -50.57 -45.15 -1.81
C ASN N 508 -51.03 -45.88 -3.06
N GLY N 509 -50.35 -45.67 -4.19
CA GLY N 509 -50.67 -46.38 -5.41
C GLY N 509 -52.08 -46.11 -5.91
N ILE N 510 -52.43 -46.72 -7.04
CA ILE N 510 -53.73 -46.56 -7.67
C ILE N 510 -54.50 -47.87 -7.52
N ILE N 511 -55.70 -47.78 -6.95
CA ILE N 511 -56.58 -48.93 -6.77
C ILE N 511 -57.82 -48.72 -7.62
N LYS N 512 -58.18 -49.73 -8.42
CA LYS N 512 -59.27 -49.63 -9.37
C LYS N 512 -60.57 -49.97 -8.66
N TRP N 513 -61.21 -48.95 -8.08
CA TRP N 513 -62.47 -49.13 -7.38
C TRP N 513 -63.68 -48.93 -8.29
N GLY N 514 -63.47 -48.68 -9.58
CA GLY N 514 -64.59 -48.47 -10.47
C GLY N 514 -64.11 -48.26 -11.89
N ASP N 515 -65.05 -47.88 -12.75
CA ASP N 515 -64.81 -47.66 -14.17
C ASP N 515 -64.11 -46.34 -14.45
N PRO N 516 -64.43 -45.25 -13.72
CA PRO N 516 -63.87 -43.94 -14.09
C PRO N 516 -62.36 -43.91 -14.21
N VAL N 517 -61.63 -44.65 -13.36
CA VAL N 517 -60.17 -44.65 -13.44
C VAL N 517 -59.72 -45.15 -14.80
N THR N 518 -60.34 -46.23 -15.28
CA THR N 518 -59.98 -46.77 -16.59
C THR N 518 -60.27 -45.76 -17.70
N ARG N 519 -61.41 -45.07 -17.60
CA ARG N 519 -61.76 -44.07 -18.62
C ARG N 519 -60.72 -42.96 -18.65
N VAL N 520 -60.32 -42.47 -17.48
CA VAL N 520 -59.33 -41.39 -17.42
C VAL N 520 -58.01 -41.86 -18.02
N LEU N 521 -57.58 -43.06 -17.65
CA LEU N 521 -56.31 -43.57 -18.16
C LEU N 521 -56.34 -43.76 -19.67
N ASP N 522 -57.45 -44.28 -20.19
CA ASP N 522 -57.57 -44.49 -21.63
C ASP N 522 -57.53 -43.16 -22.39
N ASP N 523 -58.23 -42.14 -21.86
CA ASP N 523 -58.16 -40.83 -22.49
C ASP N 523 -56.73 -40.29 -22.46
N GLY N 524 -56.02 -40.53 -21.36
CA GLY N 524 -54.63 -40.12 -21.29
C GLY N 524 -53.78 -40.78 -22.37
N GLU N 525 -53.96 -42.09 -22.56
CA GLU N 525 -53.20 -42.78 -23.60
C GLU N 525 -53.53 -42.23 -24.98
N LEU N 526 -54.81 -41.96 -25.23
CA LEU N 526 -55.19 -41.39 -26.52
C LEU N 526 -54.51 -40.05 -26.75
N LEU N 527 -54.49 -39.19 -25.72
CA LEU N 527 -53.84 -37.90 -25.87
C LEU N 527 -52.34 -38.07 -26.11
N VAL N 528 -51.71 -38.99 -25.40
CA VAL N 528 -50.27 -39.19 -25.56
C VAL N 528 -49.96 -39.64 -26.97
N GLN N 529 -50.72 -40.63 -27.47
N GLN N 529 -50.74 -40.59 -27.49
CA GLN N 529 -50.52 -41.10 -28.83
CA GLN N 529 -50.44 -41.08 -28.84
C GLN N 529 -50.73 -39.99 -29.84
C GLN N 529 -50.78 -40.05 -29.90
N GLN N 530 -51.77 -39.18 -29.65
CA GLN N 530 -52.02 -38.07 -30.57
C GLN N 530 -50.84 -37.12 -30.60
N THR N 531 -50.28 -36.80 -29.43
CA THR N 531 -49.11 -35.94 -29.39
C THR N 531 -47.94 -36.57 -30.12
N LYS N 532 -47.73 -37.89 -29.93
CA LYS N 532 -46.55 -38.52 -30.51
C LYS N 532 -46.58 -38.52 -32.03
N ASN N 533 -47.75 -38.76 -32.63
CA ASN N 533 -47.84 -39.03 -34.06
C ASN N 533 -48.68 -38.01 -34.81
N SER N 534 -48.45 -36.72 -34.57
CA SER N 534 -49.14 -35.66 -35.29
C SER N 534 -48.11 -34.71 -35.91
N ASP N 535 -48.48 -34.12 -37.04
CA ASP N 535 -47.59 -33.25 -37.79
C ASP N 535 -47.94 -31.78 -37.70
N ARG N 536 -49.23 -31.43 -37.69
CA ARG N 536 -49.66 -30.04 -37.62
C ARG N 536 -50.35 -29.70 -36.30
N THR N 537 -50.20 -30.56 -35.29
CA THR N 537 -50.62 -30.23 -33.92
C THR N 537 -49.51 -30.65 -32.96
N PRO N 538 -48.34 -30.01 -33.07
CA PRO N 538 -47.22 -30.38 -32.19
C PRO N 538 -47.45 -30.05 -30.72
N LEU N 539 -48.40 -29.17 -30.40
CA LEU N 539 -48.68 -28.77 -29.03
C LEU N 539 -50.10 -29.17 -28.67
N VAL N 540 -50.26 -29.88 -27.56
CA VAL N 540 -51.55 -30.36 -27.09
C VAL N 540 -51.67 -30.08 -25.60
N SER N 541 -52.88 -29.73 -25.16
CA SER N 541 -53.13 -29.41 -23.76
C SER N 541 -54.39 -30.10 -23.30
N VAL N 542 -54.46 -30.34 -21.99
CA VAL N 542 -55.62 -30.99 -21.37
C VAL N 542 -55.70 -30.54 -19.92
N LEU N 543 -56.92 -30.53 -19.38
CA LEU N 543 -57.19 -30.05 -18.03
C LEU N 543 -57.89 -31.14 -17.25
N LEU N 544 -57.40 -31.41 -16.03
CA LEU N 544 -58.01 -32.35 -15.12
C LEU N 544 -58.95 -31.61 -14.18
N GLU N 545 -60.17 -32.12 -14.03
CA GLU N 545 -61.25 -31.43 -13.35
C GLU N 545 -61.88 -32.34 -12.31
N GLY N 546 -62.41 -31.74 -11.25
CA GLY N 546 -63.17 -32.47 -10.27
C GLY N 546 -63.30 -31.74 -8.94
N PRO N 547 -64.06 -32.32 -8.02
CA PRO N 547 -64.21 -31.71 -6.69
C PRO N 547 -62.96 -31.94 -5.86
N PRO N 548 -62.85 -31.28 -4.71
CA PRO N 548 -61.67 -31.46 -3.86
C PRO N 548 -61.60 -32.86 -3.28
N HIS N 549 -60.37 -33.27 -2.93
CA HIS N 549 -60.11 -34.56 -2.32
C HIS N 549 -60.49 -35.72 -3.25
N SER N 550 -60.50 -35.47 -4.56
CA SER N 550 -60.89 -36.49 -5.53
C SER N 550 -59.71 -37.22 -6.15
N GLY N 551 -58.48 -36.87 -5.78
CA GLY N 551 -57.32 -37.56 -6.31
C GLY N 551 -57.02 -37.20 -7.76
N LYS N 552 -56.61 -35.96 -7.99
CA LYS N 552 -56.35 -35.48 -9.35
C LYS N 552 -54.86 -35.45 -9.71
N THR N 553 -54.00 -35.08 -8.77
CA THR N 553 -52.58 -35.03 -9.09
C THR N 553 -51.97 -36.42 -9.25
N ALA N 554 -52.47 -37.40 -8.50
CA ALA N 554 -51.95 -38.75 -8.63
C ALA N 554 -52.23 -39.31 -10.02
N LEU N 555 -53.43 -39.08 -10.55
CA LEU N 555 -53.76 -39.57 -11.88
C LEU N 555 -52.88 -38.90 -12.94
N ALA N 556 -52.65 -37.59 -12.80
CA ALA N 556 -51.80 -36.90 -13.75
C ALA N 556 -50.37 -37.44 -13.70
N ALA N 557 -49.86 -37.70 -12.49
CA ALA N 557 -48.52 -38.27 -12.37
C ALA N 557 -48.46 -39.65 -12.99
N LYS N 558 -49.51 -40.45 -12.80
CA LYS N 558 -49.54 -41.78 -13.40
C LYS N 558 -49.53 -41.70 -14.92
N ILE N 559 -50.32 -40.79 -15.49
CA ILE N 559 -50.34 -40.64 -16.94
C ILE N 559 -48.98 -40.20 -17.45
N ALA N 560 -48.35 -39.24 -16.76
CA ALA N 560 -47.03 -38.79 -17.17
C ALA N 560 -46.03 -39.93 -17.13
N GLU N 561 -46.07 -40.75 -16.06
CA GLU N 561 -45.15 -41.89 -15.97
C GLU N 561 -45.39 -42.88 -17.10
N GLU N 562 -46.66 -43.16 -17.42
CA GLU N 562 -46.98 -44.08 -18.49
C GLU N 562 -46.69 -43.50 -19.87
N SER N 563 -46.44 -42.18 -19.96
CA SER N 563 -46.14 -41.58 -21.25
C SER N 563 -44.87 -42.17 -21.85
N ASN N 564 -43.85 -42.41 -21.02
CA ASN N 564 -42.56 -42.95 -21.48
C ASN N 564 -41.89 -41.99 -22.46
N PHE N 565 -41.68 -40.76 -21.99
CA PHE N 565 -41.01 -39.73 -22.78
C PHE N 565 -39.63 -39.45 -22.20
N PRO N 566 -38.69 -38.98 -23.03
CA PRO N 566 -37.35 -38.68 -22.48
C PRO N 566 -37.36 -37.62 -21.38
N PHE N 567 -38.23 -36.62 -21.48
CA PHE N 567 -38.25 -35.50 -20.55
C PHE N 567 -39.62 -35.44 -19.89
N ILE N 568 -39.63 -35.45 -18.55
CA ILE N 568 -40.83 -35.28 -17.75
C ILE N 568 -40.47 -34.43 -16.54
N LYS N 569 -41.35 -33.48 -16.20
CA LYS N 569 -41.12 -32.64 -15.04
C LYS N 569 -42.46 -32.20 -14.48
N ILE N 570 -42.43 -31.78 -13.21
CA ILE N 570 -43.61 -31.35 -12.47
C ILE N 570 -43.34 -29.98 -11.87
N CYS N 571 -44.24 -29.04 -12.09
CA CYS N 571 -44.17 -27.70 -11.51
C CYS N 571 -45.23 -27.60 -10.43
N SER N 572 -44.81 -27.46 -9.18
CA SER N 572 -45.71 -27.45 -8.04
C SER N 572 -45.42 -26.25 -7.15
N PRO N 573 -46.44 -25.69 -6.49
CA PRO N 573 -46.20 -24.54 -5.60
C PRO N 573 -45.43 -24.90 -4.34
N ASP N 574 -45.28 -26.18 -4.01
CA ASP N 574 -44.54 -26.56 -2.80
C ASP N 574 -43.10 -26.08 -2.85
N LYS N 575 -42.55 -25.87 -4.04
N LYS N 575 -42.55 -25.87 -4.04
CA LYS N 575 -41.17 -25.42 -4.21
CA LYS N 575 -41.17 -25.41 -4.20
C LYS N 575 -41.05 -23.90 -4.25
C LYS N 575 -41.05 -23.90 -4.30
N MET N 576 -42.16 -23.18 -4.20
CA MET N 576 -42.16 -21.72 -4.26
C MET N 576 -43.04 -21.21 -3.10
N ILE N 577 -42.42 -21.00 -1.95
CA ILE N 577 -43.10 -20.49 -0.76
C ILE N 577 -42.44 -19.17 -0.38
N GLY N 578 -43.25 -18.13 -0.25
CA GLY N 578 -42.76 -16.80 0.01
C GLY N 578 -42.26 -16.07 -1.22
N PHE N 579 -42.38 -16.66 -2.40
CA PHE N 579 -41.93 -16.03 -3.62
C PHE N 579 -42.88 -14.91 -4.03
N SER N 580 -42.36 -13.97 -4.82
CA SER N 580 -43.17 -12.93 -5.43
C SER N 580 -43.58 -13.38 -6.83
N GLU N 581 -44.34 -12.52 -7.53
CA GLU N 581 -44.81 -12.88 -8.86
C GLU N 581 -43.65 -13.10 -9.83
N THR N 582 -42.64 -12.24 -9.76
CA THR N 582 -41.52 -12.34 -10.68
C THR N 582 -40.77 -13.67 -10.51
N ALA N 583 -40.56 -14.09 -9.27
CA ALA N 583 -39.85 -15.35 -9.04
C ALA N 583 -40.61 -16.53 -9.62
N LYS N 584 -41.93 -16.57 -9.42
CA LYS N 584 -42.74 -17.64 -9.98
C LYS N 584 -42.68 -17.64 -11.50
N CYS N 585 -42.78 -16.45 -12.10
CA CYS N 585 -42.68 -16.35 -13.55
C CYS N 585 -41.34 -16.87 -14.05
N GLN N 586 -40.26 -16.50 -13.37
CA GLN N 586 -38.94 -16.96 -13.76
C GLN N 586 -38.82 -18.47 -13.65
N ALA N 587 -39.35 -19.06 -12.58
CA ALA N 587 -39.29 -20.51 -12.42
C ALA N 587 -40.03 -21.22 -13.54
N MET N 588 -41.26 -20.76 -13.84
CA MET N 588 -42.02 -21.38 -14.92
C MET N 588 -41.31 -21.24 -16.26
N LYS N 589 -40.77 -20.04 -16.52
CA LYS N 589 -40.05 -19.81 -17.77
C LYS N 589 -38.84 -20.73 -17.88
N LYS N 590 -38.10 -20.91 -16.80
CA LYS N 590 -36.94 -21.79 -16.82
C LYS N 590 -37.34 -23.22 -17.12
N ILE N 591 -38.41 -23.70 -16.48
CA ILE N 591 -38.86 -25.07 -16.71
C ILE N 591 -39.23 -25.26 -18.17
N PHE N 592 -40.00 -24.32 -18.73
CA PHE N 592 -40.41 -24.46 -20.12
C PHE N 592 -39.23 -24.34 -21.08
N ASP N 593 -38.28 -23.46 -20.77
CA ASP N 593 -37.09 -23.34 -21.61
C ASP N 593 -36.31 -24.65 -21.62
N ASP N 594 -36.16 -25.28 -20.45
CA ASP N 594 -35.50 -26.58 -20.42
C ASP N 594 -36.28 -27.62 -21.21
N ALA N 595 -37.62 -27.59 -21.11
CA ALA N 595 -38.43 -28.55 -21.85
C ALA N 595 -38.30 -28.37 -23.37
N TYR N 596 -38.05 -27.14 -23.82
CA TYR N 596 -37.98 -26.88 -25.25
C TYR N 596 -36.75 -27.47 -25.92
N LYS N 597 -35.78 -27.99 -25.17
CA LYS N 597 -34.56 -28.49 -25.79
C LYS N 597 -34.70 -29.94 -26.25
N SER N 598 -35.53 -30.74 -25.60
CA SER N 598 -35.69 -32.13 -25.98
C SER N 598 -36.50 -32.24 -27.27
N GLN N 599 -36.66 -33.47 -27.74
CA GLN N 599 -37.41 -33.73 -28.98
C GLN N 599 -38.90 -33.88 -28.73
N LEU N 600 -39.28 -34.56 -27.66
CA LEU N 600 -40.68 -34.68 -27.26
C LEU N 600 -40.73 -34.71 -25.73
N SER N 601 -41.56 -33.83 -25.16
CA SER N 601 -41.53 -33.61 -23.73
C SER N 601 -42.95 -33.48 -23.17
N CYS N 602 -43.07 -33.70 -21.87
CA CYS N 602 -44.33 -33.60 -21.14
C CYS N 602 -44.12 -32.76 -19.89
N VAL N 603 -45.10 -31.91 -19.59
CA VAL N 603 -45.08 -31.05 -18.42
C VAL N 603 -46.45 -31.08 -17.77
N VAL N 604 -46.47 -31.07 -16.42
CA VAL N 604 -47.69 -31.08 -15.66
C VAL N 604 -47.66 -29.95 -14.64
N VAL N 605 -48.73 -29.17 -14.59
CA VAL N 605 -48.90 -28.09 -13.63
C VAL N 605 -50.13 -28.39 -12.77
N ASP N 606 -49.92 -28.41 -11.46
CA ASP N 606 -50.97 -28.77 -10.51
C ASP N 606 -51.28 -27.60 -9.60
N ASP N 607 -52.54 -27.56 -9.14
CA ASP N 607 -53.01 -26.50 -8.25
C ASP N 607 -52.84 -25.13 -8.91
N ILE N 608 -53.55 -24.94 -10.02
CA ILE N 608 -53.48 -23.67 -10.74
C ILE N 608 -53.93 -22.54 -9.83
N GLU N 609 -54.98 -22.75 -9.04
CA GLU N 609 -55.48 -21.70 -8.17
C GLU N 609 -54.48 -21.34 -7.09
N ARG N 610 -53.63 -22.29 -6.67
CA ARG N 610 -52.56 -21.96 -5.73
C ARG N 610 -51.36 -21.33 -6.41
N LEU N 611 -51.25 -21.46 -7.73
CA LEU N 611 -50.15 -20.85 -8.47
C LEU N 611 -50.39 -19.35 -8.65
N LEU N 612 -51.52 -18.99 -9.25
CA LEU N 612 -51.98 -17.61 -9.27
C LEU N 612 -52.89 -17.40 -8.05
N ASP N 613 -52.23 -17.30 -6.89
CA ASP N 613 -52.90 -17.31 -5.60
C ASP N 613 -54.20 -16.54 -5.62
N TYR N 614 -55.29 -17.22 -5.29
CA TYR N 614 -56.64 -16.69 -5.45
C TYR N 614 -57.39 -16.73 -4.13
N VAL N 615 -58.16 -15.69 -3.86
CA VAL N 615 -58.96 -15.60 -2.65
C VAL N 615 -60.37 -15.13 -3.04
N PRO N 616 -61.44 -15.79 -2.57
CA PRO N 616 -62.78 -15.36 -2.97
C PRO N 616 -63.11 -13.93 -2.59
N ILE N 617 -62.47 -13.38 -1.56
CA ILE N 617 -62.72 -12.02 -1.14
C ILE N 617 -62.01 -11.07 -2.09
N GLY N 618 -62.69 -9.97 -2.44
CA GLY N 618 -62.25 -9.06 -3.48
C GLY N 618 -62.91 -9.29 -4.83
N PRO N 619 -62.54 -10.34 -5.58
CA PRO N 619 -61.48 -11.33 -5.38
C PRO N 619 -60.08 -10.77 -5.62
N ARG N 620 -59.05 -11.56 -5.33
N ARG N 620 -59.06 -11.56 -5.32
CA ARG N 620 -57.67 -11.13 -5.51
CA ARG N 620 -57.66 -11.17 -5.48
C ARG N 620 -56.88 -12.25 -6.17
C ARG N 620 -56.91 -12.28 -6.23
N PHE N 621 -55.88 -11.88 -6.96
CA PHE N 621 -55.01 -12.83 -7.63
C PHE N 621 -53.85 -12.08 -8.26
N SER N 622 -52.93 -12.83 -8.86
CA SER N 622 -51.76 -12.28 -9.53
C SER N 622 -52.02 -12.25 -11.04
N ASN N 623 -51.90 -11.07 -11.64
CA ASN N 623 -52.15 -10.94 -13.07
C ASN N 623 -50.94 -11.35 -13.90
N LEU N 624 -49.73 -11.11 -13.41
CA LEU N 624 -48.53 -11.46 -14.16
C LEU N 624 -48.49 -12.95 -14.45
N VAL N 625 -48.74 -13.77 -13.43
CA VAL N 625 -48.69 -15.22 -13.61
C VAL N 625 -49.78 -15.68 -14.57
N LEU N 626 -50.97 -15.11 -14.46
CA LEU N 626 -52.06 -15.49 -15.34
C LEU N 626 -51.72 -15.17 -16.79
N GLN N 627 -51.19 -13.98 -17.05
CA GLN N 627 -50.83 -13.63 -18.41
C GLN N 627 -49.70 -14.51 -18.93
N ALA N 628 -48.72 -14.81 -18.08
CA ALA N 628 -47.63 -15.70 -18.51
C ALA N 628 -48.17 -17.08 -18.88
N LEU N 629 -49.08 -17.62 -18.07
CA LEU N 629 -49.68 -18.92 -18.39
C LEU N 629 -50.46 -18.86 -19.69
N LEU N 630 -51.24 -17.80 -19.88
CA LEU N 630 -52.05 -17.70 -21.09
C LEU N 630 -51.16 -17.61 -22.34
N VAL N 631 -50.03 -16.91 -22.23
CA VAL N 631 -49.11 -16.82 -23.35
C VAL N 631 -48.42 -18.17 -23.59
N LEU N 632 -48.02 -18.85 -22.52
CA LEU N 632 -47.29 -20.10 -22.67
C LEU N 632 -48.16 -21.26 -23.15
N LEU N 633 -49.47 -21.18 -22.92
CA LEU N 633 -50.34 -22.30 -23.28
C LEU N 633 -50.53 -22.45 -24.78
N LYS N 634 -50.06 -21.49 -25.60
CA LYS N 634 -50.26 -21.60 -27.03
C LYS N 634 -49.00 -21.18 -27.80
N LYS N 635 -47.82 -21.40 -27.22
CA LYS N 635 -46.55 -21.15 -27.88
C LYS N 635 -45.95 -22.49 -28.30
N ALA N 636 -45.81 -22.67 -29.62
CA ALA N 636 -45.29 -23.93 -30.13
C ALA N 636 -43.77 -23.99 -29.95
N PRO N 637 -43.22 -25.18 -29.75
CA PRO N 637 -41.77 -25.31 -29.63
C PRO N 637 -41.09 -25.18 -30.99
N PRO N 638 -39.76 -25.14 -31.03
CA PRO N 638 -39.07 -25.04 -32.33
C PRO N 638 -39.52 -26.10 -33.31
N GLN N 639 -39.19 -25.91 -34.58
CA GLN N 639 -39.69 -26.79 -35.63
C GLN N 639 -39.24 -28.22 -35.39
N GLY N 640 -40.18 -29.16 -35.50
CA GLY N 640 -39.86 -30.58 -35.41
C GLY N 640 -39.82 -31.14 -34.00
N ARG N 641 -40.50 -30.51 -33.04
CA ARG N 641 -40.49 -30.97 -31.67
C ARG N 641 -41.92 -30.99 -31.12
N LYS N 642 -42.11 -31.76 -30.05
CA LYS N 642 -43.44 -32.06 -29.53
C LYS N 642 -43.50 -31.78 -28.03
N LEU N 643 -44.64 -31.23 -27.59
CA LEU N 643 -44.84 -30.88 -26.19
C LEU N 643 -46.26 -31.25 -25.78
N LEU N 644 -46.39 -31.81 -24.57
CA LEU N 644 -47.68 -32.11 -23.97
C LEU N 644 -47.76 -31.41 -22.62
N ILE N 645 -48.93 -30.86 -22.31
CA ILE N 645 -49.16 -30.13 -21.07
C ILE N 645 -50.41 -30.66 -20.39
N ILE N 646 -50.32 -30.93 -19.10
CA ILE N 646 -51.45 -31.43 -18.31
C ILE N 646 -51.63 -30.52 -17.11
N GLY N 647 -52.81 -29.90 -16.99
CA GLY N 647 -53.11 -28.99 -15.89
C GLY N 647 -54.20 -29.59 -15.00
N THR N 648 -54.04 -29.39 -13.69
CA THR N 648 -55.02 -29.89 -12.72
C THR N 648 -55.56 -28.75 -11.87
N THR N 649 -56.86 -28.77 -11.60
CA THR N 649 -57.51 -27.79 -10.75
C THR N 649 -58.82 -28.35 -10.25
N SER N 650 -59.33 -27.75 -9.18
CA SER N 650 -60.61 -28.14 -8.58
C SER N 650 -61.64 -27.04 -8.63
N ARG N 651 -61.42 -25.98 -9.42
CA ARG N 651 -62.34 -24.84 -9.52
C ARG N 651 -62.44 -24.46 -11.00
N LYS N 652 -63.42 -25.07 -11.70
CA LYS N 652 -63.58 -24.80 -13.12
C LYS N 652 -64.25 -23.46 -13.36
N ASP N 653 -65.21 -23.07 -12.52
CA ASP N 653 -65.95 -21.85 -12.75
C ASP N 653 -65.03 -20.63 -12.71
N VAL N 654 -64.09 -20.61 -11.78
CA VAL N 654 -63.17 -19.47 -11.67
C VAL N 654 -62.33 -19.35 -12.93
N LEU N 655 -61.77 -20.45 -13.40
CA LEU N 655 -60.96 -20.41 -14.62
C LEU N 655 -61.80 -19.99 -15.82
N GLN N 656 -63.02 -20.51 -15.91
CA GLN N 656 -63.90 -20.13 -17.02
C GLN N 656 -64.20 -18.64 -17.00
N GLU N 657 -64.41 -18.07 -15.81
CA GLU N 657 -64.72 -16.66 -15.70
C GLU N 657 -63.51 -15.77 -15.98
N MET N 658 -62.30 -16.34 -16.00
CA MET N 658 -61.09 -15.62 -16.40
C MET N 658 -60.80 -15.73 -17.89
N GLU N 659 -61.66 -16.40 -18.66
CA GLU N 659 -61.42 -16.62 -20.08
C GLU N 659 -60.19 -17.50 -20.31
N MET N 660 -59.87 -18.36 -19.34
CA MET N 660 -58.73 -19.25 -19.43
C MET N 660 -59.10 -20.65 -19.88
N LEU N 661 -60.38 -21.03 -19.81
CA LEU N 661 -60.77 -22.39 -20.16
C LEU N 661 -60.75 -22.63 -21.66
N ASN N 662 -60.74 -21.57 -22.46
CA ASN N 662 -60.68 -21.72 -23.91
C ASN N 662 -59.26 -21.94 -24.43
N ALA N 663 -58.25 -21.74 -23.59
CA ALA N 663 -56.88 -22.00 -24.03
C ALA N 663 -56.58 -23.49 -24.07
N PHE N 664 -57.13 -24.25 -23.12
CA PHE N 664 -56.91 -25.70 -23.10
C PHE N 664 -57.67 -26.34 -24.25
N SER N 665 -57.05 -27.38 -24.84
CA SER N 665 -57.65 -28.01 -26.02
C SER N 665 -58.84 -28.89 -25.63
N THR N 666 -58.77 -29.54 -24.47
CA THR N 666 -59.85 -30.43 -24.04
C THR N 666 -59.80 -30.56 -22.53
N THR N 667 -60.79 -31.26 -21.98
CA THR N 667 -60.93 -31.42 -20.54
C THR N 667 -61.35 -32.85 -20.22
N ILE N 668 -61.02 -33.29 -19.01
CA ILE N 668 -61.45 -34.58 -18.48
C ILE N 668 -61.98 -34.35 -17.08
N HIS N 669 -62.88 -35.25 -16.66
CA HIS N 669 -63.60 -35.12 -15.39
C HIS N 669 -63.21 -36.26 -14.47
N VAL N 670 -62.90 -35.94 -13.22
CA VAL N 670 -62.56 -36.90 -12.18
C VAL N 670 -63.74 -36.98 -11.22
N PRO N 671 -64.45 -38.12 -11.13
CA PRO N 671 -65.64 -38.19 -10.28
C PRO N 671 -65.35 -38.59 -8.84
N ASN N 672 -66.40 -38.65 -8.03
CA ASN N 672 -66.32 -39.06 -6.64
C ASN N 672 -67.14 -40.33 -6.43
N ILE N 673 -66.82 -41.05 -5.34
CA ILE N 673 -67.58 -42.25 -5.00
C ILE N 673 -69.04 -41.85 -4.81
N ALA N 674 -69.93 -42.46 -5.59
CA ALA N 674 -71.34 -42.10 -5.61
C ALA N 674 -72.24 -43.16 -4.98
N THR N 675 -72.12 -44.41 -5.41
CA THR N 675 -72.98 -45.48 -4.94
C THR N 675 -72.29 -46.30 -3.85
N GLY N 676 -73.11 -46.91 -2.99
CA GLY N 676 -72.57 -47.67 -1.88
C GLY N 676 -71.75 -48.87 -2.31
N GLU N 677 -72.13 -49.50 -3.42
CA GLU N 677 -71.39 -50.68 -3.89
C GLU N 677 -69.94 -50.33 -4.19
N GLN N 678 -69.70 -49.14 -4.76
CA GLN N 678 -68.33 -48.71 -5.00
C GLN N 678 -67.57 -48.55 -3.68
N LEU N 679 -68.24 -48.01 -2.66
CA LEU N 679 -67.60 -47.89 -1.35
C LEU N 679 -67.24 -49.25 -0.77
N LEU N 680 -68.15 -50.22 -0.90
CA LEU N 680 -67.88 -51.56 -0.42
C LEU N 680 -66.71 -52.20 -1.18
N GLU N 681 -66.67 -51.99 -2.50
CA GLU N 681 -65.56 -52.53 -3.29
C GLU N 681 -64.23 -51.89 -2.87
N ALA N 682 -64.24 -50.58 -2.62
CA ALA N 682 -63.03 -49.92 -2.15
C ALA N 682 -62.59 -50.47 -0.80
N LEU N 683 -63.54 -50.68 0.11
CA LEU N 683 -63.20 -51.26 1.41
C LEU N 683 -62.60 -52.65 1.23
N GLU N 684 -63.19 -53.47 0.36
CA GLU N 684 -62.66 -54.81 0.13
C GLU N 684 -61.25 -54.75 -0.43
N LEU N 685 -61.00 -53.84 -1.39
CA LEU N 685 -59.66 -53.73 -1.96
C LEU N 685 -58.66 -53.26 -0.90
N LEU N 686 -59.08 -52.35 -0.02
CA LEU N 686 -58.20 -51.92 1.06
C LEU N 686 -57.98 -53.03 2.08
N GLY N 687 -58.97 -53.89 2.28
CA GLY N 687 -58.83 -55.03 3.17
C GLY N 687 -58.60 -54.65 4.62
N ASN N 688 -59.39 -53.71 5.13
CA ASN N 688 -59.30 -53.28 6.52
C ASN N 688 -60.39 -53.85 7.40
N PHE N 689 -61.62 -53.91 6.92
CA PHE N 689 -62.76 -54.42 7.67
C PHE N 689 -63.10 -55.83 7.19
N LYS N 690 -63.55 -56.66 8.12
CA LYS N 690 -63.81 -58.07 7.85
C LYS N 690 -65.28 -58.27 7.45
N ASP N 691 -65.68 -59.53 7.31
CA ASP N 691 -67.03 -59.83 6.83
C ASP N 691 -68.11 -59.38 7.81
N LYS N 692 -67.88 -59.57 9.11
CA LYS N 692 -68.90 -59.22 10.10
C LYS N 692 -69.26 -57.75 10.01
N GLU N 693 -68.27 -56.87 10.05
CA GLU N 693 -68.55 -55.44 9.96
C GLU N 693 -69.06 -55.08 8.56
N ARG N 694 -68.56 -55.76 7.54
CA ARG N 694 -68.96 -55.46 6.17
C ARG N 694 -70.45 -55.72 5.98
N THR N 695 -70.98 -56.76 6.61
CA THR N 695 -72.40 -57.05 6.48
C THR N 695 -73.25 -55.89 6.97
N THR N 696 -72.96 -55.41 8.18
CA THR N 696 -73.72 -54.29 8.73
C THR N 696 -73.52 -53.02 7.89
N ILE N 697 -72.29 -52.77 7.44
CA ILE N 697 -72.04 -51.58 6.64
C ILE N 697 -72.86 -51.62 5.35
N ALA N 698 -72.85 -52.76 4.67
CA ALA N 698 -73.63 -52.90 3.45
C ALA N 698 -75.12 -52.76 3.74
N GLN N 699 -75.58 -53.32 4.86
CA GLN N 699 -76.99 -53.21 5.21
C GLN N 699 -77.40 -51.76 5.38
N GLN N 700 -76.55 -50.96 6.04
CA GLN N 700 -76.93 -49.59 6.38
C GLN N 700 -76.64 -48.59 5.27
N VAL N 701 -75.73 -48.90 4.33
CA VAL N 701 -75.34 -47.96 3.30
C VAL N 701 -75.81 -48.34 1.91
N LYS N 702 -76.27 -49.59 1.71
CA LYS N 702 -76.68 -50.01 0.37
C LYS N 702 -77.86 -49.18 -0.13
N GLY N 703 -78.85 -48.96 0.73
CA GLY N 703 -80.06 -48.26 0.32
C GLY N 703 -79.96 -46.76 0.44
N LYS N 704 -78.88 -46.17 -0.07
CA LYS N 704 -78.69 -44.74 -0.02
C LYS N 704 -77.44 -44.38 -0.81
N LYS N 705 -77.40 -43.15 -1.31
CA LYS N 705 -76.26 -42.65 -2.06
C LYS N 705 -75.28 -41.95 -1.13
N VAL N 706 -74.03 -41.82 -1.60
CA VAL N 706 -72.95 -41.24 -0.82
C VAL N 706 -72.19 -40.25 -1.69
N TRP N 707 -71.32 -39.46 -1.04
CA TRP N 707 -70.54 -38.44 -1.74
C TRP N 707 -69.27 -38.22 -0.91
N ILE N 708 -68.16 -38.79 -1.36
CA ILE N 708 -66.90 -38.71 -0.62
C ILE N 708 -65.76 -38.95 -1.59
N GLY N 709 -64.60 -38.35 -1.28
CA GLY N 709 -63.38 -38.58 -2.02
C GLY N 709 -62.52 -39.63 -1.37
N ILE N 710 -61.62 -40.21 -2.16
CA ILE N 710 -60.81 -41.33 -1.67
C ILE N 710 -59.86 -40.87 -0.56
N LYS N 711 -59.26 -39.69 -0.71
CA LYS N 711 -58.34 -39.19 0.31
C LYS N 711 -59.05 -39.00 1.64
N LYS N 712 -60.24 -38.41 1.59
CA LYS N 712 -61.03 -38.24 2.82
C LYS N 712 -61.43 -39.59 3.39
N LEU N 713 -61.70 -40.58 2.53
CA LEU N 713 -62.05 -41.90 3.01
C LEU N 713 -60.88 -42.54 3.76
N LEU N 714 -59.67 -42.41 3.22
CA LEU N 714 -58.49 -42.92 3.93
C LEU N 714 -58.33 -42.23 5.27
N MET N 715 -58.50 -40.90 5.29
CA MET N 715 -58.37 -40.17 6.54
C MET N 715 -59.40 -40.65 7.56
N LEU N 716 -60.65 -40.84 7.12
CA LEU N 716 -61.69 -41.31 8.04
C LEU N 716 -61.38 -42.70 8.58
N ILE N 717 -60.91 -43.61 7.72
CA ILE N 717 -60.59 -44.95 8.18
C ILE N 717 -59.48 -44.91 9.22
N GLU N 718 -58.43 -44.13 8.94
CA GLU N 718 -57.33 -44.04 9.88
C GLU N 718 -57.78 -43.43 11.20
N MET N 719 -58.63 -42.40 11.15
CA MET N 719 -59.13 -41.79 12.37
C MET N 719 -59.96 -42.77 13.18
N SER N 720 -60.82 -43.53 12.51
CA SER N 720 -61.75 -44.41 13.21
C SER N 720 -61.07 -45.65 13.77
N LEU N 721 -59.99 -46.12 13.16
CA LEU N 721 -59.36 -47.35 13.64
C LEU N 721 -58.69 -47.19 14.99
N GLN N 722 -58.55 -45.96 15.51
CA GLN N 722 -57.83 -45.77 16.76
C GLN N 722 -58.56 -46.43 17.93
N MET N 723 -59.88 -46.29 18.00
CA MET N 723 -60.62 -46.72 19.18
C MET N 723 -60.66 -48.25 19.25
N ASP N 724 -61.23 -48.75 20.35
CA ASP N 724 -61.27 -50.17 20.61
C ASP N 724 -62.27 -50.86 19.69
N PRO N 725 -62.13 -52.19 19.50
CA PRO N 725 -62.96 -52.87 18.49
C PRO N 725 -64.45 -52.73 18.71
N GLU N 726 -64.90 -52.56 19.96
CA GLU N 726 -66.33 -52.55 20.24
C GLU N 726 -67.03 -51.38 19.59
N TYR N 727 -66.34 -50.25 19.40
CA TYR N 727 -66.96 -49.02 18.95
C TYR N 727 -66.61 -48.67 17.51
N ARG N 728 -65.51 -49.21 16.97
CA ARG N 728 -64.99 -48.76 15.69
C ARG N 728 -66.12 -48.56 14.68
N VAL N 729 -66.84 -49.63 14.36
CA VAL N 729 -67.89 -49.55 13.35
C VAL N 729 -68.75 -48.32 13.58
N ARG N 730 -69.37 -48.22 14.76
CA ARG N 730 -70.24 -47.08 15.03
C ARG N 730 -69.51 -45.78 14.75
N LYS N 731 -68.32 -45.61 15.33
CA LYS N 731 -67.57 -44.39 15.10
C LYS N 731 -67.44 -44.12 13.61
N PHE N 732 -66.97 -45.12 12.87
CA PHE N 732 -66.82 -44.94 11.42
C PHE N 732 -68.12 -44.45 10.82
N LEU N 733 -69.22 -45.16 11.09
CA LEU N 733 -70.48 -44.78 10.51
C LEU N 733 -70.86 -43.36 10.92
N ALA N 734 -70.65 -43.03 12.20
CA ALA N 734 -70.94 -41.67 12.64
C ALA N 734 -70.21 -40.67 11.77
N LEU N 735 -68.91 -40.88 11.56
CA LEU N 735 -68.15 -39.95 10.73
C LEU N 735 -68.74 -39.90 9.33
N LEU N 736 -69.06 -41.06 8.76
CA LEU N 736 -69.61 -41.09 7.42
C LEU N 736 -70.91 -40.30 7.34
N ARG N 737 -71.65 -40.23 8.44
CA ARG N 737 -72.88 -39.45 8.44
C ARG N 737 -72.60 -37.96 8.48
N GLU N 738 -71.56 -37.56 9.22
CA GLU N 738 -71.27 -36.14 9.37
C GLU N 738 -70.68 -35.56 8.08
N GLU N 739 -69.89 -36.35 7.37
CA GLU N 739 -69.26 -35.89 6.12
C GLU N 739 -70.15 -36.08 4.91
N GLY N 740 -71.35 -36.63 5.07
CA GLY N 740 -72.20 -36.85 3.93
C GLY N 740 -72.63 -35.54 3.28
N ALA N 741 -72.95 -35.63 1.99
CA ALA N 741 -73.37 -34.47 1.21
C ALA N 741 -73.84 -34.95 -0.15
N SER N 742 -74.39 -34.01 -0.93
CA SER N 742 -74.85 -34.28 -2.27
C SER N 742 -74.34 -33.21 -3.22
N PRO N 743 -74.20 -33.53 -4.52
CA PRO N 743 -73.68 -32.54 -5.48
C PRO N 743 -74.70 -31.43 -5.78
PG ATP O . -56.28 -17.15 -31.89
O1G ATP O . -55.34 -16.00 -31.78
O2G ATP O . -55.89 -18.28 -31.00
O3G ATP O . -57.69 -16.73 -31.73
PB ATP O . -56.00 -16.86 -34.72
O1B ATP O . -54.88 -15.91 -34.55
O2B ATP O . -57.36 -16.35 -34.94
O3B ATP O . -56.11 -17.69 -33.37
PA ATP O . -54.16 -18.41 -36.37
O1A ATP O . -53.18 -18.45 -35.25
O2A ATP O . -53.82 -17.59 -37.55
O3A ATP O . -55.59 -17.96 -35.80
O5' ATP O . -54.47 -19.90 -36.83
C5' ATP O . -54.91 -20.17 -38.19
C4' ATP O . -54.16 -21.36 -38.71
O4' ATP O . -54.90 -21.91 -39.83
C3' ATP O . -52.77 -21.06 -39.28
O3' ATP O . -51.90 -22.19 -39.15
C2' ATP O . -53.07 -20.79 -40.75
O2' ATP O . -51.93 -20.97 -41.56
C1' ATP O . -54.12 -21.85 -41.01
N9 ATP O . -55.02 -21.57 -42.12
C8 ATP O . -55.38 -22.44 -43.10
N7 ATP O . -56.20 -21.90 -43.98
C5 ATP O . -56.38 -20.60 -43.54
C6 ATP O . -57.13 -19.52 -44.03
N6 ATP O . -57.88 -19.59 -45.12
N1 ATP O . -57.09 -18.37 -43.34
C2 ATP O . -56.33 -18.31 -42.24
N3 ATP O . -55.59 -19.25 -41.68
C4 ATP O . -55.65 -20.38 -42.39
H5'1 ATP O . -54.74 -19.39 -38.76
H5'2 ATP O . -55.88 -20.35 -38.20
H4' ATP O . -54.10 -22.03 -38.01
H3' ATP O . -52.37 -20.27 -38.84
HO3' ATP O . -51.64 -22.42 -39.93
H2' ATP O . -53.44 -19.88 -40.86
HO2' ATP O . -52.13 -21.51 -42.19
H1' ATP O . -53.68 -22.71 -41.16
H8 ATP O . -55.08 -23.33 -43.16
HN61 ATP O . -57.81 -20.29 -45.65
HN62 ATP O . -58.43 -18.93 -45.31
H2 ATP O . -56.33 -17.48 -41.79
PB ADP P . -19.55 2.34 -37.14
O1B ADP P . -18.58 3.31 -36.59
O2B ADP P . -20.78 3.01 -37.66
O3B ADP P . -19.88 1.26 -36.17
PA ADP P . -17.45 0.92 -38.59
O1A ADP P . -16.42 1.93 -38.93
O2A ADP P . -17.24 0.07 -37.40
O3A ADP P . -18.86 1.65 -38.41
O5' ADP P . -17.69 -0.03 -39.86
C5' ADP P . -17.19 -1.39 -39.76
C4' ADP P . -16.63 -1.83 -41.10
O4' ADP P . -17.65 -1.71 -42.11
C3' ADP P . -15.48 -1.00 -41.67
O3' ADP P . -14.23 -1.37 -41.12
C2' ADP P . -15.56 -1.39 -43.14
O2' ADP P . -14.99 -2.65 -43.38
C1' ADP P . -17.07 -1.46 -43.36
N9 ADP P . -17.66 -0.25 -43.90
C8 ADP P . -18.61 0.53 -43.30
N7 ADP P . -18.96 1.56 -44.01
C5 ADP P . -18.22 1.44 -45.17
C6 ADP P . -18.16 2.25 -46.32
N6 ADP P . -18.88 3.35 -46.50
N1 ADP P . -17.31 1.86 -47.30
C2 ADP P . -16.59 0.75 -47.11
N3 ADP P . -16.57 -0.06 -46.07
C4 ADP P . -17.41 0.34 -45.12
H5'1 ADP P . -17.92 -2.00 -39.49
H5'2 ADP P . -16.48 -1.44 -39.07
H4' ADP P . -16.36 -2.76 -41.03
H3' ADP P . -15.65 -0.03 -41.56
HO3' ADP P . -13.93 -2.03 -41.55
H2' ADP P . -15.16 -0.69 -43.72
HO2' ADP P . -15.54 -3.25 -43.15
H1' ADP P . -17.27 -2.22 -43.97
H8 ADP P . -18.95 0.34 -42.44
HN61 ADP P . -19.44 3.61 -45.87
HN62 ADP P . -18.80 3.81 -47.24
H2 ADP P . -16.01 0.52 -47.82
PG ATP Q . -20.51 27.78 -19.94
O1G ATP Q . -21.69 28.06 -19.10
O2G ATP Q . -19.31 27.48 -19.12
O3G ATP Q . -20.78 26.73 -20.96
PB ATP Q . -19.60 30.46 -20.09
O1B ATP Q . -20.72 31.15 -19.44
O2B ATP Q . -18.41 30.09 -19.30
O3B ATP Q . -20.17 29.12 -20.71
PA ATP Q . -17.72 31.69 -22.02
O1A ATP Q . -16.81 30.51 -22.01
O2A ATP Q . -17.24 32.94 -21.38
O3A ATP Q . -19.11 31.27 -21.37
O5' ATP Q . -18.15 32.00 -23.51
C5' ATP Q . -17.31 31.53 -24.60
C4' ATP Q . -17.10 32.65 -25.59
O4' ATP Q . -18.30 33.46 -25.66
C3' ATP Q . -16.03 33.66 -25.23
O3' ATP Q . -14.74 33.21 -25.61
C2' ATP Q . -16.45 34.86 -26.09
O2' ATP Q . -15.94 34.74 -27.39
C1' ATP Q . -17.97 34.75 -26.10
N9 ATP Q . -18.62 35.68 -25.23
C8 ATP Q . -19.45 35.39 -24.22
N7 ATP Q . -19.90 36.45 -23.60
C5 ATP Q . -19.32 37.51 -24.28
C6 ATP Q . -19.40 38.89 -24.11
N6 ATP Q . -20.13 39.49 -23.17
N1 ATP Q . -18.69 39.66 -24.97
C2 ATP Q . -17.97 39.06 -25.91
N3 ATP Q . -17.81 37.77 -26.16
C4 ATP Q . -18.53 37.05 -25.30
H5'1 ATP Q . -17.76 30.76 -25.05
H5'2 ATP Q . -16.45 31.23 -24.25
H4' ATP Q . -16.92 32.25 -26.47
H3' ATP Q . -16.06 33.89 -24.26
HO3' ATP Q . -14.60 33.44 -26.41
H2' ATP Q . -16.16 35.71 -25.67
HO2' ATP Q . -16.37 34.13 -27.81
H1' ATP Q . -18.29 34.88 -27.03
H8 ATP Q . -19.69 34.51 -23.96
HN61 ATP Q . -20.59 39.00 -22.61
HN62 ATP Q . -20.14 40.36 -23.12
H2 ATP Q . -17.48 39.64 -26.48
PG ATP R . -56.83 14.90 -33.54
O1G ATP R . -58.20 14.71 -32.97
O2G ATP R . -55.85 15.32 -32.51
O3G ATP R . -56.36 13.73 -34.32
PB ATP R . -56.53 17.66 -34.44
O1B ATP R . -55.28 17.76 -33.66
O2B ATP R . -57.75 18.33 -33.97
O3B ATP R . -56.92 16.11 -34.58
PA ATP R . -54.85 18.34 -36.78
O1A ATP R . -53.80 17.39 -36.33
O2A ATP R . -54.47 19.78 -36.72
O3A ATP R . -56.19 18.09 -35.94
O5' ATP R . -55.28 17.98 -38.27
C5' ATP R . -55.65 19.02 -39.20
C4' ATP R . -54.93 18.80 -40.50
O4' ATP R . -55.64 19.48 -41.57
C3' ATP R . -53.52 19.36 -40.57
O3' ATP R . -52.74 18.62 -41.51
C2' ATP R . -53.77 20.77 -41.09
O2' ATP R . -52.62 21.34 -41.66
C1' ATP R . -54.83 20.48 -42.13
N9 ATP R . -55.68 21.62 -42.46
C8 ATP R . -56.01 22.04 -43.71
N7 ATP R . -56.79 23.10 -43.70
C5 ATP R . -56.98 23.38 -42.35
C6 ATP R . -57.71 24.37 -41.68
N6 ATP R . -58.41 25.31 -42.29
N1 ATP R . -57.68 24.36 -40.32
C2 ATP R . -56.96 23.41 -39.72
N3 ATP R . -56.25 22.42 -40.24
C4 ATP R . -56.30 22.47 -41.58
H5'1 ATP R . -55.43 19.91 -38.83
H5'2 ATP R . -56.64 18.99 -39.35
H4' ATP R . -54.92 17.84 -40.69
H3' ATP R . -53.08 19.38 -39.68
HO3' ATP R . -52.37 19.16 -42.04
H2' ATP R . -54.12 21.35 -40.37
HO2' ATP R . -52.84 21.84 -42.31
H1' ATP R . -54.40 20.15 -42.95
H8 ATP R . -55.72 21.64 -44.51
HN61 ATP R . -58.70 25.18 -43.10
HN62 ATP R . -58.58 26.08 -41.88
H2 ATP R . -56.97 23.43 -38.77
PG ATP S . -57.59 32.43 -6.54
O1G ATP S . -58.93 32.18 -5.94
O2G ATP S . -56.51 31.68 -5.84
O3G ATP S . -57.57 32.21 -8.01
PB ATP S . -57.51 34.80 -4.93
O1B ATP S . -56.57 34.30 -3.90
O2B ATP S . -58.94 34.73 -4.69
O3B ATP S . -57.28 33.97 -6.26
PA ATP S . -55.70 37.09 -5.40
O1A ATP S . -54.64 36.23 -5.99
O2A ATP S . -55.38 37.70 -4.09
O3A ATP S . -57.08 36.28 -5.31
O5' ATP S . -56.07 38.22 -6.44
C5' ATP S . -56.67 39.46 -6.00
C4' ATP S . -56.11 40.58 -6.85
O4' ATP S . -56.92 41.76 -6.68
C3' ATP S . -54.68 41.01 -6.49
O3' ATP S . -53.99 41.39 -7.65
C2' ATP S . -54.92 42.21 -5.58
O2' ATP S . -53.80 43.06 -5.56
C1' ATP S . -56.11 42.85 -6.28
N9 ATP S . -56.92 43.74 -5.47
C8 ATP S . -57.25 45.02 -5.74
N7 ATP S . -58.01 45.56 -4.81
C5 ATP S . -58.20 44.55 -3.88
C6 ATP S . -58.91 44.50 -2.68
N6 ATP S . -59.60 45.52 -2.18
N1 ATP S . -58.90 43.33 -2.00
C2 ATP S . -58.19 42.31 -2.51
N3 ATP S . -57.49 42.25 -3.63
C4 ATP S . -57.53 43.42 -4.28
H5'1 ATP S . -56.47 39.63 -5.05
H5'2 ATP S . -57.65 39.42 -6.11
H4' ATP S . -56.13 40.30 -7.78
H3' ATP S . -54.20 40.29 -6.00
HO3' ATP S . -53.72 42.20 -7.56
H2' ATP S . -55.17 41.92 -4.66
HO2' ATP S . -53.99 43.78 -5.95
H1' ATP S . -55.79 43.34 -7.08
H8 ATP S . -56.96 45.50 -6.51
HN61 ATP S . -59.77 46.22 -2.68
HN62 ATP S . -59.90 45.48 -1.36
H2 ATP S . -58.21 41.52 -1.99
PG ATP T . -20.09 29.88 11.24
O1G ATP T . -21.36 29.21 11.54
O2G ATP T . -19.90 30.09 9.79
O3G ATP T . -18.93 29.21 11.89
PB ATP T . -19.59 31.80 13.34
O1B ATP T . -18.31 31.12 13.58
O2B ATP T . -20.68 31.63 14.31
O3B ATP T . -20.13 31.32 11.94
PA ATP T . -17.98 34.26 13.25
O1A ATP T . -16.94 33.72 12.34
O2A ATP T . -17.60 34.42 14.66
O3A ATP T . -19.29 33.36 13.17
O5' ATP T . -18.48 35.67 12.72
C5' ATP T . -17.68 36.40 11.77
C4' ATP T . -17.66 37.86 12.16
O4' ATP T . -18.95 38.22 12.70
C3' ATP T . -16.69 38.26 13.27
O3' ATP T . -15.38 38.49 12.81
C2' ATP T . -17.32 39.57 13.75
O2' ATP T . -16.84 40.64 12.96
C1' ATP T . -18.80 39.34 13.54
N9 ATP T . -19.55 39.06 14.74
C8 ATP T . -20.31 37.98 14.97
N7 ATP T . -20.88 38.00 16.15
C5 ATP T . -20.46 39.20 16.71
C6 ATP T . -20.72 39.80 17.95
N6 ATP T . -21.50 39.26 18.88
N1 ATP T . -20.14 41.00 18.18
C2 ATP T . -19.36 41.52 17.24
N3 ATP T . -19.04 41.04 16.04
C4 ATP T . -19.64 39.85 15.85
H5'1 ATP T . -18.03 36.30 10.88
H5'2 ATP T . -16.77 36.05 11.76
H4' ATP T . -17.39 38.30 11.33
H3' ATP T . -16.60 37.57 13.95
HO3' ATP T . -15.28 39.30 12.62
H2' ATP T . -17.09 39.80 14.66
HO2' ATP T . -17.22 40.62 12.21
H1' ATP T . -19.16 40.17 13.17
H8 ATP T . -20.43 37.25 14.33
HN61 ATP T . -21.88 38.50 18.74
HN62 ATP T . -21.64 39.67 19.62
H2 ATP T . -18.98 42.39 17.46
PG ATP U . -58.17 18.10 22.03
O1G ATP U . -59.50 17.54 21.70
O2G ATP U . -57.08 17.08 21.97
O3G ATP U . -57.84 19.33 21.25
PB ATP U . -58.01 17.73 24.90
O1B ATP U . -56.82 16.87 24.72
O2B ATP U . -59.31 17.13 25.21
O3B ATP U . -58.24 18.56 23.55
PA ATP U . -56.35 19.42 26.68
O1A ATP U . -56.04 18.56 27.86
O2A ATP U . -55.29 19.61 25.67
O3A ATP U . -57.68 18.87 25.96
O5' ATP U . -56.86 20.83 27.20
C5' ATP U . -57.20 21.03 28.59
C4' ATP U . -56.57 22.31 29.06
O4' ATP U . -57.42 22.90 30.08
C3' ATP U . -55.19 22.21 29.70
O3' ATP U . -54.43 23.37 29.43
C2' ATP U . -55.53 22.10 31.18
O2' ATP U . -54.46 22.52 31.99
C1' ATP U . -56.70 23.05 31.28
N9 ATP U . -57.63 22.79 32.38
C8 ATP U . -58.14 23.70 33.24
N7 ATP U . -58.97 23.17 34.10
C5 ATP U . -59.03 21.82 33.75
C6 ATP U . -59.74 20.74 34.28
N6 ATP U . -60.57 20.83 35.30
N1 ATP U . -59.56 19.54 33.69
C2 ATP U . -58.72 19.46 32.65
N3 ATP U . -57.99 20.41 32.08
C4 ATP U . -58.20 21.59 32.69
H5'1 ATP U . -56.86 20.28 29.12
H5'2 ATP U . -58.15 21.06 28.71
H4' ATP U . -56.49 22.85 28.25
H3' ATP U . -54.66 21.46 29.36
HO3' ATP U . -54.08 23.64 30.14
H2' ATP U . -55.71 21.19 31.48
HO2' ATP U . -54.70 22.54 32.80
H1' ATP U . -56.35 23.94 31.45
H8 ATP U . -57.90 24.64 33.23
HN61 ATP U . -60.71 21.59 35.68
HN62 ATP U . -60.99 20.13 35.59
H2 ATP U . -58.63 18.58 32.27
PG ATP V . -18.12 5.69 29.74
O1G ATP V . -19.00 4.70 29.07
O2G ATP V . -16.68 5.30 29.69
O3G ATP V . -18.36 7.07 29.25
PB ATP V . -17.91 5.01 32.61
O1B ATP V . -16.57 4.48 32.27
O2B ATP V . -18.94 4.10 33.10
O3B ATP V . -18.48 5.71 31.30
PA ATP V . -16.83 6.30 34.97
O1A ATP V . -15.46 6.79 34.71
O2A ATP V . -16.97 5.00 35.66
O3A ATP V . -17.67 6.22 33.62
O5' ATP V . -17.65 7.42 35.76
C5' ATP V . -17.22 8.79 35.73
C4' ATP V . -17.20 9.32 37.14
O4' ATP V . -18.51 9.19 37.72
C3' ATP V . -16.29 8.57 38.11
O3' ATP V . -14.96 9.05 38.04
C2' ATP V . -16.93 8.90 39.46
O2' ATP V . -16.48 10.14 39.94
C1' ATP V . -18.42 8.97 39.10
N9 ATP V . -19.14 7.75 39.40
C8 ATP V . -19.74 6.92 38.51
N7 ATP V . -20.32 5.89 39.09
C5 ATP V . -20.09 6.08 40.45
C6 ATP V . -20.44 5.34 41.58
N6 ATP V . -21.14 4.21 41.53
N1 ATP V . -20.04 5.82 42.78
C2 ATP V . -19.34 6.95 42.81
N3 ATP V . -18.95 7.73 41.82
C4 ATP V . -19.36 7.23 40.64
H5'1 ATP V . -17.83 9.32 35.18
H5'2 ATP V . -16.35 8.86 35.32
H4' ATP V . -16.87 10.22 37.03
H3' ATP V . -16.22 7.61 37.94
HO3' ATP V . -14.87 9.69 38.57
H2' ATP V . -16.73 8.26 40.15
HO2' ATP V . -16.90 10.76 39.57
H1' ATP V . -18.81 9.67 39.64
H8 ATP V . -19.75 7.06 37.55
HN61 ATP V . -21.40 3.89 40.77
HN62 ATP V . -21.33 3.80 42.26
H2 ATP V . -19.08 7.25 43.70
PG ATP W . -57.49 -14.18 24.13
O1G ATP W . -56.27 -14.35 23.31
O2G ATP W . -58.73 -14.58 23.42
O3G ATP W . -57.58 -12.81 24.75
PB ATP W . -57.18 -16.81 25.11
O1B ATP W . -56.11 -17.00 24.11
O2B ATP W . -58.54 -17.34 24.83
O3B ATP W . -57.34 -15.24 25.31
PA ATP W . -55.36 -17.10 27.41
O1A ATP W . -55.35 -15.69 27.86
O2A ATP W . -54.17 -17.57 26.67
O3A ATP W . -56.68 -17.34 26.53
O5' ATP W . -55.63 -18.06 28.66
C5' ATP W . -56.57 -17.69 29.69
C4' ATP W . -55.88 -17.60 31.03
O4' ATP W . -56.65 -18.34 32.02
C3' ATP W . -54.45 -18.16 31.14
O3' ATP W . -53.67 -17.36 32.01
C2' ATP W . -54.67 -19.54 31.75
O2' ATP W . -53.55 -20.01 32.45
C1' ATP W . -55.82 -19.26 32.69
N9 ATP W . -56.65 -20.41 33.04
C8 ATP W . -57.14 -20.72 34.28
N7 ATP W . -57.87 -21.81 34.26
C5 ATP W . -57.89 -22.21 32.93
C6 ATP W . -58.49 -23.29 32.27
N6 ATP W . -59.26 -24.20 32.87
N1 ATP W . -58.30 -23.39 30.94
C2 ATP W . -57.53 -22.47 30.34
N3 ATP W . -56.91 -21.42 30.86
C4 ATP W . -57.13 -21.35 32.18
H5'1 ATP W . -57.29 -18.33 29.74
H5'2 ATP W . -56.98 -16.83 29.48
H4' ATP W . -55.82 -16.63 31.18
H3' ATP W . -53.98 -18.17 30.30
HO3' ATP W . -53.28 -17.85 32.57
H2' ATP W . -54.84 -20.24 31.08
HO2' ATP W . -53.72 -20.77 32.76
H1' ATP W . -55.45 -18.95 33.53
H8 ATP W . -56.96 -20.20 35.08
HN61 ATP W . -59.42 -24.14 33.71
HN62 ATP W . -59.61 -24.84 32.41
H2 ATP W . -57.41 -22.60 29.38
PG ATP X . -12.23 -22.83 20.09
O1G ATP X . -10.81 -23.06 19.67
O2G ATP X . -13.20 -22.89 18.95
O3G ATP X . -12.39 -21.61 20.93
PB ATP X . -11.94 -25.51 21.15
O1B ATP X . -10.51 -25.41 20.79
O2B ATP X . -12.81 -26.48 20.45
O3B ATP X . -12.59 -24.07 21.02
PA ATP X . -11.03 -26.75 23.53
O1A ATP X . -9.79 -26.01 23.89
O2A ATP X . -10.92 -28.00 22.74
O3A ATP X . -12.00 -25.78 22.72
O5' ATP X . -11.89 -27.02 24.84
C5' ATP X . -11.77 -26.09 25.94
C4' ATP X . -12.19 -26.78 27.21
O4' ATP X . -13.32 -27.63 26.93
C3' ATP X . -11.12 -27.68 27.86
O3' ATP X . -10.97 -27.40 29.23
C2' ATP X . -11.65 -29.10 27.67
O2' ATP X . -11.37 -29.90 28.79
C1' ATP X . -13.16 -28.89 27.54
N9 ATP X . -13.78 -29.86 26.68
C8 ATP X . -14.31 -29.65 25.44
N7 ATP X . -14.79 -30.75 24.90
C5 ATP X . -14.56 -31.73 25.86
C6 ATP X . -14.84 -33.11 25.88
N6 ATP X . -15.45 -33.76 24.89
N1 ATP X . -14.47 -33.79 27.00
C2 ATP X . -13.87 -33.13 27.98
N3 ATP X . -13.56 -31.84 28.06
C4 ATP X . -13.93 -31.19 26.95
H5'1 ATP X . -12.33 -25.31 25.78
H5'2 ATP X . -10.85 -25.78 26.01
H4' ATP X . -12.37 -26.07 27.84
H3' ATP X . -10.25 -27.55 27.45
HO3' ATP X . -11.74 -27.31 29.59
H2' ATP X . -11.26 -29.55 26.91
HO2' ATP X . -11.90 -30.56 28.80
H1' ATP X . -13.57 -28.96 28.41
H8 ATP X . -14.32 -28.79 25.00
HN61 ATP X . -15.68 -33.33 24.19
HN62 ATP X . -15.60 -34.60 24.96
H2 ATP X . -13.62 -33.67 28.75
PG ATP Y . -56.34 -31.94 -2.88
O1G ATP Y . -57.63 -31.65 -3.59
O2G ATP Y . -56.51 -32.06 -1.39
O3G ATP Y . -55.23 -31.01 -3.25
PB ATP Y . -56.03 -34.16 -4.76
O1B ATP Y . -55.01 -33.62 -5.69
O2B ATP Y . -57.47 -34.07 -5.13
O3B ATP Y . -55.86 -33.38 -3.37
PA ATP Y . -54.28 -36.48 -4.19
O1A ATP Y . -53.22 -35.59 -3.65
O2A ATP Y . -53.99 -37.18 -5.47
O3A ATP Y . -55.65 -35.66 -4.34
O5' ATP Y . -54.67 -37.55 -3.08
C5' ATP Y . -55.10 -38.88 -3.47
C4' ATP Y . -54.39 -39.92 -2.65
O4' ATP Y . -55.09 -41.18 -2.78
C3' ATP Y . -52.95 -40.22 -3.06
O3' ATP Y . -52.16 -40.60 -1.93
C2' ATP Y . -53.13 -41.37 -4.04
O2' ATP Y . -51.95 -42.14 -4.18
C1' ATP Y . -54.22 -42.16 -3.33
N9 ATP Y . -55.03 -43.02 -4.18
C8 ATP Y . -55.40 -44.30 -3.89
N7 ATP Y . -56.16 -44.83 -4.83
C5 ATP Y . -56.31 -43.81 -5.76
C6 ATP Y . -57.02 -43.74 -6.98
N6 ATP Y . -57.73 -44.74 -7.48
N1 ATP Y . -56.97 -42.58 -7.66
C2 ATP Y . -56.24 -41.57 -7.14
N3 ATP Y . -55.54 -41.52 -6.01
C4 ATP Y . -55.63 -42.70 -5.36
H5'1 ATP Y . -54.93 -39.03 -4.42
H5'2 ATP Y . -56.07 -38.97 -3.35
H4' ATP Y . -54.38 -39.54 -1.76
H3' ATP Y . -52.48 -39.46 -3.43
HO3' ATP Y . -51.69 -41.27 -2.14
H2' ATP Y . -53.33 -41.10 -4.94
HO2' ATP Y . -52.10 -42.77 -4.73
H1' ATP Y . -53.79 -42.75 -2.70
H8 ATP Y . -55.13 -44.78 -3.09
HN61 ATP Y . -57.78 -45.48 -7.05
HN62 ATP Y . -58.14 -44.65 -8.22
H2 ATP Y . -56.23 -40.76 -7.68
#